data_9GNI
#
_entry.id   9GNI
#
_cell.length_a   1.00
_cell.length_b   1.00
_cell.length_c   1.00
_cell.angle_alpha   90.00
_cell.angle_beta   90.00
_cell.angle_gamma   90.00
#
_symmetry.space_group_name_H-M   'P 1'
#
loop_
_entity.id
_entity.type
_entity.pdbx_description
1 polymer 'Splicing factor proline/glutamine rich (polypyrimidine tract binding protein associated)'
2 polymer 'Non-POU domain-containing octamer-binding protein isoform X2'
#
loop_
_entity_poly.entity_id
_entity_poly.type
_entity_poly.pdbx_seq_one_letter_code
_entity_poly.pdbx_strand_id
1 'polypeptide(L)'
;MSRDRFRSRGGGGGGFHRRGGGGGRGGLHDFRSPPPGMGLNQNRGPMGPGPGGPKPPIPPPPPHQQQPQQPPPQQPPPQQ
PPPHQQPPPHQPPHQQPPPPPQDSSKPVVPQGPGSAPGVSPAPPPAGSAPPANPPTTGAPPGPGPTPTPPPAVTSATPGP
PPPSTPSSGVSTTPPQSGGPPPPPAGGAGPGPKQGPGPGPGGPKGGKMPGGPKPGGGPGMGAPGGHPKPPHRGGGEPRGG
RQHHPPYHQQHHQGPPPGGPAARTEEKISDSEGFKANLSLLRRPGEKTYTQRCRLFVGNLPADITEDEFKRLFAKYGEPG
EVFINKGKGFGFIKLESRALAEIAKAELDDTPMRGRQLRVRFATHAAALSVRNLSPYVSNELLEEAFSQFGPIERAVVIV
DDRGRSTGKGIVEFASKPAARKAFERCSEGVFLLTTTPRPVIVEPLEQLDDEDGLPEKLAQKNPMYQKERETPPRFAQHG
TFEYEYSQRWKSLDEMEKQQREQVEKNMKDAKDKLESEMEDAYHEHQANLLRQDLMRRQEELRRMEELHSQEMQKRKEMQ
LRQEEERRRREEEMMIRQREMEEQMRRQREESYSRMGYMDPRERDMRMGGGGTMNMGDPYGSGGQKFPPLGGGGGIGYEA
NPGVPPATMSGSMMGSDMRTERFGQGGAGPVGGQGPRGMGPGTPAGYGRGREEYEGPNKKPRF
;
AA,AC,AE,AG,BA,BC,BE,BG,CA,CC,CE,CG,DA,DC,DG,DE
2 'polypeptide(L)'
;MQSNKTFNLEKQNHTPRKHHQHHHQQHHQQQQQQQQQPPPPIPANGQQASSQNEGLTIDLKNFRKPGEKTFTQRSRLFVG
NLPPDITEEEMRKLFEKYGKAGEVFIHKDKGFGFIRLETRTLAEIAKVELDNMPLRGKQLRVRFACHSASLTVRNLPQYV
SNELLEEAFSVFGQVERAVVIVDDRGRPSGKGIVEFSGKPAARKALDRCSEGSFLLTTFPRPVTVEPMDQLDDEEGLPEK
LVIKNQQFHKEREQPPRFAQPGSFEYEYAMRWKALIEMEKQQQDQVDRNIKEAREKLEMEMEAARHEHQVMLMRQDLMRR
QEELRRMEELHNQEVQKRKQLELRQEEERRRREEEMRRQQEEMMRRQQEGFKGTFPDAREQEIRMGQMAMGGAMGINNRG
AMPPAPVPTGTPAPPGPATMMPDGTLGLTPPTTERFGQAATMEGIGAIGGTPPAFNRPAPGADFAPNKRRRY
;
AB,AD,AF,AH,BB,BD,BF,BH,CB,CD,CF,CH,DB,DD,DH,DF
#
# COMPACT_ATOMS: atom_id res chain seq x y z
N LYS A 287 18.93 -85.60 -1.40
CA LYS A 287 20.09 -85.22 -2.20
C LYS A 287 21.18 -86.28 -2.12
N THR A 288 22.23 -86.09 -2.92
CA THR A 288 23.34 -87.03 -2.97
C THR A 288 24.66 -86.28 -2.88
N TYR A 289 25.68 -86.99 -2.39
CA TYR A 289 27.04 -86.45 -2.25
C TYR A 289 27.03 -85.16 -1.42
N THR A 290 26.34 -85.20 -0.29
CA THR A 290 26.31 -84.07 0.61
C THR A 290 27.58 -84.04 1.47
N GLN A 291 27.81 -82.89 2.11
CA GLN A 291 28.97 -82.75 2.98
C GLN A 291 28.87 -83.67 4.20
N ARG A 292 27.66 -84.08 4.57
CA ARG A 292 27.46 -85.00 5.68
C ARG A 292 27.69 -86.45 5.26
N CYS A 293 27.93 -86.72 3.98
CA CYS A 293 28.37 -88.03 3.52
C CYS A 293 29.89 -88.14 3.47
N ARG A 294 30.60 -87.05 3.76
CA ARG A 294 32.06 -87.08 3.77
C ARG A 294 32.56 -88.03 4.85
N LEU A 295 33.53 -88.86 4.49
CA LEU A 295 34.08 -89.86 5.39
C LEU A 295 35.57 -89.57 5.59
N PHE A 296 36.01 -89.58 6.84
CA PHE A 296 37.41 -89.38 7.19
C PHE A 296 38.07 -90.73 7.38
N VAL A 297 39.13 -90.98 6.62
CA VAL A 297 39.84 -92.25 6.65
C VAL A 297 41.22 -92.00 7.27
N GLY A 298 41.55 -92.77 8.31
CA GLY A 298 42.79 -92.61 9.03
C GLY A 298 43.68 -93.85 8.90
N ASN A 299 44.92 -93.67 9.33
CA ASN A 299 45.95 -94.71 9.30
C ASN A 299 46.16 -95.26 7.89
N LEU A 300 46.03 -94.40 6.89
CA LEU A 300 46.33 -94.79 5.51
C LEU A 300 47.83 -94.90 5.32
N PRO A 301 48.33 -95.99 4.76
CA PRO A 301 49.77 -96.08 4.47
C PRO A 301 50.19 -95.06 3.43
N ALA A 302 51.47 -94.67 3.48
CA ALA A 302 51.99 -93.72 2.50
C ALA A 302 51.93 -94.29 1.09
N ASP A 303 52.21 -95.59 0.94
CA ASP A 303 52.22 -96.24 -0.37
C ASP A 303 50.82 -96.74 -0.69
N ILE A 304 49.96 -95.79 -1.07
CA ILE A 304 48.61 -96.09 -1.53
C ILE A 304 48.33 -95.30 -2.80
N THR A 305 47.31 -95.74 -3.54
CA THR A 305 46.91 -95.10 -4.78
C THR A 305 45.43 -94.78 -4.72
N GLU A 306 45.01 -93.86 -5.59
CA GLU A 306 43.62 -93.43 -5.63
C GLU A 306 42.70 -94.57 -6.05
N ASP A 307 43.16 -95.41 -6.98
CA ASP A 307 42.34 -96.52 -7.45
C ASP A 307 42.06 -97.52 -6.34
N GLU A 308 43.08 -97.86 -5.54
CA GLU A 308 42.87 -98.77 -4.43
C GLU A 308 41.93 -98.19 -3.39
N PHE A 309 42.07 -96.89 -3.10
CA PHE A 309 41.18 -96.24 -2.16
C PHE A 309 39.74 -96.27 -2.66
N LYS A 310 39.54 -96.01 -3.95
CA LYS A 310 38.21 -96.11 -4.54
C LYS A 310 37.73 -97.55 -4.58
N ARG A 311 38.64 -98.50 -4.75
CA ARG A 311 38.26 -99.91 -4.76
C ARG A 311 37.70 -100.36 -3.42
N LEU A 312 38.11 -99.70 -2.33
CA LEU A 312 37.57 -100.04 -1.02
C LEU A 312 36.09 -99.74 -0.94
N PHE A 313 35.66 -98.62 -1.53
CA PHE A 313 34.26 -98.21 -1.51
C PHE A 313 33.52 -98.53 -2.80
N ALA A 314 34.12 -99.36 -3.67
CA ALA A 314 33.44 -99.75 -4.90
C ALA A 314 32.18 -100.56 -4.60
N LYS A 315 32.15 -101.27 -3.48
CA LYS A 315 30.95 -102.01 -3.09
C LYS A 315 29.80 -101.06 -2.75
N TYR A 316 30.11 -99.83 -2.34
CA TYR A 316 29.11 -98.86 -1.92
C TYR A 316 28.78 -97.86 -3.02
N GLY A 317 28.77 -98.31 -4.27
CA GLY A 317 28.45 -97.44 -5.38
C GLY A 317 29.63 -96.66 -5.89
N GLU A 318 29.32 -95.69 -6.75
CA GLU A 318 30.35 -94.87 -7.37
C GLU A 318 30.94 -93.89 -6.36
N PRO A 319 32.26 -93.88 -6.17
CA PRO A 319 32.86 -92.90 -5.25
C PRO A 319 32.72 -91.48 -5.79
N GLY A 320 32.63 -90.53 -4.87
CA GLY A 320 32.53 -89.13 -5.25
C GLY A 320 33.85 -88.40 -5.12
N GLU A 321 33.88 -87.35 -4.30
CA GLU A 321 35.11 -86.62 -4.06
C GLU A 321 36.14 -87.52 -3.40
N VAL A 322 37.39 -87.43 -3.86
CA VAL A 322 38.49 -88.20 -3.28
C VAL A 322 39.69 -87.27 -3.15
N PHE A 323 40.11 -87.02 -1.92
CA PHE A 323 41.30 -86.23 -1.64
C PHE A 323 42.19 -87.04 -0.70
N ILE A 324 43.38 -87.41 -1.18
CA ILE A 324 44.29 -88.28 -0.44
C ILE A 324 45.58 -87.52 -0.19
N ASN A 325 45.99 -87.48 1.08
CA ASN A 325 47.26 -86.88 1.49
C ASN A 325 48.20 -88.02 1.89
N LYS A 326 49.19 -88.30 1.05
CA LYS A 326 50.10 -89.39 1.32
C LYS A 326 51.09 -89.06 2.44
N GLY A 327 51.40 -87.77 2.62
CA GLY A 327 52.34 -87.39 3.67
C GLY A 327 51.82 -87.70 5.06
N LYS A 328 50.56 -87.35 5.33
CA LYS A 328 49.96 -87.58 6.63
C LYS A 328 49.20 -88.90 6.69
N GLY A 329 49.00 -89.57 5.56
CA GLY A 329 48.30 -90.84 5.55
C GLY A 329 46.85 -90.76 5.93
N PHE A 330 46.12 -89.79 5.36
CA PHE A 330 44.70 -89.66 5.60
C PHE A 330 44.02 -89.21 4.30
N GLY A 331 42.72 -89.47 4.22
CA GLY A 331 41.96 -89.12 3.04
C GLY A 331 40.51 -88.84 3.37
N PHE A 332 39.81 -88.28 2.39
CA PHE A 332 38.39 -87.96 2.51
C PHE A 332 37.64 -88.50 1.30
N ILE A 333 36.39 -88.88 1.50
CA ILE A 333 35.57 -89.44 0.44
C ILE A 333 34.10 -89.17 0.77
N LYS A 334 33.32 -88.84 -0.27
CA LYS A 334 31.90 -88.59 -0.14
C LYS A 334 31.12 -89.81 -0.64
N LEU A 335 29.95 -90.04 -0.02
CA LEU A 335 29.09 -91.16 -0.36
C LEU A 335 27.73 -90.64 -0.82
N GLU A 336 26.89 -91.59 -1.25
CA GLU A 336 25.61 -91.23 -1.85
C GLU A 336 24.64 -90.66 -0.83
N SER A 337 24.49 -91.33 0.32
CA SER A 337 23.48 -90.96 1.29
C SER A 337 23.98 -91.29 2.69
N ARG A 338 23.15 -90.94 3.68
CA ARG A 338 23.53 -91.16 5.08
C ARG A 338 23.53 -92.64 5.44
N ALA A 339 22.58 -93.41 4.89
CA ALA A 339 22.54 -94.85 5.18
C ALA A 339 23.79 -95.55 4.68
N LEU A 340 24.22 -95.23 3.46
CA LEU A 340 25.43 -95.83 2.91
C LEU A 340 26.66 -95.41 3.70
N ALA A 341 26.72 -94.13 4.09
CA ALA A 341 27.84 -93.68 4.91
C ALA A 341 27.89 -94.42 6.24
N GLU A 342 26.72 -94.57 6.89
CA GLU A 342 26.67 -95.25 8.17
C GLU A 342 27.07 -96.72 8.05
N ILE A 343 26.61 -97.40 7.01
CA ILE A 343 26.95 -98.81 6.86
C ILE A 343 28.43 -98.97 6.54
N ALA A 344 28.99 -98.06 5.74
CA ALA A 344 30.43 -98.10 5.48
C ALA A 344 31.22 -97.86 6.76
N LYS A 345 30.78 -96.91 7.59
CA LYS A 345 31.44 -96.65 8.86
C LYS A 345 31.38 -97.86 9.78
N ALA A 346 30.22 -98.52 9.85
CA ALA A 346 30.06 -99.67 10.72
C ALA A 346 30.79 -100.90 10.21
N GLU A 347 31.02 -101.01 8.90
CA GLU A 347 31.68 -102.18 8.35
C GLU A 347 33.20 -102.04 8.30
N LEU A 348 33.70 -100.93 7.77
CA LEU A 348 35.13 -100.82 7.49
C LEU A 348 35.94 -100.31 8.68
N ASP A 349 35.31 -99.92 9.78
CA ASP A 349 36.06 -99.46 10.94
C ASP A 349 36.79 -100.61 11.61
N ASP A 350 38.01 -100.33 12.07
CA ASP A 350 38.84 -101.31 12.78
C ASP A 350 39.08 -102.56 11.94
N THR A 351 39.29 -102.36 10.63
CA THR A 351 39.55 -103.47 9.72
C THR A 351 41.01 -103.47 9.31
N PRO A 352 41.73 -104.58 9.52
CA PRO A 352 43.15 -104.61 9.18
C PRO A 352 43.38 -104.46 7.68
N MET A 353 44.49 -103.80 7.33
CA MET A 353 44.84 -103.58 5.93
C MET A 353 46.34 -103.30 5.84
N ARG A 354 47.07 -104.25 5.25
CA ARG A 354 48.53 -104.17 5.09
C ARG A 354 49.22 -103.84 6.41
N GLY A 355 48.77 -104.46 7.49
CA GLY A 355 49.34 -104.25 8.79
C GLY A 355 48.84 -103.02 9.53
N ARG A 356 47.91 -102.27 8.94
CA ARG A 356 47.38 -101.06 9.56
C ARG A 356 45.87 -101.21 9.74
N GLN A 357 45.37 -100.75 10.88
CA GLN A 357 43.94 -100.79 11.15
C GLN A 357 43.25 -99.62 10.46
N LEU A 358 42.19 -99.90 9.72
CA LEU A 358 41.43 -98.85 9.07
C LEU A 358 40.66 -98.03 10.09
N ARG A 359 40.75 -96.70 9.95
CA ARG A 359 40.15 -95.76 10.89
C ARG A 359 39.18 -94.88 10.11
N VAL A 360 37.88 -95.09 10.32
CA VAL A 360 36.85 -94.25 9.72
C VAL A 360 36.07 -93.57 10.84
N ARG A 361 36.07 -92.25 10.82
CA ARG A 361 35.32 -91.42 11.78
C ARG A 361 34.49 -90.45 10.94
N PHE A 362 33.89 -89.46 11.60
CA PHE A 362 33.09 -88.45 10.92
C PHE A 362 33.84 -87.14 10.87
N ALA A 363 33.80 -86.49 9.72
CA ALA A 363 34.51 -85.24 9.50
C ALA A 363 33.67 -84.05 9.96
N THR A 364 34.36 -82.97 10.34
CA THR A 364 33.69 -81.78 10.83
C THR A 364 33.05 -81.02 9.68
N HIS A 365 31.89 -80.41 9.94
CA HIS A 365 31.21 -79.58 8.97
C HIS A 365 31.76 -78.16 9.08
N ALA A 366 32.38 -77.69 8.01
CA ALA A 366 32.98 -76.35 8.02
C ALA A 366 31.90 -75.27 7.97
N ALA A 367 30.99 -75.36 7.01
CA ALA A 367 29.97 -74.34 6.80
C ALA A 367 28.73 -74.67 7.64
N ALA A 368 28.90 -74.55 8.95
CA ALA A 368 27.83 -74.74 9.91
C ALA A 368 27.67 -73.49 10.76
N LEU A 369 26.43 -73.11 11.03
CA LEU A 369 26.13 -71.92 11.80
C LEU A 369 25.10 -72.27 12.87
N SER A 370 25.22 -71.61 14.02
CA SER A 370 24.32 -71.84 15.15
C SER A 370 23.30 -70.71 15.22
N VAL A 371 22.02 -71.07 15.23
CA VAL A 371 20.93 -70.10 15.29
C VAL A 371 20.14 -70.37 16.56
N ARG A 372 19.84 -69.30 17.31
CA ARG A 372 19.10 -69.44 18.55
C ARG A 372 18.01 -68.38 18.61
N ASN A 373 17.26 -68.39 19.71
CA ASN A 373 16.08 -67.55 19.93
C ASN A 373 14.92 -67.90 19.01
N LEU A 374 14.92 -69.12 18.46
CA LEU A 374 13.90 -69.51 17.51
C LEU A 374 12.54 -69.66 18.18
N SER A 375 11.50 -69.50 17.37
CA SER A 375 10.14 -69.66 17.86
C SER A 375 9.84 -71.14 18.11
N PRO A 376 8.90 -71.45 19.00
CA PRO A 376 8.56 -72.85 19.25
C PRO A 376 7.67 -73.45 18.17
N TYR A 377 7.59 -72.79 17.01
CA TYR A 377 6.78 -73.28 15.90
C TYR A 377 7.58 -73.46 14.61
N VAL A 378 8.88 -73.18 14.61
CA VAL A 378 9.68 -73.35 13.41
C VAL A 378 10.01 -74.83 13.22
N SER A 379 10.20 -75.23 11.97
CA SER A 379 10.53 -76.61 11.62
C SER A 379 11.77 -76.62 10.73
N ASN A 380 12.13 -77.81 10.27
CA ASN A 380 13.32 -77.96 9.44
C ASN A 380 13.15 -77.24 8.11
N GLU A 381 12.00 -77.43 7.46
CA GLU A 381 11.79 -76.85 6.13
C GLU A 381 11.71 -75.33 6.19
N LEU A 382 11.19 -74.79 7.29
CA LEU A 382 11.14 -73.34 7.44
C LEU A 382 12.56 -72.76 7.48
N LEU A 383 13.46 -73.42 8.21
CA LEU A 383 14.87 -73.01 8.20
C LEU A 383 15.45 -73.18 6.81
N GLU A 384 15.12 -74.28 6.14
CA GLU A 384 15.62 -74.54 4.80
C GLU A 384 15.28 -73.40 3.85
N GLU A 385 14.00 -73.00 3.83
CA GLU A 385 13.59 -71.93 2.93
C GLU A 385 14.14 -70.59 3.38
N ALA A 386 14.10 -70.30 4.68
CA ALA A 386 14.52 -69.00 5.18
C ALA A 386 15.99 -68.73 4.92
N PHE A 387 16.85 -69.72 5.17
CA PHE A 387 18.28 -69.55 5.00
C PHE A 387 18.76 -69.97 3.62
N SER A 388 17.85 -70.37 2.72
CA SER A 388 18.25 -70.66 1.35
C SER A 388 18.65 -69.39 0.60
N GLN A 389 18.10 -68.24 1.01
CA GLN A 389 18.38 -67.00 0.30
C GLN A 389 19.85 -66.64 0.33
N PHE A 390 20.55 -67.00 1.40
CA PHE A 390 21.96 -66.68 1.54
C PHE A 390 22.87 -67.76 0.97
N GLY A 391 22.30 -68.86 0.48
CA GLY A 391 23.07 -69.93 -0.09
C GLY A 391 22.40 -71.27 0.09
N PRO A 392 22.97 -72.31 -0.51
CA PRO A 392 22.39 -73.66 -0.36
C PRO A 392 22.51 -74.16 1.06
N ILE A 393 21.51 -74.96 1.46
CA ILE A 393 21.47 -75.54 2.81
C ILE A 393 21.48 -77.05 2.65
N GLU A 394 22.46 -77.70 3.27
CA GLU A 394 22.54 -79.16 3.23
C GLU A 394 21.59 -79.78 4.25
N ARG A 395 21.74 -79.40 5.52
CA ARG A 395 20.87 -79.92 6.57
C ARG A 395 20.81 -78.91 7.71
N ALA A 396 19.62 -78.38 7.97
CA ALA A 396 19.36 -77.51 9.11
C ALA A 396 18.30 -78.17 9.96
N VAL A 397 18.60 -78.36 11.24
CA VAL A 397 17.71 -79.06 12.16
C VAL A 397 17.59 -78.24 13.45
N VAL A 398 16.41 -78.30 14.05
CA VAL A 398 16.11 -77.56 15.28
C VAL A 398 16.27 -78.50 16.46
N ILE A 399 17.13 -78.12 17.40
CA ILE A 399 17.44 -78.98 18.54
C ILE A 399 16.17 -79.22 19.35
N VAL A 400 15.96 -80.48 19.73
CA VAL A 400 14.81 -80.86 20.54
C VAL A 400 15.29 -81.70 21.72
N ASP A 401 14.46 -81.75 22.75
CA ASP A 401 14.75 -82.48 23.97
C ASP A 401 14.20 -83.90 23.87
N ASP A 402 14.16 -84.61 25.02
CA ASP A 402 13.67 -85.98 25.03
C ASP A 402 12.21 -86.05 24.59
N ARG A 403 11.39 -85.11 25.06
CA ARG A 403 10.00 -85.08 24.64
C ARG A 403 9.84 -84.56 23.21
N GLY A 404 10.93 -84.09 22.60
CA GLY A 404 10.89 -83.61 21.24
C GLY A 404 10.49 -82.16 21.09
N ARG A 405 10.20 -81.47 22.19
CA ARG A 405 9.80 -80.08 22.11
C ARG A 405 10.97 -79.20 21.71
N SER A 406 10.66 -78.05 21.13
CA SER A 406 11.69 -77.14 20.67
C SER A 406 12.49 -76.59 21.85
N THR A 407 13.81 -76.58 21.69
CA THR A 407 14.69 -75.93 22.65
C THR A 407 14.88 -74.46 22.37
N GLY A 408 14.41 -73.98 21.21
CA GLY A 408 14.62 -72.61 20.81
C GLY A 408 15.91 -72.36 20.07
N LYS A 409 16.78 -73.38 19.96
CA LYS A 409 18.06 -73.24 19.29
C LYS A 409 18.10 -74.18 18.09
N GLY A 410 18.92 -73.81 17.12
CA GLY A 410 19.04 -74.62 15.92
C GLY A 410 20.43 -74.59 15.36
N ILE A 411 20.74 -75.60 14.56
CA ILE A 411 22.00 -75.71 13.86
C ILE A 411 21.70 -75.79 12.37
N VAL A 412 22.35 -74.93 11.58
CA VAL A 412 22.19 -74.90 10.14
C VAL A 412 23.53 -75.20 9.50
N GLU A 413 23.53 -76.09 8.52
CA GLU A 413 24.75 -76.54 7.85
C GLU A 413 24.68 -76.09 6.39
N PHE A 414 25.30 -74.96 6.10
CA PHE A 414 25.37 -74.47 4.74
C PHE A 414 26.28 -75.38 3.90
N ALA A 415 26.00 -75.42 2.59
CA ALA A 415 26.83 -76.24 1.72
C ALA A 415 28.22 -75.66 1.55
N SER A 416 28.32 -74.34 1.43
CA SER A 416 29.59 -73.68 1.17
C SER A 416 29.91 -72.69 2.27
N LYS A 417 31.20 -72.58 2.60
CA LYS A 417 31.63 -71.65 3.63
C LYS A 417 31.27 -70.19 3.35
N PRO A 418 31.49 -69.63 2.14
CA PRO A 418 31.12 -68.22 1.94
C PRO A 418 29.62 -67.96 2.11
N ALA A 419 28.78 -68.92 1.75
CA ALA A 419 27.34 -68.76 1.97
C ALA A 419 27.02 -68.67 3.45
N ALA A 420 27.64 -69.53 4.27
CA ALA A 420 27.42 -69.47 5.71
C ALA A 420 27.93 -68.14 6.27
N ARG A 421 29.10 -67.69 5.82
CA ARG A 421 29.65 -66.44 6.33
C ARG A 421 28.77 -65.25 5.96
N LYS A 422 28.28 -65.22 4.72
CA LYS A 422 27.42 -64.11 4.31
C LYS A 422 26.08 -64.15 5.04
N ALA A 423 25.56 -65.35 5.30
CA ALA A 423 24.34 -65.46 6.10
C ALA A 423 24.56 -64.93 7.50
N PHE A 424 25.67 -65.32 8.13
CA PHE A 424 25.96 -64.86 9.48
C PHE A 424 26.08 -63.34 9.51
N GLU A 425 26.77 -62.75 8.53
CA GLU A 425 26.88 -61.30 8.49
C GLU A 425 25.52 -60.65 8.29
N ARG A 426 24.80 -61.07 7.25
CA ARG A 426 23.52 -60.45 6.91
C ARG A 426 22.56 -60.51 8.09
N CYS A 427 22.62 -61.59 8.87
CA CYS A 427 21.79 -61.64 10.07
C CYS A 427 22.42 -60.92 11.25
N SER A 428 23.72 -60.61 11.18
CA SER A 428 24.38 -59.90 12.28
C SER A 428 24.07 -58.41 12.22
N GLU A 429 24.45 -57.73 11.14
CA GLU A 429 24.09 -56.32 11.03
C GLU A 429 22.62 -56.16 10.65
N GLY A 430 22.08 -57.05 9.84
CA GLY A 430 20.67 -57.01 9.51
C GLY A 430 19.82 -57.65 10.59
N VAL A 431 18.51 -57.57 10.39
CA VAL A 431 17.53 -58.15 11.30
C VAL A 431 16.71 -59.17 10.53
N PHE A 432 16.70 -60.41 11.01
CA PHE A 432 15.98 -61.48 10.35
C PHE A 432 14.87 -61.98 11.26
N LEU A 433 13.81 -62.48 10.64
CA LEU A 433 12.64 -62.96 11.38
C LEU A 433 12.14 -64.23 10.73
N LEU A 434 11.30 -64.97 11.47
CA LEU A 434 10.65 -66.16 10.93
C LEU A 434 9.20 -66.28 11.34
N THR A 435 8.66 -65.32 12.09
CA THR A 435 7.37 -65.51 12.72
C THR A 435 6.71 -64.15 12.87
N THR A 436 5.39 -64.16 13.05
CA THR A 436 4.65 -62.91 13.19
C THR A 436 5.11 -62.14 14.42
N THR A 437 5.36 -62.84 15.53
CA THR A 437 5.98 -62.20 16.67
C THR A 437 7.41 -61.81 16.31
N PRO A 438 7.80 -60.55 16.50
CA PRO A 438 9.13 -60.11 16.06
C PRO A 438 10.24 -60.67 16.93
N ARG A 439 10.63 -61.93 16.70
CA ARG A 439 11.72 -62.56 17.44
C ARG A 439 12.95 -62.64 16.55
N PRO A 440 13.83 -61.65 16.57
CA PRO A 440 15.03 -61.72 15.73
C PRO A 440 15.88 -62.91 16.11
N VAL A 441 16.19 -63.73 15.11
CA VAL A 441 16.99 -64.93 15.32
C VAL A 441 18.46 -64.53 15.32
N ILE A 442 19.15 -64.75 16.43
CA ILE A 442 20.55 -64.41 16.56
C ILE A 442 21.39 -65.60 16.10
N VAL A 443 22.49 -65.31 15.42
CA VAL A 443 23.33 -66.33 14.79
C VAL A 443 24.73 -66.25 15.39
N GLU A 444 25.32 -67.43 15.64
CA GLU A 444 26.71 -67.55 16.01
C GLU A 444 27.32 -68.71 15.24
N PRO A 445 28.63 -68.70 15.02
CA PRO A 445 29.28 -69.86 14.42
C PRO A 445 29.14 -71.09 15.31
N LEU A 446 28.95 -72.24 14.70
CA LEU A 446 28.79 -73.48 15.45
C LEU A 446 30.13 -73.94 16.01
N GLU A 447 30.04 -74.74 17.08
CA GLU A 447 31.21 -75.29 17.74
C GLU A 447 31.25 -76.80 17.55
N GLN A 448 32.43 -77.32 17.22
CA GLN A 448 32.62 -78.75 16.98
C GLN A 448 33.16 -79.40 18.24
N LEU A 449 32.48 -80.45 18.68
CA LEU A 449 32.88 -81.17 19.90
C LEU A 449 32.82 -82.66 19.63
N ASP A 450 33.97 -83.32 19.72
CA ASP A 450 34.04 -84.75 19.47
C ASP A 450 33.29 -85.50 20.57
N ASP A 451 32.38 -86.39 20.17
CA ASP A 451 31.48 -87.05 21.12
C ASP A 451 31.73 -88.54 21.24
N GLU A 452 31.73 -89.28 20.13
CA GLU A 452 31.98 -90.71 20.20
C GLU A 452 33.44 -91.03 20.47
N ASP A 453 34.36 -90.15 20.09
CA ASP A 453 35.78 -90.30 20.38
C ASP A 453 36.20 -89.22 21.35
N GLY A 454 36.83 -89.63 22.45
CA GLY A 454 37.24 -88.68 23.47
C GLY A 454 38.69 -88.28 23.37
N LEU A 455 39.40 -88.42 24.46
CA LEU A 455 40.81 -88.07 24.50
C LEU A 455 41.65 -89.33 24.51
N PRO A 456 42.53 -89.51 23.51
CA PRO A 456 43.37 -90.72 23.47
C PRO A 456 44.35 -90.73 24.64
N GLU A 457 44.28 -91.78 25.45
CA GLU A 457 45.10 -91.85 26.64
C GLU A 457 46.58 -91.82 26.32
N LYS A 458 46.96 -92.24 25.11
CA LYS A 458 48.35 -92.08 24.69
C LYS A 458 48.72 -90.61 24.60
N LEU A 459 47.82 -89.79 24.05
CA LEU A 459 48.07 -88.35 23.97
C LEU A 459 48.21 -87.74 25.35
N ALA A 460 47.39 -88.17 26.31
CA ALA A 460 47.57 -87.74 27.69
C ALA A 460 48.91 -88.19 28.24
N GLN A 461 49.31 -89.43 27.92
CA GLN A 461 50.57 -89.98 28.40
C GLN A 461 51.77 -89.31 27.77
N LYS A 462 51.59 -88.56 26.67
CA LYS A 462 52.70 -87.76 26.15
C LYS A 462 53.20 -86.77 27.19
N ASN A 463 52.31 -86.32 28.08
CA ASN A 463 52.74 -85.48 29.19
C ASN A 463 53.50 -86.32 30.21
N PRO A 464 54.74 -85.98 30.53
CA PRO A 464 55.46 -86.73 31.58
C PRO A 464 54.77 -86.67 32.94
N MET A 465 54.11 -85.57 33.25
CA MET A 465 53.58 -85.32 34.59
C MET A 465 52.19 -85.91 34.79
N TYR A 466 51.51 -86.33 33.72
CA TYR A 466 50.21 -86.97 33.86
C TYR A 466 50.31 -88.28 34.64
N GLN A 467 51.35 -89.07 34.37
CA GLN A 467 51.53 -90.33 35.08
C GLN A 467 51.71 -90.09 36.57
N LYS A 468 52.50 -89.07 36.93
CA LYS A 468 52.67 -88.72 38.34
C LYS A 468 51.35 -88.33 38.97
N GLU A 469 50.50 -87.65 38.20
CA GLU A 469 49.15 -87.30 38.73
C GLU A 469 48.37 -88.59 38.98
N ARG A 470 48.38 -89.52 38.02
CA ARG A 470 47.58 -90.73 38.16
C ARG A 470 48.07 -91.66 39.27
N GLU A 471 49.24 -91.37 39.86
CA GLU A 471 49.77 -92.23 40.91
C GLU A 471 48.75 -92.45 42.02
N THR A 472 48.07 -91.39 42.43
CA THR A 472 46.99 -91.53 43.39
C THR A 472 45.75 -92.03 42.66
N PRO A 473 45.17 -93.16 43.06
CA PRO A 473 43.89 -93.57 42.50
C PRO A 473 42.81 -92.57 42.90
N PRO A 474 41.85 -92.31 42.02
CA PRO A 474 40.76 -91.40 42.37
C PRO A 474 39.93 -91.97 43.51
N ARG A 475 39.79 -91.18 44.57
CA ARG A 475 39.12 -91.62 45.79
C ARG A 475 38.13 -90.56 46.25
N PHE A 476 37.23 -90.95 47.15
CA PHE A 476 36.24 -90.06 47.74
C PHE A 476 36.82 -89.15 48.80
N ALA A 477 38.14 -89.10 48.94
CA ALA A 477 38.80 -88.44 50.06
C ALA A 477 38.39 -89.08 51.38
N GLN A 478 39.01 -88.67 52.47
CA GLN A 478 38.73 -89.25 53.77
C GLN A 478 38.44 -88.13 54.77
N HIS A 479 37.48 -88.37 55.64
CA HIS A 479 37.06 -87.37 56.61
C HIS A 479 38.25 -86.95 57.47
N GLY A 480 38.68 -85.70 57.31
CA GLY A 480 39.75 -85.13 58.11
C GLY A 480 40.99 -84.75 57.33
N THR A 481 41.28 -85.41 56.22
CA THR A 481 42.50 -85.10 55.49
C THR A 481 42.39 -83.76 54.78
N PHE A 482 43.53 -83.29 54.28
CA PHE A 482 43.58 -81.99 53.62
C PHE A 482 42.73 -81.99 52.36
N GLU A 483 42.76 -83.08 51.60
CA GLU A 483 41.97 -83.18 50.39
C GLU A 483 40.49 -82.99 50.67
N TYR A 484 39.98 -83.60 51.75
CA TYR A 484 38.56 -83.48 52.05
C TYR A 484 38.17 -82.03 52.30
N GLU A 485 38.93 -81.33 53.15
CA GLU A 485 38.61 -79.95 53.45
C GLU A 485 38.66 -79.07 52.21
N TYR A 486 39.71 -79.23 51.41
CA TYR A 486 39.86 -78.30 50.31
C TYR A 486 38.86 -78.62 49.20
N SER A 487 38.48 -79.90 49.09
CA SER A 487 37.39 -80.28 48.20
C SER A 487 36.08 -79.67 48.65
N GLN A 488 35.85 -79.61 49.97
CA GLN A 488 34.66 -78.92 50.45
C GLN A 488 34.67 -77.46 50.05
N ARG A 489 35.84 -76.83 50.06
CA ARG A 489 35.93 -75.44 49.58
C ARG A 489 35.55 -75.35 48.10
N TRP A 490 36.08 -76.26 47.29
CA TRP A 490 35.72 -76.27 45.87
C TRP A 490 34.23 -76.48 45.67
N LYS A 491 33.63 -77.39 46.45
CA LYS A 491 32.20 -77.65 46.32
C LYS A 491 31.38 -76.43 46.69
N SER A 492 31.81 -75.69 47.71
CA SER A 492 31.12 -74.45 48.04
C SER A 492 31.18 -73.47 46.87
N LEU A 493 32.35 -73.34 46.24
CA LEU A 493 32.45 -72.45 45.08
C LEU A 493 31.53 -72.90 43.95
N ASP A 494 31.48 -74.21 43.68
CA ASP A 494 30.65 -74.71 42.60
C ASP A 494 29.16 -74.46 42.89
N GLU A 495 28.74 -74.66 44.13
CA GLU A 495 27.34 -74.36 44.47
C GLU A 495 27.02 -72.89 44.29
N MET A 496 27.94 -72.01 44.68
CA MET A 496 27.72 -70.58 44.47
C MET A 496 27.57 -70.25 42.99
N GLU A 497 28.43 -70.83 42.15
CA GLU A 497 28.33 -70.58 40.71
C GLU A 497 27.00 -71.09 40.16
N LYS A 498 26.57 -72.27 40.60
CA LYS A 498 25.30 -72.81 40.13
C LYS A 498 24.14 -71.89 40.51
N GLN A 499 24.16 -71.36 41.74
CA GLN A 499 23.07 -70.47 42.12
C GLN A 499 23.10 -69.18 41.31
N GLN A 500 24.30 -68.70 40.96
CA GLN A 500 24.37 -67.51 40.11
C GLN A 500 23.77 -67.77 38.73
N ARG A 501 24.08 -68.92 38.15
CA ARG A 501 23.50 -69.25 36.84
C ARG A 501 21.98 -69.37 36.92
N GLU A 502 21.48 -70.02 37.97
CA GLU A 502 20.03 -70.13 38.15
C GLU A 502 19.39 -68.77 38.27
N GLN A 503 20.04 -67.86 39.01
CA GLN A 503 19.50 -66.52 39.18
C GLN A 503 19.43 -65.79 37.85
N VAL A 504 20.47 -65.90 37.02
CA VAL A 504 20.44 -65.22 35.72
C VAL A 504 19.34 -65.80 34.84
N GLU A 505 19.22 -67.13 34.80
CA GLU A 505 18.20 -67.75 33.96
C GLU A 505 16.81 -67.32 34.39
N LYS A 506 16.54 -67.30 35.70
CA LYS A 506 15.24 -66.85 36.18
C LYS A 506 15.02 -65.39 35.84
N ASN A 507 16.04 -64.55 36.01
CA ASN A 507 15.92 -63.13 35.74
C ASN A 507 15.48 -62.89 34.31
N MET A 508 16.09 -63.60 33.36
CA MET A 508 15.69 -63.34 32.00
C MET A 508 14.49 -64.14 31.52
N LYS A 509 14.11 -65.21 32.21
CA LYS A 509 12.76 -65.73 32.00
C LYS A 509 11.74 -64.65 32.34
N ASP A 510 11.96 -63.95 33.45
CA ASP A 510 11.09 -62.84 33.81
C ASP A 510 11.14 -61.74 32.75
N ALA A 511 12.34 -61.43 32.25
CA ALA A 511 12.46 -60.38 31.25
C ALA A 511 11.71 -60.73 29.96
N LYS A 512 11.87 -61.96 29.48
CA LYS A 512 11.15 -62.38 28.28
C LYS A 512 9.64 -62.35 28.51
N ASP A 513 9.19 -62.81 29.67
CA ASP A 513 7.76 -62.78 29.96
C ASP A 513 7.22 -61.37 29.98
N LYS A 514 7.99 -60.44 30.56
CA LYS A 514 7.57 -59.04 30.57
C LYS A 514 7.51 -58.45 29.17
N LEU A 515 8.52 -58.76 28.34
CA LEU A 515 8.55 -58.20 26.99
C LEU A 515 7.41 -58.76 26.14
N GLU A 516 7.08 -60.04 26.31
CA GLU A 516 5.98 -60.63 25.56
C GLU A 516 4.65 -60.00 25.94
N SER A 517 4.53 -59.47 27.16
CA SER A 517 3.28 -58.88 27.59
C SER A 517 3.00 -57.56 26.87
N GLU A 518 4.04 -56.95 26.31
CA GLU A 518 3.93 -55.65 25.67
C GLU A 518 3.77 -55.73 24.16
N MET A 519 3.17 -56.80 23.64
CA MET A 519 2.88 -56.88 22.22
C MET A 519 1.95 -55.75 21.78
N GLU A 520 0.75 -55.71 22.35
CA GLU A 520 -0.26 -54.79 21.86
C GLU A 520 0.02 -53.35 22.24
N ASP A 521 0.66 -53.11 23.39
CA ASP A 521 0.86 -51.74 23.85
C ASP A 521 1.78 -50.98 22.92
N ALA A 522 2.95 -51.55 22.62
CA ALA A 522 3.91 -50.86 21.75
C ALA A 522 3.37 -50.72 20.33
N TYR A 523 2.71 -51.76 19.83
CA TYR A 523 2.12 -51.70 18.49
C TYR A 523 1.09 -50.59 18.40
N HIS A 524 0.19 -50.53 19.39
CA HIS A 524 -0.83 -49.49 19.42
C HIS A 524 -0.20 -48.11 19.51
N GLU A 525 0.81 -47.95 20.37
CA GLU A 525 1.43 -46.63 20.51
C GLU A 525 2.13 -46.20 19.23
N HIS A 526 2.79 -47.14 18.55
CA HIS A 526 3.42 -46.80 17.28
C HIS A 526 2.40 -46.38 16.25
N GLN A 527 1.28 -47.10 16.15
CA GLN A 527 0.23 -46.71 15.24
C GLN A 527 -0.30 -45.32 15.55
N ALA A 528 -0.54 -45.06 16.84
CA ALA A 528 -1.07 -43.76 17.25
C ALA A 528 -0.09 -42.64 16.94
N ASN A 529 1.21 -42.88 17.15
CA ASN A 529 2.20 -41.85 16.86
C ASN A 529 2.30 -41.59 15.36
N LEU A 530 2.23 -42.64 14.54
CA LEU A 530 2.22 -42.41 13.10
C LEU A 530 1.01 -41.59 12.68
N LEU A 531 -0.16 -41.91 13.22
CA LEU A 531 -1.36 -41.15 12.88
C LEU A 531 -1.25 -39.71 13.32
N ARG A 532 -0.69 -39.47 14.52
CA ARG A 532 -0.53 -38.11 15.01
C ARG A 532 0.44 -37.31 14.15
N GLN A 533 1.54 -37.93 13.73
CA GLN A 533 2.48 -37.23 12.85
C GLN A 533 1.84 -36.87 11.53
N ASP A 534 1.11 -37.82 10.93
CA ASP A 534 0.45 -37.53 9.67
C ASP A 534 -0.56 -36.41 9.83
N LEU A 535 -1.34 -36.43 10.91
CA LEU A 535 -2.30 -35.37 11.17
C LEU A 535 -1.63 -34.02 11.35
N MET A 536 -0.50 -33.99 12.04
CA MET A 536 0.21 -32.74 12.23
C MET A 536 0.69 -32.18 10.89
N ARG A 537 1.24 -33.04 10.04
CA ARG A 537 1.69 -32.59 8.72
C ARG A 537 0.53 -32.03 7.91
N ARG A 538 -0.60 -32.75 7.88
CA ARG A 538 -1.74 -32.29 7.11
C ARG A 538 -2.29 -30.99 7.66
N GLN A 539 -2.29 -30.83 8.99
CA GLN A 539 -2.76 -29.60 9.59
C GLN A 539 -1.88 -28.42 9.20
N GLU A 540 -0.56 -28.62 9.19
CA GLU A 540 0.33 -27.56 8.76
C GLU A 540 0.05 -27.16 7.32
N GLU A 541 -0.11 -28.16 6.44
CA GLU A 541 -0.38 -27.85 5.04
C GLU A 541 -1.70 -27.11 4.88
N LEU A 542 -2.73 -27.55 5.61
CA LEU A 542 -4.02 -26.88 5.53
C LEU A 542 -3.93 -25.44 5.99
N ARG A 543 -3.22 -25.19 7.09
CA ARG A 543 -3.09 -23.81 7.58
C ARG A 543 -2.36 -22.94 6.57
N ARG A 544 -1.29 -23.47 5.96
CA ARG A 544 -0.54 -22.69 4.97
C ARG A 544 -1.42 -22.35 3.77
N MET A 545 -2.14 -23.35 3.23
CA MET A 545 -3.04 -23.09 2.11
C MET A 545 -4.11 -22.08 2.48
N GLU A 546 -4.69 -22.21 3.67
CA GLU A 546 -5.78 -21.33 4.07
C GLU A 546 -5.30 -19.89 4.19
N GLU A 547 -4.12 -19.67 4.78
CA GLU A 547 -3.64 -18.29 4.90
C GLU A 547 -3.28 -17.71 3.54
N LEU A 548 -2.70 -18.52 2.65
CA LEU A 548 -2.38 -18.01 1.31
C LEU A 548 -3.66 -17.63 0.57
N HIS A 549 -4.69 -18.47 0.67
CA HIS A 549 -5.97 -18.17 0.03
C HIS A 549 -6.62 -16.93 0.65
N SER A 550 -6.43 -16.73 1.96
CA SER A 550 -6.94 -15.52 2.58
C SER A 550 -6.26 -14.28 2.01
N GLN A 551 -4.95 -14.34 1.79
CA GLN A 551 -4.26 -13.22 1.16
C GLN A 551 -4.76 -13.00 -0.26
N GLU A 552 -4.98 -14.09 -1.00
CA GLU A 552 -5.60 -14.01 -2.32
C GLU A 552 -6.90 -13.23 -2.27
N MET A 553 -7.79 -13.62 -1.35
CA MET A 553 -9.09 -12.98 -1.23
C MET A 553 -8.96 -11.51 -0.85
N GLN A 554 -8.01 -11.19 0.03
CA GLN A 554 -7.83 -9.80 0.43
C GLN A 554 -7.41 -8.93 -0.74
N LYS A 555 -6.47 -9.41 -1.56
CA LYS A 555 -6.04 -8.63 -2.71
C LYS A 555 -7.18 -8.47 -3.72
N ARG A 556 -7.93 -9.55 -3.97
CA ARG A 556 -9.07 -9.45 -4.87
C ARG A 556 -10.10 -8.45 -4.36
N LYS A 557 -10.36 -8.47 -3.06
CA LYS A 557 -11.32 -7.54 -2.48
C LYS A 557 -10.86 -6.10 -2.63
N GLU A 558 -9.57 -5.84 -2.42
CA GLU A 558 -9.05 -4.49 -2.60
C GLU A 558 -9.24 -4.03 -4.03
N MET A 559 -8.90 -4.88 -5.00
CA MET A 559 -9.07 -4.51 -6.40
C MET A 559 -10.54 -4.23 -6.71
N GLN A 560 -11.44 -5.08 -6.22
CA GLN A 560 -12.85 -4.90 -6.48
C GLN A 560 -13.36 -3.59 -5.89
N LEU A 561 -12.91 -3.25 -4.68
CA LEU A 561 -13.33 -1.99 -4.07
C LEU A 561 -12.85 -0.79 -4.88
N ARG A 562 -11.60 -0.83 -5.35
CA ARG A 562 -11.11 0.28 -6.17
C ARG A 562 -11.91 0.41 -7.46
N GLN A 563 -12.19 -0.71 -8.12
CA GLN A 563 -12.98 -0.65 -9.35
C GLN A 563 -14.37 -0.11 -9.09
N GLU A 564 -15.00 -0.53 -7.99
CA GLU A 564 -16.34 -0.04 -7.68
C GLU A 564 -16.33 1.46 -7.41
N GLU A 565 -15.31 1.96 -6.71
CA GLU A 565 -15.22 3.40 -6.47
C GLU A 565 -15.08 4.15 -7.79
N GLU A 566 -14.24 3.64 -8.70
CA GLU A 566 -14.10 4.30 -10.00
C GLU A 566 -15.42 4.30 -10.76
N ARG A 567 -16.15 3.19 -10.72
CA ARG A 567 -17.45 3.14 -11.38
C ARG A 567 -18.39 4.17 -10.78
N ARG A 568 -18.41 4.29 -9.45
CA ARG A 568 -19.27 5.26 -8.80
C ARG A 568 -18.97 6.68 -9.26
N ARG A 569 -17.67 7.03 -9.30
CA ARG A 569 -17.30 8.37 -9.70
C ARG A 569 -17.70 8.65 -11.15
N ARG A 570 -17.41 7.72 -12.05
CA ARG A 570 -17.76 7.97 -13.45
C ARG A 570 -19.27 8.01 -13.66
N GLU A 571 -20.02 7.17 -12.93
CA GLU A 571 -21.47 7.20 -13.04
C GLU A 571 -22.03 8.53 -12.57
N GLU A 572 -21.53 9.06 -11.46
CA GLU A 572 -22.07 10.34 -11.00
C GLU A 572 -21.67 11.48 -11.92
N GLU A 573 -20.47 11.40 -12.53
CA GLU A 573 -20.10 12.42 -13.51
C GLU A 573 -21.03 12.37 -14.72
N MET A 574 -21.32 11.16 -15.22
CA MET A 574 -22.25 11.04 -16.34
C MET A 574 -23.63 11.56 -15.96
N MET A 575 -24.07 11.27 -14.73
CA MET A 575 -25.38 11.74 -14.29
C MET A 575 -25.43 13.26 -14.22
N ILE A 576 -24.37 13.92 -13.74
CA ILE A 576 -24.40 15.37 -13.67
C ILE A 576 -24.37 15.97 -15.07
N ARG A 577 -23.66 15.32 -16.00
CA ARG A 577 -23.69 15.77 -17.39
C ARG A 577 -25.09 15.68 -17.96
N GLN A 578 -25.78 14.56 -17.71
CA GLN A 578 -27.14 14.40 -18.22
C GLN A 578 -28.11 15.37 -17.55
N ARG A 579 -27.88 15.69 -16.28
CA ARG A 579 -28.74 16.67 -15.60
C ARG A 579 -28.56 18.05 -16.20
N GLU A 580 -27.32 18.44 -16.49
CA GLU A 580 -27.09 19.69 -17.19
C GLU A 580 -27.77 19.69 -18.55
N MET A 581 -27.69 18.58 -19.27
CA MET A 581 -28.41 18.44 -20.52
C MET A 581 -29.91 18.67 -20.34
N GLU A 582 -30.51 18.02 -19.35
CA GLU A 582 -31.95 18.13 -19.15
C GLU A 582 -32.34 19.56 -18.80
N GLU A 583 -31.54 20.23 -17.97
CA GLU A 583 -31.84 21.62 -17.65
C GLU A 583 -31.79 22.49 -18.90
N GLN A 584 -30.74 22.34 -19.70
CA GLN A 584 -30.61 23.13 -20.92
C GLN A 584 -31.77 22.87 -21.87
N MET A 585 -32.16 21.61 -22.02
CA MET A 585 -33.17 21.25 -23.00
C MET A 585 -34.58 21.62 -22.52
N ARG A 586 -34.81 21.59 -21.21
CA ARG A 586 -36.04 22.17 -20.66
C ARG A 586 -36.09 23.67 -20.91
N ARG A 587 -34.96 24.36 -20.75
CA ARG A 587 -34.92 25.77 -21.10
C ARG A 587 -35.23 25.99 -22.58
N GLN A 588 -34.74 25.09 -23.43
CA GLN A 588 -35.04 25.16 -24.85
C GLN A 588 -36.54 25.03 -25.12
N ARG A 589 -37.18 24.07 -24.45
CA ARG A 589 -38.63 23.91 -24.61
C ARG A 589 -39.37 25.15 -24.11
N GLU A 590 -38.92 25.70 -22.97
CA GLU A 590 -39.56 26.90 -22.45
C GLU A 590 -39.46 28.06 -23.43
N GLU A 591 -38.29 28.23 -24.06
CA GLU A 591 -38.13 29.26 -25.08
C GLU A 591 -39.03 28.99 -26.28
N SER A 592 -39.12 27.73 -26.71
CA SER A 592 -39.92 27.40 -27.89
C SER A 592 -41.40 27.66 -27.65
N TYR A 593 -41.90 27.33 -26.46
CA TYR A 593 -43.33 27.52 -26.17
C TYR A 593 -43.71 29.00 -26.23
N SER A 594 -42.85 29.87 -25.71
CA SER A 594 -43.12 31.31 -25.72
C SER A 594 -43.03 31.86 -27.14
N LYS B 69 29.82 -101.67 24.22
CA LYS B 69 30.21 -103.08 24.18
C LYS B 69 29.14 -103.92 23.51
N THR B 70 28.66 -104.94 24.21
CA THR B 70 27.64 -105.84 23.71
C THR B 70 26.45 -105.84 24.65
N PHE B 71 25.25 -105.90 24.09
CA PHE B 71 23.99 -105.84 24.85
C PHE B 71 23.97 -104.60 25.74
N THR B 72 24.22 -103.45 25.13
CA THR B 72 24.40 -102.20 25.84
C THR B 72 23.19 -101.29 25.66
N GLN B 73 23.15 -100.22 26.46
CA GLN B 73 22.05 -99.27 26.36
C GLN B 73 22.06 -98.47 25.07
N ARG B 74 23.22 -98.32 24.43
CA ARG B 74 23.23 -97.76 23.09
C ARG B 74 22.64 -98.73 22.08
N SER B 75 22.60 -100.01 22.40
CA SER B 75 21.93 -101.01 21.59
C SER B 75 20.47 -101.18 21.94
N ARG B 76 19.96 -100.39 22.88
CA ARG B 76 18.58 -100.47 23.32
C ARG B 76 17.71 -99.64 22.38
N LEU B 77 16.67 -100.28 21.82
CA LEU B 77 15.87 -99.67 20.76
C LEU B 77 14.43 -99.49 21.22
N PHE B 78 13.79 -98.47 20.66
CA PHE B 78 12.38 -98.18 20.92
C PHE B 78 11.60 -98.43 19.63
N VAL B 79 10.62 -99.33 19.71
CA VAL B 79 9.78 -99.69 18.57
C VAL B 79 8.35 -99.29 18.89
N GLY B 80 7.75 -98.49 18.02
CA GLY B 80 6.40 -98.00 18.23
C GLY B 80 5.48 -98.36 17.07
N ASN B 81 4.20 -97.97 17.24
CA ASN B 81 3.16 -98.20 16.24
C ASN B 81 3.03 -99.68 15.91
N LEU B 82 3.15 -100.54 16.93
CA LEU B 82 2.98 -101.96 16.71
C LEU B 82 1.50 -102.31 16.54
N PRO B 83 1.19 -103.35 15.77
CA PRO B 83 -0.21 -103.74 15.58
C PRO B 83 -0.81 -104.20 16.88
N PRO B 84 -2.14 -104.05 17.04
CA PRO B 84 -2.78 -104.45 18.31
C PRO B 84 -2.65 -105.93 18.62
N ASP B 85 -2.41 -106.78 17.62
CA ASP B 85 -2.21 -108.21 17.85
C ASP B 85 -0.74 -108.59 17.98
N ILE B 86 0.08 -107.68 18.53
CA ILE B 86 1.51 -107.93 18.65
C ILE B 86 1.76 -109.15 19.54
N THR B 87 2.69 -110.00 19.11
CA THR B 87 3.05 -111.20 19.85
C THR B 87 4.57 -111.27 19.97
N GLU B 88 5.04 -111.84 21.08
CA GLU B 88 6.47 -111.91 21.34
C GLU B 88 7.18 -112.78 20.31
N GLU B 89 6.58 -113.93 19.95
CA GLU B 89 7.24 -114.84 19.03
C GLU B 89 7.39 -114.22 17.64
N GLU B 90 6.34 -113.55 17.15
CA GLU B 90 6.43 -112.95 15.82
C GLU B 90 7.50 -111.88 15.75
N MET B 91 7.56 -111.00 16.76
CA MET B 91 8.57 -109.95 16.75
C MET B 91 9.96 -110.51 16.99
N ARG B 92 10.09 -111.61 17.74
CA ARG B 92 11.36 -112.31 17.81
C ARG B 92 11.77 -112.83 16.44
N LYS B 93 10.81 -113.32 15.66
CA LYS B 93 11.10 -113.69 14.27
C LYS B 93 11.46 -112.47 13.44
N LEU B 94 10.88 -111.31 13.75
CA LEU B 94 11.20 -110.10 13.01
C LEU B 94 12.67 -109.72 13.17
N PHE B 95 13.20 -109.84 14.38
CA PHE B 95 14.59 -109.51 14.66
C PHE B 95 15.49 -110.74 14.62
N GLU B 96 15.00 -111.86 14.07
CA GLU B 96 15.84 -113.05 13.93
C GLU B 96 17.01 -112.80 12.98
N LYS B 97 16.85 -111.89 12.02
CA LYS B 97 17.97 -111.54 11.14
C LYS B 97 19.09 -110.86 11.90
N TYR B 98 18.78 -110.21 13.03
CA TYR B 98 19.75 -109.45 13.79
C TYR B 98 20.21 -110.19 15.04
N GLY B 99 20.34 -111.52 14.95
CA GLY B 99 20.86 -112.29 16.06
C GLY B 99 19.90 -112.36 17.24
N LYS B 100 20.47 -112.57 18.43
CA LYS B 100 19.67 -112.72 19.63
C LYS B 100 19.08 -111.38 20.05
N ALA B 101 18.06 -111.46 20.90
CA ALA B 101 17.37 -110.30 21.43
C ALA B 101 17.42 -110.31 22.95
N GLY B 102 17.48 -109.11 23.53
CA GLY B 102 17.53 -108.99 24.97
C GLY B 102 16.17 -109.09 25.63
N GLU B 103 15.87 -108.18 26.54
CA GLU B 103 14.58 -108.18 27.22
C GLU B 103 13.48 -107.82 26.23
N VAL B 104 12.44 -108.65 26.19
CA VAL B 104 11.31 -108.43 25.28
C VAL B 104 10.17 -107.89 26.14
N PHE B 105 10.03 -106.57 26.18
CA PHE B 105 8.93 -105.91 26.85
C PHE B 105 7.93 -105.43 25.81
N ILE B 106 6.68 -105.86 25.95
CA ILE B 106 5.64 -105.56 24.97
C ILE B 106 4.38 -105.12 25.70
N HIS B 107 3.82 -104.00 25.27
CA HIS B 107 2.50 -103.57 25.72
C HIS B 107 1.53 -103.75 24.55
N LYS B 108 0.55 -104.64 24.74
CA LYS B 108 -0.32 -105.02 23.63
C LYS B 108 -1.27 -103.88 23.25
N ASP B 109 -1.85 -103.21 24.25
CA ASP B 109 -2.88 -102.21 23.97
C ASP B 109 -2.31 -100.96 23.33
N LYS B 110 -1.21 -100.42 23.87
CA LYS B 110 -0.69 -99.14 23.40
C LYS B 110 0.18 -99.27 22.16
N GLY B 111 0.55 -100.49 21.77
CA GLY B 111 1.17 -100.70 20.47
C GLY B 111 2.60 -100.28 20.33
N PHE B 112 3.40 -100.39 21.39
CA PHE B 112 4.84 -100.17 21.29
C PHE B 112 5.57 -101.13 22.21
N GLY B 113 6.83 -101.38 21.89
CA GLY B 113 7.63 -102.35 22.62
C GLY B 113 8.89 -101.72 23.18
N PHE B 114 9.67 -102.55 23.86
CA PHE B 114 10.91 -102.13 24.52
C PHE B 114 11.86 -103.31 24.54
N ILE B 115 12.90 -103.27 23.70
CA ILE B 115 13.75 -104.42 23.45
C ILE B 115 15.21 -104.00 23.37
N ARG B 116 16.08 -105.01 23.38
CA ARG B 116 17.53 -104.83 23.34
C ARG B 116 18.08 -105.74 22.25
N LEU B 117 19.12 -105.26 21.56
CA LEU B 117 19.71 -105.98 20.45
C LEU B 117 21.11 -106.46 20.80
N GLU B 118 21.79 -107.05 19.82
CA GLU B 118 23.07 -107.71 20.08
C GLU B 118 24.18 -106.70 20.33
N THR B 119 24.47 -105.85 19.35
CA THR B 119 25.51 -104.83 19.48
C THR B 119 24.97 -103.50 18.98
N ARG B 120 25.81 -102.47 19.11
CA ARG B 120 25.45 -101.14 18.62
C ARG B 120 25.27 -101.13 17.11
N THR B 121 26.15 -101.84 16.39
CA THR B 121 26.10 -101.81 14.93
C THR B 121 24.85 -102.50 14.40
N LEU B 122 24.55 -103.71 14.91
CA LEU B 122 23.32 -104.37 14.50
C LEU B 122 22.10 -103.58 14.94
N ALA B 123 22.18 -102.92 16.09
CA ALA B 123 21.06 -102.07 16.53
C ALA B 123 20.83 -100.94 15.53
N GLU B 124 21.91 -100.29 15.10
CA GLU B 124 21.79 -99.24 14.09
C GLU B 124 21.19 -99.79 12.80
N ILE B 125 21.68 -100.95 12.36
CA ILE B 125 21.23 -101.51 11.09
C ILE B 125 19.75 -101.85 11.15
N ALA B 126 19.32 -102.52 12.23
CA ALA B 126 17.92 -102.89 12.38
C ALA B 126 17.03 -101.66 12.49
N LYS B 127 17.45 -100.65 13.27
CA LYS B 127 16.64 -99.45 13.40
C LYS B 127 16.51 -98.73 12.06
N VAL B 128 17.59 -98.65 11.28
CA VAL B 128 17.54 -97.95 10.01
C VAL B 128 16.71 -98.72 8.99
N GLU B 129 16.86 -100.04 8.95
CA GLU B 129 16.24 -100.85 7.90
C GLU B 129 14.89 -101.44 8.28
N LEU B 130 14.38 -101.16 9.48
CA LEU B 130 13.12 -101.74 9.90
C LEU B 130 12.01 -100.72 10.07
N ASP B 131 12.30 -99.43 10.10
CA ASP B 131 11.28 -98.41 10.22
C ASP B 131 10.79 -97.98 8.85
N ASN B 132 9.70 -97.22 8.84
CA ASN B 132 9.04 -96.65 7.66
C ASN B 132 8.41 -97.71 6.77
N MET B 133 8.48 -98.99 7.13
CA MET B 133 7.78 -99.96 6.30
C MET B 133 6.52 -100.44 7.00
N PRO B 134 5.40 -100.52 6.29
CA PRO B 134 4.15 -100.96 6.92
C PRO B 134 4.24 -102.38 7.45
N LEU B 135 3.59 -102.60 8.58
CA LEU B 135 3.50 -103.93 9.20
C LEU B 135 2.02 -104.17 9.50
N ARG B 136 1.35 -104.91 8.62
CA ARG B 136 -0.09 -105.14 8.72
C ARG B 136 -0.85 -103.83 8.74
N GLY B 137 -0.60 -103.00 7.73
CA GLY B 137 -1.22 -101.69 7.64
C GLY B 137 -0.78 -100.72 8.71
N LYS B 138 0.50 -100.74 9.08
CA LYS B 138 1.01 -99.82 10.09
C LYS B 138 2.52 -99.69 9.89
N GLN B 139 2.97 -98.49 9.53
CA GLN B 139 4.40 -98.25 9.34
C GLN B 139 5.13 -98.34 10.67
N LEU B 140 6.22 -99.10 10.69
CA LEU B 140 6.99 -99.27 11.92
C LEU B 140 7.73 -97.99 12.28
N ARG B 141 7.74 -97.66 13.57
CA ARG B 141 8.43 -96.50 14.11
C ARG B 141 9.51 -97.01 15.05
N VAL B 142 10.68 -97.30 14.49
CA VAL B 142 11.82 -97.80 15.27
C VAL B 142 12.80 -96.63 15.37
N ARG B 143 13.00 -96.12 16.59
CA ARG B 143 13.89 -95.01 16.85
C ARG B 143 14.78 -95.33 18.05
N PHE B 144 15.58 -94.34 18.44
CA PHE B 144 16.53 -94.50 19.54
C PHE B 144 15.84 -94.23 20.86
N ALA B 145 16.16 -95.03 21.87
CA ALA B 145 15.62 -94.83 23.22
C ALA B 145 16.53 -93.90 24.01
N CYS B 146 15.93 -93.12 24.90
CA CYS B 146 16.68 -92.18 25.71
C CYS B 146 17.51 -92.92 26.75
N HIS B 147 18.66 -92.33 27.09
CA HIS B 147 19.58 -92.92 28.05
C HIS B 147 19.10 -92.65 29.46
N SER B 148 18.72 -93.69 30.19
CA SER B 148 18.41 -93.58 31.60
C SER B 148 19.64 -93.77 32.48
N ALA B 149 20.79 -94.05 31.88
CA ALA B 149 22.03 -94.33 32.60
C ALA B 149 23.13 -93.37 32.16
N SER B 150 22.82 -92.08 32.08
CA SER B 150 23.75 -91.07 31.60
C SER B 150 24.11 -90.09 32.71
N LEU B 151 25.38 -89.71 32.74
CA LEU B 151 25.90 -88.78 33.73
C LEU B 151 26.93 -87.89 33.06
N THR B 152 26.92 -86.60 33.39
CA THR B 152 27.86 -85.63 32.87
C THR B 152 28.67 -85.05 34.02
N VAL B 153 29.99 -85.15 33.93
CA VAL B 153 30.90 -84.72 34.98
C VAL B 153 31.55 -83.40 34.55
N ARG B 154 31.51 -82.41 35.43
CA ARG B 154 32.13 -81.12 35.15
C ARG B 154 33.33 -80.89 36.06
N ASN B 155 34.01 -79.78 35.80
CA ASN B 155 35.17 -79.35 36.59
C ASN B 155 36.28 -80.39 36.57
N LEU B 156 36.40 -81.12 35.47
CA LEU B 156 37.43 -82.14 35.37
C LEU B 156 38.80 -81.49 35.42
N PRO B 157 39.82 -82.20 35.92
CA PRO B 157 41.18 -81.63 35.95
C PRO B 157 41.73 -81.41 34.55
N GLN B 158 42.89 -80.76 34.45
CA GLN B 158 43.43 -80.43 33.14
C GLN B 158 43.99 -81.66 32.42
N TYR B 159 44.40 -82.68 33.16
CA TYR B 159 45.09 -83.83 32.59
C TYR B 159 44.34 -85.10 32.97
N VAL B 160 43.38 -85.50 32.14
CA VAL B 160 42.62 -86.72 32.33
C VAL B 160 42.52 -87.46 31.00
N SER B 161 42.06 -88.70 31.07
CA SER B 161 41.86 -89.52 29.88
C SER B 161 40.51 -90.22 29.99
N ASN B 162 39.96 -90.59 28.85
CA ASN B 162 38.67 -91.28 28.87
C ASN B 162 38.78 -92.64 29.55
N GLU B 163 39.93 -93.30 29.43
CA GLU B 163 40.14 -94.52 30.20
C GLU B 163 40.21 -94.21 31.70
N LEU B 164 40.76 -93.05 32.06
CA LEU B 164 40.75 -92.62 33.46
C LEU B 164 39.32 -92.50 33.96
N LEU B 165 38.45 -91.91 33.14
CA LEU B 165 37.03 -91.85 33.50
C LEU B 165 36.45 -93.24 33.64
N GLU B 166 36.83 -94.16 32.74
CA GLU B 166 36.30 -95.52 32.80
C GLU B 166 36.67 -96.19 34.11
N GLU B 167 37.94 -96.11 34.51
CA GLU B 167 38.35 -96.80 35.73
C GLU B 167 37.85 -96.08 36.98
N ALA B 168 37.91 -94.75 37.01
CA ALA B 168 37.56 -94.02 38.21
C ALA B 168 36.10 -94.22 38.58
N PHE B 169 35.21 -94.17 37.60
CA PHE B 169 33.78 -94.37 37.83
C PHE B 169 33.36 -95.83 37.67
N SER B 170 34.32 -96.74 37.45
CA SER B 170 34.00 -98.16 37.53
C SER B 170 33.69 -98.59 38.96
N VAL B 171 34.06 -97.78 39.95
CA VAL B 171 33.81 -98.13 41.34
C VAL B 171 32.31 -98.22 41.60
N PHE B 172 31.55 -97.25 41.12
CA PHE B 172 30.10 -97.26 41.27
C PHE B 172 29.44 -98.41 40.54
N GLY B 173 29.92 -98.77 39.37
CA GLY B 173 29.34 -99.87 38.63
C GLY B 173 30.08 -100.05 37.31
N GLN B 174 29.56 -100.98 36.51
CA GLN B 174 30.15 -101.27 35.21
C GLN B 174 30.06 -100.04 34.31
N VAL B 175 31.16 -99.68 33.68
CA VAL B 175 31.19 -98.54 32.77
C VAL B 175 30.93 -99.02 31.36
N GLU B 176 29.78 -98.63 30.81
CA GLU B 176 29.50 -98.93 29.40
C GLU B 176 30.41 -98.13 28.49
N ARG B 177 30.58 -96.84 28.79
CA ARG B 177 31.46 -95.94 28.06
C ARG B 177 31.57 -94.65 28.83
N ALA B 178 32.78 -94.10 28.91
CA ALA B 178 33.02 -92.80 29.50
C ALA B 178 33.99 -92.04 28.60
N VAL B 179 33.62 -90.81 28.27
CA VAL B 179 34.31 -90.04 27.23
C VAL B 179 34.56 -88.63 27.71
N VAL B 180 35.78 -88.15 27.51
CA VAL B 180 36.09 -86.74 27.71
C VAL B 180 35.60 -85.98 26.48
N ILE B 181 34.75 -84.99 26.69
CA ILE B 181 34.30 -84.15 25.58
C ILE B 181 35.43 -83.21 25.21
N VAL B 182 35.91 -83.30 23.98
CA VAL B 182 37.08 -82.57 23.52
C VAL B 182 36.70 -81.74 22.31
N ASP B 183 37.26 -80.53 22.23
CA ASP B 183 37.00 -79.66 21.10
C ASP B 183 37.65 -80.22 19.83
N ASP B 184 37.46 -79.52 18.72
CA ASP B 184 38.05 -79.96 17.46
C ASP B 184 39.58 -79.92 17.52
N ARG B 185 40.15 -78.88 18.13
CA ARG B 185 41.60 -78.78 18.19
C ARG B 185 42.22 -79.90 19.02
N GLY B 186 41.63 -80.19 20.18
CA GLY B 186 42.17 -81.24 21.03
C GLY B 186 42.27 -80.85 22.48
N ARG B 187 42.01 -79.58 22.78
CA ARG B 187 42.04 -79.13 24.17
C ARG B 187 40.78 -79.59 24.88
N PRO B 188 40.87 -80.07 26.12
CA PRO B 188 39.66 -80.50 26.83
C PRO B 188 38.75 -79.33 27.13
N SER B 189 37.45 -79.60 27.14
CA SER B 189 36.45 -78.58 27.39
C SER B 189 36.06 -78.47 28.85
N GLY B 190 36.63 -79.29 29.72
CA GLY B 190 36.24 -79.28 31.12
C GLY B 190 34.96 -80.01 31.43
N LYS B 191 34.43 -80.78 30.48
CA LYS B 191 33.23 -81.57 30.69
C LYS B 191 33.53 -83.03 30.42
N GLY B 192 32.48 -83.85 30.44
CA GLY B 192 32.64 -85.26 30.18
C GLY B 192 31.28 -85.91 30.05
N ILE B 193 31.31 -87.16 29.59
CA ILE B 193 30.12 -87.99 29.46
C ILE B 193 30.38 -89.32 30.14
N VAL B 194 29.52 -89.69 31.07
CA VAL B 194 29.55 -90.99 31.73
C VAL B 194 28.28 -91.72 31.35
N GLU B 195 28.43 -92.96 30.88
CA GLU B 195 27.30 -93.76 30.41
C GLU B 195 27.34 -95.10 31.15
N PHE B 196 26.50 -95.24 32.16
CA PHE B 196 26.50 -96.42 33.00
C PHE B 196 25.51 -97.47 32.46
N SER B 197 25.21 -98.47 33.28
CA SER B 197 24.38 -99.59 32.87
C SER B 197 22.98 -99.55 33.45
N GLY B 198 22.81 -99.11 34.68
CA GLY B 198 21.53 -99.22 35.36
C GLY B 198 21.10 -97.92 36.01
N LYS B 199 19.79 -97.69 35.99
CA LYS B 199 19.24 -96.50 36.62
C LYS B 199 19.56 -96.39 38.12
N PRO B 200 19.49 -97.46 38.93
CA PRO B 200 19.94 -97.28 40.32
C PRO B 200 21.41 -96.96 40.42
N ALA B 201 22.24 -97.53 39.53
CA ALA B 201 23.66 -97.20 39.50
C ALA B 201 23.88 -95.74 39.14
N ALA B 202 23.13 -95.25 38.14
CA ALA B 202 23.25 -93.85 37.75
C ALA B 202 22.87 -92.92 38.91
N ARG B 203 21.71 -93.16 39.54
CA ARG B 203 21.31 -92.28 40.63
C ARG B 203 22.26 -92.38 41.81
N LYS B 204 22.78 -93.57 42.11
CA LYS B 204 23.68 -93.70 43.24
C LYS B 204 25.01 -93.02 42.97
N ALA B 205 25.50 -93.07 41.73
CA ALA B 205 26.69 -92.30 41.40
C ALA B 205 26.44 -90.81 41.53
N LEU B 206 25.31 -90.33 41.01
CA LEU B 206 24.98 -88.91 41.11
C LEU B 206 24.95 -88.46 42.56
N ASP B 207 24.20 -89.16 43.41
CA ASP B 207 24.11 -88.69 44.79
C ASP B 207 25.42 -88.90 45.54
N ARG B 208 26.10 -90.03 45.34
CA ARG B 208 27.36 -90.28 46.02
C ARG B 208 28.41 -89.23 45.67
N CYS B 209 28.33 -88.63 44.48
CA CYS B 209 29.14 -87.46 44.21
C CYS B 209 28.50 -86.17 44.71
N SER B 210 27.20 -86.20 45.05
CA SER B 210 26.58 -85.00 45.62
C SER B 210 26.98 -84.80 47.08
N GLU B 211 26.61 -85.74 47.96
CA GLU B 211 27.04 -85.59 49.35
C GLU B 211 28.53 -85.87 49.51
N GLY B 212 29.08 -86.78 48.72
CA GLY B 212 30.51 -87.03 48.70
C GLY B 212 31.23 -85.97 47.89
N SER B 213 32.56 -86.03 47.93
CA SER B 213 33.41 -85.16 47.12
C SER B 213 34.42 -86.06 46.42
N PHE B 214 34.03 -86.62 45.27
CA PHE B 214 34.84 -87.65 44.65
C PHE B 214 36.05 -86.99 43.99
N LEU B 215 37.14 -86.92 44.74
CA LEU B 215 38.38 -86.40 44.20
C LEU B 215 38.88 -87.31 43.09
N LEU B 216 39.44 -86.73 42.04
CA LEU B 216 39.85 -87.51 40.88
C LEU B 216 41.34 -87.74 40.77
N THR B 217 42.17 -86.82 41.26
CA THR B 217 43.61 -86.93 41.07
C THR B 217 44.28 -86.30 42.29
N THR B 218 45.61 -86.16 42.24
CA THR B 218 46.34 -85.55 43.36
C THR B 218 45.91 -84.10 43.56
N PHE B 219 45.71 -83.36 42.46
CA PHE B 219 45.22 -82.00 42.51
C PHE B 219 43.89 -81.95 43.23
N PRO B 220 43.84 -81.40 44.44
CA PRO B 220 42.66 -81.59 45.30
C PRO B 220 41.44 -80.81 44.86
N ARG B 221 40.89 -81.14 43.70
CA ARG B 221 39.63 -80.55 43.27
C ARG B 221 38.63 -81.63 42.89
N PRO B 222 37.44 -81.61 43.47
CA PRO B 222 36.42 -82.60 43.10
C PRO B 222 35.86 -82.35 41.72
N VAL B 223 35.00 -83.26 41.26
CA VAL B 223 34.36 -83.13 39.95
C VAL B 223 32.85 -83.21 40.15
N THR B 224 32.15 -82.12 39.83
CA THR B 224 30.70 -82.11 39.95
C THR B 224 30.08 -83.02 38.91
N VAL B 225 29.08 -83.80 39.32
CA VAL B 225 28.42 -84.76 38.46
C VAL B 225 26.94 -84.41 38.40
N GLU B 226 26.42 -84.28 37.18
CA GLU B 226 25.03 -83.90 36.96
C GLU B 226 24.39 -84.86 35.98
N PRO B 227 23.08 -85.09 36.10
CA PRO B 227 22.38 -85.86 35.07
C PRO B 227 22.43 -85.13 33.73
N MET B 228 22.58 -85.89 32.67
CA MET B 228 22.74 -85.31 31.35
C MET B 228 21.38 -84.96 30.73
N ASP B 229 21.23 -83.72 30.31
CA ASP B 229 20.03 -83.28 29.60
C ASP B 229 20.13 -83.83 28.18
N GLN B 230 19.39 -84.90 27.91
CA GLN B 230 19.47 -85.59 26.62
C GLN B 230 18.77 -84.76 25.56
N LEU B 231 19.55 -84.21 24.63
CA LEU B 231 19.02 -83.40 23.55
C LEU B 231 19.10 -84.18 22.24
N ASP B 232 18.07 -84.03 21.41
CA ASP B 232 17.97 -84.74 20.14
C ASP B 232 18.08 -83.72 19.01
N ASP B 233 18.84 -84.08 17.97
CA ASP B 233 19.03 -83.23 16.81
C ASP B 233 18.78 -83.98 15.50
N GLU B 234 17.96 -85.03 15.54
CA GLU B 234 17.67 -85.82 14.34
C GLU B 234 16.31 -85.48 13.74
N GLU B 235 15.24 -85.61 14.55
CA GLU B 235 13.90 -85.41 14.02
C GLU B 235 13.60 -83.94 13.80
N GLY B 236 14.23 -83.05 14.56
CA GLY B 236 13.84 -81.65 14.51
C GLY B 236 12.40 -81.50 14.90
N LEU B 237 11.63 -80.81 14.06
CA LEU B 237 10.17 -80.73 14.21
C LEU B 237 9.51 -81.17 12.92
N PRO B 238 9.04 -82.41 12.83
CA PRO B 238 8.07 -82.74 11.77
C PRO B 238 6.85 -81.86 11.92
N GLU B 239 6.37 -81.34 10.79
CA GLU B 239 5.24 -80.41 10.84
C GLU B 239 3.97 -81.09 11.34
N LYS B 240 3.92 -82.43 11.29
CA LYS B 240 2.75 -83.13 11.80
C LYS B 240 2.71 -83.09 13.33
N LEU B 241 3.87 -83.07 13.99
CA LEU B 241 3.90 -83.11 15.45
C LEU B 241 3.37 -81.83 16.08
N VAL B 242 3.48 -80.69 15.40
CA VAL B 242 3.08 -79.43 16.00
C VAL B 242 1.58 -79.39 16.19
N ILE B 243 1.14 -78.72 17.27
CA ILE B 243 -0.27 -78.73 17.66
C ILE B 243 -1.17 -78.08 16.60
N LYS B 244 -0.62 -77.15 15.81
CA LYS B 244 -1.33 -76.56 14.67
C LYS B 244 -2.62 -75.87 15.12
N ASN B 245 -2.57 -75.16 16.23
CA ASN B 245 -3.75 -74.49 16.77
C ASN B 245 -3.92 -73.13 16.10
N GLN B 246 -4.86 -72.33 16.63
CA GLN B 246 -5.06 -70.98 16.11
C GLN B 246 -3.83 -70.12 16.33
N GLN B 247 -3.12 -70.34 17.43
CA GLN B 247 -1.85 -69.64 17.65
C GLN B 247 -0.85 -69.98 16.55
N PHE B 248 -0.81 -71.25 16.15
CA PHE B 248 0.05 -71.66 15.03
C PHE B 248 -0.25 -70.85 13.78
N HIS B 249 -1.53 -70.73 13.43
CA HIS B 249 -1.91 -69.89 12.30
C HIS B 249 -1.65 -68.43 12.60
N LYS B 250 -1.84 -68.01 13.85
CA LYS B 250 -1.55 -66.64 14.25
C LYS B 250 -0.07 -66.32 14.07
N GLU B 251 0.80 -67.32 14.16
CA GLU B 251 2.24 -67.12 14.03
C GLU B 251 2.74 -67.25 12.60
N ARG B 252 1.86 -67.47 11.63
CA ARG B 252 2.27 -67.61 10.24
C ARG B 252 1.53 -66.66 9.32
N GLU B 253 0.96 -65.58 9.85
CA GLU B 253 0.32 -64.58 9.01
C GLU B 253 1.31 -63.96 8.02
N GLN B 254 2.57 -63.79 8.43
CA GLN B 254 3.55 -63.23 7.52
C GLN B 254 4.75 -64.16 7.37
N PRO B 255 5.41 -64.15 6.22
CA PRO B 255 6.45 -65.15 5.93
C PRO B 255 7.80 -64.70 6.47
N PRO B 256 8.77 -65.61 6.59
CA PRO B 256 10.10 -65.19 7.06
C PRO B 256 10.71 -64.12 6.18
N ARG B 257 11.24 -63.08 6.81
CA ARG B 257 11.63 -61.87 6.10
C ARG B 257 12.46 -61.00 7.03
N PHE B 258 12.81 -59.82 6.53
CA PHE B 258 13.66 -58.87 7.25
C PHE B 258 12.84 -57.68 7.73
N ALA B 259 13.33 -57.03 8.78
CA ALA B 259 12.65 -55.88 9.36
C ALA B 259 12.97 -54.64 8.56
N GLN B 260 11.92 -53.92 8.16
CA GLN B 260 12.10 -52.66 7.47
C GLN B 260 12.48 -51.59 8.49
N PRO B 261 13.65 -50.94 8.34
CA PRO B 261 14.06 -49.96 9.35
C PRO B 261 13.06 -48.82 9.46
N GLY B 262 12.92 -48.31 10.68
CA GLY B 262 11.99 -47.25 10.95
C GLY B 262 10.57 -47.68 11.23
N SER B 263 10.27 -48.97 11.15
CA SER B 263 8.94 -49.49 11.42
C SER B 263 8.87 -50.01 12.85
N PHE B 264 7.68 -50.45 13.25
CA PHE B 264 7.50 -51.04 14.58
C PHE B 264 8.33 -52.30 14.74
N GLU B 265 8.34 -53.15 13.71
CA GLU B 265 9.06 -54.41 13.79
C GLU B 265 10.55 -54.20 14.02
N TYR B 266 11.15 -53.27 13.28
CA TYR B 266 12.60 -53.07 13.41
C TYR B 266 12.97 -52.53 14.78
N GLU B 267 12.22 -51.57 15.30
CA GLU B 267 12.52 -51.03 16.62
C GLU B 267 12.33 -52.09 17.70
N TYR B 268 11.29 -52.92 17.57
CA TYR B 268 11.05 -53.91 18.60
C TYR B 268 12.10 -55.02 18.53
N ALA B 269 12.58 -55.32 17.32
CA ALA B 269 13.70 -56.24 17.16
C ALA B 269 14.97 -55.64 17.75
N MET B 270 15.14 -54.32 17.65
CA MET B 270 16.24 -53.67 18.36
C MET B 270 16.13 -53.89 19.85
N ARG B 271 14.92 -53.81 20.40
CA ARG B 271 14.73 -54.07 21.82
C ARG B 271 15.12 -55.51 22.17
N TRP B 272 14.67 -56.47 21.36
CA TRP B 272 15.05 -57.87 21.58
C TRP B 272 16.56 -58.08 21.52
N LYS B 273 17.22 -57.47 20.53
CA LYS B 273 18.66 -57.65 20.40
C LYS B 273 19.40 -57.00 21.54
N ALA B 274 18.90 -55.86 22.04
CA ALA B 274 19.48 -55.27 23.23
C ALA B 274 19.36 -56.21 24.42
N LEU B 275 18.20 -56.86 24.55
CA LEU B 275 18.01 -57.81 25.64
C LEU B 275 18.98 -58.99 25.53
N ILE B 276 19.17 -59.51 24.33
CA ILE B 276 20.08 -60.64 24.15
C ILE B 276 21.53 -60.23 24.40
N GLU B 277 21.90 -59.02 23.98
CA GLU B 277 23.24 -58.53 24.30
C GLU B 277 23.43 -58.35 25.81
N MET B 278 22.37 -57.93 26.50
CA MET B 278 22.42 -57.89 27.95
C MET B 278 22.66 -59.28 28.53
N GLU B 279 22.01 -60.30 27.96
CA GLU B 279 22.26 -61.67 28.39
C GLU B 279 23.72 -62.04 28.23
N LYS B 280 24.28 -61.74 27.06
CA LYS B 280 25.67 -62.07 26.81
C LYS B 280 26.58 -61.38 27.80
N GLN B 281 26.31 -60.10 28.08
CA GLN B 281 27.12 -59.37 29.05
C GLN B 281 27.03 -60.00 30.43
N GLN B 282 25.83 -60.38 30.86
CA GLN B 282 25.66 -60.92 32.20
C GLN B 282 26.35 -62.29 32.34
N GLN B 283 26.21 -63.14 31.32
CA GLN B 283 26.89 -64.43 31.38
C GLN B 283 28.39 -64.26 31.37
N ASP B 284 28.90 -63.30 30.59
CA ASP B 284 30.33 -63.02 30.60
C ASP B 284 30.78 -62.56 31.98
N GLN B 285 29.98 -61.72 32.64
CA GLN B 285 30.35 -61.25 33.98
C GLN B 285 30.40 -62.41 34.96
N VAL B 286 29.41 -63.30 34.92
CA VAL B 286 29.42 -64.45 35.82
C VAL B 286 30.65 -65.31 35.57
N ASP B 287 30.98 -65.53 34.29
CA ASP B 287 32.13 -66.35 33.96
C ASP B 287 33.42 -65.71 34.48
N ARG B 288 33.55 -64.39 34.35
CA ARG B 288 34.75 -63.73 34.83
C ARG B 288 34.86 -63.79 36.35
N ASN B 289 33.75 -63.63 37.06
CA ASN B 289 33.79 -63.76 38.51
C ASN B 289 34.26 -65.14 38.93
N ILE B 290 33.68 -66.18 38.32
CA ILE B 290 34.09 -67.53 38.69
C ILE B 290 35.56 -67.77 38.32
N LYS B 291 35.99 -67.23 37.18
CA LYS B 291 37.37 -67.38 36.77
C LYS B 291 38.33 -66.77 37.80
N GLU B 292 38.03 -65.56 38.26
CA GLU B 292 38.94 -64.91 39.20
C GLU B 292 38.94 -65.65 40.54
N ALA B 293 37.78 -66.12 41.00
CA ALA B 293 37.76 -66.88 42.26
C ALA B 293 38.57 -68.15 42.14
N ARG B 294 38.42 -68.88 41.03
CA ARG B 294 39.17 -70.11 40.83
C ARG B 294 40.67 -69.82 40.79
N GLU B 295 41.07 -68.74 40.13
CA GLU B 295 42.49 -68.41 40.07
C GLU B 295 43.03 -68.09 41.47
N LYS B 296 42.25 -67.37 42.28
CA LYS B 296 42.68 -67.07 43.63
C LYS B 296 42.88 -68.34 44.46
N LEU B 297 41.95 -69.30 44.34
CA LEU B 297 42.14 -70.55 45.06
C LEU B 297 43.38 -71.29 44.57
N GLU B 298 43.59 -71.32 43.25
CA GLU B 298 44.76 -72.00 42.70
C GLU B 298 46.04 -71.37 43.21
N MET B 299 46.04 -70.06 43.45
CA MET B 299 47.20 -69.44 44.07
C MET B 299 47.34 -69.81 45.55
N GLU B 300 46.24 -69.78 46.30
CA GLU B 300 46.31 -70.04 47.75
C GLU B 300 46.58 -71.49 48.07
N MET B 301 46.58 -72.38 47.07
CA MET B 301 46.90 -73.79 47.26
C MET B 301 48.08 -74.07 48.19
N GLU B 302 49.25 -73.52 47.87
CA GLU B 302 50.47 -73.92 48.60
C GLU B 302 50.52 -73.33 50.00
N ALA B 303 50.04 -72.11 50.16
CA ALA B 303 49.92 -71.55 51.51
C ALA B 303 49.02 -72.42 52.36
N ALA B 304 47.88 -72.82 51.81
CA ALA B 304 46.96 -73.67 52.58
C ALA B 304 47.60 -75.01 52.90
N ARG B 305 48.33 -75.59 51.94
CA ARG B 305 48.94 -76.90 52.17
C ARG B 305 49.98 -76.83 53.28
N HIS B 306 50.82 -75.79 53.26
CA HIS B 306 51.82 -75.66 54.30
C HIS B 306 51.18 -75.42 55.66
N GLU B 307 50.14 -74.58 55.71
CA GLU B 307 49.43 -74.39 56.97
C GLU B 307 48.86 -75.70 57.49
N HIS B 308 48.28 -76.51 56.61
CA HIS B 308 47.72 -77.77 57.09
C HIS B 308 48.81 -78.72 57.54
N GLN B 309 49.94 -78.77 56.83
CA GLN B 309 51.03 -79.62 57.27
C GLN B 309 51.50 -79.24 58.67
N VAL B 310 51.73 -77.94 58.89
CA VAL B 310 52.26 -77.54 60.19
C VAL B 310 51.21 -77.73 61.28
N MET B 311 49.93 -77.51 60.97
CA MET B 311 48.88 -77.69 61.98
C MET B 311 48.79 -79.17 62.36
N LEU B 312 48.78 -80.06 61.38
CA LEU B 312 48.69 -81.48 61.68
C LEU B 312 49.90 -81.96 62.46
N MET B 313 51.09 -81.50 62.08
CA MET B 313 52.30 -81.88 62.79
C MET B 313 52.27 -81.40 64.24
N ARG B 314 51.83 -80.16 64.46
CA ARG B 314 51.76 -79.63 65.82
C ARG B 314 50.76 -80.40 66.66
N GLN B 315 49.60 -80.72 66.09
CA GLN B 315 48.62 -81.53 66.83
C GLN B 315 49.17 -82.90 67.15
N ASP B 316 49.88 -83.51 66.20
CA ASP B 316 50.46 -84.83 66.44
C ASP B 316 51.49 -84.78 67.56
N LEU B 317 52.36 -83.76 67.56
CA LEU B 317 53.36 -83.66 68.62
C LEU B 317 52.71 -83.38 69.98
N MET B 318 51.64 -82.57 69.98
CA MET B 318 50.92 -82.36 71.24
C MET B 318 50.36 -83.67 71.77
N ARG B 319 49.79 -84.48 70.88
CA ARG B 319 49.26 -85.78 71.30
C ARG B 319 50.36 -86.68 71.83
N ARG B 320 51.51 -86.71 71.14
CA ARG B 320 52.60 -87.60 71.56
C ARG B 320 53.17 -87.15 72.91
N GLN B 321 53.32 -85.84 73.10
CA GLN B 321 53.78 -85.34 74.39
C GLN B 321 52.80 -85.67 75.50
N GLU B 322 51.49 -85.51 75.23
CA GLU B 322 50.50 -85.84 76.25
C GLU B 322 50.52 -87.32 76.58
N GLU B 323 50.71 -88.18 75.56
CA GLU B 323 50.76 -89.61 75.80
C GLU B 323 51.98 -89.98 76.65
N LEU B 324 53.14 -89.41 76.32
CA LEU B 324 54.34 -89.67 77.12
C LEU B 324 54.13 -89.20 78.56
N ARG B 325 53.55 -88.02 78.73
CA ARG B 325 53.25 -87.51 80.05
C ARG B 325 52.35 -88.45 80.84
N ARG B 326 51.26 -88.91 80.21
CA ARG B 326 50.30 -89.74 80.92
C ARG B 326 50.91 -91.09 81.29
N MET B 327 51.68 -91.70 80.38
CA MET B 327 52.28 -92.99 80.71
C MET B 327 53.34 -92.84 81.79
N GLU B 328 54.11 -91.74 81.77
CA GLU B 328 55.08 -91.51 82.82
C GLU B 328 54.39 -91.34 84.17
N GLU B 329 53.30 -90.56 84.20
CA GLU B 329 52.57 -90.36 85.45
C GLU B 329 51.99 -91.68 85.96
N LEU B 330 51.42 -92.49 85.06
CA LEU B 330 50.87 -93.78 85.46
C LEU B 330 51.95 -94.69 86.04
N HIS B 331 53.12 -94.73 85.38
CA HIS B 331 54.21 -95.56 85.88
C HIS B 331 54.68 -95.08 87.25
N ASN B 332 54.79 -93.76 87.43
CA ASN B 332 55.23 -93.22 88.71
C ASN B 332 54.24 -93.57 89.81
N GLN B 333 52.94 -93.40 89.55
CA GLN B 333 51.95 -93.75 90.55
C GLN B 333 51.99 -95.24 90.87
N GLU B 334 52.15 -96.08 89.85
CA GLU B 334 52.19 -97.52 90.09
C GLU B 334 53.40 -97.91 90.94
N VAL B 335 54.58 -97.36 90.62
CA VAL B 335 55.75 -97.73 91.40
C VAL B 335 55.67 -97.17 92.81
N GLN B 336 55.09 -95.97 92.99
CA GLN B 336 54.92 -95.44 94.34
C GLN B 336 53.99 -96.32 95.17
N LYS B 337 52.86 -96.73 94.59
CA LYS B 337 51.92 -97.57 95.33
C LYS B 337 52.47 -98.97 95.55
N ARG B 338 53.37 -99.44 94.68
CA ARG B 338 54.03 -100.71 94.91
C ARG B 338 55.04 -100.62 96.05
N LYS B 339 55.81 -99.53 96.10
CA LYS B 339 56.82 -99.38 97.15
C LYS B 339 56.17 -99.09 98.50
N GLN B 340 55.03 -98.40 98.51
CA GLN B 340 54.36 -98.11 99.77
C GLN B 340 53.91 -99.40 100.48
N LEU B 341 53.38 -100.35 99.71
CA LEU B 341 52.92 -101.62 100.27
C LEU B 341 54.11 -102.54 100.54
N LYS C 287 43.27 -41.13 -22.92
CA LYS C 287 42.43 -42.27 -22.56
C LYS C 287 41.24 -42.39 -23.51
N THR C 288 40.55 -43.52 -23.45
CA THR C 288 39.46 -43.82 -24.35
C THR C 288 38.14 -43.92 -23.61
N TYR C 289 37.06 -43.47 -24.26
CA TYR C 289 35.71 -43.54 -23.71
C TYR C 289 35.60 -42.83 -22.37
N THR C 290 36.18 -41.63 -22.28
CA THR C 290 36.10 -40.84 -21.08
C THR C 290 34.83 -39.98 -21.09
N GLN C 291 34.60 -39.29 -19.97
CA GLN C 291 33.45 -38.39 -19.87
C GLN C 291 33.53 -37.21 -20.82
N ARG C 292 34.74 -36.87 -21.29
CA ARG C 292 34.87 -35.84 -22.30
C ARG C 292 34.26 -36.25 -23.64
N CYS C 293 34.23 -37.55 -23.94
CA CYS C 293 33.59 -38.06 -25.13
C CYS C 293 32.08 -37.97 -25.06
N ARG C 294 31.52 -37.77 -23.87
CA ARG C 294 30.08 -37.67 -23.70
C ARG C 294 29.56 -36.44 -24.42
N LEU C 295 28.43 -36.61 -25.11
CA LEU C 295 27.88 -35.55 -25.95
C LEU C 295 26.39 -35.41 -25.65
N PHE C 296 25.94 -34.19 -25.40
CA PHE C 296 24.53 -33.91 -25.18
C PHE C 296 23.90 -33.59 -26.53
N VAL C 297 23.10 -34.52 -27.04
CA VAL C 297 22.49 -34.40 -28.36
C VAL C 297 21.12 -33.75 -28.17
N GLY C 298 21.01 -32.47 -28.52
CA GLY C 298 19.80 -31.72 -28.29
C GLY C 298 18.86 -31.69 -29.48
N ASN C 299 17.62 -31.28 -29.20
CA ASN C 299 16.56 -31.12 -30.21
C ASN C 299 16.30 -32.42 -30.96
N LEU C 300 16.44 -33.56 -30.28
CA LEU C 300 16.22 -34.85 -30.89
C LEU C 300 14.72 -35.14 -31.02
N PRO C 301 14.29 -35.78 -32.11
CA PRO C 301 12.88 -36.18 -32.22
C PRO C 301 12.51 -37.22 -31.18
N ALA C 302 11.24 -37.19 -30.77
CA ALA C 302 10.77 -38.15 -29.78
C ALA C 302 10.80 -39.57 -30.32
N ASP C 303 10.45 -39.75 -31.59
CA ASP C 303 10.41 -41.07 -32.21
C ASP C 303 11.82 -41.46 -32.64
N ILE C 304 12.62 -41.90 -31.66
CA ILE C 304 13.96 -42.38 -31.91
C ILE C 304 14.18 -43.68 -31.13
N THR C 305 15.13 -44.47 -31.60
CA THR C 305 15.52 -45.71 -30.95
C THR C 305 17.04 -45.76 -30.86
N GLU C 306 17.54 -46.74 -30.12
CA GLU C 306 18.98 -46.86 -29.91
C GLU C 306 19.70 -47.21 -31.21
N ASP C 307 19.08 -48.02 -32.07
CA ASP C 307 19.72 -48.45 -33.30
C ASP C 307 20.00 -47.27 -34.22
N GLU C 308 19.00 -46.40 -34.41
CA GLU C 308 19.20 -45.24 -35.27
C GLU C 308 20.08 -44.19 -34.59
N PHE C 309 20.07 -44.15 -33.25
CA PHE C 309 20.96 -43.24 -32.54
C PHE C 309 22.42 -43.62 -32.75
N LYS C 310 22.73 -44.92 -32.65
CA LYS C 310 24.12 -45.37 -32.81
C LYS C 310 24.59 -45.24 -34.25
N ARG C 311 23.69 -45.43 -35.22
CA ARG C 311 24.06 -45.38 -36.62
C ARG C 311 24.54 -44.00 -37.04
N LEU C 312 24.12 -42.95 -36.30
CA LEU C 312 24.52 -41.60 -36.62
C LEU C 312 26.03 -41.45 -36.55
N PHE C 313 26.65 -42.01 -35.51
CA PHE C 313 28.08 -41.93 -35.28
C PHE C 313 28.80 -43.22 -35.68
N ALA C 314 28.12 -44.11 -36.40
CA ALA C 314 28.74 -45.37 -36.81
C ALA C 314 29.92 -45.13 -37.73
N LYS C 315 29.95 -43.98 -38.41
CA LYS C 315 31.10 -43.62 -39.23
C LYS C 315 32.38 -43.52 -38.42
N TYR C 316 32.28 -43.21 -37.12
CA TYR C 316 33.43 -42.80 -36.33
C TYR C 316 33.68 -43.73 -35.14
N GLY C 317 33.66 -45.04 -35.36
CA GLY C 317 34.02 -45.98 -34.32
C GLY C 317 32.84 -46.56 -33.57
N GLU C 318 33.18 -47.40 -32.60
CA GLU C 318 32.15 -48.07 -31.80
C GLU C 318 31.53 -47.08 -30.81
N PRO C 319 30.21 -46.94 -30.79
CA PRO C 319 29.57 -46.09 -29.79
C PRO C 319 29.77 -46.63 -28.38
N GLY C 320 29.87 -45.72 -27.42
CA GLY C 320 30.10 -46.09 -26.05
C GLY C 320 28.82 -46.21 -25.24
N GLU C 321 28.83 -45.66 -24.03
CA GLU C 321 27.63 -45.69 -23.19
C GLU C 321 26.51 -44.90 -23.85
N VAL C 322 25.32 -45.50 -23.89
CA VAL C 322 24.15 -44.88 -24.52
C VAL C 322 23.05 -44.82 -23.47
N PHE C 323 22.61 -43.60 -23.16
CA PHE C 323 21.47 -43.35 -22.28
C PHE C 323 20.50 -42.47 -23.03
N ILE C 324 19.29 -42.99 -23.27
CA ILE C 324 18.30 -42.31 -24.10
C ILE C 324 17.10 -41.95 -23.22
N ASN C 325 16.54 -40.76 -23.45
CA ASN C 325 15.34 -40.29 -22.75
C ASN C 325 14.37 -39.76 -23.80
N LYS C 326 13.30 -40.52 -24.04
CA LYS C 326 12.36 -40.14 -25.09
C LYS C 326 11.47 -38.97 -24.66
N GLY C 327 11.23 -38.82 -23.36
CA GLY C 327 10.31 -37.79 -22.91
C GLY C 327 10.81 -36.38 -23.20
N LYS C 328 12.07 -36.12 -22.89
CA LYS C 328 12.65 -34.80 -23.11
C LYS C 328 13.24 -34.64 -24.50
N GLY C 329 13.68 -35.73 -25.13
CA GLY C 329 14.27 -35.66 -26.45
C GLY C 329 15.76 -35.44 -26.44
N PHE C 330 16.49 -36.29 -25.73
CA PHE C 330 17.94 -36.18 -25.67
C PHE C 330 18.53 -37.55 -25.39
N GLY C 331 19.83 -37.67 -25.69
CA GLY C 331 20.56 -38.90 -25.44
C GLY C 331 22.00 -38.58 -25.13
N PHE C 332 22.73 -39.60 -24.68
CA PHE C 332 24.13 -39.44 -24.32
C PHE C 332 24.94 -40.58 -24.89
N ILE C 333 25.91 -40.25 -25.74
CA ILE C 333 26.73 -41.23 -26.44
C ILE C 333 28.20 -40.92 -26.16
N LYS C 334 29.00 -41.97 -25.99
CA LYS C 334 30.41 -41.83 -25.70
C LYS C 334 31.24 -42.16 -26.93
N LEU C 335 32.09 -41.22 -27.33
CA LEU C 335 33.03 -41.46 -28.43
C LEU C 335 34.24 -42.25 -27.90
N GLU C 336 35.09 -42.69 -28.82
CA GLU C 336 36.27 -43.44 -28.42
C GLU C 336 37.36 -42.51 -27.87
N SER C 337 37.42 -41.27 -28.34
CA SER C 337 38.46 -40.36 -27.91
C SER C 337 37.96 -38.93 -28.04
N ARG C 338 38.76 -37.99 -27.53
CA ARG C 338 38.39 -36.58 -27.60
C ARG C 338 38.41 -36.08 -29.04
N ALA C 339 39.39 -36.53 -29.83
CA ALA C 339 39.46 -36.11 -31.24
C ALA C 339 38.24 -36.59 -32.02
N LEU C 340 37.83 -37.83 -31.79
CA LEU C 340 36.64 -38.36 -32.46
C LEU C 340 35.41 -37.57 -32.06
N ALA C 341 35.31 -37.21 -30.78
CA ALA C 341 34.20 -36.40 -30.31
C ALA C 341 34.20 -35.02 -30.97
N GLU C 342 35.38 -34.40 -31.10
CA GLU C 342 35.46 -33.09 -31.74
C GLU C 342 35.01 -33.16 -33.19
N ILE C 343 35.45 -34.19 -33.93
CA ILE C 343 35.05 -34.26 -35.32
C ILE C 343 33.57 -34.59 -35.44
N ALA C 344 33.05 -35.38 -34.50
CA ALA C 344 31.60 -35.63 -34.48
C ALA C 344 30.82 -34.36 -34.24
N LYS C 345 31.32 -33.49 -33.36
CA LYS C 345 30.73 -32.16 -33.20
C LYS C 345 30.82 -31.38 -34.52
N ALA C 346 31.94 -31.50 -35.21
CA ALA C 346 32.15 -30.77 -36.45
C ALA C 346 31.13 -31.17 -37.51
N GLU C 347 30.88 -32.47 -37.68
CA GLU C 347 30.07 -32.94 -38.79
C GLU C 347 28.59 -33.07 -38.45
N LEU C 348 28.23 -33.15 -37.18
CA LEU C 348 26.86 -33.43 -36.76
C LEU C 348 26.30 -32.30 -35.91
N ASP C 349 26.51 -31.05 -36.32
CA ASP C 349 25.94 -29.89 -35.66
C ASP C 349 25.17 -29.06 -36.67
N ASP C 350 24.01 -28.55 -36.24
CA ASP C 350 23.11 -27.78 -37.10
C ASP C 350 22.73 -28.56 -38.35
N THR C 351 22.49 -29.87 -38.18
CA THR C 351 22.12 -30.75 -39.27
C THR C 351 20.66 -31.15 -39.15
N PRO C 352 19.86 -31.02 -40.21
CA PRO C 352 18.44 -31.36 -40.10
C PRO C 352 18.23 -32.84 -39.83
N MET C 353 17.19 -33.14 -39.05
CA MET C 353 16.82 -34.52 -38.70
C MET C 353 15.29 -34.58 -38.67
N ARG C 354 14.70 -34.95 -39.79
CA ARG C 354 13.23 -35.04 -39.93
C ARG C 354 12.56 -33.72 -39.53
N GLY C 355 13.16 -32.61 -39.95
CA GLY C 355 12.61 -31.30 -39.67
C GLY C 355 13.10 -30.65 -38.40
N ARG C 356 14.14 -31.18 -37.76
CA ARG C 356 14.68 -30.60 -36.53
C ARG C 356 16.18 -30.41 -36.68
N GLN C 357 16.67 -29.26 -36.25
CA GLN C 357 18.09 -28.94 -36.35
C GLN C 357 18.84 -29.59 -35.20
N LEU C 358 19.90 -30.32 -35.53
CA LEU C 358 20.66 -31.07 -34.54
C LEU C 358 21.68 -30.18 -33.86
N ARG C 359 21.58 -30.07 -32.54
CA ARG C 359 22.50 -29.27 -31.73
C ARG C 359 23.19 -30.20 -30.73
N VAL C 360 24.31 -30.78 -31.14
CA VAL C 360 25.09 -31.58 -30.21
C VAL C 360 25.91 -30.63 -29.34
N ARG C 361 25.85 -30.82 -28.04
CA ARG C 361 26.45 -29.92 -27.06
C ARG C 361 27.27 -30.73 -26.06
N PHE C 362 28.29 -30.09 -25.51
CA PHE C 362 29.07 -30.74 -24.46
C PHE C 362 28.25 -30.81 -23.18
N ALA C 363 28.47 -31.88 -22.42
CA ALA C 363 27.78 -32.11 -21.16
C ALA C 363 28.67 -31.72 -19.98
N THR C 364 28.04 -31.46 -18.84
CA THR C 364 28.78 -31.04 -17.66
C THR C 364 29.44 -32.23 -16.97
N HIS C 365 30.66 -32.03 -16.48
CA HIS C 365 31.34 -33.01 -15.65
C HIS C 365 30.84 -32.81 -14.22
N ALA C 366 29.93 -33.67 -13.78
CA ALA C 366 29.35 -33.52 -12.46
C ALA C 366 30.35 -33.82 -11.34
N ALA C 367 31.17 -34.85 -11.50
CA ALA C 367 32.15 -35.22 -10.48
C ALA C 367 33.46 -34.44 -10.68
N ALA C 368 33.40 -33.15 -10.36
CA ALA C 368 34.53 -32.26 -10.55
C ALA C 368 34.73 -31.42 -9.29
N LEU C 369 36.00 -31.11 -9.01
CA LEU C 369 36.38 -30.31 -7.86
C LEU C 369 37.37 -29.24 -8.29
N SER C 370 37.16 -28.01 -7.84
CA SER C 370 37.99 -26.88 -8.26
C SER C 370 39.12 -26.71 -7.26
N VAL C 371 40.25 -27.32 -7.56
CA VAL C 371 41.46 -27.22 -6.74
C VAL C 371 42.20 -25.94 -7.10
N ARG C 372 42.77 -25.27 -6.10
CA ARG C 372 43.55 -24.07 -6.34
C ARG C 372 44.71 -24.03 -5.35
N ASN C 373 45.40 -22.90 -5.33
CA ASN C 373 46.54 -22.67 -4.44
C ASN C 373 47.60 -23.76 -4.61
N LEU C 374 48.18 -23.80 -5.81
CA LEU C 374 49.21 -24.77 -6.14
C LEU C 374 50.39 -24.09 -6.81
N SER C 375 51.55 -24.72 -6.67
CA SER C 375 52.81 -24.13 -7.11
C SER C 375 52.85 -24.00 -8.62
N PRO C 376 53.61 -23.03 -9.14
CA PRO C 376 53.78 -22.95 -10.60
C PRO C 376 54.50 -24.14 -11.19
N TYR C 377 55.22 -24.93 -10.38
CA TYR C 377 55.97 -26.06 -10.89
C TYR C 377 55.17 -27.36 -10.92
N VAL C 378 54.10 -27.46 -10.15
CA VAL C 378 53.27 -28.66 -10.20
C VAL C 378 52.56 -28.68 -11.55
N SER C 379 52.61 -29.85 -12.18
CA SER C 379 52.11 -29.88 -13.57
C SER C 379 50.99 -30.90 -13.75
N ASN C 380 50.55 -31.06 -14.99
CA ASN C 380 49.49 -32.01 -15.32
C ASN C 380 49.79 -33.36 -14.70
N GLU C 381 51.00 -33.87 -14.92
CA GLU C 381 51.36 -35.20 -14.46
C GLU C 381 51.48 -35.25 -12.94
N LEU C 382 52.09 -34.24 -12.32
CA LEU C 382 52.25 -34.25 -10.87
C LEU C 382 50.89 -34.24 -10.18
N LEU C 383 50.00 -33.35 -10.62
CA LEU C 383 48.68 -33.26 -9.99
C LEU C 383 47.83 -34.48 -10.30
N GLU C 384 47.98 -35.08 -11.48
CA GLU C 384 47.20 -36.28 -11.77
C GLU C 384 47.73 -37.49 -11.01
N GLU C 385 49.03 -37.49 -10.67
CA GLU C 385 49.57 -38.57 -9.86
C GLU C 385 49.15 -38.44 -8.40
N ALA C 386 49.20 -37.21 -7.87
CA ALA C 386 48.91 -37.04 -6.44
C ALA C 386 47.45 -37.34 -6.12
N PHE C 387 46.53 -36.73 -6.86
CA PHE C 387 45.11 -36.94 -6.58
C PHE C 387 44.62 -38.30 -7.05
N SER C 388 45.45 -39.09 -7.73
CA SER C 388 45.03 -40.41 -8.18
C SER C 388 44.75 -41.34 -7.01
N GLN C 389 45.17 -40.98 -5.79
CA GLN C 389 44.82 -41.74 -4.61
C GLN C 389 43.32 -41.89 -4.46
N PHE C 390 42.58 -40.79 -4.67
CA PHE C 390 41.16 -40.77 -4.38
C PHE C 390 40.31 -41.46 -5.43
N GLY C 391 40.87 -41.71 -6.62
CA GLY C 391 40.14 -42.41 -7.66
C GLY C 391 40.84 -42.33 -8.99
N PRO C 392 40.14 -42.73 -10.06
CA PRO C 392 40.72 -42.64 -11.41
C PRO C 392 40.76 -41.21 -11.90
N ILE C 393 41.87 -40.88 -12.56
CA ILE C 393 42.08 -39.56 -13.13
C ILE C 393 41.58 -39.61 -14.57
N GLU C 394 40.34 -39.20 -14.79
CA GLU C 394 39.87 -39.01 -16.16
C GLU C 394 40.64 -37.89 -16.84
N ARG C 395 40.66 -36.72 -16.21
CA ARG C 395 41.48 -35.60 -16.67
C ARG C 395 41.57 -34.54 -15.60
N ALA C 396 42.79 -34.11 -15.27
CA ALA C 396 43.02 -32.98 -14.40
C ALA C 396 44.01 -32.05 -15.08
N VAL C 397 43.68 -30.77 -15.13
CA VAL C 397 44.48 -29.79 -15.84
C VAL C 397 44.74 -28.62 -14.92
N VAL C 398 45.81 -27.89 -15.18
CA VAL C 398 46.10 -26.64 -14.49
C VAL C 398 45.72 -25.50 -15.42
N ILE C 399 44.97 -24.52 -14.90
CA ILE C 399 44.56 -23.41 -15.71
C ILE C 399 45.78 -22.56 -16.07
N VAL C 400 46.05 -22.42 -17.36
CA VAL C 400 47.22 -21.72 -17.85
C VAL C 400 46.79 -20.58 -18.76
N ASP C 401 47.36 -19.42 -18.56
CA ASP C 401 47.04 -18.25 -19.38
C ASP C 401 47.72 -18.37 -20.73
N ASP C 402 47.66 -17.30 -21.54
CA ASP C 402 48.19 -17.35 -22.89
C ASP C 402 49.70 -17.55 -22.89
N ARG C 403 50.43 -16.85 -22.01
CA ARG C 403 51.88 -16.86 -22.04
C ARG C 403 52.47 -18.21 -21.67
N GLY C 404 51.68 -19.13 -21.12
CA GLY C 404 52.15 -20.45 -20.77
C GLY C 404 52.48 -20.64 -19.30
N ARG C 405 52.69 -19.55 -18.57
CA ARG C 405 52.93 -19.67 -17.13
C ARG C 405 51.66 -20.10 -16.41
N SER C 406 51.85 -20.81 -15.30
CA SER C 406 50.71 -21.35 -14.57
C SER C 406 49.99 -20.26 -13.79
N THR C 407 48.66 -20.31 -13.81
CA THR C 407 47.87 -19.38 -13.01
C THR C 407 47.73 -19.83 -11.57
N GLY C 408 48.18 -21.03 -11.24
CA GLY C 408 48.11 -21.51 -9.88
C GLY C 408 46.81 -22.16 -9.48
N LYS C 409 45.89 -22.38 -10.42
CA LYS C 409 44.65 -23.09 -10.14
C LYS C 409 44.62 -24.39 -10.93
N GLY C 410 43.53 -25.13 -10.77
CA GLY C 410 43.36 -26.38 -11.49
C GLY C 410 41.91 -26.81 -11.47
N ILE C 411 41.64 -27.86 -12.25
CA ILE C 411 40.33 -28.51 -12.25
C ILE C 411 40.58 -30.01 -12.31
N VAL C 412 39.88 -30.76 -11.46
CA VAL C 412 40.00 -32.20 -11.41
C VAL C 412 38.66 -32.81 -11.82
N GLU C 413 38.69 -33.71 -12.79
CA GLU C 413 37.49 -34.36 -13.31
C GLU C 413 37.54 -35.83 -12.95
N PHE C 414 36.83 -36.21 -11.89
CA PHE C 414 36.83 -37.59 -11.42
C PHE C 414 35.74 -38.39 -12.12
N ALA C 415 36.03 -39.67 -12.36
CA ALA C 415 35.08 -40.53 -13.05
C ALA C 415 33.81 -40.74 -12.22
N SER C 416 33.96 -40.96 -10.93
CA SER C 416 32.83 -41.26 -10.06
C SER C 416 32.59 -40.11 -9.09
N LYS C 417 31.31 -39.82 -8.85
CA LYS C 417 30.95 -38.83 -7.85
C LYS C 417 31.49 -39.16 -6.46
N PRO C 418 31.42 -40.42 -5.97
CA PRO C 418 32.00 -40.72 -4.66
C PRO C 418 33.47 -40.35 -4.54
N ALA C 419 34.24 -40.54 -5.62
CA ALA C 419 35.65 -40.14 -5.58
C ALA C 419 35.79 -38.65 -5.30
N ALA C 420 35.03 -37.83 -6.02
CA ALA C 420 35.10 -36.38 -5.82
C ALA C 420 34.65 -35.99 -4.43
N ARG C 421 33.56 -36.59 -3.93
CA ARG C 421 33.08 -36.21 -2.61
C ARG C 421 34.06 -36.62 -1.51
N LYS C 422 34.66 -37.81 -1.64
CA LYS C 422 35.65 -38.24 -0.66
C LYS C 422 36.89 -37.37 -0.72
N ALA C 423 37.31 -36.96 -1.92
CA ALA C 423 38.44 -36.06 -2.03
C ALA C 423 38.14 -34.73 -1.36
N PHE C 424 36.95 -34.19 -1.59
CA PHE C 424 36.56 -32.92 -0.97
C PHE C 424 36.61 -33.04 0.54
N GLU C 425 36.02 -34.10 1.09
CA GLU C 425 36.09 -34.28 2.54
C GLU C 425 37.53 -34.38 3.00
N ARG C 426 38.27 -35.37 2.48
CA ARG C 426 39.56 -35.73 3.03
C ARG C 426 40.57 -34.59 2.89
N CYS C 427 40.38 -33.70 1.91
CA CYS C 427 41.18 -32.48 1.87
C CYS C 427 40.51 -31.32 2.59
N SER C 428 39.29 -31.50 3.09
CA SER C 428 38.70 -30.48 3.94
C SER C 428 39.17 -30.60 5.38
N GLU C 429 38.98 -31.78 6.00
CA GLU C 429 39.51 -31.92 7.35
C GLU C 429 41.03 -32.07 7.35
N GLY C 430 41.57 -32.76 6.35
CA GLY C 430 42.99 -33.03 6.28
C GLY C 430 43.75 -31.89 5.64
N VAL C 431 45.02 -32.16 5.32
CA VAL C 431 45.87 -31.22 4.63
C VAL C 431 46.61 -31.96 3.53
N PHE C 432 46.49 -31.49 2.30
CA PHE C 432 47.15 -32.10 1.16
C PHE C 432 48.31 -31.23 0.70
N LEU C 433 49.33 -31.89 0.15
CA LEU C 433 50.48 -31.19 -0.39
C LEU C 433 50.88 -31.80 -1.72
N LEU C 434 51.49 -30.98 -2.57
CA LEU C 434 52.03 -31.41 -3.85
C LEU C 434 53.53 -31.28 -3.97
N THR C 435 54.19 -30.55 -3.07
CA THR C 435 55.56 -30.15 -3.31
C THR C 435 56.25 -29.98 -1.96
N THR C 436 57.58 -30.04 -1.99
CA THR C 436 58.37 -29.88 -0.78
C THR C 436 58.06 -28.55 -0.09
N THR C 437 57.96 -27.47 -0.86
CA THR C 437 57.48 -26.22 -0.32
C THR C 437 56.08 -26.43 0.21
N PRO C 438 55.87 -26.36 1.52
CA PRO C 438 54.60 -26.81 2.11
C PRO C 438 53.44 -25.85 1.85
N ARG C 439 52.86 -25.97 0.65
CA ARG C 439 51.69 -25.18 0.30
C ARG C 439 50.46 -26.08 0.30
N PRO C 440 49.54 -25.90 1.24
CA PRO C 440 48.35 -26.77 1.28
C PRO C 440 47.48 -26.57 0.06
N VAL C 441 46.60 -27.52 -0.15
CA VAL C 441 45.70 -27.51 -1.30
C VAL C 441 44.29 -27.22 -0.82
N ILE C 442 43.67 -26.21 -1.42
CA ILE C 442 42.29 -25.83 -1.12
C ILE C 442 41.41 -26.40 -2.22
N VAL C 443 40.38 -27.13 -1.83
CA VAL C 443 39.47 -27.74 -2.78
C VAL C 443 38.04 -27.34 -2.44
N GLU C 444 37.29 -26.93 -3.45
CA GLU C 444 35.88 -26.58 -3.33
C GLU C 444 35.18 -27.01 -4.62
N PRO C 445 33.88 -27.29 -4.56
CA PRO C 445 33.19 -27.81 -5.75
C PRO C 445 33.25 -26.83 -6.91
N LEU C 446 33.43 -27.37 -8.11
CA LEU C 446 33.53 -26.55 -9.31
C LEU C 446 32.18 -25.98 -9.70
N GLU C 447 32.20 -24.77 -10.24
CA GLU C 447 31.01 -24.13 -10.78
C GLU C 447 31.14 -24.10 -12.30
N GLN C 448 30.09 -24.57 -12.98
CA GLN C 448 30.12 -24.75 -14.43
C GLN C 448 29.53 -23.53 -15.12
N LEU C 449 30.32 -22.92 -16.01
CA LEU C 449 29.89 -21.78 -16.79
C LEU C 449 30.21 -22.04 -18.26
N ASP C 450 29.25 -21.73 -19.13
CA ASP C 450 29.36 -22.00 -20.56
C ASP C 450 29.36 -20.69 -21.33
N ASP C 451 30.29 -20.57 -22.28
CA ASP C 451 30.37 -19.39 -23.13
C ASP C 451 29.81 -19.63 -24.53
N GLU C 452 29.06 -20.71 -24.74
CA GLU C 452 28.50 -21.00 -26.05
C GLU C 452 26.98 -20.90 -26.09
N ASP C 453 26.29 -21.45 -25.10
CA ASP C 453 24.83 -21.43 -25.04
C ASP C 453 24.45 -20.42 -23.97
N GLY C 454 24.30 -19.17 -24.38
CA GLY C 454 24.05 -18.11 -23.42
C GLY C 454 22.60 -18.04 -23.03
N LEU C 455 22.01 -16.85 -23.08
CA LEU C 455 20.59 -16.69 -22.78
C LEU C 455 19.84 -16.49 -24.09
N PRO C 456 19.01 -17.44 -24.50
CA PRO C 456 18.35 -17.33 -25.81
C PRO C 456 17.14 -16.40 -25.73
N GLU C 457 16.69 -15.99 -26.92
CA GLU C 457 15.51 -15.12 -26.99
C GLU C 457 14.26 -15.83 -26.49
N LYS C 458 14.09 -17.11 -26.84
CA LYS C 458 12.87 -17.81 -26.47
C LYS C 458 12.72 -17.91 -24.95
N LEU C 459 13.82 -18.02 -24.22
CA LEU C 459 13.76 -17.98 -22.76
C LEU C 459 13.69 -16.55 -22.24
N ALA C 460 14.28 -15.60 -22.96
CA ALA C 460 14.29 -14.22 -22.50
C ALA C 460 12.93 -13.56 -22.67
N GLN C 461 12.21 -13.90 -23.74
CA GLN C 461 10.94 -13.24 -24.03
C GLN C 461 9.79 -13.76 -23.20
N LYS C 462 9.98 -14.86 -22.46
CA LYS C 462 8.93 -15.32 -21.57
C LYS C 462 8.61 -14.27 -20.51
N ASN C 463 9.59 -13.42 -20.22
CA ASN C 463 9.41 -12.27 -19.33
C ASN C 463 8.35 -11.35 -19.91
N PRO C 464 7.27 -11.07 -19.20
CA PRO C 464 6.29 -10.13 -19.73
C PRO C 464 6.67 -8.64 -19.57
N MET C 465 7.78 -8.31 -18.91
CA MET C 465 8.30 -6.96 -18.95
C MET C 465 9.62 -6.83 -19.72
N TYR C 466 10.15 -7.93 -20.26
CA TYR C 466 11.36 -7.81 -21.07
C TYR C 466 11.09 -7.07 -22.37
N GLN C 467 9.97 -7.38 -23.03
CA GLN C 467 9.64 -6.74 -24.29
C GLN C 467 9.44 -5.24 -24.11
N LYS C 468 8.77 -4.83 -23.04
CA LYS C 468 8.65 -3.42 -22.71
C LYS C 468 9.94 -2.84 -22.14
N GLU C 469 10.92 -3.68 -21.81
CA GLU C 469 12.20 -3.23 -21.28
C GLU C 469 13.19 -2.90 -22.38
N ARG C 470 12.97 -3.43 -23.58
CA ARG C 470 13.85 -3.23 -24.72
C ARG C 470 13.47 -2.01 -25.56
N GLU C 471 12.40 -1.31 -25.21
CA GLU C 471 11.86 -0.28 -26.09
C GLU C 471 12.91 0.79 -26.42
N THR C 472 13.79 1.11 -25.46
CA THR C 472 14.85 2.02 -25.84
C THR C 472 16.02 1.24 -26.44
N PRO C 473 16.68 1.80 -27.46
CA PRO C 473 17.78 1.08 -28.09
C PRO C 473 19.05 1.22 -27.28
N PRO C 474 20.03 0.34 -27.49
CA PRO C 474 21.34 0.53 -26.86
C PRO C 474 21.95 1.86 -27.25
N ARG C 475 22.19 2.71 -26.24
CA ARG C 475 22.65 4.07 -26.50
C ARG C 475 23.93 4.37 -25.74
N PHE C 476 24.36 5.63 -25.74
CA PHE C 476 25.52 6.08 -24.99
C PHE C 476 25.17 7.14 -23.96
N ALA C 477 23.88 7.30 -23.65
CA ALA C 477 23.38 8.41 -22.86
C ALA C 477 23.70 9.73 -23.54
N GLN C 478 23.15 10.83 -23.02
CA GLN C 478 23.37 12.14 -23.64
C GLN C 478 23.60 13.16 -22.55
N HIS C 479 24.56 14.05 -22.78
CA HIS C 479 24.98 15.00 -21.75
C HIS C 479 23.80 15.80 -21.24
N GLY C 480 23.66 15.86 -19.92
CA GLY C 480 22.57 16.55 -19.28
C GLY C 480 21.35 15.71 -18.98
N THR C 481 21.16 14.61 -19.72
CA THR C 481 20.01 13.76 -19.49
C THR C 481 20.18 12.97 -18.19
N PHE C 482 19.06 12.42 -17.71
CA PHE C 482 19.09 11.67 -16.46
C PHE C 482 19.97 10.44 -16.56
N GLU C 483 19.90 9.73 -17.69
CA GLU C 483 20.68 8.50 -17.82
C GLU C 483 22.17 8.79 -17.75
N TYR C 484 22.62 9.85 -18.42
CA TYR C 484 24.03 10.23 -18.33
C TYR C 484 24.38 10.74 -16.93
N GLU C 485 23.41 11.33 -16.23
CA GLU C 485 23.67 11.75 -14.86
C GLU C 485 23.89 10.55 -13.95
N TYR C 486 23.14 9.47 -14.16
CA TYR C 486 23.18 8.33 -13.26
C TYR C 486 24.30 7.36 -13.62
N SER C 487 24.70 7.34 -14.89
CA SER C 487 25.82 6.50 -15.30
C SER C 487 27.10 6.93 -14.61
N GLN C 488 27.22 8.22 -14.26
CA GLN C 488 28.40 8.66 -13.53
C GLN C 488 28.44 8.06 -12.13
N ARG C 489 27.29 7.98 -11.46
CA ARG C 489 27.24 7.32 -10.17
C ARG C 489 27.57 5.83 -10.29
N TRP C 490 27.03 5.16 -11.30
CA TRP C 490 27.36 3.76 -11.51
C TRP C 490 28.85 3.57 -11.77
N LYS C 491 29.45 4.46 -12.57
CA LYS C 491 30.88 4.38 -12.84
C LYS C 491 31.71 4.64 -11.60
N SER C 492 31.29 5.57 -10.75
CA SER C 492 31.99 5.78 -9.49
C SER C 492 31.97 4.53 -8.64
N LEU C 493 30.80 3.86 -8.57
CA LEU C 493 30.73 2.62 -7.82
C LEU C 493 31.67 1.57 -8.40
N ASP C 494 31.71 1.45 -9.73
CA ASP C 494 32.58 0.46 -10.35
C ASP C 494 34.05 0.76 -10.07
N GLU C 495 34.44 2.03 -10.11
CA GLU C 495 35.81 2.39 -9.82
C GLU C 495 36.18 2.09 -8.37
N MET C 496 35.26 2.38 -7.44
CA MET C 496 35.52 2.07 -6.04
C MET C 496 35.67 0.57 -5.83
N GLU C 497 34.83 -0.24 -6.48
CA GLU C 497 34.98 -1.68 -6.39
C GLU C 497 36.32 -2.14 -6.93
N LYS C 498 36.75 -1.56 -8.06
CA LYS C 498 38.04 -1.94 -8.62
C LYS C 498 39.17 -1.60 -7.66
N GLN C 499 39.10 -0.42 -7.02
CA GLN C 499 40.14 -0.05 -6.07
C GLN C 499 40.19 -1.01 -4.89
N GLN C 500 39.02 -1.39 -4.37
CA GLN C 500 39.01 -2.33 -3.24
C GLN C 500 39.58 -3.68 -3.63
N ARG C 501 39.22 -4.18 -4.82
CA ARG C 501 39.79 -5.45 -5.27
C ARG C 501 41.30 -5.36 -5.43
N GLU C 502 41.79 -4.24 -5.99
CA GLU C 502 43.23 -4.08 -6.16
C GLU C 502 43.94 -4.04 -4.83
N GLN C 503 43.38 -3.36 -3.83
CA GLN C 503 44.06 -3.29 -2.54
C GLN C 503 44.06 -4.66 -1.87
N VAL C 504 42.98 -5.43 -2.02
CA VAL C 504 42.97 -6.78 -1.45
C VAL C 504 44.04 -7.64 -2.10
N GLU C 505 44.13 -7.59 -3.43
CA GLU C 505 45.12 -8.41 -4.12
C GLU C 505 46.53 -8.00 -3.75
N LYS C 506 46.80 -6.70 -3.63
CA LYS C 506 48.14 -6.26 -3.26
C LYS C 506 48.47 -6.65 -1.83
N ASN C 507 47.51 -6.51 -0.91
CA ASN C 507 47.72 -6.93 0.47
C ASN C 507 48.06 -8.42 0.55
N MET C 508 47.34 -9.26 -0.21
CA MET C 508 47.63 -10.67 -0.09
C MET C 508 48.91 -11.05 -0.84
N LYS C 509 49.28 -10.31 -1.89
CA LYS C 509 50.57 -10.54 -2.50
C LYS C 509 51.69 -10.25 -1.51
N ASP C 510 51.55 -9.14 -0.76
CA ASP C 510 52.52 -8.85 0.29
C ASP C 510 52.54 -9.96 1.33
N ALA C 511 51.37 -10.46 1.74
CA ALA C 511 51.34 -11.51 2.76
C ALA C 511 52.00 -12.79 2.28
N LYS C 512 51.74 -13.22 1.04
CA LYS C 512 52.42 -14.40 0.52
C LYS C 512 53.92 -14.18 0.38
N ASP C 513 54.33 -13.02 -0.14
CA ASP C 513 55.76 -12.77 -0.27
C ASP C 513 56.45 -12.77 1.09
N LYS C 514 55.74 -12.32 2.12
CA LYS C 514 56.26 -12.45 3.49
C LYS C 514 56.38 -13.90 3.88
N LEU C 515 55.28 -14.64 3.83
CA LEU C 515 55.27 -16.01 4.36
C LEU C 515 56.25 -16.90 3.60
N GLU C 516 56.64 -16.49 2.39
CA GLU C 516 57.73 -17.18 1.71
C GLU C 516 59.07 -16.92 2.40
N SER C 517 59.24 -15.72 2.96
CA SER C 517 60.55 -15.34 3.51
C SER C 517 60.91 -16.20 4.73
N GLU C 518 59.93 -16.55 5.56
CA GLU C 518 60.18 -17.37 6.74
C GLU C 518 60.18 -18.86 6.44
N MET C 519 60.51 -19.24 5.21
CA MET C 519 60.79 -20.64 4.91
C MET C 519 61.81 -21.22 5.87
N GLU C 520 63.03 -20.67 5.87
CA GLU C 520 64.11 -21.28 6.63
C GLU C 520 63.96 -21.03 8.14
N ASP C 521 63.52 -19.83 8.51
CA ASP C 521 63.53 -19.46 9.92
C ASP C 521 62.61 -20.34 10.75
N ALA C 522 61.39 -20.58 10.25
CA ALA C 522 60.46 -21.44 10.98
C ALA C 522 60.96 -22.87 11.07
N TYR C 523 61.56 -23.38 9.98
CA TYR C 523 62.09 -24.74 9.99
C TYR C 523 63.20 -24.89 11.02
N HIS C 524 64.12 -23.93 11.04
CA HIS C 524 65.23 -23.99 11.99
C HIS C 524 64.72 -23.86 13.41
N GLU C 525 63.73 -23.00 13.64
CA GLU C 525 63.16 -22.88 14.99
C GLU C 525 62.48 -24.17 15.41
N HIS C 526 61.80 -24.85 14.47
CA HIS C 526 61.19 -26.13 14.79
C HIS C 526 62.22 -27.16 15.19
N GLN C 527 63.31 -27.25 14.43
CA GLN C 527 64.38 -28.18 14.77
C GLN C 527 64.97 -27.84 16.15
N ALA C 528 65.18 -26.55 16.41
CA ALA C 528 65.74 -26.13 17.69
C ALA C 528 64.82 -26.49 18.84
N ASN C 529 63.51 -26.32 18.66
CA ASN C 529 62.59 -26.65 19.75
C ASN C 529 62.52 -28.16 19.98
N LEU C 530 62.56 -28.95 18.91
CA LEU C 530 62.60 -30.39 19.08
C LEU C 530 63.84 -30.81 19.86
N LEU C 531 64.98 -30.20 19.53
CA LEU C 531 66.20 -30.51 20.27
C LEU C 531 66.13 -30.01 21.71
N ARG C 532 65.41 -28.90 21.92
CA ARG C 532 65.21 -28.43 23.32
C ARG C 532 64.49 -29.53 24.11
N GLN C 533 63.42 -30.09 23.53
CA GLN C 533 62.65 -31.10 24.26
C GLN C 533 63.47 -32.35 24.51
N ASP C 534 64.20 -32.81 23.49
CA ASP C 534 65.02 -34.01 23.66
C ASP C 534 66.08 -33.80 24.74
N LEU C 535 66.77 -32.66 24.70
CA LEU C 535 67.84 -32.41 25.65
C LEU C 535 67.30 -32.28 27.08
N MET C 536 66.15 -31.62 27.24
CA MET C 536 65.56 -31.51 28.57
C MET C 536 65.14 -32.87 29.11
N ARG C 537 64.56 -33.71 28.26
CA ARG C 537 64.18 -35.05 28.71
C ARG C 537 65.41 -35.84 29.16
N ARG C 538 66.49 -35.76 28.38
CA ARG C 538 67.70 -36.49 28.76
C ARG C 538 68.33 -35.92 30.03
N GLN C 539 68.23 -34.60 30.23
CA GLN C 539 68.72 -34.01 31.47
C GLN C 539 67.94 -34.52 32.66
N GLU C 540 66.61 -34.60 32.53
CA GLU C 540 65.81 -35.12 33.64
C GLU C 540 66.16 -36.57 33.95
N GLU C 541 66.37 -37.37 32.88
CA GLU C 541 66.79 -38.76 33.08
C GLU C 541 68.15 -38.83 33.78
N LEU C 542 69.09 -37.97 33.38
CA LEU C 542 70.37 -37.87 34.07
C LEU C 542 70.18 -37.58 35.54
N ARG C 543 69.32 -36.61 35.86
CA ARG C 543 69.12 -36.23 37.26
C ARG C 543 68.58 -37.39 38.09
N ARG C 544 67.55 -38.08 37.57
CA ARG C 544 66.98 -39.18 38.34
C ARG C 544 67.99 -40.30 38.52
N MET C 545 68.75 -40.60 37.46
CA MET C 545 69.73 -41.69 37.57
C MET C 545 70.84 -41.31 38.55
N GLU C 546 71.28 -40.05 38.52
CA GLU C 546 72.29 -39.60 39.48
C GLU C 546 71.81 -39.73 40.92
N GLU C 547 70.57 -39.31 41.20
CA GLU C 547 70.11 -39.39 42.58
C GLU C 547 69.96 -40.86 43.02
N LEU C 548 69.48 -41.73 42.13
CA LEU C 548 69.38 -43.15 42.46
C LEU C 548 70.76 -43.74 42.74
N HIS C 549 71.74 -43.40 41.90
CA HIS C 549 73.09 -43.94 42.08
C HIS C 549 73.72 -43.43 43.37
N SER C 550 73.45 -42.17 43.73
CA SER C 550 73.95 -41.64 44.99
C SER C 550 73.33 -42.36 46.18
N GLN C 551 72.03 -42.66 46.11
CA GLN C 551 71.39 -43.43 47.17
C GLN C 551 72.04 -44.82 47.30
N GLU C 552 72.29 -45.47 46.17
CA GLU C 552 72.95 -46.77 46.21
C GLU C 552 74.34 -46.67 46.84
N MET C 553 75.11 -45.64 46.46
CA MET C 553 76.45 -45.48 47.03
C MET C 553 76.39 -45.25 48.52
N GLN C 554 75.46 -44.42 49.00
CA GLN C 554 75.38 -44.16 50.43
C GLN C 554 74.99 -45.42 51.20
N LYS C 555 74.08 -46.23 50.64
CA LYS C 555 73.70 -47.46 51.32
C LYS C 555 74.87 -48.44 51.38
N ARG C 556 75.58 -48.63 50.27
CA ARG C 556 76.74 -49.50 50.27
C ARG C 556 77.81 -48.99 51.23
N LYS C 557 77.99 -47.68 51.30
CA LYS C 557 79.01 -47.11 52.18
C LYS C 557 78.67 -47.36 53.65
N GLU C 558 77.40 -47.16 54.03
CA GLU C 558 77.03 -47.41 55.42
C GLU C 558 77.17 -48.89 55.76
N MET C 559 76.82 -49.78 54.83
CA MET C 559 77.00 -51.20 55.08
C MET C 559 78.47 -51.54 55.26
N GLN C 560 79.33 -50.95 54.43
CA GLN C 560 80.77 -51.21 54.54
C GLN C 560 81.33 -50.71 55.87
N LEU C 561 80.89 -49.54 56.31
CA LEU C 561 81.35 -49.04 57.61
C LEU C 561 80.89 -49.94 58.75
N ARG C 562 79.64 -50.43 58.71
CA ARG C 562 79.18 -51.33 59.74
C ARG C 562 80.02 -52.60 59.77
N GLN C 563 80.28 -53.18 58.60
CA GLN C 563 81.10 -54.39 58.53
C GLN C 563 82.51 -54.13 59.04
N GLU C 564 83.07 -52.96 58.71
CA GLU C 564 84.41 -52.64 59.18
C GLU C 564 84.46 -52.51 60.69
N GLU C 565 83.44 -51.89 61.29
CA GLU C 565 83.39 -51.78 62.74
C GLU C 565 83.33 -53.16 63.40
N GLU C 566 82.47 -54.04 62.87
CA GLU C 566 82.39 -55.39 63.42
C GLU C 566 83.70 -56.14 63.27
N ARG C 567 84.36 -55.97 62.11
CA ARG C 567 85.65 -56.62 61.89
C ARG C 567 86.69 -56.14 62.87
N ARG C 568 86.73 -54.82 63.13
CA ARG C 568 87.69 -54.30 64.09
C ARG C 568 87.42 -54.83 65.50
N ARG C 569 86.15 -54.91 65.89
CA ARG C 569 85.82 -55.47 67.20
C ARG C 569 86.27 -56.92 67.31
N ARG C 570 86.00 -57.72 66.28
CA ARG C 570 86.43 -59.11 66.30
C ARG C 570 87.95 -59.22 66.36
N GLU C 571 88.65 -58.37 65.60
CA GLU C 571 90.11 -58.41 65.58
C GLU C 571 90.69 -58.02 66.94
N GLU C 572 90.11 -57.03 67.62
CA GLU C 572 90.65 -56.66 68.92
C GLU C 572 90.35 -57.72 69.98
N GLU C 573 89.19 -58.40 69.89
CA GLU C 573 88.95 -59.53 70.78
C GLU C 573 89.97 -60.64 70.54
N MET C 574 90.26 -60.94 69.28
CA MET C 574 91.27 -61.95 68.98
C MET C 574 92.63 -61.51 69.50
N MET C 575 92.94 -60.21 69.38
CA MET C 575 94.21 -59.68 69.86
C MET C 575 94.35 -59.86 71.37
N ILE C 576 93.32 -59.52 72.13
CA ILE C 576 93.43 -59.64 73.59
C ILE C 576 93.49 -61.11 73.99
N ARG C 577 92.76 -61.99 73.30
CA ARG C 577 92.85 -63.42 73.58
C ARG C 577 94.27 -63.94 73.32
N GLN C 578 94.87 -63.51 72.21
CA GLN C 578 96.22 -63.93 71.87
C GLN C 578 97.21 -63.42 72.91
N ARG C 579 97.04 -62.18 73.37
CA ARG C 579 97.93 -61.65 74.40
C ARG C 579 97.77 -62.41 75.71
N GLU C 580 96.54 -62.79 76.06
CA GLU C 580 96.33 -63.60 77.26
C GLU C 580 97.04 -64.95 77.15
N MET C 581 96.92 -65.60 75.99
CA MET C 581 97.60 -66.87 75.80
C MET C 581 99.12 -66.70 75.85
N GLU C 582 99.63 -65.62 75.27
CA GLU C 582 101.05 -65.34 75.30
C GLU C 582 101.54 -65.15 76.74
N GLU C 583 100.79 -64.41 77.54
CA GLU C 583 101.17 -64.20 78.93
C GLU C 583 101.14 -65.51 79.71
N GLN C 584 100.14 -66.36 79.45
CA GLN C 584 100.08 -67.64 80.14
C GLN C 584 101.28 -68.52 79.78
N MET C 585 101.65 -68.56 78.49
CA MET C 585 102.79 -69.36 78.10
C MET C 585 104.09 -68.81 78.69
N ARG C 586 104.21 -67.48 78.73
CA ARG C 586 105.36 -66.85 79.35
C ARG C 586 105.47 -67.20 80.83
N ARG C 587 104.33 -67.19 81.54
CA ARG C 587 104.34 -67.61 82.93
C ARG C 587 104.71 -69.07 83.06
N GLN C 588 104.28 -69.90 82.10
CA GLN C 588 104.64 -71.31 82.12
C GLN C 588 106.15 -71.50 81.98
N ARG C 589 106.78 -70.71 81.10
CA ARG C 589 108.23 -70.85 80.91
C ARG C 589 109.01 -70.42 82.15
N GLU C 590 108.38 -69.68 83.06
CA GLU C 590 109.06 -69.21 84.26
C GLU C 590 109.44 -70.36 85.17
N LYS D 69 29.93 -18.68 -39.19
CA LYS D 69 30.43 -17.81 -40.24
C LYS D 69 31.74 -18.34 -40.81
N THR D 70 31.90 -18.26 -42.13
CA THR D 70 33.11 -18.73 -42.77
C THR D 70 34.28 -17.78 -42.51
N PHE D 71 35.47 -18.36 -42.41
CA PHE D 71 36.71 -17.61 -42.23
C PHE D 71 36.67 -16.70 -41.02
N THR D 72 35.86 -17.06 -40.03
CA THR D 72 35.84 -16.27 -38.80
C THR D 72 37.16 -16.45 -38.07
N GLN D 73 37.48 -15.47 -37.21
CA GLN D 73 38.73 -15.52 -36.44
C GLN D 73 38.82 -16.72 -35.52
N ARG D 74 37.68 -17.28 -35.15
CA ARG D 74 37.65 -18.41 -34.25
C ARG D 74 38.32 -19.62 -34.89
N SER D 75 38.35 -19.66 -36.22
CA SER D 75 38.94 -20.75 -37.00
C SER D 75 40.44 -20.59 -37.28
N ARG D 76 41.05 -19.45 -36.98
CA ARG D 76 42.47 -19.27 -37.22
C ARG D 76 43.27 -20.30 -36.43
N LEU D 77 44.32 -20.82 -37.03
CA LEU D 77 45.15 -21.84 -36.40
C LEU D 77 46.59 -21.36 -36.27
N PHE D 78 47.27 -21.84 -35.23
CA PHE D 78 48.66 -21.49 -34.95
C PHE D 78 49.50 -22.73 -35.19
N VAL D 79 49.91 -22.94 -36.43
CA VAL D 79 50.71 -24.09 -36.83
C VAL D 79 52.18 -23.77 -36.65
N GLY D 80 52.92 -24.70 -36.07
CA GLY D 80 54.34 -24.50 -35.82
C GLY D 80 55.18 -25.71 -36.19
N ASN D 81 56.48 -25.63 -35.89
CA ASN D 81 57.43 -26.70 -36.17
C ASN D 81 57.49 -27.03 -37.65
N LEU D 82 57.27 -26.05 -38.50
CA LEU D 82 57.35 -26.27 -39.94
C LEU D 82 58.82 -26.29 -40.38
N PRO D 83 59.14 -27.06 -41.42
CA PRO D 83 60.51 -27.10 -41.91
C PRO D 83 60.93 -25.73 -42.44
N PRO D 84 62.23 -25.43 -42.39
CA PRO D 84 62.69 -24.12 -42.90
C PRO D 84 62.35 -23.87 -44.35
N ASP D 85 62.39 -24.89 -45.20
CA ASP D 85 62.04 -24.74 -46.61
C ASP D 85 60.54 -24.98 -46.81
N ILE D 86 59.76 -24.19 -46.09
CA ILE D 86 58.30 -24.17 -46.23
C ILE D 86 57.92 -23.08 -47.21
N THR D 87 56.92 -23.36 -48.06
CA THR D 87 56.53 -22.43 -49.10
C THR D 87 55.02 -22.25 -49.09
N GLU D 88 54.57 -21.16 -49.72
CA GLU D 88 53.15 -20.86 -49.79
C GLU D 88 52.38 -21.96 -50.52
N GLU D 89 52.92 -22.42 -51.65
CA GLU D 89 52.27 -23.52 -52.37
C GLU D 89 52.27 -24.79 -51.55
N GLU D 90 53.37 -25.07 -50.85
CA GLU D 90 53.43 -26.27 -50.01
C GLU D 90 52.35 -26.23 -48.93
N MET D 91 52.23 -25.10 -48.23
CA MET D 91 51.22 -25.02 -47.18
C MET D 91 49.82 -25.10 -47.76
N ARG D 92 49.58 -24.45 -48.90
CA ARG D 92 48.26 -24.54 -49.53
C ARG D 92 47.93 -25.97 -49.88
N LYS D 93 48.89 -26.72 -50.41
CA LYS D 93 48.65 -28.13 -50.72
C LYS D 93 48.50 -28.97 -49.47
N LEU D 94 49.12 -28.55 -48.35
CA LEU D 94 48.92 -29.27 -47.10
C LEU D 94 47.46 -29.21 -46.66
N PHE D 95 46.86 -28.03 -46.73
CA PHE D 95 45.48 -27.82 -46.33
C PHE D 95 44.51 -27.88 -47.50
N GLU D 96 44.94 -28.47 -48.63
CA GLU D 96 44.07 -28.56 -49.81
C GLU D 96 42.85 -29.41 -49.52
N LYS D 97 42.97 -30.42 -48.65
CA LYS D 97 41.83 -31.21 -48.25
C LYS D 97 40.77 -30.37 -47.53
N TYR D 98 41.18 -29.25 -46.95
CA TYR D 98 40.29 -28.38 -46.17
C TYR D 98 39.90 -27.12 -46.93
N GLY D 99 39.69 -27.24 -48.24
CA GLY D 99 39.22 -26.10 -49.02
C GLY D 99 40.24 -24.99 -49.13
N LYS D 100 39.74 -23.76 -49.23
CA LYS D 100 40.59 -22.59 -49.39
C LYS D 100 41.27 -22.23 -48.05
N ALA D 101 42.19 -21.29 -48.13
CA ALA D 101 42.98 -20.87 -46.98
C ALA D 101 43.01 -19.35 -46.89
N GLY D 102 43.26 -18.85 -45.69
CA GLY D 102 43.35 -17.42 -45.45
C GLY D 102 44.72 -16.86 -45.76
N GLU D 103 45.23 -16.04 -44.84
CA GLU D 103 46.53 -15.41 -45.05
C GLU D 103 47.65 -16.44 -44.90
N VAL D 104 48.45 -16.60 -45.95
CA VAL D 104 49.62 -17.50 -45.90
C VAL D 104 50.77 -16.64 -45.39
N PHE D 105 50.86 -16.55 -44.06
CA PHE D 105 51.87 -15.75 -43.39
C PHE D 105 52.83 -16.69 -42.67
N ILE D 106 54.12 -16.58 -42.99
CA ILE D 106 55.14 -17.48 -42.48
C ILE D 106 56.42 -16.69 -42.20
N HIS D 107 57.02 -16.95 -41.05
CA HIS D 107 58.38 -16.46 -40.75
C HIS D 107 59.36 -17.45 -41.36
N LYS D 108 60.26 -16.94 -42.22
CA LYS D 108 61.20 -17.82 -42.91
C LYS D 108 62.14 -18.50 -41.94
N ASP D 109 62.59 -17.78 -40.91
CA ASP D 109 63.60 -18.31 -40.01
C ASP D 109 62.97 -18.96 -38.77
N LYS D 110 61.85 -18.42 -38.30
CA LYS D 110 61.25 -18.93 -37.07
C LYS D 110 60.60 -20.30 -37.27
N GLY D 111 60.17 -20.62 -38.48
CA GLY D 111 59.62 -21.93 -38.77
C GLY D 111 58.16 -22.12 -38.42
N PHE D 112 57.43 -21.05 -38.12
CA PHE D 112 56.00 -21.13 -37.86
C PHE D 112 55.30 -19.99 -38.60
N GLY D 113 53.98 -19.95 -38.47
CA GLY D 113 53.21 -18.91 -39.11
C GLY D 113 51.74 -19.02 -38.76
N PHE D 114 50.96 -18.14 -39.38
CA PHE D 114 49.52 -18.07 -39.14
C PHE D 114 48.77 -18.37 -40.43
N ILE D 115 47.56 -18.91 -40.29
CA ILE D 115 46.72 -19.22 -41.44
C ILE D 115 45.28 -19.35 -40.96
N ARG D 116 44.35 -18.86 -41.77
CA ARG D 116 42.92 -18.94 -41.49
C ARG D 116 42.27 -19.91 -42.47
N LEU D 117 41.33 -20.72 -41.96
CA LEU D 117 40.73 -21.78 -42.76
C LEU D 117 39.35 -21.35 -43.27
N GLU D 118 38.63 -22.29 -43.88
CA GLU D 118 37.35 -21.97 -44.51
C GLU D 118 36.29 -21.64 -43.46
N THR D 119 36.05 -22.56 -42.52
CA THR D 119 35.11 -22.38 -41.43
C THR D 119 35.76 -22.93 -40.16
N ARG D 120 35.03 -22.90 -39.04
CA ARG D 120 35.52 -23.58 -37.85
C ARG D 120 35.46 -25.10 -37.96
N THR D 121 34.46 -25.66 -38.64
CA THR D 121 34.40 -27.11 -38.76
C THR D 121 35.65 -27.66 -39.44
N LEU D 122 36.04 -27.04 -40.54
CA LEU D 122 37.28 -27.42 -41.21
C LEU D 122 38.50 -27.13 -40.33
N ALA D 123 38.43 -26.09 -39.50
CA ALA D 123 39.53 -25.79 -38.59
C ALA D 123 39.72 -26.92 -37.58
N GLU D 124 38.63 -27.40 -37.00
CA GLU D 124 38.70 -28.54 -36.08
C GLU D 124 39.21 -29.78 -36.78
N ILE D 125 38.71 -30.05 -37.99
CA ILE D 125 39.11 -31.25 -38.72
C ILE D 125 40.62 -31.20 -39.02
N ALA D 126 41.09 -30.06 -39.52
CA ALA D 126 42.50 -29.91 -39.85
C ALA D 126 43.38 -30.00 -38.61
N LYS D 127 42.95 -29.38 -37.50
CA LYS D 127 43.73 -29.46 -36.28
C LYS D 127 43.83 -30.89 -35.76
N VAL D 128 42.72 -31.64 -35.80
CA VAL D 128 42.73 -33.01 -35.30
C VAL D 128 43.56 -33.91 -36.21
N GLU D 129 43.34 -33.82 -37.52
CA GLU D 129 44.01 -34.72 -38.45
C GLU D 129 45.51 -34.42 -38.56
N LEU D 130 45.87 -33.15 -38.55
CA LEU D 130 47.27 -32.76 -38.68
C LEU D 130 47.99 -32.65 -37.35
N ASP D 131 47.31 -32.96 -36.24
CA ASP D 131 47.95 -32.91 -34.92
C ASP D 131 49.01 -33.99 -34.82
N ASN D 132 50.25 -33.57 -34.51
CA ASN D 132 51.36 -34.50 -34.29
C ASN D 132 51.62 -35.35 -35.54
N MET D 133 51.76 -34.68 -36.68
CA MET D 133 52.14 -35.35 -37.92
C MET D 133 53.51 -34.86 -38.37
N PRO D 134 54.48 -35.74 -38.58
CA PRO D 134 55.84 -35.28 -38.94
C PRO D 134 55.87 -34.64 -40.32
N LEU D 135 56.84 -33.76 -40.52
CA LEU D 135 57.08 -33.13 -41.82
C LEU D 135 58.58 -32.85 -41.91
N ARG D 136 59.28 -33.69 -42.68
CA ARG D 136 60.74 -33.58 -42.87
C ARG D 136 61.47 -33.59 -41.53
N GLY D 137 61.19 -34.61 -40.74
CA GLY D 137 61.84 -34.77 -39.45
C GLY D 137 61.35 -33.81 -38.39
N LYS D 138 60.15 -33.26 -38.57
CA LYS D 138 59.59 -32.31 -37.62
C LYS D 138 58.09 -32.55 -37.50
N GLN D 139 57.65 -32.99 -36.33
CA GLN D 139 56.22 -33.16 -36.08
C GLN D 139 55.54 -31.81 -36.12
N LEU D 140 54.33 -31.75 -36.67
CA LEU D 140 53.61 -30.49 -36.73
C LEU D 140 52.83 -30.26 -35.44
N ARG D 141 52.89 -29.01 -34.95
CA ARG D 141 52.20 -28.61 -33.73
C ARG D 141 51.04 -27.70 -34.15
N VAL D 142 49.86 -28.32 -34.30
CA VAL D 142 48.67 -27.60 -34.76
C VAL D 142 47.86 -27.23 -33.53
N ARG D 143 48.01 -25.99 -33.08
CA ARG D 143 47.32 -25.47 -31.90
C ARG D 143 46.39 -24.35 -32.33
N PHE D 144 45.14 -24.41 -31.86
CA PHE D 144 44.15 -23.42 -32.24
C PHE D 144 44.49 -22.04 -31.68
N ALA D 145 44.18 -21.01 -32.45
CA ALA D 145 44.59 -19.65 -32.12
C ALA D 145 43.71 -19.05 -31.03
N CYS D 146 44.29 -18.13 -30.27
CA CYS D 146 43.53 -17.36 -29.30
C CYS D 146 42.94 -16.12 -29.95
N HIS D 147 41.68 -15.85 -29.62
CA HIS D 147 41.00 -14.67 -30.16
C HIS D 147 41.76 -13.41 -29.76
N SER D 148 42.33 -12.72 -30.75
CA SER D 148 43.10 -11.51 -30.48
C SER D 148 42.24 -10.27 -30.35
N ALA D 149 40.92 -10.40 -30.52
CA ALA D 149 40.00 -9.27 -30.46
C ALA D 149 38.83 -9.60 -29.56
N SER D 150 39.13 -10.13 -28.38
CA SER D 150 38.12 -10.56 -27.43
C SER D 150 38.08 -9.61 -26.25
N LEU D 151 36.87 -9.17 -25.91
CA LEU D 151 36.63 -8.26 -24.79
C LEU D 151 35.59 -8.89 -23.89
N THR D 152 35.62 -8.55 -22.61
CA THR D 152 34.59 -9.00 -21.69
C THR D 152 33.78 -7.79 -21.23
N VAL D 153 32.50 -8.03 -20.98
CA VAL D 153 31.57 -7.00 -20.53
C VAL D 153 30.96 -7.45 -19.21
N ARG D 154 30.85 -6.52 -18.27
CA ARG D 154 30.44 -6.86 -16.92
C ARG D 154 29.25 -6.02 -16.50
N ASN D 155 28.55 -6.51 -15.48
CA ASN D 155 27.39 -5.85 -14.89
C ASN D 155 26.23 -5.77 -15.89
N LEU D 156 25.98 -6.86 -16.60
CA LEU D 156 24.90 -6.87 -17.56
C LEU D 156 23.55 -6.70 -16.87
N PRO D 157 22.58 -6.08 -17.55
CA PRO D 157 21.25 -5.92 -16.95
C PRO D 157 20.60 -7.26 -16.65
N GLN D 158 19.56 -7.19 -15.81
CA GLN D 158 18.88 -8.40 -15.34
C GLN D 158 18.30 -9.21 -16.48
N TYR D 159 17.92 -8.55 -17.58
CA TYR D 159 17.23 -9.20 -18.69
C TYR D 159 17.97 -8.86 -19.99
N VAL D 160 18.83 -9.77 -20.44
CA VAL D 160 19.65 -9.58 -21.61
C VAL D 160 19.59 -10.84 -22.46
N SER D 161 20.37 -10.85 -23.54
CA SER D 161 20.39 -11.99 -24.44
C SER D 161 21.67 -11.98 -25.27
N ASN D 162 21.96 -13.12 -25.88
CA ASN D 162 23.00 -13.18 -26.89
C ASN D 162 22.73 -12.14 -27.96
N GLU D 163 21.52 -12.15 -28.51
CA GLU D 163 21.16 -11.28 -29.62
C GLU D 163 21.17 -9.83 -29.20
N LEU D 164 20.84 -9.53 -27.94
CA LEU D 164 20.89 -8.15 -27.48
C LEU D 164 22.32 -7.63 -27.51
N LEU D 165 23.29 -8.47 -27.13
CA LEU D 165 24.69 -8.07 -27.25
C LEU D 165 25.10 -7.95 -28.71
N GLU D 166 24.64 -8.87 -29.56
CA GLU D 166 25.01 -8.79 -30.97
C GLU D 166 24.52 -7.49 -31.60
N GLU D 167 23.30 -7.08 -31.27
CA GLU D 167 22.77 -5.83 -31.80
C GLU D 167 23.46 -4.63 -31.16
N ALA D 168 23.69 -4.68 -29.85
CA ALA D 168 24.19 -3.52 -29.13
C ALA D 168 25.63 -3.19 -29.52
N PHE D 169 26.51 -4.18 -29.52
CA PHE D 169 27.93 -3.95 -29.73
C PHE D 169 28.33 -3.96 -31.19
N SER D 170 27.39 -4.20 -32.11
CA SER D 170 27.72 -4.16 -33.53
C SER D 170 28.07 -2.76 -33.99
N VAL D 171 27.67 -1.73 -33.24
CA VAL D 171 27.93 -0.35 -33.65
C VAL D 171 29.43 -0.09 -33.75
N PHE D 172 30.22 -0.65 -32.84
CA PHE D 172 31.66 -0.50 -32.90
C PHE D 172 32.30 -1.33 -34.00
N GLY D 173 31.58 -2.30 -34.53
CA GLY D 173 32.11 -3.17 -35.56
C GLY D 173 31.41 -4.50 -35.54
N GLN D 174 31.81 -5.35 -36.49
CA GLN D 174 31.21 -6.68 -36.59
C GLN D 174 31.68 -7.55 -35.43
N VAL D 175 30.75 -8.28 -34.81
CA VAL D 175 31.07 -9.21 -33.73
C VAL D 175 30.89 -10.62 -34.25
N GLU D 176 31.98 -11.40 -34.19
CA GLU D 176 31.89 -12.82 -34.63
C GLU D 176 30.89 -13.50 -33.70
N ARG D 177 31.14 -13.46 -32.39
CA ARG D 177 30.14 -13.98 -31.47
C ARG D 177 30.23 -13.22 -30.16
N ALA D 178 29.08 -12.85 -29.62
CA ALA D 178 28.98 -12.31 -28.28
C ALA D 178 28.03 -13.22 -27.50
N VAL D 179 28.44 -13.59 -26.29
CA VAL D 179 27.70 -14.54 -25.48
C VAL D 179 27.52 -13.98 -24.08
N VAL D 180 26.46 -14.42 -23.42
CA VAL D 180 26.16 -14.04 -22.04
C VAL D 180 26.25 -15.31 -21.22
N ILE D 181 27.32 -15.44 -20.42
CA ILE D 181 27.53 -16.66 -19.65
C ILE D 181 26.35 -16.87 -18.71
N VAL D 182 25.96 -18.13 -18.54
CA VAL D 182 24.82 -18.51 -17.73
C VAL D 182 25.22 -19.71 -16.88
N ASP D 183 24.72 -19.76 -15.65
CA ASP D 183 24.98 -20.91 -14.81
C ASP D 183 24.16 -22.11 -15.30
N ASP D 184 24.36 -23.26 -14.65
CA ASP D 184 23.77 -24.50 -15.15
C ASP D 184 22.25 -24.46 -15.11
N ARG D 185 21.68 -23.87 -14.07
CA ARG D 185 20.23 -23.86 -13.94
C ARG D 185 19.57 -23.06 -15.06
N GLY D 186 20.16 -21.93 -15.45
CA GLY D 186 19.63 -21.15 -16.54
C GLY D 186 19.30 -19.71 -16.17
N ARG D 187 19.95 -19.20 -15.13
CA ARG D 187 19.75 -17.82 -14.73
C ARG D 187 20.97 -16.98 -15.11
N PRO D 188 20.77 -15.70 -15.39
CA PRO D 188 21.89 -14.86 -15.83
C PRO D 188 22.99 -14.79 -14.77
N SER D 189 24.24 -14.77 -15.24
CA SER D 189 25.39 -14.66 -14.35
C SER D 189 25.89 -13.24 -14.21
N GLY D 190 25.47 -12.32 -15.07
CA GLY D 190 25.90 -10.94 -14.98
C GLY D 190 27.20 -10.62 -15.67
N LYS D 191 27.69 -11.49 -16.55
CA LYS D 191 28.94 -11.28 -17.23
C LYS D 191 28.78 -11.71 -18.68
N GLY D 192 29.54 -11.07 -19.58
CA GLY D 192 29.46 -11.35 -20.99
C GLY D 192 30.84 -11.59 -21.59
N ILE D 193 30.83 -12.05 -22.83
CA ILE D 193 32.06 -12.32 -23.57
C ILE D 193 31.85 -11.95 -25.04
N VAL D 194 32.59 -10.95 -25.52
CA VAL D 194 32.43 -10.47 -26.89
C VAL D 194 33.75 -10.60 -27.62
N GLU D 195 33.69 -11.09 -28.86
CA GLU D 195 34.85 -11.26 -29.71
C GLU D 195 34.64 -10.47 -31.00
N PHE D 196 35.59 -9.61 -31.32
CA PHE D 196 35.51 -8.78 -32.50
C PHE D 196 36.27 -9.45 -33.64
N SER D 197 36.40 -8.74 -34.76
CA SER D 197 37.05 -9.28 -35.94
C SER D 197 38.48 -8.78 -36.11
N GLY D 198 39.02 -8.09 -35.11
CA GLY D 198 40.38 -7.61 -35.22
C GLY D 198 40.70 -6.64 -34.10
N LYS D 199 42.00 -6.37 -33.98
CA LYS D 199 42.47 -5.50 -32.90
C LYS D 199 41.88 -4.09 -32.96
N PRO D 200 41.87 -3.40 -34.11
CA PRO D 200 41.51 -1.96 -34.07
C PRO D 200 40.07 -1.68 -33.67
N ALA D 201 39.11 -2.41 -34.24
CA ALA D 201 37.71 -2.19 -33.90
C ALA D 201 37.47 -2.44 -32.41
N ALA D 202 38.06 -3.52 -31.88
CA ALA D 202 37.93 -3.81 -30.47
C ALA D 202 38.59 -2.73 -29.63
N ARG D 203 39.71 -2.19 -30.10
CA ARG D 203 40.37 -1.10 -29.39
C ARG D 203 39.44 0.11 -29.28
N LYS D 204 38.82 0.50 -30.39
CA LYS D 204 37.89 1.62 -30.34
C LYS D 204 36.70 1.31 -29.44
N ALA D 205 36.18 0.09 -29.51
CA ALA D 205 35.05 -0.27 -28.67
C ALA D 205 35.41 -0.15 -27.19
N LEU D 206 36.57 -0.67 -26.81
CA LEU D 206 37.00 -0.59 -25.43
C LEU D 206 37.17 0.85 -24.99
N ASP D 207 37.81 1.67 -25.82
CA ASP D 207 38.03 3.06 -25.46
C ASP D 207 36.70 3.80 -25.27
N ARG D 208 35.77 3.61 -26.20
CA ARG D 208 34.49 4.30 -26.12
C ARG D 208 33.67 3.84 -24.92
N CYS D 209 33.59 2.52 -24.69
CA CYS D 209 32.85 2.03 -23.54
C CYS D 209 33.54 2.37 -22.22
N SER D 210 34.84 2.68 -22.27
CA SER D 210 35.53 3.16 -21.06
C SER D 210 35.18 4.61 -20.77
N GLU D 211 35.38 5.50 -21.75
CA GLU D 211 35.08 6.91 -21.50
C GLU D 211 33.59 7.18 -21.55
N GLY D 212 32.86 6.53 -22.45
CA GLY D 212 31.42 6.67 -22.51
C GLY D 212 30.75 5.70 -21.56
N SER D 213 29.42 5.70 -21.59
CA SER D 213 28.63 4.83 -20.72
C SER D 213 27.58 4.14 -21.58
N PHE D 214 27.90 2.95 -22.09
CA PHE D 214 27.08 2.28 -23.08
C PHE D 214 25.91 1.60 -22.39
N LEU D 215 24.85 2.36 -22.15
CA LEU D 215 23.60 1.74 -21.70
C LEU D 215 23.08 0.85 -22.83
N LEU D 216 22.35 -0.19 -22.45
CA LEU D 216 21.88 -1.13 -23.47
C LEU D 216 20.47 -1.62 -23.17
N THR D 217 19.69 -0.80 -22.47
CA THR D 217 18.33 -1.11 -22.04
C THR D 217 17.81 0.13 -21.32
N THR D 218 16.49 0.18 -21.10
CA THR D 218 15.91 1.26 -20.32
C THR D 218 16.59 1.40 -18.96
N PHE D 219 16.89 0.27 -18.31
CA PHE D 219 17.54 0.24 -17.01
C PHE D 219 18.90 0.93 -17.09
N PRO D 220 19.06 2.10 -16.48
CA PRO D 220 20.30 2.87 -16.68
C PRO D 220 21.50 2.27 -15.96
N ARG D 221 21.91 1.07 -16.37
CA ARG D 221 23.07 0.40 -15.78
C ARG D 221 24.15 0.27 -16.85
N PRO D 222 25.09 1.19 -16.93
CA PRO D 222 26.16 1.08 -17.92
C PRO D 222 27.01 -0.16 -17.68
N VAL D 223 27.45 -0.76 -18.76
CA VAL D 223 28.29 -1.95 -18.69
C VAL D 223 29.75 -1.52 -18.69
N THR D 224 30.56 -2.23 -17.92
CA THR D 224 31.99 -2.02 -17.85
C THR D 224 32.66 -3.04 -18.74
N VAL D 225 33.53 -2.58 -19.63
CA VAL D 225 34.13 -3.43 -20.65
C VAL D 225 35.63 -3.54 -20.37
N GLU D 226 36.13 -4.77 -20.38
CA GLU D 226 37.53 -5.07 -20.11
C GLU D 226 38.02 -6.10 -21.11
N PRO D 227 39.32 -6.11 -21.41
CA PRO D 227 39.85 -7.14 -22.31
C PRO D 227 39.69 -8.52 -21.70
N MET D 228 39.41 -9.50 -22.57
CA MET D 228 39.16 -10.86 -22.13
C MET D 228 40.46 -11.53 -21.70
N ASP D 229 40.39 -12.35 -20.66
CA ASP D 229 41.52 -13.12 -20.16
C ASP D 229 41.38 -14.55 -20.67
N GLN D 230 42.22 -14.92 -21.64
CA GLN D 230 42.17 -16.26 -22.24
C GLN D 230 42.80 -17.26 -21.27
N LEU D 231 42.00 -18.19 -20.77
CA LEU D 231 42.46 -19.23 -19.85
C LEU D 231 42.42 -20.57 -20.56
N ASP D 232 43.60 -21.11 -20.86
CA ASP D 232 43.74 -22.36 -21.58
C ASP D 232 43.55 -23.51 -20.59
N ASP D 233 42.58 -24.37 -20.86
CA ASP D 233 42.27 -25.47 -19.96
C ASP D 233 42.38 -26.83 -20.64
N GLU D 234 43.20 -26.92 -21.69
CA GLU D 234 43.48 -28.19 -22.35
C GLU D 234 44.93 -28.62 -22.22
N GLU D 235 45.86 -27.74 -22.60
CA GLU D 235 47.27 -28.10 -22.59
C GLU D 235 47.80 -28.29 -21.18
N GLY D 236 47.39 -27.45 -20.24
CA GLY D 236 48.00 -27.52 -18.93
C GLY D 236 49.45 -27.15 -18.99
N LEU D 237 50.28 -27.85 -18.21
CA LEU D 237 51.72 -27.61 -18.16
C LEU D 237 52.46 -28.93 -18.27
N PRO D 238 52.68 -29.41 -19.49
CA PRO D 238 53.39 -30.69 -19.67
C PRO D 238 54.84 -30.60 -19.24
N GLU D 239 55.42 -31.78 -19.01
CA GLU D 239 56.80 -31.84 -18.51
C GLU D 239 57.78 -31.21 -19.49
N LYS D 240 57.63 -31.47 -20.79
CA LYS D 240 58.55 -30.95 -21.78
C LYS D 240 58.60 -29.42 -21.76
N LEU D 241 57.50 -28.77 -21.38
CA LEU D 241 57.45 -27.32 -21.30
C LEU D 241 58.10 -26.76 -20.04
N VAL D 242 58.35 -27.61 -19.03
CA VAL D 242 58.97 -27.13 -17.80
C VAL D 242 60.48 -27.11 -17.95
N ILE D 243 61.12 -26.09 -17.36
CA ILE D 243 62.57 -25.97 -17.44
C ILE D 243 63.25 -27.09 -16.68
N LYS D 244 62.61 -27.62 -15.63
CA LYS D 244 63.16 -28.70 -14.82
C LYS D 244 64.54 -28.35 -14.25
N ASN D 245 64.69 -27.10 -13.83
CA ASN D 245 65.96 -26.65 -13.25
C ASN D 245 66.10 -27.20 -11.84
N GLN D 246 67.18 -26.79 -11.17
CA GLN D 246 67.38 -27.18 -9.78
C GLN D 246 66.31 -26.64 -8.86
N GLN D 247 65.54 -25.63 -9.30
CA GLN D 247 64.34 -25.25 -8.57
C GLN D 247 63.33 -26.39 -8.55
N PHE D 248 63.15 -27.05 -9.70
CA PHE D 248 62.30 -28.22 -9.76
C PHE D 248 62.84 -29.33 -8.86
N HIS D 249 64.15 -29.54 -8.88
CA HIS D 249 64.74 -30.60 -8.08
C HIS D 249 64.54 -30.33 -6.59
N LYS D 250 64.71 -29.09 -6.16
CA LYS D 250 64.41 -28.73 -4.78
C LYS D 250 62.94 -28.95 -4.48
N GLU D 251 62.07 -28.58 -5.42
CA GLU D 251 60.65 -28.85 -5.27
C GLU D 251 60.33 -30.33 -5.44
N ARG D 252 61.22 -31.09 -6.08
CA ARG D 252 61.05 -32.52 -6.27
C ARG D 252 61.95 -33.27 -5.29
N GLU D 253 61.51 -33.33 -4.03
CA GLU D 253 62.24 -34.04 -2.99
C GLU D 253 61.35 -34.89 -2.08
N GLN D 254 60.06 -34.60 -1.96
CA GLN D 254 59.17 -35.43 -1.17
C GLN D 254 57.91 -35.71 -1.98
N PRO D 255 57.38 -36.92 -1.88
CA PRO D 255 56.16 -37.25 -2.65
C PRO D 255 54.98 -36.41 -2.18
N PRO D 256 54.03 -36.14 -3.06
CA PRO D 256 52.86 -35.37 -2.64
C PRO D 256 51.94 -36.19 -1.76
N ARG D 257 51.95 -35.92 -0.45
CA ARG D 257 51.10 -36.63 0.48
C ARG D 257 50.63 -35.65 1.56
N PHE D 258 49.94 -36.18 2.55
CA PHE D 258 49.53 -35.38 3.69
C PHE D 258 50.75 -34.88 4.47
N ALA D 259 50.51 -33.96 5.38
CA ALA D 259 51.50 -33.58 6.37
C ALA D 259 51.14 -34.22 7.70
N GLN D 260 52.07 -34.95 8.28
CA GLN D 260 51.82 -35.66 9.53
C GLN D 260 51.53 -34.66 10.64
N PRO D 261 50.42 -34.82 11.37
CA PRO D 261 50.05 -33.83 12.38
C PRO D 261 51.12 -33.69 13.44
N GLY D 262 51.26 -32.47 13.94
CA GLY D 262 52.28 -32.18 14.94
C GLY D 262 53.70 -32.18 14.41
N SER D 263 53.88 -31.87 13.14
CA SER D 263 55.21 -31.72 12.54
C SER D 263 55.36 -30.29 12.03
N PHE D 264 56.47 -30.02 11.35
CA PHE D 264 56.69 -28.69 10.80
C PHE D 264 55.77 -28.44 9.61
N GLU D 265 55.67 -29.40 8.70
CA GLU D 265 54.85 -29.23 7.51
C GLU D 265 53.40 -28.97 7.88
N TYR D 266 52.88 -29.72 8.85
CA TYR D 266 51.47 -29.56 9.21
C TYR D 266 51.21 -28.17 9.78
N GLU D 267 52.08 -27.69 10.67
CA GLU D 267 51.86 -26.36 11.23
C GLU D 267 51.95 -25.29 10.15
N TYR D 268 52.91 -25.42 9.24
CA TYR D 268 53.08 -24.38 8.24
C TYR D 268 51.91 -24.39 7.25
N ALA D 269 51.42 -25.59 6.91
CA ALA D 269 50.24 -25.70 6.08
C ALA D 269 49.02 -25.11 6.76
N MET D 270 48.93 -25.27 8.09
CA MET D 270 47.85 -24.60 8.82
C MET D 270 47.98 -23.09 8.72
N ARG D 271 49.21 -22.58 8.76
CA ARG D 271 49.40 -21.14 8.57
C ARG D 271 48.87 -20.70 7.22
N TRP D 272 49.28 -21.38 6.15
CA TRP D 272 48.78 -21.03 4.82
C TRP D 272 47.27 -21.17 4.72
N LYS D 273 46.69 -22.21 5.32
CA LYS D 273 45.24 -22.40 5.24
C LYS D 273 44.51 -21.29 5.98
N ALA D 274 45.06 -20.82 7.09
CA ALA D 274 44.48 -19.66 7.76
C ALA D 274 44.55 -18.44 6.85
N LEU D 275 45.66 -18.28 6.13
CA LEU D 275 45.77 -17.17 5.19
C LEU D 275 44.70 -17.27 4.10
N ILE D 276 44.46 -18.48 3.58
CA ILE D 276 43.48 -18.66 2.52
C ILE D 276 42.07 -18.40 3.03
N GLU D 277 41.79 -18.83 4.26
CA GLU D 277 40.50 -18.49 4.86
C GLU D 277 40.35 -16.99 5.02
N MET D 278 41.45 -16.29 5.32
CA MET D 278 41.38 -14.83 5.38
C MET D 278 41.09 -14.23 4.02
N GLU D 279 41.68 -14.81 2.97
CA GLU D 279 41.28 -14.45 1.61
C GLU D 279 39.79 -14.58 1.39
N LYS D 280 39.24 -15.77 1.66
CA LYS D 280 37.82 -15.98 1.37
C LYS D 280 36.96 -15.01 2.15
N GLN D 281 37.30 -14.78 3.42
CA GLN D 281 36.54 -13.82 4.23
C GLN D 281 36.62 -12.42 3.63
N GLN D 282 37.82 -11.99 3.21
CA GLN D 282 37.96 -10.63 2.68
C GLN D 282 37.19 -10.46 1.37
N GLN D 283 37.26 -11.46 0.48
CA GLN D 283 36.54 -11.37 -0.77
C GLN D 283 35.04 -11.35 -0.53
N ASP D 284 34.56 -12.16 0.42
CA ASP D 284 33.14 -12.12 0.75
C ASP D 284 32.75 -10.76 1.31
N GLN D 285 33.63 -10.16 2.11
CA GLN D 285 33.30 -8.84 2.66
C GLN D 285 33.22 -7.79 1.56
N VAL D 286 34.15 -7.82 0.61
CA VAL D 286 34.10 -6.87 -0.51
C VAL D 286 32.84 -7.09 -1.33
N ASP D 287 32.50 -8.36 -1.59
CA ASP D 287 31.29 -8.65 -2.34
C ASP D 287 30.05 -8.16 -1.61
N ARG D 288 30.03 -8.29 -0.29
CA ARG D 288 28.89 -7.79 0.48
C ARG D 288 28.79 -6.27 0.42
N ASN D 289 29.93 -5.58 0.49
CA ASN D 289 29.91 -4.13 0.36
C ASN D 289 29.35 -3.72 -0.99
N ILE D 290 29.79 -4.38 -2.05
CA ILE D 290 29.32 -4.05 -3.38
C ILE D 290 27.82 -4.35 -3.50
N LYS D 291 27.38 -5.47 -2.94
CA LYS D 291 25.96 -5.81 -3.02
C LYS D 291 25.10 -4.79 -2.29
N GLU D 292 25.51 -4.35 -1.11
CA GLU D 292 24.69 -3.39 -0.37
C GLU D 292 24.67 -2.05 -1.10
N ALA D 293 25.81 -1.63 -1.67
CA ALA D 293 25.81 -0.39 -2.44
C ALA D 293 24.91 -0.50 -3.67
N ARG D 294 24.94 -1.65 -4.34
CA ARG D 294 24.09 -1.86 -5.51
C ARG D 294 22.62 -1.80 -5.13
N GLU D 295 22.24 -2.44 -4.03
CA GLU D 295 20.85 -2.38 -3.60
C GLU D 295 20.45 -0.96 -3.26
N LYS D 296 21.34 -0.20 -2.62
CA LYS D 296 21.02 1.19 -2.30
C LYS D 296 20.77 2.01 -3.57
N LEU D 297 21.62 1.83 -4.59
CA LEU D 297 21.41 2.54 -5.85
C LEU D 297 20.11 2.10 -6.53
N GLU D 298 19.82 0.80 -6.50
CA GLU D 298 18.59 0.32 -7.12
C GLU D 298 17.36 0.91 -6.45
N MET D 299 17.41 1.10 -5.13
CA MET D 299 16.26 1.70 -4.45
C MET D 299 16.19 3.21 -4.71
N GLU D 300 17.34 3.89 -4.78
CA GLU D 300 17.33 5.31 -5.07
C GLU D 300 17.03 5.62 -6.54
N MET D 301 16.97 4.60 -7.38
CA MET D 301 16.62 4.77 -8.80
C MET D 301 15.44 5.71 -9.00
N GLU D 302 14.27 5.34 -8.46
CA GLU D 302 13.05 6.07 -8.78
C GLU D 302 13.07 7.49 -8.23
N ALA D 303 13.60 7.66 -7.02
CA ALA D 303 13.70 9.00 -6.45
C ALA D 303 14.57 9.90 -7.32
N ALA D 304 15.71 9.38 -7.77
CA ALA D 304 16.57 10.17 -8.65
C ALA D 304 15.85 10.48 -9.96
N ARG D 305 15.12 9.50 -10.50
CA ARG D 305 14.40 9.72 -11.75
C ARG D 305 13.40 10.86 -11.64
N HIS D 306 12.55 10.80 -10.61
CA HIS D 306 11.53 11.81 -10.44
C HIS D 306 12.14 13.17 -10.14
N GLU D 307 13.21 13.20 -9.34
CA GLU D 307 13.87 14.47 -9.05
C GLU D 307 14.44 15.10 -10.31
N HIS D 308 15.07 14.28 -11.17
CA HIS D 308 15.61 14.84 -12.40
C HIS D 308 14.51 15.29 -13.34
N GLN D 309 13.40 14.55 -13.40
CA GLN D 309 12.27 14.99 -14.21
C GLN D 309 11.77 16.35 -13.74
N VAL D 310 11.61 16.52 -12.43
CA VAL D 310 11.12 17.78 -11.89
C VAL D 310 12.11 18.91 -12.18
N MET D 311 13.41 18.65 -12.01
CA MET D 311 14.40 19.68 -12.27
C MET D 311 14.37 20.09 -13.74
N LEU D 312 14.30 19.11 -14.64
CA LEU D 312 14.25 19.42 -16.07
C LEU D 312 13.00 20.22 -16.42
N MET D 313 11.85 19.83 -15.87
CA MET D 313 10.62 20.56 -16.16
C MET D 313 10.69 21.99 -15.65
N ARG D 314 11.24 22.19 -14.44
CA ARG D 314 11.30 23.56 -13.93
C ARG D 314 12.27 24.40 -14.73
N GLN D 315 13.38 23.81 -15.19
CA GLN D 315 14.30 24.54 -16.04
C GLN D 315 13.65 24.93 -17.36
N ASP D 316 12.92 24.00 -17.97
CA ASP D 316 12.24 24.29 -19.22
C ASP D 316 11.18 25.38 -19.02
N LEU D 317 10.43 25.30 -17.92
CA LEU D 317 9.43 26.31 -17.64
C LEU D 317 10.06 27.68 -17.45
N MET D 318 11.17 27.75 -16.73
CA MET D 318 11.83 29.04 -16.53
C MET D 318 12.33 29.60 -17.86
N ARG D 319 12.91 28.75 -18.70
CA ARG D 319 13.42 29.22 -19.98
C ARG D 319 12.27 29.72 -20.86
N ARG D 320 11.15 28.99 -20.86
CA ARG D 320 10.00 29.43 -21.65
C ARG D 320 9.42 30.73 -21.11
N GLN D 321 9.40 30.89 -19.78
CA GLN D 321 8.94 32.13 -19.20
C GLN D 321 9.80 33.29 -19.64
N GLU D 322 11.12 33.11 -19.62
CA GLU D 322 12.01 34.17 -20.06
C GLU D 322 11.83 34.47 -21.54
N GLU D 323 11.64 33.43 -22.37
CA GLU D 323 11.43 33.65 -23.79
C GLU D 323 10.15 34.46 -24.04
N LEU D 324 9.07 34.11 -23.34
CA LEU D 324 7.84 34.88 -23.48
C LEU D 324 8.03 36.32 -23.04
N ARG D 325 8.73 36.52 -21.92
CA ARG D 325 8.96 37.88 -21.42
C ARG D 325 9.74 38.71 -22.43
N ARG D 326 10.81 38.14 -22.99
CA ARG D 326 11.63 38.90 -23.93
C ARG D 326 10.87 39.17 -25.22
N MET D 327 10.06 38.20 -25.67
CA MET D 327 9.25 38.43 -26.86
C MET D 327 8.26 39.56 -26.64
N GLU D 328 7.57 39.55 -25.50
CA GLU D 328 6.62 40.61 -25.20
C GLU D 328 7.30 41.96 -25.14
N GLU D 329 8.45 42.04 -24.47
CA GLU D 329 9.11 43.33 -24.31
C GLU D 329 9.65 43.83 -25.64
N LEU D 330 10.17 42.94 -26.48
CA LEU D 330 10.68 43.39 -27.77
C LEU D 330 9.54 43.86 -28.67
N HIS D 331 8.42 43.16 -28.67
CA HIS D 331 7.28 43.63 -29.46
C HIS D 331 6.79 44.97 -28.95
N ASN D 332 6.73 45.14 -27.63
CA ASN D 332 6.28 46.40 -27.06
C ASN D 332 7.20 47.54 -27.45
N GLN D 333 8.51 47.34 -27.34
CA GLN D 333 9.44 48.42 -27.69
C GLN D 333 9.42 48.70 -29.19
N GLU D 334 9.24 47.67 -30.03
CA GLU D 334 9.18 47.90 -31.46
C GLU D 334 7.95 48.71 -31.83
N VAL D 335 6.79 48.37 -31.28
CA VAL D 335 5.59 49.14 -31.60
C VAL D 335 5.69 50.55 -31.01
N GLN D 336 6.36 50.68 -29.87
CA GLN D 336 6.55 52.02 -29.26
C GLN D 336 7.40 52.87 -30.21
N LYS D 337 8.49 52.31 -30.73
CA LYS D 337 9.35 53.03 -31.67
C LYS D 337 8.59 53.39 -32.93
N ARG D 338 7.79 52.46 -33.45
CA ARG D 338 7.08 52.72 -34.69
C ARG D 338 5.96 53.75 -34.50
N LYS D 339 5.36 53.81 -33.32
CA LYS D 339 4.31 54.81 -33.09
C LYS D 339 4.90 56.19 -32.83
N GLN D 340 6.10 56.24 -32.24
CA GLN D 340 6.78 57.55 -32.06
C GLN D 340 7.18 58.07 -33.43
N LEU D 341 7.68 57.19 -34.30
CA LEU D 341 8.07 57.57 -35.65
C LEU D 341 6.86 57.78 -36.54
N LYS E 287 95.25 -5.42 75.30
CA LYS E 287 94.28 -5.47 76.39
C LYS E 287 94.99 -5.71 77.73
N THR E 288 94.22 -5.65 78.81
CA THR E 288 94.73 -5.83 80.15
C THR E 288 94.04 -7.01 80.82
N TYR E 289 94.79 -7.68 81.71
CA TYR E 289 94.29 -8.85 82.44
C TYR E 289 93.80 -9.94 81.49
N THR E 290 94.66 -10.29 80.54
CA THR E 290 94.34 -11.33 79.57
C THR E 290 94.61 -12.71 80.14
N GLN E 291 94.13 -13.73 79.41
CA GLN E 291 94.34 -15.11 79.86
C GLN E 291 95.79 -15.52 79.71
N ARG E 292 96.47 -15.05 78.67
CA ARG E 292 97.89 -15.36 78.50
C ARG E 292 98.74 -14.77 79.60
N CYS E 293 98.33 -13.64 80.18
CA CYS E 293 99.06 -13.06 81.29
C CYS E 293 98.88 -13.84 82.59
N ARG E 294 97.98 -14.81 82.62
CA ARG E 294 97.78 -15.63 83.81
C ARG E 294 99.00 -16.47 84.09
N LEU E 295 99.39 -16.53 85.36
CA LEU E 295 100.57 -17.26 85.80
C LEU E 295 100.16 -18.36 86.76
N PHE E 296 100.64 -19.57 86.51
CA PHE E 296 100.38 -20.71 87.38
C PHE E 296 101.53 -20.85 88.37
N VAL E 297 101.20 -20.84 89.66
CA VAL E 297 102.19 -20.81 90.73
C VAL E 297 102.11 -22.14 91.48
N GLY E 298 103.25 -22.81 91.62
CA GLY E 298 103.33 -24.09 92.27
C GLY E 298 104.18 -24.07 93.54
N ASN E 299 104.24 -25.23 94.19
CA ASN E 299 104.99 -25.42 95.42
C ASN E 299 104.59 -24.40 96.48
N LEU E 300 103.29 -24.15 96.58
CA LEU E 300 102.82 -23.16 97.55
C LEU E 300 102.60 -23.82 98.91
N PRO E 301 103.17 -23.25 99.97
CA PRO E 301 102.98 -23.82 101.31
C PRO E 301 101.52 -23.78 101.74
N ALA E 302 101.19 -24.59 102.75
CA ALA E 302 99.81 -24.64 103.24
C ALA E 302 99.42 -23.36 103.95
N ASP E 303 100.32 -22.83 104.78
CA ASP E 303 100.03 -21.62 105.57
C ASP E 303 100.28 -20.39 104.69
N ILE E 304 99.21 -19.94 104.04
CA ILE E 304 99.26 -18.84 103.09
C ILE E 304 98.04 -17.95 103.25
N THR E 305 98.22 -16.67 102.91
CA THR E 305 97.16 -15.69 102.91
C THR E 305 97.16 -14.93 101.59
N GLU E 306 95.99 -14.43 101.21
CA GLU E 306 95.85 -13.74 99.93
C GLU E 306 96.72 -12.49 99.87
N ASP E 307 96.74 -11.71 100.94
CA ASP E 307 97.52 -10.47 100.94
C ASP E 307 99.01 -10.74 100.80
N GLU E 308 99.48 -11.87 101.36
CA GLU E 308 100.89 -12.23 101.20
C GLU E 308 101.21 -12.50 99.74
N PHE E 309 100.31 -13.16 99.02
CA PHE E 309 100.49 -13.34 97.58
C PHE E 309 100.48 -12.01 96.85
N LYS E 310 99.57 -11.12 97.23
CA LYS E 310 99.49 -9.82 96.55
C LYS E 310 100.73 -8.98 96.81
N ARG E 311 101.42 -9.24 97.93
CA ARG E 311 102.65 -8.50 98.22
C ARG E 311 103.78 -8.89 97.28
N LEU E 312 103.81 -10.15 96.84
CA LEU E 312 104.84 -10.59 95.91
C LEU E 312 104.73 -9.89 94.56
N PHE E 313 103.52 -9.46 94.19
CA PHE E 313 103.26 -8.88 92.89
C PHE E 313 103.09 -7.37 92.93
N ALA E 314 103.38 -6.75 94.08
CA ALA E 314 103.22 -5.30 94.20
C ALA E 314 104.22 -4.55 93.33
N LYS E 315 105.34 -5.19 92.97
CA LYS E 315 106.34 -4.53 92.14
C LYS E 315 105.86 -4.38 90.70
N TYR E 316 105.05 -5.32 90.21
CA TYR E 316 104.61 -5.34 88.82
C TYR E 316 103.22 -4.74 88.65
N GLY E 317 102.84 -3.77 89.48
CA GLY E 317 101.56 -3.11 89.34
C GLY E 317 100.43 -3.83 90.05
N GLU E 318 99.23 -3.32 89.81
CA GLU E 318 98.04 -3.87 90.43
C GLU E 318 97.70 -5.23 89.84
N PRO E 319 97.56 -6.28 90.65
CA PRO E 319 97.25 -7.60 90.11
C PRO E 319 95.78 -7.73 89.74
N GLY E 320 95.47 -8.83 89.07
CA GLY E 320 94.12 -9.07 88.58
C GLY E 320 93.41 -10.22 89.26
N GLU E 321 92.88 -11.15 88.45
CA GLU E 321 92.13 -12.28 88.99
C GLU E 321 93.02 -13.17 89.84
N VAL E 322 92.51 -13.59 90.99
CA VAL E 322 93.25 -14.42 91.93
C VAL E 322 92.39 -15.60 92.33
N PHE E 323 92.95 -16.81 92.18
CA PHE E 323 92.33 -18.02 92.71
C PHE E 323 93.40 -18.81 93.43
N ILE E 324 93.16 -19.13 94.70
CA ILE E 324 94.15 -19.78 95.55
C ILE E 324 93.57 -21.09 96.06
N ASN E 325 94.33 -22.17 95.90
CA ASN E 325 93.97 -23.49 96.41
C ASN E 325 95.01 -23.89 97.45
N LYS E 326 94.64 -23.77 98.73
CA LYS E 326 95.58 -24.07 99.80
C LYS E 326 95.84 -25.57 99.93
N GLY E 327 94.84 -26.40 99.60
CA GLY E 327 95.00 -27.83 99.75
C GLY E 327 96.05 -28.42 98.81
N LYS E 328 96.01 -28.03 97.55
CA LYS E 328 96.95 -28.52 96.56
C LYS E 328 98.20 -27.66 96.45
N GLY E 329 98.23 -26.49 97.09
CA GLY E 329 99.39 -25.62 97.04
C GLY E 329 99.67 -25.05 95.67
N PHE E 330 98.63 -24.58 94.99
CA PHE E 330 98.80 -23.92 93.70
C PHE E 330 97.79 -22.79 93.60
N GLY E 331 98.10 -21.81 92.75
CA GLY E 331 97.25 -20.65 92.58
C GLY E 331 97.35 -20.07 91.20
N PHE E 332 96.50 -19.08 90.94
CA PHE E 332 96.46 -18.38 89.66
C PHE E 332 96.48 -16.88 89.89
N ILE E 333 97.00 -16.14 88.92
CA ILE E 333 97.08 -14.69 88.99
C ILE E 333 97.16 -14.14 87.57
N LYS E 334 96.36 -13.12 87.29
CA LYS E 334 96.31 -12.48 85.97
C LYS E 334 96.96 -11.11 86.05
N LEU E 335 97.84 -10.83 85.09
CA LEU E 335 98.63 -9.60 85.08
C LEU E 335 98.15 -8.67 83.98
N GLU E 336 98.57 -7.41 84.09
CA GLU E 336 98.12 -6.39 83.15
C GLU E 336 98.62 -6.65 81.74
N SER E 337 99.88 -7.05 81.60
CA SER E 337 100.51 -7.20 80.29
C SER E 337 101.25 -8.51 80.21
N ARG E 338 101.40 -9.02 78.98
CA ARG E 338 102.17 -10.23 78.77
C ARG E 338 103.65 -10.04 79.12
N ALA E 339 104.19 -8.85 78.86
CA ALA E 339 105.56 -8.55 79.28
C ALA E 339 105.68 -8.62 80.80
N LEU E 340 104.65 -8.17 81.51
CA LEU E 340 104.65 -8.29 82.97
C LEU E 340 104.70 -9.75 83.39
N ALA E 341 103.93 -10.61 82.73
CA ALA E 341 103.96 -12.03 83.04
C ALA E 341 105.34 -12.63 82.75
N GLU E 342 105.94 -12.24 81.63
CA GLU E 342 107.27 -12.75 81.30
C GLU E 342 108.31 -12.34 82.33
N ILE E 343 108.30 -11.07 82.72
CA ILE E 343 109.30 -10.60 83.70
C ILE E 343 109.04 -11.22 85.06
N ALA E 344 107.77 -11.42 85.43
CA ALA E 344 107.46 -12.07 86.70
C ALA E 344 107.95 -13.51 86.70
N LYS E 345 107.74 -14.24 85.60
CA LYS E 345 108.25 -15.60 85.51
C LYS E 345 109.77 -15.63 85.56
N ALA E 346 110.41 -14.66 84.90
CA ALA E 346 111.87 -14.60 84.90
C ALA E 346 112.42 -14.33 86.30
N GLU E 347 111.77 -13.45 87.06
CA GLU E 347 112.31 -13.04 88.36
C GLU E 347 111.93 -14.01 89.49
N LEU E 348 110.72 -14.54 89.48
CA LEU E 348 110.21 -15.28 90.63
C LEU E 348 110.42 -16.78 90.56
N ASP E 349 111.00 -17.29 89.47
CA ASP E 349 111.30 -18.72 89.42
C ASP E 349 112.62 -19.00 90.11
N ASP E 350 112.77 -20.23 90.61
CA ASP E 350 113.94 -20.67 91.36
C ASP E 350 114.19 -19.78 92.58
N THR E 351 113.11 -19.30 93.20
CA THR E 351 113.20 -18.40 94.34
C THR E 351 112.67 -19.08 95.59
N PRO E 352 113.50 -19.29 96.61
CA PRO E 352 113.01 -19.93 97.84
C PRO E 352 112.09 -19.02 98.63
N MET E 353 111.00 -19.60 99.14
CA MET E 353 110.15 -18.93 100.12
C MET E 353 109.77 -19.95 101.18
N ARG E 354 110.24 -19.72 102.41
CA ARG E 354 109.95 -20.58 103.55
C ARG E 354 110.35 -22.03 103.29
N GLY E 355 111.48 -22.21 102.61
CA GLY E 355 112.02 -23.53 102.34
C GLY E 355 111.49 -24.23 101.11
N ARG E 356 110.69 -23.56 100.28
CA ARG E 356 110.12 -24.16 99.09
C ARG E 356 110.57 -23.41 97.85
N GLN E 357 111.01 -24.16 96.84
CA GLN E 357 111.41 -23.58 95.56
C GLN E 357 110.17 -23.34 94.72
N LEU E 358 109.93 -22.08 94.35
CA LEU E 358 108.73 -21.74 93.60
C LEU E 358 108.80 -22.30 92.18
N ARG E 359 107.66 -22.78 91.69
CA ARG E 359 107.51 -23.20 90.30
C ARG E 359 106.58 -22.22 89.60
N VAL E 360 107.10 -21.51 88.61
CA VAL E 360 106.35 -20.50 87.87
C VAL E 360 106.14 -21.01 86.45
N ARG E 361 104.87 -21.22 86.09
CA ARG E 361 104.50 -21.68 84.76
C ARG E 361 103.39 -20.78 84.23
N PHE E 362 102.83 -21.16 83.09
CA PHE E 362 101.70 -20.46 82.49
C PHE E 362 100.52 -21.43 82.39
N ALA E 363 99.35 -20.96 82.80
CA ALA E 363 98.17 -21.82 82.81
C ALA E 363 97.77 -22.20 81.39
N THR E 364 97.47 -23.49 81.19
CA THR E 364 97.02 -23.97 79.90
C THR E 364 95.65 -23.39 79.57
N HIS E 365 95.46 -22.99 78.32
CA HIS E 365 94.22 -22.34 77.89
C HIS E 365 93.32 -23.38 77.24
N ALA E 366 92.22 -23.70 77.92
CA ALA E 366 91.29 -24.69 77.38
C ALA E 366 90.41 -24.10 76.28
N ALA E 367 90.03 -22.83 76.41
CA ALA E 367 89.10 -22.20 75.48
C ALA E 367 89.88 -21.66 74.28
N ALA E 368 90.40 -22.60 73.48
CA ALA E 368 91.14 -22.26 72.27
C ALA E 368 90.69 -23.17 71.14
N LEU E 369 90.77 -22.66 69.92
CA LEU E 369 90.36 -23.41 68.74
C LEU E 369 91.49 -23.44 67.72
N SER E 370 91.56 -24.56 67.00
CA SER E 370 92.55 -24.77 65.95
C SER E 370 91.84 -24.67 64.59
N VAL E 371 92.36 -23.82 63.73
CA VAL E 371 91.80 -23.61 62.39
C VAL E 371 92.90 -23.83 61.36
N ARG E 372 92.53 -24.43 60.24
CA ARG E 372 93.48 -24.78 59.20
C ARG E 372 92.84 -24.41 57.86
N ASN E 373 93.54 -24.70 56.77
CA ASN E 373 93.08 -24.40 55.41
C ASN E 373 92.92 -22.89 55.21
N LEU E 374 93.72 -22.10 55.89
CA LEU E 374 93.68 -20.65 55.73
C LEU E 374 94.34 -20.25 54.41
N SER E 375 93.80 -19.22 53.79
CA SER E 375 94.37 -18.70 52.57
C SER E 375 95.72 -18.05 52.84
N PRO E 376 96.64 -18.07 51.88
CA PRO E 376 97.96 -17.47 52.11
C PRO E 376 97.92 -15.98 52.41
N TYR E 377 96.86 -15.27 52.04
CA TYR E 377 96.80 -13.82 52.21
C TYR E 377 95.97 -13.39 53.41
N VAL E 378 95.63 -14.31 54.31
CA VAL E 378 94.92 -13.96 55.53
C VAL E 378 95.93 -13.59 56.61
N SER E 379 95.67 -12.48 57.29
CA SER E 379 96.53 -11.99 58.36
C SER E 379 95.83 -12.19 59.71
N ASN E 380 96.48 -11.70 60.77
CA ASN E 380 95.95 -11.86 62.12
C ASN E 380 94.64 -11.11 62.30
N GLU E 381 94.63 -9.83 61.89
CA GLU E 381 93.48 -8.97 62.16
C GLU E 381 92.24 -9.43 61.41
N LEU E 382 92.40 -9.98 60.21
CA LEU E 382 91.24 -10.51 59.49
C LEU E 382 90.60 -11.65 60.26
N LEU E 383 91.41 -12.56 60.80
CA LEU E 383 90.86 -13.64 61.60
C LEU E 383 90.22 -13.12 62.88
N GLU E 384 90.85 -12.13 63.53
CA GLU E 384 90.27 -11.59 64.76
C GLU E 384 88.93 -10.93 64.49
N GLU E 385 88.81 -10.16 63.41
CA GLU E 385 87.57 -9.45 63.14
C GLU E 385 86.48 -10.37 62.61
N ALA E 386 86.83 -11.35 61.77
CA ALA E 386 85.81 -12.20 61.18
C ALA E 386 85.31 -13.24 62.17
N PHE E 387 86.18 -13.75 63.03
CA PHE E 387 85.84 -14.81 63.96
C PHE E 387 85.39 -14.29 65.32
N SER E 388 85.26 -12.97 65.47
CA SER E 388 84.79 -12.39 66.71
C SER E 388 83.26 -12.29 66.79
N GLN E 389 82.55 -12.71 65.74
CA GLN E 389 81.09 -12.61 65.75
C GLN E 389 80.49 -13.45 66.85
N PHE E 390 81.13 -14.57 67.19
CA PHE E 390 80.59 -15.50 68.18
C PHE E 390 81.12 -15.26 69.59
N GLY E 391 82.10 -14.38 69.76
CA GLY E 391 82.64 -14.10 71.08
C GLY E 391 83.86 -13.20 71.03
N PRO E 392 84.40 -12.88 72.21
CA PRO E 392 85.57 -12.01 72.26
C PRO E 392 86.81 -12.69 71.70
N ILE E 393 87.73 -11.87 71.22
CA ILE E 393 89.00 -12.33 70.65
C ILE E 393 90.13 -11.84 71.54
N GLU E 394 90.94 -12.78 72.02
CA GLU E 394 92.15 -12.46 72.77
C GLU E 394 93.38 -12.42 71.88
N ARG E 395 93.62 -13.49 71.12
CA ARG E 395 94.60 -13.46 70.04
C ARG E 395 94.12 -14.41 68.95
N ALA E 396 94.57 -14.16 67.73
CA ALA E 396 94.36 -15.09 66.62
C ALA E 396 95.60 -15.02 65.74
N VAL E 397 96.56 -15.89 66.00
CA VAL E 397 97.86 -15.84 65.35
C VAL E 397 97.88 -16.83 64.21
N VAL E 398 98.24 -16.36 63.02
CA VAL E 398 98.44 -17.23 61.87
C VAL E 398 99.83 -17.84 61.99
N ILE E 399 99.89 -19.16 62.13
CA ILE E 399 101.16 -19.84 62.35
C ILE E 399 102.01 -19.72 61.09
N VAL E 400 103.22 -19.21 61.24
CA VAL E 400 104.13 -19.01 60.11
C VAL E 400 105.43 -19.73 60.39
N ASP E 401 106.14 -20.06 59.31
CA ASP E 401 107.38 -20.81 59.38
C ASP E 401 108.55 -19.87 59.66
N ASP E 402 109.77 -20.38 59.53
CA ASP E 402 110.96 -19.57 59.77
C ASP E 402 111.04 -18.39 58.81
N ARG E 403 110.72 -18.63 57.53
CA ARG E 403 110.72 -17.56 56.55
C ARG E 403 109.55 -16.60 56.74
N GLY E 404 108.60 -16.94 57.61
CA GLY E 404 107.44 -16.09 57.84
C GLY E 404 106.28 -16.33 56.91
N ARG E 405 106.42 -17.22 55.93
CA ARG E 405 105.34 -17.48 55.01
C ARG E 405 104.17 -18.16 55.71
N SER E 406 102.97 -17.91 55.19
CA SER E 406 101.77 -18.50 55.74
C SER E 406 101.78 -20.01 55.58
N THR E 407 101.47 -20.73 56.64
CA THR E 407 101.38 -22.18 56.60
C THR E 407 99.97 -22.68 56.36
N GLY E 408 99.00 -21.78 56.18
CA GLY E 408 97.62 -22.21 56.12
C GLY E 408 97.07 -22.71 57.43
N LYS E 409 97.79 -22.49 58.52
CA LYS E 409 97.40 -22.96 59.85
C LYS E 409 97.28 -21.78 60.79
N GLY E 410 96.23 -21.77 61.59
CA GLY E 410 95.98 -20.69 62.52
C GLY E 410 95.56 -21.21 63.87
N ILE E 411 95.89 -20.44 64.90
CA ILE E 411 95.47 -20.71 66.27
C ILE E 411 94.77 -19.47 66.80
N VAL E 412 93.55 -19.66 67.31
CA VAL E 412 92.76 -18.59 67.91
C VAL E 412 92.41 -19.02 69.33
N GLU E 413 92.50 -18.08 70.27
CA GLU E 413 92.19 -18.34 71.67
C GLU E 413 91.02 -17.46 72.07
N PHE E 414 90.18 -17.96 72.98
CA PHE E 414 89.00 -17.25 73.41
C PHE E 414 89.02 -17.04 74.93
N ALA E 415 88.69 -15.83 75.35
CA ALA E 415 88.57 -15.53 76.77
C ALA E 415 87.37 -16.21 77.41
N SER E 416 86.45 -16.76 76.61
CA SER E 416 85.25 -17.41 77.12
C SER E 416 85.09 -18.77 76.45
N LYS E 417 84.76 -19.78 77.26
CA LYS E 417 84.61 -21.14 76.75
C LYS E 417 83.27 -21.39 76.06
N PRO E 418 82.11 -20.97 76.60
CA PRO E 418 80.85 -21.19 75.87
C PRO E 418 80.85 -20.56 74.49
N ALA E 419 81.39 -19.35 74.34
CA ALA E 419 81.49 -18.75 73.01
C ALA E 419 82.40 -19.57 72.13
N ALA E 420 83.43 -20.20 72.70
CA ALA E 420 84.28 -21.10 71.93
C ALA E 420 83.49 -22.28 71.41
N ARG E 421 82.63 -22.87 72.24
CA ARG E 421 81.81 -23.99 71.79
C ARG E 421 80.82 -23.56 70.70
N LYS E 422 80.20 -22.39 70.87
CA LYS E 422 79.28 -21.89 69.86
C LYS E 422 79.99 -21.64 68.53
N ALA E 423 81.18 -21.03 68.58
CA ALA E 423 81.94 -20.80 67.34
C ALA E 423 82.33 -22.13 66.69
N PHE E 424 82.77 -23.09 67.50
CA PHE E 424 83.16 -24.40 66.97
C PHE E 424 81.99 -25.06 66.26
N GLU E 425 80.82 -25.11 66.91
CA GLU E 425 79.68 -25.76 66.27
C GLU E 425 79.22 -24.99 65.03
N ARG E 426 79.16 -23.65 65.12
CA ARG E 426 78.65 -22.88 63.99
C ARG E 426 79.56 -23.00 62.78
N CYS E 427 80.87 -23.15 63.00
CA CYS E 427 81.76 -23.45 61.89
C CYS E 427 81.76 -24.93 61.52
N SER E 428 81.24 -25.80 62.40
CA SER E 428 81.17 -27.23 62.07
C SER E 428 80.02 -27.52 61.13
N GLU E 429 78.77 -27.29 61.57
CA GLU E 429 77.64 -27.50 60.67
C GLU E 429 77.58 -26.43 59.59
N GLY E 430 77.96 -25.19 59.93
CA GLY E 430 77.98 -24.12 58.97
C GLY E 430 79.25 -24.10 58.15
N VAL E 431 79.28 -23.19 57.18
CA VAL E 431 80.43 -23.01 56.29
C VAL E 431 80.90 -21.57 56.43
N PHE E 432 82.19 -21.39 56.68
CA PHE E 432 82.79 -20.08 56.90
C PHE E 432 83.92 -19.83 55.90
N LEU E 433 83.96 -18.61 55.37
CA LEU E 433 84.90 -18.23 54.33
C LEU E 433 85.68 -17.00 54.76
N LEU E 434 86.92 -16.88 54.27
CA LEU E 434 87.77 -15.75 54.61
C LEU E 434 88.29 -14.98 53.41
N THR E 435 88.01 -15.44 52.20
CA THR E 435 88.67 -14.89 51.03
C THR E 435 87.77 -15.07 49.82
N THR E 436 87.99 -14.24 48.79
CA THR E 436 87.18 -14.31 47.57
C THR E 436 87.18 -15.71 47.00
N THR E 437 88.32 -16.38 46.99
CA THR E 437 88.32 -17.79 46.63
C THR E 437 87.66 -18.58 47.75
N PRO E 438 86.57 -19.28 47.46
CA PRO E 438 85.80 -19.93 48.54
C PRO E 438 86.53 -21.10 49.17
N ARG E 439 87.52 -20.78 50.00
CA ARG E 439 88.22 -21.76 50.82
C ARG E 439 87.56 -21.82 52.19
N PRO E 440 87.02 -22.96 52.60
CA PRO E 440 86.41 -23.04 53.93
C PRO E 440 87.47 -23.21 55.02
N VAL E 441 87.10 -22.80 56.23
CA VAL E 441 87.98 -22.89 57.40
C VAL E 441 87.34 -23.85 58.38
N ILE E 442 88.03 -24.96 58.64
CA ILE E 442 87.55 -25.95 59.59
C ILE E 442 88.04 -25.58 60.99
N VAL E 443 87.30 -26.02 62.00
CA VAL E 443 87.63 -25.73 63.39
C VAL E 443 87.74 -27.04 64.15
N GLU E 444 88.81 -27.18 64.93
CA GLU E 444 89.00 -28.30 65.84
C GLU E 444 89.49 -27.75 67.17
N PRO E 445 89.12 -28.39 68.28
CA PRO E 445 89.66 -27.97 69.58
C PRO E 445 91.17 -28.13 69.62
N LEU E 446 91.82 -27.18 70.28
CA LEU E 446 93.27 -27.18 70.36
C LEU E 446 93.76 -28.20 71.38
N GLU E 447 94.86 -28.87 71.03
CA GLU E 447 95.52 -29.81 71.94
C GLU E 447 96.77 -29.16 72.50
N GLN E 448 96.91 -29.19 73.82
CA GLN E 448 97.97 -28.49 74.51
C GLN E 448 99.17 -29.40 74.70
N LEU E 449 100.34 -28.97 74.22
CA LEU E 449 101.59 -29.72 74.35
C LEU E 449 102.66 -28.78 74.88
N ASP E 450 103.06 -28.99 76.13
CA ASP E 450 104.03 -28.10 76.77
C ASP E 450 105.43 -28.41 76.25
N ASP E 451 106.20 -27.35 75.99
CA ASP E 451 107.50 -27.51 75.33
C ASP E 451 108.66 -27.41 76.32
N GLU E 452 108.70 -26.34 77.12
CA GLU E 452 109.84 -26.08 77.99
C GLU E 452 109.91 -27.03 79.17
N ASP E 453 108.79 -27.60 79.61
CA ASP E 453 108.75 -28.51 80.75
C ASP E 453 108.15 -29.84 80.29
N GLY E 454 108.77 -30.94 80.71
CA GLY E 454 108.31 -32.25 80.28
C GLY E 454 107.91 -33.14 81.44
N LEU E 455 108.36 -34.39 81.40
CA LEU E 455 108.02 -35.36 82.43
C LEU E 455 109.21 -35.48 83.37
N PRO E 456 109.12 -35.00 84.61
CA PRO E 456 110.27 -35.07 85.51
C PRO E 456 110.65 -36.51 85.84
N GLU E 457 111.96 -36.70 86.08
CA GLU E 457 112.45 -38.03 86.42
C GLU E 457 111.85 -38.55 87.70
N LYS E 458 111.48 -37.65 88.62
CA LYS E 458 110.85 -38.07 89.87
C LYS E 458 109.52 -38.76 89.62
N LEU E 459 108.71 -38.19 88.72
CA LEU E 459 107.44 -38.82 88.38
C LEU E 459 107.66 -40.11 87.61
N ALA E 460 108.70 -40.16 86.77
CA ALA E 460 109.01 -41.38 86.03
C ALA E 460 109.41 -42.51 86.97
N GLN E 461 110.19 -42.20 88.00
CA GLN E 461 110.68 -43.23 88.92
C GLN E 461 109.59 -43.78 89.82
N LYS E 462 108.39 -43.20 89.81
CA LYS E 462 107.28 -43.77 90.58
C LYS E 462 106.96 -45.18 90.11
N ASN E 463 106.97 -45.40 88.80
CA ASN E 463 106.78 -46.73 88.26
C ASN E 463 108.05 -47.55 88.46
N PRO E 464 108.01 -48.70 89.15
CA PRO E 464 109.23 -49.49 89.33
C PRO E 464 109.81 -50.01 88.02
N MET E 465 109.01 -50.05 86.96
CA MET E 465 109.49 -50.51 85.66
C MET E 465 110.57 -49.59 85.11
N TYR E 466 110.55 -48.30 85.50
CA TYR E 466 111.55 -47.34 85.03
C TYR E 466 112.97 -47.81 85.32
N GLN E 467 113.23 -48.27 86.53
CA GLN E 467 114.58 -48.64 86.94
C GLN E 467 115.06 -49.93 86.28
N LYS E 468 114.22 -50.94 86.17
CA LYS E 468 114.63 -52.23 85.63
C LYS E 468 114.83 -52.21 84.11
N GLU E 469 114.41 -51.14 83.44
CA GLU E 469 114.54 -51.05 81.99
C GLU E 469 115.62 -50.09 81.53
N ARG E 470 115.96 -49.09 82.35
CA ARG E 470 116.98 -48.10 82.02
C ARG E 470 118.39 -48.57 82.39
N GLU E 471 118.51 -49.70 83.10
CA GLU E 471 119.78 -50.11 83.70
C GLU E 471 120.90 -50.23 82.66
N THR E 472 120.56 -50.49 81.40
CA THR E 472 121.57 -50.54 80.34
C THR E 472 121.65 -49.18 79.68
N PRO E 473 122.82 -48.55 79.63
CA PRO E 473 122.93 -47.18 79.13
C PRO E 473 122.59 -47.12 77.64
N PRO E 474 122.18 -45.94 77.15
CA PRO E 474 121.94 -45.79 75.71
C PRO E 474 123.20 -46.11 74.92
N ARG E 475 123.01 -46.75 73.77
CA ARG E 475 124.14 -47.27 73.01
C ARG E 475 123.79 -47.24 71.53
N PHE E 476 124.60 -47.95 70.72
CA PHE E 476 124.37 -48.09 69.29
C PHE E 476 124.30 -49.54 68.84
N ALA E 477 124.37 -50.49 69.76
CA ALA E 477 124.40 -51.92 69.45
C ALA E 477 125.60 -52.29 68.59
N GLN E 478 125.72 -53.57 68.24
CA GLN E 478 126.85 -54.06 67.47
C GLN E 478 126.36 -54.93 66.33
N HIS E 479 127.15 -55.00 65.26
CA HIS E 479 126.81 -55.83 64.11
C HIS E 479 126.71 -57.29 64.52
N GLY E 480 125.65 -57.95 64.07
CA GLY E 480 125.40 -59.33 64.40
C GLY E 480 124.60 -59.56 65.66
N THR E 481 124.47 -58.55 66.52
CA THR E 481 123.70 -58.66 67.74
C THR E 481 122.21 -58.56 67.43
N PHE E 482 121.40 -59.20 68.29
CA PHE E 482 119.96 -59.17 68.14
C PHE E 482 119.43 -57.74 68.08
N GLU E 483 120.04 -56.84 68.85
CA GLU E 483 119.61 -55.45 68.88
C GLU E 483 119.74 -54.81 67.51
N TYR E 484 120.88 -55.01 66.85
CA TYR E 484 121.09 -54.44 65.52
C TYR E 484 120.08 -54.99 64.52
N GLU E 485 119.86 -56.32 64.54
CA GLU E 485 118.96 -56.94 63.58
C GLU E 485 117.53 -56.44 63.76
N TYR E 486 117.08 -56.28 65.01
CA TYR E 486 115.71 -55.83 65.22
C TYR E 486 115.57 -54.33 64.95
N SER E 487 116.61 -53.55 65.25
CA SER E 487 116.59 -52.14 64.89
C SER E 487 116.56 -51.95 63.39
N GLN E 488 117.14 -52.87 62.63
CA GLN E 488 117.03 -52.78 61.17
C GLN E 488 115.57 -52.91 60.73
N ARG E 489 114.83 -53.84 61.33
CA ARG E 489 113.41 -53.97 61.01
C ARG E 489 112.64 -52.73 61.44
N TRP E 490 113.00 -52.15 62.59
CA TRP E 490 112.37 -50.90 63.01
C TRP E 490 112.62 -49.79 62.00
N LYS E 491 113.85 -49.69 61.49
CA LYS E 491 114.17 -48.68 60.48
C LYS E 491 113.39 -48.92 59.20
N SER E 492 113.24 -50.18 58.80
CA SER E 492 112.44 -50.48 57.61
C SER E 492 111.00 -50.03 57.81
N LEU E 493 110.43 -50.30 58.98
CA LEU E 493 109.06 -49.86 59.25
C LEU E 493 108.95 -48.35 59.23
N ASP E 494 109.92 -47.65 59.81
CA ASP E 494 109.87 -46.19 59.83
C ASP E 494 109.98 -45.63 58.41
N GLU E 495 110.84 -46.23 57.58
CA GLU E 495 110.94 -45.80 56.19
C GLU E 495 109.64 -46.04 55.45
N MET E 496 108.98 -47.18 55.69
CA MET E 496 107.70 -47.44 55.05
C MET E 496 106.65 -46.41 55.49
N GLU E 497 106.64 -46.06 56.78
CA GLU E 497 105.71 -45.04 57.25
C GLU E 497 105.98 -43.70 56.59
N LYS E 498 107.26 -43.34 56.44
CA LYS E 498 107.61 -42.10 55.76
C LYS E 498 107.12 -42.10 54.33
N GLN E 499 107.27 -43.24 53.63
CA GLN E 499 106.81 -43.33 52.25
C GLN E 499 105.29 -43.18 52.17
N GLN E 500 104.57 -43.81 53.11
CA GLN E 500 103.12 -43.66 53.12
C GLN E 500 102.71 -42.21 53.34
N ARG E 501 103.34 -41.53 54.30
CA ARG E 501 103.02 -40.14 54.56
C ARG E 501 103.31 -39.25 53.35
N GLU E 502 104.46 -39.48 52.69
CA GLU E 502 104.81 -38.64 51.56
C GLU E 502 103.90 -38.91 50.37
N GLN E 503 103.46 -40.15 50.19
CA GLN E 503 102.48 -40.43 49.14
C GLN E 503 101.16 -39.73 49.42
N VAL E 504 100.72 -39.75 50.68
CA VAL E 504 99.50 -39.03 51.06
C VAL E 504 99.65 -37.56 50.69
N GLU E 505 100.77 -36.95 51.09
CA GLU E 505 100.96 -35.53 50.83
C GLU E 505 101.06 -35.23 49.34
N LYS E 506 101.68 -36.13 48.58
CA LYS E 506 101.81 -35.94 47.13
C LYS E 506 100.44 -35.93 46.46
N ASN E 507 99.63 -36.97 46.71
CA ASN E 507 98.32 -37.01 46.07
C ASN E 507 97.45 -35.87 46.59
N MET E 508 97.69 -35.45 47.83
CA MET E 508 96.91 -34.34 48.43
C MET E 508 97.22 -33.07 47.63
N LYS E 509 98.51 -32.73 47.49
CA LYS E 509 98.90 -31.57 46.69
C LYS E 509 98.29 -31.66 45.31
N ASP E 510 98.30 -32.85 44.71
CA ASP E 510 97.70 -33.03 43.39
C ASP E 510 96.21 -32.68 43.42
N ALA E 511 95.50 -33.16 44.43
CA ALA E 511 94.07 -32.88 44.53
C ALA E 511 93.81 -31.39 44.73
N LYS E 512 94.61 -30.74 45.60
CA LYS E 512 94.43 -29.31 45.81
C LYS E 512 94.67 -28.53 44.52
N ASP E 513 95.74 -28.85 43.80
CA ASP E 513 96.06 -28.13 42.58
C ASP E 513 94.99 -28.37 41.51
N LYS E 514 94.49 -29.60 41.40
CA LYS E 514 93.41 -29.88 40.46
C LYS E 514 92.16 -29.09 40.82
N LEU E 515 91.80 -29.04 42.09
CA LEU E 515 90.59 -28.35 42.50
C LEU E 515 90.72 -26.84 42.34
N GLU E 516 91.94 -26.31 42.44
CA GLU E 516 92.13 -24.89 42.17
C GLU E 516 91.89 -24.56 40.70
N SER E 517 92.09 -25.53 39.82
CA SER E 517 92.07 -25.25 38.39
C SER E 517 90.67 -24.92 37.88
N GLU E 518 89.63 -25.28 38.63
CA GLU E 518 88.27 -25.05 38.15
C GLU E 518 87.60 -23.86 38.84
N MET E 519 88.34 -22.75 38.99
CA MET E 519 87.72 -21.53 39.51
C MET E 519 86.64 -21.02 38.59
N GLU E 520 86.97 -20.85 37.30
CA GLU E 520 86.07 -20.26 36.32
C GLU E 520 85.08 -21.25 35.73
N ASP E 521 85.44 -22.53 35.64
CA ASP E 521 84.58 -23.50 34.99
C ASP E 521 83.33 -23.77 35.80
N ALA E 522 83.49 -24.03 37.10
CA ALA E 522 82.33 -24.32 37.94
C ALA E 522 81.45 -23.08 38.10
N TYR E 523 82.07 -21.90 38.24
CA TYR E 523 81.31 -20.67 38.34
C TYR E 523 80.52 -20.40 37.06
N HIS E 524 81.16 -20.60 35.90
CA HIS E 524 80.46 -20.42 34.63
C HIS E 524 79.33 -21.40 34.48
N GLU E 525 79.54 -22.67 34.88
CA GLU E 525 78.47 -23.65 34.80
C GLU E 525 77.32 -23.28 35.71
N HIS E 526 77.62 -22.76 36.91
CA HIS E 526 76.55 -22.33 37.82
C HIS E 526 75.75 -21.18 37.21
N GLN E 527 76.44 -20.20 36.62
CA GLN E 527 75.73 -19.11 35.97
C GLN E 527 74.86 -19.61 34.84
N ALA E 528 75.39 -20.52 34.02
CA ALA E 528 74.64 -21.03 32.89
C ALA E 528 73.41 -21.80 33.36
N ASN E 529 73.55 -22.59 34.41
CA ASN E 529 72.41 -23.34 34.94
C ASN E 529 71.34 -22.40 35.48
N LEU E 530 71.74 -21.37 36.23
CA LEU E 530 70.77 -20.43 36.75
C LEU E 530 70.03 -19.72 35.62
N LEU E 531 70.78 -19.27 34.61
CA LEU E 531 70.17 -18.57 33.49
C LEU E 531 69.21 -19.49 32.73
N ARG E 532 69.60 -20.75 32.53
CA ARG E 532 68.73 -21.67 31.82
C ARG E 532 67.45 -21.94 32.59
N GLN E 533 67.55 -22.10 33.92
CA GLN E 533 66.35 -22.32 34.72
C GLN E 533 65.41 -21.12 34.65
N ASP E 534 65.96 -19.91 34.77
CA ASP E 534 65.13 -18.71 34.70
C ASP E 534 64.47 -18.60 33.33
N LEU E 535 65.23 -18.85 32.27
CA LEU E 535 64.66 -18.76 30.93
C LEU E 535 63.58 -19.80 30.71
N MET E 536 63.76 -21.01 31.23
CA MET E 536 62.74 -22.04 31.10
C MET E 536 61.45 -21.64 31.82
N ARG E 537 61.59 -21.08 33.02
CA ARG E 537 60.39 -20.63 33.74
C ARG E 537 59.67 -19.51 32.98
N ARG E 538 60.43 -18.57 32.43
CA ARG E 538 59.82 -17.50 31.64
C ARG E 538 59.11 -18.06 30.41
N GLN E 539 59.72 -19.04 29.74
CA GLN E 539 59.09 -19.65 28.58
C GLN E 539 57.78 -20.34 28.96
N GLU E 540 57.77 -21.02 30.11
CA GLU E 540 56.53 -21.66 30.56
C GLU E 540 55.44 -20.62 30.80
N GLU E 541 55.79 -19.52 31.47
CA GLU E 541 54.81 -18.47 31.73
C GLU E 541 54.28 -17.88 30.42
N LEU E 542 55.18 -17.63 29.46
CA LEU E 542 54.77 -17.08 28.18
C LEU E 542 53.84 -18.03 27.45
N ARG E 543 54.12 -19.34 27.49
CA ARG E 543 53.26 -20.30 26.84
C ARG E 543 51.86 -20.31 27.47
N ARG E 544 51.80 -20.24 28.80
CA ARG E 544 50.50 -20.19 29.46
C ARG E 544 49.71 -18.97 29.01
N MET E 545 50.36 -17.80 29.00
CA MET E 545 49.68 -16.59 28.57
C MET E 545 49.22 -16.69 27.12
N GLU E 546 50.07 -17.24 26.26
CA GLU E 546 49.71 -17.40 24.85
C GLU E 546 48.46 -18.23 24.69
N GLU E 547 48.43 -19.42 25.31
CA GLU E 547 47.27 -20.29 25.11
C GLU E 547 46.01 -19.67 25.69
N LEU E 548 46.10 -19.05 26.87
CA LEU E 548 44.90 -18.46 27.46
C LEU E 548 44.37 -17.31 26.60
N HIS E 549 45.27 -16.46 26.11
CA HIS E 549 44.84 -15.34 25.27
C HIS E 549 44.27 -15.82 23.95
N SER E 550 44.83 -16.90 23.38
CA SER E 550 44.28 -17.44 22.15
C SER E 550 42.86 -17.96 22.37
N GLN E 551 42.63 -18.64 23.50
CA GLN E 551 41.26 -19.08 23.81
C GLN E 551 40.33 -17.89 23.96
N GLU E 552 40.80 -16.82 24.62
CA GLU E 552 40.01 -15.60 24.74
C GLU E 552 39.60 -15.07 23.37
N MET E 553 40.58 -14.93 22.47
CA MET E 553 40.30 -14.40 21.13
C MET E 553 39.34 -15.30 20.38
N GLN E 554 39.47 -16.61 20.52
CA GLN E 554 38.55 -17.52 19.85
C GLN E 554 37.12 -17.30 20.32
N LYS E 555 36.92 -17.19 21.63
CA LYS E 555 35.58 -16.91 22.15
C LYS E 555 35.04 -15.60 21.60
N ARG E 556 35.87 -14.56 21.61
CA ARG E 556 35.41 -13.26 21.12
C ARG E 556 35.03 -13.33 19.64
N LYS E 557 35.84 -14.02 18.84
CA LYS E 557 35.56 -14.10 17.41
C LYS E 557 34.28 -14.87 17.12
N GLU E 558 34.05 -15.98 17.83
CA GLU E 558 32.80 -16.70 17.59
C GLU E 558 31.60 -15.86 17.99
N MET E 559 31.70 -15.13 19.11
CA MET E 559 30.61 -14.23 19.48
C MET E 559 30.37 -13.19 18.40
N GLN E 560 31.45 -12.62 17.85
CA GLN E 560 31.31 -11.60 16.82
C GLN E 560 30.66 -12.16 15.57
N LEU E 561 31.02 -13.38 15.17
CA LEU E 561 30.39 -13.99 14.00
C LEU E 561 28.91 -14.20 14.21
N ARG E 562 28.52 -14.68 15.40
CA ARG E 562 27.09 -14.85 15.67
C ARG E 562 26.35 -13.52 15.61
N GLN E 563 26.94 -12.47 16.20
CA GLN E 563 26.32 -11.16 16.15
C GLN E 563 26.16 -10.68 14.72
N GLU E 564 27.19 -10.90 13.90
CA GLU E 564 27.13 -10.45 12.51
C GLU E 564 26.05 -11.19 11.74
N GLU E 565 25.90 -12.50 12.00
CA GLU E 565 24.85 -13.25 11.33
C GLU E 565 23.47 -12.72 11.69
N GLU E 566 23.25 -12.43 12.98
CA GLU E 566 21.97 -11.87 13.39
C GLU E 566 21.73 -10.51 12.72
N ARG E 567 22.76 -9.67 12.68
CA ARG E 567 22.62 -8.37 12.02
C ARG E 567 22.28 -8.54 10.55
N ARG E 568 22.90 -9.50 9.88
CA ARG E 568 22.64 -9.70 8.47
C ARG E 568 21.20 -10.16 8.23
N ARG E 569 20.70 -11.08 9.05
CA ARG E 569 19.33 -11.53 8.83
C ARG E 569 18.33 -10.38 9.08
N ARG E 570 18.58 -9.57 10.11
CA ARG E 570 17.70 -8.43 10.33
C ARG E 570 17.77 -7.43 9.19
N GLU E 571 18.97 -7.19 8.66
CA GLU E 571 19.10 -6.26 7.54
C GLU E 571 18.36 -6.76 6.32
N GLU E 572 18.45 -8.07 6.04
CA GLU E 572 17.71 -8.63 4.91
C GLU E 572 16.21 -8.51 5.10
N GLU E 573 15.73 -8.74 6.32
CA GLU E 573 14.30 -8.60 6.59
C GLU E 573 13.85 -7.16 6.34
N MET E 574 14.62 -6.19 6.83
CA MET E 574 14.26 -4.80 6.62
C MET E 574 14.33 -4.40 5.15
N MET E 575 15.28 -4.95 4.40
CA MET E 575 15.34 -4.68 2.97
C MET E 575 14.13 -5.24 2.25
N ILE E 576 13.69 -6.43 2.65
CA ILE E 576 12.47 -7.00 2.07
C ILE E 576 11.28 -6.11 2.36
N ARG E 577 11.18 -5.61 3.59
CA ARG E 577 10.10 -4.70 3.93
C ARG E 577 10.14 -3.44 3.08
N GLN E 578 11.34 -2.88 2.87
CA GLN E 578 11.46 -1.68 2.05
C GLN E 578 11.06 -1.93 0.61
N ARG E 579 11.47 -3.08 0.05
CA ARG E 579 11.07 -3.40 -1.32
C ARG E 579 9.56 -3.57 -1.44
N GLU E 580 8.94 -4.21 -0.45
CA GLU E 580 7.49 -4.35 -0.46
C GLU E 580 6.81 -2.98 -0.41
N MET E 581 7.32 -2.09 0.44
CA MET E 581 6.76 -0.75 0.50
C MET E 581 6.92 -0.03 -0.83
N GLU E 582 8.08 -0.19 -1.47
CA GLU E 582 8.30 0.42 -2.78
C GLU E 582 7.31 -0.09 -3.81
N GLU E 583 7.07 -1.40 -3.82
CA GLU E 583 6.12 -1.96 -4.78
C GLU E 583 4.71 -1.45 -4.53
N GLN E 584 4.30 -1.40 -3.26
CA GLN E 584 2.97 -0.89 -2.92
C GLN E 584 2.84 0.58 -3.32
N MET E 585 3.89 1.36 -3.10
CA MET E 585 3.88 2.76 -3.50
C MET E 585 3.80 2.90 -5.01
N ARG E 586 4.50 2.06 -5.74
CA ARG E 586 4.43 2.11 -7.20
C ARG E 586 3.03 1.77 -7.68
N ARG E 587 2.38 0.80 -7.04
CA ARG E 587 0.99 0.49 -7.37
C ARG E 587 0.09 1.70 -7.09
N GLN E 588 0.29 2.35 -5.95
CA GLN E 588 -0.51 3.53 -5.61
C GLN E 588 -0.30 4.65 -6.62
N ARG E 589 0.96 4.86 -7.04
CA ARG E 589 1.25 5.90 -8.01
C ARG E 589 0.61 5.60 -9.36
N GLU E 590 0.65 4.33 -9.78
CA GLU E 590 -0.02 3.94 -11.01
C GLU E 590 -1.53 4.17 -10.92
N GLU E 591 -2.12 3.84 -9.76
CA GLU E 591 -3.54 4.08 -9.57
C GLU E 591 -3.88 5.56 -9.64
N SER E 592 -3.07 6.39 -8.98
CA SER E 592 -3.34 7.84 -8.97
C SER E 592 -3.12 8.45 -10.35
N TYR E 593 -2.16 7.96 -11.11
CA TYR E 593 -1.92 8.47 -12.45
C TYR E 593 -3.14 8.25 -13.35
N SER E 594 -3.75 7.07 -13.25
CA SER E 594 -4.94 6.77 -14.05
C SER E 594 -6.16 7.47 -13.50
N LYS F 69 120.00 -22.36 81.88
CA LYS F 69 121.43 -22.22 82.12
C LYS F 69 121.89 -20.78 81.89
N THR F 70 123.20 -20.57 81.99
CA THR F 70 123.82 -19.28 81.69
C THR F 70 124.64 -19.39 80.42
N PHE F 71 124.70 -18.29 79.67
CA PHE F 71 125.39 -18.26 78.37
C PHE F 71 124.84 -19.34 77.44
N THR F 72 123.52 -19.35 77.29
CA THR F 72 122.83 -20.32 76.47
C THR F 72 122.28 -19.67 75.22
N GLN F 73 121.91 -20.50 74.24
CA GLN F 73 121.32 -20.01 73.01
C GLN F 73 119.90 -19.49 73.21
N ARG F 74 119.26 -19.86 74.32
CA ARG F 74 117.96 -19.29 74.66
C ARG F 74 118.07 -17.83 75.10
N SER F 75 119.28 -17.36 75.40
CA SER F 75 119.53 -15.96 75.74
C SER F 75 120.17 -15.20 74.58
N ARG F 76 119.98 -15.69 73.36
CA ARG F 76 120.55 -15.08 72.17
C ARG F 76 119.52 -14.15 71.54
N LEU F 77 119.94 -12.92 71.27
CA LEU F 77 119.05 -11.90 70.72
C LEU F 77 119.50 -11.51 69.33
N PHE F 78 118.54 -11.39 68.42
CA PHE F 78 118.78 -10.93 67.06
C PHE F 78 118.39 -9.46 66.97
N VAL F 79 119.39 -8.59 66.79
CA VAL F 79 119.18 -7.15 66.76
C VAL F 79 119.23 -6.68 65.32
N GLY F 80 118.23 -5.89 64.91
CA GLY F 80 118.16 -5.37 63.57
C GLY F 80 117.82 -3.90 63.56
N ASN F 81 117.76 -3.33 62.36
CA ASN F 81 117.46 -1.92 62.15
C ASN F 81 118.44 -1.02 62.89
N LEU F 82 119.71 -1.43 62.91
CA LEU F 82 120.75 -0.65 63.56
C LEU F 82 121.15 0.54 62.70
N PRO F 83 121.52 1.67 63.32
CA PRO F 83 121.99 2.81 62.54
C PRO F 83 123.33 2.51 61.90
N PRO F 84 123.63 3.14 60.76
CA PRO F 84 124.90 2.82 60.07
C PRO F 84 126.15 3.18 60.86
N ASP F 85 126.05 4.10 61.83
CA ASP F 85 127.19 4.54 62.62
C ASP F 85 127.31 3.76 63.93
N ILE F 86 126.87 2.52 63.96
CA ILE F 86 126.90 1.70 65.16
C ILE F 86 128.31 1.15 65.37
N THR F 87 128.63 0.84 66.63
CA THR F 87 129.95 0.31 66.98
C THR F 87 129.81 -0.81 68.01
N GLU F 88 130.86 -1.62 68.12
CA GLU F 88 130.87 -2.71 69.10
C GLU F 88 130.84 -2.17 70.53
N GLU F 89 131.59 -1.10 70.79
CA GLU F 89 131.56 -0.49 72.11
C GLU F 89 130.16 0.04 72.44
N GLU F 90 129.45 0.54 71.42
CA GLU F 90 128.06 0.97 71.63
C GLU F 90 127.16 -0.22 71.96
N MET F 91 127.43 -1.38 71.34
CA MET F 91 126.73 -2.60 71.73
C MET F 91 126.98 -2.95 73.19
N ARG F 92 128.23 -2.85 73.64
CA ARG F 92 128.51 -3.18 75.03
C ARG F 92 127.89 -2.17 75.98
N LYS F 93 127.83 -0.89 75.58
CA LYS F 93 127.24 0.13 76.42
C LYS F 93 125.72 -0.02 76.52
N LEU F 94 125.06 -0.31 75.39
CA LEU F 94 123.60 -0.40 75.40
C LEU F 94 123.12 -1.53 76.28
N PHE F 95 123.79 -2.69 76.22
CA PHE F 95 123.44 -3.85 77.03
C PHE F 95 124.29 -3.93 78.30
N GLU F 96 124.86 -2.80 78.74
CA GLU F 96 125.64 -2.80 79.97
C GLU F 96 124.78 -3.13 81.18
N LYS F 97 123.54 -2.62 81.21
CA LYS F 97 122.64 -2.86 82.33
C LYS F 97 122.30 -4.33 82.49
N TYR F 98 122.46 -5.13 81.44
CA TYR F 98 122.17 -6.57 81.46
C TYR F 98 123.44 -7.39 81.58
N GLY F 99 124.40 -6.92 82.37
CA GLY F 99 125.62 -7.67 82.58
C GLY F 99 126.54 -7.64 81.37
N LYS F 100 127.37 -8.67 81.27
CA LYS F 100 128.35 -8.76 80.21
C LYS F 100 127.68 -9.07 78.87
N ALA F 101 128.50 -9.24 77.85
CA ALA F 101 128.05 -9.66 76.52
C ALA F 101 128.90 -10.83 76.05
N GLY F 102 128.32 -11.64 75.17
CA GLY F 102 129.03 -12.78 74.63
C GLY F 102 129.82 -12.41 73.38
N GLU F 103 129.55 -13.09 72.27
CA GLU F 103 130.16 -12.74 71.00
C GLU F 103 129.36 -11.62 70.35
N VAL F 104 130.03 -10.52 70.04
CA VAL F 104 129.38 -9.36 69.45
C VAL F 104 129.69 -9.40 67.95
N PHE F 105 128.81 -10.03 67.20
CA PHE F 105 128.91 -10.08 65.75
C PHE F 105 127.95 -9.04 65.16
N ILE F 106 128.51 -8.05 64.47
CA ILE F 106 127.74 -6.93 63.93
C ILE F 106 128.17 -6.70 62.50
N HIS F 107 127.19 -6.51 61.60
CA HIS F 107 127.46 -6.12 60.23
C HIS F 107 127.15 -4.63 60.10
N LYS F 108 128.13 -3.86 59.62
CA LYS F 108 127.99 -2.41 59.62
C LYS F 108 126.96 -1.93 58.59
N ASP F 109 127.06 -2.44 57.36
CA ASP F 109 126.25 -1.90 56.28
C ASP F 109 124.79 -2.33 56.37
N LYS F 110 124.53 -3.61 56.66
CA LYS F 110 123.17 -4.12 56.63
C LYS F 110 122.31 -3.63 57.79
N GLY F 111 122.90 -3.42 58.96
CA GLY F 111 122.15 -2.92 60.10
C GLY F 111 121.61 -3.97 61.04
N PHE F 112 122.10 -5.20 60.99
CA PHE F 112 121.72 -6.23 61.96
C PHE F 112 122.96 -6.98 62.39
N GLY F 113 122.88 -7.59 63.57
CA GLY F 113 124.02 -8.32 64.10
C GLY F 113 123.59 -9.30 65.17
N PHE F 114 124.55 -10.12 65.59
CA PHE F 114 124.33 -11.17 66.57
C PHE F 114 124.92 -10.76 67.91
N ILE F 115 124.14 -10.91 68.98
CA ILE F 115 124.57 -10.59 70.32
C ILE F 115 124.17 -11.73 71.25
N ARG F 116 124.98 -11.95 72.28
CA ARG F 116 124.74 -12.95 73.30
C ARG F 116 124.70 -12.29 74.68
N LEU F 117 123.75 -12.71 75.50
CA LEU F 117 123.53 -12.12 76.82
C LEU F 117 123.87 -13.13 77.91
N GLU F 118 123.58 -12.75 79.15
CA GLU F 118 124.02 -13.51 80.31
C GLU F 118 123.14 -14.73 80.57
N THR F 119 121.88 -14.49 80.94
CA THR F 119 120.98 -15.55 81.39
C THR F 119 119.66 -15.44 80.64
N ARG F 120 118.80 -16.43 80.87
CA ARG F 120 117.46 -16.41 80.27
C ARG F 120 116.65 -15.23 80.79
N THR F 121 116.70 -14.98 82.11
CA THR F 121 115.96 -13.87 82.69
C THR F 121 116.45 -12.54 82.13
N LEU F 122 117.77 -12.34 82.07
CA LEU F 122 118.31 -11.08 81.58
C LEU F 122 117.94 -10.85 80.12
N ALA F 123 118.00 -11.90 79.30
CA ALA F 123 117.59 -11.77 77.90
C ALA F 123 116.11 -11.44 77.78
N GLU F 124 115.27 -12.08 78.60
CA GLU F 124 113.85 -11.80 78.57
C GLU F 124 113.56 -10.34 78.91
N ILE F 125 114.24 -9.83 79.93
CA ILE F 125 114.07 -8.41 80.29
C ILE F 125 114.55 -7.51 79.16
N ALA F 126 115.75 -7.81 78.62
CA ALA F 126 116.40 -6.89 77.69
C ALA F 126 115.65 -6.82 76.36
N LYS F 127 115.27 -7.97 75.81
CA LYS F 127 114.58 -7.96 74.52
C LYS F 127 113.27 -7.20 74.60
N VAL F 128 112.51 -7.41 75.67
CA VAL F 128 111.21 -6.75 75.82
C VAL F 128 111.39 -5.26 76.06
N GLU F 129 112.34 -4.88 76.92
CA GLU F 129 112.51 -3.47 77.26
C GLU F 129 113.22 -2.67 76.18
N LEU F 130 113.92 -3.33 75.25
CA LEU F 130 114.75 -2.62 74.29
C LEU F 130 114.17 -2.57 72.88
N ASP F 131 112.98 -3.11 72.66
CA ASP F 131 112.33 -2.96 71.36
C ASP F 131 111.35 -1.79 71.38
N ASN F 132 111.04 -1.29 70.19
CA ASN F 132 110.11 -0.21 69.91
C ASN F 132 110.66 1.16 70.33
N MET F 133 111.82 1.22 70.98
CA MET F 133 112.39 2.51 71.38
C MET F 133 113.30 3.03 70.26
N PRO F 134 113.10 4.25 69.79
CA PRO F 134 113.92 4.77 68.69
C PRO F 134 115.37 4.96 69.12
N LEU F 135 116.27 4.83 68.15
CA LEU F 135 117.70 5.07 68.35
C LEU F 135 118.23 5.74 67.10
N ARG F 136 118.48 7.05 67.18
CA ARG F 136 118.95 7.86 66.05
C ARG F 136 118.00 7.74 64.86
N GLY F 137 116.74 8.08 65.11
CA GLY F 137 115.73 8.05 64.06
C GLY F 137 115.45 6.66 63.51
N LYS F 138 115.40 5.65 64.38
CA LYS F 138 115.16 4.27 63.94
C LYS F 138 114.62 3.49 65.13
N GLN F 139 113.36 3.07 65.04
CA GLN F 139 112.79 2.23 66.09
C GLN F 139 113.46 0.87 66.08
N LEU F 140 113.90 0.42 67.26
CA LEU F 140 114.70 -0.80 67.34
C LEU F 140 113.86 -2.03 67.02
N ARG F 141 114.44 -2.92 66.21
CA ARG F 141 113.82 -4.20 65.84
C ARG F 141 114.68 -5.31 66.42
N VAL F 142 114.38 -5.70 67.65
CA VAL F 142 115.06 -6.80 68.34
C VAL F 142 114.11 -7.99 68.39
N ARG F 143 114.57 -9.14 67.91
CA ARG F 143 113.75 -10.33 67.85
C ARG F 143 114.55 -11.52 68.35
N PHE F 144 113.89 -12.67 68.45
CA PHE F 144 114.55 -13.92 68.79
C PHE F 144 115.00 -14.62 67.52
N ALA F 145 116.32 -14.79 67.37
CA ALA F 145 116.83 -15.59 66.27
C ALA F 145 116.48 -17.06 66.49
N CYS F 146 116.07 -17.73 65.43
CA CYS F 146 115.70 -19.12 65.53
C CYS F 146 116.91 -19.96 65.93
N HIS F 147 116.68 -20.94 66.81
CA HIS F 147 117.76 -21.80 67.26
C HIS F 147 118.26 -22.66 66.11
N SER F 148 119.58 -22.77 66.00
CA SER F 148 120.20 -23.46 64.87
C SER F 148 120.51 -24.92 65.14
N ALA F 149 120.82 -25.28 66.39
CA ALA F 149 121.17 -26.65 66.75
C ALA F 149 119.99 -27.43 67.34
N SER F 150 118.77 -27.11 66.92
CA SER F 150 117.60 -27.76 67.47
C SER F 150 117.34 -29.10 66.79
N LEU F 151 116.90 -30.07 67.58
CA LEU F 151 116.57 -31.40 67.08
C LEU F 151 115.22 -31.83 67.65
N THR F 152 114.53 -32.68 66.92
CA THR F 152 113.32 -33.33 67.39
C THR F 152 113.49 -34.85 67.27
N VAL F 153 113.03 -35.58 68.28
CA VAL F 153 113.19 -37.02 68.34
C VAL F 153 111.81 -37.65 68.53
N ARG F 154 111.53 -38.68 67.74
CA ARG F 154 110.21 -39.30 67.66
C ARG F 154 110.31 -40.78 68.03
N ASN F 155 109.13 -41.40 68.17
CA ASN F 155 109.03 -42.82 68.55
C ASN F 155 109.74 -43.11 69.87
N LEU F 156 109.58 -42.20 70.83
CA LEU F 156 110.22 -42.37 72.12
C LEU F 156 109.64 -43.58 72.84
N PRO F 157 110.41 -44.19 73.73
CA PRO F 157 109.91 -45.34 74.50
C PRO F 157 108.70 -44.96 75.34
N GLN F 158 108.00 -45.99 75.83
CA GLN F 158 106.80 -45.76 76.62
C GLN F 158 107.10 -44.91 77.85
N TYR F 159 108.27 -45.09 78.45
CA TYR F 159 108.68 -44.31 79.61
C TYR F 159 109.88 -43.46 79.22
N VAL F 160 109.81 -42.16 79.53
CA VAL F 160 110.88 -41.22 79.19
C VAL F 160 111.03 -40.22 80.31
N SER F 161 112.22 -39.63 80.39
CA SER F 161 112.51 -38.56 81.34
C SER F 161 113.37 -37.52 80.66
N ASN F 162 113.30 -36.29 81.17
CA ASN F 162 114.12 -35.21 80.62
C ASN F 162 115.60 -35.54 80.79
N GLU F 163 115.99 -36.08 81.95
CA GLU F 163 117.37 -36.44 82.19
C GLU F 163 117.83 -37.57 81.29
N LEU F 164 116.93 -38.49 80.93
CA LEU F 164 117.30 -39.57 80.03
C LEU F 164 117.77 -39.02 78.68
N LEU F 165 117.01 -38.08 78.11
CA LEU F 165 117.43 -37.48 76.86
C LEU F 165 118.63 -36.57 77.04
N GLU F 166 118.72 -35.89 78.19
CA GLU F 166 119.85 -34.99 78.42
C GLU F 166 121.16 -35.76 78.48
N GLU F 167 121.15 -36.93 79.12
CA GLU F 167 122.36 -37.74 79.22
C GLU F 167 122.61 -38.57 77.96
N ALA F 168 121.55 -39.07 77.33
CA ALA F 168 121.72 -39.88 76.12
C ALA F 168 122.36 -39.08 75.00
N PHE F 169 121.88 -37.86 74.79
CA PHE F 169 122.39 -37.02 73.71
C PHE F 169 123.61 -36.21 74.13
N SER F 170 124.03 -36.30 75.40
CA SER F 170 125.26 -35.63 75.80
C SER F 170 126.49 -36.34 75.25
N VAL F 171 126.33 -37.54 74.71
CA VAL F 171 127.45 -38.24 74.09
C VAL F 171 127.97 -37.45 72.90
N PHE F 172 127.06 -36.82 72.15
CA PHE F 172 127.42 -36.10 70.93
C PHE F 172 127.74 -34.64 71.16
N GLY F 173 127.60 -34.14 72.38
CA GLY F 173 127.89 -32.74 72.65
C GLY F 173 127.28 -32.32 73.98
N GLN F 174 127.16 -31.01 74.15
CA GLN F 174 126.58 -30.44 75.35
C GLN F 174 125.09 -30.19 75.12
N VAL F 175 124.26 -30.79 75.97
CA VAL F 175 122.80 -30.70 75.83
C VAL F 175 122.34 -29.57 76.75
N GLU F 176 122.08 -28.40 76.17
CA GLU F 176 121.50 -27.31 76.94
C GLU F 176 120.13 -27.67 77.45
N ARG F 177 119.31 -28.33 76.63
CA ARG F 177 117.98 -28.74 77.02
C ARG F 177 117.53 -29.90 76.14
N ALA F 178 116.89 -30.88 76.76
CA ALA F 178 116.26 -32.00 76.04
C ALA F 178 115.02 -32.39 76.83
N VAL F 179 113.85 -31.97 76.36
CA VAL F 179 112.61 -32.11 77.10
C VAL F 179 111.59 -32.84 76.24
N VAL F 180 110.96 -33.86 76.82
CA VAL F 180 109.88 -34.59 76.16
C VAL F 180 108.64 -33.71 76.13
N ILE F 181 108.00 -33.63 74.96
CA ILE F 181 106.73 -32.93 74.87
C ILE F 181 105.67 -33.73 75.62
N VAL F 182 105.02 -33.09 76.60
CA VAL F 182 104.05 -33.74 77.47
C VAL F 182 102.76 -32.94 77.45
N ASP F 183 101.64 -33.63 77.33
CA ASP F 183 100.33 -32.99 77.21
C ASP F 183 99.86 -32.49 78.57
N ASP F 184 98.61 -32.03 78.64
CA ASP F 184 98.07 -31.49 79.88
C ASP F 184 97.98 -32.55 80.97
N ARG F 185 97.52 -33.75 80.62
CA ARG F 185 97.33 -34.80 81.62
C ARG F 185 98.65 -35.21 82.26
N GLY F 186 99.71 -35.31 81.48
CA GLY F 186 100.99 -35.79 81.96
C GLY F 186 101.53 -37.00 81.21
N ARG F 187 100.72 -37.64 80.38
CA ARG F 187 101.20 -38.73 79.56
C ARG F 187 102.14 -38.21 78.49
N PRO F 188 103.34 -38.78 78.38
CA PRO F 188 104.25 -38.36 77.31
C PRO F 188 103.65 -38.63 75.94
N SER F 189 103.88 -37.69 75.02
CA SER F 189 103.30 -37.79 73.68
C SER F 189 104.15 -38.63 72.74
N GLY F 190 105.29 -39.14 73.19
CA GLY F 190 106.19 -39.86 72.32
C GLY F 190 107.06 -38.97 71.46
N LYS F 191 106.98 -37.66 71.65
CA LYS F 191 107.78 -36.69 70.89
C LYS F 191 108.75 -36.01 71.83
N GLY F 192 109.94 -35.74 71.32
CA GLY F 192 110.98 -35.11 72.12
C GLY F 192 111.65 -33.99 71.38
N ILE F 193 112.06 -32.97 72.13
CA ILE F 193 112.72 -31.79 71.59
C ILE F 193 114.08 -31.64 72.28
N VAL F 194 115.15 -31.66 71.50
CA VAL F 194 116.51 -31.54 72.00
C VAL F 194 117.19 -30.39 71.27
N GLU F 195 117.79 -29.48 72.03
CA GLU F 195 118.52 -28.34 71.47
C GLU F 195 120.00 -28.48 71.83
N PHE F 196 120.84 -28.70 70.82
CA PHE F 196 122.28 -28.72 71.00
C PHE F 196 122.81 -27.28 71.08
N SER F 197 124.12 -27.15 71.21
CA SER F 197 124.75 -25.84 71.24
C SER F 197 125.38 -25.48 69.91
N GLY F 198 126.20 -26.37 69.35
CA GLY F 198 126.88 -26.14 68.09
C GLY F 198 126.21 -26.87 66.96
N LYS F 199 126.12 -26.19 65.81
CA LYS F 199 125.53 -26.80 64.62
C LYS F 199 126.25 -28.05 64.15
N PRO F 200 127.60 -28.09 64.08
CA PRO F 200 128.24 -29.34 63.64
C PRO F 200 127.93 -30.53 64.54
N ALA F 201 127.82 -30.32 65.85
CA ALA F 201 127.45 -31.41 66.75
C ALA F 201 126.05 -31.91 66.45
N ALA F 202 125.11 -30.98 66.18
CA ALA F 202 123.76 -31.37 65.83
C ALA F 202 123.74 -32.15 64.52
N ARG F 203 124.51 -31.71 63.52
CA ARG F 203 124.57 -32.44 62.26
C ARG F 203 125.16 -33.82 62.44
N LYS F 204 126.20 -33.95 63.27
CA LYS F 204 126.79 -35.26 63.54
C LYS F 204 125.80 -36.17 64.23
N ALA F 205 125.06 -35.64 65.22
CA ALA F 205 124.05 -36.44 65.89
C ALA F 205 122.97 -36.90 64.92
N LEU F 206 122.52 -35.99 64.04
CA LEU F 206 121.50 -36.34 63.07
C LEU F 206 121.97 -37.44 62.14
N ASP F 207 123.16 -37.28 61.55
CA ASP F 207 123.63 -38.26 60.58
C ASP F 207 123.91 -39.60 61.24
N ARG F 208 124.45 -39.59 62.47
CA ARG F 208 124.73 -40.86 63.14
C ARG F 208 123.45 -41.58 63.53
N CYS F 209 122.48 -40.85 64.12
CA CYS F 209 121.20 -41.47 64.45
C CYS F 209 120.46 -41.94 63.20
N SER F 210 120.73 -41.34 62.04
CA SER F 210 120.15 -41.85 60.81
C SER F 210 120.83 -43.15 60.40
N GLU F 211 122.15 -43.10 60.18
CA GLU F 211 122.86 -44.30 59.72
C GLU F 211 122.96 -45.35 60.83
N GLY F 212 123.05 -44.94 62.09
CA GLY F 212 123.06 -45.85 63.21
C GLY F 212 121.69 -45.96 63.85
N SER F 213 121.64 -46.75 64.93
CA SER F 213 120.40 -47.03 65.64
C SER F 213 120.57 -46.59 67.09
N PHE F 214 120.29 -45.32 67.37
CA PHE F 214 120.46 -44.78 68.72
C PHE F 214 119.24 -45.14 69.54
N LEU F 215 119.41 -46.08 70.46
CA LEU F 215 118.35 -46.50 71.37
C LEU F 215 118.55 -45.84 72.71
N LEU F 216 117.46 -45.71 73.48
CA LEU F 216 117.57 -45.09 74.80
C LEU F 216 117.63 -46.14 75.90
N THR F 217 116.79 -47.16 75.81
CA THR F 217 116.64 -48.15 76.87
C THR F 217 116.88 -49.53 76.29
N THR F 218 116.68 -50.56 77.12
CA THR F 218 116.82 -51.93 76.64
C THR F 218 115.73 -52.30 75.64
N PHE F 219 114.54 -51.73 75.82
CA PHE F 219 113.42 -51.93 74.89
C PHE F 219 113.88 -51.53 73.49
N PRO F 220 114.04 -52.49 72.60
CA PRO F 220 114.72 -52.24 71.31
C PRO F 220 113.86 -51.49 70.31
N ARG F 221 113.71 -50.18 70.54
CA ARG F 221 113.11 -49.29 69.55
C ARG F 221 114.03 -48.10 69.33
N PRO F 222 114.83 -48.10 68.26
CA PRO F 222 115.66 -46.93 67.96
C PRO F 222 114.80 -45.70 67.74
N VAL F 223 115.26 -44.58 68.32
CA VAL F 223 114.54 -43.31 68.24
C VAL F 223 115.00 -42.60 66.97
N THR F 224 114.05 -42.38 66.05
CA THR F 224 114.36 -41.66 64.83
C THR F 224 114.56 -40.18 65.11
N VAL F 225 115.52 -39.57 64.42
CA VAL F 225 115.89 -38.17 64.63
C VAL F 225 115.85 -37.45 63.30
N GLU F 226 115.18 -36.31 63.27
CA GLU F 226 115.08 -35.45 62.10
C GLU F 226 115.25 -34.01 62.52
N PRO F 227 115.68 -33.13 61.62
CA PRO F 227 115.78 -31.71 61.97
C PRO F 227 114.41 -31.13 62.30
N MET F 228 114.40 -30.24 63.28
CA MET F 228 113.15 -29.64 63.75
C MET F 228 112.81 -28.39 62.93
N ASP F 229 111.55 -28.30 62.53
CA ASP F 229 111.05 -27.10 61.88
C ASP F 229 110.65 -26.08 62.95
N GLN F 230 111.08 -24.83 62.77
CA GLN F 230 110.82 -23.76 63.73
C GLN F 230 109.55 -23.04 63.29
N LEU F 231 108.43 -23.41 63.89
CA LEU F 231 107.16 -22.71 63.65
C LEU F 231 107.14 -21.45 64.50
N ASP F 232 106.79 -20.33 63.88
CA ASP F 232 106.81 -19.03 64.55
C ASP F 232 105.37 -18.56 64.75
N ASP F 233 105.02 -18.24 66.00
CA ASP F 233 103.73 -17.66 66.34
C ASP F 233 103.87 -16.39 67.16
N GLU F 234 105.09 -15.89 67.33
CA GLU F 234 105.32 -14.66 68.10
C GLU F 234 104.98 -13.43 67.27
N GLU F 235 105.68 -13.25 66.14
CA GLU F 235 105.41 -12.11 65.26
C GLU F 235 104.14 -12.28 64.45
N GLY F 236 103.62 -13.51 64.33
CA GLY F 236 102.40 -13.72 63.56
C GLY F 236 102.61 -13.36 62.10
N LEU F 237 101.70 -12.56 61.56
CA LEU F 237 101.80 -12.08 60.18
C LEU F 237 101.21 -10.68 60.13
N PRO F 238 102.03 -9.66 60.36
CA PRO F 238 101.52 -8.28 60.31
C PRO F 238 101.14 -7.86 58.90
N GLU F 239 100.25 -6.86 58.83
CA GLU F 239 99.74 -6.41 57.54
C GLU F 239 100.84 -5.85 56.66
N LYS F 240 101.76 -5.08 57.25
CA LYS F 240 102.78 -4.41 56.45
C LYS F 240 103.77 -5.37 55.83
N LEU F 241 103.92 -6.58 56.39
CA LEU F 241 104.81 -7.57 55.81
C LEU F 241 104.19 -8.32 54.64
N VAL F 242 102.90 -8.14 54.39
CA VAL F 242 102.26 -8.77 53.24
C VAL F 242 102.74 -8.10 51.96
N ILE F 243 102.80 -8.88 50.87
CA ILE F 243 103.23 -8.34 49.58
C ILE F 243 102.30 -7.23 49.12
N LYS F 244 101.00 -7.38 49.38
CA LYS F 244 100.00 -6.37 49.00
C LYS F 244 100.00 -6.13 47.50
N ASN F 245 100.19 -7.20 46.73
CA ASN F 245 100.27 -7.10 45.28
C ASN F 245 98.86 -7.12 44.68
N GLN F 246 98.78 -7.24 43.36
CA GLN F 246 97.48 -7.26 42.69
C GLN F 246 96.65 -8.47 43.11
N GLN F 247 97.31 -9.59 43.42
CA GLN F 247 96.58 -10.76 43.90
C GLN F 247 95.89 -10.48 45.23
N PHE F 248 96.51 -9.71 46.12
CA PHE F 248 95.89 -9.39 47.40
C PHE F 248 94.59 -8.64 47.18
N HIS F 249 94.59 -7.65 46.28
CA HIS F 249 93.34 -6.97 45.93
C HIS F 249 92.36 -7.93 45.26
N LYS F 250 92.88 -8.81 44.40
CA LYS F 250 92.04 -9.81 43.77
C LYS F 250 91.42 -10.75 44.80
N GLU F 251 92.19 -11.13 45.81
CA GLU F 251 91.70 -12.01 46.86
C GLU F 251 90.98 -11.26 47.98
N ARG F 252 90.88 -9.94 47.90
CA ARG F 252 90.18 -9.14 48.91
C ARG F 252 89.19 -8.18 48.26
N GLU F 253 88.41 -8.69 47.30
CA GLU F 253 87.33 -7.89 46.73
C GLU F 253 86.16 -7.77 47.69
N GLN F 254 86.15 -8.56 48.76
CA GLN F 254 85.01 -8.72 49.63
C GLN F 254 85.44 -9.03 51.06
N PRO F 255 84.61 -8.72 52.05
CA PRO F 255 84.92 -9.07 53.43
C PRO F 255 84.45 -10.47 53.77
N PRO F 256 85.18 -11.19 54.61
CA PRO F 256 84.82 -12.59 54.91
C PRO F 256 83.43 -12.72 55.48
N ARG F 257 82.75 -13.81 55.14
CA ARG F 257 81.34 -13.95 55.47
C ARG F 257 80.96 -15.42 55.42
N PHE F 258 79.71 -15.71 55.76
CA PHE F 258 79.15 -17.04 55.57
C PHE F 258 78.87 -17.31 54.09
N ALA F 259 78.81 -18.60 53.74
CA ALA F 259 78.47 -19.00 52.39
C ALA F 259 76.97 -19.20 52.28
N GLN F 260 76.36 -18.57 51.28
CA GLN F 260 74.92 -18.68 51.11
C GLN F 260 74.57 -20.01 50.48
N PRO F 261 73.73 -20.83 51.11
CA PRO F 261 73.42 -22.15 50.55
C PRO F 261 72.74 -22.07 49.20
N GLY F 262 73.07 -23.02 48.33
CA GLY F 262 72.49 -23.07 47.00
C GLY F 262 73.22 -22.27 45.95
N SER F 263 74.30 -21.58 46.30
CA SER F 263 75.04 -20.76 45.36
C SER F 263 76.38 -21.42 45.03
N PHE F 264 77.15 -20.75 44.17
CA PHE F 264 78.43 -21.28 43.72
C PHE F 264 79.40 -21.47 44.87
N GLU F 265 79.51 -20.46 45.74
CA GLU F 265 80.49 -20.54 46.82
C GLU F 265 80.16 -21.68 47.78
N TYR F 266 78.87 -21.90 48.05
CA TYR F 266 78.50 -22.97 48.96
C TYR F 266 78.85 -24.34 48.42
N GLU F 267 78.54 -24.60 47.14
CA GLU F 267 78.83 -25.92 46.59
C GLU F 267 80.33 -26.14 46.45
N TYR F 268 81.07 -25.10 46.06
CA TYR F 268 82.52 -25.28 45.97
C TYR F 268 83.15 -25.47 47.34
N ALA F 269 82.67 -24.76 48.36
CA ALA F 269 83.15 -24.96 49.72
C ALA F 269 82.81 -26.36 50.21
N MET F 270 81.64 -26.88 49.80
CA MET F 270 81.31 -28.26 50.15
C MET F 270 82.29 -29.23 49.49
N ARG F 271 82.69 -28.95 48.26
CA ARG F 271 83.70 -29.80 47.60
C ARG F 271 85.01 -29.78 48.38
N TRP F 272 85.45 -28.59 48.80
CA TRP F 272 86.66 -28.50 49.60
C TRP F 272 86.51 -29.20 50.95
N LYS F 273 85.34 -29.10 51.57
CA LYS F 273 85.10 -29.78 52.83
C LYS F 273 85.15 -31.29 52.65
N ALA F 274 84.61 -31.80 51.54
CA ALA F 274 84.72 -33.22 51.24
C ALA F 274 86.17 -33.63 51.07
N LEU F 275 86.95 -32.80 50.38
CA LEU F 275 88.37 -33.10 50.23
C LEU F 275 89.08 -33.14 51.58
N ILE F 276 88.73 -32.21 52.47
CA ILE F 276 89.37 -32.17 53.78
C ILE F 276 88.97 -33.38 54.62
N GLU F 277 87.71 -33.79 54.52
CA GLU F 277 87.27 -34.99 55.24
C GLU F 277 87.98 -36.22 54.72
N MET F 278 88.16 -36.31 53.40
CA MET F 278 88.96 -37.39 52.84
C MET F 278 90.40 -37.33 53.33
N GLU F 279 90.92 -36.10 53.51
CA GLU F 279 92.24 -35.92 54.10
C GLU F 279 92.32 -36.56 55.48
N LYS F 280 91.36 -36.21 56.33
CA LYS F 280 91.35 -36.74 57.69
C LYS F 280 91.23 -38.26 57.67
N GLN F 281 90.37 -38.79 56.78
CA GLN F 281 90.18 -40.22 56.70
C GLN F 281 91.47 -40.94 56.28
N GLN F 282 92.17 -40.40 55.28
CA GLN F 282 93.40 -41.03 54.82
C GLN F 282 94.48 -40.99 55.90
N GLN F 283 94.59 -39.86 56.60
CA GLN F 283 95.58 -39.77 57.67
C GLN F 283 95.26 -40.75 58.79
N ASP F 284 93.98 -40.88 59.14
CA ASP F 284 93.59 -41.85 60.15
C ASP F 284 93.86 -43.28 59.69
N GLN F 285 93.66 -43.56 58.40
CA GLN F 285 93.95 -44.89 57.88
C GLN F 285 95.43 -45.23 57.98
N VAL F 286 96.30 -44.28 57.60
CA VAL F 286 97.74 -44.52 57.75
C VAL F 286 98.10 -44.68 59.21
N ASP F 287 97.45 -43.91 60.09
CA ASP F 287 97.69 -44.06 61.52
C ASP F 287 97.32 -45.46 62.00
N ARG F 288 96.18 -45.97 61.55
CA ARG F 288 95.75 -47.31 61.93
C ARG F 288 96.71 -48.37 61.40
N ASN F 289 97.18 -48.22 60.16
CA ASN F 289 98.13 -49.17 59.60
C ASN F 289 99.41 -49.20 60.42
N ILE F 290 99.93 -48.02 60.76
CA ILE F 290 101.17 -47.98 61.53
C ILE F 290 100.95 -48.53 62.92
N LYS F 291 99.79 -48.26 63.53
CA LYS F 291 99.51 -48.77 64.86
C LYS F 291 99.46 -50.29 64.86
N GLU F 292 98.79 -50.89 63.86
CA GLU F 292 98.71 -52.35 63.84
C GLU F 292 100.07 -52.97 63.53
N ALA F 293 100.86 -52.34 62.65
CA ALA F 293 102.20 -52.86 62.38
C ALA F 293 103.07 -52.80 63.64
N ARG F 294 102.99 -51.70 64.38
CA ARG F 294 103.74 -51.58 65.62
C ARG F 294 103.32 -52.62 66.64
N GLU F 295 102.00 -52.85 66.77
CA GLU F 295 101.52 -53.84 67.72
C GLU F 295 101.97 -55.24 67.32
N LYS F 296 101.94 -55.54 66.02
CA LYS F 296 102.39 -56.87 65.56
C LYS F 296 103.88 -57.06 65.83
N LEU F 297 104.70 -56.04 65.57
CA LEU F 297 106.12 -56.15 65.88
C LEU F 297 106.35 -56.26 67.38
N GLU F 298 105.52 -55.61 68.20
CA GLU F 298 105.65 -55.77 69.65
C GLU F 298 105.28 -57.17 70.09
N MET F 299 104.34 -57.81 69.39
CA MET F 299 103.98 -59.19 69.72
C MET F 299 105.14 -60.13 69.46
N GLU F 300 105.92 -59.88 68.41
CA GLU F 300 107.00 -60.77 67.98
C GLU F 300 108.30 -60.52 68.75
N MET F 301 108.23 -59.84 69.90
CA MET F 301 109.43 -59.60 70.69
C MET F 301 110.04 -60.89 71.21
N GLU F 302 109.30 -61.61 72.06
CA GLU F 302 109.89 -62.75 72.75
C GLU F 302 110.32 -63.84 71.78
N ALA F 303 109.52 -64.09 70.75
CA ALA F 303 109.85 -65.14 69.79
C ALA F 303 111.18 -64.85 69.08
N ALA F 304 111.33 -63.63 68.55
CA ALA F 304 112.58 -63.29 67.87
C ALA F 304 113.75 -63.27 68.83
N ARG F 305 113.56 -62.74 70.04
CA ARG F 305 114.64 -62.70 71.02
C ARG F 305 115.13 -64.11 71.34
N HIS F 306 114.19 -65.02 71.60
CA HIS F 306 114.58 -66.38 71.97
C HIS F 306 115.18 -67.12 70.77
N GLU F 307 114.67 -66.85 69.57
CA GLU F 307 115.23 -67.49 68.38
C GLU F 307 116.67 -67.07 68.18
N HIS F 308 116.96 -65.78 68.37
CA HIS F 308 118.34 -65.34 68.24
C HIS F 308 119.20 -65.84 69.38
N GLN F 309 118.64 -65.98 70.59
CA GLN F 309 119.39 -66.56 71.69
C GLN F 309 119.79 -68.00 71.39
N VAL F 310 118.85 -68.80 70.88
CA VAL F 310 119.15 -70.20 70.62
C VAL F 310 120.11 -70.33 69.45
N MET F 311 119.98 -69.47 68.43
CA MET F 311 120.96 -69.51 67.34
C MET F 311 122.34 -69.11 67.84
N LEU F 312 122.39 -68.14 68.75
CA LEU F 312 123.67 -67.70 69.32
C LEU F 312 124.34 -68.85 70.08
N MET F 313 123.59 -69.54 70.93
CA MET F 313 124.21 -70.64 71.68
C MET F 313 124.57 -71.80 70.78
N ARG F 314 123.77 -72.05 69.73
CA ARG F 314 124.13 -73.09 68.77
C ARG F 314 125.44 -72.75 68.07
N GLN F 315 125.60 -71.50 67.63
CA GLN F 315 126.84 -71.10 66.97
C GLN F 315 128.02 -71.17 67.93
N ASP F 316 127.80 -70.77 69.19
CA ASP F 316 128.88 -70.83 70.18
C ASP F 316 129.33 -72.27 70.42
N LEU F 317 128.37 -73.18 70.58
CA LEU F 317 128.73 -74.58 70.78
C LEU F 317 129.41 -75.17 69.54
N MET F 318 128.97 -74.77 68.35
CA MET F 318 129.64 -75.22 67.13
C MET F 318 131.09 -74.75 67.12
N ARG F 319 131.32 -73.48 67.47
CA ARG F 319 132.68 -72.96 67.51
C ARG F 319 133.53 -73.69 68.54
N ARG F 320 132.96 -73.93 69.73
CA ARG F 320 133.72 -74.62 70.78
C ARG F 320 134.05 -76.05 70.37
N GLN F 321 133.11 -76.76 69.75
CA GLN F 321 133.39 -78.13 69.33
C GLN F 321 134.41 -78.16 68.20
N GLU F 322 134.35 -77.19 67.27
CA GLU F 322 135.36 -77.11 66.23
C GLU F 322 136.74 -76.85 66.83
N GLU F 323 136.82 -75.95 67.80
CA GLU F 323 138.09 -75.67 68.46
C GLU F 323 138.62 -76.90 69.18
N LEU F 324 137.73 -77.62 69.89
CA LEU F 324 138.14 -78.82 70.59
C LEU F 324 138.68 -79.88 69.63
N ARG F 325 137.96 -80.11 68.52
CA ARG F 325 138.43 -81.07 67.53
C ARG F 325 139.77 -80.65 66.94
N ARG F 326 139.92 -79.36 66.64
CA ARG F 326 141.16 -78.88 66.04
C ARG F 326 142.34 -79.07 66.99
N MET F 327 142.17 -78.72 68.27
CA MET F 327 143.29 -78.84 69.21
C MET F 327 143.60 -80.31 69.48
N GLU F 328 142.56 -81.16 69.55
CA GLU F 328 142.82 -82.58 69.75
C GLU F 328 143.58 -83.18 68.57
N GLU F 329 143.19 -82.83 67.34
CA GLU F 329 143.91 -83.33 66.17
C GLU F 329 145.33 -82.81 66.13
N LEU F 330 145.53 -81.53 66.46
CA LEU F 330 146.88 -80.96 66.48
C LEU F 330 147.75 -81.68 67.51
N HIS F 331 147.22 -81.91 68.71
CA HIS F 331 147.99 -82.60 69.74
C HIS F 331 148.31 -84.03 69.31
N ASN F 332 147.33 -84.72 68.72
CA ASN F 332 147.58 -86.09 68.27
C ASN F 332 148.66 -86.14 67.20
N GLN F 333 148.60 -85.23 66.22
CA GLN F 333 149.60 -85.28 65.15
C GLN F 333 150.98 -84.87 65.65
N GLU F 334 151.05 -83.93 66.60
CA GLU F 334 152.37 -83.54 67.09
C GLU F 334 152.98 -84.62 67.97
N VAL F 335 152.17 -85.30 68.80
CA VAL F 335 152.74 -86.41 69.57
C VAL F 335 153.12 -87.56 68.65
N GLN F 336 152.36 -87.79 67.58
CA GLN F 336 152.72 -88.83 66.62
C GLN F 336 154.05 -88.51 65.94
N LYS F 337 154.23 -87.27 65.49
CA LYS F 337 155.48 -86.89 64.84
C LYS F 337 156.64 -86.85 65.83
N ARG F 338 156.38 -86.61 67.11
CA ARG F 338 157.44 -86.68 68.11
C ARG F 338 157.85 -88.13 68.37
N LYS F 339 156.88 -89.05 68.45
CA LYS F 339 157.20 -90.44 68.71
C LYS F 339 157.82 -91.11 67.50
N GLN F 340 157.51 -90.65 66.29
CA GLN F 340 158.11 -91.24 65.10
C GLN F 340 159.62 -90.99 65.06
N LEU F 341 160.05 -89.79 65.41
CA LEU F 341 161.47 -89.45 65.40
C LEU F 341 162.19 -90.08 66.59
N LYS G 287 53.96 -25.99 87.23
CA LYS G 287 55.16 -25.27 86.86
C LYS G 287 54.84 -23.82 86.46
N THR G 288 55.88 -23.05 86.18
CA THR G 288 55.74 -21.64 85.83
C THR G 288 56.52 -21.34 84.56
N TYR G 289 56.06 -20.32 83.84
CA TYR G 289 56.74 -19.81 82.64
C TYR G 289 56.91 -20.92 81.60
N THR G 290 55.89 -21.74 81.43
CA THR G 290 55.95 -22.86 80.51
C THR G 290 55.23 -22.52 79.20
N GLN G 291 55.11 -23.52 78.33
CA GLN G 291 54.40 -23.33 77.06
C GLN G 291 52.91 -23.13 77.28
N ARG G 292 52.34 -23.71 78.33
CA ARG G 292 50.89 -23.65 78.55
C ARG G 292 50.40 -22.25 78.88
N CYS G 293 51.29 -21.35 79.29
CA CYS G 293 50.90 -19.97 79.54
C CYS G 293 51.07 -19.06 78.33
N ARG G 294 51.68 -19.56 77.25
CA ARG G 294 51.83 -18.77 76.05
C ARG G 294 50.47 -18.47 75.44
N LEU G 295 50.33 -17.29 74.86
CA LEU G 295 49.07 -16.88 74.24
C LEU G 295 49.35 -16.05 73.00
N PHE G 296 48.61 -16.33 71.93
CA PHE G 296 48.76 -15.63 70.66
C PHE G 296 47.92 -14.37 70.68
N VAL G 297 48.56 -13.22 70.55
CA VAL G 297 47.88 -11.93 70.59
C VAL G 297 47.74 -11.47 69.13
N GLY G 298 46.58 -11.80 68.54
CA GLY G 298 46.32 -11.43 67.18
C GLY G 298 45.74 -10.04 67.03
N ASN G 299 45.67 -9.59 65.78
CA ASN G 299 45.12 -8.27 65.43
C ASN G 299 45.86 -7.14 66.12
N LEU G 300 47.16 -7.32 66.37
CA LEU G 300 47.96 -6.29 67.01
C LEU G 300 48.29 -5.18 65.99
N PRO G 301 48.36 -3.93 66.44
CA PRO G 301 48.77 -2.86 65.53
C PRO G 301 50.21 -3.02 65.07
N ALA G 302 50.49 -2.53 63.87
CA ALA G 302 51.84 -2.62 63.33
C ALA G 302 52.82 -1.81 64.17
N ASP G 303 52.42 -0.61 64.60
CA ASP G 303 53.29 0.28 65.36
C ASP G 303 53.10 0.02 66.85
N ILE G 304 53.77 -1.03 67.33
CA ILE G 304 53.81 -1.37 68.74
C ILE G 304 55.25 -1.69 69.11
N THR G 305 55.55 -1.55 70.40
CA THR G 305 56.88 -1.83 70.92
C THR G 305 56.78 -2.84 72.06
N GLU G 306 57.93 -3.35 72.47
CA GLU G 306 57.97 -4.37 73.52
C GLU G 306 57.41 -3.83 74.84
N ASP G 307 57.80 -2.60 75.20
CA ASP G 307 57.27 -2.00 76.42
C ASP G 307 55.77 -1.80 76.33
N GLU G 308 55.27 -1.37 75.18
CA GLU G 308 53.83 -1.24 74.99
C GLU G 308 53.13 -2.59 75.10
N PHE G 309 53.73 -3.63 74.49
CA PHE G 309 53.16 -4.96 74.60
C PHE G 309 53.23 -5.47 76.03
N LYS G 310 54.35 -5.21 76.72
CA LYS G 310 54.51 -5.69 78.10
C LYS G 310 53.53 -5.01 79.05
N ARG G 311 53.20 -3.74 78.81
CA ARG G 311 52.30 -3.02 79.71
C ARG G 311 50.92 -3.65 79.76
N LEU G 312 50.53 -4.36 78.69
CA LEU G 312 49.24 -5.04 78.68
C LEU G 312 49.18 -6.11 79.76
N PHE G 313 50.26 -6.86 79.94
CA PHE G 313 50.33 -7.94 80.91
C PHE G 313 51.12 -7.57 82.16
N ALA G 314 51.41 -6.28 82.35
CA ALA G 314 52.11 -5.86 83.57
C ALA G 314 51.23 -6.00 84.80
N LYS G 315 49.90 -5.99 84.62
CA LYS G 315 48.99 -6.16 85.75
C LYS G 315 49.08 -7.55 86.36
N TYR G 316 49.42 -8.55 85.54
CA TYR G 316 49.41 -9.95 85.96
C TYR G 316 50.81 -10.44 86.33
N GLY G 317 51.63 -9.58 86.93
CA GLY G 317 52.97 -9.97 87.32
C GLY G 317 53.99 -9.69 86.24
N GLU G 318 55.16 -10.29 86.41
CA GLU G 318 56.26 -10.09 85.48
C GLU G 318 55.99 -10.84 84.18
N PRO G 319 55.94 -10.15 83.04
CA PRO G 319 55.75 -10.85 81.76
C PRO G 319 56.92 -11.75 81.45
N GLY G 320 56.63 -12.83 80.73
CA GLY G 320 57.65 -13.82 80.40
C GLY G 320 58.34 -13.55 79.08
N GLU G 321 58.52 -14.61 78.29
CA GLU G 321 59.21 -14.49 77.02
C GLU G 321 58.37 -13.66 76.04
N VAL G 322 59.03 -12.73 75.36
CA VAL G 322 58.37 -11.79 74.45
C VAL G 322 58.94 -11.99 73.06
N PHE G 323 58.06 -12.22 72.08
CA PHE G 323 58.44 -12.38 70.68
C PHE G 323 57.44 -11.61 69.83
N ILE G 324 57.93 -10.58 69.14
CA ILE G 324 57.08 -9.65 68.41
C ILE G 324 57.43 -9.71 66.93
N ASN G 325 56.42 -9.79 66.08
CA ASN G 325 56.57 -9.76 64.63
C ASN G 325 55.71 -8.62 64.10
N LYS G 326 56.35 -7.50 63.74
CA LYS G 326 55.62 -6.33 63.30
C LYS G 326 55.06 -6.47 61.90
N GLY G 327 55.62 -7.36 61.08
CA GLY G 327 55.16 -7.48 59.70
C GLY G 327 53.72 -7.95 59.59
N LYS G 328 53.36 -8.98 60.36
CA LYS G 328 52.00 -9.51 60.32
C LYS G 328 51.11 -8.87 61.37
N GLY G 329 51.66 -8.47 62.51
CA GLY G 329 50.87 -7.84 63.55
C GLY G 329 50.44 -8.79 64.65
N PHE G 330 51.39 -9.56 65.18
CA PHE G 330 51.07 -10.49 66.26
C PHE G 330 52.30 -10.64 67.15
N GLY G 331 52.05 -11.02 68.41
CA GLY G 331 53.11 -11.22 69.38
C GLY G 331 52.76 -12.33 70.33
N PHE G 332 53.76 -12.80 71.06
CA PHE G 332 53.60 -13.92 71.99
C PHE G 332 54.12 -13.52 73.36
N ILE G 333 53.39 -13.92 74.41
CA ILE G 333 53.71 -13.55 75.78
C ILE G 333 53.57 -14.80 76.65
N LYS G 334 54.42 -14.90 77.67
CA LYS G 334 54.40 -16.00 78.62
C LYS G 334 53.93 -15.49 79.98
N LEU G 335 52.94 -16.17 80.55
CA LEU G 335 52.38 -15.81 81.83
C LEU G 335 53.13 -16.53 82.95
N GLU G 336 52.67 -16.33 84.18
CA GLU G 336 53.25 -17.04 85.31
C GLU G 336 52.77 -18.49 85.40
N SER G 337 51.50 -18.73 85.06
CA SER G 337 50.93 -20.06 85.17
C SER G 337 49.73 -20.17 84.24
N ARG G 338 48.95 -21.23 84.41
CA ARG G 338 47.75 -21.42 83.60
C ARG G 338 46.61 -20.53 84.06
N ALA G 339 46.50 -20.31 85.37
CA ALA G 339 45.43 -19.48 85.92
C ALA G 339 45.56 -18.03 85.44
N LEU G 340 46.79 -17.48 85.48
CA LEU G 340 46.99 -16.13 84.98
C LEU G 340 46.80 -16.06 83.47
N ALA G 341 47.10 -17.14 82.76
CA ALA G 341 46.80 -17.18 81.33
C ALA G 341 45.30 -17.10 81.09
N GLU G 342 44.51 -17.81 81.90
CA GLU G 342 43.05 -17.70 81.78
C GLU G 342 42.58 -16.29 82.10
N ILE G 343 43.19 -15.66 83.12
CA ILE G 343 42.82 -14.29 83.45
C ILE G 343 43.11 -13.36 82.28
N ALA G 344 44.28 -13.49 81.67
CA ALA G 344 44.65 -12.63 80.54
C ALA G 344 43.73 -12.87 79.36
N LYS G 345 43.38 -14.13 79.10
CA LYS G 345 42.42 -14.43 78.03
C LYS G 345 41.06 -13.80 78.32
N ALA G 346 40.61 -13.88 79.56
CA ALA G 346 39.29 -13.37 79.91
C ALA G 346 39.22 -11.86 79.78
N GLU G 347 40.24 -11.15 80.28
CA GLU G 347 40.16 -9.70 80.35
C GLU G 347 40.50 -9.00 79.03
N LEU G 348 41.53 -9.49 78.33
CA LEU G 348 42.06 -8.78 77.18
C LEU G 348 41.41 -9.19 75.86
N ASP G 349 40.43 -10.09 75.87
CA ASP G 349 39.80 -10.54 74.64
C ASP G 349 38.76 -9.51 74.20
N ASP G 350 38.71 -9.29 72.88
CA ASP G 350 37.77 -8.33 72.27
C ASP G 350 37.91 -6.95 72.91
N THR G 351 39.15 -6.55 73.17
CA THR G 351 39.44 -5.25 73.75
C THR G 351 39.87 -4.27 72.66
N PRO G 352 39.17 -3.14 72.49
CA PRO G 352 39.57 -2.17 71.47
C PRO G 352 40.89 -1.51 71.84
N MET G 353 41.84 -1.55 70.91
CA MET G 353 43.17 -0.96 71.11
C MET G 353 43.54 -0.21 69.84
N ARG G 354 43.34 1.11 69.85
CA ARG G 354 43.66 1.97 68.71
C ARG G 354 42.91 1.54 67.45
N GLY G 355 41.60 1.30 67.60
CA GLY G 355 40.74 0.95 66.49
C GLY G 355 40.76 -0.51 66.08
N ARG G 356 41.39 -1.37 66.87
CA ARG G 356 41.49 -2.79 66.55
C ARG G 356 41.00 -3.62 67.72
N GLN G 357 40.24 -4.67 67.42
CA GLN G 357 39.75 -5.59 68.44
C GLN G 357 40.80 -6.66 68.68
N LEU G 358 41.19 -6.81 69.94
CA LEU G 358 42.27 -7.73 70.29
C LEU G 358 41.72 -9.06 70.78
N ARG G 359 42.23 -10.14 70.20
CA ARG G 359 41.89 -11.50 70.61
C ARG G 359 43.14 -12.17 71.16
N VAL G 360 43.01 -12.76 72.34
CA VAL G 360 44.13 -13.44 72.99
C VAL G 360 43.95 -14.93 72.70
N ARG G 361 44.53 -15.37 71.59
CA ARG G 361 44.42 -16.74 71.12
C ARG G 361 45.52 -17.60 71.77
N PHE G 362 45.32 -18.91 71.74
CA PHE G 362 46.28 -19.82 72.36
C PHE G 362 47.26 -20.38 71.32
N ALA G 363 48.54 -20.25 71.61
CA ALA G 363 49.59 -20.71 70.70
C ALA G 363 49.60 -22.23 70.62
N THR G 364 49.95 -22.74 69.44
CA THR G 364 49.92 -24.17 69.17
C THR G 364 51.11 -24.88 69.80
N HIS G 365 50.85 -26.03 70.41
CA HIS G 365 51.90 -26.85 71.01
C HIS G 365 52.58 -27.67 69.92
N ALA G 366 53.66 -27.15 69.37
CA ALA G 366 54.37 -27.86 68.31
C ALA G 366 55.18 -29.03 68.87
N ALA G 367 55.56 -28.97 70.14
CA ALA G 367 56.30 -30.05 70.79
C ALA G 367 55.31 -30.94 71.54
N ALA G 368 54.61 -31.77 70.79
CA ALA G 368 53.59 -32.65 71.35
C ALA G 368 53.62 -33.99 70.63
N LEU G 369 53.33 -35.04 71.38
CA LEU G 369 53.20 -36.39 70.84
C LEU G 369 51.95 -37.04 71.42
N SER G 370 51.15 -37.63 70.54
CA SER G 370 49.93 -38.30 70.95
C SER G 370 50.26 -39.72 71.39
N VAL G 371 49.82 -40.07 72.60
CA VAL G 371 50.16 -41.34 73.23
C VAL G 371 48.87 -42.08 73.53
N ARG G 372 48.80 -43.35 73.16
CA ARG G 372 47.63 -44.17 73.40
C ARG G 372 48.07 -45.57 73.80
N ASN G 373 47.09 -46.47 73.93
CA ASN G 373 47.34 -47.86 74.29
C ASN G 373 48.07 -47.96 75.63
N LEU G 374 47.40 -47.48 76.66
CA LEU G 374 47.93 -47.46 78.02
C LEU G 374 46.91 -48.02 78.99
N SER G 375 47.42 -48.61 80.07
CA SER G 375 46.57 -49.25 81.05
C SER G 375 45.68 -48.21 81.74
N PRO G 376 44.48 -48.60 82.17
CA PRO G 376 43.58 -47.63 82.82
C PRO G 376 44.01 -47.22 84.22
N TYR G 377 45.21 -47.65 84.65
CA TYR G 377 45.71 -47.33 85.98
C TYR G 377 46.81 -46.29 85.98
N VAL G 378 47.44 -46.02 84.83
CA VAL G 378 48.49 -45.01 84.78
C VAL G 378 47.87 -43.63 85.00
N SER G 379 48.59 -42.77 85.72
CA SER G 379 48.14 -41.42 86.00
C SER G 379 49.05 -40.41 85.30
N ASN G 380 48.77 -39.13 85.53
CA ASN G 380 49.60 -38.07 84.94
C ASN G 380 51.02 -38.14 85.48
N GLU G 381 51.17 -38.50 86.75
CA GLU G 381 52.50 -38.52 87.38
C GLU G 381 53.42 -39.51 86.68
N LEU G 382 52.91 -40.70 86.37
CA LEU G 382 53.72 -41.68 85.65
C LEU G 382 54.12 -41.15 84.27
N LEU G 383 53.13 -40.67 83.51
CA LEU G 383 53.40 -40.27 82.14
C LEU G 383 54.40 -39.12 82.09
N GLU G 384 54.38 -38.25 83.10
CA GLU G 384 55.40 -37.21 83.15
C GLU G 384 56.74 -37.76 83.63
N GLU G 385 56.73 -38.74 84.53
CA GLU G 385 57.99 -39.35 84.97
C GLU G 385 58.60 -40.20 83.87
N ALA G 386 57.79 -41.03 83.22
CA ALA G 386 58.31 -41.98 82.25
C ALA G 386 58.93 -41.26 81.06
N PHE G 387 58.24 -40.28 80.51
CA PHE G 387 58.75 -39.54 79.36
C PHE G 387 59.76 -38.47 79.75
N SER G 388 59.98 -38.25 81.05
CA SER G 388 61.05 -37.36 81.48
C SER G 388 62.43 -37.93 81.16
N GLN G 389 62.52 -39.24 80.90
CA GLN G 389 63.78 -39.83 80.50
C GLN G 389 64.30 -39.19 79.23
N PHE G 390 63.41 -38.75 78.36
CA PHE G 390 63.78 -38.25 77.04
C PHE G 390 63.91 -36.73 77.00
N GLY G 391 63.60 -36.05 78.11
CA GLY G 391 63.69 -34.61 78.16
C GLY G 391 62.77 -34.05 79.22
N PRO G 392 62.77 -32.73 79.40
CA PRO G 392 61.89 -32.11 80.39
C PRO G 392 60.43 -32.26 79.99
N ILE G 393 59.57 -32.39 81.00
CA ILE G 393 58.15 -32.57 80.82
C ILE G 393 57.45 -31.41 81.52
N GLU G 394 56.98 -30.44 80.74
CA GLU G 394 56.24 -29.32 81.34
C GLU G 394 54.85 -29.76 81.77
N ARG G 395 54.20 -30.60 80.97
CA ARG G 395 52.90 -31.16 81.34
C ARG G 395 52.55 -32.35 80.45
N ALA G 396 52.15 -33.45 81.06
CA ALA G 396 51.62 -34.60 80.35
C ALA G 396 50.29 -34.97 80.98
N VAL G 397 49.25 -35.04 80.16
CA VAL G 397 47.89 -35.27 80.64
C VAL G 397 47.29 -36.42 79.85
N VAL G 398 46.37 -37.14 80.47
CA VAL G 398 45.69 -38.27 79.84
C VAL G 398 44.24 -37.92 79.62
N ILE G 399 43.72 -38.26 78.44
CA ILE G 399 42.32 -37.97 78.13
C ILE G 399 41.41 -38.88 78.95
N VAL G 400 40.40 -38.29 79.57
CA VAL G 400 39.47 -39.02 80.42
C VAL G 400 38.05 -38.62 80.05
N ASP G 401 37.10 -39.54 80.20
CA ASP G 401 35.71 -39.27 79.88
C ASP G 401 35.06 -38.51 81.03
N ASP G 402 33.75 -38.29 80.93
CA ASP G 402 33.05 -37.58 82.01
C ASP G 402 32.97 -38.44 83.27
N ARG G 403 32.80 -39.75 83.12
CA ARG G 403 32.67 -40.63 84.28
C ARG G 403 33.95 -40.69 85.09
N GLY G 404 35.09 -40.32 84.52
CA GLY G 404 36.36 -40.48 85.18
C GLY G 404 37.15 -41.70 84.77
N ARG G 405 36.57 -42.56 83.93
CA ARG G 405 37.29 -43.72 83.44
C ARG G 405 38.31 -43.28 82.39
N SER G 406 39.53 -43.80 82.51
CA SER G 406 40.60 -43.41 81.59
C SER G 406 40.28 -43.91 80.17
N THR G 407 40.41 -43.01 79.20
CA THR G 407 40.13 -43.35 77.81
C THR G 407 41.30 -44.05 77.13
N GLY G 408 42.42 -44.25 77.82
CA GLY G 408 43.54 -44.93 77.24
C GLY G 408 44.38 -44.09 76.30
N LYS G 409 44.16 -42.78 76.25
CA LYS G 409 44.93 -41.89 75.40
C LYS G 409 45.52 -40.77 76.24
N GLY G 410 46.64 -40.23 75.77
CA GLY G 410 47.30 -39.15 76.46
C GLY G 410 48.13 -38.33 75.51
N ILE G 411 48.41 -37.10 75.91
CA ILE G 411 49.26 -36.21 75.13
C ILE G 411 50.38 -35.70 76.02
N VAL G 412 51.59 -35.68 75.48
CA VAL G 412 52.75 -35.17 76.19
C VAL G 412 53.19 -33.88 75.53
N GLU G 413 53.37 -32.84 76.33
CA GLU G 413 53.78 -31.52 75.84
C GLU G 413 55.22 -31.31 76.28
N PHE G 414 56.14 -31.47 75.35
CA PHE G 414 57.55 -31.30 75.67
C PHE G 414 57.93 -29.83 75.67
N ALA G 415 58.89 -29.48 76.53
CA ALA G 415 59.33 -28.09 76.61
C ALA G 415 60.37 -27.76 75.56
N SER G 416 60.82 -28.76 74.80
CA SER G 416 61.86 -28.57 73.81
C SER G 416 61.56 -29.37 72.55
N LYS G 417 62.17 -28.95 71.43
CA LYS G 417 62.01 -29.68 70.18
C LYS G 417 62.78 -31.00 70.18
N PRO G 418 64.12 -31.02 70.46
CA PRO G 418 64.88 -32.27 70.33
C PRO G 418 64.34 -33.39 71.20
N ALA G 419 63.92 -33.08 72.42
CA ALA G 419 63.36 -34.12 73.29
C ALA G 419 62.12 -34.72 72.65
N ALA G 420 61.24 -33.88 72.12
CA ALA G 420 60.02 -34.36 71.50
C ALA G 420 60.33 -35.24 70.29
N ARG G 421 61.31 -34.86 69.47
CA ARG G 421 61.60 -35.67 68.29
C ARG G 421 62.31 -36.97 68.64
N LYS G 422 63.27 -36.95 69.56
CA LYS G 422 63.94 -38.20 69.91
C LYS G 422 63.04 -39.15 70.69
N ALA G 423 62.03 -38.62 71.39
CA ALA G 423 61.09 -39.52 72.04
C ALA G 423 60.37 -40.41 71.02
N PHE G 424 59.87 -39.79 69.95
CA PHE G 424 59.24 -40.55 68.89
C PHE G 424 60.25 -41.44 68.18
N GLU G 425 61.48 -40.93 67.97
CA GLU G 425 62.49 -41.74 67.31
C GLU G 425 62.80 -43.01 68.10
N ARG G 426 62.88 -42.89 69.44
CA ARG G 426 63.21 -44.05 70.26
C ARG G 426 62.03 -45.01 70.36
N CYS G 427 60.81 -44.48 70.55
CA CYS G 427 59.67 -45.35 70.73
C CYS G 427 59.11 -45.90 69.43
N SER G 428 59.61 -45.44 68.27
CA SER G 428 59.20 -46.04 67.01
C SER G 428 59.66 -47.48 66.91
N GLU G 429 60.93 -47.74 67.18
CA GLU G 429 61.47 -49.09 67.15
C GLU G 429 61.59 -49.73 68.52
N GLY G 430 61.75 -48.94 69.57
CA GLY G 430 61.82 -49.48 70.91
C GLY G 430 60.47 -49.96 71.40
N VAL G 431 60.50 -50.67 72.52
CA VAL G 431 59.30 -51.19 73.17
C VAL G 431 59.27 -50.59 74.56
N PHE G 432 58.39 -49.62 74.78
CA PHE G 432 58.34 -48.94 76.05
C PHE G 432 57.11 -49.37 76.84
N LEU G 433 57.26 -49.43 78.16
CA LEU G 433 56.21 -49.93 79.04
C LEU G 433 55.97 -48.96 80.17
N LEU G 434 54.78 -49.03 80.76
CA LEU G 434 54.43 -48.22 81.91
C LEU G 434 54.00 -49.02 83.13
N THR G 435 53.69 -50.30 82.97
CA THR G 435 53.00 -51.04 84.02
C THR G 435 53.50 -52.47 83.99
N THR G 436 53.28 -53.18 85.11
CA THR G 436 53.63 -54.59 85.17
C THR G 436 53.06 -55.36 83.99
N THR G 437 51.84 -55.04 83.60
CA THR G 437 51.27 -55.64 82.40
C THR G 437 52.07 -55.17 81.18
N PRO G 438 52.61 -56.09 80.38
CA PRO G 438 53.48 -55.68 79.26
C PRO G 438 52.71 -55.31 78.00
N ARG G 439 52.01 -54.17 78.05
CA ARG G 439 51.38 -53.60 76.87
C ARG G 439 52.12 -52.33 76.46
N PRO G 440 52.67 -52.26 75.27
CA PRO G 440 53.57 -51.15 74.92
C PRO G 440 52.84 -49.84 74.79
N VAL G 441 53.61 -48.76 74.89
CA VAL G 441 53.10 -47.41 74.66
C VAL G 441 53.48 -47.00 73.25
N ILE G 442 52.51 -46.46 72.52
CA ILE G 442 52.67 -46.11 71.11
C ILE G 442 52.50 -44.61 70.98
N VAL G 443 53.52 -43.94 70.43
CA VAL G 443 53.51 -42.50 70.28
C VAL G 443 53.32 -42.16 68.81
N GLU G 444 52.72 -41.00 68.58
CA GLU G 444 52.48 -40.49 67.23
C GLU G 444 52.41 -38.98 67.29
N PRO G 445 52.78 -38.28 66.21
CA PRO G 445 52.65 -36.83 66.23
C PRO G 445 51.20 -36.41 66.41
N LEU G 446 50.98 -35.41 67.25
CA LEU G 446 49.64 -34.99 67.62
C LEU G 446 49.10 -34.00 66.60
N GLU G 447 47.95 -34.32 66.02
CA GLU G 447 47.31 -33.43 65.07
C GLU G 447 46.75 -32.22 65.80
N GLN G 448 46.94 -31.03 65.22
CA GLN G 448 46.54 -29.77 65.84
C GLN G 448 45.16 -29.38 65.33
N LEU G 449 44.15 -29.51 66.19
CA LEU G 449 42.78 -29.15 65.87
C LEU G 449 42.29 -28.13 66.89
N ASP G 450 41.68 -27.05 66.40
CA ASP G 450 41.15 -26.00 67.24
C ASP G 450 39.63 -26.04 67.22
N ASP G 451 39.02 -25.89 68.40
CA ASP G 451 37.58 -25.98 68.57
C ASP G 451 36.94 -24.64 68.86
N GLU G 452 37.64 -23.55 68.61
CA GLU G 452 37.12 -22.24 69.01
C GLU G 452 37.06 -21.24 67.87
N ASP G 453 38.05 -21.23 66.98
CA ASP G 453 38.10 -20.27 65.88
C ASP G 453 38.01 -21.04 64.57
N GLY G 454 36.79 -21.26 64.09
CA GLY G 454 36.56 -22.00 62.87
C GLY G 454 36.88 -21.20 61.63
N LEU G 455 36.36 -21.65 60.51
CA LEU G 455 36.59 -20.97 59.24
C LEU G 455 35.67 -19.76 59.16
N PRO G 456 36.22 -18.55 59.04
CA PRO G 456 35.36 -17.35 59.05
C PRO G 456 34.72 -17.06 57.70
N GLU G 457 33.77 -16.13 57.69
CA GLU G 457 33.10 -15.76 56.44
C GLU G 457 34.08 -15.11 55.46
N LYS G 458 35.10 -14.43 55.98
CA LYS G 458 36.03 -13.71 55.11
C LYS G 458 36.76 -14.65 54.16
N LEU G 459 37.37 -15.70 54.71
CA LEU G 459 38.05 -16.68 53.87
C LEU G 459 37.05 -17.54 53.11
N ALA G 460 35.84 -17.71 53.66
CA ALA G 460 34.83 -18.50 52.98
C ALA G 460 34.42 -17.87 51.66
N GLN G 461 34.20 -16.55 51.66
CA GLN G 461 33.72 -15.88 50.46
C GLN G 461 34.84 -15.57 49.47
N LYS G 462 36.10 -15.80 49.83
CA LYS G 462 37.18 -15.63 48.87
C LYS G 462 37.03 -16.60 47.70
N ASN G 463 36.69 -17.85 47.98
CA ASN G 463 36.31 -18.78 46.92
C ASN G 463 35.04 -18.28 46.26
N PRO G 464 35.12 -17.80 45.00
CA PRO G 464 33.95 -17.13 44.41
C PRO G 464 32.75 -18.03 44.23
N MET G 465 32.92 -19.35 44.24
CA MET G 465 31.77 -20.23 44.01
C MET G 465 31.14 -20.67 45.33
N TYR G 466 31.65 -20.15 46.44
CA TYR G 466 31.02 -20.35 47.74
C TYR G 466 29.75 -19.54 47.92
N GLN G 467 29.75 -18.29 47.47
CA GLN G 467 28.53 -17.47 47.54
C GLN G 467 27.48 -17.97 46.55
N LYS G 468 27.89 -18.43 45.38
CA LYS G 468 26.94 -19.03 44.45
C LYS G 468 26.47 -20.40 44.91
N GLU G 469 27.10 -20.96 45.94
CA GLU G 469 26.69 -22.23 46.51
C GLU G 469 25.65 -22.06 47.61
N ARG G 470 25.49 -20.84 48.13
CA ARG G 470 24.63 -20.59 49.29
C ARG G 470 23.27 -20.00 48.92
N GLU G 471 22.89 -20.02 47.64
CA GLU G 471 21.57 -19.52 47.26
C GLU G 471 20.47 -20.33 47.93
N THR G 472 20.59 -21.63 47.92
CA THR G 472 19.58 -22.46 48.55
C THR G 472 19.78 -22.45 50.06
N PRO G 473 18.79 -22.06 50.84
CA PRO G 473 18.97 -21.93 52.29
C PRO G 473 19.02 -23.30 52.95
N PRO G 474 19.51 -23.37 54.19
CA PRO G 474 19.41 -24.63 54.94
C PRO G 474 17.99 -25.15 55.02
N ARG G 475 17.76 -26.29 54.40
CA ARG G 475 16.43 -26.88 54.28
C ARG G 475 16.48 -28.28 54.85
N PHE G 476 15.43 -29.05 54.61
CA PHE G 476 15.36 -30.42 55.10
C PHE G 476 14.91 -31.37 54.00
N ALA G 477 15.01 -30.93 52.74
CA ALA G 477 14.52 -31.67 51.58
C ALA G 477 13.02 -31.92 51.66
N GLN G 478 12.42 -32.38 50.56
CA GLN G 478 11.00 -32.64 50.51
C GLN G 478 10.75 -33.98 49.85
N HIS G 479 9.82 -34.75 50.41
CA HIS G 479 9.55 -36.09 49.90
C HIS G 479 9.16 -36.06 48.43
N GLY G 480 9.78 -36.93 47.64
CA GLY G 480 9.53 -37.02 46.22
C GLY G 480 10.50 -36.26 45.36
N THR G 481 11.19 -35.27 45.92
CA THR G 481 12.15 -34.50 45.15
C THR G 481 13.46 -35.29 44.97
N PHE G 482 14.31 -34.79 44.07
CA PHE G 482 15.59 -35.44 43.82
C PHE G 482 16.46 -35.48 45.08
N GLU G 483 16.51 -34.36 45.79
CA GLU G 483 17.34 -34.28 46.99
C GLU G 483 16.95 -35.36 47.99
N TYR G 484 15.64 -35.58 48.16
CA TYR G 484 15.19 -36.60 49.11
C TYR G 484 15.56 -38.00 48.68
N GLU G 485 15.45 -38.34 47.39
CA GLU G 485 15.77 -39.70 46.99
C GLU G 485 17.27 -39.94 47.00
N TYR G 486 18.08 -38.89 46.85
CA TYR G 486 19.53 -39.06 46.81
C TYR G 486 20.14 -39.03 48.21
N SER G 487 19.55 -38.26 49.12
CA SER G 487 19.96 -38.34 50.52
C SER G 487 19.69 -39.71 51.10
N GLN G 488 18.73 -40.46 50.54
CA GLN G 488 18.53 -41.83 50.98
C GLN G 488 19.73 -42.70 50.67
N ARG G 489 20.30 -42.56 49.47
CA ARG G 489 21.52 -43.27 49.14
C ARG G 489 22.66 -42.84 50.05
N TRP G 490 22.76 -41.55 50.31
CA TRP G 490 23.80 -41.07 51.22
C TRP G 490 23.65 -41.68 52.61
N LYS G 491 22.42 -41.77 53.12
CA LYS G 491 22.22 -42.36 54.43
C LYS G 491 22.47 -43.85 54.44
N SER G 492 22.16 -44.55 53.34
CA SER G 492 22.50 -45.95 53.26
C SER G 492 24.02 -46.15 53.34
N LEU G 493 24.78 -45.30 52.64
CA LEU G 493 26.23 -45.36 52.76
C LEU G 493 26.68 -45.10 54.20
N ASP G 494 26.09 -44.10 54.85
CA ASP G 494 26.46 -43.80 56.24
C ASP G 494 26.19 -44.98 57.15
N GLU G 495 25.05 -45.65 56.98
CA GLU G 495 24.70 -46.80 57.80
C GLU G 495 25.67 -47.94 57.55
N MET G 496 26.07 -48.14 56.29
CA MET G 496 27.07 -49.17 55.99
C MET G 496 28.40 -48.86 56.67
N GLU G 497 28.80 -47.59 56.65
CA GLU G 497 30.03 -47.21 57.35
C GLU G 497 29.94 -47.49 58.83
N LYS G 498 28.79 -47.19 59.44
CA LYS G 498 28.64 -47.46 60.86
C LYS G 498 28.71 -48.95 61.16
N GLN G 499 28.09 -49.77 60.32
CA GLN G 499 28.17 -51.21 60.51
C GLN G 499 29.61 -51.71 60.44
N GLN G 500 30.36 -51.25 59.44
CA GLN G 500 31.74 -51.70 59.31
C GLN G 500 32.61 -51.24 60.47
N ARG G 501 32.43 -50.00 60.92
CA ARG G 501 33.21 -49.52 62.05
C ARG G 501 32.90 -50.29 63.33
N GLU G 502 31.61 -50.58 63.57
CA GLU G 502 31.26 -51.36 64.75
C GLU G 502 31.78 -52.79 64.65
N GLN G 503 31.80 -53.36 63.44
CA GLN G 503 32.38 -54.68 63.26
C GLN G 503 33.86 -54.68 63.64
N VAL G 504 34.60 -53.67 63.18
CA VAL G 504 36.02 -53.59 63.53
C VAL G 504 36.18 -53.47 65.03
N GLU G 505 35.39 -52.62 65.68
CA GLU G 505 35.54 -52.43 67.12
C GLU G 505 35.23 -53.72 67.87
N LYS G 506 34.20 -54.45 67.45
CA LYS G 506 33.87 -55.73 68.10
C LYS G 506 34.99 -56.74 67.90
N ASN G 507 35.52 -56.85 66.68
CA ASN G 507 36.68 -57.71 66.46
C ASN G 507 37.80 -57.36 67.41
N MET G 508 37.99 -56.08 67.68
CA MET G 508 39.18 -55.70 68.41
C MET G 508 38.99 -55.96 69.89
N LYS G 509 37.77 -55.77 70.40
CA LYS G 509 37.48 -56.19 71.77
C LYS G 509 37.65 -57.68 71.92
N ASP G 510 37.27 -58.46 70.90
CA ASP G 510 37.45 -59.90 70.96
C ASP G 510 38.93 -60.27 71.06
N ALA G 511 39.76 -59.70 70.18
CA ALA G 511 41.18 -59.97 70.23
C ALA G 511 41.83 -59.47 71.52
N LYS G 512 41.36 -58.34 72.03
CA LYS G 512 41.77 -57.80 73.32
C LYS G 512 41.56 -58.79 74.44
N ASP G 513 40.33 -59.30 74.58
CA ASP G 513 40.05 -60.22 75.68
C ASP G 513 40.65 -61.60 75.42
N LYS G 514 40.99 -61.88 74.16
CA LYS G 514 41.72 -63.11 73.88
C LYS G 514 43.15 -63.03 74.40
N LEU G 515 43.84 -61.92 74.11
CA LEU G 515 45.20 -61.78 74.61
C LEU G 515 45.23 -61.57 76.12
N GLU G 516 44.16 -61.01 76.69
CA GLU G 516 44.12 -60.89 78.15
C GLU G 516 44.07 -62.26 78.81
N SER G 517 43.43 -63.24 78.17
CA SER G 517 43.33 -64.57 78.74
C SER G 517 44.66 -65.32 78.69
N GLU G 518 45.52 -64.99 77.74
CA GLU G 518 46.80 -65.69 77.56
C GLU G 518 47.93 -65.10 78.38
N MET G 519 47.62 -64.44 79.49
CA MET G 519 48.67 -63.95 80.38
C MET G 519 49.48 -65.08 80.98
N GLU G 520 48.81 -66.00 81.68
CA GLU G 520 49.54 -66.99 82.47
C GLU G 520 50.16 -68.06 81.60
N ASP G 521 49.44 -68.52 80.57
CA ASP G 521 49.93 -69.63 79.76
C ASP G 521 51.22 -69.26 79.04
N ALA G 522 51.29 -68.06 78.47
CA ALA G 522 52.50 -67.66 77.76
C ALA G 522 53.69 -67.54 78.71
N TYR G 523 53.48 -66.95 79.89
CA TYR G 523 54.55 -66.82 80.87
C TYR G 523 55.06 -68.19 81.30
N HIS G 524 54.13 -69.10 81.61
CA HIS G 524 54.50 -70.45 82.02
C HIS G 524 55.25 -71.18 80.92
N GLU G 525 54.79 -71.04 79.67
CA GLU G 525 55.47 -71.69 78.56
C GLU G 525 56.88 -71.14 78.37
N HIS G 526 57.05 -69.83 78.50
CA HIS G 526 58.38 -69.26 78.37
C HIS G 526 59.31 -69.75 79.46
N GLN G 527 58.82 -69.80 80.71
CA GLN G 527 59.64 -70.31 81.80
C GLN G 527 60.02 -71.77 81.57
N ALA G 528 59.05 -72.59 81.13
CA ALA G 528 59.34 -73.99 80.87
C ALA G 528 60.37 -74.14 79.75
N ASN G 529 60.25 -73.34 78.69
CA ASN G 529 61.20 -73.42 77.60
C ASN G 529 62.60 -73.04 78.07
N LEU G 530 62.72 -71.98 78.86
CA LEU G 530 64.04 -71.60 79.38
C LEU G 530 64.62 -72.70 80.25
N LEU G 531 63.80 -73.31 81.11
CA LEU G 531 64.29 -74.37 81.99
C LEU G 531 64.73 -75.59 81.18
N ARG G 532 63.99 -75.93 80.12
CA ARG G 532 64.37 -77.07 79.29
C ARG G 532 65.66 -76.79 78.53
N GLN G 533 65.84 -75.55 78.07
CA GLN G 533 67.09 -75.20 77.40
C GLN G 533 68.27 -75.30 78.37
N ASP G 534 68.10 -74.82 79.60
CA ASP G 534 69.15 -74.97 80.61
C ASP G 534 69.45 -76.44 80.87
N LEU G 535 68.41 -77.26 81.01
CA LEU G 535 68.60 -78.68 81.23
C LEU G 535 69.30 -79.33 80.05
N MET G 536 69.07 -78.82 78.84
CA MET G 536 69.73 -79.39 77.66
C MET G 536 71.22 -79.08 77.66
N ARG G 537 71.59 -77.84 78.04
CA ARG G 537 73.01 -77.59 78.26
C ARG G 537 73.59 -78.50 79.34
N ARG G 538 72.84 -78.72 80.43
CA ARG G 538 73.32 -79.62 81.47
C ARG G 538 73.56 -81.02 80.93
N GLN G 539 72.63 -81.53 80.12
CA GLN G 539 72.79 -82.84 79.51
C GLN G 539 74.02 -82.90 78.61
N GLU G 540 74.24 -81.85 77.82
CA GLU G 540 75.37 -81.85 76.88
C GLU G 540 76.70 -81.87 77.64
N GLU G 541 76.85 -80.97 78.63
CA GLU G 541 78.08 -80.95 79.40
C GLU G 541 78.24 -82.24 80.21
N LEU G 542 77.12 -82.84 80.63
CA LEU G 542 77.17 -84.14 81.27
C LEU G 542 77.78 -85.19 80.35
N ARG G 543 77.30 -85.26 79.11
CA ARG G 543 77.83 -86.23 78.17
C ARG G 543 79.32 -86.02 77.94
N ARG G 544 79.72 -84.77 77.73
CA ARG G 544 81.13 -84.49 77.47
C ARG G 544 82.00 -84.87 78.66
N MET G 545 81.59 -84.51 79.86
CA MET G 545 82.42 -84.78 81.03
C MET G 545 82.45 -86.28 81.32
N GLU G 546 81.34 -86.98 81.09
CA GLU G 546 81.34 -88.44 81.26
C GLU G 546 82.31 -89.11 80.29
N GLU G 547 82.31 -88.70 79.02
CA GLU G 547 83.18 -89.38 78.06
C GLU G 547 84.66 -89.08 78.35
N LEU G 548 84.99 -87.85 78.74
CA LEU G 548 86.38 -87.58 79.09
C LEU G 548 86.81 -88.33 80.34
N HIS G 549 85.91 -88.42 81.34
CA HIS G 549 86.22 -89.21 82.53
C HIS G 549 86.43 -90.68 82.17
N SER G 550 85.61 -91.21 81.27
CA SER G 550 85.75 -92.61 80.86
C SER G 550 87.08 -92.85 80.16
N GLN G 551 87.50 -91.94 79.28
CA GLN G 551 88.79 -92.15 78.60
C GLN G 551 89.94 -92.05 79.59
N GLU G 552 89.85 -91.13 80.57
CA GLU G 552 90.89 -91.06 81.59
C GLU G 552 90.97 -92.36 82.38
N MET G 553 89.81 -92.90 82.80
CA MET G 553 89.80 -94.18 83.49
C MET G 553 90.32 -95.33 82.64
N GLN G 554 90.05 -95.36 81.34
CA GLN G 554 90.56 -96.49 80.56
C GLN G 554 92.08 -96.39 80.40
N LYS G 555 92.62 -95.18 80.27
CA LYS G 555 94.07 -95.03 80.29
C LYS G 555 94.66 -95.49 81.63
N ARG G 556 94.01 -95.12 82.73
CA ARG G 556 94.49 -95.54 84.04
C ARG G 556 94.44 -97.06 84.18
N LYS G 557 93.38 -97.69 83.68
CA LYS G 557 93.28 -99.15 83.75
C LYS G 557 94.37 -99.83 82.93
N GLU G 558 94.65 -99.32 81.74
CA GLU G 558 95.68 -99.96 80.92
C GLU G 558 97.07 -99.80 81.53
N MET G 559 97.38 -98.63 82.08
CA MET G 559 98.68 -98.49 82.75
C MET G 559 98.75 -99.36 83.99
N GLN G 560 97.63 -99.49 84.71
CA GLN G 560 97.59 -100.37 85.87
C GLN G 560 97.88 -101.82 85.48
N LEU G 561 97.25 -102.30 84.41
CA LEU G 561 97.48 -103.68 84.01
C LEU G 561 98.91 -103.90 83.55
N ARG G 562 99.48 -102.95 82.79
CA ARG G 562 100.85 -103.13 82.33
C ARG G 562 101.84 -103.12 83.50
N GLN G 563 101.64 -102.24 84.48
CA GLN G 563 102.56 -102.21 85.62
C GLN G 563 102.39 -103.45 86.48
N GLU G 564 101.16 -103.97 86.60
CA GLU G 564 100.95 -105.22 87.33
C GLU G 564 101.67 -106.38 86.65
N GLU G 565 101.59 -106.45 85.31
CA GLU G 565 102.29 -107.51 84.60
C GLU G 565 103.81 -107.40 84.80
N GLU G 566 104.34 -106.19 84.73
CA GLU G 566 105.78 -106.00 84.94
C GLU G 566 106.19 -106.43 86.34
N ARG G 567 105.41 -106.03 87.35
CA ARG G 567 105.71 -106.42 88.73
C ARG G 567 105.65 -107.93 88.89
N ARG G 568 104.65 -108.58 88.29
CA ARG G 568 104.53 -110.02 88.42
C ARG G 568 105.70 -110.74 87.78
N ARG G 569 106.14 -110.31 86.59
CA ARG G 569 107.28 -110.97 85.96
C ARG G 569 108.56 -110.75 86.77
N ARG G 570 108.75 -109.56 87.33
CA ARG G 570 109.91 -109.31 88.17
C ARG G 570 109.88 -110.18 89.42
N GLU G 571 108.71 -110.32 90.03
CA GLU G 571 108.58 -111.16 91.22
C GLU G 571 108.86 -112.61 90.89
N GLU G 572 108.40 -113.09 89.74
CA GLU G 572 108.68 -114.47 89.34
C GLU G 572 110.19 -114.68 89.13
N GLU G 573 110.85 -113.72 88.50
CA GLU G 573 112.30 -113.84 88.30
C GLU G 573 113.03 -113.89 89.65
N MET G 574 112.67 -112.99 90.57
CA MET G 574 113.32 -113.01 91.88
C MET G 574 113.01 -114.28 92.65
N MET G 575 111.80 -114.82 92.51
CA MET G 575 111.43 -116.04 93.20
C MET G 575 112.22 -117.24 92.68
N ILE G 576 112.40 -117.33 91.36
CA ILE G 576 113.19 -118.44 90.83
C ILE G 576 114.66 -118.27 91.22
N ARG G 577 115.16 -117.02 91.30
CA ARG G 577 116.51 -116.81 91.79
C ARG G 577 116.66 -117.30 93.23
N GLN G 578 115.67 -116.98 94.07
CA GLN G 578 115.71 -117.42 95.47
C GLN G 578 115.63 -118.94 95.57
N ARG G 579 114.82 -119.57 94.71
CA ARG G 579 114.73 -121.02 94.71
C ARG G 579 116.06 -121.65 94.32
N GLU G 580 116.74 -121.08 93.33
CA GLU G 580 118.07 -121.57 92.95
C GLU G 580 119.05 -121.40 94.11
N MET G 581 118.99 -120.28 94.81
CA MET G 581 119.86 -120.08 95.97
C MET G 581 119.58 -121.10 97.06
N GLU G 582 118.30 -121.40 97.30
CA GLU G 582 117.95 -122.42 98.28
C GLU G 582 118.47 -123.80 97.87
N GLU G 583 118.36 -124.14 96.59
CA GLU G 583 118.89 -125.41 96.11
C GLU G 583 120.40 -125.48 96.30
N GLN G 584 121.10 -124.38 96.02
CA GLN G 584 122.55 -124.35 96.23
C GLN G 584 122.88 -124.51 97.72
N MET G 585 122.10 -123.87 98.58
CA MET G 585 122.31 -124.00 100.03
C MET G 585 122.11 -125.44 100.47
N ARG G 586 121.08 -126.10 99.95
CA ARG G 586 120.84 -127.50 100.29
C ARG G 586 121.98 -128.38 99.81
N ARG G 587 122.49 -128.13 98.60
CA ARG G 587 123.62 -128.90 98.10
C ARG G 587 124.85 -128.70 98.98
N GLN G 588 125.11 -127.46 99.40
CA GLN G 588 126.23 -127.19 100.29
C GLN G 588 126.05 -127.89 101.63
N ARG G 589 124.82 -127.91 102.14
CA ARG G 589 124.55 -128.60 103.40
C ARG G 589 124.80 -130.09 103.27
N GLU G 590 124.37 -130.70 102.16
CA GLU G 590 124.66 -132.11 101.94
C GLU G 590 126.16 -132.37 101.85
N GLU G 591 126.88 -131.49 101.16
CA GLU G 591 128.33 -131.65 101.06
C GLU G 591 129.00 -131.56 102.42
N SER G 592 128.56 -130.61 103.25
CA SER G 592 129.14 -130.45 104.59
C SER G 592 128.80 -131.64 105.48
N TYR G 593 127.59 -132.19 105.34
CA TYR G 593 127.19 -133.32 106.18
C TYR G 593 128.08 -134.54 105.92
N SER G 594 128.39 -134.81 104.65
CA SER G 594 129.22 -135.95 104.30
C SER G 594 130.68 -135.72 104.71
N LYS H 69 28.96 -14.69 73.95
CA LYS H 69 27.90 -13.75 74.30
C LYS H 69 27.72 -13.64 75.82
N THR H 70 26.52 -13.27 76.24
CA THR H 70 26.23 -13.10 77.66
C THR H 70 25.36 -14.26 78.17
N PHE H 71 25.62 -14.66 79.41
CA PHE H 71 24.84 -15.69 80.10
C PHE H 71 24.80 -16.98 79.29
N THR H 72 25.95 -17.39 78.79
CA THR H 72 26.06 -18.62 78.03
C THR H 72 26.18 -19.82 78.97
N GLN H 73 26.01 -21.02 78.41
CA GLN H 73 26.17 -22.22 79.20
C GLN H 73 27.64 -22.50 79.51
N ARG H 74 28.55 -22.02 78.66
CA ARG H 74 29.97 -22.17 78.95
C ARG H 74 30.36 -21.41 80.21
N SER H 75 29.67 -20.31 80.51
CA SER H 75 29.96 -19.57 81.73
C SER H 75 29.50 -20.29 82.99
N ARG H 76 28.70 -21.36 82.86
CA ARG H 76 28.31 -22.13 84.02
C ARG H 76 29.53 -22.79 84.66
N LEU H 77 29.60 -22.74 85.98
CA LEU H 77 30.73 -23.25 86.73
C LEU H 77 30.29 -24.37 87.66
N PHE H 78 31.21 -25.29 87.93
CA PHE H 78 30.97 -26.38 88.87
C PHE H 78 31.80 -26.11 90.12
N VAL H 79 31.11 -25.95 91.25
CA VAL H 79 31.75 -25.69 92.53
C VAL H 79 31.40 -26.83 93.47
N GLY H 80 32.43 -27.47 94.05
CA GLY H 80 32.25 -28.57 94.96
C GLY H 80 32.89 -28.30 96.31
N ASN H 81 32.71 -29.27 97.20
CA ASN H 81 33.29 -29.24 98.55
C ASN H 81 32.84 -27.99 99.31
N LEU H 82 31.56 -27.63 99.16
CA LEU H 82 31.01 -26.52 99.92
C LEU H 82 30.62 -26.97 101.32
N PRO H 83 30.66 -26.06 102.30
CA PRO H 83 30.33 -26.46 103.68
C PRO H 83 28.87 -26.83 103.80
N PRO H 84 28.52 -27.70 104.74
CA PRO H 84 27.12 -28.15 104.87
C PRO H 84 26.13 -27.04 105.20
N ASP H 85 26.60 -25.93 105.80
CA ASP H 85 25.72 -24.81 106.12
C ASP H 85 25.59 -23.82 104.97
N ILE H 86 25.76 -24.31 103.74
CA ILE H 86 25.75 -23.42 102.57
C ILE H 86 24.42 -22.70 102.46
N THR H 87 24.47 -21.46 101.99
CA THR H 87 23.28 -20.65 101.77
C THR H 87 23.38 -19.92 100.45
N GLU H 88 22.21 -19.60 99.89
CA GLU H 88 22.16 -18.94 98.59
C GLU H 88 22.78 -17.54 98.65
N GLU H 89 22.43 -16.77 99.69
CA GLU H 89 22.96 -15.42 99.81
C GLU H 89 24.47 -15.42 100.04
N GLU H 90 25.00 -16.44 100.72
CA GLU H 90 26.44 -16.49 100.96
C GLU H 90 27.20 -16.64 99.64
N MET H 91 26.73 -17.52 98.75
CA MET H 91 27.39 -17.67 97.46
C MET H 91 27.10 -16.50 96.53
N ARG H 92 25.94 -15.86 96.69
CA ARG H 92 25.69 -14.63 95.95
C ARG H 92 26.68 -13.54 96.33
N LYS H 93 26.98 -13.43 97.63
CA LYS H 93 27.97 -12.46 98.10
C LYS H 93 29.38 -12.88 97.71
N LEU H 94 29.64 -14.19 97.66
CA LEU H 94 30.96 -14.67 97.27
C LEU H 94 31.27 -14.29 95.83
N PHE H 95 30.26 -14.36 94.95
CA PHE H 95 30.38 -13.92 93.57
C PHE H 95 29.86 -12.50 93.36
N GLU H 96 29.67 -11.73 94.43
CA GLU H 96 29.24 -10.35 94.29
C GLU H 96 30.29 -9.51 93.56
N LYS H 97 31.57 -9.85 93.73
CA LYS H 97 32.63 -9.18 92.98
C LYS H 97 32.45 -9.37 91.48
N TYR H 98 31.71 -10.40 91.07
CA TYR H 98 31.58 -10.77 89.67
C TYR H 98 30.19 -10.47 89.12
N GLY H 99 29.61 -9.34 89.52
CA GLY H 99 28.32 -8.94 88.98
C GLY H 99 27.19 -9.84 89.43
N LYS H 100 26.21 -10.01 88.53
CA LYS H 100 25.05 -10.81 88.83
C LYS H 100 25.38 -12.31 88.72
N ALA H 101 24.49 -13.13 89.27
CA ALA H 101 24.64 -14.58 89.25
C ALA H 101 23.38 -15.21 88.68
N GLY H 102 23.55 -16.38 88.06
CA GLY H 102 22.44 -17.07 87.43
C GLY H 102 21.64 -17.93 88.39
N GLU H 103 21.22 -19.10 87.93
CA GLU H 103 20.43 -20.00 88.76
C GLU H 103 21.28 -20.56 89.89
N VAL H 104 21.01 -20.13 91.12
CA VAL H 104 21.78 -20.56 92.28
C VAL H 104 21.12 -21.85 92.77
N PHE H 105 21.53 -22.96 92.18
CA PHE H 105 21.06 -24.29 92.56
C PHE H 105 22.13 -24.92 93.46
N ILE H 106 21.71 -25.40 94.63
CA ILE H 106 22.62 -25.93 95.63
C ILE H 106 21.99 -27.16 96.29
N HIS H 107 22.83 -28.11 96.69
CA HIS H 107 22.43 -29.25 97.49
C HIS H 107 23.09 -29.11 98.86
N LYS H 108 22.27 -28.90 99.88
CA LYS H 108 22.81 -28.60 101.22
C LYS H 108 23.58 -29.78 101.78
N ASP H 109 23.08 -30.99 101.59
CA ASP H 109 23.70 -32.16 102.20
C ASP H 109 24.96 -32.58 101.44
N LYS H 110 24.86 -32.73 100.12
CA LYS H 110 25.99 -33.24 99.35
C LYS H 110 27.11 -32.21 99.27
N GLY H 111 26.78 -30.93 99.26
CA GLY H 111 27.78 -29.89 99.34
C GLY H 111 28.29 -29.34 98.02
N PHE H 112 27.51 -29.43 96.95
CA PHE H 112 27.88 -28.81 95.69
C PHE H 112 26.62 -28.42 94.93
N GLY H 113 26.79 -27.51 93.97
CA GLY H 113 25.68 -27.03 93.20
C GLY H 113 26.16 -26.35 91.93
N PHE H 114 25.19 -25.84 91.17
CA PHE H 114 25.45 -25.22 89.87
C PHE H 114 25.15 -23.73 89.95
N ILE H 115 26.11 -22.91 89.56
CA ILE H 115 25.96 -21.47 89.55
C ILE H 115 26.54 -20.93 88.25
N ARG H 116 25.80 -20.02 87.61
CA ARG H 116 26.22 -19.39 86.37
C ARG H 116 26.45 -17.91 86.61
N LEU H 117 27.50 -17.36 86.00
CA LEU H 117 27.85 -15.97 86.16
C LEU H 117 27.40 -15.15 84.96
N GLU H 118 27.78 -13.87 84.95
CA GLU H 118 27.38 -12.92 83.92
C GLU H 118 27.82 -13.39 82.54
N THR H 119 29.12 -13.46 82.32
CA THR H 119 29.69 -13.94 81.06
C THR H 119 30.80 -14.93 81.39
N ARG H 120 31.38 -15.52 80.34
CA ARG H 120 32.43 -16.51 80.53
C ARG H 120 33.75 -15.89 81.00
N THR H 121 34.00 -14.62 80.68
CA THR H 121 35.17 -13.95 81.24
C THR H 121 35.15 -13.98 82.76
N LEU H 122 34.04 -13.55 83.36
CA LEU H 122 33.92 -13.58 84.82
C LEU H 122 33.90 -15.01 85.35
N ALA H 123 33.36 -15.96 84.58
CA ALA H 123 33.40 -17.35 85.00
C ALA H 123 34.83 -17.87 85.10
N GLU H 124 35.65 -17.57 84.10
CA GLU H 124 37.06 -17.97 84.14
C GLU H 124 37.77 -17.29 85.29
N ILE H 125 37.53 -15.99 85.50
CA ILE H 125 38.22 -15.28 86.57
C ILE H 125 37.82 -15.83 87.94
N ALA H 126 36.55 -16.20 88.10
CA ALA H 126 36.10 -16.77 89.37
C ALA H 126 36.67 -18.16 89.58
N LYS H 127 36.68 -19.00 88.54
CA LYS H 127 37.25 -20.33 88.66
C LYS H 127 38.75 -20.27 88.92
N VAL H 128 39.41 -19.19 88.51
CA VAL H 128 40.83 -18.99 88.83
C VAL H 128 41.01 -18.53 90.27
N GLU H 129 40.26 -17.50 90.68
CA GLU H 129 40.48 -16.90 91.99
C GLU H 129 39.99 -17.80 93.11
N LEU H 130 38.84 -18.45 92.93
CA LEU H 130 38.21 -19.21 94.00
C LEU H 130 38.62 -20.68 94.01
N ASP H 131 39.53 -21.09 93.13
CA ASP H 131 39.96 -22.48 93.10
C ASP H 131 40.89 -22.78 94.27
N ASN H 132 40.58 -23.85 95.00
CA ASN H 132 41.40 -24.40 96.09
C ASN H 132 41.46 -23.48 97.31
N MET H 133 40.69 -22.41 97.34
CA MET H 133 40.63 -21.56 98.53
C MET H 133 39.82 -22.26 99.62
N PRO H 134 40.33 -22.35 100.84
CA PRO H 134 39.57 -22.98 101.92
C PRO H 134 38.31 -22.18 102.26
N LEU H 135 37.29 -22.88 102.71
CA LEU H 135 36.02 -22.27 103.14
C LEU H 135 35.50 -23.07 104.33
N ARG H 136 35.71 -22.55 105.53
CA ARG H 136 35.28 -23.20 106.77
C ARG H 136 35.87 -24.60 106.88
N GLY H 137 37.19 -24.68 106.80
CA GLY H 137 37.88 -25.96 106.85
C GLY H 137 37.56 -26.85 105.67
N LYS H 138 37.46 -26.28 104.47
CA LYS H 138 37.13 -27.06 103.28
C LYS H 138 37.65 -26.30 102.06
N GLN H 139 38.62 -26.88 101.37
CA GLN H 139 39.11 -26.27 100.14
C GLN H 139 38.03 -26.35 99.07
N LEU H 140 37.88 -25.28 98.29
CA LEU H 140 36.84 -25.22 97.28
C LEU H 140 37.32 -25.86 95.99
N ARG H 141 36.54 -26.79 95.47
CA ARG H 141 36.81 -27.43 94.18
C ARG H 141 35.92 -26.77 93.14
N VAL H 142 36.46 -25.74 92.50
CA VAL H 142 35.77 -25.03 91.43
C VAL H 142 36.37 -25.48 90.10
N ARG H 143 35.55 -26.11 89.27
CA ARG H 143 35.99 -26.67 88.00
C ARG H 143 35.04 -26.25 86.90
N PHE H 144 35.58 -26.19 85.67
CA PHE H 144 34.77 -25.86 84.51
C PHE H 144 33.65 -26.88 84.35
N ALA H 145 32.42 -26.39 84.19
CA ALA H 145 31.27 -27.27 84.03
C ALA H 145 31.14 -27.69 82.57
N CYS H 146 31.04 -28.99 82.34
CA CYS H 146 30.93 -29.50 80.98
C CYS H 146 29.62 -29.06 80.34
N HIS H 147 29.68 -28.80 79.03
CA HIS H 147 28.49 -28.37 78.31
C HIS H 147 27.49 -29.52 78.21
N SER H 148 26.24 -29.25 78.56
CA SER H 148 25.19 -30.26 78.57
C SER H 148 24.38 -30.31 77.29
N ALA H 149 24.59 -29.36 76.37
CA ALA H 149 23.79 -29.28 75.14
C ALA H 149 24.72 -29.05 73.95
N SER H 150 25.79 -29.83 73.87
CA SER H 150 26.74 -29.76 72.79
C SER H 150 26.58 -30.96 71.88
N LEU H 151 26.49 -30.71 70.57
CA LEU H 151 26.33 -31.76 69.57
C LEU H 151 27.48 -31.70 68.58
N THR H 152 27.78 -32.84 67.98
CA THR H 152 28.83 -32.98 66.99
C THR H 152 28.20 -33.21 65.62
N VAL H 153 28.58 -32.39 64.65
CA VAL H 153 28.12 -32.54 63.28
C VAL H 153 29.27 -33.03 62.42
N ARG H 154 29.00 -34.04 61.61
CA ARG H 154 30.01 -34.65 60.75
C ARG H 154 29.57 -34.52 59.29
N ASN H 155 30.50 -34.82 58.39
CA ASN H 155 30.21 -34.88 56.96
C ASN H 155 29.72 -33.54 56.43
N LEU H 156 30.42 -32.47 56.82
CA LEU H 156 30.06 -31.13 56.38
C LEU H 156 30.28 -30.99 54.88
N PRO H 157 29.62 -30.03 54.25
CA PRO H 157 29.92 -29.72 52.85
C PRO H 157 31.34 -29.16 52.71
N GLN H 158 31.84 -29.24 51.48
CA GLN H 158 33.22 -28.84 51.22
C GLN H 158 33.45 -27.36 51.57
N TYR H 159 32.40 -26.55 51.44
CA TYR H 159 32.52 -25.10 51.61
C TYR H 159 31.52 -24.67 52.68
N VAL H 160 32.04 -24.42 53.88
CA VAL H 160 31.20 -24.18 55.05
C VAL H 160 31.86 -23.09 55.89
N SER H 161 31.08 -22.48 56.77
CA SER H 161 31.56 -21.43 57.64
C SER H 161 30.79 -21.48 58.94
N ASN H 162 31.35 -20.83 59.96
CA ASN H 162 30.75 -20.84 61.29
C ASN H 162 29.33 -20.29 61.25
N GLU H 163 29.15 -19.15 60.59
CA GLU H 163 27.83 -18.54 60.52
C GLU H 163 26.85 -19.43 59.79
N LEU H 164 27.33 -20.22 58.83
CA LEU H 164 26.46 -21.15 58.14
C LEU H 164 25.87 -22.16 59.11
N LEU H 165 26.70 -22.70 60.01
CA LEU H 165 26.18 -23.60 61.02
C LEU H 165 25.20 -22.89 61.95
N GLU H 166 25.62 -21.75 62.51
CA GLU H 166 24.76 -21.13 63.52
C GLU H 166 23.45 -20.60 62.96
N GLU H 167 23.39 -20.30 61.66
CA GLU H 167 22.10 -19.99 61.04
C GLU H 167 21.36 -21.26 60.67
N ALA H 168 22.09 -22.33 60.34
CA ALA H 168 21.46 -23.56 59.90
C ALA H 168 20.82 -24.31 61.07
N PHE H 169 21.51 -24.35 62.21
CA PHE H 169 21.04 -25.09 63.37
C PHE H 169 20.21 -24.24 64.33
N SER H 170 19.93 -22.98 63.98
CA SER H 170 19.10 -22.15 64.82
C SER H 170 17.64 -22.57 64.81
N VAL H 171 17.21 -23.30 63.78
CA VAL H 171 15.81 -23.73 63.69
C VAL H 171 15.45 -24.75 64.76
N PHE H 172 16.43 -25.26 65.50
CA PHE H 172 16.17 -26.13 66.64
C PHE H 172 16.20 -25.39 67.96
N GLY H 173 16.81 -24.22 68.01
CA GLY H 173 16.95 -23.48 69.25
C GLY H 173 18.03 -22.45 69.13
N GLN H 174 18.39 -21.87 70.28
CA GLN H 174 19.44 -20.86 70.34
C GLN H 174 20.79 -21.55 70.45
N VAL H 175 21.68 -21.25 69.51
CA VAL H 175 23.02 -21.83 69.49
C VAL H 175 23.96 -20.90 70.25
N GLU H 176 24.68 -21.46 71.21
CA GLU H 176 25.66 -20.65 71.95
C GLU H 176 26.80 -20.23 71.04
N ARG H 177 27.39 -21.19 70.34
CA ARG H 177 28.39 -20.90 69.31
C ARG H 177 28.47 -22.10 68.38
N ALA H 178 28.69 -21.84 67.11
CA ALA H 178 28.87 -22.88 66.11
C ALA H 178 30.25 -22.73 65.51
N VAL H 179 31.06 -23.78 65.65
CA VAL H 179 32.45 -23.73 65.22
C VAL H 179 32.72 -24.90 64.29
N VAL H 180 33.45 -24.62 63.21
CA VAL H 180 33.87 -25.63 62.24
C VAL H 180 35.31 -25.98 62.56
N ILE H 181 35.58 -27.24 62.83
CA ILE H 181 36.93 -27.67 63.19
C ILE H 181 37.83 -27.49 61.98
N VAL H 182 38.98 -26.84 62.18
CA VAL H 182 39.90 -26.54 61.10
C VAL H 182 41.29 -27.01 61.51
N ASP H 183 42.12 -27.31 60.52
CA ASP H 183 43.47 -27.79 60.77
C ASP H 183 44.43 -26.60 60.82
N ASP H 184 45.72 -26.88 60.95
CA ASP H 184 46.72 -25.81 61.00
C ASP H 184 46.77 -25.04 59.69
N ARG H 185 46.73 -25.75 58.56
CA ARG H 185 46.87 -25.09 57.27
C ARG H 185 45.68 -24.20 56.98
N GLY H 186 44.47 -24.62 57.38
CA GLY H 186 43.30 -23.79 57.19
C GLY H 186 42.20 -24.47 56.39
N ARG H 187 42.22 -25.78 56.34
CA ARG H 187 41.14 -26.43 55.63
C ARG H 187 40.11 -26.98 56.61
N PRO H 188 38.83 -26.98 56.26
CA PRO H 188 37.82 -27.59 57.14
C PRO H 188 38.15 -29.05 57.37
N SER H 189 38.01 -29.48 58.62
CA SER H 189 38.34 -30.85 58.97
C SER H 189 37.23 -31.83 58.62
N GLY H 190 36.16 -31.37 57.98
CA GLY H 190 35.02 -32.24 57.72
C GLY H 190 34.19 -32.53 58.95
N LYS H 191 34.38 -31.76 60.01
CA LYS H 191 33.67 -31.96 61.26
C LYS H 191 33.46 -30.62 61.93
N GLY H 192 32.31 -30.46 62.57
CA GLY H 192 32.00 -29.22 63.26
C GLY H 192 31.37 -29.49 64.60
N ILE H 193 31.47 -28.49 65.48
CA ILE H 193 30.92 -28.57 66.82
C ILE H 193 29.88 -27.48 66.98
N VAL H 194 28.66 -27.86 67.32
CA VAL H 194 27.58 -26.91 67.56
C VAL H 194 27.04 -27.16 68.96
N GLU H 195 26.84 -26.09 69.71
CA GLU H 195 26.39 -26.17 71.09
C GLU H 195 25.15 -25.32 71.26
N PHE H 196 24.09 -25.90 71.81
CA PHE H 196 22.83 -25.20 72.00
C PHE H 196 22.79 -24.60 73.40
N SER H 197 21.68 -23.94 73.74
CA SER H 197 21.52 -23.35 75.06
C SER H 197 20.89 -24.30 76.06
N GLY H 198 20.05 -25.22 75.61
CA GLY H 198 19.35 -26.10 76.52
C GLY H 198 19.17 -27.49 75.96
N LYS H 199 18.97 -28.44 76.86
CA LYS H 199 18.82 -29.84 76.46
C LYS H 199 17.67 -30.09 75.50
N PRO H 200 16.45 -29.53 75.69
CA PRO H 200 15.36 -29.86 74.77
C PRO H 200 15.66 -29.54 73.32
N ALA H 201 16.30 -28.40 73.04
CA ALA H 201 16.69 -28.06 71.68
C ALA H 201 17.69 -29.08 71.14
N ALA H 202 18.64 -29.50 71.97
CA ALA H 202 19.62 -30.48 71.55
C ALA H 202 18.96 -31.80 71.19
N ARG H 203 18.03 -32.27 72.02
CA ARG H 203 17.36 -33.53 71.73
C ARG H 203 16.51 -33.42 70.47
N LYS H 204 15.82 -32.28 70.31
CA LYS H 204 15.02 -32.08 69.11
C LYS H 204 15.90 -32.14 67.86
N ALA H 205 17.03 -31.43 67.89
CA ALA H 205 17.93 -31.44 66.75
C ALA H 205 18.44 -32.84 66.48
N LEU H 206 18.87 -33.56 67.52
CA LEU H 206 19.41 -34.90 67.34
C LEU H 206 18.38 -35.82 66.69
N ASP H 207 17.18 -35.89 67.27
CA ASP H 207 16.17 -36.80 66.74
C ASP H 207 15.75 -36.40 65.34
N ARG H 208 15.57 -35.10 65.09
CA ARG H 208 14.99 -34.70 63.82
C ARG H 208 16.00 -34.87 62.70
N CYS H 209 17.27 -34.54 62.96
CA CYS H 209 18.34 -34.77 62.00
C CYS H 209 18.63 -36.24 61.79
N SER H 210 18.42 -37.08 62.81
CA SER H 210 18.60 -38.51 62.60
C SER H 210 17.50 -39.08 61.72
N GLU H 211 16.25 -38.68 61.96
CA GLU H 211 15.15 -39.22 61.16
C GLU H 211 15.06 -38.58 59.78
N GLY H 212 15.54 -37.34 59.62
CA GLY H 212 15.48 -36.64 58.36
C GLY H 212 16.84 -36.35 57.76
N SER H 213 16.85 -35.53 56.72
CA SER H 213 18.08 -35.22 55.99
C SER H 213 18.23 -33.70 55.96
N PHE H 214 19.19 -33.19 56.71
CA PHE H 214 19.39 -31.74 56.86
C PHE H 214 20.44 -31.28 55.85
N LEU H 215 19.97 -30.73 54.73
CA LEU H 215 20.85 -30.32 53.64
C LEU H 215 21.12 -28.83 53.77
N LEU H 216 22.24 -28.47 54.40
CA LEU H 216 22.51 -27.08 54.72
C LEU H 216 23.24 -26.35 53.59
N THR H 217 23.04 -26.81 52.36
CA THR H 217 23.73 -26.31 51.19
C THR H 217 23.03 -26.87 49.95
N THR H 218 23.27 -26.25 48.80
CA THR H 218 22.76 -26.80 47.55
C THR H 218 23.35 -28.17 47.25
N PHE H 219 24.46 -28.53 47.89
CA PHE H 219 25.03 -29.87 47.72
C PHE H 219 24.17 -30.88 48.47
N PRO H 220 23.55 -31.83 47.80
CA PRO H 220 22.63 -32.75 48.48
C PRO H 220 23.33 -33.83 49.28
N ARG H 221 24.07 -33.43 50.31
CA ARG H 221 24.70 -34.38 51.23
C ARG H 221 24.20 -34.08 52.63
N PRO H 222 23.29 -34.88 53.18
CA PRO H 222 22.82 -34.65 54.55
C PRO H 222 23.96 -34.78 55.55
N VAL H 223 23.88 -33.98 56.60
CA VAL H 223 24.89 -33.99 57.66
C VAL H 223 24.43 -34.93 58.76
N THR H 224 25.36 -35.71 59.28
CA THR H 224 25.08 -36.64 60.37
C THR H 224 25.48 -35.99 61.69
N VAL H 225 24.53 -35.91 62.62
CA VAL H 225 24.74 -35.26 63.91
C VAL H 225 24.67 -36.30 65.00
N GLU H 226 25.69 -36.31 65.86
CA GLU H 226 25.80 -37.25 66.96
C GLU H 226 26.12 -36.48 68.24
N PRO H 227 25.77 -37.03 69.40
CA PRO H 227 26.07 -36.34 70.66
C PRO H 227 27.57 -36.21 70.87
N MET H 228 27.99 -35.00 71.25
CA MET H 228 29.40 -34.74 71.49
C MET H 228 29.88 -35.47 72.73
N ASP H 229 31.02 -36.15 72.60
CA ASP H 229 31.65 -36.83 73.72
C ASP H 229 32.67 -35.90 74.36
N GLN H 230 32.39 -35.45 75.57
CA GLN H 230 33.22 -34.46 76.24
C GLN H 230 34.54 -35.10 76.64
N LEU H 231 35.64 -34.63 76.05
CA LEU H 231 36.98 -35.09 76.39
C LEU H 231 37.78 -33.90 76.90
N ASP H 232 38.34 -34.04 78.10
CA ASP H 232 39.08 -32.97 78.76
C ASP H 232 40.53 -33.36 78.93
N ASP H 233 41.42 -32.40 78.68
CA ASP H 233 42.85 -32.62 78.83
C ASP H 233 43.47 -31.70 79.89
N GLU H 234 42.68 -31.28 80.87
CA GLU H 234 43.18 -30.47 81.98
C GLU H 234 43.45 -31.33 83.20
N GLU H 235 42.44 -32.03 83.69
CA GLU H 235 42.58 -32.83 84.90
C GLU H 235 43.37 -34.10 84.65
N GLY H 236 43.07 -34.82 83.56
CA GLY H 236 43.58 -36.17 83.45
C GLY H 236 42.98 -37.00 84.57
N LEU H 237 43.84 -37.66 85.33
CA LEU H 237 43.46 -38.21 86.63
C LEU H 237 44.68 -38.19 87.53
N PRO H 238 44.68 -37.36 88.56
CA PRO H 238 45.75 -37.43 89.56
C PRO H 238 45.64 -38.71 90.38
N GLU H 239 46.74 -39.04 91.06
CA GLU H 239 46.81 -40.28 91.82
C GLU H 239 45.72 -40.35 92.88
N LYS H 240 45.31 -39.20 93.41
CA LYS H 240 44.33 -39.19 94.49
C LYS H 240 43.00 -39.79 94.05
N LEU H 241 42.57 -39.50 92.82
CA LEU H 241 41.33 -40.07 92.32
C LEU H 241 41.45 -41.58 92.15
N VAL H 242 42.65 -42.08 91.88
CA VAL H 242 42.85 -43.52 91.76
C VAL H 242 42.63 -44.18 93.11
N ILE H 243 41.89 -45.29 93.13
CA ILE H 243 41.57 -45.96 94.38
C ILE H 243 42.81 -46.56 95.02
N LYS H 244 43.82 -46.90 94.22
CA LYS H 244 45.05 -47.54 94.70
C LYS H 244 44.74 -48.81 95.47
N ASN H 245 44.03 -49.72 94.81
CA ASN H 245 43.66 -51.01 95.45
C ASN H 245 44.79 -52.02 95.25
N GLN H 246 44.55 -53.27 95.62
CA GLN H 246 45.54 -54.32 95.42
C GLN H 246 45.81 -54.56 93.94
N GLN H 247 44.83 -54.22 93.10
CA GLN H 247 45.07 -54.30 91.64
C GLN H 247 46.17 -53.28 91.29
N PHE H 248 46.08 -52.07 91.87
CA PHE H 248 47.11 -51.06 91.64
C PHE H 248 48.47 -51.58 92.07
N HIS H 249 48.56 -52.22 93.23
CA HIS H 249 49.83 -52.75 93.71
C HIS H 249 50.34 -53.84 92.77
N LYS H 250 49.45 -54.67 92.24
CA LYS H 250 49.86 -55.63 91.21
C LYS H 250 50.41 -54.90 90.00
N GLU H 251 49.82 -53.76 89.64
CA GLU H 251 50.39 -52.92 88.61
C GLU H 251 51.68 -52.26 89.08
N ARG H 252 51.89 -52.17 90.39
CA ARG H 252 53.11 -51.58 90.96
C ARG H 252 54.11 -52.68 91.31
N GLU H 253 54.63 -53.31 90.26
CA GLU H 253 55.68 -54.31 90.41
C GLU H 253 56.96 -53.95 89.67
N GLN H 254 56.89 -53.15 88.62
CA GLN H 254 58.05 -52.74 87.84
C GLN H 254 57.91 -51.28 87.45
N PRO H 255 59.03 -50.57 87.33
CA PRO H 255 58.97 -49.16 86.91
C PRO H 255 58.67 -49.06 85.42
N PRO H 256 58.41 -47.85 84.91
CA PRO H 256 58.31 -47.65 83.46
C PRO H 256 59.67 -47.72 82.79
N ARG H 257 59.89 -48.78 82.02
CA ARG H 257 61.18 -49.01 81.39
C ARG H 257 60.99 -49.86 80.15
N PHE H 258 62.02 -49.89 79.31
CA PHE H 258 61.98 -50.66 78.07
C PHE H 258 61.96 -52.15 78.38
N ALA H 259 61.74 -52.94 77.35
CA ALA H 259 61.73 -54.39 77.46
C ALA H 259 63.02 -54.96 76.90
N GLN H 260 63.66 -55.84 77.67
CA GLN H 260 64.89 -56.46 77.24
C GLN H 260 64.60 -57.44 76.11
N PRO H 261 65.25 -57.32 74.95
CA PRO H 261 64.95 -58.22 73.84
C PRO H 261 65.23 -59.67 74.21
N GLY H 262 64.36 -60.55 73.74
CA GLY H 262 64.46 -61.96 74.02
C GLY H 262 63.76 -62.44 75.27
N SER H 263 63.27 -61.51 76.11
CA SER H 263 62.56 -61.87 77.32
C SER H 263 61.07 -62.03 77.04
N PHE H 264 60.34 -62.54 78.02
CA PHE H 264 58.91 -62.73 77.87
C PHE H 264 58.19 -61.40 77.63
N GLU H 265 58.63 -60.36 78.36
CA GLU H 265 58.07 -59.03 78.16
C GLU H 265 58.13 -58.62 76.70
N TYR H 266 59.31 -58.74 76.09
CA TYR H 266 59.50 -58.29 74.71
C TYR H 266 58.63 -59.09 73.74
N GLU H 267 58.56 -60.41 73.91
CA GLU H 267 57.76 -61.22 73.00
C GLU H 267 56.29 -60.86 73.09
N TYR H 268 55.76 -60.76 74.31
CA TYR H 268 54.33 -60.51 74.44
C TYR H 268 53.99 -59.09 73.99
N ALA H 269 54.89 -58.13 74.27
CA ALA H 269 54.66 -56.77 73.80
C ALA H 269 54.75 -56.67 72.28
N MET H 270 55.63 -57.46 71.64
CA MET H 270 55.65 -57.49 70.19
C MET H 270 54.36 -58.06 69.63
N ARG H 271 53.80 -59.06 70.31
CA ARG H 271 52.47 -59.54 69.92
C ARG H 271 51.43 -58.43 70.02
N TRP H 272 51.49 -57.66 71.10
CA TRP H 272 50.59 -56.52 71.28
C TRP H 272 50.73 -55.51 70.13
N LYS H 273 51.97 -55.15 69.81
CA LYS H 273 52.19 -54.17 68.75
C LYS H 273 51.78 -54.70 67.39
N ALA H 274 51.94 -56.00 67.15
CA ALA H 274 51.41 -56.60 65.93
C ALA H 274 49.89 -56.44 65.87
N LEU H 275 49.22 -56.67 67.01
CA LEU H 275 47.78 -56.46 67.04
C LEU H 275 47.42 -55.01 66.73
N ILE H 276 48.16 -54.05 67.29
CA ILE H 276 47.87 -52.64 67.03
C ILE H 276 48.08 -52.31 65.56
N GLU H 277 49.15 -52.83 64.97
CA GLU H 277 49.40 -52.60 63.55
C GLU H 277 48.26 -53.15 62.71
N MET H 278 47.76 -54.34 63.05
CA MET H 278 46.67 -54.90 62.28
C MET H 278 45.37 -54.14 62.53
N GLU H 279 45.25 -53.50 63.70
CA GLU H 279 44.13 -52.60 63.94
C GLU H 279 44.18 -51.39 63.02
N LYS H 280 45.35 -50.75 62.93
CA LYS H 280 45.50 -49.63 62.01
C LYS H 280 45.22 -50.08 60.58
N GLN H 281 45.64 -51.30 60.23
CA GLN H 281 45.35 -51.82 58.90
C GLN H 281 43.84 -51.92 58.66
N GLN H 282 43.10 -52.47 59.62
CA GLN H 282 41.66 -52.59 59.43
C GLN H 282 40.97 -51.24 59.35
N GLN H 283 41.38 -50.30 60.22
CA GLN H 283 40.78 -48.96 60.18
C GLN H 283 41.07 -48.28 58.85
N ASP H 284 42.30 -48.39 58.35
CA ASP H 284 42.62 -47.79 57.07
C ASP H 284 41.84 -48.46 55.94
N GLN H 285 41.63 -49.77 56.03
CA GLN H 285 40.86 -50.45 55.00
C GLN H 285 39.42 -49.95 54.98
N VAL H 286 38.81 -49.79 56.16
CA VAL H 286 37.44 -49.27 56.20
C VAL H 286 37.40 -47.85 55.67
N ASP H 287 38.39 -47.03 56.03
CA ASP H 287 38.42 -45.66 55.55
C ASP H 287 38.53 -45.59 54.03
N ARG H 288 39.40 -46.43 53.45
CA ARG H 288 39.54 -46.44 52.00
C ARG H 288 38.28 -46.95 51.33
N ASN H 289 37.64 -47.96 51.91
CA ASN H 289 36.38 -48.45 51.37
C ASN H 289 35.33 -47.35 51.32
N ILE H 290 35.18 -46.62 52.43
CA ILE H 290 34.18 -45.56 52.48
C ILE H 290 34.55 -44.42 51.53
N LYS H 291 35.84 -44.11 51.43
CA LYS H 291 36.26 -43.06 50.50
C LYS H 291 35.92 -43.42 49.07
N GLU H 292 36.18 -44.68 48.69
CA GLU H 292 35.85 -45.11 47.33
C GLU H 292 34.35 -45.05 47.08
N ALA H 293 33.54 -45.52 48.04
CA ALA H 293 32.10 -45.46 47.86
C ALA H 293 31.60 -44.03 47.75
N ARG H 294 32.13 -43.14 48.59
CA ARG H 294 31.73 -41.73 48.55
C ARG H 294 32.10 -41.09 47.21
N GLU H 295 33.32 -41.34 46.73
CA GLU H 295 33.73 -40.77 45.46
C GLU H 295 32.89 -41.32 44.31
N LYS H 296 32.51 -42.59 44.40
CA LYS H 296 31.60 -43.14 43.39
C LYS H 296 30.26 -42.45 43.41
N LEU H 297 29.72 -42.19 44.61
CA LEU H 297 28.43 -41.49 44.70
C LEU H 297 28.52 -40.05 44.23
N GLU H 298 29.67 -39.40 44.40
CA GLU H 298 29.78 -38.02 43.93
C GLU H 298 29.73 -37.94 42.41
N MET H 299 30.37 -38.88 41.71
CA MET H 299 30.34 -38.87 40.27
C MET H 299 28.93 -39.11 39.73
N GLU H 300 28.21 -40.04 40.33
CA GLU H 300 26.86 -40.39 39.86
C GLU H 300 25.83 -39.33 40.15
N MET H 301 26.20 -38.16 40.67
CA MET H 301 25.19 -37.16 41.00
C MET H 301 24.52 -36.62 39.74
N GLU H 302 25.32 -36.24 38.75
CA GLU H 302 24.75 -35.60 37.56
C GLU H 302 23.81 -36.54 36.82
N ALA H 303 24.21 -37.80 36.65
CA ALA H 303 23.34 -38.76 35.96
C ALA H 303 22.02 -38.93 36.72
N ALA H 304 22.10 -39.07 38.04
CA ALA H 304 20.89 -39.22 38.84
C ALA H 304 20.01 -37.99 38.74
N ARG H 305 20.60 -36.80 38.80
CA ARG H 305 19.82 -35.57 38.73
C ARG H 305 19.12 -35.45 37.38
N HIS H 306 19.83 -35.71 36.29
CA HIS H 306 19.23 -35.60 34.98
C HIS H 306 18.14 -36.64 34.78
N GLU H 307 18.37 -37.87 35.24
CA GLU H 307 17.35 -38.90 35.10
C GLU H 307 16.12 -38.55 35.92
N HIS H 308 16.31 -37.99 37.12
CA HIS H 308 15.15 -37.59 37.92
C HIS H 308 14.40 -36.45 37.27
N GLN H 309 15.12 -35.49 36.68
CA GLN H 309 14.46 -34.42 35.94
C GLN H 309 13.60 -34.99 34.82
N VAL H 310 14.17 -35.92 34.06
CA VAL H 310 13.43 -36.53 32.94
C VAL H 310 12.20 -37.26 33.47
N MET H 311 12.36 -38.03 34.55
CA MET H 311 11.24 -38.79 35.09
C MET H 311 10.12 -37.88 35.57
N LEU H 312 10.47 -36.84 36.34
CA LEU H 312 9.45 -35.92 36.84
C LEU H 312 8.73 -35.21 35.71
N MET H 313 9.49 -34.75 34.71
CA MET H 313 8.89 -34.01 33.62
C MET H 313 8.01 -34.90 32.76
N ARG H 314 8.43 -36.14 32.50
CA ARG H 314 7.57 -37.07 31.78
C ARG H 314 6.30 -37.38 32.57
N GLN H 315 6.43 -37.51 33.89
CA GLN H 315 5.26 -37.79 34.71
C GLN H 315 4.26 -36.64 34.64
N ASP H 316 4.74 -35.39 34.75
CA ASP H 316 3.79 -34.28 34.73
C ASP H 316 3.22 -34.08 33.33
N LEU H 317 3.99 -34.41 32.28
CA LEU H 317 3.44 -34.37 30.93
C LEU H 317 2.34 -35.41 30.76
N MET H 318 2.53 -36.60 31.31
CA MET H 318 1.46 -37.60 31.26
C MET H 318 0.23 -37.12 32.03
N ARG H 319 0.44 -36.47 33.17
CA ARG H 319 -0.66 -35.88 33.92
C ARG H 319 -1.40 -34.82 33.10
N ARG H 320 -0.65 -33.96 32.41
CA ARG H 320 -1.27 -32.94 31.56
C ARG H 320 -2.08 -33.57 30.44
N GLN H 321 -1.55 -34.62 29.82
CA GLN H 321 -2.28 -35.28 28.74
C GLN H 321 -3.55 -35.93 29.24
N GLU H 322 -3.50 -36.54 30.44
CA GLU H 322 -4.72 -37.09 31.02
C GLU H 322 -5.73 -35.99 31.35
N GLU H 323 -5.25 -34.85 31.83
CA GLU H 323 -6.14 -33.72 32.07
C GLU H 323 -6.81 -33.27 30.78
N LEU H 324 -6.04 -33.19 29.69
CA LEU H 324 -6.58 -32.92 28.38
C LEU H 324 -7.69 -33.89 28.01
N ARG H 325 -7.40 -35.19 28.13
CA ARG H 325 -8.38 -36.19 27.70
C ARG H 325 -9.65 -36.09 28.52
N ARG H 326 -9.52 -35.95 29.84
CA ARG H 326 -10.71 -35.89 30.68
C ARG H 326 -11.52 -34.63 30.41
N MET H 327 -10.84 -33.49 30.22
CA MET H 327 -11.56 -32.26 29.92
C MET H 327 -12.29 -32.37 28.59
N GLU H 328 -11.63 -32.92 27.58
CA GLU H 328 -12.25 -33.07 26.27
C GLU H 328 -13.47 -33.97 26.34
N GLU H 329 -13.34 -35.12 27.00
CA GLU H 329 -14.46 -36.05 27.05
C GLU H 329 -15.62 -35.46 27.86
N LEU H 330 -15.33 -34.79 28.97
CA LEU H 330 -16.42 -34.21 29.76
C LEU H 330 -17.10 -33.10 29.00
N HIS H 331 -16.34 -32.25 28.30
CA HIS H 331 -16.95 -31.17 27.53
C HIS H 331 -17.81 -31.71 26.39
N ASN H 332 -17.28 -32.74 25.70
CA ASN H 332 -18.03 -33.35 24.56
C ASN H 332 -19.32 -33.99 25.10
N GLN H 333 -19.23 -34.72 26.22
CA GLN H 333 -20.42 -35.34 26.79
C GLN H 333 -21.43 -34.30 27.26
N GLU H 334 -20.95 -33.22 27.87
CA GLU H 334 -21.86 -32.18 28.35
C GLU H 334 -22.57 -31.49 27.18
N VAL H 335 -21.84 -31.16 26.11
CA VAL H 335 -22.50 -30.50 24.99
C VAL H 335 -23.46 -31.45 24.29
N GLN H 336 -23.11 -32.73 24.20
CA GLN H 336 -24.04 -33.70 23.64
C GLN H 336 -25.30 -33.82 24.47
N LYS H 337 -25.15 -33.84 25.81
CA LYS H 337 -26.32 -33.90 26.68
C LYS H 337 -27.18 -32.66 26.52
N ARG H 338 -26.55 -31.48 26.42
CA ARG H 338 -27.33 -30.25 26.32
C ARG H 338 -28.04 -30.14 24.97
N LYS H 339 -27.44 -30.69 23.90
CA LYS H 339 -28.13 -30.67 22.62
C LYS H 339 -29.18 -31.77 22.52
N GLN H 340 -29.05 -32.84 23.30
CA GLN H 340 -30.05 -33.90 23.30
C GLN H 340 -31.40 -33.38 23.79
N LEU H 341 -31.38 -32.56 24.83
CA LEU H 341 -32.61 -32.04 25.42
C LEU H 341 -33.07 -30.79 24.69
N LYS I 287 -29.07 -23.84 -65.71
CA LYS I 287 -27.95 -23.19 -66.40
C LYS I 287 -26.69 -24.05 -66.33
N THR I 288 -25.56 -23.46 -66.72
CA THR I 288 -24.27 -24.14 -66.69
C THR I 288 -23.22 -23.21 -66.12
N TYR I 289 -22.19 -23.82 -65.53
CA TYR I 289 -21.01 -23.11 -65.04
C TYR I 289 -21.39 -22.08 -63.99
N THR I 290 -22.12 -22.55 -62.97
CA THR I 290 -22.55 -21.69 -61.88
C THR I 290 -21.47 -21.59 -60.81
N GLN I 291 -21.56 -20.57 -59.96
CA GLN I 291 -20.59 -20.43 -58.84
C GLN I 291 -20.64 -21.70 -57.99
N ARG I 292 -21.85 -22.21 -57.73
CA ARG I 292 -21.98 -23.43 -56.93
C ARG I 292 -21.21 -24.59 -57.53
N CYS I 293 -20.82 -24.50 -58.79
CA CYS I 293 -20.02 -25.53 -59.45
C CYS I 293 -18.53 -25.32 -59.27
N ARG I 294 -18.11 -24.27 -58.57
CA ARG I 294 -16.70 -24.11 -58.25
C ARG I 294 -16.24 -25.24 -57.34
N LEU I 295 -14.99 -25.67 -57.54
CA LEU I 295 -14.39 -26.71 -56.73
C LEU I 295 -13.08 -26.19 -56.14
N PHE I 296 -12.89 -26.41 -54.86
CA PHE I 296 -11.64 -26.11 -54.18
C PHE I 296 -10.84 -27.41 -54.06
N VAL I 297 -9.66 -27.44 -54.68
CA VAL I 297 -8.81 -28.61 -54.68
C VAL I 297 -7.60 -28.31 -53.80
N GLY I 298 -7.36 -29.17 -52.81
CA GLY I 298 -6.27 -28.99 -51.88
C GLY I 298 -5.21 -30.07 -52.04
N ASN I 299 -4.09 -29.86 -51.33
CA ASN I 299 -2.94 -30.76 -51.36
C ASN I 299 -2.44 -30.98 -52.79
N LEU I 300 -2.41 -29.91 -53.57
CA LEU I 300 -1.89 -29.99 -54.94
C LEU I 300 -0.36 -29.93 -54.92
N PRO I 301 0.32 -30.87 -55.58
CA PRO I 301 1.77 -30.78 -55.68
C PRO I 301 2.20 -29.50 -56.39
N ALA I 302 3.35 -28.96 -55.98
CA ALA I 302 3.84 -27.71 -56.55
C ALA I 302 4.14 -27.86 -58.04
N ASP I 303 4.71 -29.00 -58.43
CA ASP I 303 5.10 -29.23 -59.83
C ASP I 303 3.92 -29.86 -60.57
N ILE I 304 2.93 -29.02 -60.89
CA ILE I 304 1.78 -29.44 -61.69
C ILE I 304 1.56 -28.42 -62.79
N THR I 305 0.80 -28.84 -63.80
CA THR I 305 0.50 -28.02 -64.95
C THR I 305 -1.01 -27.92 -65.15
N GLU I 306 -1.42 -26.87 -65.87
CA GLU I 306 -2.83 -26.69 -66.18
C GLU I 306 -3.35 -27.82 -67.06
N ASP I 307 -2.51 -28.31 -67.97
CA ASP I 307 -2.94 -29.39 -68.86
C ASP I 307 -3.25 -30.66 -68.07
N GLU I 308 -2.38 -31.04 -67.13
CA GLU I 308 -2.66 -32.19 -66.28
C GLU I 308 -3.87 -31.92 -65.40
N PHE I 309 -4.04 -30.67 -64.96
CA PHE I 309 -5.19 -30.31 -64.15
C PHE I 309 -6.49 -30.57 -64.90
N LYS I 310 -6.54 -30.18 -66.18
CA LYS I 310 -7.73 -30.44 -66.98
C LYS I 310 -7.85 -31.90 -67.36
N ARG I 311 -6.71 -32.61 -67.47
CA ARG I 311 -6.74 -34.04 -67.75
C ARG I 311 -7.39 -34.81 -66.61
N LEU I 312 -7.16 -34.36 -65.37
CA LEU I 312 -7.76 -35.04 -64.21
C LEU I 312 -9.28 -35.03 -64.30
N PHE I 313 -9.86 -33.89 -64.65
CA PHE I 313 -11.31 -33.72 -64.72
C PHE I 313 -11.83 -33.79 -66.15
N ALA I 314 -11.05 -34.36 -67.07
CA ALA I 314 -11.50 -34.48 -68.46
C ALA I 314 -12.64 -35.49 -68.59
N LYS I 315 -12.78 -36.39 -67.62
CA LYS I 315 -13.80 -37.43 -67.70
C LYS I 315 -15.21 -36.87 -67.61
N TYR I 316 -15.42 -35.81 -66.82
CA TYR I 316 -16.75 -35.30 -66.53
C TYR I 316 -17.21 -34.26 -67.55
N GLY I 317 -16.46 -34.08 -68.62
CA GLY I 317 -16.79 -33.07 -69.62
C GLY I 317 -15.75 -31.99 -69.74
N GLU I 318 -16.11 -30.95 -70.47
CA GLU I 318 -15.19 -29.86 -70.78
C GLU I 318 -14.89 -29.06 -69.53
N PRO I 319 -13.63 -28.99 -69.09
CA PRO I 319 -13.31 -28.18 -67.91
C PRO I 319 -13.55 -26.70 -68.17
N GLY I 320 -13.92 -25.98 -67.11
CA GLY I 320 -14.17 -24.55 -67.23
C GLY I 320 -13.10 -23.68 -66.62
N GLU I 321 -13.49 -22.87 -65.64
CA GLU I 321 -12.54 -21.98 -64.97
C GLU I 321 -11.41 -22.78 -64.35
N VAL I 322 -10.19 -22.29 -64.51
CA VAL I 322 -9.01 -22.92 -63.92
C VAL I 322 -8.10 -21.81 -63.40
N PHE I 323 -8.01 -21.69 -62.08
CA PHE I 323 -7.06 -20.77 -61.43
C PHE I 323 -6.18 -21.59 -60.52
N ILE I 324 -4.87 -21.53 -60.74
CA ILE I 324 -3.89 -22.35 -60.03
C ILE I 324 -2.88 -21.43 -59.34
N ASN I 325 -2.62 -21.71 -58.06
CA ASN I 325 -1.61 -21.00 -57.29
C ASN I 325 -0.55 -22.03 -56.89
N LYS I 326 0.61 -21.96 -57.54
CA LYS I 326 1.64 -22.97 -57.32
C LYS I 326 2.34 -22.80 -55.98
N GLY I 327 2.37 -21.57 -55.45
CA GLY I 327 3.02 -21.34 -54.17
C GLY I 327 2.33 -22.06 -53.02
N LYS I 328 1.00 -21.97 -52.96
CA LYS I 328 0.24 -22.58 -51.88
C LYS I 328 -0.25 -23.99 -52.23
N GLY I 329 -0.13 -24.40 -53.49
CA GLY I 329 -0.58 -25.73 -53.90
C GLY I 329 -2.07 -25.94 -53.81
N PHE I 330 -2.85 -24.97 -54.30
CA PHE I 330 -4.30 -25.10 -54.34
C PHE I 330 -4.81 -24.50 -55.64
N GLY I 331 -5.96 -24.99 -56.10
CA GLY I 331 -6.54 -24.54 -57.35
C GLY I 331 -8.05 -24.60 -57.32
N PHE I 332 -8.66 -23.95 -58.31
CA PHE I 332 -10.11 -23.89 -58.44
C PHE I 332 -10.52 -24.35 -59.83
N ILE I 333 -11.69 -25.00 -59.90
CA ILE I 333 -12.26 -25.44 -61.16
C ILE I 333 -13.77 -25.41 -61.05
N LYS I 334 -14.43 -25.08 -62.15
CA LYS I 334 -15.89 -25.00 -62.20
C LYS I 334 -16.41 -25.99 -63.22
N LEU I 335 -17.50 -26.67 -62.86
CA LEU I 335 -18.04 -27.75 -63.67
C LEU I 335 -19.40 -27.36 -64.27
N GLU I 336 -20.02 -28.33 -64.95
CA GLU I 336 -21.24 -28.08 -65.72
C GLU I 336 -22.46 -27.92 -64.83
N SER I 337 -22.62 -28.77 -63.82
CA SER I 337 -23.84 -28.77 -63.01
C SER I 337 -23.53 -29.35 -61.64
N ARG I 338 -24.58 -29.47 -60.83
CA ARG I 338 -24.41 -29.95 -59.45
C ARG I 338 -24.18 -31.45 -59.40
N ALA I 339 -24.84 -32.21 -60.29
CA ALA I 339 -24.70 -33.66 -60.30
C ALA I 339 -23.27 -34.07 -60.65
N LEU I 340 -22.72 -33.49 -61.72
CA LEU I 340 -21.35 -33.80 -62.10
C LEU I 340 -20.37 -33.30 -61.06
N ALA I 341 -20.64 -32.14 -60.46
CA ALA I 341 -19.80 -31.65 -59.39
C ALA I 341 -19.77 -32.63 -58.23
N GLU I 342 -20.91 -33.21 -57.89
CA GLU I 342 -20.97 -34.14 -56.77
C GLU I 342 -20.33 -35.48 -57.10
N ILE I 343 -20.49 -35.96 -58.33
CA ILE I 343 -19.78 -37.20 -58.68
C ILE I 343 -18.27 -36.95 -58.66
N ALA I 344 -17.83 -35.76 -59.07
CA ALA I 344 -16.41 -35.44 -59.00
C ALA I 344 -15.91 -35.38 -57.56
N LYS I 345 -16.64 -34.69 -56.69
CA LYS I 345 -16.24 -34.59 -55.29
C LYS I 345 -16.17 -35.96 -54.64
N ALA I 346 -17.13 -36.83 -54.96
CA ALA I 346 -17.23 -38.13 -54.32
C ALA I 346 -16.33 -39.19 -54.98
N GLU I 347 -15.79 -38.92 -56.15
CA GLU I 347 -14.90 -39.86 -56.82
C GLU I 347 -13.42 -39.51 -56.63
N LEU I 348 -13.05 -38.24 -56.77
CA LEU I 348 -11.65 -37.87 -56.70
C LEU I 348 -11.19 -37.50 -55.29
N ASP I 349 -12.07 -37.54 -54.30
CA ASP I 349 -11.64 -37.28 -52.93
C ASP I 349 -10.85 -38.46 -52.38
N ASP I 350 -9.84 -38.15 -51.58
CA ASP I 350 -9.00 -39.15 -50.92
C ASP I 350 -8.34 -40.08 -51.95
N THR I 351 -7.87 -39.52 -53.05
CA THR I 351 -7.21 -40.28 -54.09
C THR I 351 -5.73 -39.90 -54.16
N PRO I 352 -4.82 -40.86 -54.15
CA PRO I 352 -3.39 -40.52 -54.20
C PRO I 352 -3.02 -39.87 -55.52
N MET I 353 -2.05 -38.95 -55.46
CA MET I 353 -1.57 -38.24 -56.64
C MET I 353 -0.11 -37.86 -56.39
N ARG I 354 0.80 -38.66 -56.96
CA ARG I 354 2.25 -38.43 -56.82
C ARG I 354 2.65 -38.34 -55.35
N GLY I 355 2.09 -39.22 -54.53
CA GLY I 355 2.37 -39.23 -53.11
C GLY I 355 1.58 -38.24 -52.29
N ARG I 356 0.70 -37.46 -52.91
CA ARG I 356 -0.14 -36.50 -52.22
C ARG I 356 -1.60 -36.90 -52.39
N GLN I 357 -2.32 -36.95 -51.27
CA GLN I 357 -3.74 -37.29 -51.30
C GLN I 357 -4.53 -36.12 -51.86
N LEU I 358 -5.39 -36.39 -52.84
CA LEU I 358 -6.18 -35.33 -53.45
C LEU I 358 -7.28 -34.87 -52.49
N ARG I 359 -7.34 -33.57 -52.26
CA ARG I 359 -8.33 -32.95 -51.39
C ARG I 359 -9.23 -32.07 -52.25
N VAL I 360 -10.50 -32.44 -52.37
CA VAL I 360 -11.47 -31.63 -53.11
C VAL I 360 -12.59 -31.25 -52.15
N ARG I 361 -12.79 -29.96 -51.98
CA ARG I 361 -13.83 -29.43 -51.10
C ARG I 361 -14.57 -28.33 -51.86
N PHE I 362 -15.53 -27.69 -51.18
CA PHE I 362 -16.31 -26.61 -51.74
C PHE I 362 -15.76 -25.27 -51.29
N ALA I 363 -15.66 -24.33 -52.23
CA ALA I 363 -15.27 -22.97 -51.93
C ALA I 363 -16.45 -22.20 -51.36
N THR I 364 -16.14 -21.17 -50.57
CA THR I 364 -17.19 -20.35 -50.00
C THR I 364 -17.82 -19.47 -51.09
N HIS I 365 -19.15 -19.41 -51.09
CA HIS I 365 -19.86 -18.56 -52.03
C HIS I 365 -19.85 -17.14 -51.49
N ALA I 366 -19.12 -16.25 -52.16
CA ALA I 366 -18.93 -14.90 -51.63
C ALA I 366 -20.18 -14.04 -51.82
N ALA I 367 -20.85 -14.15 -52.96
CA ALA I 367 -21.98 -13.29 -53.29
C ALA I 367 -23.26 -13.80 -52.62
N ALA I 368 -23.20 -13.91 -51.30
CA ALA I 368 -24.32 -14.39 -50.50
C ALA I 368 -24.95 -13.23 -49.74
N LEU I 369 -26.25 -13.32 -49.52
CA LEU I 369 -27.00 -12.23 -48.91
C LEU I 369 -28.21 -12.82 -48.19
N SER I 370 -28.25 -12.67 -46.87
CA SER I 370 -29.33 -13.23 -46.07
C SER I 370 -30.50 -12.28 -46.04
N VAL I 371 -31.67 -12.76 -46.48
CA VAL I 371 -32.91 -12.02 -46.44
C VAL I 371 -33.86 -12.76 -45.50
N ARG I 372 -34.69 -12.02 -44.79
CA ARG I 372 -35.59 -12.68 -43.84
C ARG I 372 -36.88 -11.87 -43.73
N ASN I 373 -37.68 -12.23 -42.73
CA ASN I 373 -39.04 -11.72 -42.53
C ASN I 373 -39.96 -12.06 -43.69
N LEU I 374 -39.64 -13.12 -44.42
CA LEU I 374 -40.41 -13.49 -45.60
C LEU I 374 -41.81 -13.94 -45.22
N SER I 375 -42.76 -13.68 -46.12
CA SER I 375 -44.12 -14.16 -45.93
C SER I 375 -44.18 -15.67 -46.17
N PRO I 376 -45.12 -16.36 -45.52
CA PRO I 376 -45.22 -17.82 -45.69
C PRO I 376 -45.69 -18.27 -47.07
N TYR I 377 -45.83 -17.37 -48.04
CA TYR I 377 -46.21 -17.74 -49.40
C TYR I 377 -45.16 -17.38 -50.43
N VAL I 378 -43.94 -17.08 -50.01
CA VAL I 378 -42.85 -16.76 -50.93
C VAL I 378 -42.33 -18.06 -51.52
N SER I 379 -41.51 -17.96 -52.56
CA SER I 379 -40.98 -19.14 -53.23
C SER I 379 -39.68 -18.79 -53.93
N ASN I 380 -39.02 -19.83 -54.45
CA ASN I 380 -37.71 -19.66 -55.08
C ASN I 380 -37.79 -18.71 -56.26
N GLU I 381 -38.79 -18.87 -57.11
CA GLU I 381 -38.87 -18.01 -58.28
C GLU I 381 -39.21 -16.57 -57.90
N LEU I 382 -40.01 -16.36 -56.84
CA LEU I 382 -40.27 -14.99 -56.41
C LEU I 382 -38.99 -14.30 -55.95
N LEU I 383 -38.18 -15.00 -55.16
CA LEU I 383 -36.90 -14.44 -54.73
C LEU I 383 -36.00 -14.20 -55.92
N GLU I 384 -36.03 -15.09 -56.90
CA GLU I 384 -35.21 -14.92 -58.10
C GLU I 384 -35.62 -13.66 -58.85
N GLU I 385 -36.91 -13.52 -59.16
CA GLU I 385 -37.38 -12.39 -59.95
C GLU I 385 -37.20 -11.08 -59.20
N ALA I 386 -37.58 -11.04 -57.92
CA ALA I 386 -37.58 -9.79 -57.17
C ALA I 386 -36.18 -9.21 -57.05
N PHE I 387 -35.20 -10.06 -56.76
CA PHE I 387 -33.82 -9.59 -56.62
C PHE I 387 -33.04 -9.69 -57.92
N SER I 388 -33.66 -10.15 -59.01
CA SER I 388 -33.00 -10.11 -60.31
C SER I 388 -32.75 -8.69 -60.76
N GLN I 389 -33.55 -7.74 -60.27
CA GLN I 389 -33.41 -6.35 -60.68
C GLN I 389 -32.07 -5.76 -60.26
N PHE I 390 -31.44 -6.34 -59.25
CA PHE I 390 -30.16 -5.87 -58.75
C PHE I 390 -28.99 -6.70 -59.24
N GLY I 391 -29.22 -7.66 -60.13
CA GLY I 391 -28.16 -8.49 -60.65
C GLY I 391 -28.65 -9.88 -61.00
N PRO I 392 -27.76 -10.72 -61.54
CA PRO I 392 -28.14 -12.09 -61.86
C PRO I 392 -28.12 -12.97 -60.63
N ILE I 393 -29.07 -13.91 -60.59
CA ILE I 393 -29.27 -14.79 -59.45
C ILE I 393 -28.91 -16.21 -59.86
N GLU I 394 -28.03 -16.84 -59.10
CA GLU I 394 -27.67 -18.23 -59.36
C GLU I 394 -28.54 -19.20 -58.55
N ARG I 395 -28.86 -18.85 -57.31
CA ARG I 395 -29.75 -19.66 -56.50
C ARG I 395 -30.27 -18.81 -55.36
N ALA I 396 -31.56 -18.94 -55.08
CA ALA I 396 -32.21 -18.24 -53.97
C ALA I 396 -33.24 -19.19 -53.38
N VAL I 397 -32.86 -19.91 -52.34
CA VAL I 397 -33.68 -20.95 -51.76
C VAL I 397 -34.25 -20.47 -50.44
N VAL I 398 -35.53 -20.72 -50.21
CA VAL I 398 -36.18 -20.37 -48.97
C VAL I 398 -35.97 -21.50 -47.98
N ILE I 399 -35.31 -21.20 -46.87
CA ILE I 399 -35.00 -22.22 -45.88
C ILE I 399 -36.28 -22.71 -45.23
N VAL I 400 -36.50 -24.03 -45.27
CA VAL I 400 -37.69 -24.64 -44.69
C VAL I 400 -37.25 -25.72 -43.71
N ASP I 401 -38.12 -26.00 -42.75
CA ASP I 401 -37.84 -27.00 -41.72
C ASP I 401 -38.09 -28.39 -42.29
N ASP I 402 -38.10 -29.40 -41.41
CA ASP I 402 -38.26 -30.77 -41.87
C ASP I 402 -39.61 -30.99 -42.55
N ARG I 403 -40.68 -30.43 -41.96
CA ARG I 403 -42.01 -30.59 -42.54
C ARG I 403 -42.17 -29.85 -43.86
N GLY I 404 -41.23 -28.96 -44.20
CA GLY I 404 -41.31 -28.17 -45.42
C GLY I 404 -41.89 -26.79 -45.23
N ARG I 405 -42.47 -26.50 -44.07
CA ARG I 405 -43.02 -25.18 -43.82
C ARG I 405 -41.92 -24.13 -43.80
N SER I 406 -42.28 -22.91 -44.17
CA SER I 406 -41.30 -21.84 -44.25
C SER I 406 -40.82 -21.45 -42.85
N THR I 407 -39.51 -21.35 -42.68
CA THR I 407 -38.95 -20.79 -41.46
C THR I 407 -39.18 -19.28 -41.37
N GLY I 408 -39.66 -18.66 -42.44
CA GLY I 408 -39.79 -17.23 -42.52
C GLY I 408 -38.56 -16.51 -43.03
N LYS I 409 -37.47 -17.22 -43.26
CA LYS I 409 -36.21 -16.65 -43.73
C LYS I 409 -35.92 -17.14 -45.14
N GLY I 410 -34.75 -16.78 -45.63
CA GLY I 410 -34.31 -17.22 -46.94
C GLY I 410 -32.86 -16.85 -47.12
N ILE I 411 -32.28 -17.37 -48.19
CA ILE I 411 -30.92 -17.04 -48.59
C ILE I 411 -30.89 -16.86 -50.11
N VAL I 412 -30.13 -15.88 -50.57
CA VAL I 412 -29.96 -15.62 -51.99
C VAL I 412 -28.48 -15.64 -52.32
N GLU I 413 -28.13 -16.32 -53.40
CA GLU I 413 -26.75 -16.43 -53.85
C GLU I 413 -26.65 -15.71 -55.20
N PHE I 414 -26.15 -14.48 -55.17
CA PHE I 414 -25.98 -13.71 -56.39
C PHE I 414 -24.85 -14.29 -57.23
N ALA I 415 -24.86 -13.93 -58.51
CA ALA I 415 -23.80 -14.36 -59.41
C ALA I 415 -22.51 -13.58 -59.17
N SER I 416 -22.62 -12.26 -58.95
CA SER I 416 -21.47 -11.39 -58.80
C SER I 416 -21.55 -10.65 -57.49
N LYS I 417 -20.39 -10.48 -56.84
CA LYS I 417 -20.33 -9.85 -55.52
C LYS I 417 -20.82 -8.40 -55.53
N PRO I 418 -20.36 -7.52 -56.43
CA PRO I 418 -20.87 -6.14 -56.40
C PRO I 418 -22.37 -6.04 -56.59
N ALA I 419 -22.97 -6.93 -57.38
CA ALA I 419 -24.43 -6.93 -57.50
C ALA I 419 -25.08 -7.23 -56.16
N ALA I 420 -24.51 -8.18 -55.40
CA ALA I 420 -25.04 -8.46 -54.07
C ALA I 420 -24.89 -7.25 -53.16
N ARG I 421 -23.77 -6.54 -53.25
CA ARG I 421 -23.59 -5.34 -52.44
C ARG I 421 -24.64 -4.28 -52.80
N LYS I 422 -24.89 -4.09 -54.09
CA LYS I 422 -25.89 -3.12 -54.50
C LYS I 422 -27.27 -3.51 -54.02
N ALA I 423 -27.61 -4.80 -54.11
CA ALA I 423 -28.90 -5.27 -53.61
C ALA I 423 -29.02 -5.02 -52.11
N PHE I 424 -27.97 -5.33 -51.36
CA PHE I 424 -28.00 -5.13 -49.91
C PHE I 424 -28.21 -3.67 -49.58
N GLU I 425 -27.50 -2.76 -50.27
CA GLU I 425 -27.70 -1.34 -50.02
C GLU I 425 -29.12 -0.92 -50.37
N ARG I 426 -29.57 -1.25 -51.58
CA ARG I 426 -30.86 -0.78 -52.06
C ARG I 426 -32.01 -1.30 -51.19
N CYS I 427 -31.84 -2.47 -50.58
CA CYS I 427 -32.84 -2.92 -49.63
C CYS I 427 -32.56 -2.44 -48.21
N SER I 428 -31.38 -1.88 -47.95
CA SER I 428 -31.09 -1.34 -46.64
C SER I 428 -31.68 0.06 -46.48
N GLU I 429 -31.25 1.01 -47.31
CA GLU I 429 -31.87 2.34 -47.26
C GLU I 429 -33.26 2.30 -47.90
N GLY I 430 -33.40 1.62 -49.03
CA GLY I 430 -34.70 1.46 -49.62
C GLY I 430 -35.54 0.44 -48.88
N VAL I 431 -36.79 0.30 -49.31
CA VAL I 431 -37.76 -0.54 -48.63
C VAL I 431 -38.34 -1.49 -49.65
N PHE I 432 -38.12 -2.79 -49.45
CA PHE I 432 -38.52 -3.79 -50.43
C PHE I 432 -39.63 -4.64 -49.85
N LEU I 433 -40.67 -4.86 -50.65
CA LEU I 433 -41.81 -5.67 -50.27
C LEU I 433 -41.94 -6.83 -51.24
N LEU I 434 -42.57 -7.92 -50.78
CA LEU I 434 -42.69 -9.12 -51.58
C LEU I 434 -44.12 -9.62 -51.69
N THR I 435 -45.06 -9.06 -50.93
CA THR I 435 -46.38 -9.64 -50.80
C THR I 435 -47.36 -8.51 -50.50
N THR I 436 -48.65 -8.76 -50.76
CA THR I 436 -49.67 -7.74 -50.55
C THR I 436 -49.62 -7.19 -49.13
N THR I 437 -49.53 -8.07 -48.14
CA THR I 437 -49.32 -7.62 -46.78
C THR I 437 -47.95 -6.95 -46.66
N PRO I 438 -47.88 -5.73 -46.17
CA PRO I 438 -46.61 -5.00 -46.19
C PRO I 438 -45.58 -5.52 -45.19
N ARG I 439 -44.86 -6.58 -45.58
CA ARG I 439 -43.81 -7.16 -44.74
C ARG I 439 -42.46 -6.89 -45.39
N PRO I 440 -41.73 -5.88 -44.96
CA PRO I 440 -40.43 -5.58 -45.57
C PRO I 440 -39.45 -6.71 -45.32
N VAL I 441 -38.52 -6.87 -46.25
CA VAL I 441 -37.49 -7.90 -46.15
C VAL I 441 -36.21 -7.24 -45.66
N ILE I 442 -35.74 -7.65 -44.50
CA ILE I 442 -34.50 -7.11 -43.96
C ILE I 442 -33.34 -7.91 -44.53
N VAL I 443 -32.35 -7.20 -45.08
CA VAL I 443 -31.26 -7.81 -45.82
C VAL I 443 -29.97 -7.61 -45.05
N GLU I 444 -29.27 -8.71 -44.76
CA GLU I 444 -27.97 -8.69 -44.10
C GLU I 444 -27.07 -9.70 -44.79
N PRO I 445 -25.76 -9.49 -44.77
CA PRO I 445 -24.86 -10.45 -45.42
C PRO I 445 -24.86 -11.79 -44.70
N LEU I 446 -24.68 -12.86 -45.47
CA LEU I 446 -24.68 -14.21 -44.94
C LEU I 446 -23.31 -14.56 -44.35
N GLU I 447 -23.31 -15.49 -43.41
CA GLU I 447 -22.09 -15.97 -42.78
C GLU I 447 -21.83 -17.41 -43.20
N GLN I 448 -20.56 -17.73 -43.42
CA GLN I 448 -20.16 -19.05 -43.92
C GLN I 448 -19.73 -19.91 -42.75
N LEU I 449 -20.33 -21.10 -42.63
CA LEU I 449 -20.02 -22.05 -41.57
C LEU I 449 -19.82 -23.43 -42.18
N ASP I 450 -18.62 -23.99 -42.01
CA ASP I 450 -18.34 -25.31 -42.52
C ASP I 450 -19.10 -26.37 -41.73
N ASP I 451 -19.68 -27.32 -42.45
CA ASP I 451 -20.46 -28.39 -41.83
C ASP I 451 -19.86 -29.76 -42.06
N GLU I 452 -19.53 -30.12 -43.30
CA GLU I 452 -18.95 -31.43 -43.58
C GLU I 452 -17.52 -31.57 -43.08
N ASP I 453 -16.87 -30.46 -42.71
CA ASP I 453 -15.52 -30.47 -42.18
C ASP I 453 -15.53 -29.83 -40.81
N GLY I 454 -15.01 -30.54 -39.82
CA GLY I 454 -14.97 -30.01 -38.47
C GLY I 454 -13.74 -29.16 -38.21
N LEU I 455 -13.17 -29.29 -37.02
CA LEU I 455 -11.90 -28.65 -36.70
C LEU I 455 -10.80 -29.70 -36.75
N PRO I 456 -9.80 -29.55 -37.61
CA PRO I 456 -8.77 -30.58 -37.72
C PRO I 456 -7.99 -30.73 -36.42
N GLU I 457 -7.64 -31.97 -36.10
CA GLU I 457 -6.91 -32.24 -34.86
C GLU I 457 -5.51 -31.68 -34.89
N LYS I 458 -4.89 -31.58 -36.07
CA LYS I 458 -3.51 -31.10 -36.14
C LYS I 458 -3.43 -29.62 -35.75
N LEU I 459 -4.33 -28.79 -36.28
CA LEU I 459 -4.32 -27.38 -35.92
C LEU I 459 -4.70 -27.17 -34.46
N ALA I 460 -5.55 -28.05 -33.91
CA ALA I 460 -5.83 -28.01 -32.48
C ALA I 460 -4.57 -28.33 -31.67
N GLN I 461 -3.82 -29.34 -32.11
CA GLN I 461 -2.60 -29.72 -31.43
C GLN I 461 -1.48 -28.70 -31.60
N LYS I 462 -1.59 -27.81 -32.59
CA LYS I 462 -0.63 -26.71 -32.70
C LYS I 462 -0.61 -25.88 -31.43
N ASN I 463 -1.76 -25.72 -30.78
CA ASN I 463 -1.82 -24.99 -29.52
C ASN I 463 -1.09 -25.77 -28.45
N PRO I 464 -0.13 -25.17 -27.75
CA PRO I 464 0.64 -25.91 -26.74
C PRO I 464 -0.20 -26.48 -25.60
N MET I 465 -1.22 -25.74 -25.15
CA MET I 465 -1.96 -26.13 -23.96
C MET I 465 -3.16 -27.02 -24.25
N TYR I 466 -3.47 -27.29 -25.53
CA TYR I 466 -4.55 -28.22 -25.83
C TYR I 466 -4.22 -29.61 -25.30
N GLN I 467 -2.95 -30.03 -25.41
CA GLN I 467 -2.56 -31.35 -24.92
C GLN I 467 -2.74 -31.44 -23.41
N LYS I 468 -2.24 -30.45 -22.67
CA LYS I 468 -2.37 -30.48 -21.23
C LYS I 468 -3.82 -30.34 -20.78
N GLU I 469 -4.64 -29.68 -21.61
CA GLU I 469 -6.09 -29.62 -21.27
C GLU I 469 -6.70 -31.01 -21.46
N ARG I 470 -6.37 -31.69 -22.57
CA ARG I 470 -6.98 -32.98 -22.86
C ARG I 470 -6.59 -34.06 -21.85
N GLU I 471 -5.59 -33.80 -21.01
CA GLU I 471 -5.12 -34.81 -20.07
C GLU I 471 -6.26 -35.42 -19.27
N THR I 472 -7.16 -34.59 -18.76
CA THR I 472 -8.35 -35.11 -18.09
C THR I 472 -9.33 -35.62 -19.14
N PRO I 473 -9.75 -36.88 -19.08
CA PRO I 473 -10.69 -37.40 -20.06
C PRO I 473 -12.07 -36.80 -19.87
N PRO I 474 -12.89 -36.78 -20.91
CA PRO I 474 -14.28 -36.35 -20.74
C PRO I 474 -15.00 -37.23 -19.72
N ARG I 475 -15.82 -36.61 -18.88
CA ARG I 475 -16.44 -37.34 -17.77
C ARG I 475 -17.78 -36.71 -17.43
N PHE I 476 -18.43 -37.26 -16.40
CA PHE I 476 -19.72 -36.77 -15.92
C PHE I 476 -19.59 -35.88 -14.69
N ALA I 477 -18.36 -35.59 -14.27
CA ALA I 477 -18.07 -35.08 -12.93
C ALA I 477 -18.54 -36.08 -11.88
N GLN I 478 -18.20 -35.86 -10.62
CA GLN I 478 -18.52 -36.82 -9.56
C GLN I 478 -19.16 -36.08 -8.39
N HIS I 479 -20.24 -36.67 -7.86
CA HIS I 479 -21.02 -36.02 -6.82
C HIS I 479 -20.15 -35.61 -5.65
N GLY I 480 -20.08 -34.30 -5.40
CA GLY I 480 -19.35 -33.74 -4.29
C GLY I 480 -18.06 -33.04 -4.71
N THR I 481 -17.49 -33.41 -5.85
CA THR I 481 -16.24 -32.78 -6.26
C THR I 481 -16.50 -31.35 -6.73
N PHE I 482 -15.40 -30.59 -6.83
CA PHE I 482 -15.50 -29.18 -7.21
C PHE I 482 -16.11 -29.02 -8.59
N GLU I 483 -15.66 -29.81 -9.56
CA GLU I 483 -16.18 -29.68 -10.91
C GLU I 483 -17.68 -29.93 -10.95
N TYR I 484 -18.19 -30.80 -10.08
CA TYR I 484 -19.63 -31.05 -10.07
C TYR I 484 -20.42 -29.81 -9.66
N GLU I 485 -20.07 -29.19 -8.54
CA GLU I 485 -20.82 -28.01 -8.11
C GLU I 485 -20.66 -26.87 -9.12
N TYR I 486 -19.48 -26.74 -9.69
CA TYR I 486 -19.27 -25.61 -10.58
C TYR I 486 -20.01 -25.84 -11.89
N SER I 487 -20.11 -27.09 -12.33
CA SER I 487 -20.94 -27.42 -13.49
C SER I 487 -22.41 -27.19 -13.18
N GLN I 488 -22.82 -27.41 -11.93
CA GLN I 488 -24.19 -27.04 -11.56
C GLN I 488 -24.40 -25.54 -11.72
N ARG I 489 -23.41 -24.73 -11.36
CA ARG I 489 -23.54 -23.29 -11.56
C ARG I 489 -23.65 -22.94 -13.05
N TRP I 490 -22.82 -23.57 -13.88
CA TRP I 490 -22.94 -23.36 -15.33
C TRP I 490 -24.32 -23.75 -15.84
N LYS I 491 -24.86 -24.87 -15.33
CA LYS I 491 -26.19 -25.30 -15.78
C LYS I 491 -27.26 -24.31 -15.38
N SER I 492 -27.14 -23.75 -14.17
CA SER I 492 -28.08 -22.70 -13.77
C SER I 492 -28.00 -21.50 -14.72
N LEU I 493 -26.79 -21.08 -15.06
CA LEU I 493 -26.65 -19.96 -15.99
C LEU I 493 -27.29 -20.28 -17.33
N ASP I 494 -27.04 -21.48 -17.86
CA ASP I 494 -27.58 -21.83 -19.16
C ASP I 494 -29.10 -21.91 -19.13
N GLU I 495 -29.67 -22.41 -18.04
CA GLU I 495 -31.12 -22.41 -17.90
C GLU I 495 -31.68 -21.00 -17.89
N MET I 496 -31.00 -20.09 -17.18
CA MET I 496 -31.45 -18.70 -17.17
C MET I 496 -31.40 -18.09 -18.58
N GLU I 497 -30.33 -18.38 -19.34
CA GLU I 497 -30.24 -17.88 -20.70
C GLU I 497 -31.35 -18.41 -21.58
N LYS I 498 -31.66 -19.71 -21.46
CA LYS I 498 -32.75 -20.28 -22.22
C LYS I 498 -34.06 -19.61 -21.87
N GLN I 499 -34.29 -19.36 -20.58
CA GLN I 499 -35.51 -18.67 -20.16
C GLN I 499 -35.60 -17.28 -20.78
N GLN I 500 -34.49 -16.54 -20.79
CA GLN I 500 -34.51 -15.20 -21.38
C GLN I 500 -34.82 -15.25 -22.87
N ARG I 501 -34.21 -16.20 -23.59
CA ARG I 501 -34.49 -16.31 -25.02
C ARG I 501 -35.95 -16.66 -25.28
N GLU I 502 -36.50 -17.58 -24.48
CA GLU I 502 -37.92 -17.92 -24.64
C GLU I 502 -38.80 -16.71 -24.38
N GLN I 503 -38.45 -15.92 -23.35
CA GLN I 503 -39.23 -14.72 -23.04
C GLN I 503 -39.20 -13.74 -24.19
N VAL I 504 -38.02 -13.51 -24.77
CA VAL I 504 -37.94 -12.60 -25.91
C VAL I 504 -38.78 -13.10 -27.07
N GLU I 505 -38.68 -14.39 -27.39
CA GLU I 505 -39.40 -14.91 -28.55
C GLU I 505 -40.91 -14.82 -28.33
N LYS I 506 -41.38 -15.09 -27.11
CA LYS I 506 -42.81 -14.96 -26.83
C LYS I 506 -43.26 -13.50 -26.94
N ASN I 507 -42.49 -12.59 -26.35
CA ASN I 507 -42.79 -11.16 -26.45
C ASN I 507 -42.94 -10.76 -27.92
N MET I 508 -41.96 -11.18 -28.72
CA MET I 508 -41.94 -10.78 -30.15
C MET I 508 -43.15 -11.38 -30.87
N LYS I 509 -43.37 -12.68 -30.73
CA LYS I 509 -44.58 -13.24 -31.34
C LYS I 509 -45.80 -12.41 -30.98
N ASP I 510 -45.90 -12.00 -29.71
CA ASP I 510 -46.99 -11.11 -29.31
C ASP I 510 -46.99 -9.83 -30.14
N ALA I 511 -45.83 -9.21 -30.31
CA ALA I 511 -45.75 -7.97 -31.07
C ALA I 511 -46.15 -8.18 -32.52
N LYS I 512 -45.70 -9.29 -33.13
CA LYS I 512 -46.08 -9.58 -34.51
C LYS I 512 -47.60 -9.74 -34.63
N ASP I 513 -48.21 -10.49 -33.69
CA ASP I 513 -49.65 -10.69 -33.75
C ASP I 513 -50.39 -9.37 -33.60
N LYS I 514 -49.94 -8.52 -32.68
CA LYS I 514 -50.59 -7.23 -32.48
C LYS I 514 -50.48 -6.37 -33.74
N LEU I 515 -49.31 -6.35 -34.37
CA LEU I 515 -49.15 -5.55 -35.58
C LEU I 515 -49.99 -6.08 -36.72
N GLU I 516 -50.11 -7.41 -36.82
CA GLU I 516 -50.95 -7.99 -37.86
C GLU I 516 -52.43 -7.67 -37.64
N SER I 517 -52.87 -7.65 -36.38
CA SER I 517 -54.28 -7.43 -36.09
C SER I 517 -54.71 -6.01 -36.45
N GLU I 518 -53.75 -5.10 -36.64
CA GLU I 518 -54.07 -3.70 -36.94
C GLU I 518 -53.85 -3.34 -38.40
N MET I 519 -54.15 -4.26 -39.32
CA MET I 519 -54.05 -3.95 -40.75
C MET I 519 -55.11 -2.93 -41.17
N GLU I 520 -56.38 -3.31 -41.04
CA GLU I 520 -57.44 -2.52 -41.64
C GLU I 520 -57.71 -1.24 -40.87
N ASP I 521 -57.42 -1.21 -39.56
CA ASP I 521 -57.50 0.05 -38.83
C ASP I 521 -56.58 1.10 -39.45
N ALA I 522 -55.31 0.74 -39.62
CA ALA I 522 -54.36 1.69 -40.20
C ALA I 522 -54.71 2.01 -41.65
N TYR I 523 -55.14 1.01 -42.42
CA TYR I 523 -55.52 1.27 -43.80
C TYR I 523 -56.65 2.28 -43.89
N HIS I 524 -57.71 2.05 -43.13
CA HIS I 524 -58.86 2.96 -43.14
C HIS I 524 -58.47 4.33 -42.62
N GLU I 525 -57.61 4.39 -41.60
CA GLU I 525 -57.17 5.68 -41.09
C GLU I 525 -56.43 6.47 -42.16
N HIS I 526 -55.54 5.80 -42.90
CA HIS I 526 -54.83 6.49 -43.97
C HIS I 526 -55.78 6.98 -45.05
N GLN I 527 -56.72 6.13 -45.46
CA GLN I 527 -57.67 6.53 -46.50
C GLN I 527 -58.49 7.74 -46.04
N ALA I 528 -58.99 7.69 -44.81
CA ALA I 528 -59.80 8.78 -44.29
C ALA I 528 -58.99 10.06 -44.17
N ASN I 529 -57.73 9.95 -43.77
CA ASN I 529 -56.90 11.15 -43.67
C ASN I 529 -56.66 11.77 -45.04
N LEU I 530 -56.39 10.94 -46.06
CA LEU I 530 -56.22 11.47 -47.41
C LEU I 530 -57.49 12.17 -47.88
N LEU I 531 -58.65 11.54 -47.65
CA LEU I 531 -59.90 12.14 -48.07
C LEU I 531 -60.14 13.47 -47.34
N ARG I 532 -59.83 13.51 -46.04
CA ARG I 532 -60.01 14.74 -45.28
C ARG I 532 -59.11 15.85 -45.79
N GLN I 533 -57.85 15.53 -46.10
CA GLN I 533 -56.95 16.56 -46.60
C GLN I 533 -57.41 17.09 -47.95
N ASP I 534 -57.82 16.21 -48.86
CA ASP I 534 -58.32 16.67 -50.15
C ASP I 534 -59.57 17.52 -49.99
N LEU I 535 -60.47 17.10 -49.09
CA LEU I 535 -61.70 17.85 -48.86
C LEU I 535 -61.39 19.22 -48.27
N MET I 536 -60.42 19.31 -47.37
CA MET I 536 -60.05 20.59 -46.81
C MET I 536 -59.47 21.51 -47.87
N ARG I 537 -58.63 20.97 -48.76
CA ARG I 537 -58.10 21.77 -49.86
C ARG I 537 -59.23 22.30 -50.75
N ARG I 538 -60.19 21.44 -51.08
CA ARG I 538 -61.32 21.88 -51.90
C ARG I 538 -62.16 22.92 -51.18
N GLN I 539 -62.31 22.77 -49.86
CA GLN I 539 -63.06 23.77 -49.09
C GLN I 539 -62.36 25.12 -49.12
N GLU I 540 -61.03 25.13 -48.99
CA GLU I 540 -60.30 26.39 -49.07
C GLU I 540 -60.47 27.03 -50.45
N GLU I 541 -60.38 26.21 -51.50
CA GLU I 541 -60.57 26.75 -52.85
C GLU I 541 -61.98 27.32 -53.02
N LEU I 542 -62.99 26.62 -52.50
CA LEU I 542 -64.37 27.11 -52.56
C LEU I 542 -64.50 28.46 -51.86
N ARG I 543 -63.94 28.57 -50.66
CA ARG I 543 -64.05 29.82 -49.91
C ARG I 543 -63.39 30.96 -50.69
N ARG I 544 -62.17 30.73 -51.19
CA ARG I 544 -61.45 31.80 -51.88
C ARG I 544 -62.18 32.23 -53.15
N MET I 545 -62.58 31.26 -53.98
CA MET I 545 -63.28 31.62 -55.22
C MET I 545 -64.61 32.30 -54.93
N GLU I 546 -65.34 31.82 -53.93
CA GLU I 546 -66.64 32.40 -53.63
C GLU I 546 -66.51 33.82 -53.14
N GLU I 547 -65.53 34.11 -52.29
CA GLU I 547 -65.37 35.49 -51.83
C GLU I 547 -64.90 36.40 -52.96
N LEU I 548 -64.05 35.90 -53.86
CA LEU I 548 -63.65 36.71 -55.01
C LEU I 548 -64.85 37.03 -55.88
N HIS I 549 -65.69 36.03 -56.15
CA HIS I 549 -66.88 36.25 -56.96
C HIS I 549 -67.85 37.19 -56.28
N SER I 550 -67.95 37.11 -54.95
CA SER I 550 -68.81 38.04 -54.21
C SER I 550 -68.31 39.47 -54.34
N GLN I 551 -66.99 39.67 -54.26
CA GLN I 551 -66.43 41.01 -54.46
C GLN I 551 -66.72 41.52 -55.85
N GLU I 552 -66.57 40.67 -56.86
CA GLU I 552 -66.87 41.08 -58.23
C GLU I 552 -68.35 41.45 -58.38
N MET I 553 -69.24 40.66 -57.77
CA MET I 553 -70.66 40.98 -57.81
C MET I 553 -70.95 42.32 -57.14
N GLN I 554 -70.28 42.58 -56.01
CA GLN I 554 -70.48 43.85 -55.33
C GLN I 554 -70.06 45.02 -56.22
N LYS I 555 -68.90 44.89 -56.88
CA LYS I 555 -68.46 45.96 -57.77
C LYS I 555 -69.43 46.16 -58.93
N ARG I 556 -69.89 45.07 -59.54
CA ARG I 556 -70.83 45.18 -60.65
C ARG I 556 -72.14 45.82 -60.21
N LYS I 557 -72.65 45.45 -59.03
CA LYS I 557 -73.88 46.04 -58.53
C LYS I 557 -73.71 47.53 -58.26
N GLU I 558 -72.55 47.92 -57.70
CA GLU I 558 -72.30 49.34 -57.48
C GLU I 558 -72.30 50.11 -58.79
N MET I 559 -71.62 49.57 -59.81
CA MET I 559 -71.61 50.23 -61.10
C MET I 559 -73.01 50.33 -61.68
N GLN I 560 -73.79 49.26 -61.57
CA GLN I 560 -75.16 49.26 -62.11
C GLN I 560 -76.02 50.30 -61.40
N LEU I 561 -75.88 50.42 -60.07
CA LEU I 561 -76.64 51.42 -59.35
C LEU I 561 -76.26 52.83 -59.76
N ARG I 562 -74.97 53.08 -59.95
CA ARG I 562 -74.54 54.41 -60.41
C ARG I 562 -75.11 54.72 -61.79
N GLN I 563 -75.07 53.75 -62.70
CA GLN I 563 -75.65 53.97 -64.02
C GLN I 563 -77.16 54.21 -63.92
N GLU I 564 -77.83 53.47 -63.04
CA GLU I 564 -79.27 53.63 -62.88
C GLU I 564 -79.63 55.02 -62.38
N GLU I 565 -78.89 55.53 -61.40
CA GLU I 565 -79.21 56.86 -60.88
C GLU I 565 -78.89 57.94 -61.89
N GLU I 566 -77.80 57.77 -62.66
CA GLU I 566 -77.52 58.72 -63.73
C GLU I 566 -78.63 58.72 -64.78
N ARG I 567 -79.12 57.53 -65.13
CA ARG I 567 -80.21 57.43 -66.10
C ARG I 567 -81.47 58.09 -65.55
N ARG I 568 -81.77 57.90 -64.26
CA ARG I 568 -82.90 58.58 -63.64
C ARG I 568 -82.76 60.10 -63.74
N ARG I 569 -81.59 60.63 -63.43
CA ARG I 569 -81.44 62.09 -63.46
C ARG I 569 -81.61 62.62 -64.88
N ARG I 570 -81.05 61.92 -65.88
CA ARG I 570 -81.20 62.37 -67.25
C ARG I 570 -82.65 62.29 -67.70
N GLU I 571 -83.35 61.21 -67.34
CA GLU I 571 -84.76 61.09 -67.68
C GLU I 571 -85.59 62.19 -67.04
N GLU I 572 -85.28 62.54 -65.79
CA GLU I 572 -86.00 63.63 -65.13
C GLU I 572 -85.75 64.95 -65.82
N GLU I 573 -84.51 65.21 -66.24
CA GLU I 573 -84.23 66.44 -66.96
C GLU I 573 -84.99 66.51 -68.27
N MET I 574 -84.97 65.44 -69.05
CA MET I 574 -85.75 65.41 -70.28
C MET I 574 -87.24 65.53 -70.00
N MET I 575 -87.67 65.00 -68.86
CA MET I 575 -89.08 65.01 -68.50
C MET I 575 -89.56 66.44 -68.26
N ILE I 576 -88.79 67.21 -67.48
CA ILE I 576 -89.16 68.60 -67.22
C ILE I 576 -89.01 69.44 -68.47
N ARG I 577 -88.02 69.14 -69.32
CA ARG I 577 -87.91 69.84 -70.59
C ARG I 577 -89.15 69.62 -71.45
N GLN I 578 -89.62 68.38 -71.51
CA GLN I 578 -90.85 68.09 -72.26
C GLN I 578 -92.05 68.79 -71.63
N ARG I 579 -92.07 68.90 -70.30
CA ARG I 579 -93.16 69.63 -69.65
C ARG I 579 -93.17 71.09 -70.09
N GLU I 580 -92.01 71.74 -70.10
CA GLU I 580 -91.93 73.13 -70.53
C GLU I 580 -92.34 73.26 -71.99
N MET I 581 -91.90 72.33 -72.84
CA MET I 581 -92.23 72.37 -74.26
C MET I 581 -93.74 72.23 -74.47
N GLU I 582 -94.38 71.31 -73.73
CA GLU I 582 -95.82 71.14 -73.83
C GLU I 582 -96.57 72.38 -73.35
N GLU I 583 -96.09 73.02 -72.27
CA GLU I 583 -96.71 74.25 -71.82
C GLU I 583 -96.60 75.34 -72.89
N GLN I 584 -95.45 75.39 -73.57
CA GLN I 584 -95.29 76.36 -74.65
C GLN I 584 -96.29 76.10 -75.78
N MET I 585 -96.48 74.84 -76.16
CA MET I 585 -97.48 74.55 -77.19
C MET I 585 -98.88 74.89 -76.73
N ARG I 586 -99.19 74.67 -75.45
CA ARG I 586 -100.51 75.05 -74.93
C ARG I 586 -100.71 76.55 -75.06
N ARG I 587 -99.70 77.33 -74.69
CA ARG I 587 -99.80 78.79 -74.83
C ARG I 587 -99.98 79.19 -76.29
N GLN I 588 -99.22 78.56 -77.19
CA GLN I 588 -99.32 78.89 -78.61
C GLN I 588 -100.71 78.56 -79.15
N ARG I 589 -101.27 77.42 -78.78
CA ARG I 589 -102.59 77.05 -79.25
C ARG I 589 -103.68 77.94 -78.66
N GLU I 590 -103.51 78.37 -77.40
CA GLU I 590 -104.45 79.31 -76.82
C GLU I 590 -104.42 80.63 -77.56
N GLU I 591 -103.23 81.11 -77.93
CA GLU I 591 -103.14 82.32 -78.74
C GLU I 591 -103.76 82.13 -80.11
N SER I 592 -103.54 80.97 -80.72
CA SER I 592 -104.06 80.71 -82.06
C SER I 592 -105.58 80.67 -82.07
N TYR I 593 -106.19 80.07 -81.04
CA TYR I 593 -107.64 79.98 -80.99
C TYR I 593 -108.29 81.36 -80.92
N SER I 594 -107.72 82.26 -80.13
CA SER I 594 -108.25 83.61 -79.99
C SER I 594 -108.03 84.41 -81.28
N LYS J 69 -18.66 -43.32 -42.30
CA LYS J 69 -18.13 -44.56 -42.83
C LYS J 69 -19.13 -45.22 -43.77
N THR J 70 -19.01 -46.53 -43.94
CA THR J 70 -19.90 -47.29 -44.83
C THR J 70 -21.16 -47.68 -44.09
N PHE J 71 -22.29 -47.66 -44.82
CA PHE J 71 -23.58 -48.09 -44.29
C PHE J 71 -23.97 -47.27 -43.05
N THR J 72 -24.03 -45.96 -43.24
CA THR J 72 -24.43 -45.05 -42.17
C THR J 72 -25.82 -44.51 -42.45
N GLN J 73 -26.30 -43.62 -41.56
CA GLN J 73 -27.56 -42.95 -41.80
C GLN J 73 -27.47 -41.93 -42.94
N ARG J 74 -26.26 -41.46 -43.26
CA ARG J 74 -26.09 -40.56 -44.38
C ARG J 74 -26.27 -41.26 -45.73
N SER J 75 -26.25 -42.60 -45.74
CA SER J 75 -26.54 -43.37 -46.94
C SER J 75 -27.99 -43.80 -47.04
N ARG J 76 -28.79 -43.56 -46.00
CA ARG J 76 -30.20 -43.89 -46.05
C ARG J 76 -30.91 -43.01 -47.07
N LEU J 77 -31.80 -43.62 -47.86
CA LEU J 77 -32.49 -42.92 -48.94
C LEU J 77 -33.99 -43.05 -48.79
N PHE J 78 -34.70 -41.99 -49.16
CA PHE J 78 -36.15 -41.97 -49.19
C PHE J 78 -36.60 -42.00 -50.64
N VAL J 79 -37.17 -43.14 -51.06
CA VAL J 79 -37.67 -43.34 -52.41
C VAL J 79 -39.19 -43.27 -52.36
N GLY J 80 -39.78 -42.38 -53.16
CA GLY J 80 -41.21 -42.17 -53.19
C GLY J 80 -41.78 -42.39 -54.58
N ASN J 81 -43.12 -42.28 -54.64
CA ASN J 81 -43.88 -42.46 -55.87
C ASN J 81 -43.62 -43.83 -56.50
N LEU J 82 -43.47 -44.84 -55.66
CA LEU J 82 -43.26 -46.19 -56.17
C LEU J 82 -44.58 -46.76 -56.71
N PRO J 83 -44.51 -47.58 -57.77
CA PRO J 83 -45.74 -48.15 -58.33
C PRO J 83 -46.41 -49.08 -57.34
N PRO J 84 -47.73 -49.24 -57.44
CA PRO J 84 -48.44 -50.10 -56.47
C PRO J 84 -48.03 -51.57 -56.53
N ASP J 85 -47.44 -52.02 -57.64
CA ASP J 85 -46.99 -53.41 -57.77
C ASP J 85 -45.52 -53.58 -57.35
N ILE J 86 -45.04 -52.72 -56.44
CA ILE J 86 -43.63 -52.76 -56.07
C ILE J 86 -43.30 -54.06 -55.34
N THR J 87 -42.07 -54.54 -55.54
CA THR J 87 -41.59 -55.75 -54.89
C THR J 87 -40.17 -55.51 -54.40
N GLU J 88 -39.77 -56.30 -53.40
CA GLU J 88 -38.43 -56.17 -52.84
C GLU J 88 -37.35 -56.55 -53.86
N GLU J 89 -37.57 -57.64 -54.61
CA GLU J 89 -36.55 -58.11 -55.54
C GLU J 89 -36.34 -57.13 -56.68
N GLU J 90 -37.42 -56.50 -57.17
CA GLU J 90 -37.28 -55.54 -58.26
C GLU J 90 -36.42 -54.35 -57.85
N MET J 91 -36.68 -53.79 -56.67
CA MET J 91 -35.86 -52.68 -56.20
C MET J 91 -34.45 -53.13 -55.87
N ARG J 92 -34.29 -54.37 -55.38
CA ARG J 92 -32.96 -54.90 -55.14
C ARG J 92 -32.16 -54.99 -56.44
N LYS J 93 -32.82 -55.36 -57.54
CA LYS J 93 -32.16 -55.36 -58.83
C LYS J 93 -31.96 -53.94 -59.35
N LEU J 94 -32.82 -53.00 -58.94
CA LEU J 94 -32.66 -51.61 -59.35
C LEU J 94 -31.35 -51.03 -58.81
N PHE J 95 -31.01 -51.36 -57.57
CA PHE J 95 -29.79 -50.90 -56.93
C PHE J 95 -28.63 -51.88 -57.13
N GLU J 96 -28.77 -52.84 -58.04
CA GLU J 96 -27.69 -53.79 -58.29
C GLU J 96 -26.46 -53.08 -58.86
N LYS J 97 -26.68 -52.02 -59.64
CA LYS J 97 -25.59 -51.20 -60.15
C LYS J 97 -24.85 -50.49 -59.03
N TYR J 98 -25.42 -50.43 -57.83
CA TYR J 98 -24.84 -49.73 -56.70
C TYR J 98 -24.51 -50.68 -55.55
N GLY J 99 -23.92 -51.83 -55.88
CA GLY J 99 -23.43 -52.73 -54.85
C GLY J 99 -24.54 -53.33 -54.02
N LYS J 100 -24.22 -53.56 -52.74
CA LYS J 100 -25.14 -54.18 -51.81
C LYS J 100 -26.16 -53.17 -51.29
N ALA J 101 -27.25 -53.70 -50.71
CA ALA J 101 -28.31 -52.88 -50.14
C ALA J 101 -28.56 -53.33 -48.70
N GLY J 102 -28.93 -52.36 -47.86
CA GLY J 102 -29.18 -52.64 -46.46
C GLY J 102 -30.62 -53.01 -46.17
N GLU J 103 -31.23 -52.33 -45.19
CA GLU J 103 -32.59 -52.63 -44.81
C GLU J 103 -33.55 -52.27 -45.93
N VAL J 104 -34.39 -53.22 -46.33
CA VAL J 104 -35.38 -53.01 -47.37
C VAL J 104 -36.73 -52.94 -46.68
N PHE J 105 -37.14 -51.72 -46.34
CA PHE J 105 -38.45 -51.45 -45.77
C PHE J 105 -39.36 -50.87 -46.84
N ILE J 106 -40.52 -51.48 -47.04
CA ILE J 106 -41.44 -51.09 -48.09
C ILE J 106 -42.87 -51.11 -47.55
N HIS J 107 -43.62 -50.05 -47.84
CA HIS J 107 -45.06 -50.01 -47.62
C HIS J 107 -45.74 -50.13 -48.98
N LYS J 108 -46.54 -51.17 -49.16
CA LYS J 108 -47.10 -51.47 -50.47
C LYS J 108 -48.11 -50.41 -50.90
N ASP J 109 -48.98 -49.99 -49.98
CA ASP J 109 -50.10 -49.15 -50.36
C ASP J 109 -49.72 -47.69 -50.52
N LYS J 110 -48.85 -47.16 -49.64
CA LYS J 110 -48.55 -45.73 -49.69
C LYS J 110 -47.47 -45.39 -50.70
N GLY J 111 -46.82 -46.38 -51.30
CA GLY J 111 -45.95 -46.14 -52.44
C GLY J 111 -44.59 -45.58 -52.13
N PHE J 112 -44.05 -45.82 -50.93
CA PHE J 112 -42.69 -45.40 -50.61
C PHE J 112 -42.09 -46.36 -49.59
N GLY J 113 -40.78 -46.29 -49.46
CA GLY J 113 -40.08 -47.15 -48.52
C GLY J 113 -38.68 -46.65 -48.22
N PHE J 114 -38.07 -47.29 -47.22
CA PHE J 114 -36.73 -46.96 -46.76
C PHE J 114 -35.74 -47.99 -47.30
N ILE J 115 -34.62 -47.50 -47.82
CA ILE J 115 -33.55 -48.35 -48.31
C ILE J 115 -32.23 -47.85 -47.74
N ARG J 116 -31.25 -48.75 -47.69
CA ARG J 116 -29.92 -48.44 -47.21
C ARG J 116 -28.90 -48.84 -48.26
N LEU J 117 -27.94 -47.95 -48.52
CA LEU J 117 -26.93 -48.16 -49.55
C LEU J 117 -25.58 -48.43 -48.90
N GLU J 118 -24.59 -48.71 -49.76
CA GLU J 118 -23.28 -49.15 -49.27
C GLU J 118 -22.52 -48.02 -48.61
N THR J 119 -22.23 -46.95 -49.36
CA THR J 119 -21.41 -45.86 -48.86
C THR J 119 -22.08 -44.52 -49.18
N ARG J 120 -21.50 -43.46 -48.64
CA ARG J 120 -22.04 -42.12 -48.83
C ARG J 120 -21.89 -41.67 -50.29
N THR J 121 -20.72 -41.89 -50.88
CA THR J 121 -20.54 -41.61 -52.31
C THR J 121 -21.55 -42.36 -53.16
N LEU J 122 -21.69 -43.67 -52.91
CA LEU J 122 -22.66 -44.48 -53.63
C LEU J 122 -24.07 -43.96 -53.39
N ALA J 123 -24.38 -43.55 -52.15
CA ALA J 123 -25.71 -43.04 -51.85
C ALA J 123 -26.00 -41.79 -52.65
N GLU J 124 -25.07 -40.84 -52.67
CA GLU J 124 -25.26 -39.60 -53.42
C GLU J 124 -25.44 -39.90 -54.90
N ILE J 125 -24.59 -40.76 -55.46
CA ILE J 125 -24.66 -41.04 -56.89
C ILE J 125 -25.97 -41.72 -57.25
N ALA J 126 -26.38 -42.71 -56.46
CA ALA J 126 -27.62 -43.41 -56.74
C ALA J 126 -28.83 -42.49 -56.60
N LYS J 127 -28.84 -41.65 -55.56
CA LYS J 127 -29.95 -40.72 -55.38
C LYS J 127 -30.05 -39.76 -56.55
N VAL J 128 -28.92 -39.23 -57.00
CA VAL J 128 -28.93 -38.27 -58.10
C VAL J 128 -29.32 -38.94 -59.42
N GLU J 129 -28.87 -40.17 -59.64
CA GLU J 129 -29.08 -40.86 -60.90
C GLU J 129 -30.28 -41.79 -60.89
N LEU J 130 -31.11 -41.74 -59.86
CA LEU J 130 -32.31 -42.58 -59.79
C LEU J 130 -33.60 -41.78 -59.64
N ASP J 131 -33.54 -40.48 -59.43
CA ASP J 131 -34.74 -39.67 -59.30
C ASP J 131 -35.01 -38.92 -60.60
N ASN J 132 -36.28 -38.58 -60.81
CA ASN J 132 -36.83 -37.85 -61.95
C ASN J 132 -36.97 -38.70 -63.22
N MET J 133 -36.60 -40.01 -63.17
CA MET J 133 -37.01 -40.72 -64.38
C MET J 133 -38.23 -41.59 -64.09
N PRO J 134 -39.15 -41.70 -65.05
CA PRO J 134 -40.36 -42.48 -64.82
C PRO J 134 -40.08 -43.97 -64.71
N LEU J 135 -40.96 -44.65 -63.98
CA LEU J 135 -40.96 -46.12 -63.89
C LEU J 135 -42.42 -46.58 -63.93
N ARG J 136 -42.80 -47.21 -65.03
CA ARG J 136 -44.18 -47.65 -65.23
C ARG J 136 -45.16 -46.49 -65.07
N GLY J 137 -44.79 -45.36 -65.68
CA GLY J 137 -45.60 -44.16 -65.57
C GLY J 137 -45.64 -43.54 -64.19
N LYS J 138 -44.51 -43.51 -63.50
CA LYS J 138 -44.42 -42.88 -62.18
C LYS J 138 -43.00 -42.40 -61.98
N GLN J 139 -42.81 -41.08 -61.97
CA GLN J 139 -41.48 -40.51 -61.80
C GLN J 139 -40.98 -40.76 -60.38
N LEU J 140 -39.75 -41.25 -60.27
CA LEU J 140 -39.19 -41.57 -58.96
C LEU J 140 -38.94 -40.31 -58.15
N ARG J 141 -39.24 -40.37 -56.86
CA ARG J 141 -38.96 -39.30 -55.91
C ARG J 141 -37.95 -39.84 -54.92
N VAL J 142 -36.67 -39.75 -55.27
CA VAL J 142 -35.59 -40.21 -54.42
C VAL J 142 -34.82 -39.01 -53.90
N ARG J 143 -35.16 -38.56 -52.70
CA ARG J 143 -34.53 -37.42 -52.06
C ARG J 143 -33.85 -37.87 -50.76
N PHE J 144 -33.11 -36.96 -50.14
CA PHE J 144 -32.38 -37.26 -48.93
C PHE J 144 -33.34 -37.31 -47.75
N ALA J 145 -33.29 -38.42 -47.01
CA ALA J 145 -34.13 -38.58 -45.83
C ALA J 145 -33.48 -37.93 -44.61
N CYS J 146 -34.31 -37.39 -43.74
CA CYS J 146 -33.81 -36.67 -42.57
C CYS J 146 -33.10 -37.61 -41.60
N HIS J 147 -32.14 -37.05 -40.86
CA HIS J 147 -31.43 -37.79 -39.83
C HIS J 147 -32.31 -37.92 -38.59
N SER J 148 -32.63 -39.14 -38.20
CA SER J 148 -33.56 -39.37 -37.11
C SER J 148 -32.90 -39.43 -35.74
N ALA J 149 -31.58 -39.37 -35.68
CA ALA J 149 -30.85 -39.48 -34.41
C ALA J 149 -29.75 -38.43 -34.28
N SER J 150 -30.03 -37.20 -34.71
CA SER J 150 -29.06 -36.14 -34.58
C SER J 150 -29.12 -35.51 -33.19
N LEU J 151 -28.09 -34.75 -32.87
CA LEU J 151 -28.01 -34.06 -31.59
C LEU J 151 -27.05 -32.89 -31.76
N THR J 152 -27.44 -31.72 -31.25
CA THR J 152 -26.56 -30.56 -31.27
C THR J 152 -26.05 -30.30 -29.86
N VAL J 153 -24.78 -29.95 -29.76
CA VAL J 153 -24.10 -29.74 -28.48
C VAL J 153 -23.60 -28.32 -28.43
N ARG J 154 -23.87 -27.63 -27.33
CA ARG J 154 -23.61 -26.21 -27.25
C ARG J 154 -22.59 -25.92 -26.17
N ASN J 155 -22.08 -24.68 -26.18
CA ASN J 155 -21.19 -24.15 -25.16
C ASN J 155 -19.84 -24.87 -25.11
N LEU J 156 -19.35 -25.36 -26.25
CA LEU J 156 -18.12 -26.14 -26.25
C LEU J 156 -16.93 -25.28 -25.84
N PRO J 157 -15.93 -25.88 -25.19
CA PRO J 157 -14.74 -25.14 -24.78
C PRO J 157 -13.99 -24.56 -25.97
N GLN J 158 -13.04 -23.68 -25.65
CA GLN J 158 -12.31 -22.96 -26.69
C GLN J 158 -11.29 -23.84 -27.39
N TYR J 159 -10.91 -24.96 -26.78
CA TYR J 159 -10.02 -25.94 -27.39
C TYR J 159 -10.79 -27.24 -27.53
N VAL J 160 -11.37 -27.47 -28.71
CA VAL J 160 -12.13 -28.66 -29.00
C VAL J 160 -11.73 -29.19 -30.36
N SER J 161 -12.18 -30.42 -30.65
CA SER J 161 -11.92 -31.06 -31.93
C SER J 161 -13.04 -32.03 -32.21
N ASN J 162 -13.26 -32.31 -33.49
CA ASN J 162 -14.33 -33.23 -33.86
C ASN J 162 -14.04 -34.65 -33.39
N GLU J 163 -12.76 -35.04 -33.35
CA GLU J 163 -12.43 -36.35 -32.78
C GLU J 163 -12.61 -36.35 -31.28
N LEU J 164 -12.49 -35.18 -30.64
CA LEU J 164 -12.83 -35.09 -29.22
C LEU J 164 -14.29 -35.45 -29.00
N LEU J 165 -15.17 -34.98 -29.89
CA LEU J 165 -16.58 -35.35 -29.82
C LEU J 165 -16.77 -36.83 -30.15
N GLU J 166 -16.03 -37.33 -31.15
CA GLU J 166 -16.13 -38.73 -31.52
C GLU J 166 -15.71 -39.65 -30.40
N GLU J 167 -14.82 -39.19 -29.51
CA GLU J 167 -14.36 -40.04 -28.41
C GLU J 167 -15.19 -39.83 -27.16
N ALA J 168 -15.62 -38.60 -26.89
CA ALA J 168 -16.37 -38.31 -25.68
C ALA J 168 -17.79 -38.85 -25.76
N PHE J 169 -18.47 -38.60 -26.89
CA PHE J 169 -19.84 -39.07 -27.06
C PHE J 169 -19.90 -40.51 -27.53
N SER J 170 -18.75 -41.14 -27.79
CA SER J 170 -18.74 -42.56 -28.08
C SER J 170 -19.20 -43.39 -26.88
N VAL J 171 -19.18 -42.80 -25.68
CA VAL J 171 -19.62 -43.51 -24.49
C VAL J 171 -21.10 -43.88 -24.61
N PHE J 172 -21.92 -42.94 -25.07
CA PHE J 172 -23.35 -43.20 -25.22
C PHE J 172 -23.68 -44.05 -26.44
N GLY J 173 -22.72 -44.28 -27.34
CA GLY J 173 -22.96 -45.09 -28.50
C GLY J 173 -21.99 -44.76 -29.60
N GLN J 174 -22.17 -45.43 -30.74
CA GLN J 174 -21.30 -45.24 -31.89
C GLN J 174 -21.61 -43.91 -32.56
N VAL J 175 -20.58 -43.15 -32.89
CA VAL J 175 -20.73 -41.85 -33.53
C VAL J 175 -20.43 -42.02 -35.02
N GLU J 176 -21.47 -41.90 -35.85
CA GLU J 176 -21.23 -41.92 -37.29
C GLU J 176 -20.42 -40.71 -37.71
N ARG J 177 -20.72 -39.54 -37.17
CA ARG J 177 -19.99 -38.32 -37.49
C ARG J 177 -20.34 -37.25 -36.47
N ALA J 178 -19.32 -36.59 -35.93
CA ALA J 178 -19.50 -35.43 -35.07
C ALA J 178 -18.63 -34.31 -35.61
N VAL J 179 -19.17 -33.10 -35.66
CA VAL J 179 -18.50 -31.97 -36.28
C VAL J 179 -18.63 -30.76 -35.37
N VAL J 180 -17.50 -30.16 -35.01
CA VAL J 180 -17.52 -28.85 -34.37
C VAL J 180 -17.62 -27.80 -35.47
N ILE J 181 -18.71 -27.02 -35.45
CA ILE J 181 -18.93 -26.05 -36.50
C ILE J 181 -17.82 -25.02 -36.50
N VAL J 182 -17.19 -24.83 -37.65
CA VAL J 182 -16.10 -23.88 -37.82
C VAL J 182 -16.51 -22.84 -38.86
N ASP J 183 -16.24 -21.58 -38.55
CA ASP J 183 -16.52 -20.51 -39.49
C ASP J 183 -15.41 -20.48 -40.55
N ASP J 184 -15.41 -19.44 -41.39
CA ASP J 184 -14.48 -19.38 -42.50
C ASP J 184 -13.04 -19.23 -42.02
N ARG J 185 -12.80 -18.34 -41.05
CA ARG J 185 -11.44 -18.04 -40.64
C ARG J 185 -10.78 -19.24 -39.96
N GLY J 186 -11.54 -19.97 -39.15
CA GLY J 186 -11.00 -21.13 -38.47
C GLY J 186 -11.37 -21.18 -37.00
N ARG J 187 -11.93 -20.08 -36.50
CA ARG J 187 -12.33 -20.05 -35.10
C ARG J 187 -13.53 -20.97 -34.88
N PRO J 188 -13.60 -21.64 -33.73
CA PRO J 188 -14.80 -22.44 -33.43
C PRO J 188 -16.00 -21.55 -33.18
N SER J 189 -17.15 -22.00 -33.65
CA SER J 189 -18.39 -21.28 -33.39
C SER J 189 -18.88 -21.48 -31.97
N GLY J 190 -18.46 -22.56 -31.31
CA GLY J 190 -18.95 -22.89 -29.99
C GLY J 190 -20.06 -23.91 -29.96
N LYS J 191 -20.54 -24.36 -31.11
CA LYS J 191 -21.60 -25.36 -31.19
C LYS J 191 -21.04 -26.65 -31.77
N GLY J 192 -21.91 -27.62 -32.00
CA GLY J 192 -21.48 -28.88 -32.59
C GLY J 192 -22.65 -29.58 -33.23
N ILE J 193 -22.33 -30.57 -34.05
CA ILE J 193 -23.31 -31.43 -34.69
C ILE J 193 -22.91 -32.87 -34.39
N VAL J 194 -23.80 -33.60 -33.72
CA VAL J 194 -23.54 -34.99 -33.34
C VAL J 194 -24.63 -35.85 -33.95
N GLU J 195 -24.22 -36.87 -34.69
CA GLU J 195 -25.15 -37.84 -35.29
C GLU J 195 -24.73 -39.23 -34.82
N PHE J 196 -25.53 -39.80 -33.94
CA PHE J 196 -25.32 -41.17 -33.50
C PHE J 196 -25.90 -42.10 -34.58
N SER J 197 -26.03 -43.38 -34.27
CA SER J 197 -26.57 -44.33 -35.23
C SER J 197 -28.05 -44.60 -35.05
N GLY J 198 -28.55 -44.59 -33.81
CA GLY J 198 -29.91 -45.00 -33.56
C GLY J 198 -30.63 -44.00 -32.66
N LYS J 199 -31.96 -44.03 -32.76
CA LYS J 199 -32.79 -43.14 -31.96
C LYS J 199 -32.68 -43.38 -30.46
N PRO J 200 -32.78 -44.62 -29.94
CA PRO J 200 -32.70 -44.80 -28.49
C PRO J 200 -31.38 -44.33 -27.90
N ALA J 201 -30.27 -44.56 -28.60
CA ALA J 201 -28.99 -44.06 -28.12
C ALA J 201 -28.97 -42.55 -28.08
N ALA J 202 -29.55 -41.90 -29.09
CA ALA J 202 -29.63 -40.45 -29.09
C ALA J 202 -30.45 -39.94 -27.92
N ARG J 203 -31.59 -40.59 -27.65
CA ARG J 203 -32.42 -40.17 -26.52
C ARG J 203 -31.68 -40.35 -25.21
N LYS J 204 -30.99 -41.48 -25.03
CA LYS J 204 -30.30 -41.71 -23.77
C LYS J 204 -29.15 -40.73 -23.60
N ALA J 205 -28.42 -40.42 -24.67
CA ALA J 205 -27.38 -39.41 -24.57
C ALA J 205 -27.97 -38.05 -24.21
N LEU J 206 -29.08 -37.69 -24.85
CA LEU J 206 -29.71 -36.40 -24.60
C LEU J 206 -30.11 -36.28 -23.13
N ASP J 207 -30.84 -37.27 -22.61
CA ASP J 207 -31.32 -37.14 -21.25
C ASP J 207 -30.21 -37.32 -20.22
N ARG J 208 -29.17 -38.11 -20.53
CA ARG J 208 -28.04 -38.24 -19.63
C ARG J 208 -27.27 -36.93 -19.53
N CYS J 209 -27.01 -36.28 -20.66
CA CYS J 209 -26.36 -34.98 -20.64
C CYS J 209 -27.26 -33.90 -20.07
N SER J 210 -28.57 -34.10 -20.10
CA SER J 210 -29.49 -33.15 -19.48
C SER J 210 -29.42 -33.25 -17.96
N GLU J 211 -29.70 -34.44 -17.41
CA GLU J 211 -29.66 -34.60 -15.96
C GLU J 211 -28.23 -34.52 -15.44
N GLY J 212 -27.28 -35.08 -16.17
CA GLY J 212 -25.88 -35.00 -15.79
C GLY J 212 -25.25 -33.72 -16.28
N SER J 213 -23.94 -33.61 -16.05
CA SER J 213 -23.15 -32.47 -16.51
C SER J 213 -21.91 -33.01 -17.20
N PHE J 214 -22.04 -33.30 -18.50
CA PHE J 214 -20.98 -33.95 -19.26
C PHE J 214 -19.84 -32.99 -19.55
N LEU J 215 -18.78 -33.04 -18.77
CA LEU J 215 -17.61 -32.23 -19.06
C LEU J 215 -16.95 -32.70 -20.35
N LEU J 216 -15.92 -31.97 -20.76
CA LEU J 216 -15.12 -32.38 -21.91
C LEU J 216 -13.63 -32.22 -21.72
N THR J 217 -13.17 -31.54 -20.69
CA THR J 217 -11.75 -31.20 -20.55
C THR J 217 -11.54 -30.83 -19.09
N THR J 218 -10.36 -30.25 -18.79
CA THR J 218 -10.10 -29.78 -17.42
C THR J 218 -10.96 -28.57 -17.09
N PHE J 219 -11.15 -27.65 -18.05
CA PHE J 219 -11.95 -26.46 -17.81
C PHE J 219 -13.37 -26.87 -17.45
N PRO J 220 -13.79 -26.66 -16.20
CA PRO J 220 -15.04 -27.26 -15.73
C PRO J 220 -16.29 -26.64 -16.32
N ARG J 221 -16.42 -26.69 -17.64
CA ARG J 221 -17.59 -26.17 -18.34
C ARG J 221 -18.40 -27.30 -18.96
N PRO J 222 -19.56 -27.63 -18.43
CA PRO J 222 -20.38 -28.67 -19.08
C PRO J 222 -20.86 -28.23 -20.45
N VAL J 223 -21.44 -29.16 -21.20
CA VAL J 223 -21.96 -28.85 -22.53
C VAL J 223 -23.45 -29.18 -22.54
N THR J 224 -24.27 -28.21 -22.91
CA THR J 224 -25.70 -28.44 -23.04
C THR J 224 -25.99 -29.13 -24.36
N VAL J 225 -26.79 -30.20 -24.31
CA VAL J 225 -27.10 -31.00 -25.49
C VAL J 225 -28.58 -30.87 -25.79
N GLU J 226 -28.89 -30.55 -27.04
CA GLU J 226 -30.25 -30.35 -27.52
C GLU J 226 -30.44 -31.08 -28.84
N PRO J 227 -31.68 -31.43 -29.18
CA PRO J 227 -31.91 -32.06 -30.48
C PRO J 227 -31.68 -31.05 -31.61
N MET J 228 -31.01 -31.51 -32.66
CA MET J 228 -30.66 -30.65 -33.78
C MET J 228 -31.89 -30.32 -34.60
N ASP J 229 -32.03 -29.05 -34.98
CA ASP J 229 -33.12 -28.59 -35.83
C ASP J 229 -32.71 -28.78 -37.28
N GLN J 230 -33.24 -29.81 -37.92
CA GLN J 230 -32.87 -30.13 -39.29
C GLN J 230 -33.59 -29.18 -40.24
N LEU J 231 -32.88 -28.17 -40.73
CA LEU J 231 -33.43 -27.20 -41.67
C LEU J 231 -33.04 -27.59 -43.09
N ASP J 232 -34.01 -27.60 -43.99
CA ASP J 232 -33.81 -28.04 -45.36
C ASP J 232 -33.70 -26.83 -46.27
N ASP J 233 -32.60 -26.75 -47.02
CA ASP J 233 -32.36 -25.66 -47.96
C ASP J 233 -32.10 -26.18 -49.36
N GLU J 234 -32.61 -27.37 -49.68
CA GLU J 234 -32.44 -27.96 -51.00
C GLU J 234 -33.68 -27.76 -51.86
N GLU J 235 -34.84 -28.27 -51.40
CA GLU J 235 -36.07 -28.05 -52.14
C GLU J 235 -36.57 -26.61 -52.00
N GLY J 236 -36.39 -26.01 -50.84
CA GLY J 236 -36.96 -24.69 -50.63
C GLY J 236 -38.47 -24.77 -50.67
N LEU J 237 -39.07 -24.14 -51.68
CA LEU J 237 -40.51 -24.19 -51.89
C LEU J 237 -40.83 -24.24 -53.37
N PRO J 238 -41.06 -25.42 -53.94
CA PRO J 238 -41.71 -25.47 -55.26
C PRO J 238 -43.15 -25.01 -55.18
N GLU J 239 -43.64 -24.46 -56.28
CA GLU J 239 -44.97 -23.87 -56.30
C GLU J 239 -46.04 -24.92 -56.07
N LYS J 240 -45.79 -26.15 -56.53
CA LYS J 240 -46.83 -27.19 -56.52
C LYS J 240 -47.27 -27.54 -55.10
N LEU J 241 -46.34 -27.64 -54.14
CA LEU J 241 -46.72 -28.01 -52.79
C LEU J 241 -47.47 -26.88 -52.08
N VAL J 242 -47.32 -25.63 -52.53
CA VAL J 242 -48.02 -24.54 -51.88
C VAL J 242 -49.54 -24.72 -52.07
N ILE J 243 -50.30 -24.31 -51.06
CA ILE J 243 -51.73 -24.57 -51.04
C ILE J 243 -52.44 -23.86 -52.19
N LYS J 244 -51.97 -22.67 -52.56
CA LYS J 244 -52.58 -21.87 -53.63
C LYS J 244 -54.05 -21.57 -53.32
N ASN J 245 -54.35 -21.35 -52.04
CA ASN J 245 -55.72 -21.12 -51.60
C ASN J 245 -56.13 -19.68 -51.86
N GLN J 246 -57.26 -19.27 -51.27
CA GLN J 246 -57.74 -17.90 -51.44
C GLN J 246 -56.74 -16.90 -50.86
N GLN J 247 -56.11 -17.25 -49.74
CA GLN J 247 -55.08 -16.38 -49.17
C GLN J 247 -53.93 -16.18 -50.14
N PHE J 248 -53.53 -17.26 -50.83
CA PHE J 248 -52.49 -17.13 -51.85
C PHE J 248 -52.83 -16.05 -52.87
N HIS J 249 -54.05 -16.12 -53.43
CA HIS J 249 -54.49 -15.06 -54.33
C HIS J 249 -54.57 -13.73 -53.61
N LYS J 250 -55.08 -13.74 -52.37
CA LYS J 250 -55.13 -12.52 -51.57
C LYS J 250 -53.74 -11.96 -51.34
N GLU J 251 -52.73 -12.82 -51.26
CA GLU J 251 -51.35 -12.40 -51.03
C GLU J 251 -50.55 -12.28 -52.33
N ARG J 252 -51.19 -12.43 -53.49
CA ARG J 252 -50.52 -12.26 -54.77
C ARG J 252 -51.25 -11.25 -55.65
N GLU J 253 -52.07 -10.39 -55.06
CA GLU J 253 -52.76 -9.37 -55.85
C GLU J 253 -51.77 -8.42 -56.51
N GLN J 254 -50.71 -8.06 -55.78
CA GLN J 254 -49.76 -7.11 -56.31
C GLN J 254 -48.35 -7.70 -56.33
N PRO J 255 -47.58 -7.42 -57.38
CA PRO J 255 -46.25 -8.02 -57.50
C PRO J 255 -45.26 -7.42 -56.52
N PRO J 256 -44.13 -8.07 -56.30
CA PRO J 256 -43.09 -7.47 -55.46
C PRO J 256 -42.57 -6.17 -56.04
N ARG J 257 -42.26 -5.23 -55.16
CA ARG J 257 -41.82 -3.89 -55.54
C ARG J 257 -41.49 -3.12 -54.26
N PHE J 258 -40.93 -1.92 -54.45
CA PHE J 258 -40.63 -1.04 -53.34
C PHE J 258 -41.90 -0.37 -52.82
N ALA J 259 -41.73 0.55 -51.87
CA ALA J 259 -42.83 1.31 -51.32
C ALA J 259 -42.61 2.79 -51.61
N GLN J 260 -43.61 3.43 -52.22
CA GLN J 260 -43.52 4.85 -52.51
C GLN J 260 -43.59 5.64 -51.21
N PRO J 261 -42.66 6.56 -50.96
CA PRO J 261 -42.64 7.27 -49.68
C PRO J 261 -43.91 8.06 -49.43
N GLY J 262 -44.31 8.14 -48.17
CA GLY J 262 -45.49 8.89 -47.79
C GLY J 262 -46.80 8.20 -48.05
N SER J 263 -46.79 6.90 -48.34
CA SER J 263 -48.00 6.15 -48.60
C SER J 263 -48.31 5.26 -47.41
N PHE J 264 -49.34 4.42 -47.54
CA PHE J 264 -49.69 3.49 -46.48
C PHE J 264 -48.63 2.39 -46.35
N GLU J 265 -48.23 1.82 -47.48
CA GLU J 265 -47.27 0.72 -47.45
C GLU J 265 -45.95 1.15 -46.82
N TYR J 266 -45.45 2.33 -47.20
CA TYR J 266 -44.16 2.78 -46.69
C TYR J 266 -44.21 2.99 -45.18
N GLU J 267 -45.27 3.64 -44.69
CA GLU J 267 -45.37 3.90 -43.27
C GLU J 267 -45.49 2.59 -42.48
N TYR J 268 -46.29 1.64 -43.00
CA TYR J 268 -46.47 0.41 -42.25
C TYR J 268 -45.22 -0.46 -42.30
N ALA J 269 -44.49 -0.40 -43.41
CA ALA J 269 -43.20 -1.06 -43.48
C ALA J 269 -42.21 -0.43 -42.52
N MET J 270 -42.30 0.88 -42.28
CA MET J 270 -41.46 1.49 -41.27
C MET J 270 -41.83 0.98 -39.88
N ARG J 271 -43.11 0.78 -39.62
CA ARG J 271 -43.50 0.16 -38.36
C ARG J 271 -42.85 -1.22 -38.21
N TRP J 272 -42.94 -2.03 -39.26
CA TRP J 272 -42.30 -3.36 -39.23
C TRP J 272 -40.79 -3.28 -39.02
N LYS J 273 -40.11 -2.40 -39.74
CA LYS J 273 -38.65 -2.34 -39.61
C LYS J 273 -38.23 -1.80 -38.25
N ALA J 274 -39.02 -0.89 -37.67
CA ALA J 274 -38.76 -0.49 -36.28
C ALA J 274 -38.90 -1.67 -35.35
N LEU J 275 -39.93 -2.50 -35.56
CA LEU J 275 -40.08 -3.70 -34.74
C LEU J 275 -38.89 -4.63 -34.90
N ILE J 276 -38.39 -4.78 -36.11
CA ILE J 276 -37.27 -5.69 -36.36
C ILE J 276 -35.99 -5.15 -35.74
N GLU J 277 -35.77 -3.84 -35.79
CA GLU J 277 -34.64 -3.27 -35.08
C GLU J 277 -34.77 -3.45 -33.58
N MET J 278 -35.99 -3.39 -33.05
CA MET J 278 -36.19 -3.76 -31.65
C MET J 278 -35.80 -5.20 -31.40
N GLU J 279 -36.13 -6.10 -32.34
CA GLU J 279 -35.66 -7.47 -32.24
C GLU J 279 -34.15 -7.54 -32.11
N LYS J 280 -33.44 -6.84 -33.01
CA LYS J 280 -31.98 -6.84 -32.97
C LYS J 280 -31.47 -6.35 -31.63
N GLN J 281 -32.05 -5.25 -31.13
CA GLN J 281 -31.57 -4.68 -29.87
C GLN J 281 -31.81 -5.64 -28.71
N GLN J 282 -32.97 -6.29 -28.65
CA GLN J 282 -33.23 -7.21 -27.55
C GLN J 282 -32.30 -8.41 -27.59
N GLN J 283 -32.08 -8.99 -28.77
CA GLN J 283 -31.17 -10.13 -28.86
C GLN J 283 -29.76 -9.73 -28.48
N ASP J 284 -29.32 -8.55 -28.91
CA ASP J 284 -27.98 -8.11 -28.53
C ASP J 284 -27.87 -7.85 -27.04
N GLN J 285 -28.92 -7.33 -26.41
CA GLN J 285 -28.88 -7.13 -24.97
C GLN J 285 -28.78 -8.47 -24.23
N VAL J 286 -29.53 -9.47 -24.65
CA VAL J 286 -29.43 -10.79 -24.01
C VAL J 286 -28.03 -11.36 -24.21
N ASP J 287 -27.49 -11.22 -25.42
CA ASP J 287 -26.13 -11.68 -25.70
C ASP J 287 -25.13 -11.00 -24.76
N ARG J 288 -25.25 -9.69 -24.59
CA ARG J 288 -24.32 -8.97 -23.73
C ARG J 288 -24.43 -9.41 -22.29
N ASN J 289 -25.66 -9.61 -21.80
CA ASN J 289 -25.83 -10.06 -20.42
C ASN J 289 -25.15 -11.42 -20.22
N ILE J 290 -25.37 -12.35 -21.13
CA ILE J 290 -24.78 -13.67 -20.99
C ILE J 290 -23.26 -13.60 -21.06
N LYS J 291 -22.73 -12.76 -21.95
CA LYS J 291 -21.28 -12.66 -22.08
C LYS J 291 -20.66 -12.08 -20.81
N GLU J 292 -21.30 -11.07 -20.21
CA GLU J 292 -20.78 -10.53 -18.96
C GLU J 292 -20.82 -11.56 -17.84
N ALA J 293 -21.91 -12.32 -17.75
CA ALA J 293 -21.97 -13.37 -16.73
C ALA J 293 -20.88 -14.42 -16.95
N ARG J 294 -20.63 -14.77 -18.21
CA ARG J 294 -19.58 -15.74 -18.51
C ARG J 294 -18.22 -15.23 -18.08
N GLU J 295 -17.93 -13.95 -18.36
CA GLU J 295 -16.65 -13.39 -17.92
C GLU J 295 -16.55 -13.40 -16.40
N LYS J 296 -17.65 -13.10 -15.71
CA LYS J 296 -17.61 -13.12 -14.25
C LYS J 296 -17.29 -14.52 -13.73
N LEU J 297 -17.89 -15.55 -14.31
CA LEU J 297 -17.59 -16.92 -13.87
C LEU J 297 -16.15 -17.31 -14.20
N GLU J 298 -15.67 -16.91 -15.38
CA GLU J 298 -14.28 -17.18 -15.73
C GLU J 298 -13.32 -16.55 -14.72
N MET J 299 -13.67 -15.38 -14.19
CA MET J 299 -12.83 -14.79 -13.16
C MET J 299 -12.98 -15.50 -11.82
N GLU J 300 -14.20 -15.93 -11.49
CA GLU J 300 -14.45 -16.61 -10.22
C GLU J 300 -13.86 -18.03 -10.19
N MET J 301 -13.37 -18.52 -11.34
CA MET J 301 -12.67 -19.80 -11.42
C MET J 301 -11.75 -20.10 -10.24
N GLU J 302 -10.70 -19.30 -10.08
CA GLU J 302 -9.64 -19.66 -9.16
C GLU J 302 -10.11 -19.57 -7.72
N ALA J 303 -10.90 -18.56 -7.40
CA ALA J 303 -11.42 -18.44 -6.04
C ALA J 303 -12.26 -19.64 -5.68
N ALA J 304 -13.15 -20.07 -6.58
CA ALA J 304 -13.97 -21.24 -6.29
C ALA J 304 -13.11 -22.49 -6.12
N ARG J 305 -12.12 -22.66 -6.99
CA ARG J 305 -11.27 -23.84 -6.92
C ARG J 305 -10.52 -23.91 -5.59
N HIS J 306 -9.90 -22.81 -5.19
CA HIS J 306 -9.13 -22.82 -3.96
C HIS J 306 -10.03 -22.97 -2.74
N GLU J 307 -11.21 -22.33 -2.77
CA GLU J 307 -12.14 -22.51 -1.66
C GLU J 307 -12.56 -23.96 -1.51
N HIS J 308 -12.84 -24.64 -2.63
CA HIS J 308 -13.23 -26.04 -2.52
C HIS J 308 -12.08 -26.91 -2.07
N GLN J 309 -10.85 -26.63 -2.53
CA GLN J 309 -9.70 -27.40 -2.05
C GLN J 309 -9.57 -27.27 -0.54
N VAL J 310 -9.65 -26.04 -0.03
CA VAL J 310 -9.48 -25.84 1.41
C VAL J 310 -10.62 -26.50 2.18
N MET J 311 -11.84 -26.43 1.65
CA MET J 311 -12.97 -27.04 2.35
C MET J 311 -12.80 -28.56 2.42
N LEU J 312 -12.39 -29.17 1.30
CA LEU J 312 -12.16 -30.61 1.29
C LEU J 312 -11.07 -31.00 2.27
N MET J 313 -9.96 -30.26 2.29
CA MET J 313 -8.87 -30.60 3.20
C MET J 313 -9.31 -30.47 4.65
N ARG J 314 -10.06 -29.41 4.98
CA ARG J 314 -10.53 -29.24 6.34
C ARG J 314 -11.48 -30.37 6.76
N GLN J 315 -12.39 -30.75 5.88
CA GLN J 315 -13.32 -31.83 6.21
C GLN J 315 -12.58 -33.15 6.39
N ASP J 316 -11.63 -33.44 5.51
CA ASP J 316 -10.85 -34.67 5.63
C ASP J 316 -10.06 -34.70 6.92
N LEU J 317 -9.45 -33.57 7.28
CA LEU J 317 -8.71 -33.49 8.54
C LEU J 317 -9.63 -33.72 9.73
N MET J 318 -10.83 -33.13 9.72
CA MET J 318 -11.76 -33.35 10.82
C MET J 318 -12.13 -34.83 10.91
N ARG J 319 -12.41 -35.46 9.77
CA ARG J 319 -12.76 -36.88 9.78
C ARG J 319 -11.64 -37.72 10.36
N ARG J 320 -10.41 -37.46 9.94
CA ARG J 320 -9.30 -38.31 10.39
C ARG J 320 -8.96 -38.06 11.85
N GLN J 321 -9.11 -36.81 12.31
CA GLN J 321 -8.93 -36.53 13.73
C GLN J 321 -9.98 -37.27 14.56
N GLU J 322 -11.23 -37.27 14.10
CA GLU J 322 -12.26 -38.03 14.80
C GLU J 322 -11.92 -39.51 14.81
N GLU J 323 -11.42 -40.04 13.69
CA GLU J 323 -11.05 -41.45 13.64
C GLU J 323 -9.94 -41.77 14.63
N LEU J 324 -8.93 -40.90 14.71
CA LEU J 324 -7.84 -41.11 15.67
C LEU J 324 -8.37 -41.12 17.09
N ARG J 325 -9.22 -40.15 17.43
CA ARG J 325 -9.75 -40.08 18.79
C ARG J 325 -10.59 -41.31 19.10
N ARG J 326 -11.41 -41.76 18.15
CA ARG J 326 -12.24 -42.93 18.38
C ARG J 326 -11.40 -44.19 18.58
N MET J 327 -10.35 -44.35 17.77
CA MET J 327 -9.48 -45.51 17.95
C MET J 327 -8.78 -45.47 19.30
N GLU J 328 -8.32 -44.27 19.70
CA GLU J 328 -7.66 -44.15 20.99
C GLU J 328 -8.59 -44.50 22.14
N GLU J 329 -9.83 -44.01 22.10
CA GLU J 329 -10.75 -44.34 23.19
C GLU J 329 -11.14 -45.80 23.16
N LEU J 330 -11.25 -46.41 21.98
CA LEU J 330 -11.53 -47.83 21.90
C LEU J 330 -10.42 -48.63 22.57
N HIS J 331 -9.17 -48.33 22.23
CA HIS J 331 -8.06 -49.05 22.85
C HIS J 331 -8.01 -48.81 24.35
N ASN J 332 -8.29 -47.57 24.78
CA ASN J 332 -8.28 -47.26 26.20
C ASN J 332 -9.30 -48.09 26.96
N GLN J 333 -10.55 -48.11 26.48
CA GLN J 333 -11.55 -48.90 27.20
C GLN J 333 -11.26 -50.39 27.12
N GLU J 334 -10.67 -50.86 26.01
CA GLU J 334 -10.34 -52.27 25.90
C GLU J 334 -9.27 -52.66 26.92
N VAL J 335 -8.21 -51.85 27.04
CA VAL J 335 -7.17 -52.19 28.00
C VAL J 335 -7.68 -52.04 29.43
N GLN J 336 -8.56 -51.08 29.69
CA GLN J 336 -9.14 -50.94 31.03
C GLN J 336 -9.96 -52.17 31.39
N LYS J 337 -10.82 -52.63 30.47
CA LYS J 337 -11.65 -53.79 30.75
C LYS J 337 -10.81 -55.06 30.82
N ARG J 338 -9.66 -55.10 30.13
CA ARG J 338 -8.78 -56.26 30.25
C ARG J 338 -8.08 -56.28 31.59
N LYS J 339 -7.58 -55.12 32.05
CA LYS J 339 -6.83 -55.08 33.29
C LYS J 339 -7.74 -55.21 34.51
N GLN J 340 -9.01 -54.81 34.39
CA GLN J 340 -9.93 -54.97 35.51
C GLN J 340 -10.20 -56.45 35.79
N LEU J 341 -10.32 -57.25 34.74
CA LEU J 341 -10.57 -58.68 34.90
C LEU J 341 -9.27 -59.43 35.17
N LYS K 287 -9.20 27.26 -73.77
CA LYS K 287 -10.00 26.04 -73.65
C LYS K 287 -10.99 25.93 -74.81
N THR K 288 -11.24 24.69 -75.24
CA THR K 288 -12.05 24.42 -76.42
C THR K 288 -13.42 23.91 -76.00
N TYR K 289 -14.43 24.23 -76.82
CA TYR K 289 -15.81 23.82 -76.60
C TYR K 289 -16.33 24.29 -75.24
N THR K 290 -15.86 25.45 -74.80
CA THR K 290 -16.32 26.03 -73.55
C THR K 290 -17.75 26.55 -73.70
N GLN K 291 -18.48 26.61 -72.58
CA GLN K 291 -19.85 27.08 -72.61
C GLN K 291 -19.95 28.53 -73.09
N ARG K 292 -18.86 29.29 -73.06
CA ARG K 292 -18.86 30.61 -73.68
C ARG K 292 -19.05 30.53 -75.19
N CYS K 293 -18.82 29.37 -75.80
CA CYS K 293 -19.05 29.15 -77.21
C CYS K 293 -20.49 28.75 -77.52
N ARG K 294 -21.29 28.51 -76.48
CA ARG K 294 -22.70 28.22 -76.68
C ARG K 294 -23.41 29.44 -77.27
N LEU K 295 -24.38 29.18 -78.15
CA LEU K 295 -25.05 30.26 -78.86
C LEU K 295 -26.55 30.01 -78.89
N PHE K 296 -27.31 31.04 -78.53
CA PHE K 296 -28.77 31.01 -78.58
C PHE K 296 -29.19 31.68 -79.88
N VAL K 297 -29.65 30.88 -80.83
CA VAL K 297 -29.99 31.38 -82.17
C VAL K 297 -31.48 31.68 -82.19
N GLY K 298 -31.83 32.96 -82.05
CA GLY K 298 -33.22 33.37 -82.05
C GLY K 298 -33.82 33.51 -83.44
N ASN K 299 -35.14 33.66 -83.47
CA ASN K 299 -35.90 33.79 -84.72
C ASN K 299 -35.65 32.62 -85.67
N LEU K 300 -35.37 31.44 -85.12
CA LEU K 300 -35.13 30.28 -85.96
C LEU K 300 -36.45 29.77 -86.52
N PRO K 301 -36.48 29.36 -87.78
CA PRO K 301 -37.70 28.77 -88.35
C PRO K 301 -38.05 27.46 -87.64
N ALA K 302 -39.36 27.19 -87.56
CA ALA K 302 -39.81 25.95 -86.94
C ALA K 302 -39.36 24.74 -87.73
N ASP K 303 -39.41 24.81 -89.06
CA ASP K 303 -39.03 23.69 -89.93
C ASP K 303 -37.53 23.76 -90.20
N ILE K 304 -36.76 23.31 -89.20
CA ILE K 304 -35.31 23.21 -89.32
C ILE K 304 -34.89 21.83 -88.84
N THR K 305 -33.72 21.39 -89.31
CA THR K 305 -33.16 20.10 -88.95
C THR K 305 -31.77 20.29 -88.39
N GLU K 306 -31.27 19.23 -87.72
CA GLU K 306 -29.95 19.30 -87.11
C GLU K 306 -28.86 19.41 -88.17
N ASP K 307 -29.04 18.75 -89.31
CA ASP K 307 -28.03 18.79 -90.37
C ASP K 307 -27.88 20.21 -90.91
N GLU K 308 -29.00 20.89 -91.18
CA GLU K 308 -28.93 22.25 -91.68
C GLU K 308 -28.45 23.21 -90.60
N PHE K 309 -28.81 22.95 -89.34
CA PHE K 309 -28.33 23.79 -88.25
C PHE K 309 -26.82 23.71 -88.12
N LYS K 310 -26.25 22.50 -88.24
CA LYS K 310 -24.81 22.35 -88.18
C LYS K 310 -24.14 22.91 -89.43
N ARG K 311 -24.80 22.83 -90.59
CA ARG K 311 -24.22 23.35 -91.82
C ARG K 311 -24.03 24.86 -91.79
N LEU K 312 -24.80 25.57 -90.96
CA LEU K 312 -24.62 27.02 -90.85
C LEU K 312 -23.25 27.36 -90.28
N PHE K 313 -22.78 26.60 -89.29
CA PHE K 313 -21.50 26.83 -88.66
C PHE K 313 -20.44 25.83 -89.10
N ALA K 314 -20.65 25.16 -90.23
CA ALA K 314 -19.67 24.20 -90.72
C ALA K 314 -18.41 24.89 -91.24
N LYS K 315 -18.52 26.17 -91.61
CA LYS K 315 -17.36 26.89 -92.11
C LYS K 315 -16.34 27.20 -91.01
N TYR K 316 -16.71 26.98 -89.74
CA TYR K 316 -15.86 27.36 -88.61
C TYR K 316 -15.45 26.15 -87.79
N GLY K 317 -15.10 25.05 -88.43
CA GLY K 317 -14.70 23.86 -87.71
C GLY K 317 -15.86 22.96 -87.34
N GLU K 318 -15.57 22.01 -86.47
CA GLU K 318 -16.57 21.03 -86.07
C GLU K 318 -17.53 21.64 -85.07
N PRO K 319 -18.84 21.61 -85.33
CA PRO K 319 -19.81 22.06 -84.33
C PRO K 319 -19.79 21.16 -83.10
N GLY K 320 -20.09 21.76 -81.95
CA GLY K 320 -20.08 21.03 -80.70
C GLY K 320 -21.43 20.47 -80.31
N GLU K 321 -21.80 20.61 -79.04
CA GLU K 321 -23.09 20.12 -78.56
C GLU K 321 -24.22 20.88 -79.24
N VAL K 322 -25.22 20.15 -79.72
CA VAL K 322 -26.35 20.73 -80.43
C VAL K 322 -27.63 20.43 -79.66
N PHE K 323 -28.34 21.48 -79.28
CA PHE K 323 -29.64 21.38 -78.62
C PHE K 323 -30.63 22.24 -79.39
N ILE K 324 -31.63 21.59 -79.99
CA ILE K 324 -32.59 22.27 -80.85
C ILE K 324 -33.99 22.10 -80.26
N ASN K 325 -34.71 23.21 -80.12
CA ASN K 325 -36.09 23.22 -79.67
C ASN K 325 -36.94 23.82 -80.78
N LYS K 326 -37.67 22.96 -81.49
CA LYS K 326 -38.45 23.42 -82.64
C LYS K 326 -39.71 24.17 -82.20
N GLY K 327 -40.21 23.90 -80.99
CA GLY K 327 -41.43 24.56 -80.56
C GLY K 327 -41.27 26.06 -80.38
N LYS K 328 -40.18 26.48 -79.75
CA LYS K 328 -39.93 27.90 -79.54
C LYS K 328 -39.15 28.54 -80.68
N GLY K 329 -38.36 27.78 -81.41
CA GLY K 329 -37.59 28.32 -82.52
C GLY K 329 -36.23 28.84 -82.11
N PHE K 330 -35.44 28.01 -81.44
CA PHE K 330 -34.09 28.38 -81.05
C PHE K 330 -33.24 27.12 -80.94
N GLY K 331 -31.93 27.31 -81.02
CA GLY K 331 -30.99 26.21 -80.94
C GLY K 331 -29.74 26.60 -80.19
N PHE K 332 -29.06 25.59 -79.66
CA PHE K 332 -27.84 25.77 -78.88
C PHE K 332 -26.72 24.99 -79.54
N ILE K 333 -25.65 25.69 -79.91
CA ILE K 333 -24.52 25.08 -80.61
C ILE K 333 -23.23 25.59 -79.96
N LYS K 334 -22.27 24.68 -79.77
CA LYS K 334 -20.99 25.03 -79.19
C LYS K 334 -19.92 25.19 -80.27
N LEU K 335 -19.12 26.24 -80.15
CA LEU K 335 -18.02 26.51 -81.06
C LEU K 335 -16.70 26.04 -80.45
N GLU K 336 -15.66 26.05 -81.29
CA GLU K 336 -14.35 25.57 -80.84
C GLU K 336 -13.72 26.52 -79.85
N SER K 337 -13.85 27.82 -80.06
CA SER K 337 -13.23 28.81 -79.19
C SER K 337 -14.07 30.08 -79.18
N ARG K 338 -13.82 30.92 -78.18
CA ARG K 338 -14.51 32.20 -78.09
C ARG K 338 -14.26 33.05 -79.34
N ALA K 339 -13.07 32.94 -79.93
CA ALA K 339 -12.79 33.65 -81.17
C ALA K 339 -13.70 33.17 -82.30
N LEU K 340 -13.84 31.85 -82.44
CA LEU K 340 -14.74 31.30 -83.45
C LEU K 340 -16.19 31.64 -83.14
N ALA K 341 -16.54 31.70 -81.86
CA ALA K 341 -17.88 32.14 -81.49
C ALA K 341 -18.13 33.57 -81.93
N GLU K 342 -17.13 34.44 -81.76
CA GLU K 342 -17.27 35.82 -82.23
C GLU K 342 -17.43 35.89 -83.74
N ILE K 343 -16.66 35.09 -84.48
CA ILE K 343 -16.83 35.08 -85.94
C ILE K 343 -18.22 34.59 -86.31
N ALA K 344 -18.69 33.55 -85.65
CA ALA K 344 -20.01 33.01 -85.94
C ALA K 344 -21.11 34.04 -85.67
N LYS K 345 -20.99 34.77 -84.55
CA LYS K 345 -21.92 35.85 -84.27
C LYS K 345 -21.83 36.94 -85.32
N ALA K 346 -20.62 37.25 -85.76
CA ALA K 346 -20.41 38.35 -86.70
C ALA K 346 -21.02 38.05 -88.06
N GLU K 347 -20.73 36.86 -88.61
CA GLU K 347 -21.19 36.57 -89.96
C GLU K 347 -22.62 36.08 -90.02
N LEU K 348 -23.27 35.88 -88.88
CA LEU K 348 -24.65 35.40 -88.83
C LEU K 348 -25.53 36.32 -88.00
N ASP K 349 -25.33 37.63 -88.12
CA ASP K 349 -26.14 38.61 -87.42
C ASP K 349 -27.08 39.31 -88.40
N ASP K 350 -28.36 39.36 -88.03
CA ASP K 350 -29.38 40.02 -88.84
C ASP K 350 -29.41 39.48 -90.26
N THR K 351 -29.23 38.15 -90.38
CA THR K 351 -29.19 37.51 -91.68
C THR K 351 -30.54 36.91 -92.03
N PRO K 352 -31.01 37.07 -93.26
CA PRO K 352 -32.35 36.57 -93.64
C PRO K 352 -32.33 35.05 -93.81
N MET K 353 -33.00 34.34 -92.91
CA MET K 353 -33.11 32.90 -92.94
C MET K 353 -34.52 32.54 -93.41
N ARG K 354 -34.68 32.45 -94.73
CA ARG K 354 -35.97 32.11 -95.35
C ARG K 354 -37.07 33.06 -94.88
N GLY K 355 -36.76 34.36 -94.85
CA GLY K 355 -37.70 35.36 -94.43
C GLY K 355 -37.64 35.76 -92.98
N ARG K 356 -36.68 35.24 -92.22
CA ARG K 356 -36.53 35.57 -90.81
C ARG K 356 -35.11 36.08 -90.58
N GLN K 357 -34.98 37.22 -89.90
CA GLN K 357 -33.67 37.76 -89.57
C GLN K 357 -33.08 36.99 -88.40
N LEU K 358 -31.87 36.47 -88.58
CA LEU K 358 -31.25 35.60 -87.59
C LEU K 358 -30.51 36.43 -86.55
N ARG K 359 -30.79 36.17 -85.28
CA ARG K 359 -30.05 36.76 -84.17
C ARG K 359 -29.33 35.63 -83.43
N VAL K 360 -28.02 35.59 -83.56
CA VAL K 360 -27.19 34.60 -82.87
C VAL K 360 -26.81 35.20 -81.52
N ARG K 361 -27.54 34.82 -80.47
CA ARG K 361 -27.42 35.45 -79.16
C ARG K 361 -26.61 34.59 -78.21
N PHE K 362 -25.87 35.25 -77.33
CA PHE K 362 -25.08 34.57 -76.32
C PHE K 362 -25.99 33.99 -75.24
N ALA K 363 -25.50 32.95 -74.58
CA ALA K 363 -26.28 32.21 -73.58
C ALA K 363 -25.66 32.39 -72.20
N THR K 364 -26.52 32.61 -71.21
CA THR K 364 -26.07 32.81 -69.84
C THR K 364 -25.51 31.53 -69.25
N HIS K 365 -24.47 31.67 -68.43
CA HIS K 365 -23.86 30.55 -67.72
C HIS K 365 -24.62 30.36 -66.41
N ALA K 366 -25.45 29.33 -66.34
CA ALA K 366 -26.22 29.08 -65.13
C ALA K 366 -25.34 28.62 -63.97
N ALA K 367 -24.21 28.00 -64.26
CA ALA K 367 -23.27 27.57 -63.22
C ALA K 367 -22.17 28.62 -63.01
N ALA K 368 -22.59 29.82 -62.67
CA ALA K 368 -21.69 30.94 -62.41
C ALA K 368 -21.93 31.48 -61.01
N LEU K 369 -20.84 31.79 -60.31
CA LEU K 369 -20.91 32.30 -58.95
C LEU K 369 -20.14 33.61 -58.86
N SER K 370 -20.72 34.58 -58.15
CA SER K 370 -20.08 35.87 -57.96
C SER K 370 -19.24 35.86 -56.69
N VAL K 371 -17.97 36.25 -56.82
CA VAL K 371 -17.05 36.33 -55.69
C VAL K 371 -16.67 37.79 -55.49
N ARG K 372 -16.61 38.20 -54.22
CA ARG K 372 -16.24 39.56 -53.88
C ARG K 372 -15.45 39.57 -52.58
N ASN K 373 -14.90 40.74 -52.26
CA ASN K 373 -13.98 40.92 -51.14
C ASN K 373 -12.73 40.06 -51.32
N LEU K 374 -12.02 40.32 -52.42
CA LEU K 374 -10.81 39.61 -52.76
C LEU K 374 -9.67 40.59 -53.00
N SER K 375 -8.45 40.13 -52.71
CA SER K 375 -7.29 40.99 -52.72
C SER K 375 -6.99 41.50 -54.13
N PRO K 376 -6.33 42.65 -54.24
CA PRO K 376 -5.98 43.16 -55.58
C PRO K 376 -4.76 42.48 -56.18
N TYR K 377 -4.17 41.51 -55.50
CA TYR K 377 -3.00 40.81 -56.00
C TYR K 377 -3.32 39.43 -56.58
N VAL K 378 -4.52 38.91 -56.34
CA VAL K 378 -4.91 37.65 -56.97
C VAL K 378 -5.18 37.88 -58.44
N SER K 379 -4.68 36.97 -59.27
CA SER K 379 -4.86 37.02 -60.71
C SER K 379 -6.08 36.18 -61.10
N ASN K 380 -6.39 36.17 -62.39
CA ASN K 380 -7.42 35.27 -62.89
C ASN K 380 -7.04 33.82 -62.62
N GLU K 381 -5.78 33.47 -62.90
CA GLU K 381 -5.34 32.09 -62.79
C GLU K 381 -5.18 31.68 -61.32
N LEU K 382 -4.76 32.61 -60.47
CA LEU K 382 -4.75 32.32 -59.04
C LEU K 382 -6.17 32.01 -58.56
N LEU K 383 -7.15 32.77 -59.04
CA LEU K 383 -8.54 32.49 -58.70
C LEU K 383 -8.98 31.13 -59.21
N GLU K 384 -8.64 30.81 -60.46
CA GLU K 384 -9.10 29.54 -61.03
C GLU K 384 -8.48 28.36 -60.29
N GLU K 385 -7.22 28.49 -59.87
CA GLU K 385 -6.61 27.46 -59.04
C GLU K 385 -7.29 27.39 -57.68
N ALA K 386 -7.64 28.55 -57.11
CA ALA K 386 -8.25 28.58 -55.79
C ALA K 386 -9.60 27.88 -55.79
N PHE K 387 -10.42 28.10 -56.81
CA PHE K 387 -11.73 27.49 -56.90
C PHE K 387 -11.73 26.19 -57.69
N SER K 388 -10.56 25.73 -58.13
CA SER K 388 -10.49 24.44 -58.83
C SER K 388 -10.85 23.29 -57.92
N GLN K 389 -10.60 23.42 -56.61
CA GLN K 389 -10.87 22.33 -55.69
C GLN K 389 -12.37 22.04 -55.58
N PHE K 390 -13.21 23.01 -55.94
CA PHE K 390 -14.65 22.80 -55.94
C PHE K 390 -15.16 22.23 -57.26
N GLY K 391 -14.40 22.36 -58.34
CA GLY K 391 -14.82 21.89 -59.63
C GLY K 391 -13.97 22.45 -60.75
N PRO K 392 -14.39 22.21 -61.99
CA PRO K 392 -13.60 22.69 -63.14
C PRO K 392 -13.88 24.14 -63.47
N ILE K 393 -12.85 24.80 -64.00
CA ILE K 393 -12.90 26.23 -64.31
C ILE K 393 -13.00 26.35 -65.83
N GLU K 394 -14.17 26.78 -66.32
CA GLU K 394 -14.28 27.14 -67.72
C GLU K 394 -13.50 28.42 -68.01
N ARG K 395 -13.74 29.46 -67.21
CA ARG K 395 -13.01 30.72 -67.31
C ARG K 395 -13.23 31.47 -66.01
N ALA K 396 -12.16 31.70 -65.26
CA ALA K 396 -12.21 32.48 -64.03
C ALA K 396 -11.60 33.83 -64.30
N VAL K 397 -12.41 34.88 -64.17
CA VAL K 397 -11.96 36.24 -64.43
C VAL K 397 -12.48 37.14 -63.32
N VAL K 398 -11.60 38.03 -62.84
CA VAL K 398 -11.98 39.06 -61.88
C VAL K 398 -12.24 40.35 -62.66
N ILE K 399 -13.26 41.09 -62.23
CA ILE K 399 -13.64 42.29 -62.95
C ILE K 399 -12.52 43.31 -62.89
N VAL K 400 -12.24 43.96 -64.02
CA VAL K 400 -11.20 44.97 -64.10
C VAL K 400 -11.78 46.22 -64.75
N ASP K 401 -11.26 47.38 -64.35
CA ASP K 401 -11.70 48.67 -64.85
C ASP K 401 -10.71 49.19 -65.89
N ASP K 402 -10.89 50.46 -66.28
CA ASP K 402 -10.15 50.99 -67.43
C ASP K 402 -8.65 51.12 -67.13
N ARG K 403 -8.30 51.68 -65.97
CA ARG K 403 -6.90 52.03 -65.74
C ARG K 403 -6.05 50.81 -65.36
N GLY K 404 -6.66 49.68 -65.03
CA GLY K 404 -5.90 48.46 -64.89
C GLY K 404 -6.09 47.67 -63.61
N ARG K 405 -6.41 48.35 -62.51
CA ARG K 405 -6.50 47.66 -61.23
C ARG K 405 -7.74 46.77 -61.17
N SER K 406 -7.61 45.68 -60.42
CA SER K 406 -8.75 44.80 -60.19
C SER K 406 -9.77 45.46 -59.27
N THR K 407 -11.04 45.18 -59.52
CA THR K 407 -12.12 45.80 -58.76
C THR K 407 -12.40 45.11 -57.43
N GLY K 408 -11.76 43.99 -57.16
CA GLY K 408 -12.03 43.24 -55.94
C GLY K 408 -13.27 42.37 -55.99
N LYS K 409 -13.99 42.39 -57.10
CA LYS K 409 -15.19 41.59 -57.30
C LYS K 409 -15.01 40.75 -58.56
N GLY K 410 -15.43 39.50 -58.49
CA GLY K 410 -15.18 38.58 -59.58
C GLY K 410 -16.37 37.68 -59.87
N ILE K 411 -16.42 37.23 -61.11
CA ILE K 411 -17.36 36.21 -61.57
C ILE K 411 -16.57 35.05 -62.15
N VAL K 412 -16.85 33.84 -61.67
CA VAL K 412 -16.12 32.64 -62.08
C VAL K 412 -17.13 31.68 -62.70
N GLU K 413 -16.72 31.06 -63.82
CA GLU K 413 -17.62 30.21 -64.60
C GLU K 413 -17.26 28.75 -64.36
N PHE K 414 -18.13 28.04 -63.63
CA PHE K 414 -17.98 26.62 -63.36
C PHE K 414 -18.68 25.81 -64.46
N ALA K 415 -18.05 24.70 -64.85
CA ALA K 415 -18.61 23.86 -65.90
C ALA K 415 -19.91 23.20 -65.44
N SER K 416 -19.92 22.67 -64.22
CA SER K 416 -21.04 21.89 -63.73
C SER K 416 -21.77 22.65 -62.62
N LYS K 417 -23.11 22.64 -62.72
CA LYS K 417 -23.93 23.24 -61.67
C LYS K 417 -23.68 22.66 -60.28
N PRO K 418 -23.53 21.34 -60.10
CA PRO K 418 -23.21 20.84 -58.74
C PRO K 418 -21.95 21.43 -58.17
N ALA K 419 -20.94 21.69 -59.00
CA ALA K 419 -19.73 22.36 -58.50
C ALA K 419 -20.05 23.76 -57.99
N ALA K 420 -20.89 24.50 -58.73
CA ALA K 420 -21.28 25.83 -58.30
C ALA K 420 -22.02 25.79 -56.96
N ARG K 421 -22.99 24.88 -56.83
CA ARG K 421 -23.77 24.83 -55.59
C ARG K 421 -22.90 24.38 -54.43
N LYS K 422 -22.01 23.41 -54.65
CA LYS K 422 -21.11 22.97 -53.60
C LYS K 422 -20.18 24.09 -53.16
N ALA K 423 -19.63 24.84 -54.11
CA ALA K 423 -18.75 25.95 -53.75
C ALA K 423 -19.51 27.00 -52.94
N PHE K 424 -20.72 27.34 -53.39
CA PHE K 424 -21.50 28.34 -52.66
C PHE K 424 -21.78 27.90 -51.24
N GLU K 425 -22.28 26.67 -51.06
CA GLU K 425 -22.55 26.19 -49.71
C GLU K 425 -21.29 26.17 -48.86
N ARG K 426 -20.24 25.51 -49.37
CA ARG K 426 -19.04 25.30 -48.59
C ARG K 426 -18.41 26.62 -48.16
N CYS K 427 -18.46 27.64 -49.03
CA CYS K 427 -17.98 28.96 -48.62
C CYS K 427 -18.97 29.67 -47.71
N SER K 428 -20.25 29.31 -47.76
CA SER K 428 -21.23 29.95 -46.89
C SER K 428 -21.08 29.47 -45.45
N GLU K 429 -21.26 28.17 -45.21
CA GLU K 429 -21.13 27.68 -43.84
C GLU K 429 -19.68 27.80 -43.34
N GLY K 430 -18.72 27.53 -44.21
CA GLY K 430 -17.32 27.58 -43.85
C GLY K 430 -16.73 28.96 -44.06
N VAL K 431 -15.40 29.01 -44.16
CA VAL K 431 -14.68 30.25 -44.41
C VAL K 431 -13.53 29.98 -45.38
N PHE K 432 -13.70 30.39 -46.63
CA PHE K 432 -12.66 30.25 -47.63
C PHE K 432 -11.64 31.37 -47.47
N LEU K 433 -10.41 31.09 -47.88
CA LEU K 433 -9.38 32.11 -47.93
C LEU K 433 -8.56 31.91 -49.19
N LEU K 434 -7.80 32.93 -49.55
CA LEU K 434 -6.95 32.85 -50.74
C LEU K 434 -5.55 33.40 -50.55
N THR K 435 -5.29 34.16 -49.50
CA THR K 435 -4.05 34.91 -49.37
C THR K 435 -3.60 34.87 -47.91
N THR K 436 -2.31 35.12 -47.69
CA THR K 436 -1.79 35.18 -46.34
C THR K 436 -2.50 36.24 -45.51
N THR K 437 -3.02 37.28 -46.14
CA THR K 437 -3.93 38.18 -45.47
C THR K 437 -5.28 37.49 -45.30
N PRO K 438 -5.75 37.27 -44.09
CA PRO K 438 -6.98 36.50 -43.91
C PRO K 438 -8.22 37.26 -44.31
N ARG K 439 -8.45 37.40 -45.61
CA ARG K 439 -9.63 38.07 -46.14
C ARG K 439 -10.59 37.04 -46.71
N PRO K 440 -11.60 36.61 -45.96
CA PRO K 440 -12.51 35.59 -46.47
C PRO K 440 -13.23 36.06 -47.71
N VAL K 441 -13.47 35.13 -48.62
CA VAL K 441 -14.17 35.43 -49.86
C VAL K 441 -15.65 35.14 -49.67
N ILE K 442 -16.48 36.16 -49.85
CA ILE K 442 -17.92 36.05 -49.71
C ILE K 442 -18.52 35.84 -51.09
N VAL K 443 -19.34 34.82 -51.24
CA VAL K 443 -19.87 34.41 -52.54
C VAL K 443 -21.37 34.60 -52.53
N GLU K 444 -21.90 35.13 -53.64
CA GLU K 444 -23.33 35.29 -53.85
C GLU K 444 -23.66 34.81 -55.26
N PRO K 445 -24.87 34.28 -55.46
CA PRO K 445 -25.27 33.89 -56.82
C PRO K 445 -25.33 35.10 -57.74
N LEU K 446 -24.89 34.89 -58.98
CA LEU K 446 -24.84 35.99 -59.95
C LEU K 446 -26.25 36.36 -60.41
N GLU K 447 -26.43 37.64 -60.71
CA GLU K 447 -27.60 38.14 -61.40
C GLU K 447 -27.17 38.64 -62.77
N GLN K 448 -27.84 38.16 -63.81
CA GLN K 448 -27.40 38.38 -65.18
C GLN K 448 -28.06 39.62 -65.77
N LEU K 449 -27.24 40.49 -66.37
CA LEU K 449 -27.71 41.71 -67.01
C LEU K 449 -27.28 41.73 -68.47
N ASP K 450 -28.04 42.44 -69.29
CA ASP K 450 -27.81 42.47 -70.73
C ASP K 450 -27.84 43.90 -71.26
N ASP K 451 -26.82 44.24 -72.05
CA ASP K 451 -26.67 45.59 -72.58
C ASP K 451 -26.90 45.70 -74.08
N GLU K 452 -26.99 44.59 -74.80
CA GLU K 452 -27.29 44.60 -76.23
C GLU K 452 -28.78 44.42 -76.50
N ASP K 453 -29.45 43.57 -75.72
CA ASP K 453 -30.88 43.37 -75.81
C ASP K 453 -31.52 43.99 -74.57
N GLY K 454 -32.49 44.88 -74.79
CA GLY K 454 -33.13 45.57 -73.68
C GLY K 454 -34.60 45.24 -73.55
N LEU K 455 -35.44 46.19 -73.96
CA LEU K 455 -36.89 46.01 -73.93
C LEU K 455 -37.46 46.44 -75.27
N PRO K 456 -37.90 45.51 -76.11
CA PRO K 456 -38.41 45.89 -77.42
C PRO K 456 -39.82 46.46 -77.33
N GLU K 457 -40.18 47.20 -78.38
CA GLU K 457 -41.48 47.85 -78.43
C GLU K 457 -42.62 46.85 -78.37
N LYS K 458 -42.50 45.75 -79.13
CA LYS K 458 -43.56 44.76 -79.18
C LYS K 458 -43.85 44.20 -77.79
N LEU K 459 -42.79 43.91 -77.03
CA LEU K 459 -42.98 43.52 -75.64
C LEU K 459 -43.45 44.69 -74.79
N ALA K 460 -42.94 45.90 -75.06
CA ALA K 460 -43.27 47.04 -74.23
C ALA K 460 -44.66 47.59 -74.52
N GLN K 461 -45.09 47.55 -75.79
CA GLN K 461 -46.38 48.14 -76.14
C GLN K 461 -47.56 47.27 -75.73
N LYS K 462 -47.32 46.06 -75.23
CA LYS K 462 -48.43 45.21 -74.80
C LYS K 462 -49.24 45.85 -73.70
N ASN K 463 -48.61 46.70 -72.88
CA ASN K 463 -49.33 47.36 -71.80
C ASN K 463 -50.38 48.28 -72.39
N PRO K 464 -51.64 48.21 -71.94
CA PRO K 464 -52.69 49.04 -72.54
C PRO K 464 -52.60 50.52 -72.19
N MET K 465 -51.80 50.90 -71.21
CA MET K 465 -51.67 52.27 -70.76
C MET K 465 -50.42 52.96 -71.26
N TYR K 466 -49.40 52.22 -71.67
CA TYR K 466 -48.20 52.82 -72.23
C TYR K 466 -48.52 53.74 -73.40
N GLN K 467 -49.44 53.33 -74.28
CA GLN K 467 -49.75 54.14 -75.45
C GLN K 467 -50.36 55.49 -75.07
N LYS K 468 -51.30 55.52 -74.12
CA LYS K 468 -51.82 56.84 -73.76
C LYS K 468 -50.92 57.57 -72.78
N GLU K 469 -49.78 56.95 -72.42
CA GLU K 469 -48.84 57.57 -71.45
C GLU K 469 -47.74 58.30 -72.22
N ARG K 470 -47.36 57.79 -73.40
CA ARG K 470 -46.29 58.39 -74.18
C ARG K 470 -46.73 59.67 -74.88
N GLU K 471 -48.01 60.03 -74.76
CA GLU K 471 -48.55 61.14 -75.55
C GLU K 471 -47.75 62.42 -75.33
N THR K 472 -47.30 62.65 -74.11
CA THR K 472 -46.41 63.77 -73.88
C THR K 472 -45.02 63.43 -74.39
N PRO K 473 -44.43 64.24 -75.26
CA PRO K 473 -43.04 64.02 -75.65
C PRO K 473 -42.12 64.24 -74.47
N PRO K 474 -41.01 63.52 -74.40
CA PRO K 474 -40.02 63.81 -73.35
C PRO K 474 -39.52 65.24 -73.46
N ARG K 475 -39.26 65.86 -72.30
CA ARG K 475 -38.92 67.27 -72.27
C ARG K 475 -38.27 67.59 -70.93
N PHE K 476 -37.91 68.85 -70.74
CA PHE K 476 -37.24 69.32 -69.53
C PHE K 476 -38.18 70.06 -68.59
N ALA K 477 -39.48 69.97 -68.80
CA ALA K 477 -40.47 70.76 -68.08
C ALA K 477 -40.22 72.25 -68.29
N GLN K 478 -41.05 73.09 -67.69
CA GLN K 478 -40.93 74.53 -67.85
C GLN K 478 -40.98 75.18 -66.48
N HIS K 479 -40.15 76.20 -66.28
CA HIS K 479 -40.14 76.90 -65.01
C HIS K 479 -41.53 77.45 -64.71
N GLY K 480 -42.03 77.17 -63.50
CA GLY K 480 -43.34 77.58 -63.08
C GLY K 480 -44.38 76.49 -63.12
N THR K 481 -44.30 75.58 -64.08
CA THR K 481 -45.30 74.53 -64.18
C THR K 481 -45.16 73.54 -63.03
N PHE K 482 -46.17 72.69 -62.87
CA PHE K 482 -46.17 71.74 -61.76
C PHE K 482 -45.04 70.73 -61.90
N GLU K 483 -44.80 70.24 -63.12
CA GLU K 483 -43.83 69.18 -63.30
C GLU K 483 -42.43 69.64 -62.93
N TYR K 484 -42.08 70.88 -63.27
CA TYR K 484 -40.78 71.40 -62.85
C TYR K 484 -40.73 71.66 -61.36
N GLU K 485 -41.87 71.91 -60.71
CA GLU K 485 -41.86 72.09 -59.26
C GLU K 485 -41.74 70.77 -58.53
N TYR K 486 -42.20 69.68 -59.13
CA TYR K 486 -42.11 68.38 -58.48
C TYR K 486 -40.81 67.66 -58.82
N SER K 487 -40.25 67.96 -59.98
CA SER K 487 -38.95 67.39 -60.33
C SER K 487 -37.91 67.77 -59.30
N GLN K 488 -37.98 68.99 -58.76
CA GLN K 488 -37.02 69.38 -57.74
C GLN K 488 -37.22 68.58 -56.46
N ARG K 489 -38.46 68.25 -56.12
CA ARG K 489 -38.69 67.42 -54.95
C ARG K 489 -38.15 66.01 -55.15
N TRP K 490 -38.12 65.54 -56.39
CA TRP K 490 -37.46 64.27 -56.68
C TRP K 490 -35.93 64.39 -56.64
N LYS K 491 -35.40 65.50 -57.15
CA LYS K 491 -33.95 65.72 -57.15
C LYS K 491 -33.40 65.80 -55.74
N SER K 492 -34.15 66.42 -54.83
CA SER K 492 -33.71 66.46 -53.44
C SER K 492 -33.56 65.06 -52.86
N LEU K 493 -34.53 64.19 -53.15
CA LEU K 493 -34.45 62.82 -52.66
C LEU K 493 -33.27 62.09 -53.29
N ASP K 494 -33.04 62.29 -54.58
CA ASP K 494 -31.92 61.63 -55.25
C ASP K 494 -30.59 62.08 -54.64
N GLU K 495 -30.45 63.38 -54.38
CA GLU K 495 -29.22 63.87 -53.76
C GLU K 495 -29.06 63.32 -52.34
N MET K 496 -30.15 63.20 -51.59
CA MET K 496 -30.06 62.61 -50.26
C MET K 496 -29.60 61.15 -50.34
N GLU K 497 -30.13 60.41 -51.31
CA GLU K 497 -29.70 59.01 -51.47
C GLU K 497 -28.22 58.94 -51.82
N LYS K 498 -27.76 59.79 -52.72
CA LYS K 498 -26.34 59.80 -53.06
C LYS K 498 -25.49 60.11 -51.83
N GLN K 499 -25.92 61.08 -51.02
CA GLN K 499 -25.16 61.42 -49.82
C GLN K 499 -25.09 60.23 -48.87
N GLN K 500 -26.21 59.54 -48.68
CA GLN K 500 -26.21 58.40 -47.78
C GLN K 500 -25.30 57.28 -48.27
N ARG K 501 -25.32 57.01 -49.58
CA ARG K 501 -24.43 55.98 -50.11
C ARG K 501 -22.96 56.36 -49.95
N GLU K 502 -22.64 57.63 -50.20
CA GLU K 502 -21.26 58.07 -50.01
C GLU K 502 -20.84 57.93 -48.55
N GLN K 503 -21.73 58.28 -47.63
CA GLN K 503 -21.43 58.13 -46.21
C GLN K 503 -21.16 56.68 -45.85
N VAL K 504 -21.97 55.77 -46.38
CA VAL K 504 -21.77 54.34 -46.06
C VAL K 504 -20.44 53.86 -46.60
N GLU K 505 -20.13 54.19 -47.85
CA GLU K 505 -18.87 53.67 -48.42
C GLU K 505 -17.66 54.27 -47.71
N LYS K 506 -17.74 55.55 -47.31
CA LYS K 506 -16.65 56.14 -46.55
C LYS K 506 -16.50 55.47 -45.18
N ASN K 507 -17.61 55.24 -44.49
CA ASN K 507 -17.55 54.55 -43.22
C ASN K 507 -16.87 53.20 -43.36
N MET K 508 -17.18 52.50 -44.45
CA MET K 508 -16.70 51.13 -44.57
C MET K 508 -15.28 51.05 -45.09
N LYS K 509 -14.85 52.02 -45.90
CA LYS K 509 -13.43 52.15 -46.18
C LYS K 509 -12.66 52.43 -44.89
N ASP K 510 -13.21 53.27 -44.02
CA ASP K 510 -12.57 53.51 -42.73
C ASP K 510 -12.47 52.24 -41.90
N ALA K 511 -13.55 51.44 -41.87
CA ALA K 511 -13.52 50.20 -41.09
C ALA K 511 -12.49 49.23 -41.64
N LYS K 512 -12.41 49.09 -42.97
CA LYS K 512 -11.42 48.19 -43.56
C LYS K 512 -10.00 48.68 -43.30
N ASP K 513 -9.79 50.00 -43.36
CA ASP K 513 -8.47 50.54 -43.05
C ASP K 513 -8.11 50.27 -41.59
N LYS K 514 -9.09 50.35 -40.69
CA LYS K 514 -8.84 50.01 -39.30
C LYS K 514 -8.45 48.55 -39.14
N LEU K 515 -9.15 47.65 -39.84
CA LEU K 515 -8.78 46.23 -39.77
C LEU K 515 -7.40 45.99 -40.35
N GLU K 516 -7.01 46.75 -41.37
CA GLU K 516 -5.66 46.60 -41.92
C GLU K 516 -4.60 46.97 -40.89
N SER K 517 -4.83 48.05 -40.14
CA SER K 517 -3.83 48.49 -39.17
C SER K 517 -3.66 47.48 -38.05
N GLU K 518 -4.74 46.83 -37.63
CA GLU K 518 -4.71 45.90 -36.53
C GLU K 518 -4.21 44.52 -36.92
N MET K 519 -3.50 44.42 -38.04
CA MET K 519 -2.88 43.15 -38.43
C MET K 519 -1.91 42.66 -37.38
N GLU K 520 -0.84 43.42 -37.14
CA GLU K 520 0.24 42.95 -36.28
C GLU K 520 -0.23 42.76 -34.84
N ASP K 521 -1.03 43.69 -34.33
CA ASP K 521 -1.39 43.66 -32.92
C ASP K 521 -2.21 42.41 -32.58
N ALA K 522 -3.20 42.09 -33.41
CA ALA K 522 -4.03 40.92 -33.12
C ALA K 522 -3.23 39.62 -33.22
N TYR K 523 -2.37 39.52 -34.23
CA TYR K 523 -1.53 38.33 -34.38
C TYR K 523 -0.61 38.15 -33.18
N HIS K 524 0.06 39.23 -32.78
CA HIS K 524 0.96 39.15 -31.63
C HIS K 524 0.20 38.81 -30.36
N GLU K 525 -0.98 39.40 -30.18
CA GLU K 525 -1.77 39.09 -28.99
C GLU K 525 -2.21 37.64 -28.97
N HIS K 526 -2.59 37.09 -30.13
CA HIS K 526 -2.95 35.68 -30.19
C HIS K 526 -1.77 34.79 -29.84
N GLN K 527 -0.58 35.11 -30.37
CA GLN K 527 0.60 34.32 -30.03
C GLN K 527 0.90 34.40 -28.54
N ALA K 528 0.81 35.60 -27.96
CA ALA K 528 1.07 35.76 -26.54
C ALA K 528 0.06 34.97 -25.70
N ASN K 529 -1.22 34.99 -26.09
CA ASN K 529 -2.21 34.24 -25.35
C ASN K 529 -1.95 32.74 -25.44
N LEU K 530 -1.57 32.24 -26.61
CA LEU K 530 -1.24 30.82 -26.72
C LEU K 530 -0.07 30.46 -25.83
N LEU K 531 0.97 31.29 -25.83
CA LEU K 531 2.14 31.02 -24.97
C LEU K 531 1.73 31.04 -23.50
N ARG K 532 0.90 31.99 -23.10
CA ARG K 532 0.48 32.06 -21.71
C ARG K 532 -0.35 30.85 -21.30
N GLN K 533 -1.23 30.39 -22.18
CA GLN K 533 -2.03 29.20 -21.86
C GLN K 533 -1.15 27.96 -21.73
N ASP K 534 -0.21 27.78 -22.65
CA ASP K 534 0.72 26.66 -22.54
C ASP K 534 1.52 26.74 -21.25
N LEU K 535 1.97 27.94 -20.91
CA LEU K 535 2.78 28.15 -19.72
C LEU K 535 1.98 27.84 -18.46
N MET K 536 0.71 28.25 -18.41
CA MET K 536 -0.13 27.93 -17.27
C MET K 536 -0.33 26.43 -17.14
N ARG K 537 -0.58 25.75 -18.25
CA ARG K 537 -0.73 24.29 -18.21
C ARG K 537 0.52 23.63 -17.65
N ARG K 538 1.69 24.04 -18.15
CA ARG K 538 2.93 23.43 -17.70
C ARG K 538 3.21 23.74 -16.23
N GLN K 539 2.86 24.95 -15.78
CA GLN K 539 3.04 25.29 -14.38
C GLN K 539 2.16 24.41 -13.49
N GLU K 540 0.92 24.15 -13.92
CA GLU K 540 0.05 23.26 -13.16
C GLU K 540 0.64 21.86 -13.09
N GLU K 541 1.14 21.35 -14.21
CA GLU K 541 1.76 20.03 -14.20
C GLU K 541 2.97 19.99 -13.27
N LEU K 542 3.78 21.05 -13.29
CA LEU K 542 4.94 21.11 -12.42
C LEU K 542 4.54 21.11 -10.95
N ARG K 543 3.48 21.85 -10.62
CA ARG K 543 3.01 21.86 -9.23
C ARG K 543 2.53 20.48 -8.79
N ARG K 544 1.82 19.78 -9.69
CA ARG K 544 1.37 18.43 -9.37
C ARG K 544 2.56 17.50 -9.11
N MET K 545 3.58 17.58 -9.98
CA MET K 545 4.78 16.78 -9.77
C MET K 545 5.47 17.13 -8.45
N GLU K 546 5.55 18.43 -8.15
CA GLU K 546 6.16 18.86 -6.89
C GLU K 546 5.46 18.22 -5.69
N GLU K 547 4.13 18.32 -5.64
CA GLU K 547 3.43 17.82 -4.47
C GLU K 547 3.55 16.30 -4.36
N LEU K 548 3.47 15.59 -5.49
CA LEU K 548 3.59 14.14 -5.42
C LEU K 548 5.00 13.72 -4.98
N HIS K 549 6.02 14.40 -5.48
CA HIS K 549 7.39 14.10 -5.08
C HIS K 549 7.60 14.39 -3.59
N SER K 550 7.02 15.48 -3.10
CA SER K 550 7.15 15.80 -1.68
C SER K 550 6.48 14.73 -0.83
N GLN K 551 5.30 14.25 -1.24
CA GLN K 551 4.66 13.16 -0.51
C GLN K 551 5.52 11.91 -0.50
N GLU K 552 6.14 11.59 -1.64
CA GLU K 552 7.02 10.42 -1.71
C GLU K 552 8.21 10.57 -0.77
N MET K 553 8.82 11.75 -0.76
CA MET K 553 9.95 11.99 0.14
C MET K 553 9.52 11.84 1.59
N GLN K 554 8.33 12.32 1.94
CA GLN K 554 7.84 12.16 3.30
C GLN K 554 7.69 10.68 3.65
N LYS K 555 7.14 9.88 2.74
CA LYS K 555 6.97 8.47 3.03
C LYS K 555 8.31 7.76 3.22
N ARG K 556 9.26 8.02 2.32
CA ARG K 556 10.59 7.42 2.47
C ARG K 556 11.25 7.86 3.77
N LYS K 557 11.10 9.13 4.14
CA LYS K 557 11.71 9.62 5.37
C LYS K 557 11.14 8.91 6.59
N GLU K 558 9.81 8.75 6.63
CA GLU K 558 9.21 8.03 7.76
C GLU K 558 9.72 6.61 7.84
N MET K 559 9.77 5.91 6.70
CA MET K 559 10.27 4.54 6.70
C MET K 559 11.71 4.49 7.19
N GLN K 560 12.55 5.41 6.71
CA GLN K 560 13.96 5.40 7.09
C GLN K 560 14.13 5.65 8.58
N LEU K 561 13.37 6.59 9.15
CA LEU K 561 13.48 6.84 10.59
C LEU K 561 13.02 5.63 11.40
N ARG K 562 11.95 4.96 10.97
CA ARG K 562 11.54 3.74 11.67
C ARG K 562 12.64 2.68 11.64
N GLN K 563 13.24 2.47 10.46
CA GLN K 563 14.33 1.50 10.36
C GLN K 563 15.49 1.90 11.25
N GLU K 564 15.81 3.20 11.30
CA GLU K 564 16.93 3.65 12.13
C GLU K 564 16.67 3.39 13.60
N GLU K 565 15.45 3.66 14.07
CA GLU K 565 15.14 3.38 15.47
C GLU K 565 15.26 1.90 15.77
N GLU K 566 14.74 1.04 14.88
CA GLU K 566 14.87 -0.39 15.10
C GLU K 566 16.34 -0.81 15.15
N ARG K 567 17.15 -0.27 14.24
CA ARG K 567 18.57 -0.61 14.22
C ARG K 567 19.26 -0.18 15.50
N ARG K 568 18.95 1.03 15.99
CA ARG K 568 19.57 1.50 17.22
C ARG K 568 19.22 0.61 18.40
N ARG K 569 17.95 0.22 18.51
CA ARG K 569 17.56 -0.66 19.61
C ARG K 569 18.28 -2.01 19.51
N ARG K 570 18.33 -2.59 18.30
CA ARG K 570 18.99 -3.88 18.14
C ARG K 570 20.47 -3.79 18.47
N GLU K 571 21.13 -2.72 18.03
CA GLU K 571 22.56 -2.58 18.31
C GLU K 571 22.81 -2.38 19.80
N GLU K 572 21.94 -1.64 20.48
CA GLU K 572 22.10 -1.49 21.92
C GLU K 572 21.96 -2.83 22.63
N GLU K 573 21.00 -3.65 22.20
CA GLU K 573 20.87 -4.98 22.80
C GLU K 573 22.11 -5.84 22.56
N MET K 574 22.62 -5.83 21.32
CA MET K 574 23.83 -6.58 21.04
C MET K 574 25.00 -6.09 21.88
N MET K 575 25.11 -4.76 22.03
CA MET K 575 26.21 -4.18 22.79
C MET K 575 26.15 -4.58 24.26
N ILE K 576 24.95 -4.57 24.84
CA ILE K 576 24.85 -4.94 26.25
C ILE K 576 25.15 -6.42 26.44
N ARG K 577 24.72 -7.27 25.49
CA ARG K 577 25.08 -8.67 25.58
C ARG K 577 26.59 -8.86 25.52
N GLN K 578 27.25 -8.13 24.62
CA GLN K 578 28.70 -8.29 24.49
C GLN K 578 29.43 -7.81 25.73
N ARG K 579 29.00 -6.69 26.33
CA ARG K 579 29.67 -6.23 27.54
C ARG K 579 29.41 -7.18 28.71
N GLU K 580 28.22 -7.79 28.78
CA GLU K 580 27.98 -8.81 29.80
C GLU K 580 28.91 -9.99 29.63
N MET K 581 29.09 -10.44 28.37
CA MET K 581 30.01 -11.54 28.12
C MET K 581 31.43 -11.16 28.53
N GLU K 582 31.85 -9.93 28.23
CA GLU K 582 33.19 -9.49 28.61
C GLU K 582 33.35 -9.48 30.13
N GLU K 583 32.33 -9.02 30.85
CA GLU K 583 32.41 -9.00 32.31
C GLU K 583 32.53 -10.41 32.87
N GLN K 584 31.69 -11.32 32.40
CA GLN K 584 31.77 -12.71 32.86
C GLN K 584 33.13 -13.32 32.52
N MET K 585 33.64 -12.97 31.33
CA MET K 585 34.94 -13.53 30.88
C MET K 585 36.03 -13.04 31.85
N ARG K 586 36.08 -11.74 32.10
CA ARG K 586 37.05 -11.20 33.05
C ARG K 586 36.92 -11.86 34.41
N ARG K 587 35.69 -12.12 34.85
CA ARG K 587 35.49 -12.83 36.11
C ARG K 587 36.11 -14.22 36.06
N GLN K 588 35.92 -14.92 34.94
CA GLN K 588 36.56 -16.22 34.77
C GLN K 588 38.07 -16.11 34.84
N ARG K 589 38.64 -15.10 34.17
CA ARG K 589 40.09 -14.93 34.19
C ARG K 589 40.60 -14.69 35.62
N GLU K 590 39.94 -13.81 36.36
CA GLU K 590 40.42 -13.51 37.71
C GLU K 590 40.21 -14.69 38.64
N GLU K 591 39.17 -15.50 38.40
CA GLU K 591 39.01 -16.74 39.14
C GLU K 591 40.16 -17.71 38.85
N SER K 592 40.54 -17.82 37.58
CA SER K 592 41.63 -18.73 37.20
C SER K 592 42.97 -18.23 37.74
N TYR K 593 43.12 -16.92 37.94
CA TYR K 593 44.36 -16.40 38.50
C TYR K 593 44.58 -16.93 39.91
N SER K 594 43.52 -16.96 40.72
CA SER K 594 43.63 -17.43 42.10
C SER K 594 43.56 -18.96 42.15
N LYS L 69 -25.07 50.05 -87.83
CA LYS L 69 -24.52 51.37 -88.12
C LYS L 69 -23.01 51.29 -88.36
N THR L 70 -22.60 51.57 -89.59
CA THR L 70 -21.21 51.48 -89.95
C THR L 70 -20.39 52.56 -89.25
N PHE L 71 -19.12 52.23 -88.99
CA PHE L 71 -18.18 53.15 -88.35
C PHE L 71 -18.69 53.64 -86.99
N THR L 72 -19.33 52.73 -86.27
CA THR L 72 -19.84 53.04 -84.94
C THR L 72 -18.70 53.12 -83.93
N GLN L 73 -18.96 53.84 -82.83
CA GLN L 73 -17.99 53.89 -81.75
C GLN L 73 -17.82 52.54 -81.06
N ARG L 74 -18.81 51.65 -81.19
CA ARG L 74 -18.61 50.27 -80.76
C ARG L 74 -17.49 49.60 -81.56
N SER L 75 -17.28 50.05 -82.79
CA SER L 75 -16.30 49.41 -83.67
C SER L 75 -14.86 49.86 -83.42
N ARG L 76 -14.66 50.95 -82.68
CA ARG L 76 -13.31 51.42 -82.43
C ARG L 76 -12.51 50.39 -81.64
N LEU L 77 -11.35 50.03 -82.17
CA LEU L 77 -10.55 48.93 -81.62
C LEU L 77 -9.22 49.46 -81.09
N PHE L 78 -8.69 48.74 -80.10
CA PHE L 78 -7.41 49.08 -79.46
C PHE L 78 -6.39 48.02 -79.89
N VAL L 79 -5.74 48.28 -81.02
CA VAL L 79 -4.69 47.40 -81.53
C VAL L 79 -3.36 47.88 -80.98
N GLY L 80 -2.82 47.14 -80.00
CA GLY L 80 -1.60 47.52 -79.33
C GLY L 80 -0.39 46.74 -79.84
N ASN L 81 0.78 47.22 -79.40
CA ASN L 81 2.06 46.58 -79.70
C ASN L 81 2.29 46.47 -81.21
N LEU L 82 2.44 47.63 -81.85
CA LEU L 82 2.71 47.70 -83.27
C LEU L 82 4.21 47.94 -83.52
N PRO L 83 4.72 47.55 -84.68
CA PRO L 83 6.15 47.66 -84.91
C PRO L 83 6.59 49.10 -84.95
N PRO L 84 7.84 49.39 -84.58
CA PRO L 84 8.33 50.78 -84.66
C PRO L 84 8.29 51.35 -86.07
N ASP L 85 8.55 50.52 -87.09
CA ASP L 85 8.39 50.94 -88.48
C ASP L 85 6.91 50.81 -88.89
N ILE L 86 6.13 51.75 -88.38
CA ILE L 86 4.67 51.74 -88.52
C ILE L 86 4.28 52.73 -89.62
N THR L 87 3.38 52.30 -90.49
CA THR L 87 2.93 53.14 -91.60
C THR L 87 1.44 52.97 -91.82
N GLU L 88 0.79 54.03 -92.28
CA GLU L 88 -0.65 54.01 -92.52
C GLU L 88 -1.02 53.04 -93.61
N GLU L 89 -0.26 53.02 -94.71
CA GLU L 89 -0.57 52.14 -95.83
C GLU L 89 -0.47 50.67 -95.41
N GLU L 90 0.54 50.33 -94.62
CA GLU L 90 0.70 48.95 -94.17
C GLU L 90 -0.45 48.53 -93.25
N MET L 91 -0.97 49.47 -92.44
CA MET L 91 -2.11 49.15 -91.60
C MET L 91 -3.40 48.99 -92.41
N ARG L 92 -3.61 49.85 -93.40
CA ARG L 92 -4.76 49.67 -94.28
C ARG L 92 -4.65 48.35 -95.05
N LYS L 93 -3.43 47.93 -95.37
CA LYS L 93 -3.23 46.64 -96.02
C LYS L 93 -3.45 45.48 -95.06
N LEU L 94 -3.08 45.66 -93.78
CA LEU L 94 -3.28 44.61 -92.79
C LEU L 94 -4.77 44.35 -92.57
N PHE L 95 -5.58 45.41 -92.56
CA PHE L 95 -7.02 45.31 -92.44
C PHE L 95 -7.72 45.33 -93.80
N GLU L 96 -6.99 45.01 -94.87
CA GLU L 96 -7.59 45.02 -96.20
C GLU L 96 -8.67 43.96 -96.36
N LYS L 97 -8.49 42.79 -95.72
CA LYS L 97 -9.53 41.77 -95.73
C LYS L 97 -10.81 42.24 -95.06
N TYR L 98 -10.73 43.26 -94.21
CA TYR L 98 -11.85 43.74 -93.42
C TYR L 98 -12.38 45.07 -93.95
N GLY L 99 -12.40 45.24 -95.27
CA GLY L 99 -12.99 46.41 -95.87
C GLY L 99 -12.24 47.69 -95.58
N LYS L 100 -12.99 48.79 -95.53
CA LYS L 100 -12.40 50.11 -95.33
C LYS L 100 -11.97 50.28 -93.88
N ALA L 101 -11.18 51.34 -93.65
CA ALA L 101 -10.69 51.69 -92.33
C ALA L 101 -10.98 53.15 -92.05
N GLY L 102 -11.07 53.49 -90.76
CA GLY L 102 -11.36 54.85 -90.36
C GLY L 102 -10.13 55.69 -90.16
N GLU L 103 -10.06 56.39 -89.03
CA GLU L 103 -8.92 57.26 -88.74
C GLU L 103 -7.71 56.40 -88.38
N VAL L 104 -6.68 56.44 -89.22
CA VAL L 104 -5.46 55.68 -88.97
C VAL L 104 -4.56 56.57 -88.12
N PHE L 105 -4.77 56.51 -86.82
CA PHE L 105 -3.95 57.23 -85.85
C PHE L 105 -2.99 56.24 -85.22
N ILE L 106 -1.70 56.54 -85.29
CA ILE L 106 -0.66 55.66 -84.77
C ILE L 106 0.41 56.51 -84.10
N HIS L 107 0.95 55.99 -83.00
CA HIS L 107 2.07 56.61 -82.30
C HIS L 107 3.32 55.80 -82.63
N LYS L 108 4.22 56.40 -83.41
CA LYS L 108 5.39 55.67 -83.90
C LYS L 108 6.30 55.23 -82.76
N ASP L 109 6.54 56.11 -81.79
CA ASP L 109 7.45 55.78 -80.70
C ASP L 109 6.82 54.81 -79.70
N LYS L 110 5.55 55.03 -79.34
CA LYS L 110 4.93 54.19 -78.32
C LYS L 110 4.54 52.82 -78.86
N GLY L 111 4.21 52.73 -80.14
CA GLY L 111 3.97 51.45 -80.76
C GLY L 111 2.55 50.92 -80.73
N PHE L 112 1.55 51.80 -80.67
CA PHE L 112 0.16 51.37 -80.76
C PHE L 112 -0.66 52.47 -81.42
N GLY L 113 -1.84 52.09 -81.91
CA GLY L 113 -2.68 53.05 -82.59
C GLY L 113 -4.15 52.70 -82.47
N PHE L 114 -4.99 53.65 -82.87
CA PHE L 114 -6.44 53.50 -82.87
C PHE L 114 -6.94 53.45 -84.30
N ILE L 115 -7.87 52.54 -84.57
CA ILE L 115 -8.44 52.39 -85.90
C ILE L 115 -9.92 52.04 -85.79
N ARG L 116 -10.73 52.63 -86.66
CA ARG L 116 -12.15 52.33 -86.76
C ARG L 116 -12.39 51.57 -88.06
N LEU L 117 -13.11 50.46 -87.97
CA LEU L 117 -13.32 49.60 -89.12
C LEU L 117 -14.67 49.92 -89.77
N GLU L 118 -15.02 49.13 -90.80
CA GLU L 118 -16.24 49.33 -91.55
C GLU L 118 -17.47 49.16 -90.66
N THR L 119 -17.67 47.97 -90.13
CA THR L 119 -18.77 47.68 -89.22
C THR L 119 -18.22 46.96 -87.99
N ARG L 120 -19.07 46.83 -86.97
CA ARG L 120 -18.66 46.09 -85.78
C ARG L 120 -18.49 44.61 -86.07
N THR L 121 -19.24 44.08 -87.03
CA THR L 121 -19.03 42.71 -87.50
C THR L 121 -17.58 42.50 -87.92
N LEU L 122 -17.10 43.34 -88.82
CA LEU L 122 -15.73 43.21 -89.31
C LEU L 122 -14.73 43.55 -88.22
N ALA L 123 -15.11 44.41 -87.28
CA ALA L 123 -14.23 44.69 -86.14
C ALA L 123 -14.03 43.45 -85.29
N GLU L 124 -15.09 42.72 -85.00
CA GLU L 124 -14.97 41.47 -84.27
C GLU L 124 -14.16 40.44 -85.06
N ILE L 125 -14.39 40.37 -86.36
CA ILE L 125 -13.65 39.42 -87.20
C ILE L 125 -12.15 39.73 -87.16
N ALA L 126 -11.78 41.01 -87.27
CA ALA L 126 -10.38 41.39 -87.24
C ALA L 126 -9.77 41.15 -85.86
N LYS L 127 -10.49 41.52 -84.79
CA LYS L 127 -9.99 41.27 -83.44
C LYS L 127 -9.80 39.79 -83.18
N VAL L 128 -10.57 38.94 -83.84
CA VAL L 128 -10.38 37.50 -83.71
C VAL L 128 -9.17 37.03 -84.52
N GLU L 129 -9.18 37.27 -85.83
CA GLU L 129 -8.19 36.66 -86.71
C GLU L 129 -6.79 37.19 -86.41
N LEU L 130 -6.67 38.47 -86.08
CA LEU L 130 -5.37 39.09 -85.84
C LEU L 130 -4.95 39.01 -84.38
N ASP L 131 -5.70 38.31 -83.54
CA ASP L 131 -5.39 38.21 -82.11
C ASP L 131 -4.14 37.35 -81.92
N ASN L 132 -3.12 37.92 -81.30
CA ASN L 132 -1.87 37.22 -81.00
C ASN L 132 -1.21 36.65 -82.26
N MET L 133 -1.21 37.45 -83.33
CA MET L 133 -0.51 37.09 -84.56
C MET L 133 0.86 37.76 -84.58
N PRO L 134 1.93 36.99 -84.66
CA PRO L 134 3.27 37.60 -84.72
C PRO L 134 3.41 38.52 -85.93
N LEU L 135 4.15 39.61 -85.73
CA LEU L 135 4.38 40.60 -86.78
C LEU L 135 5.74 41.23 -86.51
N ARG L 136 6.77 40.77 -87.23
CA ARG L 136 8.15 41.25 -87.07
C ARG L 136 8.64 41.03 -85.63
N GLY L 137 8.64 39.77 -85.22
CA GLY L 137 9.22 39.39 -83.93
C GLY L 137 8.50 39.93 -82.71
N LYS L 138 7.17 39.95 -82.75
CA LYS L 138 6.37 40.41 -81.62
C LYS L 138 4.91 40.09 -81.90
N GLN L 139 4.11 39.96 -80.85
CA GLN L 139 2.72 39.55 -80.98
C GLN L 139 1.79 40.76 -81.00
N LEU L 140 0.79 40.73 -81.87
CA LEU L 140 -0.25 41.76 -81.87
C LEU L 140 -1.16 41.60 -80.67
N ARG L 141 -1.61 42.73 -80.13
CA ARG L 141 -2.61 42.77 -79.07
C ARG L 141 -3.78 43.61 -79.57
N VAL L 142 -4.77 42.94 -80.17
CA VAL L 142 -5.95 43.60 -80.69
C VAL L 142 -7.08 43.41 -79.68
N ARG L 143 -7.52 44.51 -79.08
CA ARG L 143 -8.56 44.51 -78.06
C ARG L 143 -9.61 45.55 -78.43
N PHE L 144 -10.86 45.28 -78.09
CA PHE L 144 -11.91 46.26 -78.34
C PHE L 144 -11.79 47.42 -77.35
N ALA L 145 -11.98 48.63 -77.86
CA ALA L 145 -11.88 49.82 -77.04
C ALA L 145 -13.18 50.05 -76.28
N CYS L 146 -13.06 50.44 -75.01
CA CYS L 146 -14.23 50.74 -74.21
C CYS L 146 -14.93 51.99 -74.73
N HIS L 147 -16.23 52.06 -74.50
CA HIS L 147 -17.02 53.20 -74.98
C HIS L 147 -16.58 54.47 -74.28
N SER L 148 -16.12 55.44 -75.04
CA SER L 148 -15.69 56.72 -74.49
C SER L 148 -16.85 57.68 -74.25
N ALA L 149 -18.03 57.35 -74.73
CA ALA L 149 -19.20 58.23 -74.65
C ALA L 149 -20.43 57.44 -74.18
N SER L 150 -20.26 56.67 -73.12
CA SER L 150 -21.32 55.85 -72.56
C SER L 150 -21.79 56.46 -71.24
N LEU L 151 -23.10 56.52 -71.07
CA LEU L 151 -23.71 57.10 -69.87
C LEU L 151 -24.79 56.17 -69.35
N THR L 152 -25.00 56.19 -68.04
CA THR L 152 -26.03 55.39 -67.41
C THR L 152 -27.11 56.31 -66.85
N VAL L 153 -28.36 55.94 -67.06
CA VAL L 153 -29.50 56.70 -66.59
C VAL L 153 -30.25 55.85 -65.57
N ARG L 154 -30.57 56.44 -64.43
CA ARG L 154 -31.24 55.72 -63.35
C ARG L 154 -32.63 56.30 -63.14
N ASN L 155 -33.41 55.57 -62.34
CA ASN L 155 -34.75 56.00 -61.94
C ASN L 155 -35.64 56.25 -63.15
N LEU L 156 -35.57 55.36 -64.14
CA LEU L 156 -36.47 55.44 -65.26
C LEU L 156 -37.89 55.12 -64.81
N PRO L 157 -38.90 55.64 -65.51
CA PRO L 157 -40.29 55.39 -65.08
C PRO L 157 -40.69 53.93 -65.19
N GLN L 158 -41.91 53.63 -64.74
CA GLN L 158 -42.38 52.25 -64.70
C GLN L 158 -42.62 51.69 -66.09
N TYR L 159 -42.76 52.55 -67.11
CA TYR L 159 -43.10 52.09 -68.46
C TYR L 159 -42.14 52.75 -69.45
N VAL L 160 -41.09 52.02 -69.79
CA VAL L 160 -39.98 52.54 -70.58
C VAL L 160 -39.66 51.56 -71.69
N SER L 161 -39.07 52.07 -72.77
CA SER L 161 -38.76 51.27 -73.95
C SER L 161 -37.43 51.70 -74.52
N ASN L 162 -36.84 50.83 -75.33
CA ASN L 162 -35.53 51.12 -75.92
C ASN L 162 -35.59 52.35 -76.81
N GLU L 163 -36.53 52.37 -77.76
CA GLU L 163 -36.60 53.53 -78.65
C GLU L 163 -37.07 54.77 -77.91
N LEU L 164 -37.78 54.59 -76.78
CA LEU L 164 -38.15 55.74 -75.97
C LEU L 164 -36.93 56.44 -75.44
N LEU L 165 -35.95 55.67 -74.94
CA LEU L 165 -34.67 56.25 -74.56
C LEU L 165 -33.94 56.79 -75.78
N GLU L 166 -34.05 56.10 -76.91
CA GLU L 166 -33.32 56.48 -78.11
C GLU L 166 -33.73 57.88 -78.58
N GLU L 167 -35.04 58.11 -78.72
CA GLU L 167 -35.51 59.38 -79.23
C GLU L 167 -35.46 60.48 -78.17
N ALA L 168 -35.67 60.13 -76.91
CA ALA L 168 -35.62 61.14 -75.86
C ALA L 168 -34.22 61.71 -75.71
N PHE L 169 -33.20 60.86 -75.78
CA PHE L 169 -31.82 61.27 -75.63
C PHE L 169 -31.15 61.67 -76.94
N SER L 170 -31.88 61.58 -78.05
CA SER L 170 -31.31 62.01 -79.32
C SER L 170 -31.20 63.52 -79.45
N VAL L 171 -31.84 64.28 -78.57
CA VAL L 171 -31.81 65.73 -78.67
C VAL L 171 -30.41 66.26 -78.38
N PHE L 172 -29.60 65.51 -77.65
CA PHE L 172 -28.26 65.95 -77.29
C PHE L 172 -27.22 65.63 -78.35
N GLY L 173 -27.62 65.02 -79.46
CA GLY L 173 -26.69 64.66 -80.50
C GLY L 173 -26.92 63.23 -80.98
N GLN L 174 -26.24 62.83 -82.05
CA GLN L 174 -26.40 61.49 -82.56
C GLN L 174 -25.94 60.48 -81.52
N VAL L 175 -26.70 59.40 -81.38
CA VAL L 175 -26.45 58.37 -80.37
C VAL L 175 -26.57 57.00 -81.01
N GLU L 176 -25.60 56.13 -80.70
CA GLU L 176 -25.55 54.82 -81.34
C GLU L 176 -26.63 53.89 -80.84
N ARG L 177 -26.82 53.83 -79.52
CA ARG L 177 -27.63 52.77 -78.94
C ARG L 177 -27.92 53.10 -77.48
N ALA L 178 -29.12 52.74 -77.04
CA ALA L 178 -29.51 52.82 -75.63
C ALA L 178 -30.44 51.66 -75.31
N VAL L 179 -30.31 51.10 -74.11
CA VAL L 179 -31.10 49.96 -73.70
C VAL L 179 -31.64 50.18 -72.30
N VAL L 180 -32.67 49.41 -71.97
CA VAL L 180 -33.24 49.36 -70.63
C VAL L 180 -32.85 48.03 -70.02
N ILE L 181 -32.03 48.08 -68.96
CA ILE L 181 -31.58 46.84 -68.33
C ILE L 181 -32.79 46.12 -67.76
N VAL L 182 -32.87 44.82 -68.02
CA VAL L 182 -33.99 44.00 -67.61
C VAL L 182 -33.47 42.76 -66.91
N ASP L 183 -34.18 42.32 -65.87
CA ASP L 183 -33.80 41.12 -65.15
C ASP L 183 -33.97 39.89 -66.06
N ASP L 184 -33.59 38.72 -65.53
CA ASP L 184 -33.71 37.49 -66.31
C ASP L 184 -35.16 37.18 -66.61
N ARG L 185 -36.05 37.38 -65.63
CA ARG L 185 -37.46 37.05 -65.83
C ARG L 185 -38.09 37.90 -66.93
N GLY L 186 -37.77 39.20 -66.97
CA GLY L 186 -38.35 40.07 -67.97
C GLY L 186 -39.04 41.29 -67.40
N ARG L 187 -38.67 41.68 -66.18
CA ARG L 187 -39.24 42.84 -65.52
C ARG L 187 -38.24 43.99 -65.52
N PRO L 188 -38.71 45.23 -65.51
CA PRO L 188 -37.78 46.38 -65.56
C PRO L 188 -36.92 46.43 -64.30
N SER L 189 -35.70 46.94 -64.48
CA SER L 189 -34.73 47.06 -63.39
C SER L 189 -34.62 48.47 -62.84
N GLY L 190 -35.23 49.46 -63.50
CA GLY L 190 -35.06 50.83 -63.07
C GLY L 190 -33.72 51.42 -63.37
N LYS L 191 -32.98 50.86 -64.32
CA LYS L 191 -31.69 51.37 -64.71
C LYS L 191 -31.58 51.31 -66.23
N GLY L 192 -30.77 52.19 -66.80
CA GLY L 192 -30.61 52.27 -68.23
C GLY L 192 -29.14 52.39 -68.62
N ILE L 193 -28.90 52.21 -69.91
CA ILE L 193 -27.58 52.39 -70.50
C ILE L 193 -27.77 53.14 -71.80
N VAL L 194 -27.04 54.24 -71.98
CA VAL L 194 -27.07 55.00 -73.22
C VAL L 194 -25.64 55.27 -73.66
N GLU L 195 -25.35 55.00 -74.94
CA GLU L 195 -24.05 55.26 -75.51
C GLU L 195 -24.18 56.32 -76.59
N PHE L 196 -23.08 57.02 -76.85
CA PHE L 196 -23.09 58.12 -77.80
C PHE L 196 -22.09 57.88 -78.92
N SER L 197 -21.94 58.87 -79.81
CA SER L 197 -20.95 58.82 -80.86
C SER L 197 -19.81 59.80 -80.65
N GLY L 198 -19.73 60.45 -79.49
CA GLY L 198 -18.67 61.39 -79.26
C GLY L 198 -18.68 61.91 -77.83
N LYS L 199 -17.51 62.38 -77.40
CA LYS L 199 -17.39 63.00 -76.09
C LYS L 199 -18.22 64.27 -75.96
N PRO L 200 -18.21 65.22 -76.92
CA PRO L 200 -18.91 66.50 -76.70
C PRO L 200 -20.39 66.36 -76.44
N ALA L 201 -21.09 65.58 -77.28
CA ALA L 201 -22.52 65.41 -77.11
C ALA L 201 -22.85 64.75 -75.78
N ALA L 202 -22.08 63.72 -75.41
CA ALA L 202 -22.33 63.03 -74.15
C ALA L 202 -22.09 63.94 -72.96
N ARG L 203 -21.03 64.74 -73.00
CA ARG L 203 -20.75 65.65 -71.89
C ARG L 203 -21.82 66.73 -71.78
N LYS L 204 -22.27 67.26 -72.92
CA LYS L 204 -23.36 68.23 -72.89
C LYS L 204 -24.63 67.61 -72.33
N ALA L 205 -24.93 66.37 -72.72
CA ALA L 205 -26.10 65.69 -72.21
C ALA L 205 -26.01 65.50 -70.70
N LEU L 206 -24.85 65.08 -70.22
CA LEU L 206 -24.66 64.92 -68.78
C LEU L 206 -24.85 66.25 -68.06
N ASP L 207 -24.26 67.33 -68.59
CA ASP L 207 -24.39 68.63 -67.95
C ASP L 207 -25.85 69.07 -67.89
N ARG L 208 -26.58 68.92 -68.99
CA ARG L 208 -27.96 69.38 -69.03
C ARG L 208 -28.86 68.53 -68.14
N CYS L 209 -28.77 67.21 -68.26
CA CYS L 209 -29.59 66.33 -67.43
C CYS L 209 -29.16 66.33 -65.97
N SER L 210 -28.02 66.94 -65.64
CA SER L 210 -27.67 67.18 -64.25
C SER L 210 -28.28 68.49 -63.75
N GLU L 211 -28.06 69.59 -64.47
CA GLU L 211 -28.61 70.86 -64.03
C GLU L 211 -30.11 70.93 -64.30
N GLY L 212 -30.59 70.30 -65.36
CA GLY L 212 -32.00 70.28 -65.68
C GLY L 212 -32.71 69.16 -64.96
N SER L 213 -33.88 68.80 -65.50
CA SER L 213 -34.67 67.70 -64.94
C SER L 213 -35.43 67.08 -66.10
N PHE L 214 -34.86 66.02 -66.67
CA PHE L 214 -35.37 65.46 -67.93
C PHE L 214 -36.51 64.50 -67.64
N LEU L 215 -37.74 64.97 -67.79
CA LEU L 215 -38.91 64.10 -67.73
C LEU L 215 -39.11 63.46 -69.10
N LEU L 216 -39.28 62.15 -69.13
CA LEU L 216 -39.50 61.45 -70.39
C LEU L 216 -40.87 60.78 -70.46
N THR L 217 -41.79 61.22 -69.63
CA THR L 217 -43.14 60.65 -69.57
C THR L 217 -44.02 61.67 -68.85
N THR L 218 -45.33 61.41 -68.81
CA THR L 218 -46.22 62.28 -68.04
C THR L 218 -45.84 62.27 -66.57
N PHE L 219 -45.52 61.10 -66.02
CA PHE L 219 -45.18 60.95 -64.61
C PHE L 219 -43.97 61.80 -64.27
N PRO L 220 -44.12 62.80 -63.41
CA PRO L 220 -43.00 63.73 -63.16
C PRO L 220 -41.88 63.10 -62.35
N ARG L 221 -41.10 62.22 -62.97
CA ARG L 221 -39.93 61.61 -62.33
C ARG L 221 -38.70 61.91 -63.16
N PRO L 222 -37.93 62.93 -62.84
CA PRO L 222 -36.70 63.20 -63.60
C PRO L 222 -35.69 62.09 -63.42
N VAL L 223 -34.96 61.81 -64.49
CA VAL L 223 -33.97 60.75 -64.49
C VAL L 223 -32.66 61.29 -63.92
N THR L 224 -31.77 60.38 -63.56
CA THR L 224 -30.43 60.72 -63.12
C THR L 224 -29.44 60.20 -64.14
N VAL L 225 -28.55 61.06 -64.60
CA VAL L 225 -27.60 60.72 -65.65
C VAL L 225 -26.20 60.84 -65.07
N GLU L 226 -25.44 59.75 -65.13
CA GLU L 226 -24.07 59.66 -64.65
C GLU L 226 -23.21 59.02 -65.71
N PRO L 227 -21.90 59.26 -65.69
CA PRO L 227 -21.03 58.54 -66.62
C PRO L 227 -21.05 57.04 -66.34
N MET L 228 -21.13 56.25 -67.41
CA MET L 228 -21.18 54.80 -67.26
C MET L 228 -19.85 54.27 -66.79
N ASP L 229 -19.88 53.37 -65.80
CA ASP L 229 -18.67 52.78 -65.25
C ASP L 229 -18.34 51.53 -66.06
N GLN L 230 -17.23 51.58 -66.81
CA GLN L 230 -16.85 50.50 -67.71
C GLN L 230 -16.19 49.38 -66.90
N LEU L 231 -16.83 48.22 -66.86
CA LEU L 231 -16.32 47.06 -66.16
C LEU L 231 -16.06 45.94 -67.16
N ASP L 232 -14.88 45.34 -67.10
CA ASP L 232 -14.46 44.29 -68.02
C ASP L 232 -14.46 42.95 -67.29
N ASP L 233 -15.01 41.93 -67.94
CA ASP L 233 -15.04 40.58 -67.42
C ASP L 233 -14.38 39.61 -68.38
N GLU L 234 -13.38 40.08 -69.13
CA GLU L 234 -12.64 39.22 -70.05
C GLU L 234 -11.18 39.09 -69.68
N GLU L 235 -10.45 40.21 -69.60
CA GLU L 235 -9.00 40.13 -69.39
C GLU L 235 -8.66 39.78 -67.95
N GLY L 236 -9.35 40.39 -66.99
CA GLY L 236 -8.93 40.27 -65.61
C GLY L 236 -7.56 40.88 -65.42
N LEU L 237 -6.71 40.18 -64.67
CA LEU L 237 -5.35 40.64 -64.39
C LEU L 237 -4.41 39.44 -64.40
N PRO L 238 -3.96 39.01 -65.57
CA PRO L 238 -3.13 37.80 -65.66
C PRO L 238 -1.77 37.99 -64.99
N GLU L 239 -0.99 36.90 -65.00
CA GLU L 239 0.29 36.90 -64.31
C GLU L 239 1.26 37.91 -64.91
N LYS L 240 1.31 38.00 -66.24
CA LYS L 240 2.26 38.91 -66.87
C LYS L 240 1.89 40.37 -66.66
N LEU L 241 0.77 40.65 -66.00
CA LEU L 241 0.37 42.02 -65.68
C LEU L 241 0.61 42.39 -64.22
N VAL L 242 0.57 41.41 -63.31
CA VAL L 242 0.82 41.69 -61.90
C VAL L 242 2.30 41.97 -61.70
N ILE L 243 2.60 42.92 -60.80
CA ILE L 243 3.98 43.32 -60.58
C ILE L 243 4.82 42.18 -60.04
N LYS L 244 4.21 41.26 -59.29
CA LYS L 244 4.90 40.08 -58.73
C LYS L 244 6.05 40.49 -57.82
N ASN L 245 5.92 41.62 -57.14
CA ASN L 245 6.97 42.08 -56.24
C ASN L 245 6.92 41.26 -54.94
N GLN L 246 7.73 41.68 -53.98
CA GLN L 246 7.72 41.05 -52.66
C GLN L 246 6.39 41.21 -51.95
N GLN L 247 5.55 42.15 -52.38
CA GLN L 247 4.19 42.24 -51.85
C GLN L 247 3.43 40.94 -52.08
N PHE L 248 3.42 40.46 -53.34
CA PHE L 248 2.75 39.19 -53.62
C PHE L 248 3.48 38.03 -52.96
N HIS L 249 4.80 38.12 -52.84
CA HIS L 249 5.55 37.07 -52.17
C HIS L 249 5.09 36.91 -50.73
N LYS L 250 4.87 38.03 -50.04
CA LYS L 250 4.23 37.98 -48.74
C LYS L 250 2.81 37.47 -48.85
N GLU L 251 2.09 37.89 -49.90
CA GLU L 251 0.73 37.40 -50.14
C GLU L 251 0.74 35.91 -50.44
N ARG L 252 1.79 35.40 -51.06
CA ARG L 252 1.88 34.00 -51.42
C ARG L 252 2.87 33.29 -50.49
N GLU L 253 2.36 32.87 -49.34
CA GLU L 253 3.03 31.89 -48.50
C GLU L 253 2.16 30.71 -48.14
N GLN L 254 0.85 30.85 -48.17
CA GLN L 254 -0.05 29.76 -47.84
C GLN L 254 -1.03 29.54 -48.99
N PRO L 255 -1.44 28.30 -49.21
CA PRO L 255 -2.31 28.00 -50.34
C PRO L 255 -3.72 28.49 -50.09
N PRO L 256 -4.56 28.57 -51.12
CA PRO L 256 -5.97 28.90 -50.89
C PRO L 256 -6.72 27.75 -50.25
N ARG L 257 -7.04 27.88 -48.96
CA ARG L 257 -7.68 26.79 -48.25
C ARG L 257 -8.43 27.36 -47.06
N PHE L 258 -9.31 26.54 -46.48
CA PHE L 258 -10.10 26.96 -45.35
C PHE L 258 -9.22 27.29 -44.14
N ALA L 259 -9.81 27.97 -43.17
CA ALA L 259 -9.11 28.30 -41.94
C ALA L 259 -9.53 27.33 -40.83
N GLN L 260 -8.56 26.89 -40.06
CA GLN L 260 -8.82 25.96 -38.97
C GLN L 260 -9.59 26.68 -37.87
N PRO L 261 -10.77 26.19 -37.47
CA PRO L 261 -11.53 26.87 -36.43
C PRO L 261 -10.77 26.92 -35.11
N GLY L 262 -11.00 27.98 -34.35
CA GLY L 262 -10.32 28.17 -33.09
C GLY L 262 -8.88 28.63 -33.22
N SER L 263 -8.52 29.21 -34.36
CA SER L 263 -7.18 29.73 -34.58
C SER L 263 -7.28 31.23 -34.87
N PHE L 264 -6.12 31.85 -35.09
CA PHE L 264 -6.10 33.28 -35.39
C PHE L 264 -6.79 33.56 -36.72
N GLU L 265 -6.51 32.73 -37.73
CA GLU L 265 -7.10 32.94 -39.05
C GLU L 265 -8.62 32.89 -38.98
N TYR L 266 -9.16 31.88 -38.31
CA TYR L 266 -10.61 31.74 -38.23
C TYR L 266 -11.25 32.90 -37.48
N GLU L 267 -10.66 33.31 -36.35
CA GLU L 267 -11.24 34.41 -35.58
C GLU L 267 -11.23 35.71 -36.38
N TYR L 268 -10.11 35.99 -37.05
CA TYR L 268 -10.01 37.26 -37.75
C TYR L 268 -10.88 37.25 -39.00
N ALA L 269 -11.04 36.08 -39.62
CA ALA L 269 -11.96 35.95 -40.74
C ALA L 269 -13.41 36.13 -40.30
N MET L 270 -13.75 35.65 -39.09
CA MET L 270 -15.08 35.93 -38.56
C MET L 270 -15.25 37.41 -38.30
N ARG L 271 -14.18 38.11 -37.91
CA ARG L 271 -14.26 39.56 -37.80
C ARG L 271 -14.59 40.21 -39.13
N TRP L 272 -13.89 39.79 -40.20
CA TRP L 272 -14.22 40.27 -41.54
C TRP L 272 -15.65 39.95 -41.93
N LYS L 273 -16.13 38.75 -41.61
CA LYS L 273 -17.50 38.37 -41.96
C LYS L 273 -18.51 39.24 -41.23
N ALA L 274 -18.25 39.55 -39.96
CA ALA L 274 -19.13 40.46 -39.24
C ALA L 274 -19.13 41.83 -39.88
N LEU L 275 -17.96 42.31 -40.30
CA LEU L 275 -17.90 43.61 -40.99
C LEU L 275 -18.73 43.59 -42.27
N ILE L 276 -18.64 42.51 -43.03
CA ILE L 276 -19.38 42.43 -44.28
C ILE L 276 -20.88 42.33 -44.02
N GLU L 277 -21.28 41.63 -42.97
CA GLU L 277 -22.70 41.57 -42.64
C GLU L 277 -23.22 42.93 -42.24
N MET L 278 -22.44 43.69 -41.47
CA MET L 278 -22.88 45.04 -41.10
C MET L 278 -22.90 45.95 -42.33
N GLU L 279 -21.99 45.73 -43.28
CA GLU L 279 -22.08 46.36 -44.60
C GLU L 279 -23.43 46.11 -45.25
N LYS L 280 -23.81 44.84 -45.34
CA LYS L 280 -25.06 44.49 -46.01
C LYS L 280 -26.25 45.10 -45.28
N GLN L 281 -26.21 45.07 -43.95
CA GLN L 281 -27.30 45.64 -43.16
C GLN L 281 -27.45 47.14 -43.39
N GLN L 282 -26.33 47.87 -43.42
CA GLN L 282 -26.40 49.31 -43.62
C GLN L 282 -26.90 49.64 -45.02
N GLN L 283 -26.43 48.92 -46.03
CA GLN L 283 -26.92 49.18 -47.39
C GLN L 283 -28.41 48.89 -47.48
N ASP L 284 -28.86 47.81 -46.85
CA ASP L 284 -30.29 47.51 -46.86
C ASP L 284 -31.09 48.60 -46.16
N GLN L 285 -30.56 49.13 -45.05
CA GLN L 285 -31.26 50.19 -44.35
C GLN L 285 -31.37 51.45 -45.22
N VAL L 286 -30.31 51.79 -45.94
CA VAL L 286 -30.36 52.97 -46.81
C VAL L 286 -31.37 52.76 -47.93
N ASP L 287 -31.35 51.58 -48.55
CA ASP L 287 -32.32 51.27 -49.60
C ASP L 287 -33.73 51.36 -49.06
N ARG L 288 -33.93 50.94 -47.81
CA ARG L 288 -35.24 50.96 -47.19
C ARG L 288 -35.73 52.38 -46.94
N ASN L 289 -34.85 53.24 -46.44
CA ASN L 289 -35.22 54.64 -46.23
C ASN L 289 -35.63 55.27 -47.55
N ILE L 290 -34.84 55.03 -48.59
CA ILE L 290 -35.19 55.59 -49.90
C ILE L 290 -36.53 55.03 -50.37
N LYS L 291 -36.80 53.75 -50.12
CA LYS L 291 -38.06 53.18 -50.55
C LYS L 291 -39.23 53.87 -49.87
N GLU L 292 -39.13 54.09 -48.55
CA GLU L 292 -40.28 54.70 -47.86
C GLU L 292 -40.47 56.15 -48.30
N ALA L 293 -39.37 56.88 -48.50
CA ALA L 293 -39.51 58.26 -48.98
C ALA L 293 -40.13 58.31 -50.36
N ARG L 294 -39.73 57.40 -51.24
CA ARG L 294 -40.31 57.35 -52.57
C ARG L 294 -41.80 57.04 -52.52
N GLU L 295 -42.20 56.10 -51.67
CA GLU L 295 -43.63 55.80 -51.54
C GLU L 295 -44.41 57.00 -51.03
N LYS L 296 -43.86 57.71 -50.05
CA LYS L 296 -44.56 58.89 -49.54
C LYS L 296 -44.73 59.95 -50.63
N LEU L 297 -43.68 60.19 -51.43
CA LEU L 297 -43.82 61.17 -52.50
C LEU L 297 -44.82 60.72 -53.55
N GLU L 298 -44.82 59.43 -53.88
CA GLU L 298 -45.81 58.93 -54.84
C GLU L 298 -47.22 59.08 -54.31
N MET L 299 -47.39 58.99 -52.99
CA MET L 299 -48.69 59.25 -52.39
C MET L 299 -49.09 60.71 -52.54
N GLU L 300 -48.19 61.63 -52.18
CA GLU L 300 -48.50 63.05 -52.21
C GLU L 300 -48.58 63.63 -53.61
N MET L 301 -48.23 62.85 -54.62
CA MET L 301 -48.34 63.27 -56.03
C MET L 301 -49.63 64.02 -56.33
N GLU L 302 -50.77 63.34 -56.16
CA GLU L 302 -52.03 63.87 -56.65
C GLU L 302 -52.48 65.07 -55.84
N ALA L 303 -52.30 65.01 -54.52
CA ALA L 303 -52.65 66.15 -53.69
C ALA L 303 -51.86 67.38 -54.09
N ALA L 304 -50.55 67.22 -54.32
CA ALA L 304 -49.74 68.36 -54.74
C ALA L 304 -50.20 68.87 -56.10
N ARG L 305 -50.54 67.97 -57.02
CA ARG L 305 -50.97 68.41 -58.34
C ARG L 305 -52.25 69.24 -58.25
N HIS L 306 -53.23 68.76 -57.49
CA HIS L 306 -54.49 69.50 -57.38
C HIS L 306 -54.29 70.83 -56.68
N GLU L 307 -53.46 70.85 -55.63
CA GLU L 307 -53.20 72.10 -54.94
C GLU L 307 -52.51 73.10 -55.86
N HIS L 308 -51.57 72.63 -56.69
CA HIS L 308 -50.91 73.54 -57.62
C HIS L 308 -51.87 74.03 -58.69
N GLN L 309 -52.75 73.16 -59.17
CA GLN L 309 -53.78 73.62 -60.11
C GLN L 309 -54.58 74.76 -59.50
N VAL L 310 -55.03 74.58 -58.25
CA VAL L 310 -55.82 75.60 -57.59
C VAL L 310 -55.03 76.88 -57.45
N MET L 311 -53.76 76.78 -57.03
CA MET L 311 -52.95 77.98 -56.82
C MET L 311 -52.73 78.74 -58.12
N LEU L 312 -52.35 78.03 -59.18
CA LEU L 312 -52.08 78.68 -60.46
C LEU L 312 -53.34 79.30 -61.03
N MET L 313 -54.47 78.61 -60.90
CA MET L 313 -55.73 79.14 -61.40
C MET L 313 -56.19 80.34 -60.59
N ARG L 314 -55.97 80.34 -59.28
CA ARG L 314 -56.27 81.51 -58.48
C ARG L 314 -55.42 82.70 -58.90
N GLN L 315 -54.13 82.46 -59.16
CA GLN L 315 -53.27 83.55 -59.63
C GLN L 315 -53.76 84.09 -60.97
N ASP L 316 -54.15 83.20 -61.88
CA ASP L 316 -54.68 83.64 -63.17
C ASP L 316 -55.96 84.44 -63.01
N LEU L 317 -56.86 83.99 -62.12
CA LEU L 317 -58.11 84.69 -61.90
C LEU L 317 -57.86 86.07 -61.32
N MET L 318 -56.94 86.18 -60.36
CA MET L 318 -56.60 87.49 -59.80
C MET L 318 -56.03 88.40 -60.88
N ARG L 319 -55.15 87.86 -61.74
CA ARG L 319 -54.57 88.68 -62.80
C ARG L 319 -55.65 89.19 -63.74
N ARG L 320 -56.57 88.32 -64.16
CA ARG L 320 -57.57 88.75 -65.14
C ARG L 320 -58.57 89.70 -64.50
N GLN L 321 -58.90 89.49 -63.22
CA GLN L 321 -59.79 90.41 -62.54
C GLN L 321 -59.16 91.79 -62.42
N GLU L 322 -57.88 91.85 -62.07
CA GLU L 322 -57.19 93.13 -62.06
C GLU L 322 -57.13 93.74 -63.46
N GLU L 323 -56.98 92.91 -64.48
CA GLU L 323 -56.96 93.43 -65.85
C GLU L 323 -58.31 94.04 -66.23
N LEU L 324 -59.40 93.37 -65.89
CA LEU L 324 -60.73 93.91 -66.18
C LEU L 324 -60.97 95.20 -65.41
N ARG L 325 -60.57 95.24 -64.14
CA ARG L 325 -60.73 96.46 -63.35
C ARG L 325 -59.91 97.60 -63.94
N ARG L 326 -58.68 97.32 -64.35
CA ARG L 326 -57.85 98.33 -64.99
C ARG L 326 -58.47 98.80 -66.29
N MET L 327 -58.99 97.88 -67.09
CA MET L 327 -59.63 98.25 -68.35
C MET L 327 -60.82 99.16 -68.11
N GLU L 328 -61.68 98.79 -67.16
CA GLU L 328 -62.85 99.61 -66.86
C GLU L 328 -62.45 100.99 -66.36
N GLU L 329 -61.48 101.06 -65.44
CA GLU L 329 -61.12 102.36 -64.88
C GLU L 329 -60.45 103.24 -65.93
N LEU L 330 -59.60 102.66 -66.79
CA LEU L 330 -58.97 103.46 -67.84
C LEU L 330 -59.99 103.95 -68.84
N HIS L 331 -60.95 103.11 -69.22
CA HIS L 331 -61.99 103.57 -70.13
C HIS L 331 -62.84 104.66 -69.50
N ASN L 332 -63.18 104.52 -68.23
CA ASN L 332 -63.97 105.55 -67.56
C ASN L 332 -63.20 106.87 -67.49
N GLN L 333 -61.92 106.82 -67.14
CA GLN L 333 -61.16 108.07 -67.08
C GLN L 333 -60.99 108.68 -68.47
N GLU L 334 -60.82 107.83 -69.50
CA GLU L 334 -60.67 108.35 -70.86
C GLU L 334 -61.96 109.02 -71.35
N VAL L 335 -63.10 108.38 -71.11
CA VAL L 335 -64.36 108.99 -71.54
C VAL L 335 -64.67 110.23 -70.73
N GLN L 336 -64.31 110.23 -69.43
CA GLN L 336 -64.51 111.43 -68.62
C GLN L 336 -63.66 112.58 -69.15
N LYS L 337 -62.40 112.30 -69.51
CA LYS L 337 -61.55 113.35 -70.07
C LYS L 337 -62.09 113.84 -71.41
N ARG L 338 -62.54 112.93 -72.27
CA ARG L 338 -63.01 113.33 -73.58
C ARG L 338 -64.33 114.09 -73.49
N LYS L 339 -65.15 113.81 -72.48
CA LYS L 339 -66.36 114.60 -72.27
C LYS L 339 -66.05 115.96 -71.63
N GLN L 340 -65.03 116.02 -70.78
CA GLN L 340 -64.63 117.28 -70.17
C GLN L 340 -64.15 118.27 -71.22
N LEU L 341 -63.38 117.79 -72.19
CA LEU L 341 -62.86 118.65 -73.25
C LEU L 341 -63.95 118.96 -74.28
N LYS M 287 14.73 45.23 39.45
CA LYS M 287 13.56 45.14 40.31
C LYS M 287 13.94 44.63 41.70
N THR M 288 12.96 44.60 42.60
CA THR M 288 13.19 44.21 43.98
C THR M 288 12.60 42.83 44.24
N TYR M 289 13.27 42.07 45.11
CA TYR M 289 12.88 40.71 45.47
C TYR M 289 12.78 39.83 44.22
N THR M 290 13.80 39.92 43.38
CA THR M 290 13.85 39.13 42.16
C THR M 290 14.28 37.69 42.47
N GLN M 291 14.12 36.82 41.46
CA GLN M 291 14.59 35.45 41.62
C GLN M 291 16.11 35.39 41.70
N ARG M 292 16.81 36.21 40.92
CA ARG M 292 18.27 36.21 40.97
C ARG M 292 18.80 36.67 42.32
N CYS M 293 18.00 37.42 43.08
CA CYS M 293 18.35 37.78 44.43
C CYS M 293 18.28 36.60 45.40
N ARG M 294 17.68 35.50 44.99
CA ARG M 294 17.50 34.36 45.87
C ARG M 294 18.83 33.71 46.21
N LEU M 295 19.00 33.35 47.48
CA LEU M 295 20.18 32.67 47.97
C LEU M 295 19.77 31.35 48.60
N PHE M 296 20.48 30.28 48.27
CA PHE M 296 20.22 28.95 48.81
C PHE M 296 21.18 28.69 49.96
N VAL M 297 20.61 28.31 51.11
CA VAL M 297 21.34 28.25 52.37
C VAL M 297 21.50 26.78 52.76
N GLY M 298 22.72 26.40 53.14
CA GLY M 298 23.05 25.04 53.51
C GLY M 298 23.52 24.89 54.94
N ASN M 299 23.58 23.62 55.36
CA ASN M 299 23.99 23.24 56.71
C ASN M 299 23.13 23.91 57.78
N LEU M 300 21.89 24.23 57.44
CA LEU M 300 21.07 24.88 58.47
C LEU M 300 20.81 23.91 59.61
N PRO M 301 21.04 24.32 60.86
CA PRO M 301 20.78 23.41 61.99
C PRO M 301 19.30 23.09 62.07
N ALA M 302 19.01 21.89 62.62
CA ALA M 302 17.62 21.46 62.72
C ALA M 302 16.81 22.39 63.60
N ASP M 303 17.39 22.83 64.72
CA ASP M 303 16.70 23.71 65.67
C ASP M 303 16.94 25.16 65.27
N ILE M 304 16.12 25.64 64.32
CA ILE M 304 16.17 27.01 63.85
C ILE M 304 14.75 27.57 63.81
N THR M 305 14.66 28.89 63.86
CA THR M 305 13.39 29.59 63.79
C THR M 305 13.43 30.64 62.68
N GLU M 306 12.25 31.03 62.21
CA GLU M 306 12.17 31.99 61.12
C GLU M 306 12.69 33.36 61.55
N ASP M 307 12.44 33.74 62.81
CA ASP M 307 12.93 35.03 63.30
C ASP M 307 14.45 35.09 63.29
N GLU M 308 15.12 34.02 63.71
CA GLU M 308 16.57 33.99 63.65
C GLU M 308 17.07 34.05 62.21
N PHE M 309 16.40 33.33 61.30
CA PHE M 309 16.78 33.34 59.90
C PHE M 309 16.67 34.74 59.31
N LYS M 310 15.61 35.48 59.68
CA LYS M 310 15.48 36.86 59.23
C LYS M 310 16.50 37.77 59.90
N ARG M 311 16.82 37.52 61.17
CA ARG M 311 17.82 38.32 61.86
C ARG M 311 19.19 38.15 61.23
N LEU M 312 19.47 36.99 60.65
CA LEU M 312 20.70 36.82 59.89
C LEU M 312 20.74 37.78 58.70
N PHE M 313 19.58 38.07 58.12
CA PHE M 313 19.48 38.88 56.91
C PHE M 313 18.85 40.25 57.17
N ALA M 314 18.75 40.66 58.43
CA ALA M 314 18.19 41.97 58.73
C ALA M 314 19.19 43.09 58.46
N LYS M 315 20.47 42.77 58.28
CA LYS M 315 21.47 43.80 58.04
C LYS M 315 21.39 44.34 56.62
N TYR M 316 20.84 43.55 55.70
CA TYR M 316 20.75 43.89 54.28
C TYR M 316 19.33 44.24 53.87
N GLY M 317 18.59 44.93 54.73
CA GLY M 317 17.22 45.28 54.42
C GLY M 317 16.23 44.22 54.84
N GLU M 318 14.97 44.48 54.50
CA GLU M 318 13.89 43.57 54.87
C GLU M 318 13.99 42.28 54.07
N PRO M 319 14.03 41.12 54.72
CA PRO M 319 14.06 39.85 53.97
C PRO M 319 12.77 39.64 53.20
N GLY M 320 12.90 38.94 52.07
CA GLY M 320 11.76 38.68 51.21
C GLY M 320 11.10 37.35 51.46
N GLU M 321 10.88 36.58 50.39
CA GLU M 321 10.22 35.28 50.52
C GLU M 321 11.06 34.35 51.38
N VAL M 322 10.42 33.70 52.35
CA VAL M 322 11.08 32.84 53.31
C VAL M 322 10.46 31.46 53.23
N PHE M 323 11.29 30.44 53.02
CA PHE M 323 10.86 29.05 53.06
C PHE M 323 11.97 28.25 53.73
N ILE M 324 11.67 27.66 54.88
CA ILE M 324 12.66 26.95 55.69
C ILE M 324 12.23 25.49 55.81
N ASN M 325 13.16 24.59 55.51
CA ASN M 325 12.94 23.15 55.64
C ASN M 325 13.81 22.66 56.81
N LYS M 326 13.17 22.36 57.94
CA LYS M 326 13.90 21.94 59.12
C LYS M 326 14.57 20.58 58.92
N GLY M 327 13.87 19.67 58.24
CA GLY M 327 14.40 18.31 58.11
C GLY M 327 15.69 18.24 57.31
N LYS M 328 15.73 18.92 56.17
CA LYS M 328 16.89 18.87 55.29
C LYS M 328 17.91 19.96 55.63
N GLY M 329 17.58 20.89 56.50
CA GLY M 329 18.52 21.93 56.89
C GLY M 329 18.90 22.88 55.78
N PHE M 330 17.90 23.36 55.03
CA PHE M 330 18.13 24.35 53.99
C PHE M 330 16.94 25.31 53.95
N GLY M 331 17.17 26.48 53.35
CA GLY M 331 16.12 27.47 53.23
C GLY M 331 16.37 28.42 52.10
N PHE M 332 15.31 29.11 51.69
CA PHE M 332 15.36 30.09 50.62
C PHE M 332 15.08 31.48 51.17
N ILE M 333 15.81 32.47 50.64
CA ILE M 333 15.61 33.87 50.96
C ILE M 333 15.66 34.67 49.67
N LYS M 334 14.98 35.81 49.66
CA LYS M 334 15.00 36.72 48.52
C LYS M 334 15.31 38.12 49.03
N LEU M 335 16.30 38.76 48.43
CA LEU M 335 16.75 40.07 48.89
C LEU M 335 16.29 41.16 47.91
N GLU M 336 16.42 42.41 48.36
CA GLU M 336 15.89 43.53 47.59
C GLU M 336 16.63 43.70 46.27
N SER M 337 17.96 43.71 46.31
CA SER M 337 18.76 43.92 45.12
C SER M 337 19.77 42.80 44.96
N ARG M 338 20.13 42.52 43.70
CA ARG M 338 21.16 41.52 43.42
C ARG M 338 22.47 41.88 44.12
N ALA M 339 22.75 43.18 44.25
CA ALA M 339 23.89 43.62 45.05
C ALA M 339 23.78 43.14 46.49
N LEU M 340 22.58 43.24 47.06
CA LEU M 340 22.39 42.79 48.45
C LEU M 340 22.59 41.29 48.56
N ALA M 341 22.14 40.52 47.57
CA ALA M 341 22.38 39.08 47.58
C ALA M 341 23.87 38.77 47.50
N GLU M 342 24.59 39.50 46.66
CA GLU M 342 26.04 39.31 46.58
C GLU M 342 26.70 39.63 47.91
N ILE M 343 26.27 40.72 48.55
CA ILE M 343 26.86 41.10 49.84
C ILE M 343 26.59 40.03 50.89
N ALA M 344 25.36 39.52 50.94
CA ALA M 344 25.02 38.49 51.93
C ALA M 344 25.83 37.22 51.69
N LYS M 345 25.94 36.78 50.44
CA LYS M 345 26.74 35.61 50.14
C LYS M 345 28.19 35.82 50.52
N ALA M 346 28.74 37.00 50.20
CA ALA M 346 30.14 37.28 50.48
C ALA M 346 30.43 37.32 51.97
N GLU M 347 29.52 37.89 52.76
CA GLU M 347 29.78 38.08 54.18
C GLU M 347 29.47 36.84 55.02
N LEU M 348 28.35 36.18 54.75
CA LEU M 348 27.87 35.15 55.66
C LEU M 348 28.37 33.75 55.33
N ASP M 349 28.95 33.54 54.15
CA ASP M 349 29.52 32.23 53.87
C ASP M 349 30.87 32.12 54.58
N ASP M 350 31.30 30.87 54.78
CA ASP M 350 32.51 30.56 55.55
C ASP M 350 32.41 31.11 56.97
N THR M 351 31.20 31.14 57.53
CA THR M 351 30.96 31.65 58.87
C THR M 351 30.35 30.56 59.74
N PRO M 352 30.88 30.30 60.92
CA PRO M 352 30.28 29.28 61.80
C PRO M 352 28.92 29.70 62.32
N MET M 353 28.08 28.70 62.57
CA MET M 353 26.79 28.91 63.24
C MET M 353 26.59 27.73 64.19
N ARG M 354 26.75 27.98 65.49
CA ARG M 354 26.55 26.96 66.51
C ARG M 354 27.36 25.71 66.18
N GLY M 355 28.56 25.92 65.65
CA GLY M 355 29.44 24.84 65.24
C GLY M 355 29.26 24.35 63.82
N ARG M 356 28.49 25.05 62.99
CA ARG M 356 28.25 24.66 61.61
C ARG M 356 28.74 25.73 60.66
N GLN M 357 29.48 25.34 59.63
CA GLN M 357 29.97 26.26 58.61
C GLN M 357 28.87 26.55 57.61
N LEU M 358 28.59 27.83 57.37
CA LEU M 358 27.51 28.19 56.46
C LEU M 358 27.92 28.06 55.01
N ARG M 359 27.08 27.35 54.24
CA ARG M 359 27.18 27.26 52.79
C ARG M 359 26.16 28.23 52.20
N VAL M 360 26.64 29.21 51.43
CA VAL M 360 25.78 30.14 50.73
C VAL M 360 25.98 29.94 49.23
N ARG M 361 24.89 29.71 48.52
CA ARG M 361 24.94 29.45 47.08
C ARG M 361 23.87 30.29 46.41
N PHE M 362 23.64 30.01 45.13
CA PHE M 362 22.58 30.67 44.36
C PHE M 362 21.72 29.59 43.73
N ALA M 363 20.40 29.72 43.88
CA ALA M 363 19.48 28.69 43.46
C ALA M 363 19.40 28.60 41.94
N THR M 364 18.86 27.48 41.46
CA THR M 364 18.73 27.24 40.03
C THR M 364 17.45 27.89 39.51
N HIS M 365 17.59 28.75 38.50
CA HIS M 365 16.45 29.39 37.86
C HIS M 365 15.80 28.35 36.95
N ALA M 366 14.90 27.56 37.52
CA ALA M 366 14.27 26.48 36.75
C ALA M 366 13.42 27.03 35.62
N ALA M 367 12.70 28.13 35.86
CA ALA M 367 11.81 28.70 34.86
C ALA M 367 12.64 29.58 33.92
N ALA M 368 13.31 28.93 32.98
CA ALA M 368 14.18 29.63 32.04
C ALA M 368 14.04 29.01 30.65
N LEU M 369 14.24 29.84 29.63
CA LEU M 369 14.24 29.40 28.25
C LEU M 369 15.50 29.91 27.56
N SER M 370 16.04 29.11 26.66
CA SER M 370 17.24 29.46 25.91
C SER M 370 16.85 29.68 24.45
N VAL M 371 16.83 30.95 24.04
CA VAL M 371 16.49 31.33 22.67
C VAL M 371 17.77 31.49 21.88
N ARG M 372 17.73 31.13 20.59
CA ARG M 372 18.91 31.26 19.76
C ARG M 372 18.48 31.71 18.37
N ASN M 373 19.44 31.69 17.45
CA ASN M 373 19.28 32.20 16.09
C ASN M 373 18.99 33.69 16.06
N LEU M 374 19.43 34.43 17.07
CA LEU M 374 19.16 35.86 17.14
C LEU M 374 19.96 36.61 16.10
N SER M 375 19.46 37.81 15.76
CA SER M 375 20.14 38.72 14.84
C SER M 375 21.26 39.46 15.55
N PRO M 376 22.31 39.84 14.84
CA PRO M 376 23.42 40.58 15.47
C PRO M 376 23.03 41.95 15.97
N TYR M 377 21.88 42.48 15.60
CA TYR M 377 21.48 43.82 15.98
C TYR M 377 20.47 43.87 17.11
N VAL M 378 20.04 42.71 17.62
CA VAL M 378 19.10 42.69 18.75
C VAL M 378 19.85 43.07 20.01
N SER M 379 19.11 43.34 21.08
CA SER M 379 19.72 43.69 22.35
C SER M 379 18.85 43.18 23.47
N ASN M 380 19.17 43.58 24.70
CA ASN M 380 18.40 43.16 25.85
C ASN M 380 16.95 43.60 25.73
N GLU M 381 16.72 44.92 25.71
CA GLU M 381 15.36 45.44 25.83
C GLU M 381 14.46 44.97 24.71
N LEU M 382 15.00 44.77 23.49
CA LEU M 382 14.19 44.21 22.42
C LEU M 382 13.69 42.83 22.80
N LEU M 383 14.57 41.99 23.34
CA LEU M 383 14.17 40.65 23.73
C LEU M 383 13.24 40.68 24.94
N GLU M 384 13.39 41.68 25.80
CA GLU M 384 12.50 41.79 26.95
C GLU M 384 11.09 42.16 26.52
N GLU M 385 10.97 43.17 25.65
CA GLU M 385 9.65 43.61 25.20
C GLU M 385 9.01 42.64 24.23
N ALA M 386 9.80 41.85 23.51
CA ALA M 386 9.22 40.88 22.58
C ALA M 386 8.62 39.69 23.32
N PHE M 387 9.33 39.15 24.31
CA PHE M 387 8.87 37.96 25.01
C PHE M 387 8.00 38.30 26.23
N SER M 388 7.82 39.58 26.53
CA SER M 388 6.94 39.96 27.64
C SER M 388 5.48 39.68 27.34
N GLN M 389 5.14 39.38 26.08
CA GLN M 389 3.76 39.07 25.74
C GLN M 389 3.26 37.85 26.49
N PHE M 390 4.10 36.83 26.62
CA PHE M 390 3.70 35.56 27.21
C PHE M 390 3.76 35.58 28.74
N GLY M 391 4.40 36.58 29.34
CA GLY M 391 4.47 36.68 30.78
C GLY M 391 5.42 37.76 31.26
N PRO M 392 5.52 37.92 32.57
CA PRO M 392 6.47 38.88 33.12
C PRO M 392 7.90 38.40 32.94
N ILE M 393 8.83 39.35 32.99
CA ILE M 393 10.23 39.07 32.71
C ILE M 393 11.08 39.63 33.85
N GLU M 394 12.11 38.89 34.22
CA GLU M 394 13.08 39.32 35.22
C GLU M 394 14.42 39.68 34.60
N ARG M 395 14.96 38.83 33.74
CA ARG M 395 16.17 39.16 33.00
C ARG M 395 16.08 38.54 31.62
N ALA M 396 16.79 39.13 30.67
CA ALA M 396 16.93 38.58 29.33
C ALA M 396 18.21 39.15 28.74
N VAL M 397 19.23 38.31 28.65
CA VAL M 397 20.56 38.75 28.25
C VAL M 397 20.96 38.03 26.99
N VAL M 398 21.43 38.79 26.01
CA VAL M 398 21.99 38.22 24.80
C VAL M 398 23.47 37.94 25.06
N ILE M 399 23.83 36.66 25.11
CA ILE M 399 25.19 36.29 25.48
C ILE M 399 26.16 36.83 24.46
N VAL M 400 27.18 37.55 24.94
CA VAL M 400 28.18 38.16 24.07
C VAL M 400 29.53 37.53 24.35
N ASP M 401 30.42 37.63 23.36
CA ASP M 401 31.76 37.06 23.47
C ASP M 401 32.68 38.05 24.19
N ASP M 402 33.99 37.79 24.12
CA ASP M 402 34.95 38.66 24.80
C ASP M 402 34.88 40.08 24.25
N ARG M 403 34.77 40.22 22.93
CA ARG M 403 34.69 41.56 22.33
C ARG M 403 33.33 42.20 22.54
N GLY M 404 32.34 41.46 23.04
CA GLY M 404 30.99 41.97 23.18
C GLY M 404 30.11 41.78 21.98
N ARG M 405 30.66 41.30 20.85
CA ARG M 405 29.85 41.11 19.66
C ARG M 405 28.79 40.04 19.89
N SER M 406 27.65 40.20 19.25
CA SER M 406 26.54 39.28 19.46
C SER M 406 26.93 37.87 19.04
N THR M 407 26.64 36.90 19.91
CA THR M 407 26.86 35.50 19.61
C THR M 407 25.66 34.86 18.94
N GLY M 408 24.58 35.61 18.72
CA GLY M 408 23.38 35.06 18.13
C GLY M 408 22.55 34.20 19.06
N LYS M 409 22.90 34.16 20.34
CA LYS M 409 22.19 33.35 21.32
C LYS M 409 21.81 34.22 22.51
N GLY M 410 20.72 33.84 23.18
CA GLY M 410 20.30 34.55 24.37
C GLY M 410 19.70 33.57 25.35
N ILE M 411 19.54 34.03 26.58
CA ILE M 411 18.85 33.28 27.61
C ILE M 411 17.83 34.19 28.27
N VAL M 412 16.61 33.68 28.43
CA VAL M 412 15.53 34.41 29.07
C VAL M 412 15.05 33.57 30.26
N GLU M 413 15.06 34.19 31.44
CA GLU M 413 14.67 33.52 32.66
C GLU M 413 13.38 34.15 33.15
N PHE M 414 12.26 33.48 32.90
CA PHE M 414 10.97 33.99 33.33
C PHE M 414 10.85 33.91 34.85
N ALA M 415 10.14 34.88 35.43
CA ALA M 415 9.81 34.81 36.84
C ALA M 415 8.69 33.82 37.13
N SER M 416 8.00 33.34 36.10
CA SER M 416 6.87 32.44 36.25
C SER M 416 7.05 31.24 35.34
N LYS M 417 6.99 30.04 35.93
CA LYS M 417 7.14 28.81 35.16
C LYS M 417 6.03 28.60 34.13
N PRO M 418 4.74 28.70 34.49
CA PRO M 418 3.70 28.44 33.47
C PRO M 418 3.78 29.40 32.28
N ALA M 419 4.08 30.67 32.53
CA ALA M 419 4.21 31.62 31.43
C ALA M 419 5.39 31.26 30.53
N ALA M 420 6.49 30.81 31.14
CA ALA M 420 7.64 30.37 30.36
C ALA M 420 7.28 29.18 29.48
N ARG M 421 6.51 28.23 30.03
CA ARG M 421 6.10 27.08 29.23
C ARG M 421 5.18 27.53 28.10
N LYS M 422 4.28 28.48 28.36
CA LYS M 422 3.43 29.01 27.31
C LYS M 422 4.26 29.66 26.22
N ALA M 423 5.26 30.44 26.59
CA ALA M 423 6.14 31.06 25.61
C ALA M 423 6.87 30.00 24.79
N PHE M 424 7.39 28.97 25.46
CA PHE M 424 8.10 27.91 24.77
C PHE M 424 7.22 27.23 23.75
N GLU M 425 6.02 26.82 24.16
CA GLU M 425 5.14 26.14 23.22
C GLU M 425 4.72 27.07 22.08
N ARG M 426 4.38 28.32 22.40
CA ARG M 426 3.89 29.24 21.37
C ARG M 426 4.98 29.54 20.35
N CYS M 427 6.24 29.63 20.79
CA CYS M 427 7.34 29.74 19.85
C CYS M 427 7.66 28.43 19.16
N SER M 428 7.25 27.30 19.74
CA SER M 428 7.52 26.00 19.13
C SER M 428 6.59 25.74 17.95
N GLU M 429 5.29 25.65 18.19
CA GLU M 429 4.37 25.44 17.07
C GLU M 429 4.19 26.72 16.26
N GLY M 430 4.11 27.86 16.93
CA GLY M 430 4.03 29.13 16.24
C GLY M 430 5.40 29.57 15.77
N VAL M 431 5.43 30.77 15.17
CA VAL M 431 6.65 31.35 14.63
C VAL M 431 6.82 32.73 15.24
N PHE M 432 8.02 33.02 15.74
CA PHE M 432 8.29 34.31 16.37
C PHE M 432 9.47 34.95 15.65
N LEU M 433 9.38 36.26 15.44
CA LEU M 433 10.42 37.02 14.78
C LEU M 433 10.79 38.21 15.64
N LEU M 434 11.98 38.76 15.39
CA LEU M 434 12.46 39.90 16.15
C LEU M 434 12.97 41.03 15.25
N THR M 435 12.93 40.85 13.94
CA THR M 435 13.67 41.74 13.06
C THR M 435 13.01 41.70 11.68
N THR M 436 13.23 42.76 10.89
CA THR M 436 12.68 42.81 9.55
C THR M 436 13.15 41.64 8.71
N THR M 437 14.44 41.31 8.79
CA THR M 437 14.92 40.07 8.18
C THR M 437 14.30 38.89 8.93
N PRO M 438 13.57 38.02 8.26
CA PRO M 438 12.83 36.97 8.97
C PRO M 438 13.73 35.87 9.52
N ARG M 439 14.32 36.11 10.69
CA ARG M 439 15.12 35.12 11.41
C ARG M 439 14.29 34.59 12.57
N PRO M 440 13.65 33.44 12.44
CA PRO M 440 12.81 32.94 13.52
C PRO M 440 13.61 32.69 14.77
N VAL M 441 12.99 32.92 15.91
CA VAL M 441 13.61 32.73 17.21
C VAL M 441 13.18 31.37 17.74
N ILE M 442 14.14 30.52 18.05
CA ILE M 442 13.90 29.14 18.45
C ILE M 442 14.16 29.01 19.94
N VAL M 443 13.26 28.31 20.63
CA VAL M 443 13.25 28.28 22.08
C VAL M 443 13.50 26.86 22.55
N GLU M 444 14.42 26.70 23.51
CA GLU M 444 14.60 25.46 24.24
C GLU M 444 14.76 25.79 25.71
N PRO M 445 14.33 24.89 26.60
CA PRO M 445 14.56 25.12 28.03
C PRO M 445 16.05 25.11 28.34
N LEU M 446 16.46 26.00 29.24
CA LEU M 446 17.86 26.14 29.59
C LEU M 446 18.33 24.99 30.48
N GLU M 447 19.57 24.57 30.26
CA GLU M 447 20.23 23.56 31.09
C GLU M 447 21.18 24.25 32.04
N GLN M 448 21.06 23.92 33.32
CA GLN M 448 21.85 24.56 34.37
C GLN M 448 23.09 23.76 34.67
N LEU M 449 24.25 24.41 34.62
CA LEU M 449 25.54 23.80 34.94
C LEU M 449 26.23 24.68 35.96
N ASP M 450 26.70 24.08 37.05
CA ASP M 450 27.25 24.85 38.16
C ASP M 450 28.71 25.16 37.89
N ASP M 451 29.01 26.46 37.72
CA ASP M 451 30.38 26.87 37.40
C ASP M 451 31.24 26.96 38.64
N GLU M 452 30.90 27.85 39.57
CA GLU M 452 31.76 28.15 40.71
C GLU M 452 31.76 27.05 41.78
N ASP M 453 30.86 26.08 41.67
CA ASP M 453 30.90 24.88 42.49
C ASP M 453 30.79 23.68 41.57
N GLY M 454 31.41 22.58 41.96
CA GLY M 454 31.41 21.40 41.13
C GLY M 454 31.18 20.11 41.89
N LEU M 455 32.10 19.16 41.72
CA LEU M 455 32.01 17.85 42.37
C LEU M 455 33.00 17.80 43.52
N PRO M 456 32.57 18.06 44.75
CA PRO M 456 33.51 17.96 45.89
C PRO M 456 34.01 16.53 46.04
N GLU M 457 35.21 16.39 46.60
CA GLU M 457 35.79 15.07 46.75
C GLU M 457 34.92 14.18 47.63
N LYS M 458 34.27 14.75 48.64
CA LYS M 458 33.57 13.94 49.63
C LYS M 458 32.51 13.06 48.99
N LEU M 459 31.75 13.63 48.03
CA LEU M 459 30.78 12.82 47.30
C LEU M 459 31.47 11.76 46.46
N ALA M 460 32.70 12.00 46.05
CA ALA M 460 33.39 11.06 45.16
C ALA M 460 33.73 9.76 45.89
N GLN M 461 34.29 9.84 47.10
CA GLN M 461 34.69 8.61 47.77
C GLN M 461 33.50 7.77 48.21
N LYS M 462 32.27 8.30 48.11
CA LYS M 462 31.10 7.50 48.44
C LYS M 462 31.09 6.19 47.64
N ASN M 463 31.36 6.28 46.34
CA ASN M 463 31.62 5.08 45.57
C ASN M 463 33.03 4.58 45.89
N PRO M 464 33.18 3.34 46.36
CA PRO M 464 34.52 2.85 46.69
C PRO M 464 35.43 2.70 45.48
N MET M 465 34.85 2.62 44.28
CA MET M 465 35.64 2.37 43.09
C MET M 465 36.49 3.58 42.68
N TYR M 466 36.12 4.78 43.12
CA TYR M 466 36.93 5.95 42.82
C TYR M 466 38.32 5.81 43.41
N GLN M 467 38.42 5.32 44.65
CA GLN M 467 39.70 5.26 45.33
C GLN M 467 40.68 4.31 44.67
N LYS M 468 40.20 3.23 44.05
CA LYS M 468 41.11 2.34 43.35
C LYS M 468 41.49 2.85 41.96
N GLU M 469 40.92 3.98 41.55
CA GLU M 469 41.32 4.67 40.33
C GLU M 469 42.36 5.76 40.59
N ARG M 470 42.16 6.59 41.61
CA ARG M 470 43.10 7.65 41.92
C ARG M 470 44.47 7.13 42.33
N GLU M 471 44.58 5.84 42.67
CA GLU M 471 45.84 5.31 43.19
C GLU M 471 47.02 5.58 42.27
N THR M 472 46.81 5.52 40.95
CA THR M 472 47.87 5.90 40.02
C THR M 472 47.89 7.41 39.87
N PRO M 473 49.03 8.07 40.10
CA PRO M 473 49.05 9.52 40.06
C PRO M 473 48.85 10.03 38.65
N PRO M 474 48.33 11.24 38.48
CA PRO M 474 48.24 11.83 37.13
C PRO M 474 49.61 11.90 36.48
N ARG M 475 49.67 11.43 35.24
CA ARG M 475 50.96 11.22 34.59
C ARG M 475 50.84 11.60 33.12
N PHE M 476 51.85 11.23 32.33
CA PHE M 476 51.92 11.60 30.91
C PHE M 476 51.89 10.41 29.96
N ALA M 477 51.94 9.18 30.47
CA ALA M 477 52.30 8.00 29.69
C ALA M 477 53.74 8.12 29.18
N GLN M 478 54.35 7.00 28.83
CA GLN M 478 55.75 6.99 28.42
C GLN M 478 55.90 6.26 27.11
N HIS M 479 56.84 6.71 26.29
CA HIS M 479 57.03 6.14 24.97
C HIS M 479 57.29 4.65 25.06
N GLY M 480 56.46 3.87 24.38
CA GLY M 480 56.53 2.43 24.42
C GLY M 480 55.60 1.77 25.42
N THR M 481 55.14 2.52 26.42
CA THR M 481 54.20 1.96 27.38
C THR M 481 52.82 1.81 26.73
N PHE M 482 52.07 0.81 27.20
CA PHE M 482 50.74 0.56 26.63
C PHE M 482 49.85 1.78 26.78
N GLU M 483 49.99 2.52 27.87
CA GLU M 483 49.17 3.70 28.08
C GLU M 483 49.41 4.72 26.98
N TYR M 484 50.66 4.91 26.57
CA TYR M 484 50.94 5.80 25.43
C TYR M 484 50.34 5.24 24.14
N GLU M 485 50.51 3.95 23.91
CA GLU M 485 50.02 3.34 22.69
C GLU M 485 48.50 3.42 22.58
N TYR M 486 47.80 3.57 23.70
CA TYR M 486 46.35 3.70 23.69
C TYR M 486 45.90 5.15 23.71
N SER M 487 46.66 6.02 24.39
CA SER M 487 46.40 7.44 24.33
C SER M 487 46.50 7.96 22.91
N GLN M 488 47.37 7.36 22.10
CA GLN M 488 47.45 7.78 20.70
C GLN M 488 46.14 7.51 19.97
N ARG M 489 45.52 6.36 20.20
CA ARG M 489 44.24 6.08 19.57
C ARG M 489 43.15 7.01 20.09
N TRP M 490 43.17 7.29 21.40
CA TRP M 490 42.19 8.24 21.94
C TRP M 490 42.35 9.62 21.30
N LYS M 491 43.60 10.07 21.12
CA LYS M 491 43.82 11.37 20.50
C LYS M 491 43.40 11.37 19.04
N SER M 492 43.60 10.25 18.34
CA SER M 492 43.11 10.17 16.97
C SER M 492 41.59 10.31 16.92
N LEU M 493 40.90 9.65 17.86
CA LEU M 493 39.44 9.78 17.90
C LEU M 493 39.03 11.22 18.19
N ASP M 494 39.73 11.88 19.12
CA ASP M 494 39.41 13.27 19.42
C ASP M 494 39.59 14.16 18.19
N GLU M 495 40.68 13.94 17.44
CA GLU M 495 40.92 14.74 16.24
C GLU M 495 39.86 14.49 15.18
N MET M 496 39.44 13.24 15.01
CA MET M 496 38.38 12.94 14.05
C MET M 496 37.07 13.62 14.44
N GLU M 497 36.75 13.59 15.74
CA GLU M 497 35.55 14.28 16.20
C GLU M 497 35.64 15.79 15.93
N LYS M 498 36.81 16.37 16.18
CA LYS M 498 36.98 17.79 15.91
C LYS M 498 36.78 18.09 14.43
N GLN M 499 37.32 17.25 13.56
CA GLN M 499 37.14 17.47 12.13
C GLN M 499 35.67 17.39 11.74
N GLN M 500 34.95 16.42 12.30
CA GLN M 500 33.51 16.31 11.98
C GLN M 500 32.74 17.54 12.44
N ARG M 501 33.05 18.04 13.64
CA ARG M 501 32.39 19.25 14.13
C ARG M 501 32.69 20.43 13.23
N GLU M 502 33.95 20.59 12.80
CA GLU M 502 34.29 21.69 11.90
C GLU M 502 33.55 21.55 10.58
N GLN M 503 33.43 20.32 10.07
CA GLN M 503 32.71 20.11 8.83
C GLN M 503 31.25 20.54 8.96
N VAL M 504 30.60 20.15 10.06
CA VAL M 504 29.20 20.54 10.24
C VAL M 504 29.07 22.04 10.37
N GLU M 505 29.97 22.68 11.12
CA GLU M 505 29.90 24.12 11.27
C GLU M 505 30.07 24.83 9.95
N LYS M 506 31.03 24.39 9.13
CA LYS M 506 31.24 25.01 7.82
C LYS M 506 30.05 24.79 6.91
N ASN M 507 29.46 23.59 6.94
CA ASN M 507 28.28 23.35 6.12
C ASN M 507 27.14 24.29 6.50
N MET M 508 26.95 24.50 7.79
CA MET M 508 25.84 25.37 8.18
C MET M 508 26.14 26.84 7.94
N LYS M 509 27.41 27.26 8.06
CA LYS M 509 27.74 28.61 7.66
C LYS M 509 27.48 28.83 6.18
N ASP M 510 27.84 27.86 5.35
CA ASP M 510 27.57 27.96 3.92
C ASP M 510 26.07 28.02 3.65
N ALA M 511 25.30 27.18 4.32
CA ALA M 511 23.86 27.18 4.11
C ALA M 511 23.23 28.51 4.53
N LYS M 512 23.65 29.06 5.67
CA LYS M 512 23.11 30.34 6.10
C LYS M 512 23.50 31.45 5.14
N ASP M 513 24.75 31.46 4.67
CA ASP M 513 25.15 32.48 3.71
C ASP M 513 24.36 32.37 2.42
N LYS M 514 24.10 31.14 1.97
CA LYS M 514 23.29 30.96 0.77
C LYS M 514 21.87 31.46 0.99
N LEU M 515 21.25 31.09 2.12
CA LEU M 515 19.88 31.52 2.38
C LEU M 515 19.79 33.02 2.61
N GLU M 516 20.90 33.68 2.96
CA GLU M 516 20.91 35.13 3.03
C GLU M 516 20.83 35.75 1.63
N SER M 517 21.40 35.07 0.63
CA SER M 517 21.48 35.65 -0.70
C SER M 517 20.11 35.80 -1.34
N GLU M 518 19.19 34.89 -1.04
CA GLU M 518 17.87 34.90 -1.64
C GLU M 518 16.87 35.74 -0.87
N MET M 519 17.32 36.78 -0.16
CA MET M 519 16.40 37.73 0.44
C MET M 519 15.48 38.36 -0.62
N GLU M 520 16.06 39.07 -1.58
CA GLU M 520 15.26 39.79 -2.56
C GLU M 520 14.62 38.88 -3.59
N ASP M 521 15.28 37.79 -3.99
CA ASP M 521 14.74 36.96 -5.06
C ASP M 521 13.45 36.27 -4.62
N ALA M 522 13.45 35.66 -3.44
CA ALA M 522 12.24 35.00 -2.96
C ALA M 522 11.11 36.00 -2.73
N TYR M 523 11.44 37.17 -2.20
CA TYR M 523 10.42 38.19 -1.98
C TYR M 523 9.80 38.64 -3.29
N HIS M 524 10.64 38.87 -4.30
CA HIS M 524 10.13 39.25 -5.61
C HIS M 524 9.29 38.15 -6.22
N GLU M 525 9.71 36.90 -6.07
CA GLU M 525 8.91 35.80 -6.60
C GLU M 525 7.55 35.73 -5.92
N HIS M 526 7.52 35.94 -4.60
CA HIS M 526 6.24 35.93 -3.89
C HIS M 526 5.34 37.05 -4.37
N GLN M 527 5.90 38.25 -4.53
CA GLN M 527 5.11 39.38 -5.02
C GLN M 527 4.55 39.10 -6.40
N ALA M 528 5.40 38.57 -7.29
CA ALA M 528 4.97 38.28 -8.65
C ALA M 528 3.89 37.21 -8.66
N ASN M 529 4.02 36.19 -7.81
CA ASN M 529 3.00 35.15 -7.77
C ASN M 529 1.67 35.70 -7.26
N LEU M 530 1.71 36.55 -6.23
CA LEU M 530 0.46 37.15 -5.74
C LEU M 530 -0.19 37.98 -6.83
N LEU M 531 0.60 38.80 -7.52
CA LEU M 531 0.05 39.65 -8.57
C LEU M 531 -0.53 38.81 -9.71
N ARG M 532 0.17 37.73 -10.09
CA ARG M 532 -0.32 36.87 -11.16
C ARG M 532 -1.62 36.18 -10.77
N GLN M 533 -1.73 35.72 -9.51
CA GLN M 533 -2.97 35.11 -9.07
C GLN M 533 -4.12 36.10 -9.10
N ASP M 534 -3.88 37.32 -8.61
CA ASP M 534 -4.93 38.34 -8.66
C ASP M 534 -5.33 38.64 -10.10
N LEU M 535 -4.34 38.73 -10.99
CA LEU M 535 -4.61 39.01 -12.40
C LEU M 535 -5.42 37.90 -13.04
N MET M 536 -5.11 36.65 -12.72
CA MET M 536 -5.87 35.54 -13.28
C MET M 536 -7.31 35.54 -12.77
N ARG M 537 -7.51 35.82 -11.49
CA ARG M 537 -8.87 35.93 -10.98
C ARG M 537 -9.64 37.04 -11.68
N ARG M 538 -8.99 38.19 -11.88
CA ARG M 538 -9.65 39.30 -12.55
C ARG M 538 -9.93 38.99 -14.01
N GLN M 539 -9.05 38.22 -14.66
CA GLN M 539 -9.31 37.82 -16.04
C GLN M 539 -10.50 36.86 -16.12
N GLU M 540 -10.62 35.96 -15.15
CA GLU M 540 -11.80 35.11 -15.09
C GLU M 540 -13.06 35.95 -14.93
N GLU M 541 -12.99 36.97 -14.07
CA GLU M 541 -14.13 37.86 -13.90
C GLU M 541 -14.46 38.58 -15.21
N LEU M 542 -13.43 39.04 -15.92
CA LEU M 542 -13.61 39.61 -17.25
C LEU M 542 -14.36 38.67 -18.15
N ARG M 543 -13.92 37.42 -18.20
CA ARG M 543 -14.51 36.47 -19.14
C ARG M 543 -15.98 36.25 -18.81
N ARG M 544 -16.32 36.10 -17.53
CA ARG M 544 -17.70 35.80 -17.18
C ARG M 544 -18.61 37.00 -17.43
N MET M 545 -18.15 38.22 -17.07
CA MET M 545 -18.89 39.43 -17.46
C MET M 545 -19.11 39.53 -18.95
N GLU M 546 -18.06 39.36 -19.75
CA GLU M 546 -18.19 39.57 -21.19
C GLU M 546 -19.09 38.53 -21.83
N GLU M 547 -18.98 37.26 -21.40
CA GLU M 547 -19.85 36.24 -21.97
C GLU M 547 -21.31 36.50 -21.62
N LEU M 548 -21.60 36.81 -20.34
CA LEU M 548 -22.98 37.07 -19.97
C LEU M 548 -23.53 38.28 -20.71
N HIS M 549 -22.73 39.35 -20.82
CA HIS M 549 -23.19 40.56 -21.49
C HIS M 549 -23.36 40.35 -22.99
N SER M 550 -22.52 39.51 -23.60
CA SER M 550 -22.71 39.19 -25.00
C SER M 550 -24.01 38.44 -25.23
N GLN M 551 -24.34 37.50 -24.32
CA GLN M 551 -25.64 36.85 -24.41
C GLN M 551 -26.78 37.84 -24.24
N GLU M 552 -26.62 38.78 -23.29
CA GLU M 552 -27.60 39.84 -23.10
C GLU M 552 -27.85 40.58 -24.42
N MET M 553 -26.77 41.04 -25.04
CA MET M 553 -26.87 41.83 -26.27
C MET M 553 -27.48 41.02 -27.40
N GLN M 554 -27.06 39.76 -27.54
CA GLN M 554 -27.57 38.95 -28.64
C GLN M 554 -29.08 38.73 -28.51
N LYS M 555 -29.57 38.43 -27.31
CA LYS M 555 -30.99 38.13 -27.23
C LYS M 555 -31.80 39.41 -27.31
N ARG M 556 -31.26 40.52 -26.80
CA ARG M 556 -31.88 41.82 -27.05
C ARG M 556 -32.00 42.10 -28.54
N LYS M 557 -30.95 41.79 -29.29
CA LYS M 557 -30.96 42.04 -30.74
C LYS M 557 -32.03 41.20 -31.42
N GLU M 558 -32.13 39.92 -31.07
CA GLU M 558 -33.14 39.10 -31.74
C GLU M 558 -34.55 39.58 -31.38
N MET M 559 -34.74 39.99 -30.12
CA MET M 559 -36.03 40.54 -29.71
C MET M 559 -36.37 41.77 -30.54
N GLN M 560 -35.40 42.66 -30.71
CA GLN M 560 -35.62 43.88 -31.49
C GLN M 560 -35.92 43.57 -32.95
N LEU M 561 -35.23 42.59 -33.52
CA LEU M 561 -35.50 42.21 -34.90
C LEU M 561 -36.92 41.70 -35.07
N ARG M 562 -37.38 40.86 -34.14
CA ARG M 562 -38.77 40.44 -34.18
C ARG M 562 -39.71 41.64 -34.09
N GLN M 563 -39.39 42.58 -33.19
CA GLN M 563 -40.21 43.77 -33.01
C GLN M 563 -40.35 44.52 -34.33
N GLU M 564 -39.23 44.79 -34.99
CA GLU M 564 -39.25 45.62 -36.19
C GLU M 564 -39.90 44.87 -37.36
N GLU M 565 -39.75 43.54 -37.41
CA GLU M 565 -40.46 42.79 -38.44
C GLU M 565 -41.97 42.89 -38.28
N GLU M 566 -42.45 42.79 -37.04
CA GLU M 566 -43.89 42.96 -36.80
C GLU M 566 -44.34 44.37 -37.19
N ARG M 567 -43.57 45.38 -36.80
CA ARG M 567 -43.92 46.76 -37.16
C ARG M 567 -43.95 46.93 -38.67
N ARG M 568 -43.00 46.32 -39.36
CA ARG M 568 -42.91 46.44 -40.81
C ARG M 568 -44.10 45.80 -41.50
N ARG M 569 -44.51 44.61 -41.03
CA ARG M 569 -45.67 43.95 -41.61
C ARG M 569 -46.92 44.80 -41.41
N ARG M 570 -47.09 45.36 -40.20
CA ARG M 570 -48.23 46.25 -39.99
C ARG M 570 -48.17 47.43 -40.94
N GLU M 571 -46.99 48.05 -41.11
CA GLU M 571 -46.88 49.22 -41.97
C GLU M 571 -47.20 48.89 -43.41
N GLU M 572 -46.80 47.70 -43.87
CA GLU M 572 -47.10 47.31 -45.25
C GLU M 572 -48.60 47.14 -45.46
N GLU M 573 -49.26 46.41 -44.54
CA GLU M 573 -50.71 46.32 -44.61
C GLU M 573 -51.33 47.71 -44.62
N MET M 574 -50.73 48.61 -43.85
CA MET M 574 -51.28 49.95 -43.71
C MET M 574 -51.18 50.71 -45.03
N MET M 575 -50.03 50.62 -45.69
CA MET M 575 -49.88 51.29 -46.98
C MET M 575 -50.84 50.70 -48.00
N ILE M 576 -51.13 49.40 -47.90
CA ILE M 576 -52.12 48.81 -48.79
C ILE M 576 -53.50 49.43 -48.55
N ARG M 577 -53.87 49.62 -47.28
CA ARG M 577 -55.16 50.25 -47.01
C ARG M 577 -55.20 51.69 -47.52
N GLN M 578 -54.09 52.42 -47.38
CA GLN M 578 -54.05 53.78 -47.92
C GLN M 578 -54.18 53.76 -49.44
N ARG M 579 -53.55 52.78 -50.09
CA ARG M 579 -53.69 52.64 -51.54
C ARG M 579 -55.14 52.43 -51.94
N GLU M 580 -55.84 51.53 -51.25
CA GLU M 580 -57.22 51.26 -51.65
C GLU M 580 -58.11 52.47 -51.37
N MET M 581 -57.85 53.18 -50.28
CA MET M 581 -58.60 54.40 -50.03
C MET M 581 -58.39 55.42 -51.14
N GLU M 582 -57.13 55.60 -51.55
CA GLU M 582 -56.85 56.54 -52.63
C GLU M 582 -57.52 56.12 -53.93
N GLU M 583 -57.53 54.81 -54.22
CA GLU M 583 -58.13 54.33 -55.45
C GLU M 583 -59.64 54.58 -55.47
N GLN M 584 -60.34 54.19 -54.40
CA GLN M 584 -61.78 54.40 -54.38
C GLN M 584 -62.10 55.90 -54.37
N MET M 585 -61.23 56.70 -53.76
CA MET M 585 -61.45 58.14 -53.73
C MET M 585 -61.27 58.75 -55.12
N ARG M 586 -60.30 58.24 -55.88
CA ARG M 586 -60.15 58.64 -57.28
C ARG M 586 -61.39 58.27 -58.08
N ARG M 587 -61.91 57.05 -57.87
CA ARG M 587 -63.12 56.64 -58.57
C ARG M 587 -64.29 57.57 -58.26
N GLN M 588 -64.47 57.90 -56.98
CA GLN M 588 -65.57 58.78 -56.60
C GLN M 588 -65.40 60.17 -57.18
N ARG M 589 -64.17 60.70 -57.19
CA ARG M 589 -63.93 62.00 -57.80
C ARG M 589 -64.23 61.97 -59.29
N GLU M 590 -63.83 60.90 -59.97
CA GLU M 590 -64.10 60.80 -61.40
C GLU M 590 -65.60 60.75 -61.68
N GLU M 591 -66.35 59.97 -60.89
CA GLU M 591 -67.79 59.94 -61.08
C GLU M 591 -68.43 61.29 -60.79
N SER M 592 -67.96 61.98 -59.75
CA SER M 592 -68.49 63.31 -59.46
C SER M 592 -68.17 64.30 -60.58
N TYR M 593 -67.05 64.11 -61.26
CA TYR M 593 -66.74 64.94 -62.41
C TYR M 593 -67.77 64.77 -63.52
N SER M 594 -68.19 63.54 -63.76
CA SER M 594 -69.18 63.26 -64.81
C SER M 594 -70.59 63.51 -64.29
N LYS N 69 40.27 32.01 46.89
CA LYS N 69 41.46 32.22 47.70
C LYS N 69 41.67 33.70 48.00
N THR N 70 42.86 34.05 48.46
CA THR N 70 43.23 35.41 48.77
C THR N 70 44.25 35.90 47.76
N PHE N 71 44.09 37.12 47.28
CA PHE N 71 44.98 37.72 46.27
C PHE N 71 45.00 36.86 45.01
N THR N 72 43.83 36.75 44.38
CA THR N 72 43.64 35.95 43.19
C THR N 72 43.12 36.82 42.05
N GLN N 73 42.84 36.17 40.92
CA GLN N 73 42.32 36.85 39.74
C GLN N 73 40.82 37.14 39.84
N ARG N 74 40.15 36.55 40.83
CA ARG N 74 38.71 36.84 41.04
C ARG N 74 38.62 38.15 41.86
N SER N 75 39.62 38.40 42.72
CA SER N 75 39.66 39.68 43.46
C SER N 75 40.09 40.80 42.51
N ARG N 76 40.65 40.43 41.35
CA ARG N 76 41.11 41.44 40.35
C ARG N 76 39.89 42.23 39.83
N LEU N 77 40.11 43.48 39.42
CA LEU N 77 39.04 44.34 38.94
C LEU N 77 39.55 45.27 37.85
N PHE N 78 38.74 45.45 36.82
CA PHE N 78 39.02 46.39 35.74
C PHE N 78 38.27 47.68 35.99
N VAL N 79 39.01 48.78 36.10
CA VAL N 79 38.44 50.10 36.36
C VAL N 79 38.60 50.95 35.10
N GLY N 80 37.49 51.52 34.63
CA GLY N 80 37.52 52.31 33.40
C GLY N 80 36.79 53.63 33.59
N ASN N 81 36.91 54.47 32.55
CA ASN N 81 36.29 55.79 32.53
C ASN N 81 36.74 56.64 33.72
N LEU N 82 38.02 56.52 34.07
CA LEU N 82 38.58 57.34 35.14
C LEU N 82 38.95 58.72 34.62
N PRO N 83 38.94 59.73 35.50
CA PRO N 83 39.39 61.06 35.07
C PRO N 83 40.85 61.02 34.69
N PRO N 84 41.26 61.86 33.73
CA PRO N 84 42.67 61.83 33.29
C PRO N 84 43.66 62.24 34.36
N ASP N 85 43.22 62.89 35.44
CA ASP N 85 44.10 63.37 36.50
C ASP N 85 44.09 62.46 37.73
N ILE N 86 43.76 61.17 37.56
CA ILE N 86 43.81 60.24 38.68
C ILE N 86 45.26 60.01 39.09
N THR N 87 45.46 59.67 40.37
CA THR N 87 46.78 59.43 40.92
C THR N 87 46.82 58.06 41.58
N GLU N 88 48.03 57.47 41.62
CA GLU N 88 48.21 56.19 42.28
C GLU N 88 47.89 56.28 43.77
N GLU N 89 48.27 57.39 44.40
CA GLU N 89 47.96 57.58 45.82
C GLU N 89 46.45 57.63 46.04
N GLU N 90 45.74 58.44 45.26
CA GLU N 90 44.29 58.47 45.35
C GLU N 90 43.66 57.18 44.82
N MET N 91 44.38 56.44 43.98
CA MET N 91 43.88 55.13 43.55
C MET N 91 43.87 54.15 44.72
N ARG N 92 44.98 54.09 45.46
CA ARG N 92 45.04 53.24 46.65
C ARG N 92 44.07 53.73 47.72
N LYS N 93 43.99 55.05 47.92
CA LYS N 93 43.04 55.60 48.87
C LYS N 93 41.60 55.32 48.44
N LEU N 94 41.37 55.20 47.13
CA LEU N 94 40.02 54.93 46.61
C LEU N 94 39.53 53.57 47.08
N PHE N 95 40.40 52.57 47.07
CA PHE N 95 40.08 51.24 47.53
C PHE N 95 40.61 50.99 48.95
N GLU N 96 41.04 52.05 49.63
CA GLU N 96 41.63 51.90 50.96
C GLU N 96 40.62 51.36 51.96
N LYS N 97 39.32 51.49 51.67
CA LYS N 97 38.30 50.93 52.53
C LYS N 97 38.29 49.40 52.49
N TYR N 98 38.93 48.79 51.51
CA TYR N 98 38.89 47.35 51.30
C TYR N 98 40.26 46.69 51.44
N GLY N 99 41.00 47.08 52.48
CA GLY N 99 42.28 46.45 52.73
C GLY N 99 43.35 46.84 51.72
N LYS N 100 44.33 45.97 51.56
CA LYS N 100 45.45 46.23 50.68
C LYS N 100 45.04 46.10 49.21
N ALA N 101 45.95 46.49 48.33
CA ALA N 101 45.74 46.43 46.89
C ALA N 101 46.95 45.81 46.22
N GLY N 102 46.72 45.23 45.04
CA GLY N 102 47.77 44.57 44.31
C GLY N 102 48.48 45.46 43.30
N GLU N 103 48.58 45.00 42.06
CA GLU N 103 49.32 45.74 41.04
C GLU N 103 48.54 46.98 40.62
N VAL N 104 49.12 48.15 40.84
CA VAL N 104 48.50 49.42 40.45
C VAL N 104 48.97 49.71 39.03
N PHE N 105 48.25 49.15 38.06
CA PHE N 105 48.52 49.37 36.65
C PHE N 105 47.47 50.34 36.14
N ILE N 106 47.90 51.59 35.88
CA ILE N 106 46.98 52.68 35.56
C ILE N 106 47.51 53.44 34.35
N HIS N 107 46.59 53.93 33.53
CA HIS N 107 46.90 54.79 32.40
C HIS N 107 46.22 56.13 32.59
N LYS N 108 47.00 57.21 32.53
CA LYS N 108 46.43 58.55 32.70
C LYS N 108 45.63 58.96 31.46
N ASP N 109 46.10 58.59 30.27
CA ASP N 109 45.54 59.11 29.04
C ASP N 109 44.24 58.41 28.66
N LYS N 110 44.30 57.11 28.40
CA LYS N 110 43.11 56.39 27.96
C LYS N 110 42.11 56.14 29.08
N GLY N 111 42.48 56.41 30.33
CA GLY N 111 41.53 56.45 31.41
C GLY N 111 41.15 55.13 32.04
N PHE N 112 41.84 54.04 31.71
CA PHE N 112 41.57 52.75 32.35
C PHE N 112 42.86 51.99 32.56
N GLY N 113 42.83 51.07 33.52
CA GLY N 113 44.00 50.30 33.87
C GLY N 113 43.59 49.07 34.65
N PHE N 114 44.58 48.46 35.31
CA PHE N 114 44.39 47.23 36.07
C PHE N 114 44.63 47.49 37.55
N ILE N 115 43.68 47.03 38.38
CA ILE N 115 43.82 47.08 39.83
C ILE N 115 43.48 45.71 40.40
N ARG N 116 44.07 45.40 41.55
CA ARG N 116 43.87 44.13 42.23
C ARG N 116 43.39 44.38 43.66
N LEU N 117 42.40 43.61 44.08
CA LEU N 117 41.88 43.66 45.44
C LEU N 117 42.33 42.43 46.21
N GLU N 118 41.90 42.34 47.47
CA GLU N 118 42.42 41.32 48.36
C GLU N 118 41.69 39.98 48.18
N THR N 119 40.39 39.95 48.46
CA THR N 119 39.66 38.68 48.45
C THR N 119 38.40 38.74 47.60
N ARG N 120 37.69 37.62 47.51
CA ARG N 120 36.46 37.56 46.72
C ARG N 120 35.37 38.42 47.34
N THR N 121 35.21 38.34 48.67
CA THR N 121 34.22 39.16 49.36
C THR N 121 34.46 40.64 49.14
N LEU N 122 35.72 41.07 49.31
CA LEU N 122 36.03 42.49 49.17
C LEU N 122 35.83 42.97 47.74
N ALA N 123 36.20 42.14 46.76
CA ALA N 123 35.99 42.53 45.36
C ALA N 123 34.51 42.65 45.04
N GLU N 124 33.71 41.68 45.46
CA GLU N 124 32.28 41.72 45.22
C GLU N 124 31.65 42.94 45.86
N ILE N 125 32.09 43.28 47.08
CA ILE N 125 31.59 44.48 47.75
C ILE N 125 31.98 45.72 46.97
N ALA N 126 33.27 45.84 46.64
CA ALA N 126 33.82 47.11 46.19
C ALA N 126 33.37 47.46 44.78
N LYS N 127 33.38 46.48 43.86
CA LYS N 127 33.00 46.82 42.49
C LYS N 127 31.56 47.30 42.43
N VAL N 128 30.68 46.65 43.17
CA VAL N 128 29.26 46.99 43.10
C VAL N 128 28.95 48.22 43.96
N GLU N 129 29.82 48.52 44.93
CA GLU N 129 29.68 49.77 45.67
C GLU N 129 30.30 50.96 44.95
N LEU N 130 31.14 50.74 43.95
CA LEU N 130 31.84 51.82 43.27
C LEU N 130 31.27 52.17 41.91
N ASP N 131 30.66 51.23 41.20
CA ASP N 131 30.03 51.56 39.93
C ASP N 131 28.78 52.41 40.18
N ASN N 132 28.38 53.14 39.14
CA ASN N 132 27.30 54.13 39.16
C ASN N 132 27.64 55.32 40.04
N MET N 133 28.88 55.45 40.50
CA MET N 133 29.31 56.62 41.27
C MET N 133 30.12 57.54 40.37
N PRO N 134 29.62 58.74 40.06
CA PRO N 134 30.43 59.68 39.27
C PRO N 134 31.64 60.16 40.06
N LEU N 135 32.73 60.40 39.34
CA LEU N 135 33.97 60.88 39.95
C LEU N 135 34.52 61.99 39.06
N ARG N 136 34.50 63.22 39.57
CA ARG N 136 34.92 64.40 38.81
C ARG N 136 34.15 64.51 37.50
N GLY N 137 32.82 64.44 37.61
CA GLY N 137 31.97 64.56 36.44
C GLY N 137 32.11 63.41 35.47
N LYS N 138 32.18 62.17 35.97
CA LYS N 138 32.33 61.01 35.09
C LYS N 138 31.79 59.80 35.84
N GLN N 139 30.65 59.28 35.38
CA GLN N 139 30.08 58.09 36.01
C GLN N 139 30.97 56.89 35.72
N LEU N 140 31.49 56.28 36.78
CA LEU N 140 32.52 55.26 36.63
C LEU N 140 31.97 54.03 35.92
N ARG N 141 32.82 53.43 35.09
CA ARG N 141 32.51 52.17 34.40
C ARG N 141 33.59 51.16 34.81
N VAL N 142 33.35 50.45 35.90
CA VAL N 142 34.23 49.39 36.37
C VAL N 142 33.59 48.05 36.06
N ARG N 143 34.38 47.11 35.56
CA ARG N 143 33.84 45.84 35.11
C ARG N 143 34.77 44.71 35.57
N PHE N 144 34.21 43.51 35.69
CA PHE N 144 35.00 42.31 35.93
C PHE N 144 35.91 42.07 34.73
N ALA N 145 37.22 42.05 34.96
CA ALA N 145 38.15 41.72 33.89
C ALA N 145 38.01 40.25 33.54
N CYS N 146 37.86 39.95 32.26
CA CYS N 146 37.79 38.56 31.82
C CYS N 146 39.12 37.87 32.11
N HIS N 147 39.05 36.70 32.73
CA HIS N 147 40.25 35.99 33.13
C HIS N 147 41.03 35.54 31.91
N SER N 148 42.35 35.69 31.96
CA SER N 148 43.21 35.46 30.80
C SER N 148 43.89 34.10 30.81
N ALA N 149 44.18 33.54 31.99
CA ALA N 149 44.87 32.27 32.08
C ALA N 149 43.94 31.07 31.96
N SER N 150 42.75 31.27 31.42
CA SER N 150 41.74 30.22 31.41
C SER N 150 42.11 29.07 30.48
N LEU N 151 41.75 27.86 30.90
CA LEU N 151 41.79 26.67 30.07
C LEU N 151 40.44 25.99 30.20
N THR N 152 40.15 25.08 29.28
CA THR N 152 39.06 24.14 29.49
C THR N 152 39.55 22.75 29.13
N VAL N 153 39.21 21.78 29.97
CA VAL N 153 39.69 20.41 29.84
C VAL N 153 38.47 19.54 29.58
N ARG N 154 38.59 18.60 28.67
CA ARG N 154 37.43 17.85 28.22
C ARG N 154 37.70 16.36 28.32
N ASN N 155 36.64 15.57 28.16
CA ASN N 155 36.71 14.11 28.20
C ASN N 155 37.29 13.61 29.52
N LEU N 156 36.83 14.20 30.63
CA LEU N 156 37.37 13.83 31.92
C LEU N 156 37.00 12.38 32.26
N PRO N 157 37.75 11.75 33.16
CA PRO N 157 37.42 10.38 33.57
C PRO N 157 36.11 10.32 34.33
N GLN N 158 35.52 9.12 34.31
CA GLN N 158 34.19 8.93 34.91
C GLN N 158 34.20 9.22 36.41
N TYR N 159 35.36 9.13 37.05
CA TYR N 159 35.50 9.41 38.48
C TYR N 159 36.57 10.46 38.65
N VAL N 160 36.19 11.64 39.11
CA VAL N 160 37.08 12.79 39.13
C VAL N 160 36.62 13.75 40.21
N SER N 161 37.57 14.52 40.75
CA SER N 161 37.33 15.47 41.82
C SER N 161 37.87 16.84 41.45
N ASN N 162 37.47 17.84 42.23
CA ASN N 162 38.07 19.16 42.06
C ASN N 162 39.57 19.10 42.34
N GLU N 163 39.96 18.41 43.41
CA GLU N 163 41.37 18.35 43.78
C GLU N 163 42.18 17.52 42.81
N LEU N 164 41.55 16.59 42.08
CA LEU N 164 42.27 15.87 41.05
C LEU N 164 42.77 16.82 39.97
N LEU N 165 41.91 17.73 39.52
CA LEU N 165 42.33 18.76 38.58
C LEU N 165 43.27 19.76 39.24
N GLU N 166 43.08 20.03 40.52
CA GLU N 166 43.96 20.98 41.20
C GLU N 166 45.37 20.43 41.35
N GLU N 167 45.53 19.12 41.46
CA GLU N 167 46.83 18.49 41.65
C GLU N 167 47.48 18.10 40.33
N ALA N 168 46.70 17.55 39.40
CA ALA N 168 47.27 17.14 38.12
C ALA N 168 47.84 18.31 37.36
N PHE N 169 47.04 19.36 37.17
CA PHE N 169 47.51 20.55 36.48
C PHE N 169 48.38 21.43 37.35
N SER N 170 48.54 21.08 38.63
CA SER N 170 49.53 21.75 39.46
C SER N 170 50.93 21.53 38.93
N VAL N 171 51.14 20.51 38.10
CA VAL N 171 52.44 20.27 37.50
C VAL N 171 52.86 21.44 36.63
N PHE N 172 51.93 21.94 35.81
CA PHE N 172 52.24 23.05 34.90
C PHE N 172 52.26 24.41 35.61
N GLY N 173 51.85 24.48 36.87
CA GLY N 173 51.90 25.73 37.59
C GLY N 173 50.88 25.74 38.71
N GLN N 174 50.52 26.95 39.12
CA GLN N 174 49.60 27.15 40.23
C GLN N 174 48.17 27.19 39.70
N VAL N 175 47.35 26.24 40.15
CA VAL N 175 45.94 26.20 39.81
C VAL N 175 45.19 26.98 40.89
N GLU N 176 44.79 28.21 40.56
CA GLU N 176 43.98 28.97 41.51
C GLU N 176 42.68 28.24 41.80
N ARG N 177 42.04 27.71 40.78
CA ARG N 177 40.91 26.83 40.97
C ARG N 177 40.58 26.12 39.66
N ALA N 178 40.32 24.84 39.78
CA ALA N 178 39.79 24.04 38.69
C ALA N 178 38.61 23.28 39.24
N VAL N 179 37.48 23.35 38.56
CA VAL N 179 36.26 22.77 39.11
C VAL N 179 35.46 22.08 38.02
N VAL N 180 35.40 20.74 38.09
CA VAL N 180 34.65 19.94 37.15
C VAL N 180 33.23 20.47 37.05
N ILE N 181 32.81 20.86 35.85
CA ILE N 181 31.47 21.40 35.68
C ILE N 181 30.45 20.32 35.99
N VAL N 182 29.50 20.65 36.86
CA VAL N 182 28.52 19.70 37.35
C VAL N 182 27.13 20.25 37.09
N ASP N 183 26.21 19.38 36.68
CA ASP N 183 24.84 19.77 36.41
C ASP N 183 23.98 19.58 37.67
N ASP N 184 22.66 19.63 37.52
CA ASP N 184 21.76 19.68 38.67
C ASP N 184 21.82 18.39 39.48
N ARG N 185 21.79 17.23 38.81
CA ARG N 185 21.71 15.96 39.53
C ARG N 185 22.95 15.70 40.38
N GLY N 186 24.08 16.31 40.04
CA GLY N 186 25.34 16.08 40.72
C GLY N 186 26.32 15.26 39.91
N ARG N 187 25.87 14.57 38.87
CA ARG N 187 26.77 13.85 38.00
C ARG N 187 27.65 14.82 37.24
N PRO N 188 28.87 14.43 36.90
CA PRO N 188 29.74 15.33 36.13
C PRO N 188 29.22 15.53 34.72
N SER N 189 29.45 16.73 34.19
CA SER N 189 29.05 17.01 32.81
C SER N 189 29.98 16.35 31.81
N GLY N 190 31.23 16.10 32.19
CA GLY N 190 32.24 15.63 31.27
C GLY N 190 33.21 16.69 30.80
N LYS N 191 33.13 17.91 31.31
CA LYS N 191 34.07 18.96 30.94
C LYS N 191 34.77 19.47 32.19
N GLY N 192 35.62 20.49 32.03
CA GLY N 192 36.33 21.04 33.15
C GLY N 192 36.58 22.52 32.90
N ILE N 193 37.01 23.21 33.95
CA ILE N 193 37.34 24.62 33.84
C ILE N 193 38.52 24.91 34.76
N VAL N 194 39.66 25.24 34.18
CA VAL N 194 40.89 25.40 34.93
C VAL N 194 41.38 26.83 34.73
N GLU N 195 41.60 27.54 35.83
CA GLU N 195 42.00 28.93 35.81
C GLU N 195 43.34 29.03 36.54
N PHE N 196 44.42 29.07 35.79
CA PHE N 196 45.74 29.26 36.38
C PHE N 196 45.81 30.69 36.91
N SER N 197 46.97 31.07 37.44
CA SER N 197 47.21 32.47 37.74
C SER N 197 47.68 33.22 36.50
N GLY N 198 48.82 32.82 35.94
CA GLY N 198 49.42 33.58 34.86
C GLY N 198 49.18 32.99 33.49
N LYS N 199 49.29 33.84 32.47
CA LYS N 199 49.15 33.38 31.08
C LYS N 199 50.22 32.39 30.63
N PRO N 200 51.53 32.64 30.85
CA PRO N 200 52.52 31.72 30.27
C PRO N 200 52.39 30.30 30.77
N ALA N 201 52.01 30.11 32.03
CA ALA N 201 51.71 28.76 32.50
C ALA N 201 50.59 28.15 31.69
N ALA N 202 49.55 28.94 31.39
CA ALA N 202 48.43 28.43 30.60
C ALA N 202 48.89 28.03 29.21
N ARG N 203 49.71 28.86 28.56
CA ARG N 203 50.19 28.50 27.23
C ARG N 203 51.04 27.24 27.25
N LYS N 204 51.94 27.13 28.23
CA LYS N 204 52.78 25.94 28.33
C LYS N 204 51.92 24.70 28.55
N ALA N 205 50.96 24.79 29.47
CA ALA N 205 50.11 23.63 29.73
C ALA N 205 49.31 23.24 28.51
N LEU N 206 48.77 24.23 27.79
CA LEU N 206 47.96 23.95 26.63
C LEU N 206 48.78 23.26 25.55
N ASP N 207 49.97 23.79 25.26
CA ASP N 207 50.77 23.19 24.19
C ASP N 207 51.27 21.81 24.60
N ARG N 208 51.61 21.62 25.87
CA ARG N 208 52.09 20.31 26.32
C ARG N 208 50.98 19.27 26.25
N CYS N 209 49.78 19.61 26.76
CA CYS N 209 48.67 18.68 26.70
C CYS N 209 48.16 18.47 25.29
N SER N 210 48.49 19.38 24.37
CA SER N 210 48.17 19.14 22.97
C SER N 210 49.17 18.15 22.35
N GLU N 211 50.47 18.38 22.55
CA GLU N 211 51.46 17.47 22.00
C GLU N 211 51.58 16.20 22.82
N GLY N 212 51.40 16.30 24.15
CA GLY N 212 51.41 15.15 25.01
C GLY N 212 50.02 14.58 25.20
N SER N 213 49.94 13.54 26.05
CA SER N 213 48.68 12.86 26.35
C SER N 213 48.52 12.84 27.86
N PHE N 214 47.91 13.87 28.41
CA PHE N 214 47.88 14.03 29.86
C PHE N 214 46.90 13.07 30.50
N LEU N 215 47.36 11.86 30.80
CA LEU N 215 46.52 10.93 31.54
C LEU N 215 46.27 11.47 32.95
N LEU N 216 45.06 11.24 33.45
CA LEU N 216 44.66 11.70 34.76
C LEU N 216 44.60 10.61 35.82
N THR N 217 44.40 9.37 35.40
CA THR N 217 44.04 8.29 36.31
C THR N 217 44.44 7.00 35.63
N THR N 218 44.08 5.85 36.20
CA THR N 218 44.44 4.57 35.59
C THR N 218 43.79 4.39 34.22
N PHE N 219 42.52 4.78 34.09
CA PHE N 219 41.82 4.61 32.83
C PHE N 219 42.51 5.41 31.74
N PRO N 220 43.15 4.76 30.77
CA PRO N 220 44.02 5.48 29.84
C PRO N 220 43.27 6.31 28.81
N ARG N 221 42.62 7.39 29.23
CA ARG N 221 41.99 8.33 28.30
C ARG N 221 42.53 9.72 28.58
N PRO N 222 43.37 10.27 27.70
CA PRO N 222 43.89 11.61 27.93
C PRO N 222 42.81 12.67 27.81
N VAL N 223 43.02 13.77 28.52
CA VAL N 223 42.08 14.87 28.57
C VAL N 223 42.44 15.90 27.51
N THR N 224 41.54 16.13 26.57
CA THR N 224 41.74 17.19 25.60
C THR N 224 41.66 18.54 26.29
N VAL N 225 42.63 19.40 26.03
CA VAL N 225 42.71 20.72 26.65
C VAL N 225 42.61 21.78 25.57
N GLU N 226 41.70 22.73 25.76
CA GLU N 226 41.42 23.79 24.81
C GLU N 226 41.33 25.11 25.55
N PRO N 227 41.60 26.23 24.88
CA PRO N 227 41.35 27.53 25.51
C PRO N 227 39.86 27.78 25.61
N MET N 228 39.47 28.51 26.65
CA MET N 228 38.06 28.73 26.93
C MET N 228 37.61 30.11 26.46
N ASP N 229 36.46 30.13 25.78
CA ASP N 229 35.86 31.39 25.37
C ASP N 229 35.13 32.05 26.53
N GLN N 230 35.23 33.38 26.60
CA GLN N 230 34.65 34.15 27.69
C GLN N 230 33.27 34.63 27.26
N LEU N 231 32.26 33.80 27.49
CA LEU N 231 30.88 34.18 27.20
C LEU N 231 30.38 35.09 28.32
N ASP N 232 30.25 36.37 28.01
CA ASP N 232 29.86 37.39 28.99
C ASP N 232 28.35 37.54 28.98
N ASP N 233 27.70 37.16 30.08
CA ASP N 233 26.27 37.33 30.25
C ASP N 233 25.93 38.34 31.33
N GLU N 234 26.88 39.20 31.70
CA GLU N 234 26.63 40.23 32.71
C GLU N 234 26.26 41.57 32.08
N GLU N 235 27.15 42.11 31.25
CA GLU N 235 26.87 43.36 30.57
C GLU N 235 25.83 43.22 29.46
N GLY N 236 25.66 42.02 28.92
CA GLY N 236 24.65 41.81 27.89
C GLY N 236 24.90 42.70 26.69
N LEU N 237 23.83 43.35 26.23
CA LEU N 237 23.92 44.27 25.09
C LEU N 237 23.19 45.56 25.42
N PRO N 238 23.90 46.51 26.03
CA PRO N 238 23.29 47.82 26.28
C PRO N 238 22.92 48.53 24.98
N GLU N 239 21.87 49.34 25.07
CA GLU N 239 21.35 50.01 23.88
C GLU N 239 22.39 50.92 23.24
N LYS N 240 23.05 51.74 24.05
CA LYS N 240 23.98 52.74 23.52
C LYS N 240 25.27 52.13 23.00
N LEU N 241 25.52 50.85 23.23
CA LEU N 241 26.70 50.19 22.68
C LEU N 241 26.44 49.56 21.31
N VAL N 242 25.20 49.54 20.85
CA VAL N 242 24.93 49.01 19.52
C VAL N 242 25.25 50.08 18.47
N ILE N 243 25.65 49.63 17.28
CA ILE N 243 26.07 50.55 16.23
C ILE N 243 24.95 51.51 15.84
N LYS N 244 23.70 51.06 15.87
CA LYS N 244 22.53 51.89 15.57
C LYS N 244 22.65 52.55 14.19
N ASN N 245 23.24 51.85 13.24
CA ASN N 245 23.52 52.43 11.93
C ASN N 245 22.28 52.32 11.04
N GLN N 246 22.47 52.60 9.74
CA GLN N 246 21.35 52.51 8.80
C GLN N 246 20.80 51.10 8.72
N GLN N 247 21.67 50.09 8.90
CA GLN N 247 21.19 48.72 8.95
C GLN N 247 20.23 48.51 10.11
N PHE N 248 20.56 49.04 11.29
CA PHE N 248 19.66 48.88 12.44
C PHE N 248 18.28 49.42 12.12
N HIS N 249 18.20 50.61 11.52
CA HIS N 249 16.91 51.12 11.08
C HIS N 249 16.30 50.22 10.02
N LYS N 250 17.12 49.74 9.09
CA LYS N 250 16.63 48.78 8.10
C LYS N 250 16.14 47.51 8.76
N GLU N 251 16.75 47.13 9.88
CA GLU N 251 16.33 45.95 10.63
C GLU N 251 15.33 46.26 11.74
N ARG N 252 14.91 47.51 11.88
CA ARG N 252 13.95 47.89 12.92
C ARG N 252 12.75 48.61 12.30
N GLU N 253 12.42 48.27 11.06
CA GLU N 253 11.24 48.84 10.43
C GLU N 253 9.96 48.31 11.04
N GLN N 254 9.94 47.03 11.39
CA GLN N 254 8.73 46.38 11.89
C GLN N 254 8.99 45.71 13.22
N PRO N 255 8.03 45.74 14.14
CA PRO N 255 8.29 45.26 15.50
C PRO N 255 8.36 43.75 15.56
N PRO N 256 8.88 43.19 16.64
CA PRO N 256 8.77 41.74 16.83
C PRO N 256 7.32 41.31 16.91
N ARG N 257 7.02 40.14 16.34
CA ARG N 257 5.65 39.66 16.24
C ARG N 257 5.68 38.27 15.62
N PHE N 258 4.51 37.65 15.55
CA PHE N 258 4.34 36.36 14.91
C PHE N 258 4.26 36.54 13.39
N ALA N 259 4.41 35.44 12.67
CA ALA N 259 4.27 35.45 11.22
C ALA N 259 2.87 34.96 10.86
N GLN N 260 2.19 35.73 10.02
CA GLN N 260 0.85 35.36 9.60
C GLN N 260 0.91 34.18 8.64
N PRO N 261 0.20 33.09 8.89
CA PRO N 261 0.30 31.92 8.01
C PRO N 261 -0.06 32.27 6.58
N GLY N 262 0.70 31.69 5.64
CA GLY N 262 0.50 31.97 4.24
C GLY N 262 1.20 33.21 3.73
N SER N 263 1.82 33.99 4.60
CA SER N 263 2.53 35.19 4.18
C SER N 263 3.90 34.82 3.62
N PHE N 264 4.67 35.82 3.22
CA PHE N 264 6.06 35.58 2.84
C PHE N 264 6.91 35.25 4.06
N GLU N 265 6.67 35.97 5.17
CA GLU N 265 7.45 35.76 6.38
C GLU N 265 7.29 34.34 6.89
N TYR N 266 6.06 33.82 6.90
CA TYR N 266 5.82 32.49 7.44
C TYR N 266 6.52 31.42 6.60
N GLU N 267 6.43 31.53 5.27
CA GLU N 267 7.09 30.54 4.42
C GLU N 267 8.61 30.61 4.57
N TYR N 268 9.17 31.81 4.63
CA TYR N 268 10.61 31.90 4.70
C TYR N 268 11.11 31.46 6.07
N ALA N 269 10.29 31.69 7.11
CA ALA N 269 10.59 31.16 8.44
C ALA N 269 10.51 29.64 8.46
N MET N 270 9.57 29.05 7.72
CA MET N 270 9.59 27.59 7.56
C MET N 270 10.89 27.12 6.94
N ARG N 271 11.40 27.86 5.95
CA ARG N 271 12.69 27.49 5.37
C ARG N 271 13.80 27.53 6.43
N TRP N 272 13.83 28.60 7.23
CA TRP N 272 14.83 28.71 8.29
C TRP N 272 14.68 27.59 9.32
N LYS N 273 13.46 27.28 9.74
CA LYS N 273 13.25 26.23 10.72
C LYS N 273 13.68 24.88 10.18
N ALA N 274 13.42 24.61 8.90
CA ALA N 274 13.90 23.38 8.30
C ALA N 274 15.43 23.33 8.32
N LEU N 275 16.08 24.45 7.99
CA LEU N 275 17.53 24.49 8.05
C LEU N 275 18.05 24.18 9.45
N ILE N 276 17.46 24.82 10.46
CA ILE N 276 17.93 24.62 11.83
C ILE N 276 17.71 23.19 12.28
N GLU N 277 16.54 22.62 11.98
CA GLU N 277 16.27 21.26 12.39
C GLU N 277 17.22 20.28 11.70
N MET N 278 17.55 20.54 10.44
CA MET N 278 18.51 19.67 9.77
C MET N 278 19.89 19.81 10.37
N GLU N 279 20.26 21.02 10.80
CA GLU N 279 21.54 21.18 11.51
C GLU N 279 21.55 20.40 12.81
N LYS N 280 20.45 20.45 13.57
CA LYS N 280 20.38 19.70 14.81
C LYS N 280 20.46 18.20 14.55
N GLN N 281 19.82 17.73 13.48
CA GLN N 281 19.95 16.33 13.11
C GLN N 281 21.39 15.97 12.79
N GLN N 282 22.10 16.84 12.07
CA GLN N 282 23.50 16.56 11.77
C GLN N 282 24.34 16.50 13.04
N GLN N 283 24.09 17.42 13.97
CA GLN N 283 24.84 17.43 15.22
C GLN N 283 24.57 16.15 16.02
N ASP N 284 23.31 15.71 16.07
CA ASP N 284 23.02 14.46 16.77
C ASP N 284 23.64 13.27 16.06
N GLN N 285 23.74 13.31 14.73
CA GLN N 285 24.41 12.23 14.02
C GLN N 285 25.89 12.17 14.37
N VAL N 286 26.55 13.33 14.45
CA VAL N 286 27.95 13.37 14.87
C VAL N 286 28.09 12.83 16.29
N ASP N 287 27.16 13.23 17.17
CA ASP N 287 27.19 12.75 18.54
C ASP N 287 27.06 11.23 18.59
N ARG N 288 26.14 10.68 17.82
CA ARG N 288 25.94 9.23 17.80
C ARG N 288 27.17 8.51 17.26
N ASN N 289 27.77 9.03 16.20
CA ASN N 289 28.96 8.41 15.64
C ASN N 289 30.09 8.37 16.67
N ILE N 290 30.33 9.49 17.34
CA ILE N 290 31.39 9.54 18.33
C ILE N 290 31.07 8.62 19.50
N LYS N 291 29.81 8.57 19.92
CA LYS N 291 29.46 7.69 21.04
C LYS N 291 29.67 6.23 20.69
N GLU N 292 29.26 5.81 19.49
CA GLU N 292 29.46 4.39 19.16
C GLU N 292 30.93 4.07 18.99
N ALA N 293 31.71 5.00 18.42
CA ALA N 293 33.15 4.77 18.32
C ALA N 293 33.78 4.65 19.70
N ARG N 294 33.40 5.51 20.63
CA ARG N 294 33.95 5.44 21.98
C ARG N 294 33.55 4.15 22.68
N GLU N 295 32.30 3.73 22.52
CA GLU N 295 31.87 2.48 23.15
C GLU N 295 32.58 1.29 22.56
N LYS N 296 32.90 1.32 21.25
CA LYS N 296 33.72 0.26 20.68
C LYS N 296 35.13 0.30 21.23
N LEU N 297 35.68 1.50 21.43
CA LEU N 297 37.05 1.63 21.88
C LEU N 297 37.22 1.26 23.35
N GLU N 298 36.17 1.38 24.15
CA GLU N 298 36.28 0.99 25.55
C GLU N 298 36.26 -0.53 25.72
N MET N 299 35.58 -1.24 24.83
CA MET N 299 35.44 -2.69 24.97
C MET N 299 36.70 -3.41 24.53
N GLU N 300 37.38 -2.90 23.52
CA GLU N 300 38.62 -3.51 23.05
C GLU N 300 39.83 -3.10 23.86
N MET N 301 39.64 -2.61 25.09
CA MET N 301 40.78 -2.24 25.93
C MET N 301 41.50 -3.48 26.44
N GLU N 302 40.75 -4.48 26.90
CA GLU N 302 41.37 -5.67 27.48
C GLU N 302 42.23 -6.40 26.45
N ALA N 303 41.71 -6.57 25.24
CA ALA N 303 42.46 -7.28 24.21
C ALA N 303 43.77 -6.55 23.90
N ALA N 304 43.72 -5.22 23.74
CA ALA N 304 44.93 -4.48 23.45
C ALA N 304 45.92 -4.55 24.61
N ARG N 305 45.43 -4.47 25.85
CA ARG N 305 46.31 -4.54 27.00
C ARG N 305 47.02 -5.88 27.06
N HIS N 306 46.27 -6.97 26.89
CA HIS N 306 46.89 -8.29 26.95
C HIS N 306 47.84 -8.51 25.79
N GLU N 307 47.50 -8.01 24.61
CA GLU N 307 48.40 -8.14 23.47
C GLU N 307 49.70 -7.39 23.71
N HIS N 308 49.62 -6.18 24.29
CA HIS N 308 50.85 -5.45 24.58
C HIS N 308 51.66 -6.14 25.66
N GLN N 309 51.01 -6.73 26.66
CA GLN N 309 51.74 -7.49 27.67
C GLN N 309 52.49 -8.65 27.02
N VAL N 310 51.81 -9.38 26.13
CA VAL N 310 52.44 -10.52 25.46
C VAL N 310 53.62 -10.05 24.60
N MET N 311 53.43 -8.95 23.86
CA MET N 311 54.52 -8.44 23.03
C MET N 311 55.72 -8.04 23.87
N LEU N 312 55.47 -7.35 24.98
CA LEU N 312 56.57 -6.94 25.86
C LEU N 312 57.29 -8.16 26.43
N MET N 313 56.53 -9.16 26.88
CA MET N 313 57.15 -10.36 27.42
C MET N 313 57.99 -11.08 26.37
N ARG N 314 57.47 -11.19 25.15
CA ARG N 314 58.22 -11.88 24.10
C ARG N 314 59.50 -11.13 23.75
N GLN N 315 59.43 -9.80 23.63
CA GLN N 315 60.63 -9.03 23.34
C GLN N 315 61.65 -9.16 24.47
N ASP N 316 61.18 -9.12 25.72
CA ASP N 316 62.09 -9.26 26.85
C ASP N 316 62.75 -10.63 26.85
N LEU N 317 61.99 -11.68 26.54
CA LEU N 317 62.56 -13.03 26.52
C LEU N 317 63.58 -13.17 25.38
N MET N 318 63.29 -12.58 24.22
CA MET N 318 64.26 -12.57 23.14
C MET N 318 65.55 -11.88 23.59
N ARG N 319 65.42 -10.74 24.25
CA ARG N 319 66.60 -10.01 24.72
C ARG N 319 67.40 -10.86 25.70
N ARG N 320 66.72 -11.51 26.65
CA ARG N 320 67.42 -12.31 27.64
C ARG N 320 68.12 -13.51 27.02
N GLN N 321 67.46 -14.19 26.08
CA GLN N 321 68.09 -15.35 25.45
C GLN N 321 69.29 -14.93 24.59
N GLU N 322 69.20 -13.79 23.91
CA GLU N 322 70.34 -13.31 23.15
C GLU N 322 71.48 -12.91 24.08
N GLU N 323 71.15 -12.32 25.23
CA GLU N 323 72.17 -12.00 26.22
C GLU N 323 72.87 -13.26 26.72
N LEU N 324 72.09 -14.32 26.99
CA LEU N 324 72.66 -15.58 27.40
C LEU N 324 73.60 -16.13 26.35
N ARG N 325 73.16 -16.13 25.09
CA ARG N 325 74.00 -16.67 24.01
C ARG N 325 75.27 -15.88 23.85
N ARG N 326 75.20 -14.54 23.93
CA ARG N 326 76.40 -13.72 23.80
C ARG N 326 77.35 -13.97 24.95
N MET N 327 76.83 -14.07 26.18
CA MET N 327 77.69 -14.34 27.33
C MET N 327 78.38 -15.68 27.16
N GLU N 328 77.64 -16.69 26.73
CA GLU N 328 78.24 -18.02 26.54
C GLU N 328 79.32 -17.99 25.48
N GLU N 329 79.07 -17.31 24.36
CA GLU N 329 80.08 -17.31 23.29
C GLU N 329 81.31 -16.52 23.69
N LEU N 330 81.14 -15.39 24.39
CA LEU N 330 82.32 -14.64 24.82
C LEU N 330 83.13 -15.43 25.83
N HIS N 331 82.47 -16.10 26.78
CA HIS N 331 83.20 -16.93 27.73
C HIS N 331 83.93 -18.05 27.01
N ASN N 332 83.26 -18.71 26.05
CA ASN N 332 83.89 -19.80 25.32
C ASN N 332 85.12 -19.31 24.56
N GLN N 333 84.99 -18.18 23.85
CA GLN N 333 86.13 -17.71 23.06
C GLN N 333 87.28 -17.26 23.96
N GLU N 334 86.97 -16.64 25.10
CA GLU N 334 88.07 -16.18 25.96
C GLU N 334 88.78 -17.36 26.62
N VAL N 335 88.03 -18.39 27.05
CA VAL N 335 88.72 -19.55 27.60
C VAL N 335 89.51 -20.28 26.52
N GLN N 336 88.99 -20.32 25.28
CA GLN N 336 89.75 -20.96 24.21
C GLN N 336 91.06 -20.23 23.95
N LYS N 337 91.01 -18.91 23.83
CA LYS N 337 92.24 -18.15 23.58
C LYS N 337 93.17 -18.16 24.80
N ARG N 338 92.62 -18.35 26.00
CA ARG N 338 93.48 -18.47 27.18
C ARG N 338 94.20 -19.80 27.21
N LYS N 339 93.50 -20.90 26.91
CA LYS N 339 94.14 -22.21 26.94
C LYS N 339 95.05 -22.43 25.74
N GLN N 340 94.80 -21.74 24.62
CA GLN N 340 95.69 -21.87 23.47
C GLN N 340 97.08 -21.37 23.77
N LEU N 341 97.18 -20.22 24.45
CA LEU N 341 98.49 -19.64 24.78
C LEU N 341 99.16 -20.42 25.90
N LYS O 287 -24.26 16.22 38.08
CA LYS O 287 -23.24 17.24 38.31
C LYS O 287 -23.82 18.65 38.18
N THR O 288 -22.98 19.65 38.39
CA THR O 288 -23.39 21.04 38.34
C THR O 288 -22.48 21.82 37.39
N TYR O 289 -23.03 22.89 36.82
CA TYR O 289 -22.31 23.77 35.90
C TYR O 289 -21.73 23.01 34.71
N THR O 290 -22.46 22.00 34.24
CA THR O 290 -22.02 21.23 33.08
C THR O 290 -22.44 21.93 31.80
N GLN O 291 -22.22 21.27 30.66
CA GLN O 291 -22.66 21.83 29.40
C GLN O 291 -24.13 21.56 29.12
N ARG O 292 -24.79 20.74 29.94
CA ARG O 292 -26.23 20.50 29.77
C ARG O 292 -27.07 21.64 30.30
N CYS O 293 -26.50 22.51 31.13
CA CYS O 293 -27.16 23.74 31.53
C CYS O 293 -26.89 24.90 30.58
N ARG O 294 -25.89 24.76 29.72
CA ARG O 294 -25.57 25.80 28.76
C ARG O 294 -26.75 26.01 27.81
N LEU O 295 -27.11 27.28 27.61
CA LEU O 295 -28.26 27.64 26.80
C LEU O 295 -27.91 28.80 25.87
N PHE O 296 -28.26 28.65 24.60
CA PHE O 296 -28.08 29.71 23.62
C PHE O 296 -29.16 30.76 23.82
N VAL O 297 -28.76 32.02 23.98
CA VAL O 297 -29.72 33.09 24.19
C VAL O 297 -29.81 33.92 22.92
N GLY O 298 -30.76 33.57 22.05
CA GLY O 298 -30.88 34.22 20.76
C GLY O 298 -31.70 35.49 20.80
N ASN O 299 -31.64 36.24 19.69
CA ASN O 299 -32.38 37.49 19.52
C ASN O 299 -32.04 38.50 20.60
N LEU O 300 -30.80 38.46 21.10
CA LEU O 300 -30.36 39.42 22.10
C LEU O 300 -30.05 40.77 21.45
N PRO O 301 -30.31 41.88 22.14
CA PRO O 301 -29.96 43.19 21.59
C PRO O 301 -28.45 43.36 21.47
N ALA O 302 -28.04 44.19 20.51
CA ALA O 302 -26.62 44.48 20.35
C ALA O 302 -26.05 45.21 21.56
N ASP O 303 -26.81 46.15 22.12
CA ASP O 303 -26.39 46.92 23.28
C ASP O 303 -26.81 46.18 24.56
N ILE O 304 -25.97 45.23 24.96
CA ILE O 304 -26.19 44.46 26.17
C ILE O 304 -24.89 44.46 26.97
N THR O 305 -24.97 43.97 28.20
CA THR O 305 -23.83 43.90 29.09
C THR O 305 -23.89 42.61 29.90
N GLU O 306 -22.74 42.27 30.50
CA GLU O 306 -22.66 41.05 31.30
C GLU O 306 -23.54 41.14 32.54
N ASP O 307 -23.58 42.32 33.17
CA ASP O 307 -24.33 42.46 34.42
C ASP O 307 -25.83 42.27 34.21
N GLU O 308 -26.38 42.88 33.15
CA GLU O 308 -27.79 42.68 32.84
C GLU O 308 -28.07 41.23 32.46
N PHE O 309 -27.16 40.61 31.72
CA PHE O 309 -27.34 39.22 31.32
C PHE O 309 -27.34 38.30 32.53
N LYS O 310 -26.52 38.60 33.54
CA LYS O 310 -26.53 37.83 34.77
C LYS O 310 -27.77 38.12 35.61
N ARG O 311 -28.22 39.38 35.64
CA ARG O 311 -29.45 39.73 36.35
C ARG O 311 -30.64 39.00 35.75
N LEU O 312 -30.62 38.76 34.44
CA LEU O 312 -31.68 37.98 33.81
C LEU O 312 -31.83 36.61 34.47
N PHE O 313 -30.72 36.00 34.87
CA PHE O 313 -30.72 34.71 35.54
C PHE O 313 -30.29 34.80 37.00
N ALA O 314 -30.24 36.01 37.56
CA ALA O 314 -29.86 36.16 38.97
C ALA O 314 -30.89 35.51 39.89
N LYS O 315 -32.17 35.57 39.51
CA LYS O 315 -33.21 34.90 40.29
C LYS O 315 -32.95 33.40 40.40
N TYR O 316 -32.25 32.82 39.42
CA TYR O 316 -32.01 31.38 39.35
C TYR O 316 -30.65 31.00 39.89
N GLY O 317 -30.18 31.67 40.93
CA GLY O 317 -28.92 31.33 41.54
C GLY O 317 -27.73 32.03 40.92
N GLU O 318 -26.56 31.54 41.27
CA GLU O 318 -25.31 32.15 40.80
C GLU O 318 -25.09 31.82 39.32
N PRO O 319 -24.92 32.82 38.47
CA PRO O 319 -24.64 32.54 37.05
C PRO O 319 -23.28 31.89 36.87
N GLY O 320 -23.14 31.13 35.79
CA GLY O 320 -21.93 30.40 35.48
C GLY O 320 -21.07 31.13 34.45
N GLU O 321 -20.47 30.34 33.56
CA GLU O 321 -19.59 30.89 32.53
C GLU O 321 -20.37 31.82 31.61
N VAL O 322 -19.77 32.98 31.30
CA VAL O 322 -20.39 33.98 30.45
C VAL O 322 -19.43 34.32 29.33
N PHE O 323 -19.94 34.36 28.09
CA PHE O 323 -19.17 34.76 26.93
C PHE O 323 -20.13 35.43 25.95
N ILE O 324 -20.06 36.76 25.87
CA ILE O 324 -21.04 37.56 25.13
C ILE O 324 -20.44 37.98 23.81
N ASN O 325 -21.17 37.71 22.72
CA ASN O 325 -20.80 38.15 21.37
C ASN O 325 -21.84 39.19 20.94
N LYS O 326 -21.48 40.46 21.07
CA LYS O 326 -22.41 41.54 20.77
C LYS O 326 -22.62 41.74 19.28
N GLY O 327 -21.69 41.26 18.44
CA GLY O 327 -21.80 41.51 17.01
C GLY O 327 -23.02 40.85 16.39
N LYS O 328 -23.26 39.58 16.74
CA LYS O 328 -24.43 38.87 16.24
C LYS O 328 -25.61 38.96 17.18
N GLY O 329 -25.37 39.18 18.47
CA GLY O 329 -26.45 39.29 19.44
C GLY O 329 -26.78 37.99 20.13
N PHE O 330 -25.78 37.35 20.72
CA PHE O 330 -25.99 36.10 21.45
C PHE O 330 -24.96 35.98 22.56
N GLY O 331 -25.26 35.15 23.53
CA GLY O 331 -24.37 34.92 24.65
C GLY O 331 -24.59 33.56 25.27
N PHE O 332 -23.58 33.10 26.01
CA PHE O 332 -23.59 31.80 26.64
C PHE O 332 -23.59 31.95 28.15
N ILE O 333 -24.46 31.18 28.82
CA ILE O 333 -24.56 31.19 30.27
C ILE O 333 -24.60 29.74 30.77
N LYS O 334 -24.15 29.54 32.00
CA LYS O 334 -24.16 28.23 32.63
C LYS O 334 -25.00 28.28 33.90
N LEU O 335 -25.85 27.27 34.09
CA LEU O 335 -26.78 27.22 35.21
C LEU O 335 -26.35 26.14 36.19
N GLU O 336 -27.00 26.15 37.36
CA GLU O 336 -26.63 25.20 38.41
C GLU O 336 -26.93 23.76 38.01
N SER O 337 -28.11 23.50 37.45
CA SER O 337 -28.54 22.14 37.20
C SER O 337 -29.45 22.09 35.97
N ARG O 338 -29.70 20.87 35.50
CA ARG O 338 -30.60 20.68 34.37
C ARG O 338 -32.03 21.09 34.71
N ALA O 339 -32.47 20.78 35.93
CA ALA O 339 -33.80 21.21 36.35
C ALA O 339 -33.90 22.74 36.38
N LEU O 340 -32.85 23.40 36.88
CA LEU O 340 -32.81 24.86 36.81
C LEU O 340 -32.77 25.35 35.37
N ALA O 341 -32.16 24.59 34.47
CA ALA O 341 -32.20 24.94 33.06
C ALA O 341 -33.62 24.85 32.51
N GLU O 342 -34.38 23.83 32.92
CA GLU O 342 -35.78 23.75 32.53
C GLU O 342 -36.56 24.93 33.08
N ILE O 343 -36.28 25.32 34.33
CA ILE O 343 -36.95 26.47 34.92
C ILE O 343 -36.66 27.73 34.11
N ALA O 344 -35.39 27.95 33.76
CA ALA O 344 -35.01 29.14 33.00
C ALA O 344 -35.65 29.13 31.61
N LYS O 345 -35.64 27.97 30.94
CA LYS O 345 -36.25 27.87 29.62
C LYS O 345 -37.75 28.15 29.70
N ALA O 346 -38.42 27.63 30.73
CA ALA O 346 -39.84 27.91 30.89
C ALA O 346 -40.10 29.39 31.13
N GLU O 347 -39.33 30.01 32.03
CA GLU O 347 -39.68 31.37 32.46
C GLU O 347 -39.27 32.41 31.43
N LEU O 348 -38.15 32.23 30.74
CA LEU O 348 -37.60 33.28 29.89
C LEU O 348 -37.81 33.05 28.40
N ASP O 349 -38.75 32.18 28.02
CA ASP O 349 -39.04 31.99 26.62
C ASP O 349 -40.15 32.93 26.16
N ASP O 350 -40.04 33.39 24.92
CA ASP O 350 -41.04 34.28 24.30
C ASP O 350 -41.27 35.50 25.18
N THR O 351 -40.19 36.05 25.74
CA THR O 351 -40.26 37.17 26.65
C THR O 351 -39.80 38.45 25.96
N PRO O 352 -40.58 39.52 26.00
CA PRO O 352 -40.16 40.77 25.33
C PRO O 352 -39.35 41.69 26.23
N MET O 353 -38.17 42.10 25.76
CA MET O 353 -37.41 43.17 26.40
C MET O 353 -36.96 44.13 25.32
N ARG O 354 -37.35 45.40 25.45
CA ARG O 354 -36.96 46.46 24.52
C ARG O 354 -37.32 46.12 23.09
N GLY O 355 -38.51 45.53 22.89
CA GLY O 355 -39.03 45.26 21.57
C GLY O 355 -38.49 44.02 20.88
N ARG O 356 -37.80 43.15 21.60
CA ARG O 356 -37.27 41.92 21.01
C ARG O 356 -37.76 40.72 21.80
N GLN O 357 -38.15 39.67 21.07
CA GLN O 357 -38.62 38.44 21.69
C GLN O 357 -37.43 37.53 21.97
N LEU O 358 -37.33 37.05 23.21
CA LEU O 358 -36.20 36.24 23.62
C LEU O 358 -36.53 34.76 23.54
N ARG O 359 -35.62 34.00 22.94
CA ARG O 359 -35.69 32.54 22.92
C ARG O 359 -34.41 31.99 23.52
N VAL O 360 -34.56 31.24 24.61
CA VAL O 360 -33.40 30.67 25.32
C VAL O 360 -33.19 29.29 24.70
N ARG O 361 -32.50 29.28 23.56
CA ARG O 361 -32.25 28.03 22.84
C ARG O 361 -31.21 27.19 23.57
N PHE O 362 -31.28 25.89 23.35
CA PHE O 362 -30.22 25.01 23.83
C PHE O 362 -29.04 25.06 22.87
N ALA O 363 -27.90 24.58 23.35
CA ALA O 363 -26.65 24.63 22.58
C ALA O 363 -26.16 23.23 22.22
N THR O 364 -25.39 23.16 21.15
CA THR O 364 -24.86 21.89 20.67
C THR O 364 -23.63 21.49 21.46
N HIS O 365 -23.57 20.21 21.82
CA HIS O 365 -22.42 19.66 22.53
C HIS O 365 -21.37 19.25 21.50
N ALA O 366 -20.29 20.02 21.40
CA ALA O 366 -19.24 19.69 20.45
C ALA O 366 -18.52 18.40 20.83
N ALA O 367 -18.33 18.16 22.12
CA ALA O 367 -17.64 16.97 22.59
C ALA O 367 -18.65 15.82 22.71
N ALA O 368 -18.98 15.26 21.55
CA ALA O 368 -19.93 14.14 21.48
C ALA O 368 -19.37 13.08 20.55
N LEU O 369 -19.72 11.83 20.85
CA LEU O 369 -19.28 10.69 20.08
C LEU O 369 -20.37 9.62 20.09
N SER O 370 -20.78 9.17 18.91
CA SER O 370 -21.86 8.20 18.78
C SER O 370 -21.32 6.82 19.08
N VAL O 371 -21.92 6.15 20.07
CA VAL O 371 -21.50 4.83 20.54
C VAL O 371 -22.66 3.87 20.35
N ARG O 372 -22.40 2.76 19.65
CA ARG O 372 -23.42 1.75 19.42
C ARG O 372 -22.82 0.38 19.67
N ASN O 373 -23.65 -0.64 19.49
CA ASN O 373 -23.27 -2.04 19.69
C ASN O 373 -22.81 -2.27 21.13
N LEU O 374 -23.72 -2.00 22.06
CA LEU O 374 -23.48 -2.22 23.48
C LEU O 374 -24.57 -3.08 24.07
N SER O 375 -24.21 -3.81 25.12
CA SER O 375 -25.09 -4.82 25.69
C SER O 375 -26.34 -4.19 26.27
N PRO O 376 -27.46 -4.92 26.30
CA PRO O 376 -28.67 -4.41 26.94
C PRO O 376 -28.63 -4.40 28.46
N TYR O 377 -27.47 -4.66 29.07
CA TYR O 377 -27.34 -4.62 30.52
C TYR O 377 -26.45 -3.49 31.02
N VAL O 378 -25.58 -2.93 30.16
CA VAL O 378 -24.78 -1.79 30.57
C VAL O 378 -25.68 -0.57 30.76
N SER O 379 -25.64 0.01 31.95
CA SER O 379 -26.45 1.16 32.29
C SER O 379 -25.67 2.44 32.00
N ASN O 380 -26.22 3.57 32.46
CA ASN O 380 -25.50 4.83 32.35
C ASN O 380 -24.21 4.79 33.17
N GLU O 381 -24.26 4.11 34.33
CA GLU O 381 -23.12 4.11 35.25
C GLU O 381 -21.93 3.35 34.66
N LEU O 382 -22.16 2.15 34.15
CA LEU O 382 -21.07 1.37 33.59
C LEU O 382 -20.48 2.07 32.37
N LEU O 383 -21.34 2.65 31.53
CA LEU O 383 -20.85 3.38 30.37
C LEU O 383 -20.02 4.58 30.79
N GLU O 384 -20.49 5.34 31.77
CA GLU O 384 -19.75 6.54 32.18
C GLU O 384 -18.45 6.19 32.86
N GLU O 385 -18.38 5.05 33.55
CA GLU O 385 -17.11 4.60 34.10
C GLU O 385 -16.16 4.15 32.99
N ALA O 386 -16.70 3.49 31.95
CA ALA O 386 -15.84 2.88 30.95
C ALA O 386 -15.05 3.93 30.17
N PHE O 387 -15.72 4.95 29.65
CA PHE O 387 -15.04 6.00 28.92
C PHE O 387 -14.49 7.11 29.81
N SER O 388 -14.69 7.03 31.12
CA SER O 388 -14.10 8.01 32.01
C SER O 388 -12.57 7.95 31.98
N GLN O 389 -12.00 6.81 31.57
CA GLN O 389 -10.55 6.72 31.51
C GLN O 389 -10.00 7.51 30.33
N PHE O 390 -10.87 7.87 29.39
CA PHE O 390 -10.48 8.79 28.33
C PHE O 390 -10.53 10.25 28.76
N GLY O 391 -11.40 10.60 29.71
CA GLY O 391 -11.54 11.98 30.13
C GLY O 391 -12.73 12.19 31.03
N PRO O 392 -13.15 13.45 31.18
CA PRO O 392 -14.26 13.77 32.08
C PRO O 392 -15.63 13.50 31.47
N ILE O 393 -16.43 12.74 32.20
CA ILE O 393 -17.79 12.40 31.81
C ILE O 393 -18.73 13.28 32.63
N GLU O 394 -19.25 14.35 32.02
CA GLU O 394 -20.31 15.10 32.67
C GLU O 394 -21.63 14.33 32.61
N ARG O 395 -21.91 13.71 31.47
CA ARG O 395 -23.04 12.79 31.33
C ARG O 395 -22.93 12.02 30.02
N ALA O 396 -23.07 10.70 30.09
CA ALA O 396 -23.15 9.85 28.91
C ALA O 396 -24.37 8.95 29.08
N VAL O 397 -25.22 8.89 28.07
CA VAL O 397 -26.50 8.21 28.19
C VAL O 397 -26.69 7.28 26.99
N VAL O 398 -27.39 6.18 27.24
CA VAL O 398 -27.78 5.23 26.21
C VAL O 398 -29.26 5.45 25.91
N ILE O 399 -29.59 5.47 24.62
CA ILE O 399 -30.97 5.73 24.20
C ILE O 399 -31.88 4.61 24.68
N VAL O 400 -33.08 4.98 25.10
CA VAL O 400 -34.03 4.02 25.67
C VAL O 400 -35.39 4.20 25.02
N ASP O 401 -36.05 3.08 24.72
CA ASP O 401 -37.37 3.09 24.10
C ASP O 401 -38.44 3.39 25.14
N ASP O 402 -39.71 3.23 24.75
CA ASP O 402 -40.81 3.50 25.68
C ASP O 402 -40.95 2.38 26.70
N ARG O 403 -40.71 1.14 26.29
CA ARG O 403 -40.81 0.01 27.21
C ARG O 403 -39.74 0.04 28.29
N GLY O 404 -38.72 0.88 28.15
CA GLY O 404 -37.61 0.93 29.08
C GLY O 404 -36.39 0.14 28.65
N ARG O 405 -36.52 -0.72 27.65
CA ARG O 405 -35.39 -1.50 27.18
C ARG O 405 -34.35 -0.59 26.54
N SER O 406 -33.08 -0.93 26.72
CA SER O 406 -32.01 -0.19 26.08
C SER O 406 -31.99 -0.48 24.58
N THR O 407 -31.68 0.56 23.80
CA THR O 407 -31.66 0.41 22.36
C THR O 407 -30.34 -0.12 21.83
N GLY O 408 -29.33 -0.26 22.69
CA GLY O 408 -28.03 -0.69 22.22
C GLY O 408 -27.17 0.40 21.63
N LYS O 409 -27.65 1.64 21.60
CA LYS O 409 -26.88 2.78 21.15
C LYS O 409 -26.75 3.78 22.29
N GLY O 410 -25.63 4.49 22.31
CA GLY O 410 -25.39 5.46 23.35
C GLY O 410 -24.69 6.69 22.81
N ILE O 411 -24.81 7.78 23.54
CA ILE O 411 -24.10 9.01 23.25
C ILE O 411 -23.32 9.42 24.48
N VAL O 412 -22.08 9.87 24.27
CA VAL O 412 -21.20 10.29 25.35
C VAL O 412 -20.97 11.80 25.20
N GLU O 413 -21.33 12.55 26.23
CA GLU O 413 -21.13 14.00 26.25
C GLU O 413 -19.93 14.27 27.14
N PHE O 414 -18.74 14.19 26.54
CA PHE O 414 -17.52 14.51 27.26
C PHE O 414 -17.52 15.97 27.67
N ALA O 415 -16.98 16.24 28.86
CA ALA O 415 -16.90 17.63 29.31
C ALA O 415 -15.85 18.41 28.52
N SER O 416 -14.89 17.72 27.91
CA SER O 416 -13.80 18.35 27.19
C SER O 416 -13.72 17.80 25.78
N LYS O 417 -13.40 18.69 24.83
CA LYS O 417 -13.23 18.28 23.44
C LYS O 417 -12.07 17.30 23.24
N PRO O 418 -10.88 17.51 23.81
CA PRO O 418 -9.80 16.53 23.58
C PRO O 418 -10.13 15.12 24.04
N ALA O 419 -10.86 14.97 25.15
CA ALA O 419 -11.26 13.64 25.58
C ALA O 419 -12.20 12.99 24.57
N ALA O 420 -13.15 13.77 24.05
CA ALA O 420 -14.06 13.26 23.03
C ALA O 420 -13.31 12.81 21.79
N ARG O 421 -12.33 13.60 21.35
CA ARG O 421 -11.59 13.20 20.15
C ARG O 421 -10.70 12.00 20.41
N LYS O 422 -10.04 11.95 21.56
CA LYS O 422 -9.14 10.83 21.85
C LYS O 422 -9.91 9.53 22.05
N ALA O 423 -11.16 9.61 22.51
CA ALA O 423 -11.97 8.40 22.61
C ALA O 423 -12.08 7.70 21.26
N PHE O 424 -12.45 8.46 20.22
CA PHE O 424 -12.51 7.90 18.88
C PHE O 424 -11.13 7.50 18.38
N GLU O 425 -10.13 8.36 18.63
CA GLU O 425 -8.77 8.06 18.16
C GLU O 425 -8.30 6.72 18.68
N ARG O 426 -8.71 6.35 19.89
CA ARG O 426 -8.27 5.07 20.45
C ARG O 426 -9.19 3.92 20.04
N CYS O 427 -10.51 4.12 20.11
CA CYS O 427 -11.43 3.02 19.82
C CYS O 427 -11.51 2.68 18.34
N SER O 428 -11.00 3.54 17.45
CA SER O 428 -11.02 3.22 16.04
C SER O 428 -10.18 1.99 15.73
N GLU O 429 -8.96 1.94 16.26
CA GLU O 429 -8.08 0.79 16.08
C GLU O 429 -8.05 -0.11 17.30
N GLY O 430 -8.20 0.45 18.50
CA GLY O 430 -8.32 -0.37 19.69
C GLY O 430 -9.67 -1.06 19.75
N VAL O 431 -9.77 -2.03 20.65
CA VAL O 431 -10.98 -2.83 20.81
C VAL O 431 -11.45 -2.64 22.25
N PHE O 432 -12.28 -1.63 22.47
CA PHE O 432 -12.77 -1.36 23.80
C PHE O 432 -13.96 -2.27 24.10
N LEU O 433 -14.10 -2.66 25.36
CA LEU O 433 -15.18 -3.55 25.76
C LEU O 433 -15.86 -3.00 26.99
N LEU O 434 -17.02 -3.56 27.31
CA LEU O 434 -17.81 -3.10 28.44
C LEU O 434 -18.33 -4.22 29.31
N THR O 435 -18.16 -5.48 28.91
CA THR O 435 -18.82 -6.58 29.60
C THR O 435 -18.02 -7.85 29.31
N THR O 436 -18.22 -8.87 30.15
CA THR O 436 -17.55 -10.14 29.96
C THR O 436 -17.78 -10.71 28.57
N THR O 437 -19.01 -10.63 28.07
CA THR O 437 -19.28 -11.05 26.71
C THR O 437 -18.56 -10.09 25.77
N PRO O 438 -17.60 -10.56 24.99
CA PRO O 438 -16.76 -9.63 24.21
C PRO O 438 -17.45 -9.01 23.02
N ARG O 439 -18.31 -8.03 23.28
CA ARG O 439 -18.98 -7.29 22.24
C ARG O 439 -18.30 -5.94 22.09
N PRO O 440 -17.52 -5.71 21.05
CA PRO O 440 -16.75 -4.46 20.95
C PRO O 440 -17.66 -3.25 20.91
N VAL O 441 -17.16 -2.15 21.42
CA VAL O 441 -17.84 -0.87 21.33
C VAL O 441 -17.28 -0.10 20.15
N ILE O 442 -18.17 0.42 19.30
CA ILE O 442 -17.78 1.11 18.07
C ILE O 442 -18.23 2.56 18.18
N VAL O 443 -17.31 3.47 17.89
CA VAL O 443 -17.56 4.90 18.06
C VAL O 443 -17.58 5.58 16.71
N GLU O 444 -18.49 6.55 16.58
CA GLU O 444 -18.63 7.36 15.37
C GLU O 444 -18.91 8.79 15.81
N PRO O 445 -18.59 9.78 14.98
CA PRO O 445 -18.94 11.15 15.31
C PRO O 445 -20.46 11.37 15.23
N LEU O 446 -21.00 12.01 16.26
CA LEU O 446 -22.44 12.25 16.33
C LEU O 446 -22.90 13.23 15.26
N GLU O 447 -24.12 13.04 14.79
CA GLU O 447 -24.78 13.99 13.89
C GLU O 447 -25.75 14.84 14.69
N GLN O 448 -25.76 16.14 14.39
CA GLN O 448 -26.54 17.12 15.15
C GLN O 448 -27.77 17.51 14.34
N LEU O 449 -28.94 17.08 14.81
CA LEU O 449 -30.21 17.34 14.14
C LEU O 449 -31.16 18.01 15.11
N ASP O 450 -31.90 19.01 14.63
CA ASP O 450 -32.82 19.79 15.45
C ASP O 450 -34.25 19.35 15.17
N ASP O 451 -35.03 19.20 16.24
CA ASP O 451 -36.44 18.85 16.13
C ASP O 451 -37.34 19.86 16.84
N GLU O 452 -36.87 21.07 17.07
CA GLU O 452 -37.69 22.10 17.71
C GLU O 452 -37.67 23.38 16.90
N ASP O 453 -36.57 23.65 16.19
CA ASP O 453 -36.45 24.84 15.34
C ASP O 453 -35.86 24.39 14.00
N GLY O 454 -36.73 23.99 13.08
CA GLY O 454 -36.27 23.46 11.83
C GLY O 454 -35.99 24.51 10.79
N LEU O 455 -36.53 24.32 9.59
CA LEU O 455 -36.37 25.28 8.51
C LEU O 455 -37.58 26.21 8.48
N PRO O 456 -37.41 27.51 8.74
CA PRO O 456 -38.58 28.38 8.84
C PRO O 456 -38.99 29.00 7.51
N GLU O 457 -40.03 29.83 7.53
CA GLU O 457 -40.51 30.47 6.32
C GLU O 457 -39.49 31.44 5.76
N LYS O 458 -38.84 32.22 6.63
CA LYS O 458 -38.01 33.34 6.17
C LYS O 458 -36.87 32.86 5.29
N LEU O 459 -36.09 31.88 5.78
CA LEU O 459 -34.99 31.36 4.98
C LEU O 459 -35.52 30.57 3.78
N ALA O 460 -36.71 29.99 3.90
CA ALA O 460 -37.25 29.18 2.82
C ALA O 460 -37.51 30.01 1.57
N GLN O 461 -38.22 31.12 1.73
CA GLN O 461 -38.62 31.93 0.58
C GLN O 461 -37.48 32.76 0.02
N LYS O 462 -36.31 32.74 0.68
CA LYS O 462 -35.15 33.43 0.13
C LYS O 462 -34.78 32.88 -1.24
N ASN O 463 -34.80 31.56 -1.38
CA ASN O 463 -34.64 30.97 -2.70
C ASN O 463 -35.84 31.34 -3.57
N PRO O 464 -35.61 31.74 -4.82
CA PRO O 464 -36.74 32.17 -5.66
C PRO O 464 -37.68 31.04 -6.04
N MET O 465 -37.26 29.78 -5.92
CA MET O 465 -38.08 28.67 -6.38
C MET O 465 -39.14 28.25 -5.39
N TYR O 466 -38.93 28.46 -4.09
CA TYR O 466 -39.86 27.94 -3.10
C TYR O 466 -41.24 28.55 -3.26
N GLN O 467 -41.31 29.87 -3.47
CA GLN O 467 -42.61 30.49 -3.72
C GLN O 467 -43.20 30.02 -5.04
N LYS O 468 -42.34 29.65 -5.99
CA LYS O 468 -42.78 29.13 -7.28
C LYS O 468 -43.09 27.64 -7.21
N GLU O 469 -42.78 26.99 -6.10
CA GLU O 469 -43.11 25.59 -5.90
C GLU O 469 -44.38 25.38 -5.09
N ARG O 470 -45.06 26.43 -4.66
CA ARG O 470 -46.20 26.29 -3.76
C ARG O 470 -47.52 26.79 -4.34
N GLU O 471 -47.60 26.98 -5.66
CA GLU O 471 -48.90 27.33 -6.24
C GLU O 471 -49.91 26.21 -6.05
N THR O 472 -49.48 24.97 -6.25
CA THR O 472 -50.38 23.85 -6.06
C THR O 472 -50.57 23.58 -4.58
N PRO O 473 -51.78 23.61 -4.06
CA PRO O 473 -51.97 23.38 -2.63
C PRO O 473 -51.69 21.92 -2.29
N PRO O 474 -51.33 21.64 -1.05
CA PRO O 474 -51.18 20.23 -0.63
C PRO O 474 -52.41 19.40 -0.95
N ARG O 475 -52.25 18.41 -1.82
CA ARG O 475 -53.36 17.64 -2.36
C ARG O 475 -53.10 16.16 -2.13
N PHE O 476 -54.03 15.33 -2.61
CA PHE O 476 -53.88 13.87 -2.61
C PHE O 476 -53.65 13.30 -3.99
N ALA O 477 -53.44 14.15 -5.00
CA ALA O 477 -53.54 13.76 -6.40
C ALA O 477 -54.95 13.24 -6.69
N GLN O 478 -55.28 13.05 -7.96
CA GLN O 478 -56.62 12.64 -8.33
C GLN O 478 -56.53 11.45 -9.27
N HIS O 479 -57.39 10.46 -9.06
CA HIS O 479 -57.33 9.25 -9.86
C HIS O 479 -57.46 9.58 -11.33
N GLY O 480 -56.37 9.38 -12.07
CA GLY O 480 -56.39 9.64 -13.50
C GLY O 480 -55.35 10.64 -13.95
N THR O 481 -55.13 11.69 -13.16
CA THR O 481 -54.18 12.71 -13.58
C THR O 481 -52.75 12.18 -13.46
N PHE O 482 -51.82 12.90 -14.09
CA PHE O 482 -50.45 12.43 -14.18
C PHE O 482 -49.80 12.32 -12.80
N GLU O 483 -50.13 13.23 -11.90
CA GLU O 483 -49.54 13.19 -10.57
C GLU O 483 -49.88 11.89 -9.86
N TYR O 484 -51.12 11.44 -9.98
CA TYR O 484 -51.49 10.15 -9.40
C TYR O 484 -50.88 8.98 -10.17
N GLU O 485 -50.57 9.15 -11.45
CA GLU O 485 -49.93 8.07 -12.19
C GLU O 485 -48.46 7.94 -11.83
N TYR O 486 -47.84 9.02 -11.35
CA TYR O 486 -46.43 9.00 -11.01
C TYR O 486 -46.21 8.75 -9.51
N SER O 487 -47.18 9.10 -8.68
CA SER O 487 -47.10 8.77 -7.27
C SER O 487 -47.05 7.27 -7.07
N GLN O 488 -47.67 6.50 -7.95
CA GLN O 488 -47.59 5.04 -7.83
C GLN O 488 -46.18 4.55 -8.14
N ARG O 489 -45.52 5.14 -9.12
CA ARG O 489 -44.13 4.77 -9.40
C ARG O 489 -43.21 5.17 -8.26
N TRP O 490 -43.56 6.21 -7.51
CA TRP O 490 -42.80 6.51 -6.30
C TRP O 490 -43.12 5.54 -5.16
N LYS O 491 -44.38 5.16 -5.01
CA LYS O 491 -44.78 4.23 -3.95
C LYS O 491 -44.12 2.88 -4.14
N SER O 492 -44.01 2.42 -5.39
CA SER O 492 -43.34 1.15 -5.64
C SER O 492 -41.88 1.21 -5.21
N LEU O 493 -41.21 2.32 -5.48
CA LEU O 493 -39.82 2.47 -5.04
C LEU O 493 -39.73 2.47 -3.52
N ASP O 494 -40.66 3.14 -2.86
CA ASP O 494 -40.64 3.16 -1.39
C ASP O 494 -40.83 1.76 -0.83
N GLU O 495 -41.74 0.98 -1.41
CA GLU O 495 -41.95 -0.39 -0.96
C GLU O 495 -40.71 -1.25 -1.20
N MET O 496 -40.05 -1.07 -2.34
CA MET O 496 -38.82 -1.79 -2.61
C MET O 496 -37.75 -1.46 -1.58
N GLU O 497 -37.64 -0.17 -1.23
CA GLU O 497 -36.68 0.22 -0.20
C GLU O 497 -37.02 -0.44 1.14
N LYS O 498 -38.30 -0.46 1.50
CA LYS O 498 -38.68 -1.11 2.76
C LYS O 498 -38.29 -2.58 2.75
N GLN O 499 -38.54 -3.28 1.65
CA GLN O 499 -38.17 -4.69 1.58
C GLN O 499 -36.66 -4.87 1.69
N GLN O 500 -35.90 -4.02 1.00
CA GLN O 500 -34.45 -4.15 1.03
C GLN O 500 -33.87 -3.77 2.39
N ARG O 501 -34.58 -3.01 3.20
CA ARG O 501 -34.13 -2.76 4.57
C ARG O 501 -34.50 -3.90 5.52
N GLU O 502 -35.71 -4.44 5.38
CA GLU O 502 -36.08 -5.59 6.20
C GLU O 502 -35.17 -6.78 5.92
N GLN O 503 -34.73 -6.93 4.68
CA GLN O 503 -33.82 -8.02 4.35
C GLN O 503 -32.53 -7.91 5.15
N VAL O 504 -31.91 -6.72 5.16
CA VAL O 504 -30.67 -6.53 5.89
C VAL O 504 -30.89 -6.69 7.39
N GLU O 505 -32.01 -6.18 7.90
CA GLU O 505 -32.26 -6.32 9.34
C GLU O 505 -32.39 -7.78 9.74
N LYS O 506 -33.13 -8.57 8.95
CA LYS O 506 -33.24 -9.99 9.26
C LYS O 506 -31.91 -10.70 9.11
N ASN O 507 -31.11 -10.32 8.10
CA ASN O 507 -29.80 -10.94 7.93
C ASN O 507 -28.91 -10.70 9.14
N MET O 508 -28.89 -9.48 9.66
CA MET O 508 -28.07 -9.21 10.83
C MET O 508 -28.62 -9.85 12.09
N LYS O 509 -29.94 -9.90 12.24
CA LYS O 509 -30.53 -10.66 13.36
C LYS O 509 -30.04 -12.10 13.33
N ASP O 510 -30.13 -12.74 12.16
CA ASP O 510 -29.68 -14.13 12.04
C ASP O 510 -28.20 -14.26 12.31
N ALA O 511 -27.39 -13.34 11.78
CA ALA O 511 -25.94 -13.44 11.96
C ALA O 511 -25.54 -13.28 13.42
N LYS O 512 -26.14 -12.33 14.13
CA LYS O 512 -25.81 -12.16 15.55
C LYS O 512 -26.31 -13.34 16.37
N ASP O 513 -27.50 -13.86 16.04
CA ASP O 513 -28.00 -15.03 16.76
C ASP O 513 -27.07 -16.22 16.57
N LYS O 514 -26.57 -16.41 15.34
CA LYS O 514 -25.59 -17.47 15.12
C LYS O 514 -24.30 -17.20 15.89
N LEU O 515 -23.77 -15.98 15.80
CA LEU O 515 -22.51 -15.67 16.47
C LEU O 515 -22.62 -15.80 17.97
N GLU O 516 -23.84 -15.77 18.51
CA GLU O 516 -24.02 -16.10 19.92
C GLU O 516 -23.91 -17.61 20.14
N SER O 517 -24.30 -18.41 19.15
CA SER O 517 -24.32 -19.87 19.33
C SER O 517 -22.93 -20.44 19.55
N GLU O 518 -21.95 -19.95 18.79
CA GLU O 518 -20.58 -20.46 18.93
C GLU O 518 -19.80 -19.76 20.03
N MET O 519 -20.47 -19.20 21.03
CA MET O 519 -19.76 -18.64 22.18
C MET O 519 -19.00 -19.74 22.93
N GLU O 520 -19.65 -20.88 23.17
CA GLU O 520 -19.00 -21.97 23.89
C GLU O 520 -17.93 -22.63 23.04
N ASP O 521 -18.26 -22.96 21.79
CA ASP O 521 -17.37 -23.77 20.97
C ASP O 521 -16.07 -23.04 20.66
N ALA O 522 -16.16 -21.73 20.38
CA ALA O 522 -14.94 -20.98 20.11
C ALA O 522 -14.03 -20.93 21.33
N TYR O 523 -14.60 -20.71 22.50
CA TYR O 523 -13.80 -20.69 23.73
C TYR O 523 -13.14 -22.03 23.98
N HIS O 524 -13.91 -23.12 23.84
CA HIS O 524 -13.38 -24.45 24.07
C HIS O 524 -12.27 -24.76 23.08
N GLU O 525 -12.45 -24.41 21.81
CA GLU O 525 -11.42 -24.69 20.82
C GLU O 525 -10.18 -23.84 21.05
N HIS O 526 -10.36 -22.60 21.51
CA HIS O 526 -9.20 -21.77 21.84
C HIS O 526 -8.39 -22.39 22.97
N GLN O 527 -9.07 -22.83 24.03
CA GLN O 527 -8.37 -23.48 25.13
C GLN O 527 -7.67 -24.74 24.67
N ALA O 528 -8.35 -25.55 23.85
CA ALA O 528 -7.74 -26.77 23.35
C ALA O 528 -6.51 -26.47 22.51
N ASN O 529 -6.57 -25.45 21.65
CA ASN O 529 -5.41 -25.12 20.83
C ASN O 529 -4.24 -24.63 21.67
N LEU O 530 -4.52 -23.81 22.70
CA LEU O 530 -3.46 -23.38 23.58
C LEU O 530 -2.81 -24.58 24.28
N LEU O 531 -3.63 -25.52 24.74
CA LEU O 531 -3.09 -26.70 25.41
C LEU O 531 -2.28 -27.55 24.45
N ARG O 532 -2.70 -27.65 23.18
CA ARG O 532 -1.92 -28.41 22.21
C ARG O 532 -0.59 -27.76 21.94
N GLN O 533 -0.55 -26.43 21.83
CA GLN O 533 0.72 -25.76 21.64
C GLN O 533 1.65 -25.98 22.83
N ASP O 534 1.10 -25.89 24.05
CA ASP O 534 1.90 -26.15 25.24
C ASP O 534 2.44 -27.58 25.24
N LEU O 535 1.58 -28.55 24.91
CA LEU O 535 2.00 -29.95 24.91
C LEU O 535 3.07 -30.20 23.85
N MET O 536 2.94 -29.56 22.69
CA MET O 536 3.95 -29.73 21.66
C MET O 536 5.29 -29.15 22.08
N ARG O 537 5.29 -28.00 22.76
CA ARG O 537 6.56 -27.46 23.23
C ARG O 537 7.16 -28.37 24.30
N ARG O 538 6.31 -28.97 25.15
CA ARG O 538 6.80 -29.94 26.12
C ARG O 538 7.43 -31.14 25.41
N GLN O 539 6.79 -31.62 24.34
CA GLN O 539 7.34 -32.75 23.59
C GLN O 539 8.68 -32.40 22.97
N GLU O 540 8.82 -31.18 22.45
CA GLU O 540 10.10 -30.76 21.89
C GLU O 540 11.18 -30.74 22.98
N GLU O 541 10.86 -30.19 24.15
CA GLU O 541 11.83 -30.22 25.24
C GLU O 541 12.16 -31.65 25.63
N LEU O 542 11.16 -32.54 25.58
CA LEU O 542 11.39 -33.94 25.92
C LEU O 542 12.37 -34.59 24.95
N ARG O 543 12.17 -34.39 23.65
CA ARG O 543 13.06 -35.01 22.67
C ARG O 543 14.47 -34.46 22.83
N ARG O 544 14.60 -33.14 23.08
CA ARG O 544 15.93 -32.58 23.25
C ARG O 544 16.64 -33.16 24.46
N MET O 545 15.94 -33.21 25.61
CA MET O 545 16.55 -33.74 26.82
C MET O 545 16.88 -35.22 26.67
N GLU O 546 15.99 -35.99 26.04
CA GLU O 546 16.26 -37.40 25.83
C GLU O 546 17.49 -37.62 24.98
N GLU O 547 17.63 -36.86 23.89
CA GLU O 547 18.81 -37.01 23.04
C GLU O 547 20.09 -36.64 23.79
N LEU O 548 20.05 -35.52 24.53
CA LEU O 548 21.25 -35.11 25.26
C LEU O 548 21.64 -36.14 26.31
N HIS O 549 20.67 -36.64 27.07
CA HIS O 549 20.96 -37.64 28.08
C HIS O 549 21.43 -38.95 27.45
N SER O 550 20.90 -39.28 26.27
CA SER O 550 21.35 -40.49 25.59
C SER O 550 22.82 -40.38 25.23
N GLN O 551 23.25 -39.23 24.70
CA GLN O 551 24.66 -39.09 24.36
C GLN O 551 25.52 -39.05 25.62
N GLU O 552 25.03 -38.39 26.68
CA GLU O 552 25.63 -38.49 28.01
C GLU O 552 25.98 -39.94 28.35
N MET O 553 24.94 -40.78 28.37
CA MET O 553 25.11 -42.16 28.81
C MET O 553 25.99 -42.94 27.86
N GLN O 554 25.86 -42.72 26.55
CA GLN O 554 26.68 -43.47 25.60
C GLN O 554 28.17 -43.17 25.80
N LYS O 555 28.52 -41.89 25.93
CA LYS O 555 29.94 -41.59 26.07
C LYS O 555 30.47 -42.04 27.43
N ARG O 556 29.66 -41.94 28.49
CA ARG O 556 30.08 -42.46 29.79
C ARG O 556 30.27 -43.96 29.74
N LYS O 557 29.39 -44.67 29.02
CA LYS O 557 29.51 -46.12 28.91
C LYS O 557 30.78 -46.52 28.18
N GLU O 558 31.08 -45.86 27.05
CA GLU O 558 32.29 -46.22 26.33
C GLU O 558 33.53 -45.92 27.16
N MET O 559 33.50 -44.81 27.91
CA MET O 559 34.61 -44.53 28.82
C MET O 559 34.75 -45.62 29.86
N GLN O 560 33.63 -46.09 30.40
CA GLN O 560 33.67 -47.14 31.42
C GLN O 560 34.26 -48.44 30.86
N LEU O 561 33.88 -48.80 29.63
CA LEU O 561 34.45 -50.00 29.02
C LEU O 561 35.96 -49.85 28.81
N ARG O 562 36.41 -48.66 28.38
CA ARG O 562 37.85 -48.46 28.27
C ARG O 562 38.53 -48.61 29.62
N GLN O 563 37.94 -48.04 30.68
CA GLN O 563 38.48 -48.17 32.02
C GLN O 563 38.60 -49.63 32.41
N GLU O 564 37.55 -50.41 32.16
CA GLU O 564 37.54 -51.82 32.55
C GLU O 564 38.59 -52.60 31.77
N GLU O 565 38.75 -52.32 30.49
CA GLU O 565 39.78 -53.01 29.71
C GLU O 565 41.17 -52.71 30.26
N GLU O 566 41.44 -51.45 30.56
CA GLU O 566 42.74 -51.10 31.11
C GLU O 566 42.98 -51.77 32.46
N ARG O 567 41.96 -51.77 33.32
CA ARG O 567 42.09 -52.42 34.62
C ARG O 567 42.33 -53.91 34.48
N ARG O 568 41.62 -54.56 33.54
CA ARG O 568 41.80 -55.99 33.33
C ARG O 568 43.21 -56.30 32.85
N ARG O 569 43.75 -55.48 31.94
CA ARG O 569 45.12 -55.72 31.48
C ARG O 569 46.11 -55.56 32.63
N ARG O 570 45.92 -54.51 33.45
CA ARG O 570 46.81 -54.31 34.58
C ARG O 570 46.73 -55.48 35.55
N GLU O 571 45.53 -55.97 35.82
CA GLU O 571 45.39 -57.07 36.77
C GLU O 571 45.94 -58.38 36.21
N GLU O 572 45.85 -58.57 34.89
CA GLU O 572 46.43 -59.77 34.29
C GLU O 572 47.95 -59.76 34.41
N GLU O 573 48.58 -58.62 34.10
CA GLU O 573 50.02 -58.50 34.34
C GLU O 573 50.34 -58.71 35.81
N MET O 574 49.49 -58.18 36.69
CA MET O 574 49.69 -58.29 38.13
C MET O 574 49.71 -59.75 38.57
N MET O 575 48.74 -60.52 38.07
CA MET O 575 48.64 -61.94 38.40
C MET O 575 49.79 -62.73 37.81
N ILE O 576 50.21 -62.42 36.59
CA ILE O 576 51.34 -63.15 36.01
C ILE O 576 52.61 -62.88 36.82
N ARG O 577 52.76 -61.65 37.31
CA ARG O 577 53.91 -61.34 38.16
C ARG O 577 53.87 -62.16 39.45
N GLN O 578 52.70 -62.23 40.07
CA GLN O 578 52.58 -63.01 41.31
C GLN O 578 52.84 -64.49 41.05
N ARG O 579 52.37 -65.02 39.92
CA ARG O 579 52.62 -66.42 39.59
C ARG O 579 54.10 -66.68 39.38
N GLU O 580 54.79 -65.77 38.69
CA GLU O 580 56.23 -65.92 38.52
C GLU O 580 56.95 -65.89 39.86
N MET O 581 56.53 -64.99 40.76
CA MET O 581 57.13 -64.96 42.09
C MET O 581 56.90 -66.27 42.82
N GLU O 582 55.70 -66.84 42.71
CA GLU O 582 55.41 -68.11 43.38
C GLU O 582 56.26 -69.24 42.82
N GLU O 583 56.45 -69.28 41.50
CA GLU O 583 57.31 -70.32 40.93
C GLU O 583 58.76 -70.15 41.34
N GLN O 584 59.23 -68.91 41.42
CA GLN O 584 60.57 -68.65 41.95
C GLN O 584 60.68 -69.16 43.38
N MET O 585 59.64 -68.92 44.18
CA MET O 585 59.69 -69.31 45.58
C MET O 585 59.64 -70.83 45.71
N ARG O 586 58.91 -71.49 44.80
CA ARG O 586 58.89 -72.95 44.72
C ARG O 586 60.26 -73.51 44.38
N ARG O 587 60.94 -72.93 43.39
CA ARG O 587 62.27 -73.46 43.06
C ARG O 587 63.24 -73.24 44.21
N GLN O 588 63.08 -72.12 44.93
CA GLN O 588 63.91 -71.88 46.11
C GLN O 588 63.65 -72.94 47.18
N ARG O 589 62.38 -73.27 47.42
CA ARG O 589 62.06 -74.32 48.38
C ARG O 589 62.63 -75.67 47.95
N GLU O 590 62.54 -75.99 46.65
CA GLU O 590 63.08 -77.26 46.16
C GLU O 590 64.58 -77.32 46.33
N GLU O 591 65.28 -76.21 46.06
CA GLU O 591 66.72 -76.17 46.27
C GLU O 591 67.05 -76.33 47.76
N SER O 592 66.27 -75.70 48.63
CA SER O 592 66.54 -75.78 50.06
C SER O 592 66.32 -77.19 50.59
N TYR O 593 65.29 -77.88 50.08
CA TYR O 593 65.01 -79.24 50.54
C TYR O 593 66.16 -80.18 50.22
N SER O 594 66.74 -80.06 49.02
CA SER O 594 67.84 -80.92 48.62
C SER O 594 69.12 -80.55 49.34
N LYS P 69 -48.27 26.19 21.88
CA LYS P 69 -49.51 26.88 22.22
C LYS P 69 -49.94 26.56 23.65
N THR P 70 -51.20 26.84 23.96
CA THR P 70 -51.72 26.61 25.30
C THR P 70 -52.34 25.22 25.41
N PHE P 71 -52.09 24.57 26.53
CA PHE P 71 -52.64 23.25 26.83
C PHE P 71 -52.24 22.23 25.76
N THR P 72 -50.94 22.13 25.52
CA THR P 72 -50.45 21.14 24.57
C THR P 72 -50.47 19.76 25.21
N GLN P 73 -50.34 18.73 24.37
CA GLN P 73 -50.06 17.41 24.91
C GLN P 73 -48.59 17.24 25.25
N ARG P 74 -47.74 18.16 24.78
CA ARG P 74 -46.38 18.24 25.30
C ARG P 74 -46.37 18.79 26.72
N SER P 75 -47.42 19.52 27.10
CA SER P 75 -47.54 20.01 28.47
C SER P 75 -48.06 18.96 29.43
N ARG P 76 -48.60 17.86 28.93
CA ARG P 76 -49.09 16.80 29.82
C ARG P 76 -47.93 16.21 30.62
N LEU P 77 -48.19 15.97 31.91
CA LEU P 77 -47.18 15.45 32.83
C LEU P 77 -47.59 14.08 33.34
N PHE P 78 -46.59 13.22 33.55
CA PHE P 78 -46.80 11.90 34.12
C PHE P 78 -46.39 11.94 35.59
N VAL P 79 -47.34 11.62 36.47
CA VAL P 79 -47.12 11.61 37.91
C VAL P 79 -47.42 10.21 38.43
N GLY P 80 -46.46 9.63 39.15
CA GLY P 80 -46.60 8.31 39.71
C GLY P 80 -46.23 8.29 41.19
N ASN P 81 -46.36 7.10 41.77
CA ASN P 81 -46.03 6.86 43.18
C ASN P 81 -46.85 7.77 44.09
N LEU P 82 -48.13 7.98 43.75
CA LEU P 82 -49.00 8.81 44.54
C LEU P 82 -49.50 8.05 45.78
N PRO P 83 -49.82 8.76 46.85
CA PRO P 83 -50.30 8.07 48.06
C PRO P 83 -51.62 7.38 47.81
N PRO P 84 -51.92 6.32 48.56
CA PRO P 84 -53.16 5.56 48.30
C PRO P 84 -54.44 6.37 48.42
N ASP P 85 -54.52 7.29 49.38
CA ASP P 85 -55.72 8.10 49.58
C ASP P 85 -55.64 9.44 48.84
N ILE P 86 -54.91 9.49 47.72
CA ILE P 86 -54.85 10.70 46.92
C ILE P 86 -56.24 11.03 46.41
N THR P 87 -56.58 12.32 46.43
CA THR P 87 -57.89 12.78 46.02
C THR P 87 -57.72 13.86 44.96
N GLU P 88 -58.72 13.94 44.06
CA GLU P 88 -58.68 14.95 43.00
C GLU P 88 -58.45 16.34 43.56
N GLU P 89 -59.18 16.69 44.62
CA GLU P 89 -59.01 17.99 45.24
C GLU P 89 -57.60 18.16 45.79
N GLU P 90 -57.04 17.10 46.36
CA GLU P 90 -55.71 17.21 46.96
C GLU P 90 -54.65 17.54 45.92
N MET P 91 -54.69 16.88 44.76
CA MET P 91 -53.71 17.18 43.73
C MET P 91 -54.01 18.49 43.01
N ARG P 92 -55.28 18.88 42.94
CA ARG P 92 -55.62 20.21 42.42
C ARG P 92 -55.00 21.29 43.29
N LYS P 93 -55.07 21.12 44.61
CA LYS P 93 -54.41 22.05 45.52
C LYS P 93 -52.89 21.91 45.45
N LEU P 94 -52.39 20.70 45.19
CA LEU P 94 -50.95 20.49 45.07
C LEU P 94 -50.38 21.29 43.90
N PHE P 95 -51.07 21.27 42.75
CA PHE P 95 -50.68 22.05 41.59
C PHE P 95 -51.33 23.43 41.58
N GLU P 96 -51.73 23.95 42.73
CA GLU P 96 -52.38 25.25 42.78
C GLU P 96 -51.42 26.37 42.39
N LYS P 97 -50.13 26.22 42.69
CA LYS P 97 -49.15 27.22 42.29
C LYS P 97 -49.04 27.33 40.78
N TYR P 98 -49.45 26.29 40.04
CA TYR P 98 -49.32 26.24 38.59
C TYR P 98 -50.66 26.48 37.89
N GLY P 99 -51.61 27.11 38.57
CA GLY P 99 -52.83 27.55 37.91
C GLY P 99 -53.79 26.40 37.65
N LYS P 100 -54.51 26.51 36.54
CA LYS P 100 -55.54 25.53 36.19
C LYS P 100 -54.91 24.18 35.84
N ALA P 101 -55.72 23.13 35.94
CA ALA P 101 -55.28 21.78 35.66
C ALA P 101 -56.16 21.18 34.57
N GLY P 102 -55.59 20.23 33.84
CA GLY P 102 -56.31 19.57 32.77
C GLY P 102 -57.18 18.43 33.25
N GLU P 103 -57.14 17.30 32.56
CA GLU P 103 -57.93 16.13 32.93
C GLU P 103 -57.34 15.50 34.18
N VAL P 104 -58.15 15.41 35.23
CA VAL P 104 -57.72 14.80 36.49
C VAL P 104 -58.10 13.32 36.40
N PHE P 105 -57.21 12.54 35.79
CA PHE P 105 -57.38 11.10 35.66
C PHE P 105 -56.39 10.42 36.61
N ILE P 106 -56.92 9.66 37.57
CA ILE P 106 -56.11 9.04 38.61
C ILE P 106 -56.62 7.62 38.84
N HIS P 107 -55.68 6.68 38.98
CA HIS P 107 -56.02 5.31 39.37
C HIS P 107 -55.86 5.21 40.88
N LYS P 108 -56.92 4.75 41.56
CA LYS P 108 -56.94 4.73 43.02
C LYS P 108 -55.87 3.78 43.57
N ASP P 109 -55.76 2.59 42.98
CA ASP P 109 -54.90 1.56 43.55
C ASP P 109 -53.47 1.63 43.01
N LYS P 110 -53.33 1.87 41.70
CA LYS P 110 -52.00 1.84 41.09
C LYS P 110 -51.13 2.98 41.60
N GLY P 111 -51.70 4.16 41.79
CA GLY P 111 -50.95 5.28 42.33
C GLY P 111 -50.34 6.20 41.31
N PHE P 112 -50.76 6.13 40.05
CA PHE P 112 -50.30 7.06 39.03
C PHE P 112 -51.48 7.52 38.19
N GLY P 113 -51.33 8.69 37.57
CA GLY P 113 -52.39 9.24 36.75
C GLY P 113 -51.85 10.30 35.81
N PHE P 114 -52.75 10.78 34.96
CA PHE P 114 -52.42 11.78 33.94
C PHE P 114 -53.03 13.13 34.32
N ILE P 115 -52.24 14.19 34.20
CA ILE P 115 -52.69 15.53 34.56
C ILE P 115 -52.01 16.53 33.62
N ARG P 116 -52.77 17.52 33.19
CA ARG P 116 -52.30 18.58 32.31
C ARG P 116 -52.36 19.92 33.05
N LEU P 117 -51.42 20.81 32.72
CA LEU P 117 -51.39 22.14 33.31
C LEU P 117 -51.79 23.18 32.27
N GLU P 118 -51.70 24.46 32.64
CA GLU P 118 -52.10 25.54 31.75
C GLU P 118 -51.25 25.53 30.47
N THR P 119 -49.93 25.37 30.62
CA THR P 119 -49.04 25.31 29.48
C THR P 119 -47.80 24.51 29.85
N ARG P 120 -46.88 24.34 28.89
CA ARG P 120 -45.67 23.59 29.17
C ARG P 120 -44.65 24.39 29.96
N THR P 121 -44.77 25.71 30.01
CA THR P 121 -43.95 26.50 30.92
C THR P 121 -44.14 26.03 32.36
N LEU P 122 -45.38 26.02 32.83
CA LEU P 122 -45.66 25.64 34.20
C LEU P 122 -45.51 24.14 34.41
N ALA P 123 -45.68 23.34 33.35
CA ALA P 123 -45.36 21.92 33.45
C ALA P 123 -43.86 21.69 33.67
N GLU P 124 -43.02 22.43 32.93
CA GLU P 124 -41.58 22.35 33.14
C GLU P 124 -41.22 22.80 34.56
N ILE P 125 -41.88 23.85 35.05
CA ILE P 125 -41.62 24.30 36.41
C ILE P 125 -42.03 23.25 37.43
N ALA P 126 -43.21 22.64 37.25
CA ALA P 126 -43.73 21.71 38.25
C ALA P 126 -42.98 20.39 38.25
N LYS P 127 -42.59 19.89 37.08
CA LYS P 127 -41.82 18.65 37.03
C LYS P 127 -40.44 18.84 37.66
N VAL P 128 -40.01 20.07 37.84
CA VAL P 128 -38.77 20.36 38.54
C VAL P 128 -38.99 20.52 40.04
N GLU P 129 -39.94 21.37 40.42
CA GLU P 129 -40.17 21.67 41.83
C GLU P 129 -40.70 20.46 42.58
N LEU P 130 -41.66 19.74 42.00
CA LEU P 130 -42.30 18.62 42.68
C LEU P 130 -41.58 17.30 42.44
N ASP P 131 -40.46 17.31 41.72
CA ASP P 131 -39.74 16.07 41.46
C ASP P 131 -39.11 15.54 42.73
N ASN P 132 -39.30 14.24 42.98
CA ASN P 132 -38.69 13.54 44.11
C ASN P 132 -39.07 14.16 45.45
N MET P 133 -40.23 14.80 45.53
CA MET P 133 -40.67 15.39 46.78
C MET P 133 -41.38 14.33 47.61
N PRO P 134 -40.89 14.00 48.80
CA PRO P 134 -41.57 12.99 49.63
C PRO P 134 -42.91 13.49 50.12
N LEU P 135 -43.95 12.72 49.85
CA LEU P 135 -45.31 13.04 50.31
C LEU P 135 -45.88 11.80 50.96
N ARG P 136 -46.10 11.89 52.28
CA ARG P 136 -46.62 10.76 53.07
C ARG P 136 -45.76 9.52 52.86
N GLY P 137 -44.45 9.69 53.02
CA GLY P 137 -43.50 8.59 52.90
C GLY P 137 -43.41 7.99 51.52
N LYS P 138 -43.61 8.79 50.47
CA LYS P 138 -43.48 8.32 49.10
C LYS P 138 -42.91 9.46 48.27
N GLN P 139 -41.71 9.25 47.71
CA GLN P 139 -41.15 10.24 46.81
C GLN P 139 -41.88 10.22 45.48
N LEU P 140 -42.18 11.39 44.95
CA LEU P 140 -42.97 11.52 43.73
C LEU P 140 -42.06 11.45 42.50
N ARG P 141 -42.44 10.62 41.55
CA ARG P 141 -41.75 10.50 40.26
C ARG P 141 -42.58 11.25 39.24
N VAL P 142 -42.22 12.50 38.99
CA VAL P 142 -42.88 13.35 38.01
C VAL P 142 -42.00 13.41 36.77
N ARG P 143 -42.53 12.92 35.65
CA ARG P 143 -41.81 12.89 34.39
C ARG P 143 -42.72 13.41 33.29
N PHE P 144 -42.09 13.87 32.21
CA PHE P 144 -42.84 14.32 31.04
C PHE P 144 -43.61 13.17 30.44
N ALA P 145 -44.83 13.46 29.97
CA ALA P 145 -45.66 12.46 29.32
C ALA P 145 -45.30 12.38 27.85
N CYS P 146 -45.01 11.17 27.38
CA CYS P 146 -44.69 10.98 25.97
C CYS P 146 -45.89 11.31 25.10
N HIS P 147 -45.63 11.95 23.96
CA HIS P 147 -46.71 12.39 23.09
C HIS P 147 -47.39 11.17 22.47
N SER P 148 -48.72 11.14 22.56
CA SER P 148 -49.49 9.95 22.25
C SER P 148 -50.05 9.92 20.83
N ALA P 149 -49.80 10.95 20.03
CA ALA P 149 -50.33 10.99 18.67
C ALA P 149 -49.31 11.55 17.71
N SER P 150 -48.03 11.36 17.98
CA SER P 150 -46.96 11.86 17.11
C SER P 150 -46.87 11.01 15.86
N LEU P 151 -46.29 11.59 14.81
CA LEU P 151 -46.07 10.88 13.56
C LEU P 151 -44.69 11.20 13.01
N THR P 152 -44.41 10.84 11.76
CA THR P 152 -43.12 11.15 11.16
C THR P 152 -43.26 11.11 9.65
N VAL P 153 -43.10 12.26 9.00
CA VAL P 153 -43.16 12.32 7.56
C VAL P 153 -41.76 12.07 7.01
N ARG P 154 -41.68 11.61 5.76
CA ARG P 154 -40.39 11.28 5.19
C ARG P 154 -40.39 11.62 3.72
N ASN P 155 -39.21 11.58 3.12
CA ASN P 155 -39.03 11.88 1.70
C ASN P 155 -39.58 13.24 1.32
N LEU P 156 -39.29 14.25 2.16
CA LEU P 156 -39.85 15.56 1.95
C LEU P 156 -39.32 16.16 0.66
N PRO P 157 -40.06 17.09 0.06
CA PRO P 157 -39.58 17.76 -1.17
C PRO P 157 -38.36 18.63 -0.90
N GLN P 158 -37.79 19.18 -1.98
CA GLN P 158 -36.56 19.96 -1.84
C GLN P 158 -36.78 21.20 -1.01
N TYR P 159 -37.91 21.87 -1.19
CA TYR P 159 -38.21 23.14 -0.52
C TYR P 159 -39.44 22.93 0.37
N VAL P 160 -39.23 23.01 1.68
CA VAL P 160 -40.25 22.74 2.67
C VAL P 160 -40.20 23.82 3.75
N SER P 161 -41.06 23.69 4.75
CA SER P 161 -41.13 24.67 5.82
C SER P 161 -41.86 24.06 7.00
N ASN P 162 -41.71 24.68 8.16
CA ASN P 162 -42.60 24.38 9.27
C ASN P 162 -44.04 24.69 8.92
N GLU P 163 -44.28 25.81 8.25
CA GLU P 163 -45.62 26.22 7.87
C GLU P 163 -46.22 25.34 6.80
N LEU P 164 -45.43 24.87 5.83
CA LEU P 164 -45.95 23.94 4.84
C LEU P 164 -46.46 22.67 5.50
N LEU P 165 -45.66 22.12 6.42
CA LEU P 165 -46.07 20.90 7.12
C LEU P 165 -47.27 21.14 8.02
N GLU P 166 -47.31 22.28 8.70
CA GLU P 166 -48.41 22.53 9.63
C GLU P 166 -49.67 23.03 8.92
N GLU P 167 -49.59 23.32 7.62
CA GLU P 167 -50.76 23.62 6.83
C GLU P 167 -51.27 22.37 6.10
N ALA P 168 -50.35 21.59 5.52
CA ALA P 168 -50.74 20.42 4.76
C ALA P 168 -51.47 19.41 5.64
N PHE P 169 -50.93 19.15 6.83
CA PHE P 169 -51.45 18.12 7.70
C PHE P 169 -52.54 18.62 8.65
N SER P 170 -52.95 19.88 8.51
CA SER P 170 -54.05 20.38 9.33
C SER P 170 -55.38 19.83 8.88
N VAL P 171 -55.46 19.23 7.68
CA VAL P 171 -56.73 18.74 7.18
C VAL P 171 -57.20 17.53 7.99
N PHE P 172 -56.26 16.74 8.52
CA PHE P 172 -56.62 15.58 9.32
C PHE P 172 -56.91 15.93 10.78
N GLY P 173 -56.61 17.14 11.20
CA GLY P 173 -56.82 17.55 12.57
C GLY P 173 -55.95 18.74 12.91
N GLN P 174 -56.01 19.13 14.17
CA GLN P 174 -55.24 20.27 14.66
C GLN P 174 -53.82 19.81 14.95
N VAL P 175 -52.84 20.45 14.29
CA VAL P 175 -51.44 20.10 14.49
C VAL P 175 -50.92 20.87 15.69
N GLU P 176 -50.39 20.15 16.68
CA GLU P 176 -49.75 20.83 17.79
C GLU P 176 -48.53 21.59 17.33
N ARG P 177 -47.66 20.93 16.56
CA ARG P 177 -46.48 21.55 15.98
C ARG P 177 -45.92 20.62 14.93
N ALA P 178 -45.30 21.19 13.92
CA ALA P 178 -44.65 20.41 12.88
C ALA P 178 -43.31 21.04 12.58
N VAL P 179 -42.28 20.22 12.45
CA VAL P 179 -40.93 20.69 12.23
C VAL P 179 -40.30 19.88 11.10
N VAL P 180 -39.38 20.52 10.39
CA VAL P 180 -38.54 19.84 9.41
C VAL P 180 -37.16 19.70 10.00
N ILE P 181 -36.73 18.47 10.21
CA ILE P 181 -35.43 18.25 10.85
C ILE P 181 -34.34 18.78 9.92
N VAL P 182 -33.54 19.71 10.44
CA VAL P 182 -32.46 20.35 9.70
C VAL P 182 -31.15 20.03 10.40
N ASP P 183 -30.12 19.70 9.62
CA ASP P 183 -28.81 19.46 10.18
C ASP P 183 -28.19 20.80 10.60
N ASP P 184 -26.94 20.73 11.08
CA ASP P 184 -26.30 21.91 11.64
C ASP P 184 -26.10 22.99 10.59
N ARG P 185 -25.72 22.60 9.37
CA ARG P 185 -25.39 23.59 8.35
C ARG P 185 -26.57 24.46 7.96
N GLY P 186 -27.76 23.87 7.83
CA GLY P 186 -28.93 24.64 7.46
C GLY P 186 -29.67 24.06 6.27
N ARG P 187 -29.42 22.81 5.94
CA ARG P 187 -30.14 22.17 4.86
C ARG P 187 -31.10 21.13 5.40
N PRO P 188 -32.25 20.92 4.75
CA PRO P 188 -33.20 19.92 5.25
C PRO P 188 -32.59 18.53 5.23
N SER P 189 -32.94 17.75 6.25
CA SER P 189 -32.46 16.37 6.33
C SER P 189 -33.26 15.42 5.44
N GLY P 190 -34.43 15.84 4.97
CA GLY P 190 -35.32 14.94 4.27
C GLY P 190 -36.22 14.16 5.21
N LYS P 191 -36.76 14.83 6.23
CA LYS P 191 -37.56 14.17 7.24
C LYS P 191 -38.30 15.24 8.01
N GLY P 192 -39.32 14.84 8.76
CA GLY P 192 -40.10 15.80 9.51
C GLY P 192 -40.67 15.17 10.75
N ILE P 193 -41.37 15.98 11.53
CA ILE P 193 -42.05 15.50 12.73
C ILE P 193 -43.39 16.21 12.83
N VAL P 194 -44.48 15.44 12.88
CA VAL P 194 -45.82 16.00 12.99
C VAL P 194 -46.45 15.48 14.26
N GLU P 195 -46.99 16.38 15.07
CA GLU P 195 -47.55 16.03 16.36
C GLU P 195 -48.97 16.57 16.44
N PHE P 196 -49.95 15.66 16.47
CA PHE P 196 -51.35 16.04 16.53
C PHE P 196 -51.77 16.18 17.99
N SER P 197 -53.07 16.36 18.23
CA SER P 197 -53.60 16.58 19.57
C SER P 197 -54.49 15.45 20.03
N GLY P 198 -54.56 14.34 19.31
CA GLY P 198 -55.38 13.23 19.72
C GLY P 198 -55.11 11.99 18.90
N LYS P 199 -55.39 10.84 19.50
CA LYS P 199 -55.18 9.56 18.81
C LYS P 199 -56.00 9.41 17.54
N PRO P 200 -57.32 9.70 17.51
CA PRO P 200 -58.06 9.50 16.26
C PRO P 200 -57.52 10.31 15.10
N ALA P 201 -57.07 11.53 15.34
CA ALA P 201 -56.50 12.34 14.27
C ALA P 201 -55.24 11.68 13.72
N ALA P 202 -54.38 11.18 14.61
CA ALA P 202 -53.16 10.51 14.16
C ALA P 202 -53.48 9.27 13.36
N ARG P 203 -54.44 8.47 13.83
CA ARG P 203 -54.81 7.26 13.09
C ARG P 203 -55.34 7.60 11.71
N LYS P 204 -56.22 8.60 11.64
CA LYS P 204 -56.79 9.01 10.36
C LYS P 204 -55.70 9.48 9.41
N ALA P 205 -54.78 10.32 9.91
CA ALA P 205 -53.72 10.85 9.05
C ALA P 205 -52.81 9.73 8.56
N LEU P 206 -52.43 8.82 9.45
CA LEU P 206 -51.56 7.73 9.05
C LEU P 206 -52.23 6.84 8.00
N ASP P 207 -53.48 6.47 8.23
CA ASP P 207 -54.18 5.61 7.27
C ASP P 207 -54.32 6.30 5.92
N ARG P 208 -54.73 7.57 5.92
CA ARG P 208 -54.94 8.27 4.67
C ARG P 208 -53.64 8.44 3.90
N CYS P 209 -52.59 8.96 4.55
CA CYS P 209 -51.32 9.15 3.88
C CYS P 209 -50.62 7.85 3.56
N SER P 210 -51.07 6.72 4.11
CA SER P 210 -50.56 5.43 3.69
C SER P 210 -51.28 4.90 2.46
N GLU P 211 -52.62 5.03 2.41
CA GLU P 211 -53.34 4.55 1.24
C GLU P 211 -53.37 5.60 0.13
N GLY P 212 -53.38 6.88 0.47
CA GLY P 212 -53.30 7.93 -0.52
C GLY P 212 -51.87 8.24 -0.88
N SER P 213 -51.70 9.35 -1.60
CA SER P 213 -50.38 9.85 -1.99
C SER P 213 -50.40 11.36 -1.81
N PHE P 214 -49.92 11.83 -0.67
CA PHE P 214 -50.13 13.20 -0.23
C PHE P 214 -49.04 14.09 -0.78
N LEU P 215 -49.28 14.68 -1.94
CA LEU P 215 -48.36 15.65 -2.53
C LEU P 215 -48.57 16.98 -1.82
N LEU P 216 -47.48 17.67 -1.49
CA LEU P 216 -47.57 18.92 -0.76
C LEU P 216 -46.82 20.04 -1.47
N THR P 217 -46.67 19.91 -2.79
CA THR P 217 -45.88 20.80 -3.62
C THR P 217 -46.11 20.33 -5.06
N THR P 218 -45.81 21.20 -6.02
CA THR P 218 -45.98 20.82 -7.41
C THR P 218 -45.05 19.70 -7.84
N PHE P 219 -44.03 19.38 -7.04
CA PHE P 219 -43.14 18.27 -7.32
C PHE P 219 -43.84 16.97 -6.97
N PRO P 220 -44.10 16.09 -7.94
CA PRO P 220 -44.86 14.87 -7.64
C PRO P 220 -44.08 13.85 -6.83
N ARG P 221 -43.82 14.15 -5.57
CA ARG P 221 -43.13 13.23 -4.68
C ARG P 221 -43.94 13.05 -3.40
N PRO P 222 -44.78 12.02 -3.32
CA PRO P 222 -45.57 11.81 -2.12
C PRO P 222 -44.69 11.53 -0.91
N VAL P 223 -45.16 11.97 0.25
CA VAL P 223 -44.44 11.82 1.50
C VAL P 223 -44.90 10.54 2.19
N THR P 224 -43.94 9.72 2.62
CA THR P 224 -44.23 8.54 3.41
C THR P 224 -44.37 8.94 4.87
N VAL P 225 -45.49 8.56 5.49
CA VAL P 225 -45.79 8.94 6.86
C VAL P 225 -45.75 7.71 7.73
N GLU P 226 -45.01 7.76 8.83
CA GLU P 226 -44.80 6.65 9.74
C GLU P 226 -44.94 7.14 11.17
N PRO P 227 -45.38 6.29 12.10
CA PRO P 227 -45.44 6.71 13.50
C PRO P 227 -44.05 6.91 14.07
N MET P 228 -43.96 7.84 15.02
CA MET P 228 -42.69 8.19 15.64
C MET P 228 -42.39 7.27 16.81
N ASP P 229 -41.18 6.73 16.83
CA ASP P 229 -40.69 5.93 17.95
C ASP P 229 -40.07 6.87 18.97
N GLN P 230 -40.68 6.96 20.15
CA GLN P 230 -40.28 7.91 21.16
C GLN P 230 -38.97 7.45 21.81
N LEU P 231 -37.86 8.04 21.36
CA LEU P 231 -36.56 7.72 21.93
C LEU P 231 -36.27 8.63 23.12
N ASP P 232 -35.99 8.01 24.26
CA ASP P 232 -35.73 8.72 25.51
C ASP P 232 -34.22 8.78 25.73
N ASP P 233 -33.69 10.00 25.90
CA ASP P 233 -32.26 10.18 26.14
C ASP P 233 -32.01 11.11 27.31
N GLU P 234 -32.97 11.20 28.23
CA GLU P 234 -32.78 11.96 29.46
C GLU P 234 -32.58 11.04 30.66
N GLU P 235 -33.53 10.14 30.91
CA GLU P 235 -33.38 9.21 32.02
C GLU P 235 -32.38 8.10 31.72
N GLY P 236 -32.24 7.72 30.45
CA GLY P 236 -31.49 6.51 30.16
C GLY P 236 -32.15 5.35 30.87
N LEU P 237 -31.33 4.54 31.54
CA LEU P 237 -31.84 3.54 32.48
C LEU P 237 -30.95 3.53 33.71
N PRO P 238 -31.45 4.02 34.84
CA PRO P 238 -30.71 3.85 36.10
C PRO P 238 -30.60 2.38 36.47
N GLU P 239 -29.52 2.05 37.17
CA GLU P 239 -29.27 0.66 37.53
C GLU P 239 -30.40 0.09 38.38
N LYS P 240 -31.09 0.95 39.14
CA LYS P 240 -32.13 0.47 40.02
C LYS P 240 -33.28 -0.17 39.25
N LEU P 241 -33.49 0.25 37.99
CA LEU P 241 -34.50 -0.39 37.17
C LEU P 241 -34.04 -1.74 36.63
N VAL P 242 -32.74 -1.90 36.40
CA VAL P 242 -32.21 -3.17 35.94
C VAL P 242 -32.43 -4.23 37.01
N ILE P 243 -32.87 -5.41 36.59
CA ILE P 243 -33.24 -6.45 37.54
C ILE P 243 -32.05 -6.96 38.33
N LYS P 244 -30.85 -6.89 37.75
CA LYS P 244 -29.61 -7.37 38.38
C LYS P 244 -29.74 -8.84 38.81
N ASN P 245 -30.23 -9.67 37.90
CA ASN P 245 -30.37 -11.09 38.18
C ASN P 245 -29.01 -11.77 38.02
N GLN P 246 -29.01 -13.11 38.05
CA GLN P 246 -27.78 -13.85 37.80
C GLN P 246 -27.24 -13.61 36.40
N GLN P 247 -28.11 -13.24 35.45
CA GLN P 247 -27.62 -12.90 34.12
C GLN P 247 -26.74 -11.66 34.15
N PHE P 248 -27.16 -10.65 34.91
CA PHE P 248 -26.32 -9.47 35.10
C PHE P 248 -25.00 -9.84 35.77
N HIS P 249 -25.06 -10.70 36.78
CA HIS P 249 -23.84 -11.12 37.47
C HIS P 249 -22.88 -11.83 36.51
N LYS P 250 -23.43 -12.68 35.64
CA LYS P 250 -22.58 -13.30 34.61
C LYS P 250 -22.01 -12.24 33.68
N GLU P 251 -22.82 -11.23 33.32
CA GLU P 251 -22.29 -10.10 32.57
C GLU P 251 -21.33 -9.28 33.42
N ARG P 252 -21.56 -9.21 34.73
CA ARG P 252 -20.74 -8.39 35.62
C ARG P 252 -19.71 -9.28 36.33
N GLU P 253 -18.72 -9.72 35.54
CA GLU P 253 -17.60 -10.47 36.07
C GLU P 253 -16.24 -9.85 35.77
N GLN P 254 -16.13 -9.06 34.70
CA GLN P 254 -14.87 -8.46 34.32
C GLN P 254 -15.05 -6.96 34.11
N PRO P 255 -14.00 -6.18 34.33
CA PRO P 255 -14.11 -4.73 34.18
C PRO P 255 -14.22 -4.34 32.72
N PRO P 256 -14.62 -3.10 32.43
CA PRO P 256 -14.52 -2.60 31.05
C PRO P 256 -13.07 -2.37 30.64
N ARG P 257 -12.57 -3.16 29.69
CA ARG P 257 -11.15 -3.15 29.39
C ARG P 257 -10.94 -3.58 27.94
N PHE P 258 -9.77 -3.24 27.42
CA PHE P 258 -9.40 -3.65 26.07
C PHE P 258 -9.23 -5.16 26.00
N ALA P 259 -9.12 -5.66 24.77
CA ALA P 259 -8.81 -7.07 24.55
C ALA P 259 -7.34 -7.21 24.22
N GLN P 260 -6.65 -8.04 24.99
CA GLN P 260 -5.22 -8.25 24.75
C GLN P 260 -5.04 -9.02 23.45
N PRO P 261 -4.25 -8.51 22.50
CA PRO P 261 -4.15 -9.18 21.20
C PRO P 261 -3.68 -10.62 21.33
N GLY P 262 -4.27 -11.49 20.52
CA GLY P 262 -3.98 -12.90 20.56
C GLY P 262 -4.85 -13.70 21.51
N SER P 263 -5.58 -13.05 22.40
CA SER P 263 -6.43 -13.74 23.35
C SER P 263 -7.76 -14.12 22.69
N PHE P 264 -8.57 -14.91 23.40
CA PHE P 264 -9.88 -15.29 22.89
C PHE P 264 -10.77 -14.08 22.72
N GLU P 265 -10.71 -13.14 23.66
CA GLU P 265 -11.54 -11.94 23.59
C GLU P 265 -11.26 -11.19 22.29
N TYR P 266 -9.98 -11.06 21.94
CA TYR P 266 -9.62 -10.32 20.73
C TYR P 266 -10.16 -11.00 19.48
N GLU P 267 -10.05 -12.33 19.40
CA GLU P 267 -10.55 -13.02 18.22
C GLU P 267 -12.06 -12.87 18.08
N TYR P 268 -12.80 -13.04 19.18
CA TYR P 268 -14.25 -12.99 19.08
C TYR P 268 -14.70 -11.55 18.79
N ALA P 269 -13.97 -10.57 19.33
CA ALA P 269 -14.26 -9.17 19.02
C ALA P 269 -13.95 -8.83 17.56
N MET P 270 -12.89 -9.41 17.00
CA MET P 270 -12.66 -9.25 15.57
C MET P 270 -13.81 -9.82 14.77
N ARG P 271 -14.34 -10.97 15.18
CA ARG P 271 -15.50 -11.52 14.49
C ARG P 271 -16.67 -10.56 14.53
N TRP P 272 -16.96 -10.02 15.71
CA TRP P 272 -18.06 -9.06 15.84
C TRP P 272 -17.82 -7.79 15.01
N LYS P 273 -16.59 -7.27 15.03
CA LYS P 273 -16.32 -6.05 14.29
C LYS P 273 -16.41 -6.27 12.78
N ALA P 274 -15.97 -7.45 12.30
CA ALA P 274 -16.17 -7.77 10.90
C ALA P 274 -17.64 -7.85 10.55
N LEU P 275 -18.44 -8.44 11.45
CA LEU P 275 -19.89 -8.48 11.22
C LEU P 275 -20.47 -7.08 11.10
N ILE P 276 -20.07 -6.19 12.01
CA ILE P 276 -20.63 -4.84 11.99
C ILE P 276 -20.17 -4.08 10.76
N GLU P 277 -18.91 -4.25 10.36
CA GLU P 277 -18.43 -3.57 9.16
C GLU P 277 -19.19 -4.07 7.93
N MET P 278 -19.46 -5.37 7.86
CA MET P 278 -20.23 -5.88 6.73
C MET P 278 -21.67 -5.39 6.77
N GLU P 279 -22.24 -5.23 7.95
CA GLU P 279 -23.58 -4.64 8.06
C GLU P 279 -23.59 -3.22 7.52
N LYS P 280 -22.60 -2.42 7.91
CA LYS P 280 -22.52 -1.06 7.41
C LYS P 280 -22.33 -1.05 5.89
N GLN P 281 -21.53 -1.97 5.37
CA GLN P 281 -21.37 -2.07 3.93
C GLN P 281 -22.70 -2.39 3.25
N GLN P 282 -23.48 -3.30 3.82
CA GLN P 282 -24.77 -3.63 3.23
C GLN P 282 -25.73 -2.44 3.28
N GLN P 283 -25.74 -1.71 4.39
CA GLN P 283 -26.62 -0.53 4.48
C GLN P 283 -26.22 0.51 3.46
N ASP P 284 -24.92 0.74 3.28
CA ASP P 284 -24.48 1.67 2.25
C ASP P 284 -24.83 1.17 0.86
N GLN P 285 -24.81 -0.15 0.64
CA GLN P 285 -25.22 -0.68 -0.65
C GLN P 285 -26.69 -0.41 -0.92
N VAL P 286 -27.55 -0.60 0.08
CA VAL P 286 -28.97 -0.29 -0.10
C VAL P 286 -29.17 1.20 -0.34
N ASP P 287 -28.43 2.03 0.39
CA ASP P 287 -28.52 3.47 0.15
C ASP P 287 -28.12 3.83 -1.27
N ARG P 288 -27.05 3.20 -1.78
CA ARG P 288 -26.62 3.46 -3.15
C ARG P 288 -27.69 3.03 -4.15
N ASN P 289 -28.29 1.86 -3.93
CA ASN P 289 -29.33 1.38 -4.84
C ASN P 289 -30.50 2.35 -4.88
N ILE P 290 -31.00 2.75 -3.71
CA ILE P 290 -32.15 3.64 -3.67
C ILE P 290 -31.79 5.00 -4.25
N LYS P 291 -30.57 5.48 -3.99
CA LYS P 291 -30.18 6.77 -4.53
C LYS P 291 -30.12 6.75 -6.04
N GLU P 292 -29.57 5.69 -6.63
CA GLU P 292 -29.50 5.65 -8.08
C GLU P 292 -30.88 5.48 -8.70
N ALA P 293 -31.76 4.69 -8.06
CA ALA P 293 -33.13 4.58 -8.58
C ALA P 293 -33.86 5.90 -8.49
N ARG P 294 -33.68 6.64 -7.40
CA ARG P 294 -34.32 7.94 -7.26
C ARG P 294 -33.81 8.93 -8.29
N GLU P 295 -32.49 8.94 -8.52
CA GLU P 295 -31.94 9.84 -9.53
C GLU P 295 -32.43 9.45 -10.92
N LYS P 296 -32.68 8.17 -11.15
CA LYS P 296 -33.26 7.76 -12.43
C LYS P 296 -34.68 8.28 -12.58
N LEU P 297 -35.52 8.08 -11.56
CA LEU P 297 -36.89 8.55 -11.64
C LEU P 297 -37.02 10.06 -11.64
N GLU P 298 -36.00 10.78 -11.18
CA GLU P 298 -36.06 12.24 -11.23
C GLU P 298 -35.82 12.77 -12.64
N MET P 299 -35.08 12.03 -13.46
CA MET P 299 -34.83 12.47 -14.83
C MET P 299 -36.00 12.16 -15.75
N GLU P 300 -36.69 11.05 -15.50
CA GLU P 300 -37.81 10.65 -16.34
C GLU P 300 -39.06 11.44 -16.07
N MET P 301 -39.02 12.54 -15.31
CA MET P 301 -40.24 13.27 -15.02
C MET P 301 -40.72 14.06 -16.23
N GLU P 302 -39.80 14.73 -16.93
CA GLU P 302 -40.20 15.47 -18.11
C GLU P 302 -40.76 14.54 -19.18
N ALA P 303 -40.11 13.40 -19.41
CA ALA P 303 -40.60 12.46 -20.39
C ALA P 303 -41.99 11.97 -20.04
N ALA P 304 -42.18 11.55 -18.79
CA ALA P 304 -43.48 11.03 -18.37
C ALA P 304 -44.55 12.11 -18.41
N ARG P 305 -44.21 13.33 -17.97
CA ARG P 305 -45.18 14.42 -17.98
C ARG P 305 -45.62 14.73 -19.40
N HIS P 306 -44.67 14.86 -20.32
CA HIS P 306 -45.02 15.17 -21.70
C HIS P 306 -45.81 14.05 -22.34
N GLU P 307 -45.42 12.80 -22.06
CA GLU P 307 -46.15 11.67 -22.64
C GLU P 307 -47.59 11.63 -22.13
N HIS P 308 -47.79 11.91 -20.83
CA HIS P 308 -49.16 11.91 -20.34
C HIS P 308 -49.95 13.09 -20.86
N GLN P 309 -49.31 14.24 -21.07
CA GLN P 309 -49.99 15.35 -21.72
C GLN P 309 -50.46 14.94 -23.11
N VAL P 310 -49.59 14.30 -23.87
CA VAL P 310 -49.93 13.87 -25.22
C VAL P 310 -51.07 12.85 -25.18
N MET P 311 -51.01 11.90 -24.26
CA MET P 311 -52.05 10.88 -24.17
C MET P 311 -53.39 11.50 -23.82
N LEU P 312 -53.40 12.45 -22.86
CA LEU P 312 -54.65 13.09 -22.49
C LEU P 312 -55.21 13.92 -23.64
N MET P 313 -54.34 14.64 -24.36
CA MET P 313 -54.80 15.40 -25.51
C MET P 313 -55.42 14.48 -26.55
N ARG P 314 -54.77 13.36 -26.84
CA ARG P 314 -55.30 12.44 -27.83
C ARG P 314 -56.63 11.85 -27.38
N GLN P 315 -56.75 11.51 -26.09
CA GLN P 315 -57.99 10.93 -25.59
C GLN P 315 -59.14 11.92 -25.68
N ASP P 316 -58.93 13.17 -25.24
CA ASP P 316 -60.04 14.11 -25.28
C ASP P 316 -60.35 14.53 -26.71
N LEU P 317 -59.34 14.54 -27.59
CA LEU P 317 -59.60 14.79 -29.00
C LEU P 317 -60.47 13.70 -29.61
N MET P 318 -60.18 12.44 -29.28
CA MET P 318 -61.02 11.34 -29.76
C MET P 318 -62.43 11.46 -29.22
N ARG P 319 -62.56 11.83 -27.94
CA ARG P 319 -63.89 12.03 -27.38
C ARG P 319 -64.63 13.16 -28.09
N ARG P 320 -63.92 14.26 -28.40
CA ARG P 320 -64.55 15.37 -29.11
C ARG P 320 -65.00 14.95 -30.50
N GLN P 321 -64.17 14.19 -31.21
CA GLN P 321 -64.55 13.76 -32.55
C GLN P 321 -65.73 12.80 -32.51
N GLU P 322 -65.78 11.94 -31.50
CA GLU P 322 -66.95 11.06 -31.36
C GLU P 322 -68.20 11.86 -31.05
N GLU P 323 -68.08 12.89 -30.21
CA GLU P 323 -69.22 13.75 -29.93
C GLU P 323 -69.70 14.44 -31.20
N LEU P 324 -68.76 14.95 -32.01
CA LEU P 324 -69.13 15.58 -33.27
C LEU P 324 -69.86 14.60 -34.18
N ARG P 325 -69.32 13.38 -34.30
CA ARG P 325 -69.92 12.40 -35.20
C ARG P 325 -71.33 12.04 -34.74
N ARG P 326 -71.51 11.79 -33.45
CA ARG P 326 -72.83 11.40 -32.96
C ARG P 326 -73.82 12.54 -33.08
N MET P 327 -73.39 13.78 -32.81
CA MET P 327 -74.29 14.92 -32.94
C MET P 327 -74.71 15.10 -34.40
N GLU P 328 -73.76 14.98 -35.33
CA GLU P 328 -74.08 15.12 -36.74
C GLU P 328 -75.05 14.03 -37.18
N GLU P 329 -74.80 12.79 -36.78
CA GLU P 329 -75.67 11.70 -37.17
C GLU P 329 -77.07 11.86 -36.59
N LEU P 330 -77.17 12.26 -35.32
CA LEU P 330 -78.48 12.45 -34.71
C LEU P 330 -79.24 13.59 -35.38
N HIS P 331 -78.56 14.70 -35.69
CA HIS P 331 -79.25 15.79 -36.36
C HIS P 331 -79.73 15.37 -37.74
N ASN P 332 -78.88 14.66 -38.49
CA ASN P 332 -79.29 14.19 -39.81
C ASN P 332 -80.49 13.27 -39.71
N GLN P 333 -80.47 12.34 -38.75
CA GLN P 333 -81.58 11.42 -38.58
C GLN P 333 -82.86 12.16 -38.23
N GLU P 334 -82.78 13.14 -37.32
CA GLU P 334 -83.99 13.82 -36.91
C GLU P 334 -84.54 14.72 -38.02
N VAL P 335 -83.66 15.35 -38.81
CA VAL P 335 -84.18 16.17 -39.91
C VAL P 335 -84.79 15.30 -41.00
N GLN P 336 -84.19 14.15 -41.29
CA GLN P 336 -84.82 13.31 -42.31
C GLN P 336 -86.12 12.71 -41.79
N LYS P 337 -86.21 12.42 -40.49
CA LYS P 337 -87.49 12.01 -39.93
C LYS P 337 -88.54 13.11 -40.03
N ARG P 338 -88.15 14.36 -39.74
CA ARG P 338 -89.11 15.45 -39.78
C ARG P 338 -89.54 15.77 -41.20
N LYS P 339 -88.66 15.56 -42.19
CA LYS P 339 -89.05 15.80 -43.58
C LYS P 339 -89.81 14.62 -44.18
N GLN P 340 -89.60 13.40 -43.68
CA GLN P 340 -90.35 12.25 -44.18
C GLN P 340 -91.84 12.40 -43.92
N LEU P 341 -92.21 12.89 -42.75
CA LEU P 341 -93.61 13.04 -42.39
C LEU P 341 -94.21 14.30 -43.02
N LYS Q 287 -75.92 43.99 -126.04
CA LYS Q 287 -74.91 45.03 -125.99
C LYS Q 287 -73.52 44.45 -125.71
N THR Q 288 -72.51 45.29 -125.76
CA THR Q 288 -71.13 44.87 -125.55
C THR Q 288 -70.45 45.82 -124.58
N TYR Q 289 -69.45 45.31 -123.87
CA TYR Q 289 -68.60 46.10 -122.97
C TYR Q 289 -69.44 46.77 -121.87
N THR Q 290 -70.31 45.99 -121.25
CA THR Q 290 -71.10 46.47 -120.14
C THR Q 290 -70.29 46.41 -118.83
N GLN Q 291 -70.85 47.01 -117.78
CA GLN Q 291 -70.19 46.97 -116.48
C GLN Q 291 -70.15 45.54 -115.93
N ARG Q 292 -71.14 44.72 -116.26
CA ARG Q 292 -71.15 43.33 -115.83
C ARG Q 292 -70.09 42.48 -116.53
N CYS Q 293 -69.43 43.01 -117.55
CA CYS Q 293 -68.33 42.33 -118.21
C CYS Q 293 -66.97 42.72 -117.63
N ARG Q 294 -66.94 43.64 -116.66
CA ARG Q 294 -65.69 44.01 -116.04
C ARG Q 294 -65.12 42.85 -115.24
N LEU Q 295 -63.83 42.60 -115.40
CA LEU Q 295 -63.14 41.50 -114.73
C LEU Q 295 -62.14 42.06 -113.72
N PHE Q 296 -62.27 41.61 -112.48
CA PHE Q 296 -61.39 42.05 -111.40
C PHE Q 296 -60.23 41.06 -111.31
N VAL Q 297 -59.02 41.53 -111.61
CA VAL Q 297 -57.84 40.68 -111.66
C VAL Q 297 -57.00 40.95 -110.42
N GLY Q 298 -56.57 39.87 -109.76
CA GLY Q 298 -55.81 39.96 -108.53
C GLY Q 298 -54.46 39.26 -108.65
N ASN Q 299 -53.58 39.60 -107.71
CA ASN Q 299 -52.23 39.03 -107.63
C ASN Q 299 -51.46 39.21 -108.93
N LEU Q 300 -51.65 40.35 -109.59
CA LEU Q 300 -50.82 40.67 -110.76
C LEU Q 300 -49.44 41.11 -110.29
N PRO Q 301 -48.36 40.62 -110.90
CA PRO Q 301 -47.02 41.03 -110.49
C PRO Q 301 -46.82 42.53 -110.73
N ALA Q 302 -45.95 43.12 -109.89
CA ALA Q 302 -45.64 44.54 -110.04
C ALA Q 302 -44.96 44.82 -111.36
N ASP Q 303 -44.08 43.91 -111.80
CA ASP Q 303 -43.33 44.08 -113.05
C ASP Q 303 -44.16 43.53 -114.20
N ILE Q 304 -45.17 44.31 -114.59
CA ILE Q 304 -46.03 43.97 -115.72
C ILE Q 304 -46.22 45.21 -116.59
N THR Q 305 -46.74 44.99 -117.79
CA THR Q 305 -47.04 46.06 -118.73
C THR Q 305 -48.45 45.86 -119.29
N GLU Q 306 -48.86 46.78 -120.16
CA GLU Q 306 -50.20 46.74 -120.71
C GLU Q 306 -50.34 45.69 -121.81
N ASP Q 307 -49.27 45.48 -122.60
CA ASP Q 307 -49.37 44.57 -123.75
C ASP Q 307 -49.56 43.13 -123.32
N GLU Q 308 -48.81 42.68 -122.31
CA GLU Q 308 -48.93 41.31 -121.82
C GLU Q 308 -50.29 41.08 -121.19
N PHE Q 309 -50.80 42.07 -120.46
CA PHE Q 309 -52.14 41.98 -119.89
C PHE Q 309 -53.20 41.89 -120.99
N LYS Q 310 -53.01 42.64 -122.07
CA LYS Q 310 -53.90 42.51 -123.23
C LYS Q 310 -53.83 41.12 -123.84
N ARG Q 311 -52.61 40.57 -123.95
CA ARG Q 311 -52.43 39.25 -124.54
C ARG Q 311 -53.04 38.15 -123.68
N LEU Q 312 -53.15 38.37 -122.37
CA LEU Q 312 -53.88 37.40 -121.54
C LEU Q 312 -55.31 37.23 -122.00
N PHE Q 313 -55.99 38.34 -122.28
CA PHE Q 313 -57.39 38.33 -122.66
C PHE Q 313 -57.59 38.45 -124.17
N ALA Q 314 -56.50 38.46 -124.94
CA ALA Q 314 -56.61 38.53 -126.39
C ALA Q 314 -57.20 37.25 -126.99
N LYS Q 315 -57.10 36.12 -126.29
CA LYS Q 315 -57.75 34.90 -126.75
C LYS Q 315 -59.27 35.04 -126.72
N TYR Q 316 -59.80 35.99 -125.95
CA TYR Q 316 -61.23 36.21 -125.81
C TYR Q 316 -61.69 37.43 -126.59
N GLY Q 317 -61.11 37.69 -127.75
CA GLY Q 317 -61.48 38.84 -128.55
C GLY Q 317 -60.62 40.06 -128.26
N GLU Q 318 -61.17 41.22 -128.61
CA GLU Q 318 -60.47 42.48 -128.41
C GLU Q 318 -60.88 43.09 -127.07
N PRO Q 319 -59.98 43.18 -126.10
CA PRO Q 319 -60.31 43.84 -124.83
C PRO Q 319 -60.41 45.35 -125.00
N GLY Q 320 -61.17 45.96 -124.10
CA GLY Q 320 -61.37 47.39 -124.12
C GLY Q 320 -60.73 48.12 -122.96
N GLU Q 321 -61.54 48.46 -121.95
CA GLU Q 321 -61.07 49.20 -120.79
C GLU Q 321 -60.01 48.40 -120.04
N VAL Q 322 -58.84 49.02 -119.86
CA VAL Q 322 -57.74 48.42 -119.12
C VAL Q 322 -57.23 49.45 -118.11
N PHE Q 323 -57.10 49.06 -116.85
CA PHE Q 323 -56.61 49.91 -115.78
C PHE Q 323 -55.72 49.08 -114.88
N ILE Q 324 -54.42 49.40 -114.87
CA ILE Q 324 -53.41 48.63 -114.15
C ILE Q 324 -52.88 49.49 -113.01
N ASN Q 325 -52.90 48.94 -111.80
CA ASN Q 325 -52.33 49.58 -110.62
C ASN Q 325 -51.08 48.79 -110.24
N LYS Q 326 -49.92 49.30 -110.65
CA LYS Q 326 -48.67 48.57 -110.40
C LYS Q 326 -48.30 48.55 -108.93
N GLY Q 327 -48.64 49.62 -108.19
CA GLY Q 327 -48.30 49.65 -106.78
C GLY Q 327 -48.99 48.56 -105.99
N LYS Q 328 -50.28 48.37 -106.23
CA LYS Q 328 -51.05 47.33 -105.56
C LYS Q 328 -51.05 46.01 -106.32
N GLY Q 329 -50.65 46.01 -107.59
CA GLY Q 329 -50.61 44.79 -108.38
C GLY Q 329 -51.96 44.18 -108.66
N PHE Q 330 -52.96 45.02 -108.95
CA PHE Q 330 -54.29 44.57 -109.30
C PHE Q 330 -54.72 45.26 -110.60
N GLY Q 331 -55.58 44.58 -111.35
CA GLY Q 331 -56.00 45.09 -112.65
C GLY Q 331 -57.45 44.82 -112.94
N PHE Q 332 -57.97 45.56 -113.92
CA PHE Q 332 -59.35 45.43 -114.37
C PHE Q 332 -59.38 45.36 -115.90
N ILE Q 333 -60.40 44.70 -116.43
CA ILE Q 333 -60.55 44.57 -117.87
C ILE Q 333 -62.00 44.24 -118.17
N LYS Q 334 -62.50 44.77 -119.29
CA LYS Q 334 -63.88 44.56 -119.72
C LYS Q 334 -63.91 43.67 -120.95
N LEU Q 335 -64.80 42.68 -120.95
CA LEU Q 335 -64.91 41.71 -122.03
C LEU Q 335 -66.17 41.97 -122.84
N GLU Q 336 -66.34 41.17 -123.91
CA GLU Q 336 -67.41 41.41 -124.87
C GLU Q 336 -68.78 41.07 -124.28
N SER Q 337 -68.92 39.90 -123.68
CA SER Q 337 -70.23 39.40 -123.28
C SER Q 337 -70.11 38.62 -121.98
N ARG Q 338 -71.28 38.30 -121.42
CA ARG Q 338 -71.32 37.54 -120.17
C ARG Q 338 -70.73 36.14 -120.35
N ALA Q 339 -71.02 35.49 -121.46
CA ALA Q 339 -70.48 34.15 -121.69
C ALA Q 339 -68.96 34.18 -121.80
N LEU Q 340 -68.43 35.16 -122.54
CA LEU Q 340 -66.99 35.28 -122.68
C LEU Q 340 -66.33 35.60 -121.34
N ALA Q 341 -66.94 36.50 -120.56
CA ALA Q 341 -66.40 36.80 -119.23
C ALA Q 341 -66.42 35.57 -118.34
N GLU Q 342 -67.50 34.80 -118.38
CA GLU Q 342 -67.62 33.61 -117.54
C GLU Q 342 -66.59 32.55 -117.93
N ILE Q 343 -66.39 32.32 -119.23
CA ILE Q 343 -65.41 31.32 -119.65
C ILE Q 343 -64.01 31.80 -119.32
N ALA Q 344 -63.75 33.10 -119.43
CA ALA Q 344 -62.46 33.64 -119.00
C ALA Q 344 -62.25 33.41 -117.51
N LYS Q 345 -63.29 33.62 -116.70
CA LYS Q 345 -63.20 33.35 -115.27
C LYS Q 345 -62.90 31.88 -115.01
N ALA Q 346 -63.59 30.99 -115.71
CA ALA Q 346 -63.42 29.56 -115.47
C ALA Q 346 -62.10 29.03 -116.00
N GLU Q 347 -61.49 29.71 -116.98
CA GLU Q 347 -60.24 29.23 -117.56
C GLU Q 347 -59.01 29.82 -116.89
N LEU Q 348 -59.01 31.13 -116.63
CA LEU Q 348 -57.83 31.82 -116.14
C LEU Q 348 -57.70 31.82 -114.62
N ASP Q 349 -58.70 31.33 -113.90
CA ASP Q 349 -58.61 31.30 -112.44
C ASP Q 349 -57.64 30.20 -111.99
N ASP Q 350 -56.96 30.47 -110.88
CA ASP Q 350 -56.01 29.53 -110.28
C ASP Q 350 -54.95 29.07 -111.29
N THR Q 351 -54.43 30.02 -112.07
CA THR Q 351 -53.41 29.72 -113.06
C THR Q 351 -52.11 30.44 -112.70
N PRO Q 352 -50.98 29.73 -112.71
CA PRO Q 352 -49.71 30.38 -112.35
C PRO Q 352 -49.31 31.45 -113.37
N MET Q 353 -48.61 32.47 -112.87
CA MET Q 353 -48.09 33.53 -113.72
C MET Q 353 -46.78 34.02 -113.11
N ARG Q 354 -45.66 33.51 -113.62
CA ARG Q 354 -44.33 33.86 -113.13
C ARG Q 354 -44.21 33.61 -111.63
N GLY Q 355 -44.68 32.46 -111.18
CA GLY Q 355 -44.60 32.07 -109.79
C GLY Q 355 -45.74 32.58 -108.91
N ARG Q 356 -46.72 33.27 -109.47
CA ARG Q 356 -47.84 33.81 -108.72
C ARG Q 356 -49.14 33.31 -109.34
N GLN Q 357 -50.04 32.79 -108.50
CA GLN Q 357 -51.33 32.32 -108.98
C GLN Q 357 -52.21 33.52 -109.35
N LEU Q 358 -52.79 33.48 -110.55
CA LEU Q 358 -53.66 34.55 -110.97
C LEU Q 358 -55.00 34.48 -110.25
N ARG Q 359 -55.51 35.65 -109.84
CA ARG Q 359 -56.80 35.76 -109.18
C ARG Q 359 -57.72 36.58 -110.07
N VAL Q 360 -58.87 36.01 -110.43
CA VAL Q 360 -59.91 36.72 -111.16
C VAL Q 360 -61.23 36.55 -110.43
N ARG Q 361 -61.94 37.66 -110.23
CA ARG Q 361 -63.22 37.65 -109.54
C ARG Q 361 -64.08 38.75 -110.17
N PHE Q 362 -65.35 38.82 -109.76
CA PHE Q 362 -66.31 39.75 -110.34
C PHE Q 362 -66.13 41.14 -109.74
N ALA Q 363 -66.17 42.15 -110.59
CA ALA Q 363 -66.06 43.54 -110.15
C ALA Q 363 -67.41 44.04 -109.66
N THR Q 364 -67.40 44.75 -108.53
CA THR Q 364 -68.64 45.24 -107.94
C THR Q 364 -69.28 46.30 -108.83
N HIS Q 365 -70.61 46.23 -108.95
CA HIS Q 365 -71.37 47.19 -109.74
C HIS Q 365 -71.67 48.42 -108.88
N ALA Q 366 -71.02 49.53 -109.19
CA ALA Q 366 -71.19 50.74 -108.39
C ALA Q 366 -72.59 51.33 -108.57
N ALA Q 367 -73.05 51.44 -109.81
CA ALA Q 367 -74.34 52.06 -110.11
C ALA Q 367 -75.44 51.00 -110.07
N ALA Q 368 -75.78 50.60 -108.86
CA ALA Q 368 -76.85 49.64 -108.61
C ALA Q 368 -77.83 50.20 -107.59
N LEU Q 369 -79.11 50.03 -107.86
CA LEU Q 369 -80.17 50.54 -107.00
C LEU Q 369 -81.17 49.44 -106.71
N SER Q 370 -81.66 49.41 -105.48
CA SER Q 370 -82.61 48.40 -105.04
C SER Q 370 -84.03 48.96 -105.16
N VAL Q 371 -84.87 48.29 -105.95
CA VAL Q 371 -86.25 48.69 -106.16
C VAL Q 371 -87.16 47.57 -105.64
N ARG Q 372 -88.14 47.96 -104.84
CA ARG Q 372 -89.07 46.99 -104.26
C ARG Q 372 -90.51 47.46 -104.44
N ASN Q 373 -91.46 46.77 -103.82
CA ASN Q 373 -92.88 47.07 -103.95
C ASN Q 373 -93.35 46.97 -105.39
N LEU Q 374 -92.68 46.13 -106.17
CA LEU Q 374 -93.04 45.95 -107.57
C LEU Q 374 -94.33 45.15 -107.69
N SER Q 375 -95.13 45.50 -108.69
CA SER Q 375 -96.35 44.75 -108.97
C SER Q 375 -95.98 43.37 -109.50
N PRO Q 376 -96.79 42.35 -109.19
CA PRO Q 376 -96.46 40.98 -109.65
C PRO Q 376 -96.53 40.81 -111.16
N TYR Q 377 -96.96 41.82 -111.92
CA TYR Q 377 -97.08 41.72 -113.37
C TYR Q 377 -96.03 42.54 -114.12
N VAL Q 378 -95.01 43.03 -113.43
CA VAL Q 378 -94.04 43.93 -114.04
C VAL Q 378 -92.79 43.14 -114.42
N SER Q 379 -92.34 43.32 -115.66
CA SER Q 379 -91.25 42.55 -116.23
C SER Q 379 -89.96 43.36 -116.22
N ASN Q 380 -88.87 42.67 -116.58
CA ASN Q 380 -87.55 43.31 -116.61
C ASN Q 380 -87.50 44.44 -117.63
N GLU Q 381 -88.06 44.23 -118.82
CA GLU Q 381 -88.07 45.28 -119.82
C GLU Q 381 -88.86 46.49 -119.36
N LEU Q 382 -89.89 46.27 -118.54
CA LEU Q 382 -90.62 47.41 -117.97
C LEU Q 382 -89.72 48.24 -117.06
N LEU Q 383 -88.90 47.58 -116.23
CA LEU Q 383 -87.94 48.31 -115.42
C LEU Q 383 -86.95 49.06 -116.31
N GLU Q 384 -86.47 48.42 -117.36
CA GLU Q 384 -85.51 49.06 -118.25
C GLU Q 384 -86.10 50.32 -118.89
N GLU Q 385 -87.35 50.23 -119.36
CA GLU Q 385 -87.98 51.39 -120.00
C GLU Q 385 -88.29 52.48 -118.98
N ALA Q 386 -88.82 52.11 -117.81
CA ALA Q 386 -89.20 53.10 -116.81
C ALA Q 386 -87.98 53.85 -116.28
N PHE Q 387 -86.87 53.14 -116.05
CA PHE Q 387 -85.66 53.75 -115.52
C PHE Q 387 -84.70 54.21 -116.60
N SER Q 388 -85.04 54.04 -117.88
CA SER Q 388 -84.21 54.58 -118.94
C SER Q 388 -84.28 56.10 -119.01
N GLN Q 389 -85.37 56.70 -118.52
CA GLN Q 389 -85.52 58.14 -118.56
C GLN Q 389 -84.45 58.85 -117.73
N PHE Q 390 -83.98 58.20 -116.67
CA PHE Q 390 -82.97 58.78 -115.79
C PHE Q 390 -81.55 58.43 -116.18
N GLY Q 391 -81.37 57.61 -117.21
CA GLY Q 391 -80.04 57.22 -117.66
C GLY Q 391 -80.03 55.85 -118.31
N PRO Q 392 -78.90 55.49 -118.90
CA PRO Q 392 -78.79 54.16 -119.54
C PRO Q 392 -78.93 53.04 -118.53
N ILE Q 393 -79.52 51.93 -118.98
CA ILE Q 393 -79.75 50.75 -118.17
C ILE Q 393 -78.99 49.59 -118.77
N GLU Q 394 -78.15 48.94 -117.96
CA GLU Q 394 -77.39 47.79 -118.40
C GLU Q 394 -78.12 46.47 -118.12
N ARG Q 395 -78.66 46.32 -116.91
CA ARG Q 395 -79.44 45.15 -116.56
C ARG Q 395 -80.39 45.52 -115.42
N ALA Q 396 -81.66 45.19 -115.60
CA ALA Q 396 -82.68 45.46 -114.59
C ALA Q 396 -83.60 44.24 -114.52
N VAL Q 397 -83.50 43.47 -113.44
CA VAL Q 397 -84.27 42.24 -113.27
C VAL Q 397 -85.06 42.31 -111.97
N VAL Q 398 -85.97 41.37 -111.81
CA VAL Q 398 -86.85 41.29 -110.65
C VAL Q 398 -86.55 40.00 -109.91
N ILE Q 399 -86.37 40.10 -108.59
CA ILE Q 399 -86.06 38.94 -107.77
C ILE Q 399 -87.27 38.01 -107.72
N VAL Q 400 -87.04 36.73 -108.01
CA VAL Q 400 -88.10 35.73 -107.97
C VAL Q 400 -87.61 34.53 -107.17
N ASP Q 401 -88.55 33.73 -106.71
CA ASP Q 401 -88.26 32.56 -105.89
C ASP Q 401 -88.00 31.35 -106.78
N ASP Q 402 -87.97 30.16 -106.18
CA ASP Q 402 -87.71 28.94 -106.94
C ASP Q 402 -88.80 28.69 -107.97
N ARG Q 403 -90.07 28.90 -107.60
CA ARG Q 403 -91.17 28.71 -108.54
C ARG Q 403 -91.18 29.77 -109.63
N GLY Q 404 -90.41 30.86 -109.47
CA GLY Q 404 -90.40 31.93 -110.43
C GLY Q 404 -91.34 33.07 -110.12
N ARG Q 405 -92.14 32.97 -109.06
CA ARG Q 405 -93.04 34.05 -108.69
C ARG Q 405 -92.26 35.24 -108.16
N SER Q 406 -92.70 36.44 -108.53
CA SER Q 406 -92.01 37.66 -108.14
C SER Q 406 -92.15 37.90 -106.64
N THR Q 407 -91.08 38.39 -106.02
CA THR Q 407 -91.08 38.77 -104.63
C THR Q 407 -91.46 40.23 -104.40
N GLY Q 408 -91.80 40.96 -105.47
CA GLY Q 408 -92.09 42.36 -105.35
C GLY Q 408 -90.88 43.25 -105.27
N LYS Q 409 -89.68 42.70 -105.41
CA LYS Q 409 -88.44 43.46 -105.33
C LYS Q 409 -87.56 43.12 -106.53
N GLY Q 410 -86.79 44.11 -106.97
CA GLY Q 410 -85.90 43.94 -108.10
C GLY Q 410 -84.64 44.74 -107.92
N ILE Q 411 -83.77 44.67 -108.92
CA ILE Q 411 -82.51 45.41 -108.92
C ILE Q 411 -82.33 46.06 -110.29
N VAL Q 412 -81.90 47.32 -110.28
CA VAL Q 412 -81.60 48.06 -111.50
C VAL Q 412 -80.13 48.46 -111.46
N GLU Q 413 -79.41 48.17 -112.54
CA GLU Q 413 -77.97 48.44 -112.63
C GLU Q 413 -77.75 49.47 -113.73
N PHE Q 414 -77.66 50.74 -113.33
CA PHE Q 414 -77.41 51.81 -114.28
C PHE Q 414 -75.99 51.72 -114.82
N ALA Q 415 -75.79 52.25 -116.03
CA ALA Q 415 -74.47 52.25 -116.64
C ALA Q 415 -73.54 53.25 -115.95
N SER Q 416 -74.09 54.39 -115.51
CA SER Q 416 -73.31 55.44 -114.89
C SER Q 416 -73.86 55.76 -113.51
N LYS Q 417 -72.95 55.98 -112.56
CA LYS Q 417 -73.36 56.33 -111.20
C LYS Q 417 -74.18 57.62 -111.11
N PRO Q 418 -73.85 58.71 -111.80
CA PRO Q 418 -74.71 59.90 -111.73
C PRO Q 418 -76.14 59.62 -112.16
N ALA Q 419 -76.35 58.77 -113.18
CA ALA Q 419 -77.70 58.40 -113.56
C ALA Q 419 -78.40 57.65 -112.44
N ALA Q 420 -77.68 56.74 -111.78
CA ALA Q 420 -78.27 56.00 -110.67
C ALA Q 420 -78.67 56.92 -109.52
N ARG Q 421 -77.80 57.86 -109.16
CA ARG Q 421 -78.11 58.75 -108.04
C ARG Q 421 -79.25 59.71 -108.39
N LYS Q 422 -79.29 60.20 -109.64
CA LYS Q 422 -80.38 61.08 -110.01
C LYS Q 422 -81.71 60.33 -110.07
N ALA Q 423 -81.68 59.07 -110.50
CA ALA Q 423 -82.87 58.23 -110.44
C ALA Q 423 -83.32 58.03 -109.00
N PHE Q 424 -82.38 57.74 -108.11
CA PHE Q 424 -82.71 57.52 -106.70
C PHE Q 424 -83.34 58.77 -106.11
N GLU Q 425 -82.77 59.94 -106.38
CA GLU Q 425 -83.34 61.18 -105.87
C GLU Q 425 -84.73 61.42 -106.45
N ARG Q 426 -84.85 61.39 -107.79
CA ARG Q 426 -86.11 61.71 -108.43
C ARG Q 426 -87.22 60.77 -107.99
N CYS Q 427 -86.88 59.53 -107.64
CA CYS Q 427 -87.87 58.65 -107.03
C CYS Q 427 -88.01 58.87 -105.53
N SER Q 428 -87.06 59.57 -104.90
CA SER Q 428 -87.16 59.84 -103.47
C SER Q 428 -88.11 61.01 -103.19
N GLU Q 429 -87.77 62.21 -103.68
CA GLU Q 429 -88.71 63.31 -103.48
C GLU Q 429 -89.91 63.22 -104.41
N GLY Q 430 -89.71 62.73 -105.63
CA GLY Q 430 -90.83 62.48 -106.52
C GLY Q 430 -91.48 61.14 -106.26
N VAL Q 431 -92.60 60.91 -106.93
CA VAL Q 431 -93.35 59.66 -106.83
C VAL Q 431 -93.33 59.00 -108.20
N PHE Q 432 -92.74 57.82 -108.28
CA PHE Q 432 -92.71 57.05 -109.51
C PHE Q 432 -93.73 55.92 -109.42
N LEU Q 433 -94.45 55.70 -110.52
CA LEU Q 433 -95.50 54.69 -110.59
C LEU Q 433 -95.27 53.80 -111.81
N LEU Q 434 -95.61 52.53 -111.68
CA LEU Q 434 -95.48 51.58 -112.78
C LEU Q 434 -96.77 50.84 -113.12
N THR Q 435 -97.81 50.94 -112.30
CA THR Q 435 -99.02 50.15 -112.46
C THR Q 435 -100.23 51.02 -112.23
N THR Q 436 -101.37 50.60 -112.78
CA THR Q 436 -102.60 51.37 -112.62
C THR Q 436 -102.97 51.51 -111.13
N THR Q 437 -102.82 50.43 -110.37
CA THR Q 437 -102.95 50.56 -108.93
C THR Q 437 -101.83 51.42 -108.38
N PRO Q 438 -102.13 52.50 -107.69
CA PRO Q 438 -101.07 53.42 -107.25
C PRO Q 438 -100.19 52.83 -106.15
N ARG Q 439 -99.22 52.01 -106.56
CA ARG Q 439 -98.22 51.42 -105.67
C ARG Q 439 -96.86 52.02 -106.02
N PRO Q 440 -96.44 53.10 -105.35
CA PRO Q 440 -95.12 53.66 -105.66
C PRO Q 440 -94.00 52.69 -105.33
N VAL Q 441 -92.96 52.72 -106.15
CA VAL Q 441 -91.81 51.84 -106.00
C VAL Q 441 -90.75 52.60 -105.20
N ILE Q 442 -90.30 52.01 -104.10
CA ILE Q 442 -89.34 52.65 -103.22
C ILE Q 442 -87.94 52.22 -103.61
N VAL Q 443 -87.03 53.18 -103.71
CA VAL Q 443 -85.68 52.96 -104.20
C VAL Q 443 -84.71 53.10 -103.04
N GLU Q 444 -83.77 52.16 -102.94
CA GLU Q 444 -82.68 52.21 -101.98
C GLU Q 444 -81.39 51.84 -102.70
N PRO Q 445 -80.26 52.38 -102.26
CA PRO Q 445 -78.98 51.92 -102.83
C PRO Q 445 -78.76 50.44 -102.55
N LEU Q 446 -78.22 49.74 -103.54
CA LEU Q 446 -78.00 48.32 -103.40
C LEU Q 446 -76.77 48.03 -102.53
N GLU Q 447 -76.84 46.93 -101.79
CA GLU Q 447 -75.77 46.51 -100.90
C GLU Q 447 -75.02 45.34 -101.54
N GLN Q 448 -73.69 45.41 -101.53
CA GLN Q 448 -72.85 44.42 -102.17
C GLN Q 448 -72.44 43.38 -101.13
N LEU Q 449 -72.77 42.11 -101.40
CA LEU Q 449 -72.44 41.00 -100.52
C LEU Q 449 -71.71 39.94 -101.33
N ASP Q 450 -70.51 39.57 -100.88
CA ASP Q 450 -69.74 38.53 -101.56
C ASP Q 450 -70.37 37.18 -101.28
N ASP Q 451 -70.54 36.38 -102.34
CA ASP Q 451 -71.20 35.08 -102.24
C ASP Q 451 -70.26 33.92 -102.51
N GLU Q 452 -69.58 33.91 -103.66
CA GLU Q 452 -68.71 32.79 -104.00
C GLU Q 452 -67.44 32.75 -103.16
N ASP Q 453 -67.04 33.87 -102.58
CA ASP Q 453 -65.84 33.95 -101.75
C ASP Q 453 -66.22 34.41 -100.35
N GLY Q 454 -65.74 33.69 -99.34
CA GLY Q 454 -65.99 34.00 -97.95
C GLY Q 454 -64.89 34.82 -97.33
N LEU Q 455 -64.74 34.69 -96.02
CA LEU Q 455 -63.72 35.43 -95.29
C LEU Q 455 -62.42 34.63 -95.24
N PRO Q 456 -61.32 35.16 -95.76
CA PRO Q 456 -60.07 34.39 -95.78
C PRO Q 456 -59.55 34.10 -94.37
N GLU Q 457 -59.00 32.90 -94.20
CA GLU Q 457 -58.58 32.46 -92.88
C GLU Q 457 -57.32 33.19 -92.42
N LYS Q 458 -56.41 33.51 -93.35
CA LYS Q 458 -55.22 34.28 -92.99
C LYS Q 458 -55.61 35.65 -92.44
N LEU Q 459 -56.63 36.28 -93.04
CA LEU Q 459 -57.17 37.51 -92.48
C LEU Q 459 -57.80 37.26 -91.11
N ALA Q 460 -58.48 36.13 -90.95
CA ALA Q 460 -59.06 35.78 -89.65
C ALA Q 460 -57.99 35.52 -88.62
N GLN Q 461 -56.89 34.87 -89.02
CA GLN Q 461 -55.80 34.59 -88.09
C GLN Q 461 -54.99 35.83 -87.73
N LYS Q 462 -55.23 36.95 -88.42
CA LYS Q 462 -54.53 38.18 -88.07
C LYS Q 462 -54.90 38.63 -86.66
N ASN Q 463 -56.16 38.48 -86.27
CA ASN Q 463 -56.58 38.85 -84.93
C ASN Q 463 -55.89 37.96 -83.90
N PRO Q 464 -55.28 38.54 -82.86
CA PRO Q 464 -54.55 37.71 -81.90
C PRO Q 464 -55.42 36.69 -81.18
N MET Q 465 -56.69 36.99 -80.96
CA MET Q 465 -57.56 36.13 -80.17
C MET Q 465 -58.28 35.08 -80.99
N TYR Q 466 -58.09 35.04 -82.32
CA TYR Q 466 -58.79 34.05 -83.13
C TYR Q 466 -58.37 32.63 -82.76
N GLN Q 467 -57.07 32.42 -82.56
CA GLN Q 467 -56.60 31.08 -82.20
C GLN Q 467 -56.91 30.74 -80.75
N LYS Q 468 -56.83 31.72 -79.86
CA LYS Q 468 -57.26 31.51 -78.48
C LYS Q 468 -58.75 31.25 -78.39
N GLU Q 469 -59.50 31.65 -79.40
CA GLU Q 469 -60.93 31.40 -79.51
C GLU Q 469 -61.22 30.06 -80.18
N ARG Q 470 -60.35 29.64 -81.10
CA ARG Q 470 -60.51 28.43 -81.90
C ARG Q 470 -60.16 27.15 -81.15
N GLU Q 471 -59.47 27.24 -80.01
CA GLU Q 471 -58.89 26.06 -79.39
C GLU Q 471 -59.94 25.02 -79.00
N THR Q 472 -61.18 25.45 -78.80
CA THR Q 472 -62.27 24.51 -78.52
C THR Q 472 -62.98 24.14 -79.81
N PRO Q 473 -63.04 22.87 -80.18
CA PRO Q 473 -63.70 22.48 -81.43
C PRO Q 473 -65.19 22.69 -81.34
N PRO Q 474 -65.88 22.81 -82.48
CA PRO Q 474 -67.34 22.89 -82.47
C PRO Q 474 -67.94 21.65 -81.82
N ARG Q 475 -69.02 21.86 -81.07
CA ARG Q 475 -69.62 20.78 -80.30
C ARG Q 475 -71.09 21.11 -80.02
N PHE Q 476 -71.81 20.11 -79.54
CA PHE Q 476 -73.21 20.25 -79.16
C PHE Q 476 -73.38 20.60 -77.69
N ALA Q 477 -72.28 20.76 -76.95
CA ALA Q 477 -72.29 20.91 -75.50
C ALA Q 477 -72.89 19.69 -74.83
N GLN Q 478 -72.83 19.67 -73.50
CA GLN Q 478 -73.36 18.52 -72.73
C GLN Q 478 -74.47 19.03 -71.80
N HIS Q 479 -75.36 18.12 -71.37
CA HIS Q 479 -76.46 18.50 -70.49
C HIS Q 479 -75.94 18.91 -69.11
N GLY Q 480 -76.32 20.11 -68.68
CA GLY Q 480 -76.02 20.60 -67.35
C GLY Q 480 -74.89 21.60 -67.27
N THR Q 481 -74.10 21.75 -68.34
CA THR Q 481 -72.98 22.68 -68.29
C THR Q 481 -73.47 24.11 -68.44
N PHE Q 482 -72.57 25.05 -68.10
CA PHE Q 482 -72.89 26.47 -68.23
C PHE Q 482 -73.21 26.84 -69.67
N GLU Q 483 -72.45 26.29 -70.62
CA GLU Q 483 -72.72 26.55 -72.03
C GLU Q 483 -74.12 26.12 -72.41
N TYR Q 484 -74.61 25.01 -71.82
CA TYR Q 484 -75.92 24.50 -72.20
C TYR Q 484 -77.03 25.47 -71.81
N GLU Q 485 -77.03 25.92 -70.56
CA GLU Q 485 -78.09 26.84 -70.13
C GLU Q 485 -77.95 28.21 -70.79
N TYR Q 486 -76.71 28.67 -70.99
CA TYR Q 486 -76.50 29.94 -71.66
C TYR Q 486 -76.98 29.89 -73.11
N SER Q 487 -76.74 28.76 -73.78
CA SER Q 487 -77.25 28.55 -75.12
C SER Q 487 -78.76 28.44 -75.14
N GLN Q 488 -79.35 27.88 -74.07
CA GLN Q 488 -80.80 27.87 -73.96
C GLN Q 488 -81.35 29.30 -73.88
N ARG Q 489 -80.67 30.16 -73.11
CA ARG Q 489 -81.05 31.57 -73.06
C ARG Q 489 -80.97 32.21 -74.45
N TRP Q 490 -79.87 31.94 -75.16
CA TRP Q 490 -79.72 32.47 -76.51
C TRP Q 490 -80.82 31.98 -77.44
N LYS Q 491 -81.18 30.70 -77.33
CA LYS Q 491 -82.23 30.13 -78.17
C LYS Q 491 -83.57 30.77 -77.86
N SER Q 492 -83.84 31.03 -76.58
CA SER Q 492 -85.07 31.74 -76.21
C SER Q 492 -85.09 33.14 -76.81
N LEU Q 493 -83.96 33.83 -76.76
CA LEU Q 493 -83.88 35.16 -77.38
C LEU Q 493 -84.15 35.10 -78.87
N ASP Q 494 -83.55 34.10 -79.54
CA ASP Q 494 -83.76 33.96 -80.98
C ASP Q 494 -85.22 33.64 -81.30
N GLU Q 495 -85.86 32.80 -80.49
CA GLU Q 495 -87.27 32.49 -80.70
C GLU Q 495 -88.13 33.74 -80.52
N MET Q 496 -87.81 34.55 -79.52
CA MET Q 496 -88.55 35.80 -79.32
C MET Q 496 -88.37 36.74 -80.51
N GLU Q 497 -87.14 36.84 -81.02
CA GLU Q 497 -86.89 37.67 -82.20
C GLU Q 497 -87.68 37.17 -83.40
N LYS Q 498 -87.70 35.85 -83.59
CA LYS Q 498 -88.45 35.28 -84.70
C LYS Q 498 -89.95 35.58 -84.56
N GLN Q 499 -90.47 35.48 -83.33
CA GLN Q 499 -91.87 35.81 -83.11
C GLN Q 499 -92.16 37.28 -83.41
N GLN Q 500 -91.24 38.17 -83.03
CA GLN Q 500 -91.42 39.58 -83.36
C GLN Q 500 -91.43 39.82 -84.86
N ARG Q 501 -90.51 39.15 -85.59
CA ARG Q 501 -90.51 39.29 -87.04
C ARG Q 501 -91.80 38.75 -87.64
N GLU Q 502 -92.29 37.63 -87.13
CA GLU Q 502 -93.54 37.06 -87.66
C GLU Q 502 -94.72 37.97 -87.40
N GLN Q 503 -94.78 38.59 -86.22
CA GLN Q 503 -95.91 39.48 -85.93
C GLN Q 503 -95.81 40.76 -86.76
N VAL Q 504 -94.59 41.25 -87.00
CA VAL Q 504 -94.43 42.36 -87.94
C VAL Q 504 -94.93 41.97 -89.32
N GLU Q 505 -94.57 40.78 -89.78
CA GLU Q 505 -94.97 40.34 -91.12
C GLU Q 505 -96.49 40.22 -91.23
N LYS Q 506 -97.14 39.64 -90.21
CA LYS Q 506 -98.59 39.49 -90.28
C LYS Q 506 -99.29 40.84 -90.17
N ASN Q 507 -98.71 41.75 -89.38
CA ASN Q 507 -99.28 43.12 -89.29
C ASN Q 507 -99.19 43.77 -90.67
N MET Q 508 -98.04 43.62 -91.34
CA MET Q 508 -97.86 44.22 -92.66
C MET Q 508 -98.80 43.62 -93.68
N LYS Q 509 -98.98 42.29 -93.68
CA LYS Q 509 -99.88 41.68 -94.65
C LYS Q 509 -101.33 42.10 -94.40
N ASP Q 510 -101.72 42.22 -93.13
CA ASP Q 510 -103.07 42.70 -92.82
C ASP Q 510 -103.25 44.13 -93.27
N ALA Q 511 -102.23 44.98 -93.05
CA ALA Q 511 -102.32 46.36 -93.52
C ALA Q 511 -102.44 46.43 -95.03
N LYS Q 512 -101.64 45.62 -95.75
CA LYS Q 512 -101.73 45.61 -97.21
C LYS Q 512 -103.10 45.13 -97.68
N ASP Q 513 -103.65 44.11 -97.04
CA ASP Q 513 -104.97 43.61 -97.44
C ASP Q 513 -106.05 44.65 -97.19
N LYS Q 514 -106.07 45.25 -96.00
CA LYS Q 514 -107.09 46.24 -95.71
C LYS Q 514 -106.92 47.48 -96.59
N LEU Q 515 -105.69 47.79 -97.00
CA LEU Q 515 -105.46 48.90 -97.91
C LEU Q 515 -105.99 48.59 -99.29
N GLU Q 516 -105.66 47.41 -99.82
CA GLU Q 516 -106.13 47.02 -101.13
C GLU Q 516 -107.65 46.94 -101.18
N SER Q 517 -108.28 46.61 -100.04
CA SER Q 517 -109.74 46.56 -99.98
C SER Q 517 -110.40 47.91 -100.24
N GLU Q 518 -109.84 48.99 -99.70
CA GLU Q 518 -110.51 50.31 -99.69
C GLU Q 518 -109.94 51.20 -100.79
N MET Q 519 -109.97 50.70 -102.03
CA MET Q 519 -109.50 51.44 -103.19
C MET Q 519 -110.62 52.05 -104.03
N GLU Q 520 -111.64 51.28 -104.39
CA GLU Q 520 -112.73 51.85 -105.16
C GLU Q 520 -113.44 52.94 -104.38
N ASP Q 521 -113.49 52.79 -103.05
CA ASP Q 521 -114.09 53.81 -102.20
C ASP Q 521 -113.34 55.14 -102.30
N ALA Q 522 -112.00 55.09 -102.28
CA ALA Q 522 -111.22 56.32 -102.36
C ALA Q 522 -111.37 56.98 -103.73
N TYR Q 523 -111.40 56.18 -104.80
CA TYR Q 523 -111.63 56.72 -106.14
C TYR Q 523 -112.98 57.42 -106.21
N HIS Q 524 -114.03 56.76 -105.70
CA HIS Q 524 -115.36 57.36 -105.72
C HIS Q 524 -115.41 58.62 -104.89
N GLU Q 525 -114.76 58.62 -103.73
CA GLU Q 525 -114.75 59.80 -102.87
C GLU Q 525 -114.07 60.98 -103.56
N HIS Q 526 -112.92 60.73 -104.20
CA HIS Q 526 -112.22 61.81 -104.89
C HIS Q 526 -113.06 62.34 -106.06
N GLN Q 527 -113.67 61.45 -106.83
CA GLN Q 527 -114.50 61.89 -107.94
C GLN Q 527 -115.68 62.71 -107.45
N ALA Q 528 -116.34 62.26 -106.38
CA ALA Q 528 -117.48 62.99 -105.83
C ALA Q 528 -117.06 64.35 -105.30
N ASN Q 529 -115.90 64.41 -104.62
CA ASN Q 529 -115.42 65.68 -104.10
C ASN Q 529 -115.10 66.66 -105.24
N LEU Q 530 -114.46 66.19 -106.30
CA LEU Q 530 -114.17 67.07 -107.43
C LEU Q 530 -115.45 67.56 -108.09
N LEU Q 531 -116.42 66.66 -108.27
CA LEU Q 531 -117.70 67.05 -108.86
C LEU Q 531 -118.43 68.07 -107.98
N ARG Q 532 -118.39 67.86 -106.67
CA ARG Q 532 -119.05 68.80 -105.75
C ARG Q 532 -118.37 70.16 -105.79
N GLN Q 533 -117.04 70.19 -105.85
CA GLN Q 533 -116.33 71.46 -105.93
C GLN Q 533 -116.69 72.20 -107.22
N ASP Q 534 -116.71 71.48 -108.34
CA ASP Q 534 -117.13 72.11 -109.60
C ASP Q 534 -118.55 72.63 -109.51
N LEU Q 535 -119.45 71.84 -108.93
CA LEU Q 535 -120.85 72.25 -108.83
C LEU Q 535 -121.00 73.49 -107.96
N MET Q 536 -120.30 73.56 -106.83
CA MET Q 536 -120.42 74.72 -105.97
C MET Q 536 -119.80 75.96 -106.61
N ARG Q 537 -118.70 75.80 -107.34
CA ARG Q 537 -118.13 76.94 -108.06
C ARG Q 537 -119.10 77.46 -109.11
N ARG Q 538 -119.71 76.54 -109.88
CA ARG Q 538 -120.68 76.96 -110.89
C ARG Q 538 -121.89 77.62 -110.26
N GLN Q 539 -122.34 77.09 -109.11
CA GLN Q 539 -123.48 77.69 -108.42
C GLN Q 539 -123.17 79.09 -107.93
N GLU Q 540 -121.96 79.30 -107.39
CA GLU Q 540 -121.58 80.63 -106.94
C GLU Q 540 -121.52 81.61 -108.11
N GLU Q 541 -120.93 81.18 -109.24
CA GLU Q 541 -120.87 82.05 -110.41
C GLU Q 541 -122.27 82.37 -110.92
N LEU Q 542 -123.15 81.36 -110.95
CA LEU Q 542 -124.52 81.58 -111.40
C LEU Q 542 -125.26 82.54 -110.47
N ARG Q 543 -125.06 82.40 -109.16
CA ARG Q 543 -125.69 83.31 -108.22
C ARG Q 543 -125.21 84.74 -108.41
N ARG Q 544 -123.90 84.92 -108.61
CA ARG Q 544 -123.37 86.26 -108.86
C ARG Q 544 -123.96 86.86 -110.12
N MET Q 545 -123.99 86.09 -111.20
CA MET Q 545 -124.56 86.59 -112.45
C MET Q 545 -126.05 86.89 -112.30
N GLU Q 546 -126.78 86.04 -111.56
CA GLU Q 546 -128.21 86.25 -111.38
C GLU Q 546 -128.50 87.51 -110.56
N GLU Q 547 -127.73 87.75 -109.51
CA GLU Q 547 -127.96 88.96 -108.71
C GLU Q 547 -127.59 90.21 -109.49
N LEU Q 548 -126.50 90.15 -110.28
CA LEU Q 548 -126.18 91.28 -111.14
C LEU Q 548 -127.28 91.54 -112.16
N HIS Q 549 -127.81 90.48 -112.76
CA HIS Q 549 -128.89 90.63 -113.73
C HIS Q 549 -130.15 91.20 -113.06
N SER Q 550 -130.44 90.76 -111.84
CA SER Q 550 -131.59 91.29 -111.11
C SER Q 550 -131.42 92.77 -110.83
N GLN Q 551 -130.22 93.20 -110.43
CA GLN Q 551 -129.97 94.62 -110.22
C GLN Q 551 -130.16 95.41 -111.52
N GLU Q 552 -129.65 94.87 -112.63
CA GLU Q 552 -129.82 95.55 -113.91
C GLU Q 552 -131.28 95.65 -114.32
N MET Q 553 -132.04 94.57 -114.10
CA MET Q 553 -133.47 94.60 -114.44
C MET Q 553 -134.22 95.60 -113.56
N GLN Q 554 -133.87 95.68 -112.28
CA GLN Q 554 -134.50 96.66 -111.41
C GLN Q 554 -134.20 98.08 -111.89
N LYS Q 555 -132.94 98.34 -112.26
CA LYS Q 555 -132.59 99.66 -112.76
C LYS Q 555 -133.34 99.99 -114.05
N ARG Q 556 -133.43 99.01 -114.97
CA ARG Q 556 -134.14 99.23 -116.23
C ARG Q 556 -135.61 99.50 -115.98
N LYS Q 557 -136.23 98.77 -115.04
CA LYS Q 557 -137.60 99.05 -114.67
C LYS Q 557 -137.73 100.45 -114.07
N GLU Q 558 -136.71 100.89 -113.35
CA GLU Q 558 -136.73 102.24 -112.79
C GLU Q 558 -136.73 103.30 -113.89
N MET Q 559 -135.89 103.13 -114.91
CA MET Q 559 -135.94 104.07 -116.04
C MET Q 559 -137.27 103.97 -116.76
N GLN Q 560 -137.81 102.75 -116.91
CA GLN Q 560 -139.06 102.59 -117.66
C GLN Q 560 -140.21 103.32 -117.00
N LEU Q 561 -140.29 103.26 -115.68
CA LEU Q 561 -141.37 103.94 -114.95
C LEU Q 561 -141.16 105.45 -114.95
N LYS R 69 -66.95 20.84 -105.75
CA LYS R 69 -65.95 19.82 -106.05
C LYS R 69 -66.24 19.14 -107.39
N THR R 70 -66.36 17.81 -107.36
CA THR R 70 -66.63 17.02 -108.54
C THR R 70 -67.88 16.19 -108.32
N PHE R 71 -68.78 16.20 -109.31
CA PHE R 71 -70.05 15.47 -109.25
C PHE R 71 -70.85 15.86 -108.01
N THR R 72 -71.12 17.16 -107.89
CA THR R 72 -71.83 17.73 -106.77
C THR R 72 -73.26 18.13 -107.18
N GLN R 73 -74.07 18.47 -106.19
CA GLN R 73 -75.44 18.90 -106.44
C GLN R 73 -75.49 20.21 -107.22
N ARG R 74 -74.50 21.07 -107.04
CA ARG R 74 -74.42 22.31 -107.80
C ARG R 74 -74.20 22.06 -109.29
N SER R 75 -73.65 20.91 -109.67
CA SER R 75 -73.48 20.54 -111.07
C SER R 75 -74.70 19.84 -111.65
N ARG R 76 -75.72 19.58 -110.83
CA ARG R 76 -76.95 18.99 -111.33
C ARG R 76 -77.68 19.99 -112.22
N LEU R 77 -78.14 19.52 -113.38
CA LEU R 77 -78.74 20.39 -114.38
C LEU R 77 -80.21 19.99 -114.60
N PHE R 78 -81.04 20.99 -114.82
CA PHE R 78 -82.45 20.79 -115.16
C PHE R 78 -82.62 20.99 -116.66
N VAL R 79 -83.03 19.94 -117.36
CA VAL R 79 -83.22 19.97 -118.80
C VAL R 79 -84.70 19.75 -119.09
N GLY R 80 -85.32 20.68 -119.82
CA GLY R 80 -86.73 20.62 -120.12
C GLY R 80 -86.98 20.74 -121.61
N ASN R 81 -88.26 20.59 -121.97
CA ASN R 81 -88.71 20.65 -123.36
C ASN R 81 -88.01 19.61 -124.22
N LEU R 82 -87.80 18.42 -123.64
CA LEU R 82 -87.24 17.32 -124.41
C LEU R 82 -88.30 16.71 -125.33
N PRO R 83 -87.88 16.17 -126.48
CA PRO R 83 -88.86 15.56 -127.39
C PRO R 83 -89.49 14.33 -126.76
N PRO R 84 -90.71 13.97 -127.19
CA PRO R 84 -91.38 12.81 -126.58
C PRO R 84 -90.65 11.50 -126.80
N ASP R 85 -89.78 11.40 -127.81
CA ASP R 85 -88.99 10.20 -128.06
C ASP R 85 -87.64 10.23 -127.35
N ILE R 86 -87.54 10.93 -126.22
CA ILE R 86 -86.28 11.03 -125.50
C ILE R 86 -85.84 9.65 -125.01
N THR R 87 -84.55 9.36 -125.19
CA THR R 87 -83.98 8.08 -124.80
C THR R 87 -82.71 8.32 -124.00
N GLU R 88 -82.37 7.35 -123.15
CA GLU R 88 -81.20 7.48 -122.30
C GLU R 88 -79.91 7.52 -123.11
N GLU R 89 -79.79 6.65 -124.12
CA GLU R 89 -78.55 6.59 -124.90
C GLU R 89 -78.33 7.87 -125.70
N GLU R 90 -79.39 8.45 -126.25
CA GLU R 90 -79.25 9.70 -126.99
C GLU R 90 -78.71 10.82 -126.11
N MET R 91 -79.25 10.95 -124.90
CA MET R 91 -78.79 11.99 -124.00
C MET R 91 -77.38 11.70 -123.49
N ARG R 92 -77.04 10.42 -123.31
CA ARG R 92 -75.67 10.07 -122.96
C ARG R 92 -74.70 10.44 -124.09
N LYS R 93 -75.15 10.31 -125.34
CA LYS R 93 -74.34 10.75 -126.47
C LYS R 93 -74.31 12.27 -126.59
N LEU R 94 -75.39 12.94 -126.18
CA LEU R 94 -75.43 14.39 -126.24
C LEU R 94 -74.41 15.01 -125.29
N PHE R 95 -74.17 14.36 -124.14
CA PHE R 95 -73.28 14.87 -123.12
C PHE R 95 -71.89 14.23 -123.19
N GLU R 96 -71.60 13.47 -124.25
CA GLU R 96 -70.28 12.87 -124.40
C GLU R 96 -69.19 13.93 -124.50
N LYS R 97 -69.51 15.09 -125.05
CA LYS R 97 -68.55 16.19 -125.12
C LYS R 97 -68.17 16.70 -123.73
N TYR R 98 -69.04 16.53 -122.74
CA TYR R 98 -68.81 17.02 -121.38
C TYR R 98 -68.44 15.88 -120.43
N GLY R 99 -67.65 14.91 -120.90
CA GLY R 99 -67.16 13.86 -120.03
C GLY R 99 -68.26 12.88 -119.62
N LYS R 100 -68.04 12.23 -118.49
CA LYS R 100 -68.96 11.22 -118.01
C LYS R 100 -70.25 11.86 -117.49
N ALA R 101 -71.31 11.05 -117.45
CA ALA R 101 -72.59 11.46 -116.91
C ALA R 101 -73.01 10.50 -115.81
N GLY R 102 -73.68 11.04 -114.79
CA GLY R 102 -74.10 10.24 -113.66
C GLY R 102 -75.45 9.58 -113.86
N GLU R 103 -76.35 9.77 -112.90
CA GLU R 103 -77.68 9.17 -112.99
C GLU R 103 -78.45 9.76 -114.16
N VAL R 104 -79.25 8.93 -114.82
CA VAL R 104 -80.07 9.37 -115.94
C VAL R 104 -81.54 9.18 -115.59
N PHE R 105 -82.15 10.21 -115.00
CA PHE R 105 -83.57 10.20 -114.67
C PHE R 105 -84.31 10.96 -115.75
N ILE R 106 -85.24 10.28 -116.42
CA ILE R 106 -86.01 10.85 -117.52
C ILE R 106 -87.47 10.44 -117.38
N HIS R 107 -88.37 11.40 -117.54
CA HIS R 107 -89.80 11.14 -117.67
C HIS R 107 -90.16 11.24 -119.14
N LYS R 108 -90.60 10.12 -119.73
CA LYS R 108 -90.82 10.07 -121.16
C LYS R 108 -91.97 10.98 -121.58
N ASP R 109 -93.03 11.04 -120.76
CA ASP R 109 -94.22 11.78 -121.16
C ASP R 109 -94.05 13.28 -120.94
N LYS R 110 -93.69 13.70 -119.72
CA LYS R 110 -93.63 15.11 -119.40
C LYS R 110 -92.45 15.82 -120.05
N GLY R 111 -91.45 15.07 -120.52
CA GLY R 111 -90.38 15.66 -121.31
C GLY R 111 -89.27 16.34 -120.54
N PHE R 112 -89.04 15.95 -119.29
CA PHE R 112 -87.91 16.49 -118.53
C PHE R 112 -87.45 15.47 -117.50
N GLY R 113 -86.27 15.70 -116.96
CA GLY R 113 -85.71 14.77 -115.99
C GLY R 113 -84.55 15.41 -115.25
N PHE R 114 -83.88 14.59 -114.44
CA PHE R 114 -82.81 15.03 -113.57
C PHE R 114 -81.50 14.35 -113.97
N ILE R 115 -80.40 15.09 -113.90
CA ILE R 115 -79.09 14.61 -114.30
C ILE R 115 -78.03 15.15 -113.35
N ARG R 116 -76.79 14.73 -113.58
CA ARG R 116 -75.61 15.30 -112.96
C ARG R 116 -74.44 15.18 -113.92
N LEU R 117 -73.56 16.19 -113.90
CA LEU R 117 -72.41 16.23 -114.78
C LEU R 117 -71.12 16.04 -113.99
N GLU R 118 -69.99 16.15 -114.68
CA GLU R 118 -68.70 15.86 -114.06
C GLU R 118 -68.27 16.96 -113.10
N THR R 119 -68.08 18.18 -113.62
CA THR R 119 -67.53 19.28 -112.84
C THR R 119 -68.43 20.49 -113.03
N ARG R 120 -68.49 21.35 -112.01
CA ARG R 120 -69.31 22.55 -112.07
C ARG R 120 -68.95 23.40 -113.29
N THR R 121 -67.65 23.46 -113.64
CA THR R 121 -67.26 24.16 -114.85
C THR R 121 -67.88 23.52 -116.08
N LEU R 122 -67.82 22.19 -116.16
CA LEU R 122 -68.43 21.47 -117.28
C LEU R 122 -69.94 21.66 -117.27
N ALA R 123 -70.56 21.65 -116.07
CA ALA R 123 -71.99 21.86 -115.97
C ALA R 123 -72.37 23.25 -116.49
N GLU R 124 -71.62 24.28 -116.12
CA GLU R 124 -71.89 25.62 -116.59
C GLU R 124 -71.74 25.72 -118.11
N ILE R 125 -70.67 25.15 -118.64
CA ILE R 125 -70.43 25.22 -120.09
C ILE R 125 -71.55 24.51 -120.85
N ALA R 126 -71.92 23.31 -120.39
CA ALA R 126 -72.99 22.57 -121.06
C ALA R 126 -74.32 23.31 -120.96
N LYS R 127 -74.62 23.87 -119.79
CA LYS R 127 -75.88 24.59 -119.61
C LYS R 127 -75.94 25.83 -120.50
N VAL R 128 -74.84 26.57 -120.59
CA VAL R 128 -74.84 27.79 -121.40
C VAL R 128 -74.89 27.46 -122.88
N GLU R 129 -74.08 26.51 -123.33
CA GLU R 129 -73.96 26.20 -124.75
C GLU R 129 -75.15 25.44 -125.31
N LEU R 130 -75.73 24.52 -124.53
CA LEU R 130 -76.67 23.55 -125.06
C LEU R 130 -78.08 24.09 -125.22
N ASP R 131 -78.51 25.03 -124.38
CA ASP R 131 -79.87 25.52 -124.48
C ASP R 131 -80.02 26.46 -125.68
N ASN R 132 -81.26 26.87 -125.92
CA ASN R 132 -81.65 27.80 -126.98
C ASN R 132 -81.41 27.23 -128.37
N MET R 133 -81.07 25.95 -128.50
CA MET R 133 -80.93 25.28 -129.78
C MET R 133 -81.98 24.19 -129.92
N PRO R 134 -82.77 24.21 -130.99
CA PRO R 134 -83.87 23.24 -131.11
C PRO R 134 -83.37 21.81 -131.21
N LEU R 135 -84.19 20.89 -130.70
CA LEU R 135 -83.90 19.46 -130.75
C LEU R 135 -85.17 18.76 -131.22
N ARG R 136 -85.17 18.35 -132.49
CA ARG R 136 -86.32 17.70 -133.12
C ARG R 136 -87.57 18.56 -133.03
N GLY R 137 -87.46 19.80 -133.53
CA GLY R 137 -88.58 20.72 -133.51
C GLY R 137 -89.00 21.15 -132.13
N LYS R 138 -88.04 21.34 -131.22
CA LYS R 138 -88.35 21.74 -129.85
C LYS R 138 -87.12 22.44 -129.28
N GLN R 139 -87.24 23.74 -129.01
CA GLN R 139 -86.15 24.48 -128.39
C GLN R 139 -85.90 23.93 -127.00
N LEU R 140 -84.65 23.57 -126.72
CA LEU R 140 -84.32 22.85 -125.49
C LEU R 140 -84.13 23.82 -124.34
N ARG R 141 -84.72 23.50 -123.20
CA ARG R 141 -84.69 24.33 -122.01
C ARG R 141 -83.72 23.70 -121.01
N VAL R 142 -82.57 24.34 -120.83
CA VAL R 142 -81.54 23.89 -119.89
C VAL R 142 -81.34 25.01 -118.89
N ARG R 143 -81.80 24.80 -117.66
CA ARG R 143 -81.69 25.78 -116.59
C ARG R 143 -81.10 25.14 -115.35
N PHE R 144 -80.56 25.97 -114.47
CA PHE R 144 -79.95 25.50 -113.24
C PHE R 144 -81.03 25.01 -112.27
N ALA R 145 -80.84 23.81 -111.73
CA ALA R 145 -81.80 23.23 -110.81
C ALA R 145 -81.65 23.83 -109.41
N CYS R 146 -82.77 23.90 -108.68
CA CYS R 146 -82.75 24.44 -107.33
C CYS R 146 -82.02 23.51 -106.38
N HIS R 147 -81.34 24.10 -105.40
CA HIS R 147 -80.62 23.32 -104.39
C HIS R 147 -81.63 22.77 -103.37
N SER R 148 -81.59 21.46 -103.17
CA SER R 148 -82.51 20.81 -102.23
C SER R 148 -81.90 20.64 -100.84
N ALA R 149 -80.59 20.41 -100.76
CA ALA R 149 -79.91 20.22 -99.48
C ALA R 149 -79.29 21.51 -98.95
N SER R 150 -79.85 22.66 -99.30
CA SER R 150 -79.32 23.94 -98.86
C SER R 150 -79.86 24.30 -97.48
N LEU R 151 -79.06 25.05 -96.73
CA LEU R 151 -79.43 25.49 -95.39
C LEU R 151 -78.71 26.81 -95.11
N THR R 152 -79.39 27.70 -94.41
CA THR R 152 -78.83 28.98 -94.02
C THR R 152 -78.69 29.04 -92.50
N VAL R 153 -77.64 29.72 -92.05
CA VAL R 153 -77.31 29.83 -90.63
C VAL R 153 -77.18 31.30 -90.27
N ARG R 154 -77.72 31.68 -89.12
CA ARG R 154 -77.74 33.06 -88.67
C ARG R 154 -77.04 33.17 -87.32
N ASN R 155 -76.87 34.42 -86.87
CA ASN R 155 -76.22 34.73 -85.59
C ASN R 155 -74.82 34.14 -85.52
N LEU R 156 -74.08 34.22 -86.63
CA LEU R 156 -72.76 33.62 -86.68
C LEU R 156 -71.79 34.37 -85.76
N PRO R 157 -70.79 33.68 -85.20
CA PRO R 157 -69.84 34.34 -84.31
C PRO R 157 -69.02 35.39 -85.05
N GLN R 158 -68.45 36.30 -84.27
CA GLN R 158 -67.68 37.40 -84.83
C GLN R 158 -66.40 36.91 -85.51
N TYR R 159 -65.83 35.79 -85.06
CA TYR R 159 -64.61 35.23 -85.63
C TYR R 159 -64.94 33.85 -86.17
N VAL R 160 -65.38 33.80 -87.44
CA VAL R 160 -65.77 32.55 -88.09
C VAL R 160 -65.12 32.49 -89.45
N SER R 161 -64.93 31.26 -89.95
CA SER R 161 -64.31 31.03 -91.24
C SER R 161 -65.09 29.97 -91.99
N ASN R 162 -64.96 29.99 -93.32
CA ASN R 162 -65.70 29.05 -94.17
C ASN R 162 -65.29 27.61 -93.88
N GLU R 163 -63.99 27.36 -93.74
CA GLU R 163 -63.51 26.03 -93.38
C GLU R 163 -64.00 25.60 -92.01
N LEU R 164 -64.11 26.54 -91.06
CA LEU R 164 -64.70 26.21 -89.77
C LEU R 164 -66.15 25.76 -89.94
N LEU R 165 -66.91 26.44 -90.79
CA LEU R 165 -68.28 26.02 -91.06
C LEU R 165 -68.32 24.64 -91.68
N GLU R 166 -67.44 24.37 -92.65
CA GLU R 166 -67.40 23.05 -93.27
C GLU R 166 -67.10 21.96 -92.25
N GLU R 167 -66.06 22.16 -91.43
CA GLU R 167 -65.67 21.14 -90.47
C GLU R 167 -66.74 20.95 -89.41
N ALA R 168 -67.41 22.03 -89.01
CA ALA R 168 -68.45 21.92 -87.99
C ALA R 168 -69.67 21.17 -88.52
N PHE R 169 -70.10 21.50 -89.73
CA PHE R 169 -71.26 20.83 -90.30
C PHE R 169 -70.89 19.54 -91.04
N SER R 170 -69.61 19.18 -91.08
CA SER R 170 -69.22 17.88 -91.61
C SER R 170 -69.71 16.73 -90.74
N VAL R 171 -70.04 17.00 -89.48
CA VAL R 171 -70.58 15.95 -88.60
C VAL R 171 -71.94 15.50 -89.10
N PHE R 172 -72.74 16.44 -89.60
CA PHE R 172 -74.08 16.14 -90.09
C PHE R 172 -74.08 15.49 -91.47
N GLY R 173 -72.93 15.43 -92.14
CA GLY R 173 -72.85 14.83 -93.44
C GLY R 173 -71.77 15.52 -94.27
N GLN R 174 -71.65 15.07 -95.51
CA GLN R 174 -70.67 15.64 -96.42
C GLN R 174 -71.13 17.03 -96.85
N VAL R 175 -70.32 18.04 -96.55
CA VAL R 175 -70.63 19.42 -96.92
C VAL R 175 -70.05 19.67 -98.31
N GLU R 176 -70.93 19.95 -99.27
CA GLU R 176 -70.47 20.27 -100.62
C GLU R 176 -69.91 21.69 -100.68
N ARG R 177 -70.59 22.63 -100.03
CA ARG R 177 -70.16 24.03 -100.05
C ARG R 177 -70.69 24.71 -98.81
N ALA R 178 -69.80 25.43 -98.12
CA ALA R 178 -70.17 26.19 -96.93
C ALA R 178 -69.40 27.51 -96.95
N VAL R 179 -70.12 28.61 -97.14
CA VAL R 179 -69.52 29.93 -97.26
C VAL R 179 -70.24 30.89 -96.32
N VAL R 180 -69.47 31.63 -95.53
CA VAL R 180 -70.01 32.68 -94.69
C VAL R 180 -70.24 33.92 -95.54
N ILE R 181 -71.44 34.49 -95.47
CA ILE R 181 -71.77 35.67 -96.26
C ILE R 181 -71.01 36.86 -95.69
N VAL R 182 -70.23 37.51 -96.54
CA VAL R 182 -69.36 38.62 -96.15
C VAL R 182 -69.62 39.80 -97.07
N ASP R 183 -69.66 41.00 -96.51
CA ASP R 183 -69.91 42.20 -97.28
C ASP R 183 -68.69 42.54 -98.13
N ASP R 184 -68.80 43.65 -98.86
CA ASP R 184 -67.70 44.08 -99.74
C ASP R 184 -66.45 44.44 -98.95
N ARG R 185 -66.62 45.11 -97.80
CA ARG R 185 -65.47 45.52 -97.00
C ARG R 185 -64.71 44.31 -96.47
N GLY R 186 -65.42 43.30 -95.98
CA GLY R 186 -64.77 42.13 -95.43
C GLY R 186 -65.28 41.75 -94.06
N ARG R 187 -66.27 42.49 -93.56
CA ARG R 187 -66.83 42.20 -92.25
C ARG R 187 -67.91 41.12 -92.37
N PRO R 188 -67.92 40.14 -91.49
CA PRO R 188 -68.95 39.09 -91.56
C PRO R 188 -70.33 39.66 -91.30
N SER R 189 -71.31 39.11 -92.00
CA SER R 189 -72.70 39.54 -91.88
C SER R 189 -73.48 38.77 -90.83
N GLY R 190 -72.87 37.77 -90.21
CA GLY R 190 -73.59 36.92 -89.27
C GLY R 190 -74.44 35.86 -89.91
N LYS R 191 -74.44 35.77 -91.24
CA LYS R 191 -75.20 34.78 -91.97
C LYS R 191 -74.25 33.85 -92.73
N GLY R 192 -74.79 32.75 -93.23
CA GLY R 192 -73.97 31.80 -93.96
C GLY R 192 -74.82 30.92 -94.86
N ILE R 193 -74.13 30.28 -95.80
CA ILE R 193 -74.76 29.37 -96.76
C ILE R 193 -74.17 27.99 -96.55
N VAL R 194 -75.03 27.00 -96.36
CA VAL R 194 -74.62 25.61 -96.19
C VAL R 194 -75.26 24.79 -97.28
N GLU R 195 -74.45 24.06 -98.05
CA GLU R 195 -74.92 23.20 -99.13
C GLU R 195 -74.49 21.78 -98.81
N PHE R 196 -75.46 20.93 -98.47
CA PHE R 196 -75.20 19.55 -98.10
C PHE R 196 -75.29 18.66 -99.33
N SER R 197 -75.24 17.35 -99.13
CA SER R 197 -75.28 16.39 -100.22
C SER R 197 -76.62 15.71 -100.38
N GLY R 198 -77.37 15.50 -99.30
CA GLY R 198 -78.63 14.80 -99.37
C GLY R 198 -79.71 15.50 -98.57
N LYS R 199 -80.94 15.35 -99.06
CA LYS R 199 -82.09 15.92 -98.36
C LYS R 199 -82.27 15.35 -96.95
N PRO R 200 -82.19 14.03 -96.72
CA PRO R 200 -82.27 13.55 -95.33
C PRO R 200 -81.17 14.11 -94.44
N ALA R 201 -79.97 14.28 -94.98
CA ALA R 201 -78.90 14.90 -94.20
C ALA R 201 -79.25 16.35 -93.84
N ALA R 202 -79.80 17.09 -94.80
CA ALA R 202 -80.19 18.47 -94.52
C ALA R 202 -81.29 18.55 -93.46
N ARG R 203 -82.29 17.67 -93.56
CA ARG R 203 -83.38 17.72 -92.59
C ARG R 203 -82.94 17.27 -91.21
N LYS R 204 -82.05 16.28 -91.13
CA LYS R 204 -81.57 15.86 -89.81
C LYS R 204 -80.65 16.93 -89.20
N ALA R 205 -79.87 17.61 -90.03
CA ALA R 205 -79.12 18.76 -89.53
C ALA R 205 -80.06 19.83 -89.00
N LEU R 206 -81.12 20.13 -89.75
CA LEU R 206 -82.07 21.15 -89.34
C LEU R 206 -82.72 20.81 -88.01
N ASP R 207 -83.28 19.61 -87.89
CA ASP R 207 -83.99 19.27 -86.66
C ASP R 207 -83.05 19.03 -85.49
N ARG R 208 -81.81 18.60 -85.74
CA ARG R 208 -80.83 18.49 -84.66
C ARG R 208 -80.43 19.86 -84.13
N CYS R 209 -80.19 20.81 -85.03
CA CYS R 209 -79.86 22.16 -84.59
C CYS R 209 -81.06 22.88 -84.00
N SER R 210 -82.27 22.44 -84.33
CA SER R 210 -83.47 23.03 -83.74
C SER R 210 -83.71 22.49 -82.33
N GLU R 211 -83.89 21.17 -82.21
CA GLU R 211 -84.12 20.59 -80.89
C GLU R 211 -82.89 20.71 -80.00
N GLY R 212 -81.69 20.62 -80.59
CA GLY R 212 -80.46 20.78 -79.85
C GLY R 212 -79.95 22.20 -79.90
N SER R 213 -78.74 22.38 -79.40
CA SER R 213 -78.09 23.68 -79.35
C SER R 213 -76.64 23.47 -79.80
N PHE R 214 -76.42 23.59 -81.10
CA PHE R 214 -75.09 23.35 -81.67
C PHE R 214 -74.24 24.60 -81.49
N LEU R 215 -73.25 24.53 -80.62
CA LEU R 215 -72.29 25.61 -80.47
C LEU R 215 -71.26 25.53 -81.60
N LEU R 216 -70.50 26.62 -81.75
CA LEU R 216 -69.47 26.68 -82.78
C LEU R 216 -68.09 27.01 -82.23
N THR R 217 -67.99 27.74 -81.14
CA THR R 217 -66.70 28.21 -80.66
C THR R 217 -66.79 28.32 -79.13
N THR R 218 -65.73 28.84 -78.51
CA THR R 218 -65.74 28.99 -77.05
C THR R 218 -66.87 29.90 -76.59
N PHE R 219 -67.09 31.01 -77.29
CA PHE R 219 -68.19 31.91 -77.01
C PHE R 219 -69.50 31.13 -77.04
N PRO R 220 -70.14 30.92 -75.88
CA PRO R 220 -71.26 29.97 -75.84
C PRO R 220 -72.53 30.51 -76.45
N ARG R 221 -72.48 30.85 -77.73
CA ARG R 221 -73.67 31.30 -78.45
C ARG R 221 -74.01 30.30 -79.55
N PRO R 222 -75.16 29.66 -79.50
CA PRO R 222 -75.57 28.78 -80.60
C PRO R 222 -75.84 29.57 -81.86
N VAL R 223 -75.76 28.87 -82.99
CA VAL R 223 -76.02 29.44 -84.30
C VAL R 223 -77.30 28.78 -84.82
N THR R 224 -78.34 29.58 -85.04
CA THR R 224 -79.60 29.04 -85.50
C THR R 224 -79.51 28.61 -86.95
N VAL R 225 -80.24 27.55 -87.29
CA VAL R 225 -80.25 26.98 -88.64
C VAL R 225 -81.67 27.05 -89.17
N GLU R 226 -81.82 27.60 -90.37
CA GLU R 226 -83.11 27.71 -91.04
C GLU R 226 -82.98 27.22 -92.47
N PRO R 227 -84.07 26.75 -93.07
CA PRO R 227 -84.03 26.43 -94.51
C PRO R 227 -83.75 27.68 -95.33
N MET R 228 -82.99 27.49 -96.40
CA MET R 228 -82.60 28.61 -97.26
C MET R 228 -83.72 28.96 -98.23
N ASP R 229 -84.07 30.24 -98.29
CA ASP R 229 -85.04 30.74 -99.25
C ASP R 229 -84.28 31.08 -100.53
N GLN R 230 -84.18 30.11 -101.44
CA GLN R 230 -83.43 30.28 -102.68
C GLN R 230 -84.14 31.29 -103.56
N LEU R 231 -83.50 32.44 -103.81
CA LEU R 231 -84.05 33.48 -104.63
C LEU R 231 -83.33 33.52 -105.97
N ASP R 232 -84.09 33.55 -107.06
CA ASP R 232 -83.54 33.51 -108.41
C ASP R 232 -83.52 34.92 -108.99
N ASP R 233 -82.39 35.29 -109.58
CA ASP R 233 -82.23 36.59 -110.25
C ASP R 233 -81.83 36.44 -111.71
N GLU R 234 -82.08 35.27 -112.30
CA GLU R 234 -81.71 35.02 -113.69
C GLU R 234 -82.90 35.18 -114.63
N GLU R 235 -83.98 34.43 -114.40
CA GLU R 235 -85.15 34.52 -115.26
C GLU R 235 -85.94 35.81 -115.02
N GLY R 236 -86.01 36.26 -113.77
CA GLY R 236 -86.83 37.43 -113.47
C GLY R 236 -88.28 37.16 -113.79
N LEU R 237 -88.90 38.06 -114.53
CA LEU R 237 -90.29 37.90 -114.96
C LEU R 237 -90.37 38.03 -116.47
N PRO R 238 -90.34 36.94 -117.23
CA PRO R 238 -90.65 37.02 -118.66
C PRO R 238 -92.11 37.39 -118.86
N GLU R 239 -92.37 38.11 -119.95
CA GLU R 239 -93.73 38.54 -120.24
C GLU R 239 -94.64 37.38 -120.61
N LYS R 240 -94.07 36.31 -121.18
CA LYS R 240 -94.88 35.16 -121.56
C LYS R 240 -95.31 34.32 -120.37
N LEU R 241 -94.53 34.33 -119.27
CA LEU R 241 -94.85 33.50 -118.12
C LEU R 241 -96.11 34.00 -117.40
N VAL R 242 -96.45 35.27 -117.56
CA VAL R 242 -97.59 35.84 -116.85
C VAL R 242 -98.88 35.25 -117.39
N ILE R 243 -99.91 35.20 -116.52
CA ILE R 243 -101.22 34.73 -116.94
C ILE R 243 -101.81 35.63 -118.00
N LYS R 244 -101.51 36.94 -117.94
CA LYS R 244 -102.06 37.93 -118.87
C LYS R 244 -103.59 37.92 -118.86
N ASN R 245 -104.16 37.84 -117.66
CA ASN R 245 -105.60 37.73 -117.48
C ASN R 245 -106.24 39.12 -117.63
N GLN R 246 -107.54 39.20 -117.30
CA GLN R 246 -108.23 40.49 -117.34
C GLN R 246 -107.63 41.47 -116.34
N GLN R 247 -107.11 40.97 -115.22
CA GLN R 247 -106.43 41.85 -114.26
C GLN R 247 -105.20 42.47 -114.88
N PHE R 248 -104.45 41.71 -115.69
CA PHE R 248 -103.27 42.24 -116.34
C PHE R 248 -103.61 43.44 -117.21
N HIS R 249 -104.69 43.34 -118.00
CA HIS R 249 -105.15 44.49 -118.76
C HIS R 249 -105.64 45.60 -117.83
N LYS R 250 -106.27 45.22 -116.72
CA LYS R 250 -106.67 46.21 -115.72
C LYS R 250 -105.46 46.90 -115.10
N GLU R 251 -104.33 46.21 -115.00
CA GLU R 251 -103.13 46.77 -114.43
C GLU R 251 -102.20 47.40 -115.47
N ARG R 252 -102.62 47.43 -116.74
CA ARG R 252 -101.82 48.05 -117.79
C ARG R 252 -102.59 49.14 -118.53
N GLU R 253 -103.65 49.68 -117.91
CA GLU R 253 -104.41 50.76 -118.54
C GLU R 253 -103.54 52.00 -118.74
N GLN R 254 -102.72 52.33 -117.74
CA GLN R 254 -101.89 53.52 -117.85
C GLN R 254 -100.42 53.15 -117.82
N PRO R 255 -99.58 53.84 -118.59
CA PRO R 255 -98.15 53.55 -118.60
C PRO R 255 -97.50 54.07 -117.33
N PRO R 256 -96.29 53.60 -117.00
CA PRO R 256 -95.57 54.17 -115.86
C PRO R 256 -95.32 55.66 -116.04
N ARG R 257 -95.48 56.41 -114.96
CA ARG R 257 -95.41 57.87 -115.01
C ARG R 257 -95.28 58.39 -113.57
N PHE R 258 -95.31 59.70 -113.43
CA PHE R 258 -95.20 60.38 -112.15
C PHE R 258 -96.57 60.87 -111.68
N ALA R 259 -96.79 60.80 -110.37
CA ALA R 259 -98.04 61.25 -109.78
C ALA R 259 -98.10 62.77 -109.76
N GLN R 260 -99.16 63.32 -110.32
CA GLN R 260 -99.33 64.77 -110.36
C GLN R 260 -99.71 65.28 -108.98
N PRO R 261 -98.97 66.24 -108.42
CA PRO R 261 -99.28 66.72 -107.06
C PRO R 261 -100.67 67.33 -106.98
N GLY R 262 -101.33 67.11 -105.85
CA GLY R 262 -102.68 67.61 -105.65
C GLY R 262 -103.78 66.73 -106.21
N SER R 263 -103.45 65.52 -106.64
CA SER R 263 -104.42 64.59 -107.20
C SER R 263 -104.64 63.43 -106.23
N PHE R 264 -105.62 62.58 -106.58
CA PHE R 264 -105.88 61.39 -105.78
C PHE R 264 -104.68 60.46 -105.78
N GLU R 265 -104.05 60.27 -106.94
CA GLU R 265 -102.91 59.38 -107.05
C GLU R 265 -101.77 59.84 -106.16
N TYR R 266 -101.49 61.15 -106.16
CA TYR R 266 -100.41 61.69 -105.34
C TYR R 266 -100.70 61.50 -103.85
N GLU R 267 -101.94 61.77 -103.44
CA GLU R 267 -102.29 61.64 -102.02
C GLU R 267 -102.17 60.19 -101.56
N TYR R 268 -102.67 59.26 -102.37
CA TYR R 268 -102.60 57.87 -101.95
C TYR R 268 -101.17 57.33 -102.05
N ALA R 269 -100.35 57.91 -102.94
CA ALA R 269 -98.93 57.60 -102.93
C ALA R 269 -98.27 58.10 -101.65
N MET R 270 -98.67 59.28 -101.17
CA MET R 270 -98.21 59.74 -99.87
C MET R 270 -98.61 58.77 -98.78
N ARG R 271 -99.83 58.24 -98.85
CA ARG R 271 -100.27 57.23 -97.88
C ARG R 271 -99.37 55.99 -97.92
N TRP R 272 -99.06 55.52 -99.13
CA TRP R 272 -98.17 54.35 -99.26
C TRP R 272 -96.78 54.65 -98.71
N LYS R 273 -96.26 55.84 -98.99
CA LYS R 273 -94.94 56.20 -98.48
C LYS R 273 -94.94 56.28 -96.96
N ALA R 274 -96.02 56.78 -96.36
CA ALA R 274 -96.15 56.76 -94.92
C ALA R 274 -96.18 55.33 -94.38
N LEU R 275 -96.88 54.44 -95.08
CA LEU R 275 -96.91 53.04 -94.66
C LEU R 275 -95.52 52.43 -94.71
N ILE R 276 -94.75 52.72 -95.76
CA ILE R 276 -93.39 52.19 -95.84
C ILE R 276 -92.51 52.81 -94.76
N GLU R 277 -92.70 54.09 -94.45
CA GLU R 277 -91.93 54.74 -93.40
C GLU R 277 -92.19 54.09 -92.04
N MET R 278 -93.46 53.80 -91.75
CA MET R 278 -93.77 53.17 -90.46
C MET R 278 -93.29 51.71 -90.44
N GLU R 279 -93.29 51.05 -91.61
CA GLU R 279 -92.64 49.74 -91.71
C GLU R 279 -91.18 49.83 -91.32
N LYS R 280 -90.46 50.80 -91.87
CA LYS R 280 -89.05 50.99 -91.55
C LYS R 280 -88.88 51.29 -90.06
N GLN R 281 -89.75 52.13 -89.50
CA GLN R 281 -89.65 52.47 -88.09
C GLN R 281 -89.85 51.23 -87.20
N GLN R 282 -90.85 50.40 -87.55
CA GLN R 282 -91.08 49.18 -86.78
C GLN R 282 -89.89 48.24 -86.85
N GLN R 283 -89.33 48.05 -88.05
CA GLN R 283 -88.18 47.16 -88.17
C GLN R 283 -86.97 47.71 -87.42
N ASP R 284 -86.76 49.02 -87.48
CA ASP R 284 -85.67 49.63 -86.74
C ASP R 284 -85.85 49.44 -85.24
N GLN R 285 -87.08 49.59 -84.75
CA GLN R 285 -87.33 49.40 -83.32
C GLN R 285 -87.08 47.97 -82.90
N VAL R 286 -87.51 47.00 -83.73
CA VAL R 286 -87.25 45.59 -83.41
C VAL R 286 -85.75 45.34 -83.37
N ASP R 287 -85.01 45.91 -84.33
CA ASP R 287 -83.55 45.76 -84.33
C ASP R 287 -82.93 46.38 -83.09
N ARG R 288 -83.43 47.54 -82.66
CA ARG R 288 -82.92 48.17 -81.45
C ARG R 288 -83.14 47.28 -80.23
N ASN R 289 -84.35 46.72 -80.12
CA ASN R 289 -84.64 45.86 -78.97
C ASN R 289 -83.73 44.64 -78.97
N ILE R 290 -83.55 44.01 -80.13
CA ILE R 290 -82.68 42.84 -80.21
C ILE R 290 -81.25 43.21 -79.85
N LYS R 291 -80.78 44.37 -80.32
CA LYS R 291 -79.43 44.81 -80.03
C LYS R 291 -79.21 45.02 -78.53
N GLU R 292 -80.16 45.71 -77.88
CA GLU R 292 -80.01 45.93 -76.44
C GLU R 292 -80.05 44.61 -75.66
N ALA R 293 -80.95 43.71 -76.05
CA ALA R 293 -81.00 42.41 -75.36
C ALA R 293 -79.69 41.66 -75.53
N ARG R 294 -79.15 41.63 -76.74
CA ARG R 294 -77.90 40.93 -76.97
C ARG R 294 -76.76 41.55 -76.18
N GLU R 295 -76.69 42.88 -76.14
CA GLU R 295 -75.63 43.54 -75.39
C GLU R 295 -75.72 43.24 -73.90
N LYS R 296 -76.92 43.31 -73.34
CA LYS R 296 -77.07 43.04 -71.91
C LYS R 296 -76.73 41.60 -71.58
N LEU R 297 -77.08 40.67 -72.47
CA LEU R 297 -76.77 39.27 -72.22
C LEU R 297 -75.26 39.01 -72.36
N GLU R 298 -74.62 39.69 -73.32
CA GLU R 298 -73.17 39.61 -73.45
C GLU R 298 -72.48 40.10 -72.18
N MET R 299 -73.00 41.18 -71.59
CA MET R 299 -72.43 41.64 -70.32
C MET R 299 -72.71 40.66 -69.19
N GLU R 300 -73.88 40.03 -69.18
CA GLU R 300 -74.24 39.08 -68.13
C GLU R 300 -73.43 37.78 -68.22
N MET R 301 -72.83 37.51 -69.37
CA MET R 301 -72.04 36.31 -69.61
C MET R 301 -71.09 35.93 -68.47
N GLU R 302 -70.18 36.84 -68.11
CA GLU R 302 -69.11 36.50 -67.19
C GLU R 302 -69.65 36.20 -65.79
N ALA R 303 -70.60 37.01 -65.33
CA ALA R 303 -71.21 36.75 -64.04
C ALA R 303 -71.91 35.40 -64.03
N ALA R 304 -72.62 35.08 -65.12
CA ALA R 304 -73.28 33.78 -65.20
C ALA R 304 -72.26 32.64 -65.15
N ARG R 305 -71.14 32.82 -65.84
CA ARG R 305 -70.10 31.78 -65.85
C ARG R 305 -69.55 31.55 -64.44
N HIS R 306 -69.22 32.63 -63.74
CA HIS R 306 -68.68 32.48 -62.39
C HIS R 306 -69.70 31.83 -61.46
N GLU R 307 -70.96 32.25 -61.57
CA GLU R 307 -72.00 31.66 -60.73
C GLU R 307 -72.14 30.17 -61.00
N HIS R 308 -72.12 29.79 -62.27
CA HIS R 308 -72.26 28.37 -62.60
C HIS R 308 -71.07 27.57 -62.08
N GLN R 309 -69.86 28.12 -62.20
CA GLN R 309 -68.69 27.42 -61.69
C GLN R 309 -68.80 27.19 -60.19
N VAL R 310 -69.15 28.24 -59.44
CA VAL R 310 -69.19 28.11 -57.99
C VAL R 310 -70.31 27.14 -57.59
N MET R 311 -71.44 27.19 -58.29
CA MET R 311 -72.52 26.26 -57.97
C MET R 311 -72.11 24.82 -58.22
N LEU R 312 -71.51 24.55 -59.38
CA LEU R 312 -71.10 23.19 -59.71
C LEU R 312 -70.10 22.66 -58.70
N MET R 313 -69.09 23.47 -58.37
CA MET R 313 -68.04 22.93 -57.51
C MET R 313 -68.50 22.82 -56.06
N ARG R 314 -69.39 23.70 -55.61
CA ARG R 314 -69.98 23.52 -54.29
C ARG R 314 -70.82 22.25 -54.21
N GLN R 315 -71.59 21.97 -55.27
CA GLN R 315 -72.35 20.73 -55.30
C GLN R 315 -71.44 19.52 -55.28
N ASP R 316 -70.33 19.59 -56.03
CA ASP R 316 -69.37 18.49 -56.03
C ASP R 316 -68.76 18.27 -54.64
N LEU R 317 -68.42 19.37 -53.96
CA LEU R 317 -67.86 19.25 -52.62
C LEU R 317 -68.87 18.65 -51.65
N MET R 318 -70.14 19.05 -51.77
CA MET R 318 -71.17 18.45 -50.94
C MET R 318 -71.30 16.96 -51.21
N ARG R 319 -71.25 16.57 -52.48
CA ARG R 319 -71.31 15.14 -52.82
C ARG R 319 -70.15 14.39 -52.19
N ARG R 320 -68.94 14.96 -52.25
CA ARG R 320 -67.78 14.27 -51.70
C ARG R 320 -67.83 14.20 -50.18
N GLN R 321 -68.36 15.25 -49.54
CA GLN R 321 -68.57 15.19 -48.09
C GLN R 321 -69.53 14.06 -47.72
N GLU R 322 -70.63 13.95 -48.47
CA GLU R 322 -71.58 12.87 -48.21
C GLU R 322 -70.93 11.51 -48.40
N GLU R 323 -70.12 11.37 -49.46
CA GLU R 323 -69.45 10.10 -49.70
C GLU R 323 -68.50 9.74 -48.57
N LEU R 324 -67.72 10.72 -48.10
CA LEU R 324 -66.80 10.47 -46.99
C LEU R 324 -67.55 10.05 -45.74
N ARG R 325 -68.63 10.76 -45.42
CA ARG R 325 -69.42 10.43 -44.24
C ARG R 325 -70.00 9.02 -44.35
N ARG R 326 -70.54 8.68 -45.52
CA ARG R 326 -71.15 7.36 -45.71
C ARG R 326 -70.11 6.25 -45.60
N MET R 327 -68.93 6.45 -46.19
CA MET R 327 -67.88 5.45 -46.07
C MET R 327 -67.44 5.29 -44.61
N GLU R 328 -67.29 6.40 -43.90
CA GLU R 328 -66.87 6.32 -42.50
C GLU R 328 -67.90 5.58 -41.66
N GLU R 329 -69.19 5.88 -41.83
CA GLU R 329 -70.19 5.19 -41.04
C GLU R 329 -70.30 3.72 -41.42
N LEU R 330 -70.14 3.40 -42.71
CA LEU R 330 -70.13 2.00 -43.11
C LEU R 330 -68.99 1.24 -42.44
N HIS R 331 -67.80 1.84 -42.43
CA HIS R 331 -66.66 1.20 -41.79
C HIS R 331 -66.91 1.02 -40.29
N ASN R 332 -67.49 2.05 -39.66
CA ASN R 332 -67.78 1.96 -38.22
C ASN R 332 -68.74 0.82 -37.92
N GLN R 333 -69.82 0.73 -38.70
CA GLN R 333 -70.78 -0.36 -38.50
C GLN R 333 -70.14 -1.71 -38.73
N GLU R 334 -69.30 -1.82 -39.77
CA GLU R 334 -68.66 -3.10 -40.08
C GLU R 334 -67.74 -3.53 -38.95
N VAL R 335 -66.91 -2.60 -38.44
CA VAL R 335 -65.98 -2.97 -37.40
C VAL R 335 -66.72 -3.29 -36.10
N GLN R 336 -67.80 -2.56 -35.81
CA GLN R 336 -68.58 -2.86 -34.61
C GLN R 336 -69.21 -4.25 -34.70
N LYS R 337 -69.80 -4.57 -35.85
CA LYS R 337 -70.43 -5.89 -35.99
C LYS R 337 -69.40 -7.00 -36.03
N ARG R 338 -68.17 -6.71 -36.47
CA ARG R 338 -67.13 -7.71 -36.44
C ARG R 338 -66.63 -7.95 -35.01
N LYS R 339 -66.44 -6.87 -34.25
CA LYS R 339 -65.93 -7.01 -32.89
C LYS R 339 -66.98 -7.59 -31.94
N GLN R 340 -68.27 -7.38 -32.24
CA GLN R 340 -69.31 -7.97 -31.41
C GLN R 340 -69.29 -9.49 -31.50
N LEU R 341 -69.08 -10.03 -32.69
CA LEU R 341 -69.03 -11.48 -32.88
C LEU R 341 -67.69 -12.05 -32.45
N LYS S 287 -67.75 95.77 -118.75
CA LYS S 287 -68.53 94.59 -119.09
C LYS S 287 -69.27 94.79 -120.41
N THR S 288 -69.49 93.71 -121.14
CA THR S 288 -70.12 93.76 -122.46
C THR S 288 -71.39 92.91 -122.47
N TYR S 289 -72.31 93.29 -123.36
CA TYR S 289 -73.54 92.54 -123.60
C TYR S 289 -74.39 92.49 -122.31
N THR S 290 -74.27 93.54 -121.51
CA THR S 290 -75.03 93.67 -120.28
C THR S 290 -76.49 94.00 -120.58
N GLN S 291 -77.34 93.83 -119.56
CA GLN S 291 -78.75 94.14 -119.72
C GLN S 291 -79.00 95.62 -119.94
N ARG S 292 -78.07 96.49 -119.56
CA ARG S 292 -78.18 97.90 -119.88
C ARG S 292 -78.11 98.18 -121.36
N CYS S 293 -77.53 97.27 -122.14
CA CYS S 293 -77.49 97.38 -123.59
C CYS S 293 -78.74 96.86 -124.26
N ARG S 294 -79.62 96.20 -123.51
CA ARG S 294 -80.88 95.70 -124.06
C ARG S 294 -81.79 96.87 -124.41
N LEU S 295 -82.45 96.76 -125.55
CA LEU S 295 -83.22 97.88 -126.10
C LEU S 295 -84.62 97.42 -126.46
N PHE S 296 -85.62 98.18 -126.00
CA PHE S 296 -87.01 97.93 -126.37
C PHE S 296 -87.32 98.76 -127.61
N VAL S 297 -87.48 98.09 -128.74
CA VAL S 297 -87.71 98.75 -130.02
C VAL S 297 -89.21 98.86 -130.23
N GLY S 298 -89.75 100.08 -130.14
CA GLY S 298 -91.17 100.28 -130.27
C GLY S 298 -91.61 100.62 -131.69
N ASN S 299 -92.91 100.51 -131.91
CA ASN S 299 -93.53 100.81 -133.20
C ASN S 299 -92.94 99.96 -134.32
N LEU S 300 -92.55 98.73 -134.02
CA LEU S 300 -91.99 97.85 -135.03
C LEU S 300 -93.09 97.33 -135.95
N PRO S 301 -92.84 97.23 -137.25
CA PRO S 301 -93.83 96.63 -138.15
C PRO S 301 -94.05 95.16 -137.82
N ALA S 302 -95.28 94.70 -138.07
CA ALA S 302 -95.61 93.30 -137.82
C ALA S 302 -94.82 92.37 -138.73
N ASP S 303 -94.67 92.74 -140.00
CA ASP S 303 -93.96 91.90 -140.96
C ASP S 303 -92.48 92.24 -140.92
N ILE S 304 -91.78 91.62 -139.96
CA ILE S 304 -90.34 91.77 -139.81
C ILE S 304 -89.72 90.40 -139.62
N THR S 305 -88.42 90.31 -139.89
CA THR S 305 -87.67 89.08 -139.74
C THR S 305 -86.45 89.34 -138.87
N GLU S 306 -85.89 88.24 -138.33
CA GLU S 306 -84.76 88.36 -137.44
C GLU S 306 -83.52 88.88 -138.16
N ASP S 307 -83.35 88.49 -139.43
CA ASP S 307 -82.19 88.94 -140.19
C ASP S 307 -82.21 90.46 -140.39
N GLU S 308 -83.36 91.00 -140.82
CA GLU S 308 -83.47 92.45 -140.99
C GLU S 308 -83.39 93.17 -139.65
N PHE S 309 -84.00 92.59 -138.61
CA PHE S 309 -83.97 93.21 -137.28
C PHE S 309 -82.55 93.26 -136.73
N LYS S 310 -81.72 92.28 -137.08
CA LYS S 310 -80.31 92.33 -136.72
C LYS S 310 -79.52 93.29 -137.61
N ARG S 311 -79.93 93.45 -138.86
CA ARG S 311 -79.22 94.34 -139.78
C ARG S 311 -79.32 95.80 -139.36
N LEU S 312 -80.30 96.15 -138.52
CA LEU S 312 -80.42 97.54 -138.08
C LEU S 312 -79.23 97.97 -137.26
N PHE S 313 -78.74 97.09 -136.39
CA PHE S 313 -77.61 97.39 -135.51
C PHE S 313 -76.33 96.72 -135.99
N ALA S 314 -76.29 96.25 -137.24
CA ALA S 314 -75.09 95.60 -137.77
C ALA S 314 -73.92 96.57 -137.85
N LYS S 315 -74.22 97.86 -138.02
CA LYS S 315 -73.16 98.87 -138.01
C LYS S 315 -72.49 98.96 -136.65
N TYR S 316 -73.16 98.52 -135.59
CA TYR S 316 -72.66 98.64 -134.23
C TYR S 316 -72.15 97.30 -133.69
N GLY S 317 -71.51 96.52 -134.54
CA GLY S 317 -70.93 95.26 -134.11
C GLY S 317 -71.94 94.12 -134.09
N GLU S 318 -71.51 93.04 -133.47
CA GLU S 318 -72.35 91.83 -133.41
C GLU S 318 -73.51 92.05 -132.46
N PRO S 319 -74.74 91.86 -132.90
CA PRO S 319 -75.89 91.96 -131.99
C PRO S 319 -75.88 90.86 -130.95
N GLY S 320 -76.47 91.18 -129.80
CA GLY S 320 -76.55 90.25 -128.68
C GLY S 320 -77.83 89.44 -128.70
N GLU S 321 -78.44 89.29 -127.54
CA GLU S 321 -79.68 88.53 -127.43
C GLU S 321 -80.79 89.20 -128.23
N VAL S 322 -81.52 88.40 -129.01
CA VAL S 322 -82.59 88.88 -129.86
C VAL S 322 -83.88 88.19 -129.45
N PHE S 323 -84.87 88.99 -129.07
CA PHE S 323 -86.20 88.49 -128.74
C PHE S 323 -87.21 89.34 -129.50
N ILE S 324 -87.95 88.71 -130.41
CA ILE S 324 -88.86 89.40 -131.31
C ILE S 324 -90.29 88.94 -131.04
N ASN S 325 -91.18 89.90 -130.83
CA ASN S 325 -92.61 89.64 -130.63
C ASN S 325 -93.36 90.32 -131.77
N LYS S 326 -93.76 89.53 -132.77
CA LYS S 326 -94.40 90.10 -133.95
C LYS S 326 -95.84 90.52 -133.68
N GLY S 327 -96.50 89.87 -132.72
CA GLY S 327 -97.90 90.19 -132.46
C GLY S 327 -98.09 91.61 -131.96
N LYS S 328 -97.27 92.02 -130.99
CA LYS S 328 -97.36 93.38 -130.46
C LYS S 328 -96.49 94.37 -131.22
N GLY S 329 -95.41 93.90 -131.86
CA GLY S 329 -94.57 94.78 -132.64
C GLY S 329 -93.44 95.41 -131.84
N PHE S 330 -92.64 94.57 -131.17
CA PHE S 330 -91.49 95.07 -130.44
C PHE S 330 -90.41 93.99 -130.39
N GLY S 331 -89.17 94.41 -130.19
CA GLY S 331 -88.05 93.50 -130.16
C GLY S 331 -86.95 94.01 -129.25
N PHE S 332 -86.06 93.10 -128.89
CA PHE S 332 -84.97 93.37 -127.97
C PHE S 332 -83.64 92.96 -128.58
N ILE S 333 -82.65 93.85 -128.52
CA ILE S 333 -81.28 93.57 -128.95
C ILE S 333 -80.32 94.12 -127.92
N LYS S 334 -79.36 93.30 -127.49
CA LYS S 334 -78.33 93.73 -126.57
C LYS S 334 -77.10 94.20 -127.35
N LEU S 335 -76.68 95.43 -127.08
CA LEU S 335 -75.52 96.01 -127.73
C LEU S 335 -74.24 95.54 -127.04
N GLU S 336 -73.09 95.92 -127.61
CA GLU S 336 -71.80 95.53 -127.04
C GLU S 336 -71.46 96.32 -125.79
N SER S 337 -71.82 97.61 -125.76
CA SER S 337 -71.47 98.47 -124.65
C SER S 337 -72.53 99.56 -124.50
N ARG S 338 -72.48 100.25 -123.36
CA ARG S 338 -73.41 101.35 -123.11
C ARG S 338 -73.21 102.47 -124.13
N ALA S 339 -71.97 102.73 -124.51
CA ALA S 339 -71.69 103.75 -125.52
C ALA S 339 -72.31 103.37 -126.86
N LEU S 340 -72.17 102.11 -127.27
CA LEU S 340 -72.79 101.67 -128.52
C LEU S 340 -74.30 101.72 -128.43
N ALA S 341 -74.88 101.39 -127.28
CA ALA S 341 -76.31 101.52 -127.09
C ALA S 341 -76.76 102.97 -127.23
N GLU S 342 -75.99 103.91 -126.67
CA GLU S 342 -76.32 105.33 -126.80
C GLU S 342 -76.24 105.79 -128.25
N ILE S 343 -75.22 105.33 -128.99
CA ILE S 343 -75.12 105.70 -130.40
C ILE S 343 -76.29 105.12 -131.18
N ALA S 344 -76.70 103.90 -130.84
CA ALA S 344 -77.85 103.29 -131.50
C ALA S 344 -79.13 104.07 -131.22
N LYS S 345 -79.29 104.54 -129.97
CA LYS S 345 -80.41 105.42 -129.65
C LYS S 345 -80.34 106.69 -130.49
N ALA S 346 -79.15 107.26 -130.63
CA ALA S 346 -78.98 108.51 -131.36
C ALA S 346 -79.33 108.36 -132.84
N GLU S 347 -78.92 107.24 -133.46
CA GLU S 347 -79.08 107.10 -134.90
C GLU S 347 -80.35 106.36 -135.30
N LEU S 348 -81.13 105.86 -134.34
CA LEU S 348 -82.34 105.09 -134.66
C LEU S 348 -83.54 105.59 -133.88
N ASP S 349 -83.62 106.90 -133.64
CA ASP S 349 -84.77 107.49 -132.97
C ASP S 349 -85.56 108.35 -133.94
N ASP S 350 -86.89 108.19 -133.92
CA ASP S 350 -87.79 108.92 -134.82
C ASP S 350 -87.40 108.72 -136.28
N THR S 351 -86.99 107.48 -136.61
CA THR S 351 -86.58 107.15 -137.98
C THR S 351 -87.68 106.38 -138.67
N PRO S 352 -88.14 106.83 -139.85
CA PRO S 352 -89.22 106.13 -140.54
C PRO S 352 -88.80 104.72 -140.96
N MET S 353 -89.75 103.79 -140.91
CA MET S 353 -89.53 102.41 -141.34
C MET S 353 -90.82 101.91 -141.98
N ARG S 354 -90.89 102.02 -143.31
CA ARG S 354 -92.04 101.58 -144.09
C ARG S 354 -93.34 102.21 -143.59
N GLY S 355 -93.26 103.50 -143.26
CA GLY S 355 -94.41 104.24 -142.78
C GLY S 355 -94.58 104.30 -141.28
N ARG S 356 -93.62 103.79 -140.51
CA ARG S 356 -93.70 103.80 -139.06
C ARG S 356 -92.47 104.48 -138.49
N GLN S 357 -92.67 105.42 -137.58
CA GLN S 357 -91.58 106.10 -136.91
C GLN S 357 -91.01 105.20 -135.82
N LEU S 358 -89.70 105.01 -135.84
CA LEU S 358 -89.06 104.14 -134.84
C LEU S 358 -88.86 104.90 -133.54
N ARG S 359 -89.25 104.29 -132.44
CA ARG S 359 -89.03 104.83 -131.09
C ARG S 359 -88.33 103.74 -130.28
N VAL S 360 -87.00 103.70 -130.37
CA VAL S 360 -86.22 102.78 -129.55
C VAL S 360 -86.25 103.28 -128.12
N ARG S 361 -86.53 102.37 -127.18
CA ARG S 361 -86.71 102.72 -125.78
C ARG S 361 -85.89 101.79 -124.89
N PHE S 362 -85.41 102.33 -123.78
CA PHE S 362 -84.68 101.51 -122.81
C PHE S 362 -85.63 100.51 -122.15
N ALA S 363 -85.06 99.39 -121.72
CA ALA S 363 -85.82 98.33 -121.07
C ALA S 363 -85.57 98.34 -119.57
N THR S 364 -86.64 98.20 -118.81
CA THR S 364 -86.53 98.20 -117.35
C THR S 364 -85.80 96.95 -116.87
N HIS S 365 -84.98 97.14 -115.83
CA HIS S 365 -84.22 96.04 -115.24
C HIS S 365 -85.05 95.43 -114.12
N ALA S 366 -85.66 94.26 -114.40
CA ALA S 366 -86.48 93.59 -113.40
C ALA S 366 -85.64 93.06 -112.24
N ALA S 367 -84.43 92.58 -112.52
CA ALA S 367 -83.56 92.03 -111.48
C ALA S 367 -82.71 93.13 -110.85
N ALA S 368 -83.40 94.11 -110.27
CA ALA S 368 -82.76 95.23 -109.61
C ALA S 368 -83.35 95.40 -108.21
N LEU S 369 -82.50 95.74 -107.25
CA LEU S 369 -82.91 95.94 -105.87
C LEU S 369 -82.43 97.30 -105.38
N SER S 370 -83.33 98.07 -104.79
CA SER S 370 -82.97 99.38 -104.24
C SER S 370 -82.19 99.19 -102.95
N VAL S 371 -81.10 99.95 -102.81
CA VAL S 371 -80.23 99.90 -101.64
C VAL S 371 -80.20 101.28 -100.99
N ARG S 372 -80.37 101.31 -99.67
CA ARG S 372 -80.38 102.56 -98.92
C ARG S 372 -79.77 102.31 -97.55
N ASN S 373 -79.70 103.37 -96.76
CA ASN S 373 -79.07 103.35 -95.44
C ASN S 373 -77.63 102.85 -95.53
N LEU S 374 -76.82 103.60 -96.25
CA LEU S 374 -75.42 103.26 -96.48
C LEU S 374 -74.54 104.44 -96.09
N SER S 375 -73.36 104.11 -95.58
CA SER S 375 -72.40 105.13 -95.17
C SER S 375 -71.92 105.92 -96.40
N PRO S 376 -71.64 107.21 -96.23
CA PRO S 376 -71.20 108.02 -97.38
C PRO S 376 -69.83 107.61 -97.93
N TYR S 377 -69.10 106.74 -97.25
CA TYR S 377 -67.75 106.39 -97.66
C TYR S 377 -67.69 105.17 -98.58
N VAL S 378 -68.80 104.48 -98.82
CA VAL S 378 -68.79 103.30 -99.68
C VAL S 378 -68.84 103.75 -101.14
N SER S 379 -68.02 103.11 -101.97
CA SER S 379 -67.95 103.42 -103.39
C SER S 379 -68.81 102.43 -104.17
N ASN S 380 -68.91 102.67 -105.49
CA ASN S 380 -69.61 101.72 -106.35
C ASN S 380 -68.90 100.37 -106.36
N GLU S 381 -67.57 100.39 -106.39
CA GLU S 381 -66.81 99.15 -106.37
C GLU S 381 -66.97 98.41 -105.04
N LEU S 382 -66.95 99.15 -103.93
CA LEU S 382 -67.21 98.51 -102.63
C LEU S 382 -68.61 97.92 -102.58
N LEU S 383 -69.60 98.64 -103.12
CA LEU S 383 -70.96 98.13 -103.13
C LEU S 383 -71.08 96.87 -103.98
N GLU S 384 -70.45 96.85 -105.15
CA GLU S 384 -70.55 95.68 -106.02
C GLU S 384 -69.79 94.49 -105.46
N GLU S 385 -68.67 94.73 -104.77
CA GLU S 385 -67.99 93.64 -104.09
C GLU S 385 -68.83 93.11 -102.92
N ALA S 386 -69.52 94.02 -102.21
CA ALA S 386 -70.33 93.61 -101.07
C ALA S 386 -71.49 92.73 -101.51
N PHE S 387 -72.17 93.09 -102.59
CA PHE S 387 -73.33 92.34 -103.07
C PHE S 387 -72.96 91.26 -104.08
N SER S 388 -71.67 91.08 -104.36
CA SER S 388 -71.26 90.03 -105.29
C SER S 388 -71.50 88.63 -104.74
N GLN S 389 -71.61 88.50 -103.40
CA GLN S 389 -71.83 87.18 -102.82
C GLN S 389 -73.20 86.63 -103.18
N PHE S 390 -74.21 87.50 -103.30
CA PHE S 390 -75.54 87.06 -103.67
C PHE S 390 -75.66 86.73 -105.16
N GLY S 391 -74.86 87.37 -106.00
CA GLY S 391 -74.90 87.13 -107.42
C GLY S 391 -74.05 88.10 -108.20
N PRO S 392 -73.98 87.92 -109.52
CA PRO S 392 -73.18 88.83 -110.35
C PRO S 392 -73.74 90.24 -110.35
N ILE S 393 -72.84 91.20 -110.49
CA ILE S 393 -73.18 92.62 -110.49
C ILE S 393 -73.03 93.13 -111.92
N GLU S 394 -74.17 93.43 -112.57
CA GLU S 394 -74.10 94.09 -113.86
C GLU S 394 -73.57 95.52 -113.71
N ARG S 395 -74.16 96.28 -112.79
CA ARG S 395 -73.69 97.63 -112.48
C ARG S 395 -74.26 98.04 -111.14
N ALA S 396 -73.38 98.25 -110.15
CA ALA S 396 -73.78 98.74 -108.84
C ALA S 396 -73.36 100.20 -108.74
N VAL S 397 -74.34 101.08 -108.54
CA VAL S 397 -74.10 102.51 -108.47
C VAL S 397 -74.93 103.10 -107.34
N VAL S 398 -74.33 103.99 -106.57
CA VAL S 398 -75.03 104.73 -105.52
C VAL S 398 -75.46 106.07 -106.09
N ILE S 399 -76.70 106.47 -105.78
CA ILE S 399 -77.21 107.73 -106.30
C ILE S 399 -76.42 108.88 -105.71
N VAL S 400 -76.01 109.82 -106.57
CA VAL S 400 -75.25 110.98 -106.17
C VAL S 400 -75.99 112.23 -106.63
N ASP S 401 -75.75 113.33 -105.91
CA ASP S 401 -76.38 114.60 -106.19
C ASP S 401 -75.47 115.44 -107.07
N ASP S 402 -75.86 116.70 -107.29
CA ASP S 402 -75.07 117.58 -108.15
C ASP S 402 -73.70 117.86 -107.56
N ARG S 403 -73.63 118.05 -106.24
CA ARG S 403 -72.35 118.36 -105.59
C ARG S 403 -71.42 117.17 -105.52
N GLY S 404 -71.89 115.96 -105.82
CA GLY S 404 -71.06 114.78 -105.86
C GLY S 404 -71.14 113.89 -104.63
N ARG S 405 -71.69 114.39 -103.54
CA ARG S 405 -71.79 113.59 -102.32
C ARG S 405 -72.78 112.46 -102.51
N SER S 406 -72.49 111.32 -101.88
CA SER S 406 -73.41 110.19 -101.92
C SER S 406 -74.67 110.51 -101.11
N THR S 407 -75.83 110.18 -101.68
CA THR S 407 -77.11 110.48 -101.04
C THR S 407 -77.50 109.45 -99.99
N GLY S 408 -76.72 108.38 -99.83
CA GLY S 408 -77.09 107.29 -98.94
C GLY S 408 -78.04 106.29 -99.55
N LYS S 409 -78.46 106.49 -100.80
CA LYS S 409 -79.34 105.58 -101.51
C LYS S 409 -78.73 105.25 -102.86
N GLY S 410 -79.01 104.04 -103.35
CA GLY S 410 -78.48 103.63 -104.64
C GLY S 410 -79.34 102.55 -105.27
N ILE S 411 -78.92 102.14 -106.46
CA ILE S 411 -79.54 101.02 -107.17
C ILE S 411 -78.44 100.07 -107.62
N VAL S 412 -78.62 98.79 -107.37
CA VAL S 412 -77.68 97.75 -107.77
C VAL S 412 -78.40 96.81 -108.72
N GLU S 413 -77.77 96.51 -109.85
CA GLU S 413 -78.35 95.66 -110.88
C GLU S 413 -77.76 94.26 -110.78
N PHE S 414 -78.63 93.27 -110.67
CA PHE S 414 -78.24 91.87 -110.55
C PHE S 414 -78.44 91.16 -111.89
N ALA S 415 -77.49 90.28 -112.23
CA ALA S 415 -77.54 89.60 -113.52
C ALA S 415 -78.77 88.72 -113.64
N SER S 416 -79.12 88.00 -112.57
CA SER S 416 -80.23 87.05 -112.60
C SER S 416 -81.26 87.44 -111.54
N LYS S 417 -82.53 87.29 -111.92
CA LYS S 417 -83.61 87.49 -110.95
C LYS S 417 -83.48 86.60 -109.72
N PRO S 418 -83.12 85.32 -109.82
CA PRO S 418 -82.91 84.54 -108.58
C PRO S 418 -81.87 85.14 -107.66
N ALA S 419 -80.79 85.72 -108.20
CA ALA S 419 -79.80 86.36 -107.35
C ALA S 419 -80.39 87.55 -106.60
N ALA S 420 -81.18 88.37 -107.29
CA ALA S 420 -81.80 89.53 -106.65
C ALA S 420 -82.79 89.11 -105.57
N ARG S 421 -83.62 88.10 -105.87
CA ARG S 421 -84.59 87.65 -104.86
C ARG S 421 -83.90 87.00 -103.68
N LYS S 422 -82.81 86.25 -103.92
CA LYS S 422 -82.04 85.67 -102.83
C LYS S 422 -81.43 86.77 -101.96
N ALA S 423 -80.89 87.81 -102.58
CA ALA S 423 -80.32 88.92 -101.81
C ALA S 423 -81.40 89.59 -100.97
N PHE S 424 -82.57 89.84 -101.56
CA PHE S 424 -83.64 90.50 -100.83
C PHE S 424 -84.10 89.67 -99.65
N GLU S 425 -84.37 88.38 -99.88
CA GLU S 425 -84.84 87.51 -98.79
C GLU S 425 -83.78 87.36 -97.71
N ARG S 426 -82.52 87.20 -98.11
CA ARG S 426 -81.46 86.94 -97.15
C ARG S 426 -81.16 88.17 -96.31
N CYS S 427 -81.29 89.37 -96.90
CA CYS S 427 -81.14 90.59 -96.13
C CYS S 427 -82.36 90.87 -95.27
N SER S 428 -83.54 90.41 -95.70
CA SER S 428 -84.74 90.60 -94.88
C SER S 428 -84.71 89.72 -93.64
N GLU S 429 -84.42 88.43 -93.80
CA GLU S 429 -84.39 87.53 -92.64
C GLU S 429 -83.11 87.72 -91.83
N GLY S 430 -81.99 87.94 -92.51
CA GLY S 430 -80.71 88.12 -91.86
C GLY S 430 -80.30 89.58 -91.81
N VAL S 431 -79.00 89.79 -91.62
CA VAL S 431 -78.42 91.14 -91.57
C VAL S 431 -77.13 91.14 -92.36
N PHE S 432 -76.97 92.14 -93.22
CA PHE S 432 -75.72 92.37 -93.93
C PHE S 432 -75.01 93.61 -93.38
N LEU S 433 -73.68 93.53 -93.30
CA LEU S 433 -72.87 94.63 -92.84
C LEU S 433 -71.78 94.92 -93.86
N LEU S 434 -71.44 96.20 -93.99
CA LEU S 434 -70.52 96.64 -95.04
C LEU S 434 -69.36 97.44 -94.46
N THR S 435 -69.61 98.20 -93.40
CA THR S 435 -68.65 99.19 -92.92
C THR S 435 -68.36 98.89 -91.44
N THR S 436 -67.40 99.64 -90.88
CA THR S 436 -67.02 99.46 -89.48
C THR S 436 -68.21 99.64 -88.56
N THR S 437 -68.83 100.81 -88.58
CA THR S 437 -70.00 101.05 -87.75
C THR S 437 -71.13 100.12 -88.19
N PRO S 438 -71.86 99.51 -87.26
CA PRO S 438 -72.88 98.54 -87.65
C PRO S 438 -74.10 99.21 -88.26
N ARG S 439 -74.02 99.50 -89.56
CA ARG S 439 -75.12 100.10 -90.32
C ARG S 439 -75.66 99.05 -91.29
N PRO S 440 -76.55 98.17 -90.86
CA PRO S 440 -77.08 97.14 -91.77
C PRO S 440 -77.83 97.77 -92.94
N VAL S 441 -77.73 97.12 -94.08
CA VAL S 441 -78.37 97.61 -95.30
C VAL S 441 -79.84 97.24 -95.28
N ILE S 442 -80.68 98.15 -95.78
CA ILE S 442 -82.10 97.91 -95.95
C ILE S 442 -82.40 97.93 -97.44
N VAL S 443 -82.93 96.82 -97.96
CA VAL S 443 -83.15 96.64 -99.39
C VAL S 443 -84.64 96.46 -99.64
N GLU S 444 -85.13 97.15 -100.67
CA GLU S 444 -86.52 97.07 -101.11
C GLU S 444 -86.56 96.91 -102.61
N PRO S 445 -87.63 96.29 -103.14
CA PRO S 445 -87.77 96.20 -104.60
C PRO S 445 -87.89 97.58 -105.23
N LEU S 446 -87.32 97.73 -106.41
CA LEU S 446 -87.32 99.02 -107.11
C LEU S 446 -88.67 99.28 -107.77
N GLU S 447 -89.03 100.56 -107.83
CA GLU S 447 -90.17 101.03 -108.61
C GLU S 447 -89.63 101.85 -109.78
N GLN S 448 -90.02 101.47 -110.99
CA GLN S 448 -89.44 102.04 -112.20
C GLN S 448 -90.20 103.30 -112.61
N LEU S 449 -89.47 104.39 -112.82
CA LEU S 449 -90.01 105.66 -113.27
C LEU S 449 -89.35 106.07 -114.58
N ASP S 450 -90.16 106.49 -115.54
CA ASP S 450 -89.69 106.92 -116.85
C ASP S 450 -89.97 108.40 -117.02
N ASP S 451 -88.92 109.17 -117.32
CA ASP S 451 -89.04 110.61 -117.47
C ASP S 451 -89.11 111.07 -118.93
N GLU S 452 -88.71 110.23 -119.89
CA GLU S 452 -88.79 110.60 -121.30
C GLU S 452 -90.14 110.27 -121.93
N ASP S 453 -90.72 109.12 -121.60
CA ASP S 453 -92.04 108.74 -122.07
C ASP S 453 -93.02 108.80 -120.91
N GLY S 454 -94.12 109.52 -121.09
CA GLY S 454 -95.09 109.67 -120.04
C GLY S 454 -96.48 109.21 -120.43
N LEU S 455 -97.47 110.10 -120.33
CA LEU S 455 -98.84 109.78 -120.66
C LEU S 455 -99.24 110.50 -121.94
N PRO S 456 -99.30 109.83 -123.07
CA PRO S 456 -99.59 110.52 -124.33
C PRO S 456 -101.08 110.84 -124.46
N GLU S 457 -101.38 111.65 -125.49
CA GLU S 457 -102.75 112.06 -125.72
C GLU S 457 -103.63 110.87 -126.09
N LYS S 458 -103.09 109.92 -126.85
CA LYS S 458 -103.89 108.79 -127.32
C LYS S 458 -104.45 107.98 -126.16
N LEU S 459 -103.62 107.71 -125.15
CA LEU S 459 -104.10 106.94 -124.00
C LEU S 459 -104.93 107.82 -123.07
N ALA S 460 -104.56 109.09 -122.92
CA ALA S 460 -105.24 109.97 -121.97
C ALA S 460 -106.62 110.37 -122.47
N GLN S 461 -106.78 110.57 -123.78
CA GLN S 461 -108.06 111.02 -124.32
C GLN S 461 -109.10 109.91 -124.38
N LYS S 462 -108.73 108.68 -124.03
CA LYS S 462 -109.70 107.57 -124.05
C LYS S 462 -110.84 107.80 -123.08
N ASN S 463 -110.63 108.59 -122.04
CA ASN S 463 -111.69 108.84 -121.08
C ASN S 463 -112.74 109.76 -121.69
N PRO S 464 -114.03 109.43 -121.63
CA PRO S 464 -115.06 110.32 -122.17
C PRO S 464 -115.20 111.64 -121.42
N MET S 465 -114.64 111.76 -120.21
CA MET S 465 -114.71 113.00 -119.47
C MET S 465 -113.49 113.90 -119.64
N TYR S 466 -112.39 113.38 -120.18
CA TYR S 466 -111.20 114.20 -120.34
C TYR S 466 -111.42 115.33 -121.34
N GLN S 467 -112.11 115.04 -122.45
CA GLN S 467 -112.37 116.06 -123.45
C GLN S 467 -113.26 117.17 -122.89
N LYS S 468 -114.29 116.80 -122.11
CA LYS S 468 -115.13 117.79 -121.47
C LYS S 468 -114.46 118.44 -120.27
N GLU S 469 -113.30 117.95 -119.86
CA GLU S 469 -112.57 118.50 -118.72
C GLU S 469 -111.58 119.60 -119.12
N ARG S 470 -111.23 119.67 -120.40
CA ARG S 470 -110.25 120.63 -120.90
C ARG S 470 -110.89 121.94 -121.36
N GLU S 471 -112.20 122.10 -121.19
CA GLU S 471 -112.88 123.29 -121.69
C GLU S 471 -112.32 124.56 -121.05
N THR S 472 -112.06 124.53 -119.75
CA THR S 472 -111.46 125.68 -119.08
C THR S 472 -109.96 125.71 -119.35
N PRO S 473 -109.43 126.78 -119.95
CA PRO S 473 -107.98 126.84 -120.17
C PRO S 473 -107.24 126.97 -118.86
N PRO S 474 -105.99 126.51 -118.79
CA PRO S 474 -105.22 126.66 -117.55
C PRO S 474 -105.07 128.14 -117.17
N ARG S 475 -105.17 128.41 -115.87
CA ARG S 475 -105.14 129.77 -115.37
C ARG S 475 -104.76 129.77 -113.89
N PHE S 476 -104.68 130.96 -113.32
CA PHE S 476 -104.37 131.15 -111.90
C PHE S 476 -105.60 131.53 -111.10
N ALA S 477 -106.80 131.27 -111.62
CA ALA S 477 -108.06 131.67 -111.01
C ALA S 477 -108.12 133.19 -110.83
N GLN S 478 -109.14 133.67 -110.12
CA GLN S 478 -109.32 135.10 -109.90
C GLN S 478 -109.70 135.35 -108.45
N HIS S 479 -109.32 136.53 -107.95
CA HIS S 479 -109.64 136.90 -106.58
C HIS S 479 -111.14 137.04 -106.41
N GLY S 480 -111.67 136.50 -105.32
CA GLY S 480 -113.08 136.54 -105.04
C GLY S 480 -113.88 135.38 -105.59
N THR S 481 -113.26 134.50 -106.38
CA THR S 481 -113.94 133.35 -106.94
C THR S 481 -113.80 132.14 -106.02
N PHE S 482 -114.63 131.14 -106.27
CA PHE S 482 -114.59 129.92 -105.46
C PHE S 482 -113.28 129.17 -105.64
N GLU S 483 -112.77 129.13 -106.88
CA GLU S 483 -111.58 128.34 -107.17
C GLU S 483 -110.37 128.85 -106.39
N TYR S 484 -110.16 130.17 -106.39
CA TYR S 484 -109.06 130.75 -105.63
C TYR S 484 -109.23 130.54 -104.13
N GLU S 485 -110.46 130.73 -103.63
CA GLU S 485 -110.72 130.58 -102.21
C GLU S 485 -110.42 129.16 -101.74
N TYR S 486 -110.80 128.16 -102.52
CA TYR S 486 -110.57 126.78 -102.11
C TYR S 486 -109.14 126.33 -102.42
N SER S 487 -108.50 126.95 -103.41
CA SER S 487 -107.08 126.70 -103.65
C SER S 487 -106.25 127.21 -102.49
N GLN S 488 -106.71 128.26 -101.82
CA GLN S 488 -106.04 128.68 -100.58
C GLN S 488 -106.09 127.57 -99.53
N ARG S 489 -107.22 126.88 -99.42
CA ARG S 489 -107.32 125.75 -98.51
C ARG S 489 -106.39 124.61 -98.94
N TRP S 490 -106.31 124.35 -100.25
CA TRP S 490 -105.37 123.34 -100.72
C TRP S 490 -103.93 123.69 -100.36
N LYS S 491 -103.56 124.97 -100.53
CA LYS S 491 -102.21 125.41 -100.19
C LYS S 491 -101.95 125.30 -98.70
N SER S 492 -102.95 125.60 -97.86
CA SER S 492 -102.79 125.39 -96.42
C SER S 492 -102.54 123.93 -96.09
N LEU S 493 -103.29 123.03 -96.74
CA LEU S 493 -103.07 121.60 -96.52
C LEU S 493 -101.67 121.19 -96.96
N ASP S 494 -101.22 121.69 -98.11
CA ASP S 494 -99.88 121.37 -98.60
C ASP S 494 -98.81 121.88 -97.64
N GLU S 495 -98.99 123.09 -97.11
CA GLU S 495 -98.03 123.64 -96.16
C GLU S 495 -97.99 122.82 -94.87
N MET S 496 -99.15 122.37 -94.38
CA MET S 496 -99.16 121.53 -93.19
C MET S 496 -98.45 120.20 -93.46
N GLU S 497 -98.68 119.62 -94.64
CA GLU S 497 -97.98 118.39 -94.99
C GLU S 497 -96.48 118.59 -95.05
N LYS S 498 -96.04 119.71 -95.64
CA LYS S 498 -94.62 120.01 -95.70
C LYS S 498 -94.02 120.17 -94.31
N GLN S 499 -94.75 120.84 -93.42
CA GLN S 499 -94.28 121.00 -92.04
C GLN S 499 -94.15 119.65 -91.34
N GLN S 500 -95.13 118.77 -91.55
CA GLN S 500 -95.04 117.43 -90.96
C GLN S 500 -93.84 116.67 -91.49
N ARG S 501 -93.60 116.75 -92.80
CA ARG S 501 -92.45 116.07 -93.38
C ARG S 501 -91.14 116.61 -92.83
N GLU S 502 -91.03 117.94 -92.71
CA GLU S 502 -89.82 118.53 -92.16
C GLU S 502 -89.61 118.11 -90.71
N GLN S 503 -90.69 118.07 -89.92
CA GLN S 503 -90.58 117.63 -88.53
C GLN S 503 -90.12 116.17 -88.44
N VAL S 504 -90.67 115.31 -89.30
CA VAL S 504 -90.28 113.90 -89.30
C VAL S 504 -88.80 113.77 -89.67
N GLU S 505 -88.37 114.52 -90.69
CA GLU S 505 -86.97 114.47 -91.09
C GLU S 505 -86.06 114.96 -89.97
N LYS S 506 -86.45 116.02 -89.28
CA LYS S 506 -85.65 116.52 -88.17
C LYS S 506 -85.56 115.49 -87.04
N ASN S 507 -86.68 114.81 -86.75
CA ASN S 507 -86.66 113.77 -85.73
C ASN S 507 -85.73 112.64 -86.13
N MET S 508 -85.77 112.22 -87.40
CA MET S 508 -84.87 111.16 -87.85
C MET S 508 -83.42 111.60 -87.74
N LYS S 509 -83.12 112.85 -88.11
CA LYS S 509 -81.76 113.35 -88.01
C LYS S 509 -81.28 113.38 -86.56
N ASP S 510 -82.15 113.83 -85.64
CA ASP S 510 -81.77 113.85 -84.23
C ASP S 510 -81.55 112.44 -83.70
N ALA S 511 -82.39 111.49 -84.09
CA ALA S 511 -82.19 110.11 -83.69
C ALA S 511 -80.86 109.57 -84.21
N LYS S 512 -80.54 109.89 -85.46
CA LYS S 512 -79.26 109.46 -86.02
C LYS S 512 -78.09 110.05 -85.26
N ASP S 513 -78.17 111.33 -84.90
CA ASP S 513 -77.09 111.97 -84.15
C ASP S 513 -76.91 111.33 -82.78
N LYS S 514 -78.02 111.13 -82.06
CA LYS S 514 -77.92 110.52 -80.72
C LYS S 514 -77.42 109.09 -80.82
N LEU S 515 -77.80 108.37 -81.87
CA LEU S 515 -77.24 107.04 -82.08
C LEU S 515 -75.75 107.10 -82.31
N GLU S 516 -75.30 108.02 -83.17
CA GLU S 516 -73.87 108.13 -83.46
C GLU S 516 -73.09 108.46 -82.20
N SER S 517 -73.68 109.26 -81.30
CA SER S 517 -73.02 109.55 -80.03
C SER S 517 -72.86 108.29 -79.18
N GLU S 518 -73.87 107.42 -79.19
CA GLU S 518 -73.92 106.28 -78.26
C GLU S 518 -73.40 105.00 -78.92
N MET S 519 -72.15 105.07 -79.39
CA MET S 519 -71.44 103.92 -79.94
C MET S 519 -70.33 103.42 -79.02
N GLU S 520 -69.37 104.27 -78.65
CA GLU S 520 -68.23 103.80 -77.88
C GLU S 520 -68.66 103.32 -76.49
N ASP S 521 -69.57 104.06 -75.85
CA ASP S 521 -69.97 103.75 -74.49
C ASP S 521 -70.60 102.36 -74.39
N ALA S 522 -71.59 102.09 -75.24
CA ALA S 522 -72.27 100.80 -75.17
C ALA S 522 -71.40 99.67 -75.70
N TYR S 523 -70.48 99.96 -76.62
CA TYR S 523 -69.52 98.96 -77.04
C TYR S 523 -68.64 98.52 -75.88
N HIS S 524 -68.09 99.49 -75.14
CA HIS S 524 -67.31 99.16 -73.96
C HIS S 524 -68.17 98.47 -72.92
N GLU S 525 -69.45 98.84 -72.83
CA GLU S 525 -70.35 98.16 -71.91
C GLU S 525 -70.50 96.69 -72.27
N HIS S 526 -70.62 96.40 -73.57
CA HIS S 526 -70.68 95.02 -74.02
C HIS S 526 -69.41 94.26 -73.66
N GLN S 527 -68.25 94.89 -73.89
CA GLN S 527 -66.98 94.25 -73.56
C GLN S 527 -66.89 93.94 -72.07
N ALA S 528 -67.25 94.93 -71.24
CA ALA S 528 -67.20 94.74 -69.79
C ALA S 528 -68.18 93.69 -69.33
N ASN S 529 -69.37 93.64 -69.94
CA ASN S 529 -70.34 92.61 -69.58
C ASN S 529 -69.82 91.22 -69.92
N LEU S 530 -69.19 91.06 -71.09
CA LEU S 530 -68.62 89.75 -71.44
C LEU S 530 -67.53 89.36 -70.46
N LEU S 531 -66.65 90.31 -70.11
CA LEU S 531 -65.59 90.00 -69.15
C LEU S 531 -66.15 89.63 -67.79
N ARG S 532 -67.20 90.34 -67.35
CA ARG S 532 -67.81 90.03 -66.07
C ARG S 532 -68.44 88.64 -66.08
N GLN S 533 -69.11 88.28 -67.17
CA GLN S 533 -69.71 86.95 -67.25
C GLN S 533 -68.64 85.87 -67.18
N ASP S 534 -67.53 86.06 -67.91
CA ASP S 534 -66.45 85.08 -67.85
C ASP S 534 -65.87 84.99 -66.44
N LEU S 535 -65.70 86.14 -65.78
CA LEU S 535 -65.10 86.14 -64.45
C LEU S 535 -66.00 85.44 -63.45
N MET S 536 -67.32 85.66 -63.52
CA MET S 536 -68.23 84.95 -62.63
C MET S 536 -68.21 83.45 -62.90
N ARG S 537 -68.12 83.06 -64.18
CA ARG S 537 -68.04 81.63 -64.50
C ARG S 537 -66.81 80.99 -63.86
N ARG S 538 -65.65 81.64 -64.00
CA ARG S 538 -64.44 81.08 -63.41
C ARG S 538 -64.47 81.13 -61.89
N GLN S 539 -65.10 82.15 -61.31
CA GLN S 539 -65.24 82.18 -59.85
C GLN S 539 -66.09 81.01 -59.36
N GLU S 540 -67.17 80.70 -60.07
CA GLU S 540 -67.98 79.55 -59.69
C GLU S 540 -67.18 78.25 -59.82
N GLU S 541 -66.42 78.11 -60.91
CA GLU S 541 -65.59 76.91 -61.07
C GLU S 541 -64.56 76.80 -59.94
N LEU S 542 -63.92 77.91 -59.61
CA LEU S 542 -62.92 77.91 -58.54
C LEU S 542 -63.54 77.54 -57.21
N ARG S 543 -64.71 78.08 -56.89
CA ARG S 543 -65.37 77.72 -55.64
C ARG S 543 -65.72 76.24 -55.61
N ARG S 544 -66.22 75.71 -56.73
CA ARG S 544 -66.54 74.29 -56.80
C ARG S 544 -65.33 73.43 -56.51
N MET S 545 -64.22 73.72 -57.18
CA MET S 545 -63.03 72.90 -56.98
C MET S 545 -62.39 73.14 -55.61
N GLU S 546 -62.52 74.34 -55.05
CA GLU S 546 -62.04 74.58 -53.69
C GLU S 546 -62.80 73.74 -52.68
N GLU S 547 -64.13 73.71 -52.77
CA GLU S 547 -64.88 72.90 -51.81
C GLU S 547 -64.61 71.41 -52.02
N LEU S 548 -64.46 70.99 -53.28
CA LEU S 548 -64.11 69.59 -53.52
C LEU S 548 -62.77 69.25 -52.88
N HIS S 549 -61.77 70.11 -53.04
CA HIS S 549 -60.46 69.86 -52.46
C HIS S 549 -60.52 69.89 -50.94
N SER S 550 -61.35 70.75 -50.36
CA SER S 550 -61.51 70.75 -48.91
C SER S 550 -62.07 69.42 -48.43
N GLN S 551 -63.05 68.88 -49.17
CA GLN S 551 -63.55 67.54 -48.83
C GLN S 551 -62.45 66.49 -48.92
N GLU S 552 -61.64 66.56 -49.97
CA GLU S 552 -60.54 65.60 -50.12
C GLU S 552 -59.58 65.68 -48.94
N MET S 553 -59.21 66.91 -48.55
CA MET S 553 -58.29 67.10 -47.44
C MET S 553 -58.88 66.60 -46.13
N GLN S 554 -60.19 66.81 -45.94
CA GLN S 554 -60.82 66.27 -44.73
C GLN S 554 -60.75 64.75 -44.70
N LYS S 555 -60.99 64.11 -45.84
CA LYS S 555 -60.86 62.66 -45.90
C LYS S 555 -59.46 62.22 -45.51
N ARG S 556 -58.43 62.84 -46.11
CA ARG S 556 -57.06 62.46 -45.79
C ARG S 556 -56.75 62.68 -44.32
N LYS S 557 -57.16 63.82 -43.77
CA LYS S 557 -56.82 64.12 -42.37
C LYS S 557 -57.49 63.16 -41.41
N GLU S 558 -58.77 62.84 -41.65
CA GLU S 558 -59.44 61.87 -40.78
C GLU S 558 -58.75 60.52 -40.84
N MET S 559 -58.41 60.07 -42.05
CA MET S 559 -57.74 58.77 -42.17
C MET S 559 -56.40 58.80 -41.45
N GLN S 560 -55.66 59.91 -41.58
CA GLN S 560 -54.35 59.99 -40.94
C GLN S 560 -54.46 59.98 -39.43
N LEU S 561 -55.50 60.61 -38.88
CA LEU S 561 -55.68 60.55 -37.43
C LEU S 561 -55.97 59.12 -36.98
N ARG S 562 -56.80 58.40 -37.73
CA ARG S 562 -57.00 56.98 -37.42
C ARG S 562 -55.67 56.22 -37.50
N GLN S 563 -54.86 56.56 -38.50
CA GLN S 563 -53.52 55.99 -38.65
C GLN S 563 -52.70 56.17 -37.40
N GLU S 564 -52.60 57.40 -36.91
CA GLU S 564 -51.73 57.69 -35.79
C GLU S 564 -52.23 57.02 -34.53
N GLU S 565 -53.55 56.97 -34.35
CA GLU S 565 -54.09 56.27 -33.19
C GLU S 565 -53.70 54.80 -33.20
N GLU S 566 -53.89 54.12 -34.34
CA GLU S 566 -53.59 52.69 -34.38
C GLU S 566 -52.09 52.46 -34.18
N ARG S 567 -51.25 53.30 -34.78
CA ARG S 567 -49.81 53.13 -34.61
C ARG S 567 -49.40 53.34 -33.16
N ARG S 568 -49.98 54.34 -32.50
CA ARG S 568 -49.64 54.60 -31.10
C ARG S 568 -50.05 53.43 -30.22
N ARG S 569 -51.24 52.86 -30.46
CA ARG S 569 -51.66 51.70 -29.66
C ARG S 569 -50.71 50.53 -29.87
N ARG S 570 -50.34 50.27 -31.13
CA ARG S 570 -49.39 49.20 -31.41
C ARG S 570 -48.10 49.43 -30.63
N GLU S 571 -47.57 50.65 -30.69
CA GLU S 571 -46.27 50.90 -30.10
C GLU S 571 -46.31 50.81 -28.58
N GLU S 572 -47.40 51.24 -27.95
CA GLU S 572 -47.46 51.13 -26.51
C GLU S 572 -47.57 49.67 -26.07
N GLU S 573 -48.33 48.86 -26.82
CA GLU S 573 -48.30 47.42 -26.55
C GLU S 573 -46.89 46.86 -26.72
N MET S 574 -46.18 47.33 -27.73
CA MET S 574 -44.85 46.85 -28.05
C MET S 574 -43.87 47.17 -26.91
N MET S 575 -43.99 48.39 -26.38
CA MET S 575 -43.16 48.81 -25.26
C MET S 575 -43.52 48.06 -23.98
N ILE S 576 -44.80 47.76 -23.77
CA ILE S 576 -45.17 46.94 -22.62
C ILE S 576 -44.49 45.57 -22.70
N ARG S 577 -44.52 44.97 -23.90
CA ARG S 577 -43.81 43.70 -24.08
C ARG S 577 -42.34 43.85 -23.76
N GLN S 578 -41.69 44.90 -24.25
CA GLN S 578 -40.26 45.05 -24.02
C GLN S 578 -39.95 45.26 -22.54
N ARG S 579 -40.80 45.99 -21.83
CA ARG S 579 -40.51 46.26 -20.42
C ARG S 579 -40.71 45.01 -19.57
N GLU S 580 -41.74 44.20 -19.88
CA GLU S 580 -41.87 42.94 -19.15
C GLU S 580 -40.71 42.01 -19.45
N MET S 581 -40.22 42.04 -20.70
CA MET S 581 -39.02 41.27 -21.05
C MET S 581 -37.84 41.73 -20.20
N GLU S 582 -37.66 43.06 -20.07
CA GLU S 582 -36.56 43.58 -19.27
C GLU S 582 -36.68 43.17 -17.81
N GLU S 583 -37.89 43.22 -17.25
CA GLU S 583 -38.08 42.81 -15.86
C GLU S 583 -37.70 41.34 -15.68
N GLN S 584 -38.19 40.48 -16.57
CA GLN S 584 -37.86 39.06 -16.47
C GLN S 584 -36.36 38.83 -16.59
N MET S 585 -35.72 39.58 -17.50
CA MET S 585 -34.31 39.36 -17.78
C MET S 585 -33.45 39.85 -16.61
N ARG S 586 -33.84 40.96 -16.00
CA ARG S 586 -33.15 41.40 -14.78
C ARG S 586 -33.35 40.42 -13.64
N ARG S 587 -34.55 39.85 -13.51
CA ARG S 587 -34.76 38.83 -12.49
C ARG S 587 -33.87 37.62 -12.72
N GLN S 588 -33.73 37.20 -13.98
CA GLN S 588 -32.85 36.09 -14.29
C GLN S 588 -31.39 36.42 -13.95
N ARG S 589 -30.96 37.64 -14.27
CA ARG S 589 -29.60 38.05 -13.93
C ARG S 589 -29.39 38.03 -12.42
N GLU S 590 -30.36 38.53 -11.66
CA GLU S 590 -30.24 38.53 -10.20
C GLU S 590 -30.17 37.10 -9.66
N GLU S 591 -31.00 36.20 -10.22
CA GLU S 591 -30.94 34.81 -9.79
C GLU S 591 -29.58 34.19 -10.10
N SER S 592 -29.04 34.47 -11.28
CA SER S 592 -27.73 33.93 -11.64
C SER S 592 -26.62 34.50 -10.76
N TYR S 593 -26.80 35.74 -10.27
CA TYR S 593 -25.81 36.32 -9.36
C TYR S 593 -25.71 35.51 -8.07
N SER S 594 -26.84 35.08 -7.53
CA SER S 594 -26.84 34.27 -6.31
C SER S 594 -26.64 32.80 -6.61
N LYS T 69 -85.72 119.51 -130.87
CA LYS T 69 -85.36 120.93 -130.92
C LYS T 69 -83.84 121.10 -130.88
N THR T 70 -83.31 121.80 -131.86
CA THR T 70 -81.87 122.02 -131.94
C THR T 70 -81.43 123.04 -130.90
N PHE T 71 -80.14 122.94 -130.51
CA PHE T 71 -79.54 123.83 -129.51
C PHE T 71 -80.32 123.80 -128.20
N THR T 72 -80.75 122.60 -127.81
CA THR T 72 -81.46 122.41 -126.56
C THR T 72 -80.50 122.43 -125.39
N GLN T 73 -80.99 122.92 -124.24
CA GLN T 73 -80.20 122.87 -123.01
C GLN T 73 -79.81 121.45 -122.65
N ARG T 74 -80.61 120.46 -123.06
CA ARG T 74 -80.22 119.06 -122.88
C ARG T 74 -78.97 118.72 -123.68
N SER T 75 -78.80 119.35 -124.84
CA SER T 75 -77.66 119.08 -125.70
C SER T 75 -76.36 119.71 -125.20
N ARG T 76 -76.43 120.57 -124.19
CA ARG T 76 -75.22 121.17 -123.64
C ARG T 76 -74.36 120.10 -122.98
N LEU T 77 -73.06 120.15 -123.25
CA LEU T 77 -72.10 119.20 -122.70
C LEU T 77 -71.08 119.91 -121.84
N PHE T 78 -70.58 119.20 -120.82
CA PHE T 78 -69.55 119.70 -119.93
C PHE T 78 -68.26 118.95 -120.23
N VAL T 79 -67.34 119.60 -120.94
CA VAL T 79 -66.06 119.02 -121.33
C VAL T 79 -64.98 119.60 -120.44
N GLY T 80 -64.24 118.73 -119.75
CA GLY T 80 -63.21 119.13 -118.83
C GLY T 80 -61.84 118.61 -119.22
N ASN T 81 -60.86 118.95 -118.37
CA ASN T 81 -59.47 118.52 -118.55
C ASN T 81 -58.88 118.99 -119.87
N LEU T 82 -59.35 120.13 -120.38
CA LEU T 82 -58.81 120.67 -121.62
C LEU T 82 -57.39 121.19 -121.40
N PRO T 83 -56.54 121.11 -122.42
CA PRO T 83 -55.17 121.61 -122.27
C PRO T 83 -55.17 123.10 -122.04
N PRO T 84 -54.14 123.63 -121.36
CA PRO T 84 -54.12 125.07 -121.08
C PRO T 84 -54.11 125.94 -122.32
N ASP T 85 -53.50 125.49 -123.41
CA ASP T 85 -53.47 126.26 -124.64
C ASP T 85 -54.73 126.02 -125.47
N ILE T 86 -55.89 126.20 -124.85
CA ILE T 86 -57.18 126.00 -125.53
C ILE T 86 -57.52 127.25 -126.31
N THR T 87 -58.39 127.10 -127.30
CA THR T 87 -58.75 128.18 -128.19
C THR T 87 -60.16 127.93 -128.73
N GLU T 88 -60.89 129.01 -128.98
CA GLU T 88 -62.23 128.89 -129.54
C GLU T 88 -62.20 128.17 -130.89
N GLU T 89 -61.23 128.52 -131.73
CA GLU T 89 -61.09 127.83 -133.01
C GLU T 89 -60.71 126.36 -132.81
N GLU T 90 -59.85 126.09 -131.83
CA GLU T 90 -59.51 124.71 -131.52
C GLU T 90 -60.73 123.92 -131.05
N MET T 91 -61.56 124.54 -130.21
CA MET T 91 -62.80 123.90 -129.79
C MET T 91 -63.70 123.63 -130.99
N ARG T 92 -63.86 124.62 -131.87
CA ARG T 92 -64.76 124.48 -133.00
C ARG T 92 -64.29 123.40 -133.96
N LYS T 93 -62.98 123.31 -134.21
CA LYS T 93 -62.47 122.24 -135.07
C LYS T 93 -62.52 120.88 -134.38
N LEU T 94 -62.43 120.86 -133.05
CA LEU T 94 -62.56 119.60 -132.33
C LEU T 94 -63.94 119.00 -132.51
N PHE T 95 -64.99 119.84 -132.47
CA PHE T 95 -66.36 119.40 -132.69
C PHE T 95 -66.84 119.67 -134.10
N GLU T 96 -65.91 119.75 -135.06
CA GLU T 96 -66.30 120.01 -136.44
C GLU T 96 -67.11 118.86 -137.01
N LYS T 97 -66.79 117.62 -136.62
CA LYS T 97 -67.54 116.46 -137.07
C LYS T 97 -68.99 116.49 -136.58
N TYR T 98 -69.29 117.25 -135.54
CA TYR T 98 -70.63 117.33 -134.97
C TYR T 98 -71.32 118.64 -135.33
N GLY T 99 -71.12 119.11 -136.55
CA GLY T 99 -71.83 120.27 -137.05
C GLY T 99 -71.47 121.56 -136.32
N LYS T 100 -72.45 122.44 -136.20
CA LYS T 100 -72.24 123.74 -135.59
C LYS T 100 -72.10 123.62 -134.07
N ALA T 101 -71.60 124.70 -133.46
CA ALA T 101 -71.41 124.76 -132.03
C ALA T 101 -72.05 126.03 -131.48
N GLY T 102 -72.39 126.00 -130.20
CA GLY T 102 -73.04 127.12 -129.56
C GLY T 102 -72.08 128.12 -128.93
N GLU T 103 -72.34 128.48 -127.69
CA GLU T 103 -71.50 129.45 -126.98
C GLU T 103 -70.17 128.77 -126.60
N VAL T 104 -69.08 129.28 -127.14
CA VAL T 104 -67.74 128.72 -126.88
C VAL T 104 -67.17 129.48 -125.69
N PHE T 105 -67.49 129.00 -124.49
CA PHE T 105 -66.99 129.58 -123.25
C PHE T 105 -66.08 128.57 -122.56
N ILE T 106 -64.78 128.87 -122.52
CA ILE T 106 -63.79 128.02 -121.88
C ILE T 106 -63.01 128.87 -120.88
N HIS T 107 -62.64 128.26 -119.77
CA HIS T 107 -61.81 128.90 -118.75
C HIS T 107 -60.37 128.48 -118.98
N LYS T 108 -59.52 129.43 -119.38
CA LYS T 108 -58.15 129.11 -119.76
C LYS T 108 -57.37 128.55 -118.57
N ASP T 109 -57.50 129.18 -117.40
CA ASP T 109 -56.71 128.74 -116.25
C ASP T 109 -57.26 127.44 -115.67
N LYS T 110 -58.59 127.33 -115.54
CA LYS T 110 -59.16 126.16 -114.89
C LYS T 110 -59.22 124.95 -115.83
N GLY T 111 -59.08 125.18 -117.14
CA GLY T 111 -58.93 124.08 -118.06
C GLY T 111 -60.21 123.36 -118.47
N PHE T 112 -61.38 123.97 -118.25
CA PHE T 112 -62.62 123.38 -118.69
C PHE T 112 -63.57 124.48 -119.14
N GLY T 113 -64.57 124.09 -119.93
CA GLY T 113 -65.53 125.05 -120.45
C GLY T 113 -66.82 124.38 -120.85
N PHE T 114 -67.79 125.20 -121.20
CA PHE T 114 -69.14 124.75 -121.57
C PHE T 114 -69.39 125.04 -123.04
N ILE T 115 -70.08 124.12 -123.71
CA ILE T 115 -70.38 124.27 -125.13
C ILE T 115 -71.71 123.58 -125.43
N ARG T 116 -72.49 124.18 -126.31
CA ARG T 116 -73.73 123.62 -126.81
C ARG T 116 -73.55 123.19 -128.26
N LEU T 117 -74.08 122.01 -128.59
CA LEU T 117 -73.96 121.45 -129.93
C LEU T 117 -75.23 121.71 -130.73
N GLU T 118 -75.30 121.13 -131.92
CA GLU T 118 -76.45 121.30 -132.80
C GLU T 118 -77.72 120.74 -132.18
N THR T 119 -77.76 119.43 -131.95
CA THR T 119 -78.91 118.75 -131.36
C THR T 119 -78.44 117.82 -130.26
N ARG T 120 -79.42 117.21 -129.57
CA ARG T 120 -79.08 116.27 -128.51
C ARG T 120 -78.49 114.97 -129.08
N THR T 121 -78.91 114.57 -130.27
CA THR T 121 -78.33 113.40 -130.93
C THR T 121 -76.84 113.60 -131.16
N LEU T 122 -76.46 114.73 -131.77
CA LEU T 122 -75.06 115.01 -132.00
C LEU T 122 -74.30 115.21 -130.69
N ALA T 123 -74.99 115.74 -129.67
CA ALA T 123 -74.36 115.87 -128.36
C ALA T 123 -74.01 114.50 -127.78
N GLU T 124 -74.94 113.54 -127.90
CA GLU T 124 -74.65 112.18 -127.43
C GLU T 124 -73.53 111.55 -128.24
N ILE T 125 -73.52 111.76 -129.55
CA ILE T 125 -72.47 111.20 -130.40
C ILE T 125 -71.11 111.77 -129.99
N ALA T 126 -71.04 113.08 -129.75
CA ALA T 126 -69.78 113.69 -129.32
C ALA T 126 -69.37 113.20 -127.93
N LYS T 127 -70.32 113.08 -127.01
CA LYS T 127 -70.01 112.62 -125.67
C LYS T 127 -69.50 111.19 -125.66
N VAL T 128 -69.96 110.37 -126.61
CA VAL T 128 -69.49 109.00 -126.70
C VAL T 128 -68.12 108.94 -127.37
N GLU T 129 -68.01 109.55 -128.55
CA GLU T 129 -66.77 109.42 -129.33
C GLU T 129 -65.60 110.12 -128.66
N LEU T 130 -65.83 111.32 -128.11
CA LEU T 130 -64.76 112.11 -127.50
C LEU T 130 -64.54 111.77 -126.04
N ASP T 131 -65.11 110.65 -125.56
CA ASP T 131 -64.93 110.24 -124.17
C ASP T 131 -63.61 109.50 -124.00
N ASN T 132 -62.81 109.94 -123.02
CA ASN T 132 -61.56 109.28 -122.66
C ASN T 132 -60.59 109.22 -123.85
N MET T 133 -60.22 110.39 -124.36
CA MET T 133 -59.23 110.45 -125.40
C MET T 133 -58.08 111.39 -125.02
N PRO T 134 -56.87 111.14 -125.49
CA PRO T 134 -55.75 112.00 -125.09
C PRO T 134 -55.65 113.25 -125.96
N LEU T 135 -55.38 114.37 -125.31
CA LEU T 135 -55.22 115.66 -125.99
C LEU T 135 -54.06 116.39 -125.33
N ARG T 136 -52.88 116.32 -125.95
CA ARG T 136 -51.66 116.92 -125.42
C ARG T 136 -51.38 116.44 -123.99
N GLY T 137 -51.41 115.12 -123.81
CA GLY T 137 -51.19 114.54 -122.50
C GLY T 137 -52.27 114.86 -121.49
N LYS T 138 -53.53 114.85 -121.92
CA LYS T 138 -54.65 115.13 -121.03
C LYS T 138 -55.88 114.41 -121.56
N GLN T 139 -56.48 113.58 -120.72
CA GLN T 139 -57.67 112.83 -121.11
C GLN T 139 -58.90 113.70 -120.90
N LEU T 140 -59.59 114.03 -121.99
CA LEU T 140 -60.80 114.84 -121.90
C LEU T 140 -61.92 114.06 -121.24
N ARG T 141 -62.65 114.73 -120.36
CA ARG T 141 -63.78 114.14 -119.63
C ARG T 141 -65.05 114.83 -120.10
N VAL T 142 -65.68 114.25 -121.12
CA VAL T 142 -66.91 114.80 -121.69
C VAL T 142 -68.09 114.20 -120.92
N ARG T 143 -68.76 115.04 -120.16
CA ARG T 143 -69.92 114.64 -119.37
C ARG T 143 -71.12 115.50 -119.73
N PHE T 144 -72.28 114.86 -119.87
CA PHE T 144 -73.49 115.59 -120.23
C PHE T 144 -73.92 116.50 -119.08
N ALA T 145 -74.39 117.70 -119.45
CA ALA T 145 -74.76 118.70 -118.46
C ALA T 145 -76.13 118.43 -117.88
N CYS T 146 -76.27 118.66 -116.58
CA CYS T 146 -77.56 118.55 -115.93
C CYS T 146 -78.44 119.73 -116.30
N HIS T 147 -79.74 119.52 -116.25
CA HIS T 147 -80.70 120.58 -116.59
C HIS T 147 -80.72 121.62 -115.48
N SER T 148 -80.20 122.81 -115.78
CA SER T 148 -80.16 123.91 -114.81
C SER T 148 -81.46 124.71 -114.78
N ALA T 149 -82.40 124.42 -115.67
CA ALA T 149 -83.68 125.12 -115.74
C ALA T 149 -84.82 124.10 -115.73
N SER T 150 -84.73 123.12 -114.84
CA SER T 150 -85.72 122.06 -114.75
C SER T 150 -86.43 122.15 -113.41
N LEU T 151 -87.76 122.14 -113.45
CA LEU T 151 -88.59 122.25 -112.26
C LEU T 151 -89.58 121.10 -112.22
N THR T 152 -89.71 120.47 -111.05
CA THR T 152 -90.64 119.37 -110.87
C THR T 152 -92.00 119.89 -110.43
N VAL T 153 -93.05 119.21 -110.88
CA VAL T 153 -94.42 119.52 -110.48
C VAL T 153 -95.02 118.26 -109.88
N ARG T 154 -95.67 118.42 -108.72
CA ARG T 154 -96.27 117.32 -108.00
C ARG T 154 -97.79 117.47 -108.00
N ASN T 155 -98.45 116.40 -107.56
CA ASN T 155 -99.88 116.43 -107.29
C ASN T 155 -100.68 116.84 -108.52
N LEU T 156 -100.31 116.28 -109.67
CA LEU T 156 -101.05 116.53 -110.89
C LEU T 156 -102.46 115.92 -110.78
N PRO T 157 -103.43 116.49 -111.48
CA PRO T 157 -104.79 115.95 -111.44
C PRO T 157 -104.84 114.52 -111.95
N GLN T 158 -105.99 113.88 -111.73
CA GLN T 158 -106.17 112.48 -112.12
C GLN T 158 -106.01 112.28 -113.62
N TYR T 159 -106.18 113.33 -114.42
CA TYR T 159 -106.11 113.23 -115.88
C TYR T 159 -105.18 114.32 -116.39
N VAL T 160 -103.90 113.98 -116.54
CA VAL T 160 -102.87 114.92 -116.99
C VAL T 160 -102.19 114.33 -118.22
N SER T 161 -101.64 115.21 -119.06
CA SER T 161 -101.03 114.80 -120.31
C SER T 161 -99.69 115.51 -120.47
N ASN T 162 -98.93 115.06 -121.47
CA ASN T 162 -97.63 115.65 -121.75
C ASN T 162 -97.77 117.05 -122.35
N GLU T 163 -98.51 117.16 -123.46
CA GLU T 163 -98.75 118.47 -124.04
C GLU T 163 -99.67 119.32 -123.17
N LEU T 164 -100.41 118.70 -122.25
CA LEU T 164 -101.16 119.47 -121.27
C LEU T 164 -100.22 120.28 -120.37
N LEU T 165 -99.14 119.64 -119.90
CA LEU T 165 -98.12 120.37 -119.15
C LEU T 165 -97.34 121.32 -120.06
N GLU T 166 -97.09 120.90 -121.29
CA GLU T 166 -96.33 121.74 -122.22
C GLU T 166 -97.06 123.05 -122.50
N GLU T 167 -98.36 122.99 -122.74
CA GLU T 167 -99.14 124.19 -123.03
C GLU T 167 -99.37 125.02 -121.76
N ALA T 168 -99.67 124.36 -120.65
CA ALA T 168 -99.96 125.08 -119.41
C ALA T 168 -98.74 125.84 -118.90
N PHE T 169 -97.55 125.24 -119.01
CA PHE T 169 -96.33 125.84 -118.52
C PHE T 169 -95.60 126.65 -119.58
N SER T 170 -96.17 126.78 -120.78
CA SER T 170 -95.56 127.60 -121.82
C SER T 170 -95.79 129.09 -121.58
N VAL T 171 -96.72 129.45 -120.70
CA VAL T 171 -96.99 130.86 -120.43
C VAL T 171 -95.80 131.53 -119.75
N PHE T 172 -94.97 130.74 -119.05
CA PHE T 172 -93.81 131.27 -118.36
C PHE T 172 -92.59 131.43 -119.25
N GLY T 173 -92.70 131.06 -120.52
CA GLY T 173 -91.58 131.13 -121.43
C GLY T 173 -91.45 129.85 -122.24
N GLN T 174 -90.46 129.79 -123.13
CA GLN T 174 -90.25 128.59 -123.92
C GLN T 174 -89.77 127.44 -123.03
N VAL T 175 -90.35 126.26 -123.23
CA VAL T 175 -90.01 125.07 -122.46
C VAL T 175 -89.72 123.94 -123.43
N GLU T 176 -88.60 123.24 -123.20
CA GLU T 176 -88.16 122.22 -124.14
C GLU T 176 -89.03 120.97 -124.08
N ARG T 177 -89.35 120.50 -122.88
CA ARG T 177 -90.05 119.22 -122.75
C ARG T 177 -90.73 119.10 -121.40
N ALA T 178 -92.01 118.71 -121.40
CA ALA T 178 -92.77 118.46 -120.17
C ALA T 178 -93.39 117.08 -120.25
N VAL T 179 -93.06 116.23 -119.28
CA VAL T 179 -93.49 114.84 -119.26
C VAL T 179 -94.08 114.52 -117.90
N VAL T 180 -94.96 113.52 -117.87
CA VAL T 180 -95.58 113.03 -116.64
C VAL T 180 -94.94 111.69 -116.28
N ILE T 181 -94.54 111.55 -115.02
CA ILE T 181 -93.98 110.29 -114.56
C ILE T 181 -95.07 109.22 -114.54
N VAL T 182 -94.78 108.08 -115.16
CA VAL T 182 -95.73 106.98 -115.25
C VAL T 182 -95.03 105.70 -114.79
N ASP T 183 -95.83 104.78 -114.23
CA ASP T 183 -95.29 103.54 -113.71
C ASP T 183 -95.12 102.52 -114.86
N ASP T 184 -94.68 101.31 -114.48
CA ASP T 184 -94.49 100.26 -115.47
C ASP T 184 -95.82 99.84 -116.09
N ARG T 185 -96.86 99.71 -115.26
CA ARG T 185 -98.17 99.30 -115.78
C ARG T 185 -98.76 100.35 -116.72
N GLY T 186 -98.62 101.63 -116.38
CA GLY T 186 -99.16 102.68 -117.21
C GLY T 186 -100.21 103.52 -116.51
N ARG T 187 -100.10 103.65 -115.19
CA ARG T 187 -101.02 104.46 -114.41
C ARG T 187 -100.34 105.73 -113.92
N PRO T 188 -101.07 106.83 -113.76
CA PRO T 188 -100.44 108.07 -113.31
C PRO T 188 -99.88 107.95 -111.90
N SER T 189 -98.79 108.67 -111.65
CA SER T 189 -98.10 108.64 -110.37
C SER T 189 -98.27 109.93 -109.57
N GLY T 190 -98.94 110.94 -110.13
CA GLY T 190 -99.14 112.19 -109.42
C GLY T 190 -97.96 113.13 -109.45
N LYS T 191 -96.93 112.85 -110.24
CA LYS T 191 -95.75 113.70 -110.33
C LYS T 191 -95.42 113.95 -111.79
N GLY T 192 -94.84 115.11 -112.07
CA GLY T 192 -94.55 115.50 -113.43
C GLY T 192 -93.13 116.01 -113.58
N ILE T 193 -92.67 116.05 -114.82
CA ILE T 193 -91.34 116.52 -115.19
C ILE T 193 -91.50 117.69 -116.15
N VAL T 194 -90.86 118.81 -115.83
CA VAL T 194 -90.93 120.03 -116.63
C VAL T 194 -89.52 120.61 -116.76
N GLU T 195 -89.14 120.97 -117.98
CA GLU T 195 -87.84 121.57 -118.26
C GLU T 195 -88.04 122.92 -118.95
N PHE T 196 -87.08 123.81 -118.76
CA PHE T 196 -87.12 125.11 -119.41
C PHE T 196 -85.88 125.30 -120.28
N SER T 197 -85.74 126.48 -120.88
CA SER T 197 -84.58 126.81 -121.70
C SER T 197 -83.67 127.84 -121.07
N GLY T 198 -84.01 128.36 -119.89
CA GLY T 198 -83.19 129.36 -119.24
C GLY T 198 -83.56 129.48 -117.78
N LYS T 199 -82.63 130.04 -117.00
CA LYS T 199 -82.85 130.16 -115.56
C LYS T 199 -83.95 131.16 -115.22
N PRO T 200 -83.87 132.43 -115.63
CA PRO T 200 -84.84 133.42 -115.10
C PRO T 200 -86.29 133.08 -115.38
N ALA T 201 -86.60 132.52 -116.55
CA ALA T 201 -87.97 132.11 -116.84
C ALA T 201 -88.41 131.00 -115.89
N ALA T 202 -87.52 130.04 -115.61
CA ALA T 202 -87.83 128.98 -114.67
C ALA T 202 -88.07 129.52 -113.27
N ARG T 203 -87.24 130.48 -112.83
CA ARG T 203 -87.43 131.07 -111.51
C ARG T 203 -88.73 131.84 -111.42
N LYS T 204 -89.09 132.57 -112.49
CA LYS T 204 -90.36 133.27 -112.52
C LYS T 204 -91.53 132.29 -112.45
N ALA T 205 -91.43 131.17 -113.18
CA ALA T 205 -92.47 130.15 -113.10
C ALA T 205 -92.59 129.58 -111.70
N LEU T 206 -91.45 129.31 -111.04
CA LEU T 206 -91.48 128.79 -109.68
C LEU T 206 -92.15 129.78 -108.73
N ASP T 207 -91.77 131.06 -108.84
CA ASP T 207 -92.34 132.06 -107.94
C ASP T 207 -93.84 132.20 -108.16
N ARG T 208 -94.27 132.25 -109.43
CA ARG T 208 -95.69 132.42 -109.73
C ARG T 208 -96.50 131.22 -109.27
N CYS T 209 -95.98 130.01 -109.47
CA CYS T 209 -96.68 128.81 -109.02
C CYS T 209 -96.62 128.64 -107.51
N SER T 210 -95.67 129.28 -106.82
CA SER T 210 -95.59 129.18 -105.38
C SER T 210 -96.53 130.17 -104.69
N GLU T 211 -96.38 131.47 -105.01
CA GLU T 211 -97.24 132.47 -104.36
C GLU T 211 -98.68 132.34 -104.82
N GLY T 212 -98.90 131.98 -106.08
CA GLY T 212 -100.23 131.79 -106.62
C GLY T 212 -100.68 130.35 -106.59
N SER T 213 -101.75 130.08 -107.33
CA SER T 213 -102.30 128.73 -107.47
C SER T 213 -102.58 128.49 -108.94
N PHE T 214 -101.81 127.62 -109.57
CA PHE T 214 -101.93 127.34 -110.99
C PHE T 214 -102.91 126.19 -111.19
N LEU T 215 -104.03 126.47 -111.85
CA LEU T 215 -105.05 125.47 -112.14
C LEU T 215 -105.01 125.13 -113.63
N LEU T 216 -104.80 123.85 -113.94
CA LEU T 216 -104.81 123.35 -115.31
C LEU T 216 -106.02 122.47 -115.58
N THR T 217 -106.99 122.46 -114.67
CA THR T 217 -108.15 121.59 -114.78
C THR T 217 -109.33 122.27 -114.11
N THR T 218 -110.54 121.91 -114.54
CA THR T 218 -111.74 122.42 -113.87
C THR T 218 -111.74 122.03 -112.41
N PHE T 219 -111.23 120.83 -112.10
CA PHE T 219 -111.03 120.38 -110.73
C PHE T 219 -110.07 121.33 -110.02
N PRO T 220 -110.54 122.11 -109.05
CA PRO T 220 -109.69 123.13 -108.44
C PRO T 220 -108.68 122.55 -107.46
N ARG T 221 -107.65 121.89 -107.98
CA ARG T 221 -106.55 121.37 -107.16
C ARG T 221 -105.24 121.86 -107.74
N PRO T 222 -104.63 122.90 -107.17
CA PRO T 222 -103.41 123.46 -107.75
C PRO T 222 -102.24 122.50 -107.61
N VAL T 223 -101.24 122.71 -108.46
CA VAL T 223 -100.04 121.88 -108.47
C VAL T 223 -98.97 122.56 -107.62
N THR T 224 -98.08 121.75 -107.07
CA THR T 224 -96.98 122.22 -106.24
C THR T 224 -95.67 122.06 -107.01
N VAL T 225 -94.90 123.14 -107.09
CA VAL T 225 -93.72 123.20 -107.94
C VAL T 225 -92.49 123.40 -107.07
N GLU T 226 -91.48 122.55 -107.29
CA GLU T 226 -90.16 122.67 -106.68
C GLU T 226 -89.11 122.49 -107.77
N PRO T 227 -87.90 122.98 -107.54
CA PRO T 227 -86.80 122.63 -108.45
C PRO T 227 -86.48 121.15 -108.35
N MET T 228 -86.01 120.58 -109.47
CA MET T 228 -85.61 119.18 -109.47
C MET T 228 -84.43 118.94 -108.54
N ASP T 229 -84.40 117.74 -107.95
CA ASP T 229 -83.21 117.22 -107.28
C ASP T 229 -82.49 116.37 -108.30
N GLN T 230 -81.46 116.94 -108.93
CA GLN T 230 -80.75 116.26 -110.00
C GLN T 230 -79.97 115.08 -109.42
N LEU T 231 -80.49 113.88 -109.64
CA LEU T 231 -79.87 112.65 -109.15
C LEU T 231 -79.19 111.95 -110.31
N ASP T 232 -77.96 111.47 -110.07
CA ASP T 232 -77.16 110.82 -111.10
C ASP T 232 -76.84 109.40 -110.65
N ASP T 233 -76.98 108.45 -111.57
CA ASP T 233 -76.77 107.04 -111.27
C ASP T 233 -75.82 106.39 -112.28
N GLU T 234 -74.87 107.16 -112.81
CA GLU T 234 -73.92 106.64 -113.78
C GLU T 234 -72.49 106.65 -113.26
N GLU T 235 -71.98 107.80 -112.84
CA GLU T 235 -70.60 107.88 -112.37
C GLU T 235 -70.44 107.31 -110.97
N GLY T 236 -71.46 107.47 -110.13
CA GLY T 236 -71.35 107.01 -108.75
C GLY T 236 -70.27 107.77 -108.00
N LEU T 237 -69.53 107.04 -107.16
CA LEU T 237 -68.45 107.59 -106.36
C LEU T 237 -67.23 106.71 -106.53
N PRO T 238 -66.48 106.89 -107.62
CA PRO T 238 -65.34 106.00 -107.91
C PRO T 238 -64.24 106.14 -106.88
N GLU T 239 -63.31 105.17 -106.91
CA GLU T 239 -62.21 105.15 -105.95
C GLU T 239 -61.31 106.38 -106.10
N LYS T 240 -61.03 106.78 -107.35
CA LYS T 240 -60.10 107.87 -107.59
C LYS T 240 -60.60 109.21 -107.09
N LEU T 241 -61.90 109.36 -106.83
CA LEU T 241 -62.43 110.59 -106.28
C LEU T 241 -62.45 110.58 -104.76
N VAL T 242 -62.58 109.39 -104.15
CA VAL T 242 -62.58 109.29 -102.70
C VAL T 242 -61.25 109.78 -102.14
N ILE T 243 -61.32 110.60 -101.09
CA ILE T 243 -60.11 111.17 -100.49
C ILE T 243 -59.21 110.08 -99.93
N LYS T 244 -59.78 108.92 -99.56
CA LYS T 244 -59.02 107.78 -99.08
C LYS T 244 -58.17 108.13 -97.87
N ASN T 245 -58.73 108.95 -96.96
CA ASN T 245 -58.02 109.33 -95.76
C ASN T 245 -58.04 108.19 -94.75
N GLN T 246 -57.53 108.45 -93.54
CA GLN T 246 -57.57 107.46 -92.48
C GLN T 246 -58.99 107.18 -92.01
N GLN T 247 -59.95 108.05 -92.36
CA GLN T 247 -61.35 107.75 -92.05
C GLN T 247 -61.81 106.49 -92.77
N PHE T 248 -61.52 106.37 -94.05
CA PHE T 248 -61.90 105.17 -94.79
C PHE T 248 -61.12 103.96 -94.30
N HIS T 249 -59.87 104.18 -93.86
CA HIS T 249 -59.10 103.09 -93.27
C HIS T 249 -59.78 102.59 -91.99
N LYS T 250 -60.30 103.51 -91.17
CA LYS T 250 -61.12 103.11 -90.03
C LYS T 250 -62.40 102.42 -90.51
N GLU T 251 -62.87 102.77 -91.70
CA GLU T 251 -64.02 102.06 -92.26
C GLU T 251 -63.62 100.72 -92.87
N ARG T 252 -62.41 100.63 -93.42
CA ARG T 252 -62.02 99.46 -94.21
C ARG T 252 -60.98 98.64 -93.45
N GLU T 253 -61.48 97.75 -92.59
CA GLU T 253 -60.66 96.69 -92.01
C GLU T 253 -61.29 95.31 -92.11
N GLN T 254 -62.62 95.21 -92.23
CA GLN T 254 -63.30 93.93 -92.25
C GLN T 254 -64.04 93.76 -93.57
N PRO T 255 -64.07 92.54 -94.09
CA PRO T 255 -64.72 92.31 -95.40
C PRO T 255 -66.21 92.48 -95.29
N PRO T 256 -66.89 92.76 -96.40
CA PRO T 256 -68.36 92.82 -96.36
C PRO T 256 -68.98 91.45 -96.19
N ARG T 257 -69.50 91.17 -95.00
CA ARG T 257 -70.11 89.89 -94.71
C ARG T 257 -71.12 90.08 -93.57
N PHE T 258 -71.95 89.06 -93.37
CA PHE T 258 -72.95 89.10 -92.33
C PHE T 258 -72.29 89.09 -90.96
N ALA T 259 -72.85 89.86 -90.03
CA ALA T 259 -72.39 89.82 -88.64
C ALA T 259 -72.89 88.55 -87.97
N GLN T 260 -72.05 87.98 -87.11
CA GLN T 260 -72.41 86.73 -86.44
C GLN T 260 -73.57 86.99 -85.48
N PRO T 261 -74.53 86.07 -85.38
CA PRO T 261 -75.67 86.28 -84.50
C PRO T 261 -75.27 86.26 -83.03
N GLY T 262 -76.07 86.96 -82.22
CA GLY T 262 -75.81 87.03 -80.80
C GLY T 262 -74.51 87.72 -80.44
N SER T 263 -74.22 88.86 -81.07
CA SER T 263 -72.98 89.57 -80.85
C SER T 263 -73.25 91.07 -80.79
N PHE T 264 -72.18 91.82 -80.52
CA PHE T 264 -72.29 93.28 -80.46
C PHE T 264 -72.74 93.87 -81.79
N GLU T 265 -72.05 93.49 -82.87
CA GLU T 265 -72.41 93.98 -84.19
C GLU T 265 -73.83 93.57 -84.56
N TYR T 266 -74.20 92.33 -84.25
CA TYR T 266 -75.56 91.87 -84.51
C TYR T 266 -76.58 92.67 -83.72
N GLU T 267 -76.27 92.99 -82.46
CA GLU T 267 -77.20 93.74 -81.64
C GLU T 267 -77.41 95.15 -82.18
N TYR T 268 -76.32 95.85 -82.52
CA TYR T 268 -76.48 97.15 -83.15
C TYR T 268 -77.21 97.04 -84.49
N ALA T 269 -77.03 95.93 -85.20
CA ALA T 269 -77.72 95.74 -86.47
C ALA T 269 -79.23 95.65 -86.26
N MET T 270 -79.68 94.90 -85.25
CA MET T 270 -81.12 94.87 -84.96
C MET T 270 -81.61 96.23 -84.48
N ARG T 271 -80.78 96.97 -83.73
CA ARG T 271 -81.18 98.32 -83.32
C ARG T 271 -81.40 99.21 -84.54
N TRP T 272 -80.49 99.17 -85.49
CA TRP T 272 -80.63 99.98 -86.70
C TRP T 272 -81.82 99.54 -87.53
N LYS T 273 -82.05 98.23 -87.62
CA LYS T 273 -83.20 97.72 -88.36
C LYS T 273 -84.51 98.20 -87.73
N ALA T 274 -84.57 98.20 -86.39
CA ALA T 274 -85.74 98.72 -85.70
C ALA T 274 -85.90 100.21 -85.96
N LEU T 275 -84.81 100.95 -85.99
CA LEU T 275 -84.90 102.39 -86.27
C LEU T 275 -85.45 102.64 -87.67
N ILE T 276 -84.95 101.90 -88.66
CA ILE T 276 -85.45 102.04 -90.02
C ILE T 276 -86.91 101.63 -90.11
N GLU T 277 -87.28 100.57 -89.40
CA GLU T 277 -88.67 100.13 -89.35
C GLU T 277 -89.57 101.22 -88.80
N MET T 278 -89.16 101.85 -87.69
CA MET T 278 -89.93 102.94 -87.10
C MET T 278 -90.04 104.12 -88.05
N GLU T 279 -88.95 104.46 -88.74
CA GLU T 279 -89.01 105.49 -89.76
C GLU T 279 -90.04 105.14 -90.83
N LYS T 280 -90.08 103.88 -91.24
CA LYS T 280 -91.02 103.45 -92.27
C LYS T 280 -92.46 103.63 -91.81
N GLN T 281 -92.77 103.21 -90.58
CA GLN T 281 -94.15 103.38 -90.12
C GLN T 281 -94.49 104.85 -89.89
N GLN T 282 -93.52 105.67 -89.49
CA GLN T 282 -93.81 107.09 -89.35
C GLN T 282 -94.17 107.71 -90.70
N GLN T 283 -93.40 107.38 -91.74
CA GLN T 283 -93.71 107.88 -93.08
C GLN T 283 -95.06 107.34 -93.56
N ASP T 284 -95.35 106.07 -93.28
CA ASP T 284 -96.63 105.49 -93.68
C ASP T 284 -97.78 106.20 -92.98
N GLN T 285 -97.63 106.49 -91.69
CA GLN T 285 -98.67 107.19 -90.95
C GLN T 285 -98.89 108.60 -91.49
N VAL T 286 -97.81 109.30 -91.82
CA VAL T 286 -97.95 110.64 -92.40
C VAL T 286 -98.68 110.56 -93.73
N ASP T 287 -98.32 109.60 -94.57
CA ASP T 287 -98.98 109.43 -95.86
C ASP T 287 -100.46 109.10 -95.67
N ARG T 288 -100.78 108.25 -94.70
CA ARG T 288 -102.17 107.88 -94.45
C ARG T 288 -102.98 109.08 -93.97
N ASN T 289 -102.39 109.91 -93.11
CA ASN T 289 -103.07 111.14 -92.67
C ASN T 289 -103.31 112.08 -93.84
N ILE T 290 -102.31 112.23 -94.71
CA ILE T 290 -102.47 113.08 -95.89
C ILE T 290 -103.57 112.55 -96.79
N LYS T 291 -103.61 111.24 -97.00
CA LYS T 291 -104.65 110.63 -97.83
C LYS T 291 -106.03 110.86 -97.23
N GLU T 292 -106.17 110.69 -95.92
CA GLU T 292 -107.46 110.91 -95.27
C GLU T 292 -107.91 112.36 -95.42
N ALA T 293 -106.99 113.31 -95.21
CA ALA T 293 -107.34 114.72 -95.38
C ALA T 293 -107.74 115.02 -96.82
N ARG T 294 -107.02 114.45 -97.78
CA ARG T 294 -107.34 114.67 -99.20
C ARG T 294 -108.73 114.12 -99.53
N GLU T 295 -109.04 112.93 -99.01
CA GLU T 295 -110.37 112.35 -99.25
C GLU T 295 -111.47 113.22 -98.65
N LYS T 296 -111.24 113.71 -97.42
CA LYS T 296 -112.24 114.56 -96.77
C LYS T 296 -112.48 115.83 -97.57
N LEU T 297 -111.41 116.47 -98.04
CA LEU T 297 -111.57 117.69 -98.84
C LEU T 297 -112.23 117.38 -100.18
N GLU T 298 -111.87 116.27 -100.82
CA GLU T 298 -112.46 115.92 -102.11
C GLU T 298 -113.94 115.61 -101.99
N MET T 299 -114.39 115.14 -100.82
CA MET T 299 -115.82 114.91 -100.65
C MET T 299 -116.56 116.13 -100.13
N GLU T 300 -115.87 117.07 -99.47
CA GLU T 300 -116.46 118.37 -99.20
C GLU T 300 -116.46 119.29 -100.43
N MET T 301 -115.80 118.87 -101.51
CA MET T 301 -115.81 119.60 -102.77
C MET T 301 -117.20 120.10 -103.16
N GLU T 302 -118.14 119.18 -103.35
CA GLU T 302 -119.43 119.54 -103.93
C GLU T 302 -120.22 120.43 -102.99
N ALA T 303 -120.21 120.13 -101.68
CA ALA T 303 -120.92 120.96 -100.73
C ALA T 303 -120.35 122.38 -100.69
N ALA T 304 -119.01 122.50 -100.71
CA ALA T 304 -118.40 123.82 -100.70
C ALA T 304 -118.73 124.59 -101.97
N ARG T 305 -118.70 123.91 -103.13
CA ARG T 305 -119.00 124.60 -104.38
C ARG T 305 -120.44 125.08 -104.42
N HIS T 306 -121.38 124.22 -103.97
CA HIS T 306 -122.78 124.64 -103.94
C HIS T 306 -123.00 125.79 -102.96
N GLU T 307 -122.35 125.74 -101.79
CA GLU T 307 -122.49 126.81 -100.82
C GLU T 307 -121.95 128.13 -101.38
N HIS T 308 -120.81 128.08 -102.07
CA HIS T 308 -120.27 129.27 -102.70
C HIS T 308 -121.22 129.80 -103.78
N GLN T 309 -121.84 128.90 -104.55
CA GLN T 309 -122.81 129.32 -105.56
C GLN T 309 -124.01 130.01 -104.93
N VAL T 310 -124.44 129.52 -103.75
CA VAL T 310 -125.60 130.11 -103.09
C VAL T 310 -125.32 131.56 -102.71
N MET T 311 -124.16 131.83 -102.12
CA MET T 311 -123.83 133.18 -101.69
C MET T 311 -123.14 133.95 -102.82
N LYS U 287 -67.60 91.26 -1.46
CA LYS U 287 -68.68 90.39 -1.03
C LYS U 287 -68.33 89.67 0.27
N THR U 288 -69.35 89.18 0.96
CA THR U 288 -69.19 88.49 2.23
C THR U 288 -69.48 87.01 2.07
N TYR U 289 -68.76 86.19 2.84
CA TYR U 289 -68.91 84.74 2.84
C TYR U 289 -68.68 84.16 1.44
N THR U 290 -67.46 84.33 0.96
CA THR U 290 -67.08 83.86 -0.36
C THR U 290 -66.35 82.53 -0.27
N GLN U 291 -66.37 81.79 -1.38
CA GLN U 291 -65.69 80.51 -1.44
C GLN U 291 -64.19 80.65 -1.18
N ARG U 292 -63.63 81.83 -1.48
CA ARG U 292 -62.22 82.09 -1.20
C ARG U 292 -61.94 82.43 0.26
N CYS U 293 -62.96 82.74 1.04
CA CYS U 293 -62.80 82.92 2.47
C CYS U 293 -62.98 81.62 3.23
N ARG U 294 -63.34 80.54 2.54
CA ARG U 294 -63.45 79.24 3.18
C ARG U 294 -62.07 78.77 3.63
N LEU U 295 -62.03 78.22 4.85
CA LEU U 295 -60.79 77.72 5.44
C LEU U 295 -60.93 76.23 5.70
N PHE U 296 -59.93 75.47 5.31
CA PHE U 296 -59.91 74.03 5.50
C PHE U 296 -59.07 73.71 6.75
N VAL U 297 -59.71 73.08 7.74
CA VAL U 297 -59.09 72.84 9.03
C VAL U 297 -58.84 71.35 9.18
N GLY U 298 -57.63 70.98 9.62
CA GLY U 298 -57.22 69.60 9.70
C GLY U 298 -56.87 69.17 11.12
N ASN U 299 -56.57 67.87 11.24
CA ASN U 299 -56.20 67.24 12.51
C ASN U 299 -57.28 67.43 13.57
N LEU U 300 -58.53 67.29 13.16
CA LEU U 300 -59.54 67.59 14.18
C LEU U 300 -59.66 66.43 15.16
N PRO U 301 -59.98 66.72 16.42
CA PRO U 301 -60.23 65.64 17.38
C PRO U 301 -61.53 64.90 17.06
N ALA U 302 -61.59 63.66 17.54
CA ALA U 302 -62.80 62.86 17.31
C ALA U 302 -63.99 63.41 18.10
N ASP U 303 -63.76 63.82 19.35
CA ASP U 303 -64.84 64.33 20.20
C ASP U 303 -64.90 65.84 20.07
N ILE U 304 -65.67 66.29 19.07
CA ILE U 304 -65.81 67.71 18.78
C ILE U 304 -67.30 68.05 18.64
N THR U 305 -67.59 69.33 18.77
CA THR U 305 -68.95 69.84 18.63
C THR U 305 -68.94 71.05 17.71
N GLU U 306 -70.10 71.32 17.10
CA GLU U 306 -70.22 72.45 16.19
C GLU U 306 -70.03 73.78 16.92
N ASP U 307 -70.58 73.90 18.13
CA ASP U 307 -70.48 75.14 18.88
C ASP U 307 -69.03 75.43 19.26
N GLU U 308 -68.26 74.39 19.59
CA GLU U 308 -66.86 74.60 19.96
C GLU U 308 -66.05 75.11 18.77
N PHE U 309 -66.38 74.67 17.55
CA PHE U 309 -65.70 75.20 16.38
C PHE U 309 -66.18 76.60 16.02
N LYS U 310 -67.47 76.88 16.25
CA LYS U 310 -67.94 78.25 16.08
C LYS U 310 -67.31 79.20 17.09
N ARG U 311 -66.87 78.68 18.24
CA ARG U 311 -66.11 79.48 19.18
C ARG U 311 -64.76 79.88 18.60
N LEU U 312 -64.15 78.99 17.80
CA LEU U 312 -62.82 79.26 17.28
C LEU U 312 -62.80 80.50 16.39
N PHE U 313 -63.81 80.66 15.54
CA PHE U 313 -63.90 81.80 14.63
C PHE U 313 -64.88 82.86 15.13
N ALA U 314 -65.25 82.81 16.42
CA ALA U 314 -66.10 83.84 16.98
C ALA U 314 -65.40 85.20 17.04
N LYS U 315 -64.08 85.20 17.22
CA LYS U 315 -63.34 86.47 17.26
C LYS U 315 -63.29 87.12 15.89
N TYR U 316 -63.37 86.33 14.82
CA TYR U 316 -63.31 86.83 13.45
C TYR U 316 -64.70 87.01 12.84
N GLY U 317 -65.68 87.41 13.64
CA GLY U 317 -67.01 87.65 13.13
C GLY U 317 -67.89 86.41 13.18
N GLU U 318 -69.10 86.58 12.65
CA GLU U 318 -70.07 85.50 12.64
C GLU U 318 -69.62 84.39 11.70
N PRO U 319 -69.57 83.13 12.15
CA PRO U 319 -69.20 82.04 11.24
C PRO U 319 -70.21 81.88 10.13
N GLY U 320 -69.73 81.45 8.97
CA GLY U 320 -70.58 81.26 7.80
C GLY U 320 -70.97 79.82 7.58
N GLU U 321 -70.76 79.32 6.36
CA GLU U 321 -71.07 77.94 6.04
C GLU U 321 -70.19 76.99 6.85
N VAL U 322 -70.81 76.03 7.51
CA VAL U 322 -70.11 75.08 8.38
C VAL U 322 -70.50 73.67 7.96
N PHE U 323 -69.50 72.84 7.65
CA PHE U 323 -69.69 71.43 7.36
C PHE U 323 -68.56 70.67 8.02
N ILE U 324 -68.91 69.82 9.00
CA ILE U 324 -67.93 69.10 9.81
C ILE U 324 -68.14 67.61 9.63
N ASN U 325 -67.05 66.90 9.33
CA ASN U 325 -67.03 65.44 9.24
C ASN U 325 -66.22 64.91 10.42
N LYS U 326 -66.88 64.21 11.34
CA LYS U 326 -66.23 63.86 12.59
C LYS U 326 -65.19 62.76 12.42
N GLY U 327 -65.47 61.78 11.57
CA GLY U 327 -64.58 60.62 11.48
C GLY U 327 -63.23 60.95 10.88
N LYS U 328 -63.23 61.67 9.75
CA LYS U 328 -62.00 61.97 9.04
C LYS U 328 -61.24 63.14 9.65
N GLY U 329 -61.83 63.85 10.62
CA GLY U 329 -61.16 64.95 11.27
C GLY U 329 -60.88 66.11 10.34
N PHE U 330 -61.84 66.46 9.50
CA PHE U 330 -61.71 67.59 8.59
C PHE U 330 -63.05 68.31 8.51
N GLY U 331 -63.00 69.62 8.28
CA GLY U 331 -64.19 70.43 8.22
C GLY U 331 -63.97 71.67 7.38
N PHE U 332 -65.02 72.50 7.30
CA PHE U 332 -64.98 73.72 6.51
C PHE U 332 -65.61 74.86 7.30
N ILE U 333 -65.18 76.08 6.97
CA ILE U 333 -65.69 77.29 7.62
C ILE U 333 -65.50 78.47 6.68
N LYS U 334 -66.54 79.27 6.53
CA LYS U 334 -66.54 80.42 5.63
C LYS U 334 -66.56 81.71 6.44
N LEU U 335 -65.66 82.63 6.12
CA LEU U 335 -65.57 83.91 6.81
C LEU U 335 -66.11 85.03 5.92
N GLU U 336 -66.30 86.20 6.53
CA GLU U 336 -66.87 87.33 5.81
C GLU U 336 -65.94 87.82 4.70
N SER U 337 -64.68 88.07 5.04
CA SER U 337 -63.74 88.68 4.12
C SER U 337 -62.48 87.85 4.02
N ARG U 338 -61.83 87.91 2.85
CA ARG U 338 -60.54 87.27 2.67
C ARG U 338 -59.51 87.83 3.64
N ALA U 339 -59.68 89.09 4.06
CA ALA U 339 -58.85 89.65 5.11
C ALA U 339 -58.94 88.83 6.38
N LEU U 340 -60.17 88.60 6.87
CA LEU U 340 -60.35 87.80 8.07
C LEU U 340 -59.94 86.35 7.85
N ALA U 341 -60.10 85.84 6.62
CA ALA U 341 -59.66 84.48 6.33
C ALA U 341 -58.15 84.36 6.49
N GLU U 342 -57.39 85.32 5.97
CA GLU U 342 -55.94 85.27 6.14
C GLU U 342 -55.55 85.50 7.59
N ILE U 343 -56.28 86.37 8.30
CA ILE U 343 -56.01 86.56 9.73
C ILE U 343 -56.17 85.25 10.47
N ALA U 344 -57.26 84.53 10.20
CA ALA U 344 -57.54 83.29 10.90
C ALA U 344 -56.53 82.20 10.53
N LYS U 345 -56.16 82.11 9.25
CA LYS U 345 -55.19 81.09 8.87
C LYS U 345 -53.81 81.40 9.46
N ALA U 346 -53.50 82.69 9.63
CA ALA U 346 -52.24 83.05 10.25
C ALA U 346 -52.23 82.75 11.73
N GLU U 347 -53.30 83.11 12.44
CA GLU U 347 -53.35 82.98 13.89
C GLU U 347 -53.59 81.55 14.36
N LEU U 348 -54.45 80.80 13.68
CA LEU U 348 -54.92 79.52 14.18
C LEU U 348 -54.05 78.34 13.76
N ASP U 349 -53.17 78.51 12.78
CA ASP U 349 -52.32 77.40 12.34
C ASP U 349 -51.20 77.17 13.34
N ASP U 350 -50.77 75.91 13.43
CA ASP U 350 -49.74 75.48 14.38
C ASP U 350 -50.12 75.83 15.82
N THR U 351 -51.40 75.71 16.15
CA THR U 351 -51.89 75.97 17.49
C THR U 351 -52.34 74.66 18.13
N PRO U 352 -51.84 74.31 19.31
CA PRO U 352 -52.27 73.06 19.94
C PRO U 352 -53.76 73.05 20.24
N MET U 353 -54.37 71.88 20.11
CA MET U 353 -55.81 71.72 20.36
C MET U 353 -56.03 70.32 20.91
N ARG U 354 -56.07 70.21 22.23
CA ARG U 354 -56.28 68.93 22.93
C ARG U 354 -55.28 67.87 22.45
N GLY U 355 -54.02 68.28 22.36
CA GLY U 355 -52.96 67.39 21.94
C GLY U 355 -52.76 67.29 20.44
N ARG U 356 -53.40 68.15 19.65
CA ARG U 356 -53.28 68.13 18.20
C ARG U 356 -52.95 69.52 17.69
N GLN U 357 -52.06 69.59 16.69
CA GLN U 357 -51.72 70.85 16.04
C GLN U 357 -52.77 71.18 14.99
N LEU U 358 -53.13 72.46 14.91
CA LEU U 358 -54.18 72.88 13.98
C LEU U 358 -53.60 73.12 12.58
N ARG U 359 -54.13 72.39 11.60
CA ARG U 359 -53.75 72.52 10.20
C ARG U 359 -54.84 73.33 9.49
N VAL U 360 -54.52 74.58 9.14
CA VAL U 360 -55.45 75.46 8.47
C VAL U 360 -55.01 75.62 7.03
N ARG U 361 -55.84 75.16 6.09
CA ARG U 361 -55.56 75.29 4.67
C ARG U 361 -56.74 75.91 3.94
N PHE U 362 -56.68 75.89 2.61
CA PHE U 362 -57.75 76.41 1.77
C PHE U 362 -58.26 75.30 0.88
N ALA U 363 -59.58 75.08 0.89
CA ALA U 363 -60.19 74.07 0.05
C ALA U 363 -60.10 74.47 -1.42
N THR U 364 -60.07 73.47 -2.29
CA THR U 364 -59.95 73.71 -3.72
C THR U 364 -61.21 74.38 -4.26
N HIS U 365 -61.02 75.38 -5.13
CA HIS U 365 -62.13 76.05 -5.79
C HIS U 365 -62.49 75.21 -7.01
N ALA U 366 -63.35 74.21 -6.79
CA ALA U 366 -63.66 73.24 -7.84
C ALA U 366 -64.36 73.88 -9.02
N ALA U 367 -65.31 74.80 -8.76
CA ALA U 367 -66.09 75.42 -9.82
C ALA U 367 -65.30 76.61 -10.38
N ALA U 368 -64.23 76.28 -11.09
CA ALA U 368 -63.37 77.28 -11.69
C ALA U 368 -63.02 76.87 -13.12
N LEU U 369 -62.87 77.86 -13.99
CA LEU U 369 -62.52 77.65 -15.39
C LEU U 369 -61.32 78.52 -15.73
N SER U 370 -60.51 78.03 -16.66
CA SER U 370 -59.33 78.75 -17.13
C SER U 370 -59.59 79.30 -18.52
N VAL U 371 -59.36 80.59 -18.71
CA VAL U 371 -59.58 81.24 -19.99
C VAL U 371 -58.25 81.79 -20.49
N ARG U 372 -58.15 81.95 -21.80
CA ARG U 372 -56.95 82.50 -22.42
C ARG U 372 -57.34 83.18 -23.72
N ASN U 373 -56.34 83.52 -24.53
CA ASN U 373 -56.52 84.37 -25.70
C ASN U 373 -57.21 85.68 -25.34
N LEU U 374 -56.83 86.27 -24.22
CA LEU U 374 -57.35 87.57 -23.83
C LEU U 374 -56.53 88.67 -24.50
N SER U 375 -57.22 89.69 -24.98
CA SER U 375 -56.55 90.82 -25.58
C SER U 375 -55.71 91.54 -24.53
N PRO U 376 -54.60 92.18 -24.95
CA PRO U 376 -53.77 92.89 -23.98
C PRO U 376 -54.50 94.01 -23.25
N TYR U 377 -55.62 94.49 -23.78
CA TYR U 377 -56.36 95.58 -23.18
C TYR U 377 -57.59 95.14 -22.40
N VAL U 378 -57.72 93.83 -22.13
CA VAL U 378 -58.80 93.38 -21.27
C VAL U 378 -58.48 93.69 -19.81
N SER U 379 -59.51 93.71 -18.99
CA SER U 379 -59.37 94.04 -17.58
C SER U 379 -60.20 93.05 -16.76
N ASN U 380 -60.09 93.18 -15.43
CA ASN U 380 -60.86 92.31 -14.54
C ASN U 380 -62.34 92.53 -14.74
N GLU U 381 -62.79 93.79 -14.69
CA GLU U 381 -64.22 94.07 -14.75
C GLU U 381 -64.82 93.72 -16.10
N LEU U 382 -64.07 93.93 -17.20
CA LEU U 382 -64.56 93.55 -18.51
C LEU U 382 -64.83 92.05 -18.59
N LEU U 383 -63.89 91.26 -18.07
CA LEU U 383 -64.05 89.81 -18.10
C LEU U 383 -65.17 89.36 -17.17
N GLU U 384 -65.30 90.00 -16.00
CA GLU U 384 -66.40 89.66 -15.10
C GLU U 384 -67.75 89.95 -15.73
N GLU U 385 -67.92 91.15 -16.28
CA GLU U 385 -69.18 91.49 -16.94
C GLU U 385 -69.42 90.66 -18.19
N ALA U 386 -68.36 90.12 -18.80
CA ALA U 386 -68.54 89.25 -19.95
C ALA U 386 -69.13 87.91 -19.54
N PHE U 387 -68.59 87.31 -18.47
CA PHE U 387 -69.03 85.99 -18.03
C PHE U 387 -70.11 86.06 -16.96
N SER U 388 -70.53 87.26 -16.55
CA SER U 388 -71.60 87.37 -15.56
C SER U 388 -72.94 86.95 -16.13
N GLN U 389 -73.10 86.94 -17.45
CA GLN U 389 -74.35 86.51 -18.06
C GLN U 389 -74.68 85.06 -17.71
N PHE U 390 -73.66 84.27 -17.37
CA PHE U 390 -73.82 82.84 -17.20
C PHE U 390 -73.81 82.40 -15.74
N GLY U 391 -73.41 83.26 -14.82
CA GLY U 391 -73.42 82.93 -13.42
C GLY U 391 -72.63 83.90 -12.56
N PRO U 392 -72.24 83.45 -11.37
CA PRO U 392 -71.51 84.30 -10.44
C PRO U 392 -70.09 84.58 -10.91
N ILE U 393 -69.56 85.71 -10.45
CA ILE U 393 -68.24 86.19 -10.82
C ILE U 393 -67.40 86.36 -9.56
N GLU U 394 -67.59 85.46 -8.58
CA GLU U 394 -67.05 85.61 -7.23
C GLU U 394 -65.65 86.21 -7.21
N ARG U 395 -64.72 85.61 -7.96
CA ARG U 395 -63.47 86.28 -8.28
C ARG U 395 -63.08 85.89 -9.70
N ALA U 396 -62.74 86.88 -10.50
CA ALA U 396 -62.23 86.68 -11.85
C ALA U 396 -61.04 87.60 -12.03
N VAL U 397 -59.84 87.02 -12.03
CA VAL U 397 -58.61 87.77 -12.12
C VAL U 397 -57.87 87.34 -13.38
N VAL U 398 -57.13 88.27 -13.96
CA VAL U 398 -56.35 88.01 -15.17
C VAL U 398 -54.88 87.91 -14.78
N ILE U 399 -54.21 86.88 -15.30
CA ILE U 399 -52.83 86.61 -14.91
C ILE U 399 -51.91 87.62 -15.58
N VAL U 400 -51.07 88.28 -14.79
CA VAL U 400 -50.08 89.20 -15.31
C VAL U 400 -48.73 88.84 -14.72
N ASP U 401 -47.67 89.24 -15.42
CA ASP U 401 -46.31 88.90 -15.06
C ASP U 401 -45.84 89.81 -13.92
N ASP U 402 -44.53 89.78 -13.65
CA ASP U 402 -43.98 90.62 -12.59
C ASP U 402 -44.16 92.10 -12.90
N ARG U 403 -43.93 92.49 -14.16
CA ARG U 403 -44.10 93.88 -14.54
C ARG U 403 -45.56 94.29 -14.63
N GLY U 404 -46.50 93.34 -14.52
CA GLY U 404 -47.91 93.64 -14.62
C GLY U 404 -48.49 93.61 -16.01
N ARG U 405 -47.67 93.34 -17.03
CA ARG U 405 -48.16 93.27 -18.39
C ARG U 405 -49.10 92.08 -18.55
N SER U 406 -50.10 92.24 -19.41
CA SER U 406 -51.09 91.20 -19.64
C SER U 406 -50.43 89.98 -20.28
N THR U 407 -50.69 88.81 -19.72
CA THR U 407 -50.18 87.56 -20.27
C THR U 407 -51.17 86.88 -21.21
N GLY U 408 -52.32 87.49 -21.45
CA GLY U 408 -53.31 86.86 -22.31
C GLY U 408 -54.02 85.69 -21.69
N LYS U 409 -53.87 85.47 -20.39
CA LYS U 409 -54.51 84.37 -19.69
C LYS U 409 -55.37 84.91 -18.56
N GLY U 410 -56.23 84.06 -18.04
CA GLY U 410 -57.08 84.45 -16.93
C GLY U 410 -57.79 83.24 -16.36
N ILE U 411 -58.37 83.45 -15.17
CA ILE U 411 -59.11 82.42 -14.48
C ILE U 411 -60.42 82.99 -13.98
N VAL U 412 -61.49 82.20 -14.06
CA VAL U 412 -62.79 82.56 -13.54
C VAL U 412 -63.15 81.55 -12.44
N GLU U 413 -63.46 82.06 -11.25
CA GLU U 413 -63.84 81.23 -10.13
C GLU U 413 -65.32 81.44 -9.86
N PHE U 414 -66.14 80.47 -10.26
CA PHE U 414 -67.59 80.59 -10.17
C PHE U 414 -68.08 80.00 -8.86
N ALA U 415 -68.97 80.72 -8.20
CA ALA U 415 -69.53 80.27 -6.92
C ALA U 415 -70.46 79.07 -7.08
N SER U 416 -70.93 78.78 -8.27
CA SER U 416 -71.84 77.66 -8.51
C SER U 416 -71.29 76.79 -9.63
N LYS U 417 -71.22 75.49 -9.37
CA LYS U 417 -70.69 74.56 -10.37
C LYS U 417 -71.55 74.51 -11.63
N PRO U 418 -72.88 74.38 -11.58
CA PRO U 418 -73.64 74.30 -12.84
C PRO U 418 -73.50 75.54 -13.71
N ALA U 419 -73.44 76.73 -13.12
CA ALA U 419 -73.23 77.94 -13.91
C ALA U 419 -71.87 77.90 -14.59
N ALA U 420 -70.84 77.44 -13.88
CA ALA U 420 -69.52 77.31 -14.47
C ALA U 420 -69.52 76.33 -15.64
N ARG U 421 -70.19 75.19 -15.48
CA ARG U 421 -70.25 74.21 -16.57
C ARG U 421 -71.01 74.74 -17.78
N LYS U 422 -72.13 75.44 -17.53
CA LYS U 422 -72.88 76.03 -18.63
C LYS U 422 -72.04 77.08 -19.35
N ALA U 423 -71.29 77.90 -18.61
CA ALA U 423 -70.41 78.87 -19.26
C ALA U 423 -69.35 78.16 -20.10
N PHE U 424 -68.74 77.11 -19.55
CA PHE U 424 -67.70 76.38 -20.27
C PHE U 424 -68.25 75.82 -21.57
N GLU U 425 -69.39 75.12 -21.52
CA GLU U 425 -69.94 74.54 -22.74
C GLU U 425 -70.36 75.62 -23.73
N ARG U 426 -71.03 76.68 -23.24
CA ARG U 426 -71.53 77.70 -24.15
C ARG U 426 -70.40 78.44 -24.85
N CYS U 427 -69.28 78.63 -24.16
CA CYS U 427 -68.10 79.16 -24.84
C CYS U 427 -67.35 78.11 -25.65
N SER U 428 -67.63 76.82 -25.41
CA SER U 428 -66.98 75.76 -26.17
C SER U 428 -67.60 75.61 -27.56
N GLU U 429 -68.88 75.24 -27.62
CA GLU U 429 -69.51 75.13 -28.93
C GLU U 429 -69.74 76.50 -29.56
N GLY U 430 -70.09 77.49 -28.74
CA GLY U 430 -70.29 78.84 -29.23
C GLY U 430 -68.99 79.60 -29.36
N VAL U 431 -69.13 80.86 -29.77
CA VAL U 431 -68.00 81.77 -29.92
C VAL U 431 -68.26 83.00 -29.07
N PHE U 432 -67.33 83.31 -28.18
CA PHE U 432 -67.44 84.47 -27.30
C PHE U 432 -66.29 85.42 -27.56
N LEU U 433 -66.63 86.70 -27.71
CA LEU U 433 -65.66 87.75 -27.97
C LEU U 433 -65.64 88.73 -26.81
N LEU U 434 -64.48 89.33 -26.57
CA LEU U 434 -64.33 90.34 -25.54
C LEU U 434 -63.86 91.68 -26.07
N THR U 435 -63.69 91.81 -27.38
CA THR U 435 -63.02 92.98 -27.95
C THR U 435 -63.50 93.16 -29.38
N THR U 436 -63.42 94.41 -29.87
CA THR U 436 -63.74 94.67 -31.27
C THR U 436 -62.92 93.78 -32.20
N THR U 437 -61.64 93.62 -31.91
CA THR U 437 -60.84 92.64 -32.64
C THR U 437 -61.40 91.25 -32.37
N PRO U 438 -61.79 90.51 -33.40
CA PRO U 438 -62.42 89.20 -33.16
C PRO U 438 -61.45 88.13 -32.71
N ARG U 439 -61.08 88.16 -31.42
CA ARG U 439 -60.27 87.11 -30.81
C ARG U 439 -61.17 86.27 -29.93
N PRO U 440 -61.41 85.00 -30.27
CA PRO U 440 -62.27 84.18 -29.43
C PRO U 440 -61.61 83.89 -28.10
N VAL U 441 -62.43 83.74 -27.06
CA VAL U 441 -61.96 83.32 -25.75
C VAL U 441 -62.29 81.85 -25.57
N ILE U 442 -61.30 81.07 -25.18
CA ILE U 442 -61.45 79.63 -25.02
C ILE U 442 -61.46 79.30 -23.53
N VAL U 443 -62.42 78.49 -23.12
CA VAL U 443 -62.66 78.18 -21.72
C VAL U 443 -62.34 76.72 -21.49
N GLU U 444 -61.46 76.45 -20.53
CA GLU U 444 -61.09 75.10 -20.15
C GLU U 444 -61.12 74.98 -18.63
N PRO U 445 -61.40 73.79 -18.10
CA PRO U 445 -61.38 73.61 -16.65
C PRO U 445 -60.01 73.89 -16.07
N LEU U 446 -60.00 74.58 -14.92
CA LEU U 446 -58.75 74.92 -14.26
C LEU U 446 -58.22 73.72 -13.49
N GLU U 447 -56.90 73.52 -13.58
CA GLU U 447 -56.20 72.48 -12.86
C GLU U 447 -55.61 73.07 -11.60
N GLN U 448 -55.84 72.41 -10.47
CA GLN U 448 -55.43 72.92 -9.17
C GLN U 448 -54.10 72.28 -8.77
N LEU U 449 -53.10 73.11 -8.54
CA LEU U 449 -51.79 72.68 -8.08
C LEU U 449 -51.47 73.40 -6.78
N ASP U 450 -51.11 72.64 -5.75
CA ASP U 450 -50.86 73.20 -4.43
C ASP U 450 -49.43 73.75 -4.39
N ASP U 451 -49.30 75.07 -4.23
CA ASP U 451 -47.98 75.68 -4.16
C ASP U 451 -47.41 75.58 -2.76
N GLU U 452 -48.18 76.01 -1.75
CA GLU U 452 -47.65 76.13 -0.39
C GLU U 452 -47.38 74.78 0.26
N ASP U 453 -48.22 73.77 0.01
CA ASP U 453 -48.04 72.45 0.59
C ASP U 453 -47.85 71.43 -0.52
N GLY U 454 -46.82 70.59 -0.36
CA GLY U 454 -46.52 69.62 -1.40
C GLY U 454 -46.70 68.19 -0.95
N LEU U 455 -45.65 67.38 -1.11
CA LEU U 455 -45.70 65.97 -0.75
C LEU U 455 -44.94 65.78 0.56
N PRO U 456 -45.61 65.55 1.68
CA PRO U 456 -44.89 65.35 2.94
C PRO U 456 -44.08 64.07 2.94
N GLU U 457 -42.98 64.08 3.68
CA GLU U 457 -42.12 62.90 3.76
C GLU U 457 -42.84 61.74 4.44
N LYS U 458 -43.82 62.04 5.31
CA LYS U 458 -44.56 60.97 5.98
C LYS U 458 -45.36 60.15 4.99
N LEU U 459 -46.02 60.81 4.03
CA LEU U 459 -46.74 60.07 3.00
C LEU U 459 -45.77 59.38 2.05
N ALA U 460 -44.62 60.00 1.80
CA ALA U 460 -43.62 59.39 0.94
C ALA U 460 -43.05 58.12 1.54
N GLN U 461 -42.83 58.12 2.85
CA GLN U 461 -42.21 56.98 3.52
C GLN U 461 -43.06 55.72 3.46
N LYS U 462 -44.33 55.84 3.09
CA LYS U 462 -45.18 54.67 2.95
C LYS U 462 -44.65 53.71 1.88
N ASN U 463 -44.17 54.25 0.76
CA ASN U 463 -43.68 53.41 -0.31
C ASN U 463 -42.34 52.79 0.08
N PRO U 464 -42.23 51.46 0.07
CA PRO U 464 -40.93 50.84 0.40
C PRO U 464 -39.78 51.24 -0.50
N MET U 465 -40.04 51.45 -1.80
CA MET U 465 -38.98 51.83 -2.71
C MET U 465 -38.45 53.23 -2.46
N TYR U 466 -39.13 54.02 -1.62
CA TYR U 466 -38.67 55.37 -1.32
C TYR U 466 -37.33 55.33 -0.62
N GLN U 467 -37.22 54.58 0.48
CA GLN U 467 -36.02 54.60 1.31
C GLN U 467 -34.84 53.88 0.67
N LYS U 468 -35.09 52.80 -0.08
CA LYS U 468 -34.04 52.17 -0.85
C LYS U 468 -33.55 53.03 -2.00
N GLU U 469 -34.14 54.21 -2.18
CA GLU U 469 -33.77 55.11 -3.26
C GLU U 469 -32.94 56.29 -2.76
N ARG U 470 -33.13 56.69 -1.49
CA ARG U 470 -32.39 57.81 -0.90
C ARG U 470 -30.99 57.45 -0.43
N GLU U 471 -30.69 56.15 -0.30
CA GLU U 471 -29.48 55.75 0.42
C GLU U 471 -28.22 56.33 -0.21
N THR U 472 -28.28 56.68 -1.50
CA THR U 472 -27.22 57.46 -2.12
C THR U 472 -27.57 58.94 -1.99
N PRO U 473 -26.71 59.75 -1.41
CA PRO U 473 -27.06 61.16 -1.15
C PRO U 473 -27.11 61.96 -2.44
N PRO U 474 -27.76 63.11 -2.43
CA PRO U 474 -27.67 64.02 -3.58
C PRO U 474 -26.21 64.35 -3.88
N ARG U 475 -25.88 64.38 -5.16
CA ARG U 475 -24.48 64.46 -5.56
C ARG U 475 -24.38 65.25 -6.86
N PHE U 476 -23.24 65.13 -7.53
CA PHE U 476 -23.05 65.79 -8.83
C PHE U 476 -22.47 64.84 -9.88
N ALA U 477 -22.23 63.58 -9.54
CA ALA U 477 -21.48 62.64 -10.38
C ALA U 477 -20.05 63.13 -10.60
N GLN U 478 -19.18 62.23 -11.03
CA GLN U 478 -17.78 62.55 -11.24
C GLN U 478 -17.39 62.25 -12.67
N HIS U 479 -16.46 63.03 -13.20
CA HIS U 479 -16.01 62.85 -14.58
C HIS U 479 -15.47 61.44 -14.76
N GLY U 480 -15.93 60.78 -15.83
CA GLY U 480 -15.57 59.40 -16.09
C GLY U 480 -16.51 58.38 -15.49
N THR U 481 -17.31 58.75 -14.52
CA THR U 481 -18.27 57.84 -13.93
C THR U 481 -19.42 57.58 -14.90
N PHE U 482 -20.04 56.41 -14.77
CA PHE U 482 -21.19 56.09 -15.61
C PHE U 482 -22.30 57.10 -15.43
N GLU U 483 -22.54 57.54 -14.19
CA GLU U 483 -23.61 58.49 -13.94
C GLU U 483 -23.40 59.79 -14.70
N TYR U 484 -22.16 60.27 -14.75
CA TYR U 484 -21.87 61.47 -15.55
C TYR U 484 -22.08 61.22 -17.03
N GLU U 485 -21.62 60.07 -17.53
CA GLU U 485 -21.74 59.78 -18.95
C GLU U 485 -23.20 59.67 -19.38
N TYR U 486 -24.07 59.24 -18.47
CA TYR U 486 -25.49 59.11 -18.79
C TYR U 486 -26.24 60.42 -18.56
N SER U 487 -25.84 61.20 -17.57
CA SER U 487 -26.40 62.52 -17.38
C SER U 487 -26.10 63.43 -18.56
N GLN U 488 -24.98 63.19 -19.24
CA GLN U 488 -24.72 63.97 -20.45
C GLN U 488 -25.79 63.73 -21.51
N ARG U 489 -26.19 62.47 -21.71
CA ARG U 489 -27.25 62.19 -22.68
C ARG U 489 -28.59 62.74 -22.20
N TRP U 490 -28.86 62.67 -20.90
CA TRP U 490 -30.09 63.27 -20.38
C TRP U 490 -30.12 64.77 -20.63
N LYS U 491 -28.99 65.45 -20.43
CA LYS U 491 -28.93 66.88 -20.68
C LYS U 491 -29.09 67.20 -22.15
N SER U 492 -28.52 66.37 -23.03
CA SER U 492 -28.73 66.56 -24.47
C SER U 492 -30.20 66.43 -24.83
N LEU U 493 -30.89 65.45 -24.26
CA LEU U 493 -32.32 65.31 -24.52
C LEU U 493 -33.10 66.52 -24.02
N ASP U 494 -32.73 67.02 -22.83
CA ASP U 494 -33.41 68.21 -22.31
C ASP U 494 -33.20 69.41 -23.24
N GLU U 495 -31.98 69.57 -23.76
CA GLU U 495 -31.71 70.66 -24.70
C GLU U 495 -32.54 70.51 -25.97
N MET U 496 -32.64 69.28 -26.48
CA MET U 496 -33.46 69.07 -27.68
C MET U 496 -34.92 69.40 -27.41
N GLU U 497 -35.44 69.02 -26.24
CA GLU U 497 -36.81 69.37 -25.90
C GLU U 497 -36.99 70.87 -25.87
N LYS U 498 -36.05 71.59 -25.26
CA LYS U 498 -36.17 73.05 -25.21
C LYS U 498 -36.14 73.66 -26.59
N GLN U 499 -35.27 73.14 -27.47
CA GLN U 499 -35.22 73.65 -28.83
C GLN U 499 -36.52 73.42 -29.57
N GLN U 500 -37.13 72.25 -29.41
CA GLN U 500 -38.41 71.98 -30.07
C GLN U 500 -39.51 72.90 -29.54
N ARG U 501 -39.56 73.10 -28.22
CA ARG U 501 -40.57 74.01 -27.68
C ARG U 501 -40.38 75.43 -28.21
N GLU U 502 -39.12 75.89 -28.27
CA GLU U 502 -38.87 77.22 -28.82
C GLU U 502 -39.25 77.30 -30.28
N GLN U 503 -39.01 76.23 -31.04
CA GLN U 503 -39.41 76.19 -32.43
C GLN U 503 -40.91 76.36 -32.58
N VAL U 504 -41.69 75.62 -31.79
CA VAL U 504 -43.14 75.74 -31.84
C VAL U 504 -43.57 77.15 -31.49
N GLU U 505 -43.00 77.69 -30.41
CA GLU U 505 -43.40 79.03 -29.97
C GLU U 505 -43.09 80.08 -31.03
N LYS U 506 -41.93 79.98 -31.68
CA LYS U 506 -41.57 80.96 -32.70
C LYS U 506 -42.46 80.83 -33.93
N ASN U 507 -42.63 79.60 -34.42
CA ASN U 507 -43.51 79.38 -35.56
C ASN U 507 -44.86 80.01 -35.32
N MET U 508 -45.39 79.81 -34.10
CA MET U 508 -46.74 80.35 -33.75
C MET U 508 -46.67 81.87 -33.60
N LYS U 509 -45.72 82.38 -32.81
CA LYS U 509 -45.56 83.86 -32.70
C LYS U 509 -45.70 84.44 -34.11
N ASP U 510 -45.19 83.72 -35.12
CA ASP U 510 -45.27 84.19 -36.50
C ASP U 510 -46.66 83.99 -37.08
N ALA U 511 -47.31 82.88 -36.73
CA ALA U 511 -48.68 82.65 -37.20
C ALA U 511 -49.63 83.72 -36.67
N LYS U 512 -49.54 84.05 -35.37
CA LYS U 512 -50.37 85.13 -34.84
C LYS U 512 -50.07 86.45 -35.54
N ASP U 513 -48.80 86.77 -35.75
CA ASP U 513 -48.45 88.03 -36.40
C ASP U 513 -49.01 88.09 -37.82
N LYS U 514 -48.95 86.97 -38.55
CA LYS U 514 -49.52 86.93 -39.89
C LYS U 514 -51.02 87.13 -39.86
N LEU U 515 -51.70 86.42 -38.96
CA LEU U 515 -53.16 86.51 -38.91
C LEU U 515 -53.62 87.88 -38.46
N GLU U 516 -52.78 88.61 -37.74
CA GLU U 516 -53.12 89.99 -37.39
C GLU U 516 -53.09 90.90 -38.62
N SER U 517 -52.23 90.59 -39.59
CA SER U 517 -52.05 91.48 -40.73
C SER U 517 -53.28 91.54 -41.62
N GLU U 518 -54.04 90.44 -41.72
CA GLU U 518 -55.20 90.39 -42.59
C GLU U 518 -56.48 90.91 -41.93
N MET U 519 -56.36 91.78 -40.93
CA MET U 519 -57.53 92.34 -40.28
C MET U 519 -58.41 93.09 -41.28
N GLU U 520 -57.81 94.03 -42.03
CA GLU U 520 -58.59 94.85 -42.95
C GLU U 520 -58.91 94.12 -44.25
N ASP U 521 -58.01 93.27 -44.74
CA ASP U 521 -58.18 92.67 -46.05
C ASP U 521 -59.38 91.72 -46.07
N ALA U 522 -59.50 90.85 -45.07
CA ALA U 522 -60.62 89.93 -45.02
C ALA U 522 -61.93 90.67 -44.82
N TYR U 523 -61.92 91.73 -44.00
CA TYR U 523 -63.13 92.55 -43.83
C TYR U 523 -63.57 93.18 -45.14
N HIS U 524 -62.62 93.74 -45.89
CA HIS U 524 -62.94 94.33 -47.18
C HIS U 524 -63.47 93.27 -48.15
N GLU U 525 -62.86 92.08 -48.15
CA GLU U 525 -63.33 91.02 -49.02
C GLU U 525 -64.75 90.61 -48.66
N HIS U 526 -65.04 90.48 -47.36
CA HIS U 526 -66.38 90.09 -46.94
C HIS U 526 -67.42 91.14 -47.32
N GLN U 527 -67.10 92.41 -47.11
CA GLN U 527 -68.02 93.47 -47.49
C GLN U 527 -68.27 93.48 -48.99
N ALA U 528 -67.19 93.33 -49.77
CA ALA U 528 -67.33 93.27 -51.22
C ALA U 528 -68.22 92.10 -51.63
N ASN U 529 -68.03 90.94 -51.01
CA ASN U 529 -68.80 89.76 -51.39
C ASN U 529 -70.27 89.92 -51.06
N LEU U 530 -70.60 90.46 -49.88
CA LEU U 530 -72.01 90.67 -49.56
C LEU U 530 -72.63 91.69 -50.50
N LEU U 531 -71.88 92.75 -50.84
CA LEU U 531 -72.38 93.71 -51.82
C LEU U 531 -72.61 93.05 -53.18
N ARG U 532 -71.71 92.15 -53.59
CA ARG U 532 -71.90 91.48 -54.88
C ARG U 532 -73.12 90.56 -54.85
N GLN U 533 -73.34 89.84 -53.76
CA GLN U 533 -74.51 88.98 -53.69
C GLN U 533 -75.79 89.81 -53.77
N ASP U 534 -75.84 90.94 -53.05
CA ASP U 534 -77.00 91.82 -53.14
C ASP U 534 -77.18 92.36 -54.57
N LEU U 535 -76.08 92.72 -55.21
CA LEU U 535 -76.15 93.24 -56.57
C LEU U 535 -76.69 92.19 -57.54
N MET U 536 -76.22 90.94 -57.42
CA MET U 536 -76.70 89.89 -58.31
C MET U 536 -78.17 89.57 -58.08
N ARG U 537 -78.61 89.54 -56.81
CA ARG U 537 -80.03 89.27 -56.59
C ARG U 537 -80.90 90.41 -57.13
N ARG U 538 -80.43 91.65 -56.99
CA ARG U 538 -81.18 92.77 -57.56
C ARG U 538 -81.20 92.71 -59.08
N GLN U 539 -80.10 92.30 -59.70
CA GLN U 539 -80.08 92.15 -61.16
C GLN U 539 -81.00 91.02 -61.61
N GLU U 540 -81.09 89.95 -60.82
CA GLU U 540 -82.04 88.89 -61.13
C GLU U 540 -83.47 89.41 -61.10
N GLU U 541 -83.81 90.17 -60.05
CA GLU U 541 -85.11 90.82 -60.02
C GLU U 541 -85.31 91.70 -61.25
N LEU U 542 -84.26 92.43 -61.64
CA LEU U 542 -84.31 93.29 -62.81
C LEU U 542 -84.71 92.52 -64.06
N ARG U 543 -83.99 91.43 -64.34
CA ARG U 543 -84.26 90.70 -65.58
C ARG U 543 -85.65 90.08 -65.55
N ARG U 544 -86.06 89.55 -64.39
CA ARG U 544 -87.39 88.93 -64.31
C ARG U 544 -88.49 89.95 -64.58
N MET U 545 -88.47 91.09 -63.87
CA MET U 545 -89.56 92.03 -64.04
C MET U 545 -89.48 92.75 -65.37
N GLU U 546 -88.28 92.91 -65.92
CA GLU U 546 -88.14 93.51 -67.25
C GLU U 546 -88.74 92.62 -68.32
N GLU U 547 -88.46 91.31 -68.27
CA GLU U 547 -89.05 90.43 -69.28
C GLU U 547 -90.56 90.32 -69.10
N LEU U 548 -91.05 90.35 -67.86
CA LEU U 548 -92.50 90.37 -67.65
C LEU U 548 -93.13 91.62 -68.28
N HIS U 549 -92.49 92.78 -68.06
CA HIS U 549 -93.00 94.01 -68.66
C HIS U 549 -92.95 93.97 -70.17
N SER U 550 -91.89 93.39 -70.74
CA SER U 550 -91.80 93.26 -72.19
C SER U 550 -92.92 92.39 -72.75
N GLN U 551 -93.22 91.28 -72.06
CA GLN U 551 -94.32 90.42 -72.49
C GLN U 551 -95.65 91.16 -72.44
N GLU U 552 -95.88 91.92 -71.36
CA GLU U 552 -97.11 92.69 -71.26
C GLU U 552 -97.21 93.72 -72.39
N MET U 553 -96.09 94.40 -72.69
CA MET U 553 -96.10 95.39 -73.76
C MET U 553 -96.41 94.73 -75.11
N GLN U 554 -95.84 93.55 -75.35
CA GLN U 554 -96.11 92.84 -76.60
C GLN U 554 -97.58 92.47 -76.71
N LYS U 555 -98.17 91.97 -75.63
CA LYS U 555 -99.58 91.62 -75.64
C LYS U 555 -100.45 92.84 -75.92
N ARG U 556 -100.16 93.96 -75.24
CA ARG U 556 -100.92 95.19 -75.47
C ARG U 556 -100.75 95.67 -76.91
N LYS U 557 -99.55 95.56 -77.45
CA LYS U 557 -99.29 96.01 -78.81
C LYS U 557 -100.11 95.20 -79.81
N GLU U 558 -100.10 93.87 -79.70
CA GLU U 558 -100.87 93.06 -80.64
C GLU U 558 -102.37 93.33 -80.48
N MET U 559 -102.83 93.50 -79.24
CA MET U 559 -104.25 93.79 -79.03
C MET U 559 -104.65 95.11 -79.68
N GLN U 560 -103.80 96.15 -79.56
CA GLN U 560 -104.18 97.43 -80.13
C GLN U 560 -104.02 97.45 -81.64
N LEU U 561 -103.09 96.67 -82.19
CA LEU U 561 -103.09 96.44 -83.65
C LEU U 561 -104.41 95.84 -84.11
N ARG U 562 -104.89 94.82 -83.42
CA ARG U 562 -106.15 94.20 -83.82
C ARG U 562 -107.30 95.19 -83.74
N GLN U 563 -107.36 95.96 -82.64
CA GLN U 563 -108.44 96.93 -82.47
C GLN U 563 -108.40 98.00 -83.56
N GLU U 564 -107.19 98.52 -83.85
CA GLU U 564 -107.06 99.54 -84.89
C GLU U 564 -107.46 99.00 -86.25
N GLU U 565 -107.08 97.75 -86.56
CA GLU U 565 -107.47 97.15 -87.83
C GLU U 565 -108.98 97.04 -87.94
N GLU U 566 -109.64 96.54 -86.88
CA GLU U 566 -111.10 96.42 -86.91
C GLU U 566 -111.76 97.77 -87.10
N ARG U 567 -111.26 98.79 -86.40
CA ARG U 567 -111.79 100.14 -86.56
C ARG U 567 -111.60 100.64 -87.99
N ARG U 568 -110.46 100.33 -88.61
CA ARG U 568 -110.22 100.77 -89.97
C ARG U 568 -111.18 100.12 -90.95
N ARG U 569 -111.42 98.80 -90.81
CA ARG U 569 -112.39 98.16 -91.70
C ARG U 569 -113.80 98.73 -91.51
N ARG U 570 -114.20 98.97 -90.25
CA ARG U 570 -115.52 99.55 -90.03
C ARG U 570 -115.61 100.95 -90.62
N GLU U 571 -114.56 101.76 -90.47
CA GLU U 571 -114.54 103.09 -91.06
C GLU U 571 -114.64 103.02 -92.58
N GLU U 572 -113.96 102.06 -93.19
CA GLU U 572 -114.06 101.89 -94.64
C GLU U 572 -115.48 101.52 -95.05
N GLU U 573 -116.14 100.66 -94.27
CA GLU U 573 -117.53 100.30 -94.58
C GLU U 573 -118.43 101.52 -94.52
N MET U 574 -118.29 102.34 -93.47
CA MET U 574 -119.09 103.56 -93.40
C MET U 574 -118.73 104.53 -94.52
N MET U 575 -117.47 104.55 -94.94
CA MET U 575 -117.06 105.40 -96.04
C MET U 575 -117.75 104.99 -97.34
N ILE U 576 -117.83 103.69 -97.60
CA ILE U 576 -118.53 103.19 -98.78
C ILE U 576 -120.02 103.52 -98.70
N ARG U 577 -120.60 103.39 -97.50
CA ARG U 577 -122.01 103.75 -97.34
C ARG U 577 -122.24 105.22 -97.65
N GLN U 578 -121.34 106.08 -97.17
CA GLN U 578 -121.46 107.51 -97.45
C GLN U 578 -121.32 107.79 -98.94
N ARG U 579 -120.41 107.08 -99.62
CA ARG U 579 -120.26 107.25 -101.07
C ARG U 579 -121.55 106.87 -101.78
N GLU U 580 -122.16 105.75 -101.39
CA GLU U 580 -123.40 105.32 -102.03
C GLU U 580 -124.52 106.33 -101.79
N MET U 581 -124.65 106.83 -100.57
CA MET U 581 -125.72 107.79 -100.29
C MET U 581 -125.47 109.10 -101.03
N GLU U 582 -124.21 109.52 -101.17
CA GLU U 582 -123.90 110.71 -101.95
C GLU U 582 -124.27 110.53 -103.41
N GLU U 583 -123.96 109.36 -103.98
CA GLU U 583 -124.33 109.11 -105.37
C GLU U 583 -125.84 109.12 -105.55
N GLN U 584 -126.57 108.49 -104.61
CA GLN U 584 -128.03 108.50 -104.69
C GLN U 584 -128.59 109.91 -104.59
N MET U 585 -128.02 110.72 -103.69
CA MET U 585 -128.49 112.10 -103.55
C MET U 585 -128.21 112.90 -104.82
N ARG U 586 -127.05 112.67 -105.44
CA ARG U 586 -126.74 113.35 -106.70
C ARG U 586 -127.73 112.96 -107.79
N ARG U 587 -128.06 111.66 -107.87
CA ARG U 587 -129.04 111.22 -108.86
C ARG U 587 -130.41 111.84 -108.60
N GLN U 588 -130.83 111.90 -107.33
CA GLN U 588 -132.11 112.52 -107.00
C GLN U 588 -132.12 114.01 -107.33
N ARG U 589 -131.02 114.70 -107.06
CA ARG U 589 -130.93 116.12 -107.40
C ARG U 589 -130.99 116.34 -108.91
N GLU U 590 -130.32 115.48 -109.67
CA GLU U 590 -130.38 115.58 -111.13
C GLU U 590 -131.80 115.34 -111.63
N GLU U 591 -132.49 114.36 -111.05
CA GLU U 591 -133.88 114.10 -111.45
C GLU U 591 -134.77 115.29 -111.10
N SER U 592 -134.57 115.89 -109.93
CA SER U 592 -135.40 117.03 -109.52
C SER U 592 -135.12 118.24 -110.40
N TYR U 593 -133.88 118.44 -110.82
CA TYR U 593 -133.55 119.59 -111.66
C TYR U 593 -134.29 119.54 -113.00
N SER U 594 -134.36 118.36 -113.60
CA SER U 594 -135.05 118.19 -114.87
C SER U 594 -136.57 118.19 -114.68
N LYS V 69 -40.95 79.84 8.00
CA LYS V 69 -40.12 79.87 9.20
C LYS V 69 -40.27 81.18 9.96
N THR V 70 -39.16 81.68 10.49
CA THR V 70 -39.09 82.95 11.19
C THR V 70 -38.04 83.83 10.54
N PHE V 71 -38.37 85.10 10.31
CA PHE V 71 -37.50 86.04 9.63
C PHE V 71 -37.05 85.51 8.27
N THR V 72 -38.04 85.27 7.41
CA THR V 72 -37.83 84.74 6.08
C THR V 72 -38.12 85.82 5.04
N GLN V 73 -37.95 85.45 3.77
CA GLN V 73 -38.27 86.36 2.68
C GLN V 73 -39.77 86.54 2.53
N ARG V 74 -40.56 85.56 2.97
CA ARG V 74 -42.01 85.67 2.99
C ARG V 74 -42.52 86.44 4.20
N SER V 75 -41.62 86.87 5.09
CA SER V 75 -41.92 87.87 6.10
C SER V 75 -41.40 89.24 5.67
N ARG V 76 -41.27 89.46 4.37
CA ARG V 76 -40.81 90.73 3.82
C ARG V 76 -41.93 91.36 3.01
N LEU V 77 -42.28 92.60 3.34
CA LEU V 77 -43.32 93.32 2.64
C LEU V 77 -42.73 94.38 1.72
N PHE V 78 -43.58 94.91 0.84
CA PHE V 78 -43.23 96.03 -0.03
C PHE V 78 -44.24 97.14 0.24
N VAL V 79 -43.86 98.11 1.07
CA VAL V 79 -44.72 99.22 1.44
C VAL V 79 -44.43 100.38 0.49
N GLY V 80 -45.49 100.90 -0.13
CA GLY V 80 -45.35 101.97 -1.09
C GLY V 80 -46.26 103.14 -0.75
N ASN V 81 -46.08 104.22 -1.51
CA ASN V 81 -46.86 105.45 -1.35
C ASN V 81 -46.78 105.98 0.09
N LEU V 82 -45.59 105.88 0.68
CA LEU V 82 -45.38 106.48 1.98
C LEU V 82 -45.32 108.00 1.86
N PRO V 83 -45.71 108.72 2.91
CA PRO V 83 -45.56 110.17 2.88
C PRO V 83 -44.11 110.56 2.76
N PRO V 84 -43.81 111.70 2.13
CA PRO V 84 -42.41 112.07 1.89
C PRO V 84 -41.59 112.24 3.15
N ASP V 85 -42.21 112.52 4.29
CA ASP V 85 -41.50 112.71 5.55
C ASP V 85 -41.40 111.42 6.37
N ILE V 86 -41.41 110.26 5.71
CA ILE V 86 -41.31 109.00 6.43
C ILE V 86 -39.88 108.83 6.97
N THR V 87 -39.79 108.42 8.22
CA THR V 87 -38.51 108.18 8.87
C THR V 87 -38.45 106.75 9.37
N GLU V 88 -37.24 106.32 9.75
CA GLU V 88 -37.05 104.96 10.24
C GLU V 88 -37.82 104.72 11.53
N GLU V 89 -37.77 105.67 12.46
CA GLU V 89 -38.42 105.50 13.75
C GLU V 89 -39.93 105.40 13.59
N GLU V 90 -40.52 106.25 12.75
CA GLU V 90 -41.97 106.22 12.54
C GLU V 90 -42.41 104.90 11.90
N MET V 91 -41.64 104.42 10.92
CA MET V 91 -41.95 103.15 10.29
C MET V 91 -41.86 102.01 11.29
N ARG V 92 -40.84 102.02 12.15
CA ARG V 92 -40.72 100.99 13.18
C ARG V 92 -41.88 101.05 14.16
N LYS V 93 -42.27 102.26 14.57
CA LYS V 93 -43.34 102.41 15.55
C LYS V 93 -44.69 101.98 14.98
N LEU V 94 -44.93 102.26 13.70
CA LEU V 94 -46.14 101.79 13.05
C LEU V 94 -46.20 100.27 13.03
N PHE V 95 -45.04 99.63 13.03
CA PHE V 95 -44.93 98.18 13.08
C PHE V 95 -44.67 97.67 14.50
N GLU V 96 -44.56 98.57 15.48
CA GLU V 96 -44.32 98.15 16.85
C GLU V 96 -45.44 97.23 17.35
N LYS V 97 -46.64 97.38 16.82
CA LYS V 97 -47.74 96.49 17.19
C LYS V 97 -47.42 95.03 16.85
N TYR V 98 -46.52 94.78 15.92
CA TYR V 98 -46.17 93.44 15.49
C TYR V 98 -44.70 93.13 15.70
N GLY V 99 -44.16 93.49 16.86
CA GLY V 99 -42.85 93.04 17.24
C GLY V 99 -41.72 93.67 16.43
N LYS V 100 -40.56 93.01 16.50
CA LYS V 100 -39.36 93.53 15.88
C LYS V 100 -39.42 93.37 14.36
N ALA V 101 -38.63 94.19 13.68
CA ALA V 101 -38.55 94.19 12.22
C ALA V 101 -37.14 93.82 11.78
N GLY V 102 -36.98 93.66 10.47
CA GLY V 102 -35.68 93.33 9.90
C GLY V 102 -34.93 94.52 9.36
N GLU V 103 -34.64 94.52 8.07
CA GLU V 103 -33.92 95.62 7.44
C GLU V 103 -34.88 96.75 7.12
N VAL V 104 -34.61 97.93 7.66
CA VAL V 104 -35.43 99.12 7.42
C VAL V 104 -34.81 99.84 6.22
N PHE V 105 -35.24 99.45 5.03
CA PHE V 105 -34.82 100.10 3.79
C PHE V 105 -35.96 100.99 3.32
N ILE V 106 -35.71 102.29 3.24
CA ILE V 106 -36.73 103.28 2.92
C ILE V 106 -36.16 104.27 1.91
N HIS V 107 -36.94 104.58 0.88
CA HIS V 107 -36.63 105.66 -0.06
C HIS V 107 -37.44 106.88 0.34
N LYS V 108 -36.75 107.94 0.74
CA LYS V 108 -37.44 109.14 1.19
C LYS V 108 -38.17 109.82 0.04
N ASP V 109 -37.49 110.02 -1.09
CA ASP V 109 -38.11 110.71 -2.21
C ASP V 109 -39.10 109.82 -2.94
N LYS V 110 -38.78 108.55 -3.12
CA LYS V 110 -39.62 107.66 -3.91
C LYS V 110 -40.89 107.23 -3.19
N GLY V 111 -40.93 107.32 -1.85
CA GLY V 111 -42.13 107.00 -1.11
C GLY V 111 -42.39 105.53 -0.90
N PHE V 112 -41.43 104.65 -1.20
CA PHE V 112 -41.58 103.23 -0.94
C PHE V 112 -40.26 102.69 -0.37
N GLY V 113 -40.35 101.52 0.24
CA GLY V 113 -39.17 100.93 0.85
C GLY V 113 -39.35 99.46 1.11
N PHE V 114 -38.32 98.87 1.74
CA PHE V 114 -38.28 97.45 2.05
C PHE V 114 -38.29 97.25 3.56
N ILE V 115 -39.17 96.37 4.03
CA ILE V 115 -39.27 96.06 5.45
C ILE V 115 -39.37 94.55 5.61
N ARG V 116 -38.63 94.01 6.59
CA ARG V 116 -38.65 92.60 6.91
C ARG V 116 -39.36 92.40 8.24
N LEU V 117 -40.24 91.42 8.30
CA LEU V 117 -41.07 91.18 9.47
C LEU V 117 -40.59 89.91 10.17
N GLU V 118 -41.32 89.53 11.23
CA GLU V 118 -40.84 88.45 12.09
C GLU V 118 -41.18 87.07 11.52
N THR V 119 -42.48 86.75 11.41
CA THR V 119 -42.89 85.41 11.02
C THR V 119 -43.98 85.51 9.95
N ARG V 120 -44.46 84.33 9.52
CA ARG V 120 -45.51 84.27 8.51
C ARG V 120 -46.83 84.83 9.05
N THR V 121 -47.18 84.47 10.29
CA THR V 121 -48.42 84.95 10.89
C THR V 121 -48.43 86.47 11.03
N LEU V 122 -47.34 87.03 11.54
CA LEU V 122 -47.27 88.48 11.74
C LEU V 122 -47.31 89.22 10.40
N ALA V 123 -46.60 88.70 9.39
CA ALA V 123 -46.64 89.33 8.08
C ALA V 123 -48.04 89.27 7.48
N GLU V 124 -48.70 88.11 7.58
CA GLU V 124 -50.05 87.98 7.04
C GLU V 124 -51.01 88.94 7.74
N ILE V 125 -50.90 89.07 9.06
CA ILE V 125 -51.77 89.99 9.79
C ILE V 125 -51.48 91.43 9.36
N ALA V 126 -50.21 91.83 9.38
CA ALA V 126 -49.86 93.23 9.18
C ALA V 126 -50.17 93.71 7.77
N LYS V 127 -49.89 92.88 6.76
CA LYS V 127 -50.08 93.33 5.38
C LYS V 127 -51.53 93.70 5.11
N VAL V 128 -52.46 92.87 5.59
CA VAL V 128 -53.88 93.20 5.46
C VAL V 128 -54.26 94.36 6.38
N GLU V 129 -53.80 94.33 7.62
CA GLU V 129 -54.23 95.34 8.59
C GLU V 129 -53.70 96.72 8.29
N LEU V 130 -52.74 96.86 7.37
CA LEU V 130 -52.17 98.17 7.06
C LEU V 130 -52.55 98.71 5.68
N ASP V 131 -53.09 97.88 4.79
CA ASP V 131 -53.49 98.38 3.48
C ASP V 131 -54.83 99.10 3.56
N ASN V 132 -55.07 99.99 2.60
CA ASN V 132 -56.30 100.75 2.47
C ASN V 132 -56.50 101.74 3.61
N MET V 133 -55.54 101.81 4.53
CA MET V 133 -55.61 102.74 5.65
C MET V 133 -54.87 104.02 5.29
N PRO V 134 -55.54 105.16 5.22
CA PRO V 134 -54.85 106.41 4.87
C PRO V 134 -53.85 106.80 5.94
N LEU V 135 -52.77 107.44 5.49
CA LEU V 135 -51.72 107.93 6.39
C LEU V 135 -51.27 109.29 5.87
N ARG V 136 -51.58 110.35 6.63
CA ARG V 136 -51.25 111.72 6.26
C ARG V 136 -51.81 112.07 4.88
N GLY V 137 -53.08 111.76 4.68
CA GLY V 137 -53.72 112.01 3.40
C GLY V 137 -53.15 111.17 2.28
N LYS V 138 -52.83 109.90 2.56
CA LYS V 138 -52.26 109.00 1.56
C LYS V 138 -52.59 107.58 1.96
N GLN V 139 -53.46 106.93 1.19
CA GLN V 139 -53.82 105.55 1.47
C GLN V 139 -52.64 104.63 1.20
N LEU V 140 -52.17 103.94 2.24
CA LEU V 140 -51.00 103.09 2.11
C LEU V 140 -51.26 101.95 1.14
N ARG V 141 -50.39 101.82 0.15
CA ARG V 141 -50.43 100.70 -0.80
C ARG V 141 -49.35 99.71 -0.38
N VAL V 142 -49.69 98.88 0.60
CA VAL V 142 -48.79 97.84 1.08
C VAL V 142 -49.00 96.61 0.20
N ARG V 143 -47.94 96.16 -0.45
CA ARG V 143 -48.00 95.01 -1.34
C ARG V 143 -46.98 93.97 -0.94
N PHE V 144 -47.28 92.72 -1.29
CA PHE V 144 -46.39 91.60 -1.00
C PHE V 144 -45.30 91.58 -2.06
N ALA V 145 -44.07 91.85 -1.63
CA ALA V 145 -42.94 91.84 -2.56
C ALA V 145 -42.74 90.45 -3.14
N CYS V 146 -42.57 90.38 -4.46
CA CYS V 146 -42.39 89.11 -5.13
C CYS V 146 -41.05 88.48 -4.73
N HIS V 147 -41.09 87.21 -4.35
CA HIS V 147 -39.87 86.50 -4.01
C HIS V 147 -39.03 86.29 -5.26
N SER V 148 -37.89 86.99 -5.33
CA SER V 148 -37.03 86.93 -6.50
C SER V 148 -35.84 86.00 -6.33
N ALA V 149 -35.75 85.30 -5.19
CA ALA V 149 -34.71 84.31 -4.97
C ALA V 149 -35.18 82.89 -5.25
N SER V 150 -36.37 82.74 -5.83
CA SER V 150 -36.93 81.43 -6.10
C SER V 150 -36.31 80.80 -7.34
N LEU V 151 -36.28 79.48 -7.36
CA LEU V 151 -35.92 78.71 -8.54
C LEU V 151 -36.90 77.55 -8.69
N THR V 152 -37.05 77.08 -9.91
CA THR V 152 -37.90 75.92 -10.19
C THR V 152 -37.06 74.79 -10.75
N VAL V 153 -37.44 73.56 -10.40
CA VAL V 153 -36.71 72.36 -10.78
C VAL V 153 -37.64 71.44 -11.56
N ARG V 154 -37.14 70.90 -12.66
CA ARG V 154 -37.94 70.08 -13.57
C ARG V 154 -37.27 68.72 -13.74
N ASN V 155 -37.95 67.83 -14.46
CA ASN V 155 -37.52 66.44 -14.63
C ASN V 155 -37.32 65.74 -13.28
N LEU V 156 -38.20 66.03 -12.34
CA LEU V 156 -38.05 65.54 -10.99
C LEU V 156 -38.14 64.01 -10.96
N PRO V 157 -37.34 63.34 -10.13
CA PRO V 157 -37.42 61.88 -10.06
C PRO V 157 -38.76 61.41 -9.54
N GLN V 158 -39.03 60.12 -9.78
CA GLN V 158 -40.36 59.57 -9.48
C GLN V 158 -40.67 59.65 -7.99
N TYR V 159 -39.73 59.27 -7.14
CA TYR V 159 -39.91 59.26 -5.70
C TYR V 159 -39.18 60.44 -5.10
N VAL V 160 -39.90 61.28 -4.36
CA VAL V 160 -39.33 62.52 -3.85
C VAL V 160 -40.28 63.07 -2.78
N SER V 161 -39.73 63.85 -1.85
CA SER V 161 -40.49 64.55 -0.85
C SER V 161 -39.98 65.99 -0.76
N ASN V 162 -40.56 66.77 0.14
CA ASN V 162 -40.07 68.12 0.36
C ASN V 162 -38.63 68.10 0.88
N GLU V 163 -38.36 67.21 1.84
CA GLU V 163 -37.05 67.15 2.48
C GLU V 163 -35.94 66.82 1.51
N LEU V 164 -36.23 66.08 0.44
CA LEU V 164 -35.20 65.77 -0.54
C LEU V 164 -34.67 67.05 -1.17
N LEU V 165 -35.55 67.98 -1.50
CA LEU V 165 -35.10 69.26 -2.04
C LEU V 165 -34.53 70.15 -0.94
N GLU V 166 -35.07 70.06 0.28
CA GLU V 166 -34.54 70.89 1.35
C GLU V 166 -33.09 70.55 1.65
N GLU V 167 -32.74 69.26 1.64
CA GLU V 167 -31.37 68.84 1.93
C GLU V 167 -30.50 68.81 0.67
N ALA V 168 -31.09 68.57 -0.50
CA ALA V 168 -30.30 68.46 -1.73
C ALA V 168 -29.79 69.82 -2.19
N PHE V 169 -30.66 70.83 -2.19
CA PHE V 169 -30.24 72.17 -2.58
C PHE V 169 -29.59 72.93 -1.44
N SER V 170 -29.54 72.35 -0.25
CA SER V 170 -28.85 72.98 0.87
C SER V 170 -27.36 73.13 0.61
N VAL V 171 -26.82 72.36 -0.34
CA VAL V 171 -25.41 72.49 -0.69
C VAL V 171 -25.10 73.88 -1.21
N PHE V 172 -25.97 74.42 -2.07
CA PHE V 172 -25.74 75.72 -2.66
C PHE V 172 -25.98 76.87 -1.71
N GLY V 173 -26.76 76.66 -0.66
CA GLY V 173 -27.04 77.72 0.28
C GLY V 173 -28.18 77.33 1.20
N GLN V 174 -28.66 78.31 1.95
CA GLN V 174 -29.75 78.09 2.89
C GLN V 174 -31.07 78.01 2.13
N VAL V 175 -31.70 76.84 2.17
CA VAL V 175 -32.98 76.62 1.50
C VAL V 175 -34.07 77.00 2.50
N GLU V 176 -34.69 78.17 2.29
CA GLU V 176 -35.79 78.57 3.15
C GLU V 176 -36.97 77.61 3.01
N ARG V 177 -37.39 77.36 1.78
CA ARG V 177 -38.51 76.46 1.52
C ARG V 177 -38.31 75.81 0.15
N ALA V 178 -38.70 74.55 0.05
CA ALA V 178 -38.65 73.80 -1.20
C ALA V 178 -39.82 72.85 -1.22
N VAL V 179 -40.69 72.98 -2.22
CA VAL V 179 -41.96 72.28 -2.26
C VAL V 179 -42.08 71.52 -3.57
N VAL V 180 -42.54 70.28 -3.49
CA VAL V 180 -42.87 69.49 -4.69
C VAL V 180 -44.34 69.69 -5.00
N ILE V 181 -44.61 70.32 -6.15
CA ILE V 181 -45.99 70.58 -6.53
C ILE V 181 -46.73 69.28 -6.71
N VAL V 182 -47.90 69.17 -6.09
CA VAL V 182 -48.69 67.96 -6.10
C VAL V 182 -50.10 68.30 -6.57
N ASP V 183 -50.68 67.39 -7.36
CA ASP V 183 -52.06 67.54 -7.79
C ASP V 183 -53.00 67.11 -6.66
N ASP V 184 -54.30 67.08 -6.96
CA ASP V 184 -55.29 66.71 -5.95
C ASP V 184 -55.11 65.26 -5.52
N ARG V 185 -54.78 64.37 -6.46
CA ARG V 185 -54.70 62.94 -6.15
C ARG V 185 -53.58 62.64 -5.16
N GLY V 186 -52.43 63.26 -5.33
CA GLY V 186 -51.29 62.95 -4.50
C GLY V 186 -50.05 62.60 -5.29
N ARG V 187 -50.02 63.00 -6.56
CA ARG V 187 -48.89 62.74 -7.43
C ARG V 187 -48.10 64.01 -7.66
N PRO V 188 -46.77 63.95 -7.62
CA PRO V 188 -45.97 65.11 -8.01
C PRO V 188 -46.19 65.46 -9.46
N SER V 189 -46.09 66.75 -9.77
CA SER V 189 -46.27 67.21 -11.14
C SER V 189 -44.97 67.05 -11.93
N GLY V 190 -43.94 66.53 -11.28
CA GLY V 190 -42.63 66.46 -11.89
C GLY V 190 -41.86 67.75 -11.82
N LYS V 191 -42.43 68.79 -11.22
CA LYS V 191 -41.82 70.10 -11.09
C LYS V 191 -41.74 70.46 -9.61
N GLY V 192 -40.79 71.33 -9.28
CA GLY V 192 -40.64 71.78 -7.91
C GLY V 192 -40.04 73.16 -7.81
N ILE V 193 -40.38 73.88 -6.75
CA ILE V 193 -39.91 75.25 -6.54
C ILE V 193 -39.07 75.28 -5.28
N VAL V 194 -37.83 75.75 -5.40
CA VAL V 194 -36.96 75.98 -4.26
C VAL V 194 -36.83 77.49 -4.08
N GLU V 195 -36.93 77.93 -2.83
CA GLU V 195 -36.83 79.35 -2.49
C GLU V 195 -35.57 79.55 -1.64
N PHE V 196 -34.55 80.13 -2.25
CA PHE V 196 -33.32 80.41 -1.53
C PHE V 196 -33.46 81.69 -0.73
N SER V 197 -32.47 81.97 0.11
CA SER V 197 -32.49 83.17 0.93
C SER V 197 -31.85 84.35 0.21
N GLY V 198 -30.65 84.16 -0.33
CA GLY V 198 -29.89 85.23 -0.95
C GLY V 198 -29.79 85.06 -2.45
N LYS V 199 -29.70 86.18 -3.15
CA LYS V 199 -29.57 86.16 -4.61
C LYS V 199 -28.30 85.46 -5.08
N PRO V 200 -27.10 85.76 -4.55
CA PRO V 200 -25.92 85.05 -5.05
C PRO V 200 -25.97 83.55 -4.85
N ALA V 201 -26.55 83.08 -3.74
CA ALA V 201 -26.70 81.64 -3.53
C ALA V 201 -27.61 81.02 -4.59
N ALA V 202 -28.72 81.69 -4.89
CA ALA V 202 -29.63 81.18 -5.93
C ALA V 202 -28.94 81.17 -7.29
N ARG V 203 -28.19 82.22 -7.62
CA ARG V 203 -27.50 82.25 -8.90
C ARG V 203 -26.44 81.15 -8.99
N LYS V 204 -25.73 80.92 -7.88
CA LYS V 204 -24.74 79.85 -7.86
C LYS V 204 -25.39 78.49 -8.04
N ALA V 205 -26.53 78.26 -7.37
CA ALA V 205 -27.27 77.03 -7.59
C ALA V 205 -27.66 76.88 -9.05
N LEU V 206 -28.22 77.95 -9.63
CA LEU V 206 -28.71 77.87 -11.01
C LEU V 206 -27.58 77.53 -11.97
N ASP V 207 -26.49 78.28 -11.94
CA ASP V 207 -25.45 78.07 -12.96
C ASP V 207 -24.65 76.81 -12.68
N ARG V 208 -24.45 76.47 -11.41
CA ARG V 208 -23.77 75.22 -11.07
C ARG V 208 -24.56 74.01 -11.56
N CYS V 209 -25.89 74.02 -11.38
CA CYS V 209 -26.69 72.93 -11.90
C CYS V 209 -26.79 72.97 -13.42
N SER V 210 -26.71 74.17 -14.02
CA SER V 210 -26.77 74.26 -15.47
C SER V 210 -25.54 73.62 -16.11
N GLU V 211 -24.34 73.99 -15.65
CA GLU V 211 -23.15 73.38 -16.24
C GLU V 211 -22.91 71.98 -15.70
N GLY V 212 -23.31 71.70 -14.46
CA GLY V 212 -23.15 70.39 -13.88
C GLY V 212 -24.34 69.49 -14.15
N SER V 213 -24.36 68.37 -13.43
CA SER V 213 -25.45 67.40 -13.53
C SER V 213 -25.85 67.02 -12.11
N PHE V 214 -26.77 67.78 -11.53
CA PHE V 214 -27.15 67.61 -10.13
C PHE V 214 -28.11 66.44 -10.00
N LEU V 215 -27.56 65.25 -9.84
CA LEU V 215 -28.38 64.09 -9.54
C LEU V 215 -29.07 64.30 -8.18
N LEU V 216 -30.08 63.48 -7.93
CA LEU V 216 -30.87 63.58 -6.70
C LEU V 216 -30.88 62.29 -5.90
N THR V 217 -31.02 61.16 -6.57
CA THR V 217 -31.00 59.84 -5.95
C THR V 217 -30.21 58.93 -6.87
N THR V 218 -30.35 57.61 -6.69
CA THR V 218 -29.59 56.68 -7.52
C THR V 218 -29.95 56.80 -8.99
N PHE V 219 -31.21 57.09 -9.29
CA PHE V 219 -31.67 57.18 -10.67
C PHE V 219 -30.95 58.32 -11.37
N PRO V 220 -30.06 58.02 -12.32
CA PRO V 220 -29.16 59.05 -12.88
C PRO V 220 -29.83 59.93 -13.92
N ARG V 221 -30.87 60.65 -13.50
CA ARG V 221 -31.49 61.67 -14.35
C ARG V 221 -31.27 63.02 -13.69
N PRO V 222 -30.33 63.82 -14.18
CA PRO V 222 -30.13 65.15 -13.59
C PRO V 222 -31.39 65.99 -13.70
N VAL V 223 -31.66 66.76 -12.66
CA VAL V 223 -32.84 67.61 -12.62
C VAL V 223 -32.46 68.96 -13.22
N THR V 224 -33.30 69.46 -14.13
CA THR V 224 -33.04 70.73 -14.78
C THR V 224 -33.70 71.85 -13.99
N VAL V 225 -32.91 72.86 -13.65
CA VAL V 225 -33.36 73.97 -12.81
C VAL V 225 -33.39 75.24 -13.67
N GLU V 226 -34.45 76.03 -13.51
CA GLU V 226 -34.65 77.25 -14.24
C GLU V 226 -35.19 78.31 -13.30
N PRO V 227 -34.97 79.59 -13.58
CA PRO V 227 -35.56 80.64 -12.74
C PRO V 227 -37.08 80.57 -12.79
N MET V 228 -37.71 80.80 -11.66
CA MET V 228 -39.16 80.78 -11.59
C MET V 228 -39.71 82.11 -12.07
N ASP V 229 -40.60 82.07 -13.06
CA ASP V 229 -41.33 83.25 -13.46
C ASP V 229 -42.38 83.61 -12.41
N GLN V 230 -42.58 84.91 -12.20
CA GLN V 230 -43.45 85.38 -11.13
C GLN V 230 -44.78 85.80 -11.73
N LEU V 231 -45.77 84.90 -11.66
CA LEU V 231 -47.13 85.22 -12.04
C LEU V 231 -47.94 85.51 -10.78
N ASP V 232 -48.63 86.64 -10.77
CA ASP V 232 -49.45 87.05 -9.64
C ASP V 232 -50.92 87.14 -10.05
N ASP V 233 -51.78 86.45 -9.31
CA ASP V 233 -53.21 86.48 -9.54
C ASP V 233 -53.94 87.29 -8.47
N GLU V 234 -53.20 88.08 -7.69
CA GLU V 234 -53.78 88.90 -6.63
C GLU V 234 -54.23 90.25 -7.18
N GLU V 235 -53.28 91.03 -7.71
CA GLU V 235 -53.60 92.36 -8.20
C GLU V 235 -54.41 92.32 -9.50
N GLY V 236 -54.06 91.42 -10.41
CA GLY V 236 -54.76 91.37 -11.69
C GLY V 236 -54.49 92.62 -12.50
N LEU V 237 -55.56 93.15 -13.10
CA LEU V 237 -55.50 94.37 -13.90
C LEU V 237 -56.59 95.33 -13.43
N PRO V 238 -56.30 96.11 -12.39
CA PRO V 238 -57.28 97.12 -11.95
C PRO V 238 -57.52 98.15 -13.05
N GLU V 239 -58.70 98.77 -12.99
CA GLU V 239 -59.13 99.68 -14.05
C GLU V 239 -58.14 100.82 -14.24
N LYS V 240 -57.77 101.49 -13.15
CA LYS V 240 -56.87 102.64 -13.25
C LYS V 240 -55.49 102.26 -13.73
N LEU V 241 -55.06 101.02 -13.53
CA LEU V 241 -53.74 100.59 -13.99
C LEU V 241 -53.65 100.57 -15.50
N VAL V 242 -54.77 100.35 -16.19
CA VAL V 242 -54.76 100.31 -17.64
C VAL V 242 -54.41 101.68 -18.20
N ILE V 243 -53.70 101.69 -19.33
CA ILE V 243 -53.27 102.96 -19.94
C ILE V 243 -54.49 103.77 -20.38
N LYS V 244 -55.55 103.10 -20.81
CA LYS V 244 -56.80 103.76 -21.22
C LYS V 244 -56.58 104.75 -22.35
N ASN V 245 -55.69 104.44 -23.29
CA ASN V 245 -55.35 105.34 -24.36
C ASN V 245 -56.34 105.16 -25.53
N GLN V 246 -56.03 105.75 -26.69
CA GLN V 246 -56.94 105.67 -27.82
C GLN V 246 -57.11 104.23 -28.29
N GLN V 247 -56.10 103.38 -28.11
CA GLN V 247 -56.23 101.98 -28.47
C GLN V 247 -57.26 101.26 -27.63
N PHE V 248 -57.43 101.66 -26.37
CA PHE V 248 -58.49 101.06 -25.55
C PHE V 248 -59.87 101.36 -26.14
N HIS V 249 -60.12 102.62 -26.50
CA HIS V 249 -61.40 102.97 -27.10
C HIS V 249 -61.58 102.29 -28.46
N LYS V 250 -60.51 102.21 -29.24
CA LYS V 250 -60.59 101.52 -30.53
C LYS V 250 -60.95 100.06 -30.33
N GLU V 251 -60.40 99.42 -29.30
CA GLU V 251 -60.72 98.04 -28.99
C GLU V 251 -61.96 97.91 -28.11
N ARG V 252 -62.57 99.02 -27.69
CA ARG V 252 -63.76 98.99 -26.86
C ARG V 252 -64.91 99.75 -27.52
N GLU V 253 -65.08 99.55 -28.83
CA GLU V 253 -66.24 100.12 -29.51
C GLU V 253 -67.52 99.33 -29.23
N GLN V 254 -67.39 98.01 -29.07
CA GLN V 254 -68.55 97.15 -28.87
C GLN V 254 -68.32 96.21 -27.71
N PRO V 255 -69.37 95.87 -26.97
CA PRO V 255 -69.20 95.11 -25.72
C PRO V 255 -68.94 93.64 -26.01
N PRO V 256 -68.45 92.89 -25.02
CA PRO V 256 -68.30 91.45 -25.20
C PRO V 256 -69.66 90.77 -25.43
N ARG V 257 -69.66 89.77 -26.31
CA ARG V 257 -70.89 89.12 -26.73
C ARG V 257 -70.53 87.93 -27.62
N PHE V 258 -71.55 87.19 -28.03
CA PHE V 258 -71.39 86.09 -28.98
C PHE V 258 -71.25 86.62 -30.40
N ALA V 259 -70.71 85.78 -31.28
CA ALA V 259 -70.54 86.13 -32.67
C ALA V 259 -71.65 85.47 -33.49
N GLN V 260 -72.39 86.30 -34.23
CA GLN V 260 -73.48 85.79 -35.05
C GLN V 260 -72.94 84.99 -36.22
N PRO V 261 -73.39 83.76 -36.44
CA PRO V 261 -72.85 82.97 -37.55
C PRO V 261 -73.08 83.67 -38.89
N GLY V 262 -72.09 83.56 -39.77
CA GLY V 262 -72.15 84.19 -41.06
C GLY V 262 -71.58 85.58 -41.13
N SER V 263 -71.41 86.25 -39.99
CA SER V 263 -70.80 87.57 -39.97
C SER V 263 -69.29 87.45 -39.89
N PHE V 264 -68.60 88.50 -40.38
CA PHE V 264 -67.15 88.46 -40.54
C PHE V 264 -66.45 88.03 -39.27
N GLU V 265 -66.96 88.49 -38.11
CA GLU V 265 -66.38 88.07 -36.84
C GLU V 265 -66.38 86.56 -36.72
N TYR V 266 -67.43 85.89 -37.20
CA TYR V 266 -67.53 84.45 -37.00
C TYR V 266 -66.48 83.69 -37.83
N GLU V 267 -66.33 84.03 -39.11
CA GLU V 267 -65.29 83.37 -39.90
C GLU V 267 -63.90 83.67 -39.36
N TYR V 268 -63.66 84.92 -38.94
CA TYR V 268 -62.30 85.22 -38.47
C TYR V 268 -62.02 84.52 -37.15
N ALA V 269 -63.04 84.39 -36.29
CA ALA V 269 -62.90 83.60 -35.08
C ALA V 269 -62.67 82.13 -35.39
N MET V 270 -63.32 81.60 -36.43
CA MET V 270 -63.02 80.23 -36.84
C MET V 270 -61.57 80.08 -37.26
N ARG V 271 -61.02 81.08 -37.95
CA ARG V 271 -59.60 81.03 -38.30
C ARG V 271 -58.73 81.02 -37.05
N TRP V 272 -59.06 81.87 -36.07
CA TRP V 272 -58.33 81.87 -34.80
C TRP V 272 -58.42 80.52 -34.10
N LYS V 273 -59.61 79.94 -34.05
CA LYS V 273 -59.80 78.66 -33.36
C LYS V 273 -59.04 77.54 -34.05
N ALA V 274 -59.00 77.56 -35.38
CA ALA V 274 -58.18 76.59 -36.10
C ALA V 274 -56.71 76.77 -35.76
N LEU V 275 -56.26 78.02 -35.67
CA LEU V 275 -54.88 78.27 -35.29
C LEU V 275 -54.57 77.71 -33.91
N ILE V 276 -55.49 77.89 -32.96
CA ILE V 276 -55.27 77.39 -31.61
C ILE V 276 -55.38 75.87 -31.55
N GLU V 277 -56.24 75.31 -32.40
CA GLU V 277 -56.41 73.84 -32.46
C GLU V 277 -55.09 73.20 -32.90
N MET V 278 -54.56 73.63 -34.05
CA MET V 278 -53.26 73.08 -34.54
C MET V 278 -52.17 73.43 -33.53
N GLU V 279 -52.33 74.51 -32.77
CA GLU V 279 -51.36 74.84 -31.70
C GLU V 279 -51.35 73.66 -30.72
N LYS V 280 -52.49 73.37 -30.10
CA LYS V 280 -52.58 72.20 -29.23
C LYS V 280 -51.99 70.96 -29.89
N GLN V 281 -52.26 70.78 -31.18
CA GLN V 281 -51.75 69.60 -31.87
C GLN V 281 -50.23 69.60 -31.88
N GLN V 282 -49.61 70.75 -32.17
CA GLN V 282 -48.15 70.81 -32.18
C GLN V 282 -47.56 70.58 -30.80
N GLN V 283 -48.16 71.19 -29.77
CA GLN V 283 -47.63 71.01 -28.43
C GLN V 283 -47.73 69.55 -28.01
N ASP V 284 -48.85 68.90 -28.31
CA ASP V 284 -49.00 67.49 -27.97
C ASP V 284 -48.06 66.62 -28.79
N GLN V 285 -47.76 67.01 -30.03
CA GLN V 285 -46.79 66.24 -30.81
C GLN V 285 -45.40 66.34 -30.18
N VAL V 286 -45.01 67.53 -29.73
CA VAL V 286 -43.71 67.67 -29.06
C VAL V 286 -43.69 66.85 -27.78
N ASP V 287 -44.80 66.87 -27.03
CA ASP V 287 -44.88 66.08 -25.82
C ASP V 287 -44.73 64.60 -26.11
N ARG V 288 -45.40 64.09 -27.14
CA ARG V 288 -45.26 62.69 -27.51
C ARG V 288 -43.84 62.36 -27.94
N ASN V 289 -43.21 63.26 -28.69
CA ASN V 289 -41.84 63.01 -29.14
C ASN V 289 -40.91 62.89 -27.94
N ILE V 290 -41.00 63.83 -27.00
CA ILE V 290 -40.13 63.76 -25.83
C ILE V 290 -40.46 62.56 -24.97
N LYS V 291 -41.74 62.20 -24.86
CA LYS V 291 -42.11 61.05 -24.04
C LYS V 291 -41.56 59.75 -24.62
N GLU V 292 -41.64 59.58 -25.94
CA GLU V 292 -41.10 58.37 -26.53
C GLU V 292 -39.58 58.35 -26.42
N ALA V 293 -38.92 59.50 -26.57
CA ALA V 293 -37.47 59.53 -26.41
C ALA V 293 -37.08 59.16 -24.98
N ARG V 294 -37.80 59.70 -24.00
CA ARG V 294 -37.50 59.40 -22.61
C ARG V 294 -37.73 57.92 -22.30
N GLU V 295 -38.83 57.35 -22.79
CA GLU V 295 -39.10 55.94 -22.55
C GLU V 295 -38.05 55.06 -23.21
N LYS V 296 -37.58 55.44 -24.40
CA LYS V 296 -36.48 54.69 -25.00
C LYS V 296 -35.22 54.80 -24.18
N LEU V 297 -34.95 55.99 -23.63
CA LEU V 297 -33.71 56.19 -22.88
C LEU V 297 -33.73 55.45 -21.55
N GLU V 298 -34.90 55.30 -20.94
CA GLU V 298 -34.98 54.52 -19.70
C GLU V 298 -34.66 53.05 -19.95
N MET V 299 -35.10 52.52 -21.09
CA MET V 299 -34.88 51.09 -21.38
C MET V 299 -33.41 50.77 -21.51
N GLU V 300 -32.67 51.63 -22.20
CA GLU V 300 -31.28 51.37 -22.55
C GLU V 300 -30.33 51.50 -21.38
N MET V 301 -30.81 51.98 -20.22
CA MET V 301 -29.92 52.29 -19.11
C MET V 301 -29.15 51.06 -18.65
N GLU V 302 -29.81 49.92 -18.53
CA GLU V 302 -29.14 48.74 -17.99
C GLU V 302 -28.00 48.29 -18.90
N ALA V 303 -28.23 48.26 -20.22
CA ALA V 303 -27.18 47.85 -21.13
C ALA V 303 -26.00 48.82 -21.07
N ALA V 304 -26.27 50.12 -21.01
CA ALA V 304 -25.19 51.10 -20.90
C ALA V 304 -24.42 50.92 -19.60
N ARG V 305 -25.13 50.65 -18.50
CA ARG V 305 -24.47 50.45 -17.22
C ARG V 305 -23.53 49.25 -17.28
N HIS V 306 -24.03 48.13 -17.82
CA HIS V 306 -23.18 46.94 -17.91
C HIS V 306 -21.99 47.17 -18.82
N GLU V 307 -22.20 47.85 -19.94
CA GLU V 307 -21.10 48.14 -20.85
C GLU V 307 -20.05 49.02 -20.19
N HIS V 308 -20.49 50.03 -19.43
CA HIS V 308 -19.53 50.89 -18.76
C HIS V 308 -18.76 50.14 -17.68
N GLN V 309 -19.44 49.26 -16.93
CA GLN V 309 -18.73 48.45 -15.95
C GLN V 309 -17.67 47.59 -16.63
N VAL V 310 -18.04 46.94 -17.74
CA VAL V 310 -17.08 46.08 -18.43
C VAL V 310 -15.90 46.89 -18.95
N MET V 311 -16.18 48.06 -19.53
CA MET V 311 -15.11 48.89 -20.07
C MET V 311 -14.17 49.35 -18.96
N LEU V 312 -14.73 49.85 -17.86
CA LEU V 312 -13.90 50.32 -16.75
C LEU V 312 -13.04 49.21 -16.19
N MET V 313 -13.63 48.04 -15.97
CA MET V 313 -12.89 46.98 -15.29
C MET V 313 -11.88 46.32 -16.22
N ARG V 314 -12.16 46.31 -17.53
CA ARG V 314 -11.14 45.89 -18.49
C ARG V 314 -9.98 46.87 -18.53
N GLN V 315 -10.27 48.17 -18.50
CA GLN V 315 -9.19 49.15 -18.49
C GLN V 315 -8.35 49.01 -17.23
N ASP V 316 -9.01 48.77 -16.10
CA ASP V 316 -8.29 48.53 -14.85
C ASP V 316 -7.40 47.29 -14.95
N LEU V 317 -7.91 46.22 -15.56
CA LEU V 317 -7.10 45.02 -15.74
C LEU V 317 -5.89 45.31 -16.62
N MET V 318 -6.08 46.08 -17.68
CA MET V 318 -4.94 46.45 -18.53
C MET V 318 -3.91 47.23 -17.73
N ARG V 319 -4.38 48.18 -16.91
CA ARG V 319 -3.47 48.97 -16.10
C ARG V 319 -2.67 48.09 -15.15
N ARG V 320 -3.34 47.17 -14.47
CA ARG V 320 -2.66 46.30 -13.51
C ARG V 320 -1.68 45.38 -14.20
N GLN V 321 -2.04 44.86 -15.37
CA GLN V 321 -1.12 44.00 -16.11
C GLN V 321 0.12 44.76 -16.54
N GLU V 322 -0.06 46.00 -17.01
CA GLU V 322 1.10 46.81 -17.37
C GLU V 322 1.95 47.11 -16.15
N GLU V 323 1.32 47.36 -15.00
CA GLU V 323 2.07 47.59 -13.77
C GLU V 323 2.91 46.36 -13.42
N LEU V 324 2.31 45.18 -13.51
CA LEU V 324 3.06 43.94 -13.25
C LEU V 324 4.24 43.82 -14.19
N ARG V 325 4.02 44.01 -15.48
CA ARG V 325 5.09 43.83 -16.45
C ARG V 325 6.21 44.83 -16.22
N ARG V 326 5.86 46.09 -15.93
CA ARG V 326 6.88 47.11 -15.71
C ARG V 326 7.69 46.83 -14.45
N MET V 327 7.01 46.44 -13.37
CA MET V 327 7.74 46.11 -12.14
C MET V 327 8.65 44.92 -12.35
N GLU V 328 8.16 43.89 -13.06
CA GLU V 328 8.97 42.70 -13.29
C GLU V 328 10.20 43.02 -14.13
N GLU V 329 10.03 43.82 -15.19
CA GLU V 329 11.19 44.15 -16.02
C GLU V 329 12.16 45.05 -15.27
N LEU V 330 11.65 45.96 -14.42
CA LEU V 330 12.54 46.78 -13.61
C LEU V 330 13.35 45.92 -12.66
N HIS V 331 12.70 44.95 -12.00
CA HIS V 331 13.41 44.06 -11.10
C HIS V 331 14.44 43.24 -11.85
N ASN V 332 14.08 42.74 -13.03
CA ASN V 332 15.02 41.94 -13.81
C ASN V 332 16.24 42.76 -14.19
N GLN V 333 16.02 43.99 -14.67
CA GLN V 333 17.16 44.81 -15.09
C GLN V 333 18.03 45.21 -13.89
N GLU V 334 17.41 45.47 -12.74
CA GLU V 334 18.22 45.89 -11.59
C GLU V 334 19.00 44.71 -11.01
N VAL V 335 18.42 43.51 -10.99
CA VAL V 335 19.19 42.36 -10.53
C VAL V 335 20.29 42.02 -11.52
N GLN V 336 20.05 42.22 -12.82
CA GLN V 336 21.10 42.01 -13.80
C GLN V 336 22.25 42.98 -13.60
N LYS V 337 21.94 44.26 -13.40
CA LYS V 337 22.99 45.25 -13.19
C LYS V 337 23.69 45.04 -11.86
N ARG V 338 23.00 44.45 -10.87
CA ARG V 338 23.66 44.11 -9.62
C ARG V 338 24.62 42.96 -9.79
N LYS V 339 24.19 41.89 -10.48
CA LYS V 339 25.02 40.70 -10.60
C LYS V 339 26.19 40.91 -11.57
N GLN V 340 26.05 41.81 -12.54
CA GLN V 340 27.15 42.05 -13.46
C GLN V 340 28.30 42.78 -12.78
N LEU V 341 28.02 43.47 -11.68
CA LEU V 341 29.06 44.16 -10.93
C LEU V 341 29.87 43.17 -10.09
N LYS W 287 -98.54 55.85 -16.49
CA LYS W 287 -97.75 57.02 -16.09
C LYS W 287 -98.60 58.28 -16.15
N THR W 288 -98.19 59.31 -15.41
CA THR W 288 -98.93 60.55 -15.30
C THR W 288 -98.10 61.71 -15.85
N TYR W 289 -98.81 62.72 -16.35
CA TYR W 289 -98.18 63.94 -16.87
C TYR W 289 -97.21 63.63 -18.01
N THR W 290 -97.62 62.73 -18.90
CA THR W 290 -96.80 62.32 -20.03
C THR W 290 -97.06 63.22 -21.23
N GLN W 291 -96.51 62.83 -22.38
CA GLN W 291 -96.76 63.54 -23.62
C GLN W 291 -98.06 63.15 -24.28
N ARG W 292 -98.69 62.06 -23.84
CA ARG W 292 -99.99 61.67 -24.37
C ARG W 292 -101.11 62.59 -23.87
N CYS W 293 -100.96 63.13 -22.66
CA CYS W 293 -101.91 64.09 -22.12
C CYS W 293 -101.70 65.50 -22.66
N ARG W 294 -100.58 65.75 -23.33
CA ARG W 294 -100.35 67.06 -23.94
C ARG W 294 -101.33 67.29 -25.08
N LEU W 295 -101.91 68.48 -25.12
CA LEU W 295 -102.95 68.80 -26.08
C LEU W 295 -102.68 70.16 -26.72
N PHE W 296 -103.01 70.28 -28.00
CA PHE W 296 -102.86 71.52 -28.73
C PHE W 296 -104.16 72.31 -28.64
N VAL W 297 -104.13 73.44 -27.95
CA VAL W 297 -105.31 74.28 -27.74
C VAL W 297 -105.21 75.41 -28.77
N GLY W 298 -105.87 75.22 -29.92
CA GLY W 298 -105.82 76.19 -30.98
C GLY W 298 -106.88 77.27 -30.84
N ASN W 299 -106.77 78.28 -31.71
CA ASN W 299 -107.72 79.40 -31.78
C ASN W 299 -107.79 80.17 -30.46
N LEU W 300 -106.72 80.13 -29.68
CA LEU W 300 -106.70 80.85 -28.42
C LEU W 300 -106.59 82.35 -28.67
N PRO W 301 -107.26 83.18 -27.87
CA PRO W 301 -107.15 84.63 -28.05
C PRO W 301 -105.73 85.11 -27.77
N ALA W 302 -105.36 86.20 -28.46
CA ALA W 302 -104.02 86.75 -28.28
C ALA W 302 -103.80 87.26 -26.87
N ASP W 303 -104.80 87.95 -26.32
CA ASP W 303 -104.69 88.55 -24.98
C ASP W 303 -105.18 87.55 -23.94
N ILE W 304 -104.29 86.61 -23.59
CA ILE W 304 -104.57 85.62 -22.57
C ILE W 304 -103.40 85.55 -21.61
N THR W 305 -103.65 85.02 -20.42
CA THR W 305 -102.64 84.87 -19.40
C THR W 305 -102.55 83.40 -18.98
N GLU W 306 -101.47 83.08 -18.29
CA GLU W 306 -101.25 81.69 -17.87
C GLU W 306 -102.33 81.23 -16.88
N ASP W 307 -102.72 82.10 -15.95
CA ASP W 307 -103.71 81.73 -14.95
C ASP W 307 -105.07 81.45 -15.60
N GLU W 308 -105.45 82.27 -16.59
CA GLU W 308 -106.72 82.02 -17.27
C GLU W 308 -106.70 80.69 -18.02
N PHE W 309 -105.58 80.36 -18.66
CA PHE W 309 -105.45 79.06 -19.32
C PHE W 309 -105.55 77.92 -18.31
N LYS W 310 -104.90 78.07 -17.14
CA LYS W 310 -104.96 77.03 -16.13
C LYS W 310 -106.36 76.89 -15.55
N ARG W 311 -107.14 77.98 -15.53
CA ARG W 311 -108.49 77.92 -14.97
C ARG W 311 -109.40 77.00 -15.77
N LEU W 312 -109.16 76.86 -17.08
CA LEU W 312 -109.94 75.92 -17.88
C LEU W 312 -109.75 74.50 -17.39
N PHE W 313 -108.51 74.11 -17.11
CA PHE W 313 -108.18 72.75 -16.69
C PHE W 313 -107.98 72.63 -15.19
N ALA W 314 -108.30 73.69 -14.43
CA ALA W 314 -108.26 73.57 -12.97
C ALA W 314 -109.38 72.69 -12.45
N LYS W 315 -110.45 72.52 -13.23
CA LYS W 315 -111.54 71.63 -12.85
C LYS W 315 -111.08 70.17 -12.77
N TYR W 316 -110.17 69.77 -13.66
CA TYR W 316 -109.78 68.37 -13.78
C TYR W 316 -108.49 68.06 -13.01
N GLY W 317 -108.27 68.73 -11.90
CA GLY W 317 -107.09 68.49 -11.09
C GLY W 317 -106.03 69.56 -11.23
N GLU W 318 -104.76 69.14 -11.28
CA GLU W 318 -103.65 70.07 -11.37
C GLU W 318 -103.08 70.07 -12.78
N PRO W 319 -103.20 71.17 -13.52
CA PRO W 319 -102.54 71.25 -14.83
C PRO W 319 -101.03 71.15 -14.70
N GLY W 320 -100.40 70.59 -15.73
CA GLY W 320 -98.95 70.38 -15.72
C GLY W 320 -98.18 71.46 -16.45
N GLU W 321 -97.34 71.02 -17.40
CA GLU W 321 -96.52 71.96 -18.16
C GLU W 321 -97.40 72.89 -18.99
N VAL W 322 -97.06 74.18 -18.95
CA VAL W 322 -97.81 75.21 -19.67
C VAL W 322 -96.84 75.93 -20.60
N PHE W 323 -97.17 75.95 -21.89
CA PHE W 323 -96.41 76.70 -22.89
C PHE W 323 -97.39 77.42 -23.80
N ILE W 324 -97.48 78.74 -23.65
CA ILE W 324 -98.45 79.55 -24.37
C ILE W 324 -97.70 80.47 -25.33
N ASN W 325 -98.09 80.44 -26.59
CA ASN W 325 -97.53 81.31 -27.62
C ASN W 325 -98.60 82.32 -28.01
N LYS W 326 -98.50 83.52 -27.44
CA LYS W 326 -99.51 84.55 -27.67
C LYS W 326 -99.45 85.09 -29.09
N GLY W 327 -98.28 85.04 -29.72
CA GLY W 327 -98.15 85.60 -31.06
C GLY W 327 -99.00 84.87 -32.09
N LYS W 328 -99.01 83.54 -32.02
CA LYS W 328 -99.84 82.74 -32.93
C LYS W 328 -101.21 82.45 -32.36
N GLY W 329 -101.32 82.30 -31.04
CA GLY W 329 -102.60 82.06 -30.41
C GLY W 329 -102.86 80.60 -30.11
N PHE W 330 -101.88 79.92 -29.51
CA PHE W 330 -102.03 78.51 -29.17
C PHE W 330 -101.23 78.22 -27.91
N GLY W 331 -101.60 77.12 -27.25
CA GLY W 331 -100.91 76.70 -26.04
C GLY W 331 -101.02 75.20 -25.85
N PHE W 332 -100.04 74.66 -25.14
CA PHE W 332 -99.97 73.24 -24.83
C PHE W 332 -100.14 73.05 -23.33
N ILE W 333 -101.00 72.12 -22.94
CA ILE W 333 -101.32 71.88 -21.54
C ILE W 333 -101.12 70.41 -21.23
N LYS W 334 -100.57 70.13 -20.05
CA LYS W 334 -100.37 68.76 -19.58
C LYS W 334 -101.45 68.40 -18.57
N LEU W 335 -101.97 67.18 -18.67
CA LEU W 335 -103.03 66.70 -17.81
C LEU W 335 -102.49 65.61 -16.89
N GLU W 336 -103.41 64.99 -16.14
CA GLU W 336 -103.02 63.98 -15.17
C GLU W 336 -102.94 62.58 -15.80
N SER W 337 -103.85 62.28 -16.73
CA SER W 337 -103.90 60.95 -17.32
C SER W 337 -104.53 61.06 -18.71
N ARG W 338 -104.54 59.93 -19.41
CA ARG W 338 -105.14 59.87 -20.75
C ARG W 338 -106.65 60.09 -20.68
N ALA W 339 -107.30 59.52 -19.67
CA ALA W 339 -108.75 59.67 -19.54
C ALA W 339 -109.12 61.13 -19.31
N LEU W 340 -108.35 61.84 -18.49
CA LEU W 340 -108.63 63.25 -18.26
C LEU W 340 -108.39 64.08 -19.52
N ALA W 341 -107.39 63.71 -20.32
CA ALA W 341 -107.19 64.37 -21.61
C ALA W 341 -108.39 64.14 -22.52
N GLU W 342 -108.93 62.91 -22.53
CA GLU W 342 -110.12 62.63 -23.31
C GLU W 342 -111.30 63.47 -22.86
N ILE W 343 -111.50 63.59 -21.54
CA ILE W 343 -112.63 64.36 -21.05
C ILE W 343 -112.45 65.84 -21.37
N ALA W 344 -111.22 66.34 -21.25
CA ALA W 344 -110.95 67.73 -21.60
C ALA W 344 -111.20 68.00 -23.07
N LYS W 345 -110.82 67.04 -23.94
CA LYS W 345 -111.15 67.16 -25.36
C LYS W 345 -112.66 67.15 -25.57
N ALA W 346 -113.38 66.30 -24.82
CA ALA W 346 -114.81 66.14 -25.03
C ALA W 346 -115.61 67.35 -24.56
N GLU W 347 -115.14 68.04 -23.52
CA GLU W 347 -115.94 69.12 -22.95
C GLU W 347 -115.56 70.48 -23.53
N LEU W 348 -114.27 70.72 -23.76
CA LEU W 348 -113.79 72.03 -24.17
C LEU W 348 -113.77 72.21 -25.68
N ASP W 349 -114.21 71.21 -26.45
CA ASP W 349 -114.22 71.32 -27.90
C ASP W 349 -115.41 72.16 -28.37
N ASP W 350 -115.17 72.97 -29.40
CA ASP W 350 -116.21 73.82 -30.00
C ASP W 350 -116.87 74.70 -28.95
N THR W 351 -116.08 75.21 -28.02
CA THR W 351 -116.57 76.06 -26.93
C THR W 351 -116.28 77.51 -27.25
N PRO W 352 -117.28 78.36 -27.45
CA PRO W 352 -117.02 79.78 -27.68
C PRO W 352 -116.32 80.41 -26.49
N MET W 353 -115.36 81.30 -26.79
CA MET W 353 -114.62 82.03 -25.77
C MET W 353 -114.36 83.43 -26.29
N ARG W 354 -115.23 84.37 -25.88
CA ARG W 354 -115.11 85.78 -26.27
C ARG W 354 -115.10 85.92 -27.80
N GLY W 355 -115.91 85.11 -28.48
CA GLY W 355 -116.05 85.20 -29.92
C GLY W 355 -115.15 84.28 -30.71
N ARG W 356 -114.45 83.34 -30.07
CA ARG W 356 -113.58 82.41 -30.77
C ARG W 356 -113.95 80.99 -30.39
N GLN W 357 -113.99 80.10 -31.39
CA GLN W 357 -114.30 78.70 -31.18
C GLN W 357 -113.04 77.94 -30.85
N LEU W 358 -113.01 77.33 -29.67
CA LEU W 358 -111.83 76.63 -29.19
C LEU W 358 -111.86 75.16 -29.62
N ARG W 359 -110.70 74.68 -30.05
CA ARG W 359 -110.52 73.27 -30.43
C ARG W 359 -109.44 72.66 -29.55
N VAL W 360 -109.61 71.39 -29.21
CA VAL W 360 -108.64 70.67 -28.39
C VAL W 360 -108.01 69.63 -29.31
N ARG W 361 -106.88 70.00 -29.92
CA ARG W 361 -106.21 69.15 -30.90
C ARG W 361 -105.12 68.33 -30.23
N PHE W 362 -104.95 67.10 -30.69
CA PHE W 362 -103.96 66.21 -30.12
C PHE W 362 -102.56 66.55 -30.66
N ALA W 363 -101.66 66.88 -29.75
CA ALA W 363 -100.30 67.27 -30.11
C ALA W 363 -99.50 66.06 -30.57
N THR W 364 -98.64 66.29 -31.55
CA THR W 364 -97.80 65.23 -32.09
C THR W 364 -96.70 64.85 -31.11
N HIS W 365 -96.30 63.58 -31.14
CA HIS W 365 -95.20 63.08 -30.32
C HIS W 365 -93.91 63.16 -31.13
N ALA W 366 -93.05 64.13 -30.80
CA ALA W 366 -91.81 64.29 -31.53
C ALA W 366 -90.87 63.12 -31.31
N ALA W 367 -90.82 62.59 -30.08
CA ALA W 367 -89.95 61.45 -29.77
C ALA W 367 -90.73 60.16 -30.03
N ALA W 368 -90.86 59.82 -31.31
CA ALA W 368 -91.51 58.61 -31.74
C ALA W 368 -90.65 57.91 -32.78
N LEU W 369 -90.73 56.57 -32.79
CA LEU W 369 -89.94 55.77 -33.70
C LEU W 369 -90.78 54.59 -34.16
N SER W 370 -90.63 54.24 -35.44
CA SER W 370 -91.42 53.18 -36.05
C SER W 370 -90.64 51.87 -35.97
N VAL W 371 -91.29 50.83 -35.45
CA VAL W 371 -90.69 49.52 -35.22
C VAL W 371 -91.52 48.48 -35.95
N ARG W 372 -90.88 47.65 -36.76
CA ARG W 372 -91.54 46.58 -37.48
C ARG W 372 -90.67 45.32 -37.45
N ASN W 373 -91.21 44.23 -37.98
CA ASN W 373 -90.46 42.93 -38.00
C ASN W 373 -90.26 42.44 -36.57
N LEU W 374 -91.35 42.25 -35.82
CA LEU W 374 -91.26 41.75 -34.46
C LEU W 374 -92.19 40.53 -34.32
N SER W 375 -91.85 39.68 -33.36
CA SER W 375 -92.55 38.41 -33.21
C SER W 375 -94.02 38.63 -32.87
N PRO W 376 -94.91 37.75 -33.33
CA PRO W 376 -96.32 37.87 -32.98
C PRO W 376 -96.61 37.49 -31.54
N TYR W 377 -95.55 37.20 -30.78
CA TYR W 377 -95.67 36.89 -29.36
C TYR W 377 -95.17 37.98 -28.45
N VAL W 378 -94.40 38.93 -28.97
CA VAL W 378 -93.93 40.06 -28.17
C VAL W 378 -95.08 41.04 -27.97
N SER W 379 -95.32 41.40 -26.71
CA SER W 379 -96.43 42.27 -26.33
C SER W 379 -95.92 43.70 -26.12
N ASN W 380 -96.81 44.56 -25.60
CA ASN W 380 -96.41 45.92 -25.27
C ASN W 380 -95.34 45.93 -24.19
N GLU W 381 -95.48 45.08 -23.18
CA GLU W 381 -94.56 45.08 -22.05
C GLU W 381 -93.15 44.69 -22.48
N LEU W 382 -93.03 43.65 -23.29
CA LEU W 382 -91.70 43.21 -23.72
C LEU W 382 -91.01 44.29 -24.53
N LEU W 383 -91.74 44.93 -25.45
CA LEU W 383 -91.15 45.98 -26.26
C LEU W 383 -90.75 47.19 -25.41
N GLU W 384 -91.58 47.55 -24.44
CA GLU W 384 -91.25 48.70 -23.59
C GLU W 384 -90.07 48.40 -22.68
N GLU W 385 -89.91 47.15 -22.24
CA GLU W 385 -88.75 46.79 -21.44
C GLU W 385 -87.49 46.76 -22.28
N ALA W 386 -87.59 46.27 -23.53
CA ALA W 386 -86.42 46.13 -24.37
C ALA W 386 -85.83 47.48 -24.76
N PHE W 387 -86.68 48.41 -25.19
CA PHE W 387 -86.23 49.73 -25.60
C PHE W 387 -85.98 50.66 -24.43
N SER W 388 -86.26 50.21 -23.20
CA SER W 388 -86.00 51.04 -22.03
C SER W 388 -84.50 51.31 -21.83
N GLN W 389 -83.64 50.48 -22.42
CA GLN W 389 -82.20 50.71 -22.27
C GLN W 389 -81.77 52.02 -22.92
N PHE W 390 -82.33 52.34 -24.08
CA PHE W 390 -81.99 53.59 -24.74
C PHE W 390 -82.52 54.79 -23.98
N GLY W 391 -83.71 54.67 -23.39
CA GLY W 391 -84.31 55.74 -22.64
C GLY W 391 -85.68 55.37 -22.12
N PRO W 392 -86.32 56.30 -21.41
CA PRO W 392 -87.65 56.02 -20.84
C PRO W 392 -88.69 55.79 -21.93
N ILE W 393 -89.61 54.86 -21.65
CA ILE W 393 -90.72 54.54 -22.53
C ILE W 393 -92.00 54.97 -21.82
N GLU W 394 -92.63 56.03 -22.33
CA GLU W 394 -93.91 56.44 -21.75
C GLU W 394 -95.02 55.47 -22.12
N ARG W 395 -94.98 54.95 -23.35
CA ARG W 395 -95.91 53.91 -23.79
C ARG W 395 -95.40 53.26 -25.06
N ALA W 396 -95.25 51.93 -25.04
CA ALA W 396 -94.90 51.16 -26.22
C ALA W 396 -96.09 50.30 -26.60
N VAL W 397 -96.60 50.49 -27.81
CA VAL W 397 -97.76 49.76 -28.29
C VAL W 397 -97.45 49.20 -29.67
N VAL W 398 -97.85 47.96 -29.90
CA VAL W 398 -97.69 47.29 -31.19
C VAL W 398 -99.03 47.28 -31.90
N ILE W 399 -99.01 47.61 -33.20
CA ILE W 399 -100.25 47.72 -33.95
C ILE W 399 -100.93 46.36 -34.02
N VAL W 400 -102.25 46.35 -33.83
CA VAL W 400 -103.05 45.14 -33.79
C VAL W 400 -104.22 45.29 -34.76
N ASP W 401 -104.66 44.18 -35.32
CA ASP W 401 -105.79 44.18 -36.23
C ASP W 401 -107.09 44.14 -35.43
N ASP W 402 -108.22 43.96 -36.13
CA ASP W 402 -109.50 43.83 -35.45
C ASP W 402 -109.68 42.46 -34.82
N ARG W 403 -109.10 41.42 -35.41
CA ARG W 403 -109.18 40.08 -34.86
C ARG W 403 -108.37 39.92 -33.57
N GLY W 404 -107.52 40.88 -33.24
CA GLY W 404 -106.68 40.81 -32.07
C GLY W 404 -105.26 40.34 -32.32
N ARG W 405 -104.94 39.91 -33.54
CA ARG W 405 -103.60 39.44 -33.84
C ARG W 405 -102.63 40.62 -33.93
N SER W 406 -101.35 40.33 -33.70
CA SER W 406 -100.32 41.34 -33.82
C SER W 406 -99.80 41.39 -35.25
N THR W 407 -99.83 42.58 -35.84
CA THR W 407 -99.39 42.76 -37.22
C THR W 407 -97.86 42.77 -37.34
N GLY W 408 -97.14 42.78 -36.23
CA GLY W 408 -95.69 42.90 -36.28
C GLY W 408 -95.20 44.32 -36.44
N LYS W 409 -96.10 45.30 -36.47
CA LYS W 409 -95.75 46.70 -36.60
C LYS W 409 -95.92 47.38 -35.25
N GLY W 410 -94.96 48.21 -34.88
CA GLY W 410 -95.00 48.86 -33.57
C GLY W 410 -94.50 50.28 -33.64
N ILE W 411 -95.05 51.12 -32.77
CA ILE W 411 -94.57 52.48 -32.56
C ILE W 411 -94.18 52.61 -31.09
N VAL W 412 -92.96 53.06 -30.86
CA VAL W 412 -92.45 53.29 -29.51
C VAL W 412 -92.47 54.79 -29.26
N GLU W 413 -93.06 55.18 -28.12
CA GLU W 413 -93.18 56.60 -27.74
C GLU W 413 -92.15 56.88 -26.66
N PHE W 414 -90.99 57.37 -27.07
CA PHE W 414 -89.95 57.76 -26.12
C PHE W 414 -90.35 59.03 -25.39
N ALA W 415 -89.99 59.11 -24.11
CA ALA W 415 -90.33 60.28 -23.32
C ALA W 415 -89.44 61.47 -23.66
N SER W 416 -88.27 61.23 -24.24
CA SER W 416 -87.33 62.29 -24.55
C SER W 416 -86.83 62.15 -25.99
N LYS W 417 -86.58 63.29 -26.61
CA LYS W 417 -86.01 63.31 -27.96
C LYS W 417 -84.64 62.66 -28.04
N PRO W 418 -83.68 62.95 -27.15
CA PRO W 418 -82.37 62.29 -27.26
C PRO W 418 -82.45 60.77 -27.21
N ALA W 419 -83.32 60.22 -26.35
CA ALA W 419 -83.49 58.77 -26.32
C ALA W 419 -84.03 58.25 -27.64
N ALA W 420 -85.00 58.96 -28.22
CA ALA W 420 -85.57 58.54 -29.49
C ALA W 420 -84.52 58.54 -30.59
N ARG W 421 -83.66 59.56 -30.61
CA ARG W 421 -82.65 59.60 -31.67
C ARG W 421 -81.54 58.57 -31.44
N LYS W 422 -81.12 58.37 -30.18
CA LYS W 422 -80.05 57.42 -29.92
C LYS W 422 -80.49 55.99 -30.14
N ALA W 423 -81.78 55.69 -29.93
CA ALA W 423 -82.27 54.35 -30.22
C ALA W 423 -82.11 54.04 -31.71
N PHE W 424 -82.51 54.97 -32.57
CA PHE W 424 -82.34 54.76 -34.01
C PHE W 424 -80.87 54.71 -34.39
N GLU W 425 -80.04 55.57 -33.78
CA GLU W 425 -78.62 55.57 -34.10
C GLU W 425 -77.97 54.23 -33.75
N ARG W 426 -78.35 53.65 -32.60
CA ARG W 426 -77.77 52.39 -32.19
C ARG W 426 -78.33 51.20 -32.97
N CYS W 427 -79.62 51.25 -33.35
CA CYS W 427 -80.21 50.13 -34.05
C CYS W 427 -80.02 50.18 -35.57
N SER W 428 -79.52 51.30 -36.11
CA SER W 428 -79.26 51.35 -37.54
C SER W 428 -78.17 50.37 -37.94
N GLU W 429 -77.05 50.39 -37.23
CA GLU W 429 -75.97 49.44 -37.47
C GLU W 429 -75.96 48.28 -36.49
N GLY W 430 -76.55 48.47 -35.31
CA GLY W 430 -76.62 47.40 -34.34
C GLY W 430 -77.65 46.34 -34.72
N VAL W 431 -77.61 45.23 -33.99
CA VAL W 431 -78.50 44.10 -34.22
C VAL W 431 -79.30 43.90 -32.94
N PHE W 432 -80.56 44.31 -32.97
CA PHE W 432 -81.41 44.23 -31.78
C PHE W 432 -82.46 43.13 -31.96
N LEU W 433 -82.70 42.39 -30.89
CA LEU W 433 -83.56 41.21 -30.92
C LEU W 433 -84.55 41.28 -29.77
N LEU W 434 -85.65 40.52 -29.91
CA LEU W 434 -86.72 40.50 -28.93
C LEU W 434 -87.14 39.11 -28.49
N THR W 435 -86.67 38.05 -29.17
CA THR W 435 -87.18 36.72 -28.88
C THR W 435 -86.15 35.68 -29.27
N THR W 436 -86.41 34.45 -28.85
CA THR W 436 -85.48 33.34 -29.09
C THR W 436 -85.17 33.17 -30.57
N THR W 437 -86.21 33.22 -31.40
CA THR W 437 -85.98 33.15 -32.84
C THR W 437 -85.31 34.45 -33.29
N PRO W 438 -84.13 34.39 -33.90
CA PRO W 438 -83.39 35.63 -34.17
C PRO W 438 -83.99 36.44 -35.32
N ARG W 439 -85.02 37.22 -35.02
CA ARG W 439 -85.61 38.14 -35.99
C ARG W 439 -85.29 39.57 -35.58
N PRO W 440 -84.40 40.26 -36.30
CA PRO W 440 -83.97 41.60 -35.86
C PRO W 440 -85.10 42.61 -35.93
N VAL W 441 -85.02 43.59 -35.04
CA VAL W 441 -85.95 44.71 -35.02
C VAL W 441 -85.33 45.87 -35.77
N ILE W 442 -86.08 46.45 -36.71
CA ILE W 442 -85.60 47.52 -37.56
C ILE W 442 -86.40 48.78 -37.23
N VAL W 443 -85.70 49.89 -37.03
CA VAL W 443 -86.31 51.15 -36.63
C VAL W 443 -86.16 52.16 -37.77
N GLU W 444 -87.23 52.90 -38.02
CA GLU W 444 -87.24 54.00 -38.97
C GLU W 444 -88.03 55.14 -38.34
N PRO W 445 -87.75 56.39 -38.70
CA PRO W 445 -88.49 57.50 -38.13
C PRO W 445 -89.97 57.40 -38.47
N LEU W 446 -90.81 57.74 -37.49
CA LEU W 446 -92.25 57.64 -37.68
C LEU W 446 -92.76 58.88 -38.40
N GLU W 447 -93.69 58.66 -39.33
CA GLU W 447 -94.30 59.74 -40.09
C GLU W 447 -95.65 60.11 -39.48
N GLN W 448 -95.95 61.41 -39.51
CA GLN W 448 -97.14 61.97 -38.85
C GLN W 448 -98.27 62.17 -39.85
N LEU W 449 -99.39 61.50 -39.59
CA LEU W 449 -100.62 61.65 -40.37
C LEU W 449 -101.75 62.02 -39.42
N ASP W 450 -102.51 63.04 -39.79
CA ASP W 450 -103.67 63.47 -39.00
C ASP W 450 -104.92 62.85 -39.61
N ASP W 451 -105.78 62.29 -38.74
CA ASP W 451 -106.96 61.55 -39.19
C ASP W 451 -108.26 62.25 -38.82
N GLU W 452 -108.19 63.50 -38.37
CA GLU W 452 -109.37 64.21 -37.90
C GLU W 452 -109.51 65.58 -38.54
N ASP W 453 -108.38 66.24 -38.79
CA ASP W 453 -108.34 67.58 -39.38
C ASP W 453 -107.53 67.51 -40.67
N GLY W 454 -108.21 67.49 -41.81
CA GLY W 454 -107.54 67.43 -43.10
C GLY W 454 -107.26 68.80 -43.69
N LEU W 455 -107.33 68.89 -45.02
CA LEU W 455 -107.11 70.15 -45.71
C LEU W 455 -108.40 70.98 -45.66
N PRO W 456 -108.37 72.15 -45.04
CA PRO W 456 -109.59 72.95 -44.90
C PRO W 456 -109.89 73.72 -46.17
N GLU W 457 -111.15 74.18 -46.27
CA GLU W 457 -111.59 74.92 -47.44
C GLU W 457 -110.84 76.25 -47.56
N LYS W 458 -110.47 76.84 -46.43
CA LYS W 458 -109.76 78.12 -46.46
C LYS W 458 -108.42 77.98 -47.17
N LEU W 459 -107.67 76.92 -46.87
CA LEU W 459 -106.40 76.70 -47.54
C LEU W 459 -106.58 76.20 -48.97
N ALA W 460 -107.69 75.49 -49.24
CA ALA W 460 -107.93 75.00 -50.59
C ALA W 460 -108.14 76.14 -51.57
N GLN W 461 -108.90 77.16 -51.17
CA GLN W 461 -109.24 78.27 -52.05
C GLN W 461 -108.13 79.30 -52.18
N LYS W 462 -107.04 79.15 -51.42
CA LYS W 462 -105.92 80.09 -51.54
C LYS W 462 -105.31 80.05 -52.94
N ASN W 463 -105.17 78.86 -53.50
CA ASN W 463 -104.73 78.73 -54.88
C ASN W 463 -105.79 79.32 -55.81
N PRO W 464 -105.41 80.17 -56.77
CA PRO W 464 -106.41 80.78 -57.66
C PRO W 464 -106.98 79.81 -58.69
N MET W 465 -106.51 78.57 -58.73
CA MET W 465 -106.93 77.61 -59.74
C MET W 465 -107.74 76.46 -59.15
N TYR W 466 -107.80 76.34 -57.82
CA TYR W 466 -108.65 75.33 -57.20
C TYR W 466 -110.12 75.55 -57.51
N GLN W 467 -110.57 76.82 -57.49
CA GLN W 467 -111.97 77.11 -57.72
C GLN W 467 -112.39 76.76 -59.14
N LYS W 468 -111.53 77.03 -60.13
CA LYS W 468 -111.88 76.74 -61.51
C LYS W 468 -111.84 75.24 -61.81
N GLU W 469 -111.38 74.42 -60.89
CA GLU W 469 -111.41 72.97 -61.03
C GLU W 469 -112.72 72.34 -60.57
N ARG W 470 -113.60 73.11 -59.91
CA ARG W 470 -114.78 72.55 -59.27
C ARG W 470 -116.07 72.84 -60.04
N GLU W 471 -115.97 73.41 -61.25
CA GLU W 471 -117.18 73.64 -62.04
C GLU W 471 -117.85 72.33 -62.41
N THR W 472 -117.08 71.32 -62.77
CA THR W 472 -117.64 70.00 -63.05
C THR W 472 -118.03 69.33 -61.74
N PRO W 473 -119.29 68.95 -61.56
CA PRO W 473 -119.70 68.30 -60.31
C PRO W 473 -119.10 66.91 -60.20
N PRO W 474 -118.93 66.40 -58.99
CA PRO W 474 -118.51 65.00 -58.83
C PRO W 474 -119.45 64.05 -59.56
N ARG W 475 -118.94 63.36 -60.56
CA ARG W 475 -119.77 62.59 -61.48
C ARG W 475 -119.18 61.22 -61.71
N PHE W 476 -119.98 60.36 -62.37
CA PHE W 476 -119.55 59.05 -62.81
C PHE W 476 -119.10 59.05 -64.26
N ALA W 477 -118.91 60.23 -64.85
CA ALA W 477 -118.67 60.39 -66.28
C ALA W 477 -119.83 59.81 -67.08
N GLN W 478 -119.65 59.64 -68.38
CA GLN W 478 -120.70 59.08 -69.22
C GLN W 478 -120.07 58.22 -70.29
N HIS W 479 -120.70 57.08 -70.57
CA HIS W 479 -120.19 56.17 -71.59
C HIS W 479 -120.09 56.87 -72.93
N GLY W 480 -118.94 56.73 -73.58
CA GLY W 480 -118.66 57.38 -74.84
C GLY W 480 -117.96 58.71 -74.72
N THR W 481 -117.93 59.30 -73.54
CA THR W 481 -117.25 60.57 -73.34
C THR W 481 -115.75 60.34 -73.11
N PHE W 482 -114.98 61.44 -73.26
CA PHE W 482 -113.54 61.35 -73.13
C PHE W 482 -113.12 60.95 -71.72
N GLU W 483 -113.78 61.52 -70.70
CA GLU W 483 -113.43 61.22 -69.32
C GLU W 483 -113.63 59.74 -69.01
N TYR W 484 -114.74 59.17 -69.47
CA TYR W 484 -114.98 57.74 -69.25
C TYR W 484 -113.95 56.89 -69.99
N GLU W 485 -113.57 57.28 -71.20
CA GLU W 485 -112.56 56.54 -71.95
C GLU W 485 -111.22 56.54 -71.22
N TYR W 486 -110.83 57.69 -70.68
CA TYR W 486 -109.53 57.83 -70.04
C TYR W 486 -109.53 57.18 -68.66
N SER W 487 -110.70 57.11 -68.02
CA SER W 487 -110.81 56.45 -66.74
C SER W 487 -110.54 54.96 -66.84
N GLN W 488 -110.92 54.35 -67.98
CA GLN W 488 -110.63 52.93 -68.16
C GLN W 488 -109.13 52.68 -68.16
N ARG W 489 -108.37 53.56 -68.80
CA ARG W 489 -106.91 53.45 -68.78
C ARG W 489 -106.36 53.66 -67.38
N TRP W 490 -106.94 54.60 -66.63
CA TRP W 490 -106.53 54.75 -65.23
C TRP W 490 -106.77 53.47 -64.44
N LYS W 491 -107.93 52.85 -64.63
CA LYS W 491 -108.24 51.62 -63.91
C LYS W 491 -107.30 50.50 -64.30
N SER W 492 -106.93 50.42 -65.58
CA SER W 492 -105.94 49.42 -66.00
C SER W 492 -104.60 49.65 -65.31
N LEU W 493 -104.16 50.90 -65.23
CA LEU W 493 -102.91 51.20 -64.55
C LEU W 493 -102.97 50.80 -63.08
N ASP W 494 -104.07 51.13 -62.41
CA ASP W 494 -104.21 50.78 -61.00
C ASP W 494 -104.25 49.26 -60.81
N GLU W 495 -104.90 48.54 -61.73
CA GLU W 495 -104.91 47.09 -61.66
C GLU W 495 -103.50 46.52 -61.79
N MET W 496 -102.71 47.07 -62.71
CA MET W 496 -101.33 46.61 -62.84
C MET W 496 -100.54 46.87 -61.57
N GLU W 497 -100.72 48.05 -60.96
CA GLU W 497 -100.03 48.34 -59.71
C GLU W 497 -100.44 47.35 -58.62
N LYS W 498 -101.72 47.04 -58.53
CA LYS W 498 -102.20 46.08 -57.53
C LYS W 498 -101.57 44.72 -57.76
N GLN W 499 -101.48 44.29 -59.02
CA GLN W 499 -100.86 43.00 -59.33
C GLN W 499 -99.41 42.98 -58.91
N GLN W 500 -98.67 44.07 -59.17
CA GLN W 500 -97.27 44.12 -58.79
C GLN W 500 -97.10 44.06 -57.27
N ARG W 501 -97.93 44.80 -56.53
CA ARG W 501 -97.84 44.77 -55.07
C ARG W 501 -98.15 43.38 -54.54
N GLU W 502 -99.18 42.74 -55.07
CA GLU W 502 -99.52 41.38 -54.63
C GLU W 502 -98.39 40.40 -54.95
N GLN W 503 -97.76 40.56 -56.12
CA GLN W 503 -96.64 39.71 -56.47
C GLN W 503 -95.50 39.85 -55.46
N VAL W 504 -95.18 41.09 -55.09
CA VAL W 504 -94.11 41.31 -54.10
C VAL W 504 -94.47 40.68 -52.77
N GLU W 505 -95.73 40.85 -52.34
CA GLU W 505 -96.15 40.31 -51.05
C GLU W 505 -96.06 38.79 -51.04
N LYS W 506 -96.52 38.13 -52.11
CA LYS W 506 -96.41 36.67 -52.18
C LYS W 506 -94.96 36.23 -52.22
N ASN W 507 -94.12 36.93 -52.98
CA ASN W 507 -92.70 36.62 -53.03
C ASN W 507 -92.12 36.57 -51.63
N MET W 508 -92.38 37.60 -50.84
CA MET W 508 -91.70 37.66 -49.55
C MET W 508 -92.43 36.84 -48.49
N LYS W 509 -93.70 36.50 -48.72
CA LYS W 509 -94.33 35.45 -47.92
C LYS W 509 -93.57 34.14 -48.05
N ASP W 510 -93.34 33.70 -49.30
CA ASP W 510 -92.63 32.43 -49.49
C ASP W 510 -91.18 32.55 -49.03
N ALA W 511 -90.58 33.74 -49.17
CA ALA W 511 -89.21 33.94 -48.71
C ALA W 511 -89.10 33.80 -47.20
N LYS W 512 -90.02 34.42 -46.47
CA LYS W 512 -89.99 34.29 -45.01
C LYS W 512 -90.31 32.87 -44.57
N ASP W 513 -91.20 32.20 -45.31
CA ASP W 513 -91.47 30.79 -45.01
C ASP W 513 -90.22 29.94 -45.23
N LYS W 514 -89.43 30.26 -46.26
CA LYS W 514 -88.17 29.57 -46.47
C LYS W 514 -87.21 29.81 -45.30
N LEU W 515 -87.05 31.06 -44.90
CA LEU W 515 -86.15 31.36 -43.78
C LEU W 515 -86.61 30.66 -42.50
N GLU W 516 -87.92 30.50 -42.33
CA GLU W 516 -88.41 29.76 -41.17
C GLU W 516 -88.00 28.29 -41.23
N SER W 517 -88.04 27.70 -42.43
CA SER W 517 -87.81 26.25 -42.55
C SER W 517 -86.39 25.87 -42.15
N GLU W 518 -85.40 26.68 -42.55
CA GLU W 518 -84.00 26.31 -42.37
C GLU W 518 -83.46 26.78 -41.02
N MET W 519 -84.35 26.99 -40.05
CA MET W 519 -83.90 27.38 -38.71
C MET W 519 -83.04 26.29 -38.09
N GLU W 520 -83.47 25.03 -38.20
CA GLU W 520 -82.71 23.94 -37.60
C GLU W 520 -81.39 23.72 -38.33
N ASP W 521 -81.44 23.70 -39.66
CA ASP W 521 -80.25 23.38 -40.43
C ASP W 521 -79.15 24.42 -40.26
N ALA W 522 -79.52 25.71 -40.20
CA ALA W 522 -78.52 26.75 -40.03
C ALA W 522 -77.83 26.62 -38.67
N TYR W 523 -78.61 26.39 -37.61
CA TYR W 523 -78.00 26.19 -36.29
C TYR W 523 -77.10 24.97 -36.28
N HIS W 524 -77.55 23.87 -36.87
CA HIS W 524 -76.74 22.66 -36.89
C HIS W 524 -75.44 22.90 -37.66
N GLU W 525 -75.52 23.60 -38.78
CA GLU W 525 -74.32 23.89 -39.57
C GLU W 525 -73.36 24.77 -38.78
N HIS W 526 -73.89 25.78 -38.08
CA HIS W 526 -73.04 26.65 -37.29
C HIS W 526 -72.33 25.88 -36.18
N GLN W 527 -73.07 25.03 -35.47
CA GLN W 527 -72.46 24.27 -34.39
C GLN W 527 -71.44 23.26 -34.92
N ALA W 528 -71.73 22.64 -36.07
CA ALA W 528 -70.78 21.69 -36.65
C ALA W 528 -69.53 22.41 -37.13
N ASN W 529 -69.67 23.61 -37.69
CA ASN W 529 -68.51 24.39 -38.11
C ASN W 529 -67.66 24.75 -36.90
N LEU W 530 -68.29 25.18 -35.80
CA LEU W 530 -67.52 25.47 -34.60
C LEU W 530 -66.79 24.24 -34.08
N LEU W 531 -67.48 23.10 -34.04
CA LEU W 531 -66.85 21.87 -33.57
C LEU W 531 -65.67 21.48 -34.45
N ARG W 532 -65.83 21.60 -35.77
CA ARG W 532 -64.75 21.21 -36.67
C ARG W 532 -63.57 22.16 -36.59
N GLN W 533 -63.81 23.47 -36.43
CA GLN W 533 -62.70 24.38 -36.22
C GLN W 533 -61.95 24.06 -34.92
N ASP W 534 -62.70 23.77 -33.85
CA ASP W 534 -62.07 23.39 -32.60
C ASP W 534 -61.22 22.13 -32.79
N LEU W 535 -61.76 21.13 -33.49
CA LEU W 535 -61.04 19.88 -33.66
C LEU W 535 -59.81 20.07 -34.53
N MET W 536 -59.88 20.96 -35.53
CA MET W 536 -58.70 21.29 -36.31
C MET W 536 -57.61 21.90 -35.44
N ARG W 537 -57.97 22.84 -34.56
CA ARG W 537 -56.95 23.45 -33.72
C ARG W 537 -56.38 22.43 -32.73
N ARG W 538 -57.21 21.52 -32.23
CA ARG W 538 -56.71 20.47 -31.36
C ARG W 538 -55.73 19.57 -32.11
N GLN W 539 -56.05 19.22 -33.36
CA GLN W 539 -55.15 18.40 -34.16
C GLN W 539 -53.83 19.09 -34.39
N GLU W 540 -53.86 20.40 -34.68
CA GLU W 540 -52.61 21.12 -34.88
C GLU W 540 -51.75 21.12 -33.61
N GLU W 541 -52.38 21.39 -32.46
CA GLU W 541 -51.63 21.36 -31.21
C GLU W 541 -51.05 19.99 -30.94
N LEU W 542 -51.84 18.94 -31.18
CA LEU W 542 -51.37 17.58 -30.95
C LEU W 542 -50.20 17.24 -31.85
N ARG W 543 -50.26 17.65 -33.12
CA ARG W 543 -49.15 17.38 -34.03
C ARG W 543 -47.89 18.09 -33.58
N ARG W 544 -48.01 19.36 -33.17
CA ARG W 544 -46.83 20.09 -32.70
C ARG W 544 -46.22 19.43 -31.48
N MET W 545 -47.05 19.08 -30.49
CA MET W 545 -46.54 18.43 -29.30
C MET W 545 -45.90 17.08 -29.62
N GLU W 546 -46.53 16.31 -30.51
CA GLU W 546 -45.99 15.01 -30.88
C GLU W 546 -44.61 15.14 -31.52
N GLU W 547 -44.45 16.08 -32.45
CA GLU W 547 -43.15 16.20 -33.11
C GLU W 547 -42.09 16.70 -32.15
N LEU W 548 -42.44 17.66 -31.28
CA LEU W 548 -41.46 18.14 -30.32
C LEU W 548 -41.03 17.03 -29.38
N HIS W 549 -41.99 16.25 -28.86
CA HIS W 549 -41.66 15.12 -28.01
C HIS W 549 -40.84 14.08 -28.74
N SER W 550 -41.13 13.84 -30.02
CA SER W 550 -40.35 12.86 -30.77
C SER W 550 -38.90 13.28 -30.88
N GLN W 551 -38.63 14.56 -31.15
CA GLN W 551 -37.23 14.97 -31.22
C GLN W 551 -36.58 14.96 -29.84
N GLU W 552 -37.36 15.26 -28.79
CA GLU W 552 -36.87 15.08 -27.42
C GLU W 552 -36.36 13.66 -27.21
N MET W 553 -37.21 12.69 -27.53
CA MET W 553 -36.87 11.28 -27.35
C MET W 553 -35.66 10.89 -28.19
N GLN W 554 -35.61 11.37 -29.44
CA GLN W 554 -34.50 11.01 -30.30
C GLN W 554 -33.17 11.49 -29.73
N LYS W 555 -33.12 12.73 -29.25
CA LYS W 555 -31.84 13.26 -28.79
C LYS W 555 -31.43 12.62 -27.47
N ARG W 556 -32.42 12.34 -26.61
CA ARG W 556 -32.11 11.60 -25.38
C ARG W 556 -31.59 10.20 -25.70
N LYS W 557 -32.17 9.55 -26.70
CA LYS W 557 -31.72 8.21 -27.08
C LYS W 557 -30.29 8.24 -27.60
N GLU W 558 -29.94 9.23 -28.41
CA GLU W 558 -28.57 9.27 -28.91
C GLU W 558 -27.58 9.53 -27.79
N MET W 559 -27.95 10.39 -26.83
CA MET W 559 -27.08 10.56 -25.66
C MET W 559 -26.94 9.25 -24.88
N GLN W 560 -28.04 8.52 -24.72
CA GLN W 560 -27.98 7.25 -24.01
C GLN W 560 -27.03 6.27 -24.71
N LEU W 561 -27.09 6.21 -26.03
CA LEU W 561 -26.20 5.32 -26.77
C LEU W 561 -24.74 5.73 -26.59
N ARG W 562 -24.45 7.04 -26.62
CA ARG W 562 -23.08 7.46 -26.39
C ARG W 562 -22.61 7.08 -24.99
N GLN W 563 -23.47 7.26 -23.99
CA GLN W 563 -23.12 6.87 -22.63
C GLN W 563 -22.86 5.37 -22.53
N GLU W 564 -23.68 4.57 -23.20
CA GLU W 564 -23.47 3.12 -23.18
C GLU W 564 -22.14 2.74 -23.82
N GLU W 565 -21.79 3.38 -24.92
CA GLU W 565 -20.51 3.09 -25.56
C GLU W 565 -19.35 3.43 -24.63
N GLU W 566 -19.41 4.59 -23.98
CA GLU W 566 -18.34 4.96 -23.05
C GLU W 566 -18.25 3.98 -21.89
N ARG W 567 -19.40 3.58 -21.34
CA ARG W 567 -19.42 2.64 -20.23
C ARG W 567 -18.80 1.30 -20.66
N ARG W 568 -19.14 0.82 -21.85
CA ARG W 568 -18.60 -0.44 -22.32
C ARG W 568 -17.09 -0.37 -22.48
N ARG W 569 -16.59 0.74 -23.05
CA ARG W 569 -15.14 0.88 -23.20
C ARG W 569 -14.43 0.89 -21.85
N ARG W 570 -14.97 1.65 -20.89
CA ARG W 570 -14.36 1.67 -19.57
C ARG W 570 -14.38 0.30 -18.93
N GLU W 571 -15.50 -0.42 -19.05
CA GLU W 571 -15.61 -1.73 -18.43
C GLU W 571 -14.64 -2.72 -19.06
N GLU W 572 -14.46 -2.70 -20.38
CA GLU W 572 -13.54 -3.64 -20.99
C GLU W 572 -12.10 -3.31 -20.60
N GLU W 573 -11.77 -2.02 -20.49
CA GLU W 573 -10.43 -1.66 -20.02
C GLU W 573 -10.19 -2.18 -18.62
N MET W 574 -11.16 -1.99 -17.71
CA MET W 574 -10.99 -2.49 -16.35
C MET W 574 -10.92 -4.02 -16.31
N MET W 575 -11.68 -4.69 -17.19
CA MET W 575 -11.61 -6.14 -17.23
C MET W 575 -10.24 -6.63 -17.69
N ILE W 576 -9.65 -5.99 -18.70
CA ILE W 576 -8.32 -6.43 -19.10
C ILE W 576 -7.30 -6.10 -18.02
N ARG W 577 -7.51 -5.02 -17.27
CA ARG W 577 -6.64 -4.75 -16.13
C ARG W 577 -6.72 -5.87 -15.10
N GLN W 578 -7.94 -6.30 -14.78
CA GLN W 578 -8.10 -7.40 -13.82
C GLN W 578 -7.49 -8.69 -14.34
N ARG W 579 -7.64 -8.97 -15.63
CA ARG W 579 -7.05 -10.18 -16.19
C ARG W 579 -5.53 -10.14 -16.13
N GLU W 580 -4.93 -8.97 -16.41
CA GLU W 580 -3.49 -8.85 -16.28
C GLU W 580 -3.04 -9.06 -14.85
N MET W 581 -3.78 -8.50 -13.89
CA MET W 581 -3.44 -8.72 -12.48
C MET W 581 -3.51 -10.20 -12.13
N GLU W 582 -4.55 -10.89 -12.60
CA GLU W 582 -4.67 -12.32 -12.31
C GLU W 582 -3.55 -13.12 -12.94
N GLU W 583 -3.15 -12.77 -14.17
CA GLU W 583 -2.04 -13.46 -14.81
C GLU W 583 -0.75 -13.26 -14.03
N GLN W 584 -0.48 -12.02 -13.60
CA GLN W 584 0.72 -11.77 -12.81
C GLN W 584 0.69 -12.53 -11.49
N MET W 585 -0.47 -12.59 -10.86
CA MET W 585 -0.56 -13.20 -9.55
C MET W 585 -0.44 -14.72 -9.66
N ARG W 586 -0.97 -15.30 -10.74
CA ARG W 586 -0.73 -16.71 -11.02
C ARG W 586 0.75 -16.97 -11.27
N ARG W 587 1.42 -16.06 -12.00
CA ARG W 587 2.85 -16.24 -12.21
C ARG W 587 3.62 -16.20 -10.89
N GLN W 588 3.21 -15.30 -9.98
CA GLN W 588 3.82 -15.27 -8.66
C GLN W 588 3.57 -16.57 -7.92
N ARG W 589 2.36 -17.13 -8.06
CA ARG W 589 2.07 -18.44 -7.46
C ARG W 589 3.01 -19.51 -7.99
N GLU W 590 3.21 -19.54 -9.31
CA GLU W 590 4.12 -20.52 -9.90
C GLU W 590 5.54 -20.34 -9.39
N GLU W 591 6.00 -19.09 -9.28
CA GLU W 591 7.33 -18.83 -8.76
C GLU W 591 7.47 -19.30 -7.32
N SER W 592 6.45 -19.03 -6.49
CA SER W 592 6.51 -19.44 -5.09
C SER W 592 6.47 -20.96 -4.95
N TYR W 593 5.73 -21.63 -5.83
CA TYR W 593 5.65 -23.09 -5.76
C TYR W 593 7.02 -23.72 -5.99
N SER W 594 7.79 -23.20 -6.94
CA SER W 594 9.12 -23.72 -7.22
C SER W 594 10.09 -23.38 -6.10
N LYS X 69 -121.32 65.02 -34.79
CA LYS X 69 -122.64 65.63 -34.64
C LYS X 69 -123.42 64.99 -33.50
N THR X 70 -124.64 64.54 -33.81
CA THR X 70 -125.51 63.90 -32.82
C THR X 70 -125.87 62.50 -33.29
N PHE X 71 -125.76 61.53 -32.37
CA PHE X 71 -126.10 60.14 -32.63
C PHE X 71 -125.28 59.57 -33.79
N THR X 72 -123.97 59.53 -33.59
CA THR X 72 -123.06 59.00 -34.57
C THR X 72 -122.69 57.55 -34.26
N GLN X 73 -122.27 56.82 -35.29
CA GLN X 73 -121.68 55.51 -35.07
C GLN X 73 -120.31 55.62 -34.42
N ARG X 74 -119.66 56.79 -34.53
CA ARG X 74 -118.52 57.10 -33.69
C ARG X 74 -118.91 57.11 -32.22
N SER X 75 -120.12 57.58 -31.92
CA SER X 75 -120.62 57.61 -30.55
C SER X 75 -121.04 56.23 -30.06
N ARG X 76 -121.21 55.26 -30.95
CA ARG X 76 -121.57 53.91 -30.52
C ARG X 76 -120.44 53.30 -29.70
N LEU X 77 -120.82 52.60 -28.63
CA LEU X 77 -119.87 52.03 -27.69
C LEU X 77 -120.05 50.53 -27.60
N PHE X 78 -118.95 49.81 -27.48
CA PHE X 78 -118.95 48.37 -27.30
C PHE X 78 -118.84 48.06 -25.81
N VAL X 79 -119.92 47.53 -25.23
CA VAL X 79 -119.96 47.15 -23.83
C VAL X 79 -119.94 45.63 -23.77
N GLY X 80 -118.87 45.08 -23.19
CA GLY X 80 -118.71 43.65 -23.04
C GLY X 80 -118.71 43.24 -21.58
N ASN X 81 -118.80 41.93 -21.35
CA ASN X 81 -118.81 41.35 -20.01
C ASN X 81 -120.00 41.89 -19.20
N LEU X 82 -121.19 41.51 -19.63
CA LEU X 82 -122.43 41.83 -18.93
C LEU X 82 -122.90 40.64 -18.10
N PRO X 83 -123.63 40.90 -17.01
CA PRO X 83 -124.09 39.79 -16.16
C PRO X 83 -125.11 38.93 -16.88
N PRO X 84 -125.25 37.66 -16.49
CA PRO X 84 -126.21 36.78 -17.18
C PRO X 84 -127.65 37.26 -17.11
N ASP X 85 -128.02 38.00 -16.06
CA ASP X 85 -129.36 38.52 -15.90
C ASP X 85 -129.50 39.95 -16.43
N ILE X 86 -128.75 40.29 -17.48
CA ILE X 86 -128.78 41.64 -18.03
C ILE X 86 -130.19 41.97 -18.52
N THR X 87 -130.62 43.20 -18.26
CA THR X 87 -131.95 43.67 -18.63
C THR X 87 -131.84 45.03 -19.30
N GLU X 88 -132.90 45.38 -20.05
CA GLU X 88 -132.91 46.61 -20.84
C GLU X 88 -132.98 47.85 -19.95
N GLU X 89 -133.88 47.84 -18.96
CA GLU X 89 -134.08 49.04 -18.16
C GLU X 89 -132.89 49.30 -17.24
N GLU X 90 -132.26 48.25 -16.73
CA GLU X 90 -131.06 48.42 -15.91
C GLU X 90 -129.93 49.00 -16.76
N MET X 91 -129.81 48.54 -18.00
CA MET X 91 -128.82 49.09 -18.92
C MET X 91 -129.09 50.56 -19.20
N ARG X 92 -130.36 50.91 -19.39
CA ARG X 92 -130.71 52.32 -19.59
C ARG X 92 -130.41 53.15 -18.35
N LYS X 93 -130.64 52.59 -17.16
CA LYS X 93 -130.39 53.30 -15.92
C LYS X 93 -128.91 53.48 -15.63
N LEU X 94 -128.06 52.56 -16.12
CA LEU X 94 -126.63 52.74 -15.95
C LEU X 94 -126.13 53.99 -16.68
N PHE X 95 -126.67 54.26 -17.87
CA PHE X 95 -126.23 55.37 -18.70
C PHE X 95 -127.18 56.56 -18.64
N GLU X 96 -128.07 56.63 -17.65
CA GLU X 96 -128.98 57.76 -17.54
C GLU X 96 -128.22 59.07 -17.35
N LYS X 97 -127.04 59.02 -16.74
CA LYS X 97 -126.23 60.21 -16.55
C LYS X 97 -125.76 60.78 -17.87
N TYR X 98 -125.75 59.98 -18.93
CA TYR X 98 -125.25 60.38 -20.25
C TYR X 98 -126.38 60.61 -21.24
N GLY X 99 -127.49 61.17 -20.76
CA GLY X 99 -128.61 61.49 -21.63
C GLY X 99 -129.32 60.26 -22.15
N LYS X 100 -129.97 60.42 -23.30
CA LYS X 100 -130.74 59.34 -23.90
C LYS X 100 -129.82 58.27 -24.47
N ALA X 101 -130.39 57.08 -24.68
CA ALA X 101 -129.67 55.94 -25.22
C ALA X 101 -130.29 55.53 -26.55
N GLY X 102 -129.44 55.04 -27.45
CA GLY X 102 -129.91 54.62 -28.76
C GLY X 102 -130.49 53.22 -28.75
N GLU X 103 -130.07 52.38 -29.69
CA GLU X 103 -130.57 51.02 -29.74
C GLU X 103 -130.06 50.24 -28.54
N VAL X 104 -130.99 49.58 -27.84
CA VAL X 104 -130.65 48.75 -26.69
C VAL X 104 -130.68 47.31 -27.18
N PHE X 105 -129.53 46.81 -27.62
CA PHE X 105 -129.36 45.44 -28.07
C PHE X 105 -128.44 44.73 -27.10
N ILE X 106 -128.91 43.62 -26.53
CA ILE X 106 -128.21 42.91 -25.46
C ILE X 106 -128.19 41.42 -25.78
N HIS X 107 -127.10 40.76 -25.38
CA HIS X 107 -127.01 39.31 -25.40
C HIS X 107 -127.08 38.80 -23.97
N LYS X 108 -128.17 38.11 -23.63
CA LYS X 108 -128.36 37.63 -22.27
C LYS X 108 -127.32 36.58 -21.89
N ASP X 109 -127.03 35.66 -22.81
CA ASP X 109 -126.13 34.56 -22.51
C ASP X 109 -124.67 34.96 -22.67
N LYS X 110 -124.32 35.60 -23.78
CA LYS X 110 -122.92 35.93 -24.03
C LYS X 110 -122.44 37.06 -23.13
N GLY X 111 -123.31 37.99 -22.77
CA GLY X 111 -122.96 39.02 -21.83
C GLY X 111 -122.38 40.28 -22.42
N PHE X 112 -122.92 40.75 -23.56
CA PHE X 112 -122.49 42.00 -24.16
C PHE X 112 -123.56 42.50 -25.11
N GLY X 113 -123.42 43.76 -25.51
CA GLY X 113 -124.37 44.36 -26.44
C GLY X 113 -123.84 45.63 -27.04
N PHE X 114 -124.58 46.13 -28.03
CA PHE X 114 -124.22 47.33 -28.77
C PHE X 114 -125.15 48.46 -28.34
N ILE X 115 -124.59 49.48 -27.68
CA ILE X 115 -125.35 50.59 -27.14
C ILE X 115 -124.81 51.89 -27.73
N ARG X 116 -125.72 52.73 -28.22
CA ARG X 116 -125.38 54.05 -28.75
C ARG X 116 -125.91 55.12 -27.81
N LEU X 117 -125.11 56.17 -27.61
CA LEU X 117 -125.47 57.26 -26.73
C LEU X 117 -125.88 58.48 -27.56
N GLU X 118 -126.16 59.59 -26.87
CA GLU X 118 -126.65 60.79 -27.56
C GLU X 118 -125.59 61.39 -28.46
N THR X 119 -124.38 61.59 -27.93
CA THR X 119 -123.28 62.21 -28.69
C THR X 119 -121.97 61.53 -28.32
N ARG X 120 -120.96 61.78 -29.15
CA ARG X 120 -119.65 61.18 -28.92
C ARG X 120 -118.99 61.72 -27.65
N THR X 121 -119.28 62.97 -27.27
CA THR X 121 -118.76 63.48 -26.00
C THR X 121 -119.28 62.65 -24.83
N LEU X 122 -120.59 62.38 -24.81
CA LEU X 122 -121.15 61.53 -23.77
C LEU X 122 -120.63 60.11 -23.85
N ALA X 123 -120.38 59.62 -25.07
CA ALA X 123 -119.79 58.29 -25.21
C ALA X 123 -118.41 58.23 -24.59
N GLU X 124 -117.58 59.25 -24.82
CA GLU X 124 -116.26 59.30 -24.21
C GLU X 124 -116.35 59.41 -22.70
N ILE X 125 -117.26 60.25 -22.19
CA ILE X 125 -117.40 60.39 -20.74
C ILE X 125 -117.83 59.06 -20.12
N ALA X 126 -118.79 58.38 -20.73
CA ALA X 126 -119.27 57.11 -20.20
C ALA X 126 -118.18 56.03 -20.27
N LYS X 127 -117.42 55.99 -21.37
CA LYS X 127 -116.36 55.01 -21.50
C LYS X 127 -115.22 55.26 -20.50
N VAL X 128 -114.95 56.52 -20.19
CA VAL X 128 -113.96 56.86 -19.16
C VAL X 128 -114.47 56.53 -17.77
N GLU X 129 -115.76 56.75 -17.50
CA GLU X 129 -116.26 56.64 -16.13
C GLU X 129 -116.64 55.22 -15.76
N LEU X 130 -117.20 54.44 -16.69
CA LEU X 130 -117.73 53.13 -16.38
C LEU X 130 -116.72 52.00 -16.62
N ASP X 131 -115.53 52.32 -17.13
CA ASP X 131 -114.56 51.28 -17.43
C ASP X 131 -114.05 50.62 -16.14
N ASN X 132 -113.94 49.30 -16.18
CA ASN X 132 -113.41 48.48 -15.09
C ASN X 132 -114.23 48.59 -13.81
N MET X 133 -115.37 49.27 -13.85
CA MET X 133 -116.18 49.42 -12.64
C MET X 133 -116.89 48.12 -12.33
N PRO X 134 -116.75 47.58 -11.11
CA PRO X 134 -117.41 46.32 -10.77
C PRO X 134 -118.93 46.45 -10.85
N LEU X 135 -119.57 45.35 -11.24
CA LEU X 135 -121.03 45.27 -11.27
C LEU X 135 -121.40 43.81 -11.07
N ARG X 136 -121.84 43.48 -9.86
CA ARG X 136 -122.23 42.12 -9.49
C ARG X 136 -121.05 41.16 -9.61
N GLY X 137 -119.98 41.50 -8.87
CA GLY X 137 -118.81 40.66 -8.78
C GLY X 137 -118.03 40.49 -10.07
N LYS X 138 -117.89 41.57 -10.84
CA LYS X 138 -117.30 41.47 -12.17
C LYS X 138 -117.07 42.87 -12.72
N GLN X 139 -115.94 43.06 -13.41
CA GLN X 139 -115.56 44.36 -13.94
C GLN X 139 -116.13 44.57 -15.33
N LEU X 140 -116.43 45.83 -15.65
CA LEU X 140 -116.98 46.21 -16.94
C LEU X 140 -115.86 46.55 -17.92
N ARG X 141 -115.90 45.94 -19.09
CA ARG X 141 -114.97 46.22 -20.18
C ARG X 141 -115.71 47.03 -21.22
N VAL X 142 -115.73 48.35 -21.04
CA VAL X 142 -116.38 49.27 -21.96
C VAL X 142 -115.31 49.78 -22.92
N ARG X 143 -115.46 49.44 -24.20
CA ARG X 143 -114.49 49.81 -25.22
C ARG X 143 -115.20 50.47 -26.39
N PHE X 144 -114.41 51.16 -27.21
CA PHE X 144 -114.94 51.82 -28.39
C PHE X 144 -115.45 50.79 -29.40
N ALA X 145 -116.60 51.08 -30.01
CA ALA X 145 -117.20 50.21 -31.00
C ALA X 145 -116.64 50.56 -32.37
N CYS X 146 -115.99 49.60 -33.01
CA CYS X 146 -115.34 49.85 -34.30
C CYS X 146 -116.38 50.16 -35.37
N HIS X 147 -116.03 51.09 -36.27
CA HIS X 147 -116.93 51.50 -37.34
C HIS X 147 -117.21 50.33 -38.28
N SER X 148 -118.43 50.26 -38.78
CA SER X 148 -118.85 49.16 -39.64
C SER X 148 -119.15 49.57 -41.08
N ALA X 149 -119.08 50.87 -41.39
CA ALA X 149 -119.38 51.38 -42.73
C ALA X 149 -118.28 52.33 -43.18
N SER X 150 -117.03 51.91 -43.01
CA SER X 150 -115.87 52.75 -43.25
C SER X 150 -115.16 52.32 -44.53
N LEU X 151 -114.69 53.30 -45.30
CA LEU X 151 -113.96 53.06 -46.54
C LEU X 151 -112.80 54.04 -46.65
N THR X 152 -111.84 53.69 -47.49
CA THR X 152 -110.68 54.52 -47.77
C THR X 152 -110.63 54.84 -49.26
N VAL X 153 -110.50 56.13 -49.57
CA VAL X 153 -110.31 56.58 -50.94
C VAL X 153 -108.83 56.85 -51.16
N ARG X 154 -108.36 56.62 -52.38
CA ARG X 154 -106.94 56.77 -52.70
C ARG X 154 -106.79 57.47 -54.04
N ASN X 155 -105.56 57.93 -54.29
CA ASN X 155 -105.21 58.65 -55.52
C ASN X 155 -106.04 59.92 -55.67
N LEU X 156 -106.13 60.68 -54.58
CA LEU X 156 -106.87 61.93 -54.62
C LEU X 156 -106.13 62.96 -55.48
N PRO X 157 -106.86 63.84 -56.16
CA PRO X 157 -106.20 64.91 -56.92
C PRO X 157 -105.45 65.89 -56.03
N GLN X 158 -104.80 66.88 -56.64
CA GLN X 158 -103.93 67.78 -55.91
C GLN X 158 -104.69 68.69 -54.96
N TYR X 159 -105.94 69.01 -55.28
CA TYR X 159 -106.72 69.98 -54.51
C TYR X 159 -108.03 69.34 -54.08
N VAL X 160 -108.10 68.93 -52.81
CA VAL X 160 -109.29 68.32 -52.24
C VAL X 160 -109.53 68.93 -50.87
N SER X 161 -110.70 68.62 -50.30
CA SER X 161 -111.04 69.08 -48.96
C SER X 161 -112.08 68.14 -48.38
N ASN X 162 -112.29 68.26 -47.06
CA ASN X 162 -113.25 67.41 -46.37
C ASN X 162 -114.66 67.62 -46.91
N GLU X 163 -115.01 68.89 -47.18
CA GLU X 163 -116.33 69.20 -47.72
C GLU X 163 -116.53 68.55 -49.08
N LEU X 164 -115.47 68.54 -49.90
CA LEU X 164 -115.59 67.95 -51.23
C LEU X 164 -115.91 66.47 -51.15
N LEU X 165 -115.27 65.74 -50.22
CA LEU X 165 -115.59 64.34 -50.04
C LEU X 165 -117.00 64.15 -49.50
N GLU X 166 -117.34 64.88 -48.44
CA GLU X 166 -118.65 64.69 -47.81
C GLU X 166 -119.80 65.15 -48.68
N GLU X 167 -119.53 65.95 -49.71
CA GLU X 167 -120.54 66.27 -50.71
C GLU X 167 -120.57 65.27 -51.85
N ALA X 168 -119.39 64.89 -52.34
CA ALA X 168 -119.30 63.93 -53.44
C ALA X 168 -119.82 62.56 -53.00
N PHE X 169 -119.43 62.12 -51.80
CA PHE X 169 -119.86 60.82 -51.31
C PHE X 169 -121.23 60.85 -50.65
N SER X 170 -121.85 62.04 -50.53
CA SER X 170 -123.19 62.11 -49.98
C SER X 170 -124.22 61.46 -50.89
N VAL X 171 -123.91 61.30 -52.18
CA VAL X 171 -124.86 60.67 -53.10
C VAL X 171 -125.07 59.20 -52.77
N PHE X 172 -124.13 58.57 -52.08
CA PHE X 172 -124.27 57.17 -51.69
C PHE X 172 -124.97 57.00 -50.35
N GLY X 173 -125.20 58.07 -49.62
CA GLY X 173 -125.86 57.98 -48.34
C GLY X 173 -125.37 59.08 -47.41
N GLN X 174 -125.79 58.97 -46.15
CA GLN X 174 -125.39 59.94 -45.12
C GLN X 174 -124.00 59.58 -44.61
N VAL X 175 -123.07 60.51 -44.73
CA VAL X 175 -121.72 60.31 -44.25
C VAL X 175 -121.56 60.96 -42.89
N GLU X 176 -120.97 60.23 -41.94
CA GLU X 176 -120.73 60.79 -40.62
C GLU X 176 -119.68 61.89 -40.69
N ARG X 177 -118.56 61.62 -41.34
CA ARG X 177 -117.49 62.58 -41.54
C ARG X 177 -116.50 62.00 -42.54
N ALA X 178 -115.89 62.88 -43.34
CA ALA X 178 -114.90 62.47 -44.33
C ALA X 178 -113.70 63.39 -44.19
N VAL X 179 -112.50 62.80 -44.18
CA VAL X 179 -111.27 63.57 -44.00
C VAL X 179 -110.22 63.05 -44.96
N VAL X 180 -109.43 63.98 -45.49
CA VAL X 180 -108.25 63.67 -46.28
C VAL X 180 -107.06 63.58 -45.33
N ILE X 181 -106.18 62.62 -45.57
CA ILE X 181 -104.99 62.49 -44.73
C ILE X 181 -103.97 63.55 -45.12
N VAL X 182 -103.54 64.34 -44.13
CA VAL X 182 -102.61 65.43 -44.35
C VAL X 182 -101.46 65.29 -43.36
N ASP X 183 -100.24 65.50 -43.85
CA ASP X 183 -99.04 65.36 -43.04
C ASP X 183 -98.88 66.56 -42.11
N ASP X 184 -97.78 66.54 -41.35
CA ASP X 184 -97.52 67.62 -40.40
C ASP X 184 -97.25 68.95 -41.12
N ARG X 185 -96.55 68.90 -42.25
CA ARG X 185 -96.23 70.13 -42.97
C ARG X 185 -97.48 70.81 -43.50
N GLY X 186 -98.49 70.03 -43.91
CA GLY X 186 -99.71 70.57 -44.41
C GLY X 186 -100.01 70.30 -45.88
N ARG X 187 -99.44 69.26 -46.45
CA ARG X 187 -99.69 68.92 -47.84
C ARG X 187 -100.49 67.62 -47.94
N PRO X 188 -101.32 67.48 -48.98
CA PRO X 188 -102.10 66.24 -49.11
C PRO X 188 -101.21 65.03 -49.30
N SER X 189 -101.66 63.90 -48.75
CA SER X 189 -100.94 62.64 -48.87
C SER X 189 -101.48 61.76 -50.00
N GLY X 190 -102.42 62.26 -50.79
CA GLY X 190 -103.03 61.44 -51.82
C GLY X 190 -103.95 60.37 -51.30
N LYS X 191 -104.32 60.45 -50.02
CA LYS X 191 -105.14 59.44 -49.37
C LYS X 191 -106.25 60.13 -48.60
N GLY X 192 -107.38 59.46 -48.48
CA GLY X 192 -108.53 60.05 -47.84
C GLY X 192 -109.33 59.02 -47.08
N ILE X 193 -110.12 59.51 -46.13
CA ILE X 193 -110.95 58.68 -45.26
C ILE X 193 -112.40 59.14 -45.38
N VAL X 194 -113.31 58.19 -45.62
CA VAL X 194 -114.73 58.44 -45.62
C VAL X 194 -115.38 57.51 -44.60
N GLU X 195 -116.34 58.03 -43.84
CA GLU X 195 -117.08 57.24 -42.86
C GLU X 195 -118.57 57.42 -43.11
N PHE X 196 -119.26 56.31 -43.34
CA PHE X 196 -120.68 56.30 -43.60
C PHE X 196 -121.45 55.99 -42.32
N SER X 197 -122.76 55.77 -42.46
CA SER X 197 -123.63 55.49 -41.32
C SER X 197 -124.30 54.13 -41.40
N GLY X 198 -124.16 53.40 -42.50
CA GLY X 198 -124.83 52.12 -42.64
C GLY X 198 -124.09 51.22 -43.59
N LYS X 199 -124.22 49.91 -43.36
CA LYS X 199 -123.59 48.92 -44.23
C LYS X 199 -124.08 49.00 -45.67
N PRO X 200 -125.39 49.09 -45.96
CA PRO X 200 -125.80 49.19 -47.37
C PRO X 200 -125.22 50.38 -48.10
N ALA X 201 -125.12 51.53 -47.43
CA ALA X 201 -124.54 52.71 -48.07
C ALA X 201 -123.06 52.50 -48.39
N ALA X 202 -122.31 51.93 -47.44
CA ALA X 202 -120.90 51.65 -47.70
C ALA X 202 -120.73 50.65 -48.83
N ARG X 203 -121.55 49.61 -48.85
CA ARG X 203 -121.45 48.60 -49.90
C ARG X 203 -121.78 49.19 -51.26
N LYS X 204 -122.83 50.00 -51.36
CA LYS X 204 -123.18 50.60 -52.64
C LYS X 204 -122.13 51.59 -53.08
N ALA X 205 -121.56 52.37 -52.15
CA ALA X 205 -120.50 53.31 -52.52
C ALA X 205 -119.28 52.57 -53.05
N LEU X 206 -118.86 51.50 -52.36
CA LEU X 206 -117.72 50.72 -52.81
C LEU X 206 -117.98 50.14 -54.20
N ASP X 207 -119.14 49.48 -54.37
CA ASP X 207 -119.43 48.83 -55.65
C ASP X 207 -119.50 49.84 -56.78
N ARG X 208 -120.17 50.98 -56.55
CA ARG X 208 -120.36 51.96 -57.61
C ARG X 208 -119.04 52.64 -57.98
N CYS X 209 -118.25 53.03 -56.97
CA CYS X 209 -116.98 53.68 -57.27
C CYS X 209 -115.92 52.71 -57.76
N SER X 210 -116.12 51.40 -57.61
CA SER X 210 -115.17 50.45 -58.16
C SER X 210 -115.54 50.05 -59.60
N GLU X 211 -116.81 49.68 -59.82
CA GLU X 211 -117.23 49.32 -61.17
C GLU X 211 -117.31 50.54 -62.07
N GLY X 212 -117.64 51.69 -61.51
CA GLY X 212 -117.66 52.95 -62.24
C GLY X 212 -116.36 53.71 -62.10
N SER X 213 -116.46 55.02 -62.31
CA SER X 213 -115.29 55.90 -62.20
C SER X 213 -115.75 57.20 -61.56
N PHE X 214 -115.36 57.41 -60.30
CA PHE X 214 -115.75 58.60 -59.55
C PHE X 214 -114.72 59.70 -59.80
N LEU X 215 -115.16 60.78 -60.44
CA LEU X 215 -114.31 61.94 -60.68
C LEU X 215 -114.81 63.09 -59.80
N LEU X 216 -113.92 63.60 -58.95
CA LEU X 216 -114.29 64.65 -58.01
C LEU X 216 -113.71 66.01 -58.42
N THR X 217 -113.13 66.11 -59.61
CA THR X 217 -112.51 67.35 -60.04
C THR X 217 -112.45 67.32 -61.57
N THR X 218 -112.39 68.51 -62.18
CA THR X 218 -112.27 68.59 -63.63
C THR X 218 -111.06 67.83 -64.14
N PHE X 219 -109.98 67.80 -63.37
CA PHE X 219 -108.85 66.93 -63.66
C PHE X 219 -109.32 65.48 -63.64
N PRO X 220 -109.36 64.79 -64.77
CA PRO X 220 -109.98 63.44 -64.82
C PRO X 220 -109.09 62.37 -64.21
N ARG X 221 -108.88 62.45 -62.91
CA ARG X 221 -108.16 61.42 -62.16
C ARG X 221 -109.14 60.72 -61.23
N PRO X 222 -109.76 59.62 -61.66
CA PRO X 222 -110.66 58.89 -60.77
C PRO X 222 -109.94 58.39 -59.53
N VAL X 223 -110.63 58.44 -58.41
CA VAL X 223 -110.09 58.03 -57.12
C VAL X 223 -110.61 56.64 -56.80
N THR X 224 -109.68 55.73 -56.50
CA THR X 224 -110.06 54.36 -56.15
C THR X 224 -110.45 54.28 -54.68
N VAL X 225 -111.36 53.36 -54.37
CA VAL X 225 -111.90 53.20 -53.03
C VAL X 225 -111.63 51.78 -52.55
N GLU X 226 -111.10 51.65 -51.34
CA GLU X 226 -110.86 50.36 -50.74
C GLU X 226 -111.32 50.38 -49.29
N PRO X 227 -111.86 49.27 -48.79
CA PRO X 227 -112.26 49.21 -47.38
C PRO X 227 -111.08 49.41 -46.46
N MET X 228 -111.30 50.14 -45.37
CA MET X 228 -110.24 50.40 -44.41
C MET X 228 -110.02 49.22 -43.48
N ASP X 229 -108.77 49.03 -43.08
CA ASP X 229 -108.40 48.08 -42.05
C ASP X 229 -108.38 48.80 -40.71
N GLN X 230 -109.28 48.42 -39.82
CA GLN X 230 -109.39 49.07 -38.51
C GLN X 230 -108.22 48.65 -37.64
N LEU X 231 -107.25 49.54 -37.47
CA LEU X 231 -106.09 49.29 -36.64
C LEU X 231 -106.23 50.04 -35.32
N ASP X 232 -105.92 49.36 -34.23
CA ASP X 232 -105.99 49.96 -32.90
C ASP X 232 -104.60 50.03 -32.28
N ASP X 233 -104.26 51.19 -31.74
CA ASP X 233 -102.98 51.40 -31.06
C ASP X 233 -103.19 51.78 -29.60
N GLU X 234 -104.33 51.43 -29.02
CA GLU X 234 -104.62 51.71 -27.62
C GLU X 234 -104.55 50.46 -26.76
N GLU X 235 -105.29 49.42 -27.11
CA GLU X 235 -105.23 48.18 -26.35
C GLU X 235 -103.93 47.43 -26.60
N GLY X 236 -103.42 47.49 -27.83
CA GLY X 236 -102.24 46.69 -28.16
C GLY X 236 -102.56 45.22 -28.03
N LEU X 237 -101.69 44.49 -27.33
CA LEU X 237 -101.90 43.07 -27.04
C LEU X 237 -101.26 42.76 -25.70
N PRO X 238 -101.99 43.01 -24.60
CA PRO X 238 -101.43 42.71 -23.28
C PRO X 238 -101.19 41.22 -23.11
N GLU X 239 -100.48 40.89 -22.02
CA GLU X 239 -100.07 39.52 -21.77
C GLU X 239 -101.27 38.61 -21.58
N LYS X 240 -102.30 39.09 -20.88
CA LYS X 240 -103.42 38.23 -20.52
C LYS X 240 -104.16 37.70 -21.75
N LEU X 241 -104.17 38.45 -22.86
CA LEU X 241 -104.80 37.96 -24.07
C LEU X 241 -103.95 36.89 -24.74
N VAL X 242 -102.63 36.92 -24.54
CA VAL X 242 -101.76 35.91 -25.12
C VAL X 242 -102.00 34.57 -24.43
N ILE X 243 -102.07 33.50 -25.22
CA ILE X 243 -102.35 32.18 -24.68
C ILE X 243 -101.20 31.70 -23.79
N LYS X 244 -99.98 32.17 -24.04
CA LYS X 244 -98.79 31.76 -23.29
C LYS X 244 -98.64 30.24 -23.26
N ASN X 245 -98.86 29.63 -24.42
CA ASN X 245 -98.71 28.15 -24.52
C ASN X 245 -97.22 27.82 -24.64
N GLN X 246 -96.91 26.54 -24.84
CA GLN X 246 -95.51 26.12 -24.96
C GLN X 246 -94.81 26.83 -26.10
N GLN X 247 -95.55 27.30 -27.10
CA GLN X 247 -94.94 28.08 -28.17
C GLN X 247 -94.36 29.39 -27.64
N PHE X 248 -95.10 30.07 -26.76
CA PHE X 248 -94.57 31.28 -26.13
C PHE X 248 -93.35 30.97 -25.28
N HIS X 249 -93.39 29.83 -24.57
CA HIS X 249 -92.24 29.43 -23.77
C HIS X 249 -91.01 29.21 -24.64
N LYS X 250 -91.19 28.59 -25.81
CA LYS X 250 -90.09 28.45 -26.75
C LYS X 250 -89.62 29.79 -27.26
N GLU X 251 -90.54 30.73 -27.48
CA GLU X 251 -90.15 32.08 -27.84
C GLU X 251 -89.50 32.81 -26.66
N ARG X 252 -90.00 32.56 -25.45
CA ARG X 252 -89.54 33.25 -24.25
C ARG X 252 -88.49 32.37 -23.57
N GLU X 253 -87.26 32.46 -24.05
CA GLU X 253 -86.14 31.71 -23.48
C GLU X 253 -84.95 32.57 -23.10
N GLN X 254 -84.62 33.56 -23.93
CA GLN X 254 -83.44 34.42 -23.67
C GLN X 254 -83.87 35.88 -23.64
N PRO X 255 -83.31 36.74 -22.75
CA PRO X 255 -83.77 38.13 -22.64
C PRO X 255 -83.59 38.87 -23.95
N PRO X 256 -84.43 39.87 -24.22
CA PRO X 256 -84.24 40.65 -25.45
C PRO X 256 -82.93 41.43 -25.40
N ARG X 257 -81.97 41.03 -26.23
CA ARG X 257 -80.62 41.56 -26.14
C ARG X 257 -79.99 41.59 -27.52
N PHE X 258 -78.89 42.33 -27.62
CA PHE X 258 -78.16 42.43 -28.88
C PHE X 258 -77.52 41.09 -29.24
N ALA X 259 -77.29 40.90 -30.53
CA ALA X 259 -76.68 39.68 -31.04
C ALA X 259 -75.17 39.81 -31.03
N GLN X 260 -74.51 38.79 -30.50
CA GLN X 260 -73.04 38.79 -30.44
C GLN X 260 -72.48 38.57 -31.84
N PRO X 261 -71.65 39.48 -32.36
CA PRO X 261 -71.02 39.25 -33.66
C PRO X 261 -70.19 37.98 -33.67
N GLY X 262 -70.23 37.26 -34.78
CA GLY X 262 -69.56 35.99 -34.91
C GLY X 262 -70.35 34.80 -34.44
N SER X 263 -71.52 35.00 -33.86
CA SER X 263 -72.37 33.91 -33.39
C SER X 263 -73.44 33.60 -34.43
N PHE X 264 -74.16 32.51 -34.20
CA PHE X 264 -75.21 32.10 -35.13
C PHE X 264 -76.31 33.15 -35.23
N GLU X 265 -76.72 33.71 -34.09
CA GLU X 265 -77.80 34.69 -34.11
C GLU X 265 -77.44 35.90 -34.97
N TYR X 266 -76.19 36.34 -34.89
CA TYR X 266 -75.76 37.47 -35.71
C TYR X 266 -75.87 37.17 -37.19
N GLU X 267 -75.45 35.98 -37.61
CA GLU X 267 -75.51 35.62 -39.02
C GLU X 267 -76.96 35.51 -39.50
N TYR X 268 -77.80 34.85 -38.72
CA TYR X 268 -79.20 34.69 -39.12
C TYR X 268 -79.90 36.04 -39.18
N ALA X 269 -79.60 36.92 -38.22
CA ALA X 269 -80.17 38.26 -38.24
C ALA X 269 -79.63 39.08 -39.41
N MET X 270 -78.37 38.85 -39.80
CA MET X 270 -77.88 39.47 -41.02
C MET X 270 -78.68 39.02 -42.24
N ARG X 271 -78.99 37.73 -42.30
CA ARG X 271 -79.82 37.24 -43.40
C ARG X 271 -81.18 37.92 -43.41
N TRP X 272 -81.81 38.03 -42.23
CA TRP X 272 -83.12 38.68 -42.16
C TRP X 272 -83.03 40.16 -42.54
N LYS X 273 -81.96 40.84 -42.09
CA LYS X 273 -81.77 42.24 -42.43
C LYS X 273 -81.59 42.42 -43.94
N ALA X 274 -80.85 41.51 -44.57
CA ALA X 274 -80.71 41.55 -46.02
C ALA X 274 -82.06 41.36 -46.71
N LEU X 275 -82.87 40.44 -46.19
CA LEU X 275 -84.20 40.24 -46.76
C LEU X 275 -85.05 41.51 -46.64
N ILE X 276 -84.97 42.17 -45.49
CA ILE X 276 -85.76 43.40 -45.29
C ILE X 276 -85.24 44.53 -46.18
N GLU X 277 -83.93 44.61 -46.37
CA GLU X 277 -83.39 45.61 -47.29
C GLU X 277 -83.85 45.34 -48.72
N MET X 278 -83.91 44.06 -49.10
CA MET X 278 -84.46 43.71 -50.40
C MET X 278 -85.94 44.09 -50.50
N GLU X 279 -86.70 43.89 -49.42
CA GLU X 279 -88.07 44.42 -49.37
C GLU X 279 -88.10 45.91 -49.67
N LYS X 280 -87.26 46.69 -48.98
CA LYS X 280 -87.25 48.13 -49.18
C LYS X 280 -86.92 48.47 -50.64
N GLN X 281 -85.92 47.79 -51.20
CA GLN X 281 -85.51 48.07 -52.56
C GLN X 281 -86.61 47.73 -53.56
N GLN X 282 -87.27 46.58 -53.38
CA GLN X 282 -88.31 46.17 -54.31
C GLN X 282 -89.51 47.11 -54.25
N GLN X 283 -89.91 47.50 -53.03
CA GLN X 283 -91.04 48.42 -52.92
C GLN X 283 -90.68 49.79 -53.49
N ASP X 284 -89.44 50.23 -53.29
CA ASP X 284 -89.02 51.49 -53.91
C ASP X 284 -89.04 51.37 -55.42
N GLN X 285 -88.64 50.22 -55.97
CA GLN X 285 -88.65 50.02 -57.41
C GLN X 285 -90.07 50.08 -57.96
N VAL X 286 -91.02 49.44 -57.28
CA VAL X 286 -92.41 49.48 -57.75
C VAL X 286 -92.96 50.90 -57.63
N ASP X 287 -92.63 51.59 -56.53
CA ASP X 287 -93.04 52.98 -56.38
C ASP X 287 -92.50 53.82 -57.53
N ARG X 288 -91.24 53.58 -57.91
CA ARG X 288 -90.62 54.33 -59.02
C ARG X 288 -91.29 54.01 -60.35
N ASN X 289 -91.60 52.74 -60.58
CA ASN X 289 -92.29 52.35 -61.81
C ASN X 289 -93.64 53.06 -61.91
N ILE X 290 -94.42 53.04 -60.83
CA ILE X 290 -95.73 53.70 -60.86
C ILE X 290 -95.56 55.21 -60.99
N LYS X 291 -94.55 55.77 -60.34
CA LYS X 291 -94.32 57.21 -60.43
C LYS X 291 -94.02 57.63 -61.86
N GLU X 292 -93.12 56.90 -62.53
CA GLU X 292 -92.78 57.28 -63.90
C GLU X 292 -93.95 57.03 -64.85
N ALA X 293 -94.70 55.94 -64.63
CA ALA X 293 -95.86 55.69 -65.48
C ALA X 293 -96.90 56.80 -65.32
N ARG X 294 -97.17 57.21 -64.07
CA ARG X 294 -98.12 58.29 -63.84
C ARG X 294 -97.63 59.60 -64.45
N GLU X 295 -96.33 59.88 -64.32
CA GLU X 295 -95.79 61.11 -64.88
C GLU X 295 -95.89 61.11 -66.40
N LYS X 296 -95.72 59.95 -67.03
CA LYS X 296 -95.84 59.89 -68.49
C LYS X 296 -97.28 60.14 -68.94
N LEU X 297 -98.25 59.56 -68.24
CA LEU X 297 -99.64 59.71 -68.67
C LEU X 297 -100.14 61.15 -68.55
N GLU X 298 -99.72 61.86 -67.50
CA GLU X 298 -100.22 63.21 -67.31
C GLU X 298 -99.73 64.17 -68.41
N MET X 299 -98.73 63.76 -69.18
CA MET X 299 -98.36 64.53 -70.37
C MET X 299 -99.35 64.33 -71.52
N GLU X 300 -99.88 63.13 -71.70
CA GLU X 300 -100.86 62.87 -72.74
C GLU X 300 -102.23 63.44 -72.40
N MET X 301 -102.32 64.30 -71.39
CA MET X 301 -103.56 65.02 -71.10
C MET X 301 -104.03 65.79 -72.32
N GLU X 302 -103.23 66.79 -72.72
CA GLU X 302 -103.68 67.73 -73.74
C GLU X 302 -103.76 67.06 -75.11
N ALA X 303 -102.80 66.18 -75.42
CA ALA X 303 -102.81 65.53 -76.73
C ALA X 303 -104.06 64.66 -76.90
N ALA X 304 -104.34 63.81 -75.90
CA ALA X 304 -105.52 62.95 -75.98
C ALA X 304 -106.81 63.78 -75.97
N ARG X 305 -106.84 64.84 -75.15
CA ARG X 305 -108.05 65.67 -75.09
C ARG X 305 -108.32 66.35 -76.43
N HIS X 306 -107.27 66.91 -77.05
CA HIS X 306 -107.44 67.54 -78.35
C HIS X 306 -107.82 66.52 -79.42
N GLU X 307 -107.22 65.33 -79.36
CA GLU X 307 -107.57 64.30 -80.33
C GLU X 307 -109.03 63.88 -80.19
N HIS X 308 -109.51 63.74 -78.96
CA HIS X 308 -110.92 63.40 -78.77
C HIS X 308 -111.82 64.54 -79.21
N GLN X 309 -111.39 65.78 -78.98
CA GLN X 309 -112.18 66.93 -79.42
C GLN X 309 -112.34 66.93 -80.93
N VAL X 310 -111.22 66.76 -81.66
CA VAL X 310 -111.29 66.78 -83.11
C VAL X 310 -112.02 65.55 -83.64
N MET X 311 -111.90 64.41 -82.94
CA MET X 311 -112.63 63.22 -83.33
C MET X 311 -114.13 63.45 -83.21
N LEU X 312 -114.57 64.04 -82.09
CA LEU X 312 -115.99 64.33 -81.91
C LEU X 312 -116.49 65.34 -82.92
N MET X 313 -115.69 66.37 -83.20
CA MET X 313 -116.09 67.37 -84.19
C MET X 313 -116.21 66.74 -85.58
N ARG X 314 -115.26 65.90 -85.96
CA ARG X 314 -115.35 65.20 -87.24
C ARG X 314 -116.58 64.32 -87.29
N GLN X 315 -116.86 63.59 -86.21
CA GLN X 315 -118.00 62.67 -86.20
C GLN X 315 -119.32 63.43 -86.32
N ASP X 316 -119.47 64.52 -85.57
CA ASP X 316 -120.74 65.24 -85.63
C ASP X 316 -120.88 66.03 -86.92
N LEU X 317 -119.77 66.50 -87.50
CA LEU X 317 -119.82 67.11 -88.82
C LEU X 317 -120.23 66.09 -89.88
N MET X 318 -119.71 64.87 -89.79
CA MET X 318 -120.11 63.81 -90.71
C MET X 318 -121.59 63.48 -90.54
N ARG X 319 -122.06 63.43 -89.29
CA ARG X 319 -123.48 63.18 -89.05
C ARG X 319 -124.34 64.29 -89.64
N ARG X 320 -123.92 65.55 -89.47
CA ARG X 320 -124.66 66.66 -90.03
C ARG X 320 -124.67 66.61 -91.57
N GLN X 321 -123.53 66.24 -92.17
CA GLN X 321 -123.48 66.12 -93.62
C GLN X 321 -124.40 65.00 -94.11
N GLU X 322 -124.42 63.87 -93.41
CA GLU X 322 -125.32 62.78 -93.77
C GLU X 322 -126.78 63.21 -93.63
N GLU X 323 -127.09 63.95 -92.56
CA GLU X 323 -128.43 64.46 -92.37
C GLU X 323 -128.83 65.40 -93.51
N LEU X 324 -127.92 66.30 -93.90
CA LEU X 324 -128.19 67.21 -95.01
C LEU X 324 -128.44 66.44 -96.29
N ARG X 325 -127.60 65.43 -96.56
CA ARG X 325 -127.77 64.63 -97.77
C ARG X 325 -129.12 63.93 -97.79
N ARG X 326 -129.48 63.30 -96.67
CA ARG X 326 -130.74 62.55 -96.64
C ARG X 326 -131.94 63.48 -96.73
N MET X 327 -131.90 64.64 -96.08
CA MET X 327 -133.04 65.53 -96.14
C MET X 327 -133.19 66.15 -97.53
N GLU X 328 -132.06 66.51 -98.17
CA GLU X 328 -132.13 67.00 -99.54
C GLU X 328 -132.69 65.95 -100.48
N GLU X 329 -132.22 64.70 -100.36
CA GLU X 329 -132.67 63.66 -101.27
C GLU X 329 -134.14 63.33 -101.04
N LEU X 330 -134.59 63.30 -99.79
CA LEU X 330 -135.99 63.00 -99.53
C LEU X 330 -136.90 64.13 -99.98
N HIS X 331 -136.48 65.38 -99.78
CA HIS X 331 -137.28 66.50 -100.27
C HIS X 331 -137.37 66.49 -101.79
N ASN X 332 -136.25 66.23 -102.47
CA ASN X 332 -136.27 66.16 -103.93
C ASN X 332 -137.16 65.03 -104.43
N GLN X 333 -137.06 63.86 -103.79
CA GLN X 333 -137.91 62.74 -104.20
C GLN X 333 -139.39 63.04 -103.94
N GLU X 334 -139.70 63.69 -102.81
CA GLU X 334 -141.09 64.01 -102.50
C GLU X 334 -141.66 65.01 -103.50
N VAL X 335 -140.90 66.06 -103.82
CA VAL X 335 -141.41 67.04 -104.77
C VAL X 335 -141.52 66.43 -106.17
N GLN X 336 -140.59 65.55 -106.54
CA GLN X 336 -140.69 64.86 -107.82
C GLN X 336 -141.94 64.00 -107.88
N LYS X 337 -142.24 63.27 -106.79
CA LYS X 337 -143.45 62.45 -106.74
C LYS X 337 -144.70 63.31 -106.83
N ARG X 338 -144.72 64.44 -106.11
CA ARG X 338 -145.90 65.30 -106.11
C ARG X 338 -146.11 65.97 -107.47
N LYS X 339 -145.03 66.26 -108.20
CA LYS X 339 -145.18 66.80 -109.54
C LYS X 339 -145.54 65.73 -110.56
N GLN X 340 -145.10 64.49 -110.35
CA GLN X 340 -145.44 63.42 -111.29
C GLN X 340 -146.94 63.16 -111.31
N LEU X 341 -147.58 63.14 -110.15
CA LEU X 341 -149.02 62.89 -110.06
C LEU X 341 -149.81 64.11 -110.51
N LYS Y 287 71.71 -140.45 65.54
CA LYS Y 287 72.65 -140.47 64.41
C LYS Y 287 73.57 -141.67 64.49
N THR Y 288 74.52 -141.75 63.55
CA THR Y 288 75.43 -142.88 63.46
C THR Y 288 76.85 -142.37 63.26
N TYR Y 289 77.80 -143.04 63.92
CA TYR Y 289 79.23 -142.74 63.79
C TYR Y 289 79.54 -141.33 64.29
N THR Y 290 79.09 -141.03 65.50
CA THR Y 290 79.38 -139.76 66.13
C THR Y 290 80.75 -139.79 66.79
N GLN Y 291 81.26 -138.60 67.12
CA GLN Y 291 82.55 -138.51 67.80
C GLN Y 291 82.52 -139.18 69.17
N ARG Y 292 81.35 -139.20 69.81
CA ARG Y 292 81.21 -139.89 71.09
C ARG Y 292 81.21 -141.41 70.94
N CYS Y 293 81.14 -141.92 69.71
CA CYS Y 293 81.27 -143.35 69.45
C CYS Y 293 82.70 -143.75 69.15
N ARG Y 294 83.63 -142.79 69.12
CA ARG Y 294 85.04 -143.11 68.91
C ARG Y 294 85.59 -143.90 70.09
N LEU Y 295 86.42 -144.88 69.79
CA LEU Y 295 87.01 -145.76 70.80
C LEU Y 295 88.51 -145.69 70.70
N PHE Y 296 89.18 -145.49 71.84
CA PHE Y 296 90.63 -145.46 71.90
C PHE Y 296 91.13 -146.86 72.27
N VAL Y 297 92.01 -147.42 71.44
CA VAL Y 297 92.53 -148.76 71.61
C VAL Y 297 94.00 -148.65 71.95
N GLY Y 298 94.41 -149.27 73.08
CA GLY Y 298 95.78 -149.21 73.54
C GLY Y 298 96.41 -150.60 73.57
N ASN Y 299 97.73 -150.60 73.78
CA ASN Y 299 98.53 -151.82 73.85
C ASN Y 299 98.40 -152.67 72.59
N LEU Y 300 98.21 -152.02 71.45
CA LEU Y 300 98.11 -152.75 70.18
C LEU Y 300 99.50 -153.24 69.78
N PRO Y 301 99.64 -154.50 69.38
CA PRO Y 301 100.94 -154.99 68.90
C PRO Y 301 101.36 -154.26 67.63
N ALA Y 302 102.67 -154.16 67.44
CA ALA Y 302 103.19 -153.50 66.24
C ALA Y 302 102.82 -154.26 64.98
N ASP Y 303 102.87 -155.59 65.03
CA ASP Y 303 102.56 -156.43 63.87
C ASP Y 303 101.06 -156.71 63.84
N ILE Y 304 100.30 -155.70 63.40
CA ILE Y 304 98.86 -155.82 63.23
C ILE Y 304 98.48 -155.26 61.87
N THR Y 305 97.28 -155.61 61.43
CA THR Y 305 96.75 -155.15 60.16
C THR Y 305 95.36 -154.57 60.35
N GLU Y 306 94.93 -153.77 59.37
CA GLU Y 306 93.62 -153.14 59.44
C GLU Y 306 92.50 -154.18 59.45
N ASP Y 307 92.67 -155.24 58.66
CA ASP Y 307 91.63 -156.27 58.59
C ASP Y 307 91.42 -156.96 59.93
N GLU Y 308 92.52 -157.26 60.64
CA GLU Y 308 92.38 -157.88 61.97
C GLU Y 308 91.69 -156.94 62.94
N PHE Y 309 92.06 -155.66 62.92
CA PHE Y 309 91.43 -154.69 63.82
C PHE Y 309 89.94 -154.56 63.54
N LYS Y 310 89.55 -154.56 62.26
CA LYS Y 310 88.14 -154.54 61.93
C LYS Y 310 87.44 -155.82 62.33
N ARG Y 311 88.15 -156.96 62.23
CA ARG Y 311 87.58 -158.23 62.67
C ARG Y 311 87.37 -158.26 64.18
N LEU Y 312 88.17 -157.51 64.94
CA LEU Y 312 87.97 -157.44 66.38
C LEU Y 312 86.62 -156.85 66.72
N PHE Y 313 86.20 -155.82 65.99
CA PHE Y 313 84.92 -155.17 66.21
C PHE Y 313 83.86 -155.60 65.19
N ALA Y 314 84.13 -156.67 64.43
CA ALA Y 314 83.16 -157.11 63.42
C ALA Y 314 81.87 -157.60 64.04
N LYS Y 315 81.91 -158.06 65.30
CA LYS Y 315 80.71 -158.53 65.97
C LYS Y 315 79.73 -157.39 66.22
N TYR Y 316 80.22 -156.15 66.32
CA TYR Y 316 79.40 -154.99 66.63
C TYR Y 316 79.00 -154.20 65.39
N GLY Y 317 78.77 -154.88 64.27
CA GLY Y 317 78.37 -154.22 63.05
C GLY Y 317 79.53 -153.78 62.19
N GLU Y 318 79.20 -152.98 61.19
CA GLU Y 318 80.20 -152.49 60.25
C GLU Y 318 81.10 -151.46 60.91
N PRO Y 319 82.41 -151.66 60.91
CA PRO Y 319 83.31 -150.64 61.48
C PRO Y 319 83.29 -149.36 60.67
N GLY Y 320 83.51 -148.24 61.35
CA GLY Y 320 83.54 -146.95 60.69
C GLY Y 320 84.95 -146.45 60.45
N GLU Y 321 85.28 -145.30 61.04
CA GLU Y 321 86.63 -144.76 60.91
C GLU Y 321 87.64 -145.68 61.57
N VAL Y 322 88.76 -145.90 60.88
CA VAL Y 322 89.84 -146.75 61.39
C VAL Y 322 91.16 -146.03 61.15
N PHE Y 323 91.85 -145.67 62.23
CA PHE Y 323 93.17 -145.06 62.16
C PHE Y 323 94.08 -145.83 63.11
N ILE Y 324 95.11 -146.48 62.56
CA ILE Y 324 96.00 -147.33 63.32
C ILE Y 324 97.41 -146.77 63.24
N ASN Y 325 98.04 -146.58 64.39
CA ASN Y 325 99.42 -146.12 64.49
C ASN Y 325 100.27 -147.28 64.96
N LYS Y 326 100.97 -147.93 64.02
CA LYS Y 326 101.78 -149.10 64.36
C LYS Y 326 102.99 -148.72 65.21
N GLY Y 327 103.54 -147.52 65.03
CA GLY Y 327 104.71 -147.13 65.78
C GLY Y 327 104.45 -147.03 67.28
N LYS Y 328 103.35 -146.38 67.65
CA LYS Y 328 102.99 -146.22 69.05
C LYS Y 328 102.08 -147.34 69.55
N GLY Y 329 101.58 -148.20 68.65
CA GLY Y 329 100.74 -149.31 69.05
C GLY Y 329 99.41 -148.90 69.63
N PHE Y 330 98.73 -147.95 68.98
CA PHE Y 330 97.39 -147.54 69.41
C PHE Y 330 96.57 -147.22 68.17
N GLY Y 331 95.24 -147.29 68.32
CA GLY Y 331 94.35 -147.06 67.22
C GLY Y 331 93.02 -146.50 67.68
N PHE Y 332 92.21 -146.09 66.71
CA PHE Y 332 90.90 -145.52 66.95
C PHE Y 332 89.87 -146.19 66.05
N ILE Y 333 88.63 -146.26 66.55
CA ILE Y 333 87.54 -146.85 65.79
C ILE Y 333 86.23 -146.20 66.24
N LYS Y 334 85.31 -146.02 65.30
CA LYS Y 334 84.00 -145.45 65.58
C LYS Y 334 82.93 -146.50 65.41
N LEU Y 335 82.00 -146.55 66.36
CA LEU Y 335 80.91 -147.52 66.36
C LEU Y 335 79.59 -146.85 66.02
N GLU Y 336 78.53 -147.66 65.97
CA GLU Y 336 77.24 -147.16 65.49
C GLU Y 336 76.62 -146.18 66.48
N SER Y 337 76.58 -146.54 67.76
CA SER Y 337 75.87 -145.73 68.75
C SER Y 337 76.55 -145.88 70.10
N ARG Y 338 76.04 -145.15 71.09
CA ARG Y 338 76.61 -145.17 72.43
C ARG Y 338 76.45 -146.53 73.08
N ALA Y 339 75.30 -147.19 72.87
CA ALA Y 339 75.06 -148.49 73.50
C ALA Y 339 76.05 -149.52 72.99
N LEU Y 340 76.24 -149.59 71.67
CA LEU Y 340 77.19 -150.55 71.10
C LEU Y 340 78.61 -150.23 71.55
N ALA Y 341 78.95 -148.94 71.61
CA ALA Y 341 80.28 -148.55 72.07
C ALA Y 341 80.50 -148.99 73.52
N GLU Y 342 79.50 -148.80 74.38
CA GLU Y 342 79.64 -149.21 75.77
C GLU Y 342 79.74 -150.73 75.90
N ILE Y 343 78.97 -151.47 75.09
CA ILE Y 343 79.07 -152.92 75.12
C ILE Y 343 80.47 -153.37 74.70
N ALA Y 344 81.01 -152.76 73.64
CA ALA Y 344 82.36 -153.10 73.21
C ALA Y 344 83.38 -152.76 74.28
N LYS Y 345 83.22 -151.61 74.94
CA LYS Y 345 84.13 -151.22 76.02
C LYS Y 345 84.09 -152.23 77.17
N ALA Y 346 82.88 -152.66 77.55
CA ALA Y 346 82.74 -153.57 78.68
C ALA Y 346 83.13 -155.00 78.33
N GLU Y 347 83.14 -155.36 77.05
CA GLU Y 347 83.46 -156.73 76.66
C GLU Y 347 84.94 -156.90 76.30
N LEU Y 348 85.49 -156.00 75.49
CA LEU Y 348 86.84 -156.17 74.97
C LEU Y 348 87.92 -155.69 75.93
N ASP Y 349 87.56 -155.00 77.01
CA ASP Y 349 88.57 -154.50 77.94
C ASP Y 349 89.21 -155.64 78.71
N ASP Y 350 90.51 -155.50 78.97
CA ASP Y 350 91.30 -156.48 79.73
C ASP Y 350 91.20 -157.87 79.10
N THR Y 351 91.26 -157.92 77.77
CA THR Y 351 91.21 -159.17 77.03
C THR Y 351 92.55 -159.44 76.36
N PRO Y 352 93.17 -160.59 76.61
CA PRO Y 352 94.48 -160.86 76.02
C PRO Y 352 94.43 -160.96 74.51
N MET Y 353 95.52 -160.53 73.86
CA MET Y 353 95.66 -160.68 72.41
C MET Y 353 97.15 -160.84 72.11
N ARG Y 354 97.53 -162.07 71.74
CA ARG Y 354 98.91 -162.41 71.38
C ARG Y 354 99.88 -161.98 72.49
N GLY Y 355 99.50 -162.24 73.74
CA GLY Y 355 100.32 -161.89 74.89
C GLY Y 355 100.20 -160.47 75.38
N ARG Y 356 99.29 -159.68 74.81
CA ARG Y 356 99.07 -158.30 75.21
C ARG Y 356 97.64 -158.12 75.68
N GLN Y 357 97.46 -157.36 76.77
CA GLN Y 357 96.14 -157.07 77.30
C GLN Y 357 95.52 -155.93 76.50
N LEU Y 358 94.32 -156.15 75.97
CA LEU Y 358 93.64 -155.12 75.21
C LEU Y 358 93.24 -153.97 76.13
N ARG Y 359 93.54 -152.74 75.71
CA ARG Y 359 93.21 -151.54 76.47
C ARG Y 359 92.29 -150.68 75.60
N VAL Y 360 91.00 -150.67 75.94
CA VAL Y 360 90.02 -149.83 75.26
C VAL Y 360 89.53 -148.77 76.24
N ARG Y 361 89.73 -147.51 75.88
CA ARG Y 361 89.30 -146.37 76.69
C ARG Y 361 88.49 -145.44 75.79
N PHE Y 362 88.17 -144.26 76.31
CA PHE Y 362 87.37 -143.28 75.60
C PHE Y 362 88.24 -142.15 75.08
N ALA Y 363 88.01 -141.76 73.84
CA ALA Y 363 88.73 -140.66 73.22
C ALA Y 363 88.10 -139.33 73.62
N THR Y 364 88.96 -138.35 73.90
CA THR Y 364 88.49 -137.04 74.32
C THR Y 364 87.79 -136.33 73.17
N HIS Y 365 86.80 -135.51 73.50
CA HIS Y 365 86.06 -134.74 72.50
C HIS Y 365 86.80 -133.42 72.27
N ALA Y 366 87.42 -133.29 71.09
CA ALA Y 366 88.20 -132.10 70.79
C ALA Y 366 87.30 -130.87 70.62
N ALA Y 367 86.23 -131.01 69.85
CA ALA Y 367 85.34 -129.89 69.55
C ALA Y 367 84.31 -129.75 70.67
N ALA Y 368 84.80 -129.39 71.85
CA ALA Y 368 83.99 -129.21 73.04
C ALA Y 368 84.15 -127.78 73.56
N LEU Y 369 83.03 -127.17 73.93
CA LEU Y 369 83.01 -125.81 74.44
C LEU Y 369 82.20 -125.75 75.72
N SER Y 370 82.59 -124.86 76.62
CA SER Y 370 81.93 -124.70 77.92
C SER Y 370 81.01 -123.50 77.86
N VAL Y 371 79.74 -123.71 78.19
CA VAL Y 371 78.73 -122.66 78.20
C VAL Y 371 78.13 -122.59 79.59
N ARG Y 372 78.04 -121.38 80.14
CA ARG Y 372 77.53 -121.17 81.49
C ARG Y 372 76.56 -120.00 81.48
N ASN Y 373 76.06 -119.65 82.68
CA ASN Y 373 75.01 -118.65 82.86
C ASN Y 373 73.76 -119.01 82.05
N LEU Y 374 73.46 -120.30 81.95
CA LEU Y 374 72.27 -120.73 81.23
C LEU Y 374 71.02 -120.46 82.05
N SER Y 375 69.95 -120.09 81.36
CA SER Y 375 68.67 -119.85 82.03
C SER Y 375 68.13 -121.16 82.59
N PRO Y 376 67.44 -121.10 83.73
CA PRO Y 376 66.89 -122.33 84.34
C PRO Y 376 65.80 -123.00 83.52
N TYR Y 377 65.43 -122.45 82.36
CA TYR Y 377 64.40 -123.04 81.52
C TYR Y 377 64.93 -123.54 80.18
N VAL Y 378 66.25 -123.67 80.05
CA VAL Y 378 66.84 -124.09 78.78
C VAL Y 378 67.02 -125.61 78.77
N SER Y 379 66.66 -126.21 77.64
CA SER Y 379 66.71 -127.65 77.47
C SER Y 379 67.82 -128.02 76.48
N ASN Y 380 67.97 -129.31 76.25
CA ASN Y 380 69.04 -129.80 75.36
C ASN Y 380 68.84 -129.31 73.93
N GLU Y 381 67.62 -129.47 73.41
CA GLU Y 381 67.36 -129.10 72.02
C GLU Y 381 67.46 -127.59 71.81
N LEU Y 382 67.12 -126.80 72.82
CA LEU Y 382 67.27 -125.35 72.68
C LEU Y 382 68.73 -124.97 72.46
N LEU Y 383 69.64 -125.55 73.26
CA LEU Y 383 71.06 -125.28 73.06
C LEU Y 383 71.54 -125.79 71.71
N GLU Y 384 71.06 -126.98 71.30
CA GLU Y 384 71.47 -127.52 70.01
C GLU Y 384 71.06 -126.60 68.86
N GLU Y 385 69.80 -126.14 68.88
CA GLU Y 385 69.33 -125.24 67.83
C GLU Y 385 70.02 -123.89 67.90
N ALA Y 386 70.35 -123.42 69.11
CA ALA Y 386 71.02 -122.13 69.23
C ALA Y 386 72.44 -122.18 68.68
N PHE Y 387 73.13 -123.31 68.84
CA PHE Y 387 74.50 -123.43 68.39
C PHE Y 387 74.64 -124.22 67.09
N SER Y 388 73.52 -124.53 66.43
CA SER Y 388 73.58 -125.23 65.15
C SER Y 388 73.98 -124.33 63.99
N GLN Y 389 73.80 -123.02 64.12
CA GLN Y 389 74.15 -122.10 63.04
C GLN Y 389 75.66 -122.06 62.81
N PHE Y 390 76.44 -122.17 63.89
CA PHE Y 390 77.89 -122.13 63.80
C PHE Y 390 78.49 -123.45 63.35
N GLY Y 391 77.69 -124.51 63.26
CA GLY Y 391 78.17 -125.81 62.86
C GLY Y 391 77.31 -126.92 63.42
N PRO Y 392 77.55 -128.15 62.95
CA PRO Y 392 76.76 -129.29 63.44
C PRO Y 392 77.01 -129.55 64.92
N ILE Y 393 75.97 -130.05 65.59
CA ILE Y 393 76.01 -130.35 67.02
C ILE Y 393 75.86 -131.86 67.19
N GLU Y 394 76.78 -132.46 67.94
CA GLU Y 394 76.69 -133.89 68.25
C GLU Y 394 75.91 -134.14 69.53
N ARG Y 395 76.31 -133.51 70.63
CA ARG Y 395 75.61 -133.63 71.90
C ARG Y 395 75.84 -132.37 72.71
N ALA Y 396 74.75 -131.71 73.09
CA ALA Y 396 74.79 -130.51 73.93
C ALA Y 396 73.88 -130.76 75.12
N VAL Y 397 74.46 -130.79 76.31
CA VAL Y 397 73.72 -131.14 77.52
C VAL Y 397 73.86 -130.01 78.54
N VAL Y 398 72.89 -129.94 79.43
CA VAL Y 398 72.86 -128.93 80.49
C VAL Y 398 73.21 -129.62 81.81
N ILE Y 399 74.22 -129.10 82.50
CA ILE Y 399 74.68 -129.70 83.74
C ILE Y 399 73.65 -129.44 84.83
N VAL Y 400 73.24 -130.51 85.50
CA VAL Y 400 72.26 -130.43 86.58
C VAL Y 400 72.81 -131.14 87.80
N ASP Y 401 72.13 -130.95 88.93
CA ASP Y 401 72.51 -131.57 90.19
C ASP Y 401 71.72 -132.87 90.39
N ASP Y 402 71.79 -133.41 91.60
CA ASP Y 402 71.10 -134.66 91.90
C ASP Y 402 69.59 -134.52 91.71
N ARG Y 403 69.02 -133.41 92.18
CA ARG Y 403 67.58 -133.17 92.02
C ARG Y 403 67.20 -132.87 90.58
N GLY Y 404 68.17 -132.66 89.69
CA GLY Y 404 67.89 -132.31 88.31
C GLY Y 404 67.80 -130.83 88.03
N ARG Y 405 67.87 -129.99 89.06
CA ARG Y 405 67.82 -128.55 88.86
C ARG Y 405 69.10 -128.07 88.16
N SER Y 406 68.94 -127.04 87.33
CA SER Y 406 70.06 -126.54 86.55
C SER Y 406 71.10 -125.86 87.43
N THR Y 407 72.37 -126.02 87.06
CA THR Y 407 73.46 -125.29 87.68
C THR Y 407 73.82 -124.02 86.90
N GLY Y 408 73.10 -123.73 85.82
CA GLY Y 408 73.40 -122.60 84.98
C GLY Y 408 74.51 -122.83 83.97
N LYS Y 409 75.08 -124.02 83.93
CA LYS Y 409 76.19 -124.35 83.04
C LYS Y 409 75.77 -125.44 82.06
N GLY Y 410 76.69 -125.76 81.16
CA GLY Y 410 76.46 -126.82 80.19
C GLY Y 410 77.68 -127.01 79.33
N ILE Y 411 77.65 -128.07 78.53
CA ILE Y 411 78.72 -128.38 77.59
C ILE Y 411 78.09 -128.67 76.23
N VAL Y 412 78.74 -128.18 75.17
CA VAL Y 412 78.32 -128.44 73.80
C VAL Y 412 79.48 -129.10 73.06
N GLU Y 413 79.16 -130.14 72.30
CA GLU Y 413 80.16 -130.93 71.59
C GLU Y 413 79.89 -130.82 70.10
N PHE Y 414 80.61 -129.92 69.44
CA PHE Y 414 80.49 -129.76 67.99
C PHE Y 414 81.07 -130.96 67.27
N ALA Y 415 80.59 -131.19 66.05
CA ALA Y 415 81.11 -132.29 65.25
C ALA Y 415 82.52 -131.98 64.72
N SER Y 416 82.78 -130.72 64.40
CA SER Y 416 84.07 -130.31 63.85
C SER Y 416 84.69 -129.22 64.72
N LYS Y 417 86.01 -129.32 64.90
CA LYS Y 417 86.72 -128.32 65.71
C LYS Y 417 86.62 -126.91 65.16
N PRO Y 418 86.78 -126.65 63.85
CA PRO Y 418 86.62 -125.26 63.38
C PRO Y 418 85.25 -124.68 63.66
N ALA Y 419 84.20 -125.50 63.62
CA ALA Y 419 82.87 -124.99 63.98
C ALA Y 419 82.82 -124.57 65.44
N ALA Y 420 83.43 -125.37 66.34
CA ALA Y 420 83.47 -125.00 67.75
C ALA Y 420 84.26 -123.71 67.95
N ARG Y 421 85.40 -123.57 67.25
CA ARG Y 421 86.21 -122.38 67.39
C ARG Y 421 85.47 -121.13 66.89
N LYS Y 422 84.79 -121.25 65.74
CA LYS Y 422 84.06 -120.09 65.23
C LYS Y 422 82.87 -119.75 66.11
N ALA Y 423 82.23 -120.76 66.71
CA ALA Y 423 81.16 -120.50 67.66
C ALA Y 423 81.70 -119.76 68.88
N PHE Y 424 82.83 -120.21 69.41
CA PHE Y 424 83.43 -119.55 70.57
C PHE Y 424 83.79 -118.11 70.24
N GLU Y 425 84.40 -117.87 69.09
CA GLU Y 425 84.77 -116.50 68.72
C GLU Y 425 83.54 -115.62 68.55
N ARG Y 426 82.52 -116.12 67.81
CA ARG Y 426 81.34 -115.32 67.55
C ARG Y 426 80.59 -115.00 68.84
N CYS Y 427 80.55 -115.93 69.79
CA CYS Y 427 79.95 -115.64 71.09
C CYS Y 427 80.89 -114.84 71.99
N SER Y 428 82.17 -114.75 71.64
CA SER Y 428 83.10 -113.95 72.44
C SER Y 428 83.03 -112.48 72.07
N GLU Y 429 83.34 -112.13 70.82
CA GLU Y 429 83.26 -110.72 70.43
C GLU Y 429 81.81 -110.28 70.27
N GLY Y 430 80.96 -111.15 69.73
CA GLY Y 430 79.54 -110.89 69.68
C GLY Y 430 78.85 -111.34 70.94
N VAL Y 431 77.55 -111.11 71.00
CA VAL Y 431 76.71 -111.51 72.12
C VAL Y 431 75.59 -112.39 71.61
N PHE Y 432 75.39 -113.54 72.27
CA PHE Y 432 74.34 -114.48 71.92
C PHE Y 432 73.27 -114.45 72.99
N LEU Y 433 72.01 -114.33 72.56
CA LEU Y 433 70.87 -114.27 73.46
C LEU Y 433 69.95 -115.46 73.19
N LEU Y 434 69.43 -116.05 74.27
CA LEU Y 434 68.59 -117.23 74.16
C LEU Y 434 67.31 -117.16 74.99
N THR Y 435 67.19 -116.22 75.93
CA THR Y 435 66.02 -116.10 76.78
C THR Y 435 65.58 -114.65 76.80
N THR Y 436 64.29 -114.43 77.06
CA THR Y 436 63.75 -113.08 77.06
C THR Y 436 64.48 -112.18 78.05
N THR Y 437 64.87 -112.72 79.20
CA THR Y 437 65.80 -112.00 80.05
C THR Y 437 67.16 -111.95 79.37
N PRO Y 438 67.71 -110.75 79.15
CA PRO Y 438 68.96 -110.64 78.40
C PRO Y 438 70.16 -111.15 79.17
N ARG Y 439 70.34 -112.47 79.19
CA ARG Y 439 71.46 -113.12 79.87
C ARG Y 439 72.31 -113.82 78.81
N PRO Y 440 73.37 -113.19 78.31
CA PRO Y 440 74.20 -113.83 77.31
C PRO Y 440 74.95 -115.03 77.87
N VAL Y 441 75.24 -115.98 76.99
CA VAL Y 441 75.90 -117.23 77.36
C VAL Y 441 77.40 -117.05 77.21
N ILE Y 442 78.14 -117.40 78.25
CA ILE Y 442 79.60 -117.29 78.22
C ILE Y 442 80.19 -118.55 77.63
N VAL Y 443 81.21 -118.39 76.78
CA VAL Y 443 81.83 -119.50 76.08
C VAL Y 443 83.29 -119.59 76.49
N GLU Y 444 83.71 -120.77 76.95
CA GLU Y 444 85.09 -121.10 77.22
C GLU Y 444 85.41 -122.46 76.61
N PRO Y 445 86.67 -122.70 76.22
CA PRO Y 445 87.06 -124.04 75.80
C PRO Y 445 86.90 -125.02 76.95
N LEU Y 446 86.44 -126.23 76.63
CA LEU Y 446 86.22 -127.25 77.65
C LEU Y 446 87.54 -127.92 78.04
N GLU Y 447 87.60 -128.32 79.31
CA GLU Y 447 88.78 -128.97 79.86
C GLU Y 447 88.50 -130.45 80.05
N GLN Y 448 89.41 -131.29 79.57
CA GLN Y 448 89.25 -132.74 79.64
C GLN Y 448 89.88 -133.25 80.93
N LEU Y 449 89.08 -133.95 81.74
CA LEU Y 449 89.55 -134.53 83.00
C LEU Y 449 89.21 -136.02 83.01
N ASP Y 450 90.23 -136.85 83.21
CA ASP Y 450 90.01 -138.29 83.29
C ASP Y 450 89.36 -138.64 84.62
N ASP Y 451 88.33 -139.47 84.57
CA ASP Y 451 87.55 -139.83 85.75
C ASP Y 451 87.66 -141.31 86.10
N GLU Y 452 87.41 -142.20 85.14
CA GLU Y 452 87.42 -143.63 85.42
C GLU Y 452 88.83 -144.19 85.59
N ASP Y 453 89.85 -143.50 85.10
CA ASP Y 453 91.24 -143.91 85.26
C ASP Y 453 92.03 -142.81 85.94
N GLY Y 454 92.78 -143.18 86.98
CA GLY Y 454 93.59 -142.26 87.73
C GLY Y 454 95.02 -142.23 87.25
N LEU Y 455 95.90 -141.67 88.07
CA LEU Y 455 97.33 -141.61 87.75
C LEU Y 455 97.97 -142.96 88.04
N PRO Y 456 98.57 -143.61 87.04
CA PRO Y 456 99.16 -144.93 87.28
C PRO Y 456 100.34 -144.84 88.24
N GLU Y 457 100.38 -145.77 89.20
CA GLU Y 457 101.47 -145.78 90.17
C GLU Y 457 102.81 -146.09 89.51
N LYS Y 458 102.79 -146.83 88.40
CA LYS Y 458 104.04 -147.09 87.66
C LYS Y 458 104.64 -145.79 87.15
N LEU Y 459 103.81 -144.89 86.60
CA LEU Y 459 104.29 -143.59 86.19
C LEU Y 459 104.72 -142.75 87.40
N ALA Y 460 104.01 -142.90 88.52
CA ALA Y 460 104.42 -142.19 89.74
C ALA Y 460 105.77 -142.68 90.24
N GLN Y 461 106.03 -143.99 90.13
CA GLN Y 461 107.30 -144.55 90.58
C GLN Y 461 108.47 -144.12 89.70
N LYS Y 462 108.22 -143.52 88.55
CA LYS Y 462 109.31 -143.02 87.71
C LYS Y 462 110.11 -141.94 88.42
N ASN Y 463 109.43 -141.11 89.22
CA ASN Y 463 110.13 -140.08 89.97
C ASN Y 463 111.01 -140.73 91.04
N PRO Y 464 112.30 -140.38 91.10
CA PRO Y 464 113.20 -141.04 92.06
C PRO Y 464 112.83 -140.79 93.52
N MET Y 465 112.08 -139.73 93.81
CA MET Y 465 111.78 -139.36 95.19
C MET Y 465 110.43 -139.89 95.66
N TYR Y 466 109.60 -140.41 94.76
CA TYR Y 466 108.27 -140.88 95.14
C TYR Y 466 108.35 -142.00 96.17
N GLN Y 467 109.26 -142.95 95.97
CA GLN Y 467 109.46 -143.98 96.98
C GLN Y 467 110.15 -143.41 98.22
N LYS Y 468 110.92 -142.33 98.06
CA LYS Y 468 111.55 -141.66 99.19
C LYS Y 468 110.57 -140.86 100.03
N GLU Y 469 109.38 -140.55 99.49
CA GLU Y 469 108.33 -139.91 100.25
C GLU Y 469 107.21 -140.86 100.65
N ARG Y 470 107.13 -142.03 100.02
CA ARG Y 470 106.14 -143.04 100.40
C ARG Y 470 106.61 -143.94 101.53
N GLU Y 471 107.84 -143.77 102.02
CA GLU Y 471 108.34 -144.62 103.10
C GLU Y 471 107.57 -144.37 104.39
N THR Y 472 106.97 -143.19 104.54
CA THR Y 472 106.16 -142.87 105.70
C THR Y 472 104.69 -143.11 105.36
N PRO Y 473 104.04 -144.11 105.95
CA PRO Y 473 102.64 -144.35 105.62
C PRO Y 473 101.76 -143.20 106.09
N PRO Y 474 100.68 -142.90 105.37
CA PRO Y 474 99.78 -141.83 105.81
C PRO Y 474 99.19 -142.16 107.17
N ARG Y 475 99.11 -141.15 108.03
CA ARG Y 475 98.60 -141.33 109.38
C ARG Y 475 97.77 -140.10 109.76
N PHE Y 476 97.45 -140.02 111.05
CA PHE Y 476 96.72 -138.89 111.61
C PHE Y 476 97.62 -137.93 112.35
N ALA Y 477 98.94 -138.12 112.28
CA ALA Y 477 99.92 -137.40 113.08
C ALA Y 477 99.69 -137.64 114.57
N GLN Y 478 100.52 -137.04 115.41
CA GLN Y 478 100.42 -137.20 116.85
C GLN Y 478 100.39 -135.82 117.52
N HIS Y 479 99.73 -135.77 118.67
CA HIS Y 479 99.63 -134.51 119.41
C HIS Y 479 100.99 -134.10 119.94
N GLY Y 480 101.50 -132.97 119.45
CA GLY Y 480 102.76 -132.42 119.88
C GLY Y 480 103.86 -132.46 118.84
N THR Y 481 103.70 -133.21 117.75
CA THR Y 481 104.73 -133.29 116.73
C THR Y 481 104.70 -132.04 115.85
N PHE Y 482 105.78 -131.84 115.11
CA PHE Y 482 105.88 -130.71 114.18
C PHE Y 482 104.83 -130.79 113.08
N GLU Y 483 104.59 -131.99 112.55
CA GLU Y 483 103.62 -132.17 111.48
C GLU Y 483 102.22 -131.76 111.93
N TYR Y 484 101.85 -132.08 113.17
CA TYR Y 484 100.53 -131.71 113.66
C TYR Y 484 100.36 -130.19 113.66
N GLU Y 485 101.36 -129.46 114.17
CA GLU Y 485 101.26 -128.00 114.25
C GLU Y 485 101.23 -127.37 112.85
N TYR Y 486 102.13 -127.82 111.97
CA TYR Y 486 102.17 -127.24 110.64
C TYR Y 486 100.93 -127.60 109.84
N SER Y 487 100.36 -128.79 110.08
CA SER Y 487 99.10 -129.16 109.43
C SER Y 487 97.95 -128.34 109.96
N GLN Y 488 97.98 -127.97 111.24
CA GLN Y 488 96.99 -127.04 111.77
C GLN Y 488 97.12 -125.68 111.09
N ARG Y 489 98.36 -125.25 110.83
CA ARG Y 489 98.56 -124.00 110.08
C ARG Y 489 97.97 -124.09 108.68
N TRP Y 490 98.20 -125.22 108.00
CA TRP Y 490 97.61 -125.42 106.68
C TRP Y 490 96.08 -125.43 106.76
N LYS Y 491 95.52 -126.03 107.82
CA LYS Y 491 94.08 -126.02 108.01
C LYS Y 491 93.55 -124.60 108.18
N SER Y 492 94.27 -123.77 108.93
CA SER Y 492 93.86 -122.37 109.09
C SER Y 492 93.88 -121.65 107.75
N LEU Y 493 94.93 -121.87 106.96
CA LEU Y 493 95.01 -121.24 105.63
C LEU Y 493 93.86 -121.71 104.74
N ASP Y 494 93.53 -122.99 104.79
CA ASP Y 494 92.44 -123.52 103.97
C ASP Y 494 91.09 -122.98 104.44
N GLU Y 495 90.92 -122.81 105.74
CA GLU Y 495 89.71 -122.19 106.27
C GLU Y 495 89.56 -120.76 105.77
N MET Y 496 90.67 -120.02 105.75
CA MET Y 496 90.65 -118.66 105.19
C MET Y 496 90.26 -118.69 103.71
N GLU Y 497 90.82 -119.65 102.97
CA GLU Y 497 90.47 -119.76 101.55
C GLU Y 497 88.98 -120.05 101.37
N LYS Y 498 88.45 -120.97 102.18
CA LYS Y 498 87.03 -121.33 102.05
C LYS Y 498 86.14 -120.15 102.39
N GLN Y 499 86.48 -119.39 103.44
CA GLN Y 499 85.65 -118.25 103.80
C GLN Y 499 85.74 -117.16 102.73
N GLN Y 500 86.91 -117.00 102.10
CA GLN Y 500 87.01 -116.07 100.98
C GLN Y 500 86.11 -116.48 99.82
N ARG Y 501 86.13 -117.77 99.48
CA ARG Y 501 85.27 -118.25 98.40
C ARG Y 501 83.80 -118.04 98.73
N GLU Y 502 83.40 -118.33 99.97
CA GLU Y 502 82.02 -118.13 100.39
C GLU Y 502 81.62 -116.66 100.31
N GLN Y 503 82.52 -115.76 100.73
CA GLN Y 503 82.24 -114.33 100.64
C GLN Y 503 82.06 -113.89 99.19
N VAL Y 504 82.94 -114.39 98.30
CA VAL Y 504 82.82 -114.03 96.89
C VAL Y 504 81.49 -114.51 96.32
N GLU Y 505 81.12 -115.75 96.64
CA GLU Y 505 79.86 -116.29 96.13
C GLU Y 505 78.65 -115.52 96.66
N LYS Y 506 78.67 -115.16 97.95
CA LYS Y 506 77.56 -114.38 98.51
C LYS Y 506 77.47 -113.02 97.86
N ASN Y 507 78.61 -112.34 97.67
CA ASN Y 507 78.61 -111.04 97.03
C ASN Y 507 78.06 -111.14 95.62
N MET Y 508 78.43 -112.20 94.89
CA MET Y 508 77.99 -112.32 93.51
C MET Y 508 76.51 -112.68 93.43
N LYS Y 509 76.01 -113.46 94.37
CA LYS Y 509 74.57 -113.71 94.46
C LYS Y 509 73.81 -112.40 94.71
N ASP Y 510 74.33 -111.58 95.61
CA ASP Y 510 73.69 -110.29 95.88
C ASP Y 510 73.70 -109.40 94.63
N ALA Y 511 74.83 -109.38 93.91
CA ALA Y 511 74.93 -108.57 92.70
C ALA Y 511 73.95 -109.06 91.64
N LYS Y 512 73.85 -110.38 91.45
CA LYS Y 512 72.90 -110.92 90.49
C LYS Y 512 71.46 -110.58 90.87
N ASP Y 513 71.12 -110.68 92.16
CA ASP Y 513 69.77 -110.32 92.59
C ASP Y 513 69.47 -108.85 92.33
N LYS Y 514 70.44 -107.97 92.64
CA LYS Y 514 70.23 -106.55 92.41
C LYS Y 514 70.07 -106.26 90.92
N LEU Y 515 70.89 -106.88 90.07
CA LEU Y 515 70.78 -106.67 88.63
C LEU Y 515 69.44 -107.18 88.10
N GLU Y 516 68.98 -108.33 88.60
CA GLU Y 516 67.68 -108.84 88.19
C GLU Y 516 66.55 -107.93 88.65
N SER Y 517 66.75 -107.22 89.77
CA SER Y 517 65.72 -106.32 90.26
C SER Y 517 65.51 -105.12 89.33
N GLU Y 518 66.47 -104.86 88.45
CA GLU Y 518 66.46 -103.66 87.63
C GLU Y 518 66.07 -103.92 86.18
N MET Y 519 65.26 -104.95 85.92
CA MET Y 519 64.77 -105.20 84.57
C MET Y 519 63.86 -104.09 84.08
N GLU Y 520 62.72 -103.93 84.75
CA GLU Y 520 61.68 -103.01 84.28
C GLU Y 520 62.14 -101.56 84.32
N ASP Y 521 62.96 -101.19 85.30
CA ASP Y 521 63.46 -99.82 85.36
C ASP Y 521 64.33 -99.50 84.15
N ALA Y 522 65.24 -100.42 83.80
CA ALA Y 522 66.06 -100.21 82.61
C ALA Y 522 65.21 -100.16 81.35
N TYR Y 523 64.23 -101.07 81.25
CA TYR Y 523 63.33 -101.06 80.09
C TYR Y 523 62.65 -99.70 79.95
N HIS Y 524 62.05 -99.23 81.04
CA HIS Y 524 61.30 -97.98 81.00
C HIS Y 524 62.20 -96.79 80.71
N GLU Y 525 63.39 -96.76 81.32
CA GLU Y 525 64.29 -95.64 81.06
C GLU Y 525 64.76 -95.60 79.61
N HIS Y 526 65.08 -96.75 79.03
CA HIS Y 526 65.47 -96.76 77.62
C HIS Y 526 64.31 -96.32 76.74
N GLN Y 527 63.09 -96.79 77.03
CA GLN Y 527 61.93 -96.39 76.24
C GLN Y 527 61.71 -94.89 76.34
N ALA Y 528 61.80 -94.34 77.55
CA ALA Y 528 61.59 -92.91 77.74
C ALA Y 528 62.68 -92.09 77.04
N ASN Y 529 63.93 -92.55 77.08
CA ASN Y 529 64.99 -91.83 76.39
C ASN Y 529 64.76 -91.84 74.88
N LEU Y 530 64.37 -92.98 74.32
CA LEU Y 530 64.09 -93.03 72.88
C LEU Y 530 62.93 -92.11 72.52
N LEU Y 531 61.88 -92.10 73.34
CA LEU Y 531 60.75 -91.22 73.08
C LEU Y 531 61.16 -89.76 73.17
N ARG Y 532 61.99 -89.40 74.15
CA ARG Y 532 62.43 -88.03 74.29
C ARG Y 532 63.27 -87.59 73.09
N GLN Y 533 64.19 -88.45 72.64
CA GLN Y 533 65.00 -88.10 71.49
C GLN Y 533 64.14 -87.92 70.23
N ASP Y 534 63.19 -88.83 70.02
CA ASP Y 534 62.31 -88.70 68.86
C ASP Y 534 61.48 -87.42 68.94
N LEU Y 535 60.95 -87.11 70.11
CA LEU Y 535 60.16 -85.88 70.28
C LEU Y 535 61.02 -84.65 70.03
N MET Y 536 62.28 -84.67 70.49
CA MET Y 536 63.16 -83.54 70.27
C MET Y 536 63.41 -83.35 68.78
N ARG Y 537 63.68 -84.45 68.06
CA ARG Y 537 63.93 -84.33 66.62
C ARG Y 537 62.71 -83.78 65.89
N ARG Y 538 61.54 -84.30 66.21
CA ARG Y 538 60.32 -83.83 65.55
C ARG Y 538 60.05 -82.37 65.88
N GLN Y 539 60.27 -81.96 67.12
CA GLN Y 539 60.05 -80.57 67.51
C GLN Y 539 61.02 -79.65 66.79
N GLU Y 540 62.28 -80.07 66.64
CA GLU Y 540 63.24 -79.25 65.91
C GLU Y 540 62.81 -79.10 64.46
N GLU Y 541 62.36 -80.19 63.83
CA GLU Y 541 61.90 -80.09 62.45
C GLU Y 541 60.68 -79.16 62.34
N LEU Y 542 59.76 -79.25 63.29
CA LEU Y 542 58.60 -78.37 63.29
C LEU Y 542 59.02 -76.91 63.39
N ARG Y 543 59.96 -76.61 64.30
CA ARG Y 543 60.41 -75.22 64.45
C ARG Y 543 61.08 -74.71 63.19
N ARG Y 544 61.93 -75.55 62.58
CA ARG Y 544 62.63 -75.13 61.37
C ARG Y 544 61.64 -74.82 60.24
N MET Y 545 60.70 -75.74 59.99
CA MET Y 545 59.76 -75.48 58.91
C MET Y 545 58.80 -74.34 59.26
N GLU Y 546 58.46 -74.16 60.53
CA GLU Y 546 57.61 -73.05 60.91
C GLU Y 546 58.28 -71.71 60.66
N GLU Y 547 59.58 -71.59 60.98
CA GLU Y 547 60.25 -70.33 60.73
C GLU Y 547 60.44 -70.10 59.23
N LEU Y 548 60.73 -71.15 58.47
CA LEU Y 548 60.81 -70.98 57.02
C LEU Y 548 59.48 -70.49 56.45
N HIS Y 549 58.37 -71.08 56.91
CA HIS Y 549 57.07 -70.67 56.42
C HIS Y 549 56.73 -69.26 56.88
N SER Y 550 57.19 -68.86 58.06
CA SER Y 550 56.99 -67.48 58.49
C SER Y 550 57.70 -66.50 57.57
N GLN Y 551 58.93 -66.84 57.15
CA GLN Y 551 59.60 -66.02 56.15
C GLN Y 551 58.82 -65.99 54.84
N GLU Y 552 58.26 -67.14 54.44
CA GLU Y 552 57.44 -67.18 53.24
C GLU Y 552 56.28 -66.21 53.34
N MET Y 553 55.55 -66.25 54.46
CA MET Y 553 54.41 -65.36 54.66
C MET Y 553 54.83 -63.90 54.68
N GLN Y 554 56.00 -63.61 55.26
CA GLN Y 554 56.48 -62.23 55.29
C GLN Y 554 56.74 -61.71 53.88
N LYS Y 555 57.41 -62.53 53.05
CA LYS Y 555 57.66 -62.10 51.67
C LYS Y 555 56.36 -61.90 50.92
N ARG Y 556 55.41 -62.83 51.07
CA ARG Y 556 54.13 -62.69 50.38
C ARG Y 556 53.41 -61.43 50.83
N LYS Y 557 53.41 -61.15 52.14
CA LYS Y 557 52.72 -59.98 52.66
C LYS Y 557 53.34 -58.68 52.14
N GLU Y 558 54.67 -58.61 52.11
CA GLU Y 558 55.32 -57.43 51.56
C GLU Y 558 54.96 -57.23 50.10
N MET Y 559 54.99 -58.32 49.32
CA MET Y 559 54.62 -58.24 47.91
C MET Y 559 53.20 -57.73 47.75
N GLN Y 560 52.28 -58.27 48.56
CA GLN Y 560 50.87 -57.90 48.46
C GLN Y 560 50.67 -56.44 48.85
N LEU Y 561 51.38 -55.96 49.87
CA LEU Y 561 51.28 -54.56 50.25
C LEU Y 561 51.74 -53.64 49.12
N ARG Y 562 52.83 -54.01 48.45
CA ARG Y 562 53.28 -53.22 47.30
C ARG Y 562 52.22 -53.23 46.19
N GLN Y 563 51.64 -54.40 45.91
CA GLN Y 563 50.57 -54.47 44.91
C GLN Y 563 49.42 -53.53 45.28
N GLU Y 564 49.01 -53.55 46.54
CA GLU Y 564 47.87 -52.74 46.95
C GLU Y 564 48.18 -51.25 46.84
N GLU Y 565 49.39 -50.84 47.21
CA GLU Y 565 49.76 -49.44 47.06
C GLU Y 565 49.75 -49.02 45.58
N GLU Y 566 50.28 -49.87 44.71
CA GLU Y 566 50.27 -49.54 43.28
C GLU Y 566 48.84 -49.42 42.76
N ARG Y 567 47.96 -50.34 43.15
CA ARG Y 567 46.57 -50.26 42.73
C ARG Y 567 45.91 -48.99 43.24
N ARG Y 568 46.20 -48.61 44.48
CA ARG Y 568 45.61 -47.39 45.05
C ARG Y 568 46.04 -46.17 44.26
N ARG Y 569 47.33 -46.08 43.93
CA ARG Y 569 47.79 -44.93 43.16
C ARG Y 569 47.16 -44.91 41.77
N ARG Y 570 47.09 -46.06 41.11
CA ARG Y 570 46.48 -46.11 39.80
C ARG Y 570 45.02 -45.68 39.86
N GLU Y 571 44.28 -46.13 40.87
CA GLU Y 571 42.88 -45.79 40.97
C GLU Y 571 42.67 -44.32 41.27
N GLU Y 572 43.53 -43.72 42.12
CA GLU Y 572 43.35 -42.30 42.40
C GLU Y 572 43.64 -41.45 41.17
N GLU Y 573 44.67 -41.81 40.40
CA GLU Y 573 44.90 -41.10 39.15
C GLU Y 573 43.73 -41.27 38.19
N MET Y 574 43.18 -42.49 38.13
CA MET Y 574 42.06 -42.77 37.25
C MET Y 574 40.85 -41.91 37.64
N MET Y 575 40.61 -41.79 38.95
CA MET Y 575 39.49 -41.01 39.45
C MET Y 575 39.66 -39.52 39.16
N ILE Y 576 40.88 -38.99 39.35
CA ILE Y 576 41.06 -37.56 39.09
C ILE Y 576 40.91 -37.28 37.60
N ARG Y 577 41.35 -38.20 36.75
CA ARG Y 577 41.13 -38.02 35.32
C ARG Y 577 39.64 -38.01 34.99
N GLN Y 578 38.88 -38.92 35.59
CA GLN Y 578 37.44 -38.94 35.34
C GLN Y 578 36.77 -37.67 35.86
N ARG Y 579 37.24 -37.15 36.99
CA ARG Y 579 36.68 -35.90 37.52
C ARG Y 579 36.96 -34.73 36.59
N GLU Y 580 38.17 -34.68 36.02
CA GLU Y 580 38.48 -33.65 35.04
C GLU Y 580 37.56 -33.77 33.82
N MET Y 581 37.34 -35.01 33.36
CA MET Y 581 36.42 -35.22 32.24
C MET Y 581 35.03 -34.73 32.57
N GLU Y 582 34.55 -35.01 33.79
CA GLU Y 582 33.22 -34.56 34.19
C GLU Y 582 33.12 -33.05 34.24
N GLU Y 583 34.14 -32.38 34.77
CA GLU Y 583 34.12 -30.92 34.80
C GLU Y 583 34.10 -30.33 33.39
N GLN Y 584 34.93 -30.89 32.50
CA GLN Y 584 34.94 -30.44 31.12
C GLN Y 584 33.57 -30.61 30.47
N MET Y 585 32.93 -31.76 30.72
CA MET Y 585 31.67 -32.04 30.05
C MET Y 585 30.53 -31.22 30.65
N ARG Y 586 30.65 -30.87 31.93
CA ARG Y 586 29.71 -29.93 32.54
C ARG Y 586 29.84 -28.55 31.90
N ARG Y 587 31.07 -28.10 31.67
CA ARG Y 587 31.24 -26.84 30.94
C ARG Y 587 30.66 -26.94 29.53
N GLN Y 588 30.83 -28.09 28.88
CA GLN Y 588 30.27 -28.27 27.54
C GLN Y 588 28.75 -28.16 27.55
N ARG Y 589 28.09 -28.79 28.54
CA ARG Y 589 26.64 -28.70 28.59
C ARG Y 589 26.18 -27.30 28.96
N GLU Y 590 26.94 -26.60 29.81
CA GLU Y 590 26.61 -25.22 30.13
C GLU Y 590 26.66 -24.35 28.87
N GLU Y 591 27.70 -24.54 28.05
CA GLU Y 591 27.78 -23.81 26.80
C GLU Y 591 26.63 -24.17 25.86
N SER Y 592 26.31 -25.46 25.76
CA SER Y 592 25.27 -25.89 24.84
C SER Y 592 23.90 -25.35 25.23
N TYR Y 593 23.61 -25.31 26.53
CA TYR Y 593 22.30 -24.83 26.98
C TYR Y 593 22.09 -23.37 26.61
N SER Y 594 23.13 -22.55 26.75
CA SER Y 594 23.04 -21.13 26.41
C SER Y 594 22.94 -20.93 24.90
N LYS Z 69 83.92 -152.61 92.83
CA LYS Z 69 83.97 -154.02 93.21
C LYS Z 69 82.63 -154.70 92.98
N THR Z 70 82.18 -155.47 93.98
CA THR Z 70 80.91 -156.18 93.92
C THR Z 70 80.04 -155.76 95.09
N PHE Z 71 78.74 -155.59 94.80
CA PHE Z 71 77.75 -155.20 95.82
C PHE Z 71 78.15 -153.90 96.50
N THR Z 72 78.47 -152.90 95.69
CA THR Z 72 78.89 -151.59 96.18
C THR Z 72 77.78 -150.56 95.95
N GLN Z 73 78.07 -149.32 96.32
CA GLN Z 73 77.08 -148.25 96.18
C GLN Z 73 76.84 -147.87 94.72
N ARG Z 74 77.86 -148.00 93.86
CA ARG Z 74 77.68 -147.71 92.45
C ARG Z 74 76.78 -148.72 91.75
N SER Z 75 76.52 -149.86 92.38
CA SER Z 75 75.57 -150.83 91.86
C SER Z 75 74.16 -150.62 92.37
N ARG Z 76 73.97 -149.67 93.29
CA ARG Z 76 72.63 -149.37 93.79
C ARG Z 76 71.81 -148.67 92.72
N LEU Z 77 70.59 -149.15 92.50
CA LEU Z 77 69.73 -148.65 91.44
C LEU Z 77 68.45 -148.07 92.02
N PHE Z 78 67.93 -147.04 91.36
CA PHE Z 78 66.68 -146.40 91.74
C PHE Z 78 65.65 -146.73 90.67
N VAL Z 79 64.61 -147.46 91.06
CA VAL Z 79 63.53 -147.86 90.14
C VAL Z 79 62.27 -147.12 90.56
N GLY Z 80 61.68 -146.39 89.61
CA GLY Z 80 60.50 -145.60 89.87
C GLY Z 80 59.33 -146.01 88.98
N ASN Z 81 58.19 -145.37 89.25
CA ASN Z 81 56.94 -145.63 88.52
C ASN Z 81 56.54 -147.09 88.60
N LEU Z 82 56.77 -147.71 89.76
CA LEU Z 82 56.36 -149.09 89.95
C LEU Z 82 54.85 -149.19 90.12
N PRO Z 83 54.24 -150.30 89.68
CA PRO Z 83 52.80 -150.45 89.83
C PRO Z 83 52.41 -150.50 91.30
N PRO Z 84 51.18 -150.08 91.63
CA PRO Z 84 50.78 -150.06 93.05
C PRO Z 84 50.76 -151.43 93.71
N ASP Z 85 50.66 -152.51 92.92
CA ASP Z 85 50.68 -153.87 93.46
C ASP Z 85 52.08 -154.48 93.46
N ILE Z 86 53.12 -153.64 93.61
CA ILE Z 86 54.49 -154.14 93.59
C ILE Z 86 54.72 -155.07 94.77
N THR Z 87 55.46 -156.15 94.52
CA THR Z 87 55.81 -157.12 95.54
C THR Z 87 57.31 -157.43 95.46
N GLU Z 88 57.85 -157.88 96.59
CA GLU Z 88 59.27 -158.20 96.66
C GLU Z 88 59.63 -159.35 95.72
N GLU Z 89 58.79 -160.39 95.69
CA GLU Z 89 59.10 -161.57 94.88
C GLU Z 89 59.06 -161.23 93.39
N GLU Z 90 58.12 -160.37 92.98
CA GLU Z 90 58.06 -159.97 91.57
C GLU Z 90 59.32 -159.22 91.15
N MET Z 91 59.80 -158.31 92.00
CA MET Z 91 61.03 -157.59 91.69
C MET Z 91 62.22 -158.55 91.64
N ARG Z 92 62.27 -159.50 92.59
CA ARG Z 92 63.35 -160.49 92.58
C ARG Z 92 63.34 -161.31 91.30
N LYS Z 93 62.15 -161.71 90.83
CA LYS Z 93 62.05 -162.41 89.56
C LYS Z 93 62.48 -161.51 88.40
N LEU Z 94 62.15 -160.22 88.47
CA LEU Z 94 62.51 -159.30 87.40
C LEU Z 94 64.01 -159.19 87.25
N PHE Z 95 64.74 -159.14 88.36
CA PHE Z 95 66.19 -159.04 88.35
C PHE Z 95 66.87 -160.40 88.50
N GLU Z 96 66.12 -161.49 88.32
CA GLU Z 96 66.73 -162.82 88.39
C GLU Z 96 67.76 -163.02 87.29
N LYS Z 97 67.54 -162.42 86.11
CA LYS Z 97 68.49 -162.53 85.02
C LYS Z 97 69.84 -161.89 85.36
N TYR Z 98 69.86 -160.96 86.31
CA TYR Z 98 71.08 -160.25 86.71
C TYR Z 98 71.65 -160.78 88.03
N GLY Z 99 71.56 -162.09 88.25
CA GLY Z 99 72.13 -162.68 89.44
C GLY Z 99 71.34 -162.33 90.69
N LYS Z 100 72.04 -162.37 91.83
CA LYS Z 100 71.41 -162.13 93.11
C LYS Z 100 71.10 -160.64 93.28
N ALA Z 101 70.27 -160.36 94.28
CA ALA Z 101 69.87 -159.00 94.62
C ALA Z 101 70.19 -158.72 96.08
N GLY Z 102 70.51 -157.46 96.37
CA GLY Z 102 70.89 -157.07 97.71
C GLY Z 102 69.72 -156.64 98.58
N GLU Z 103 69.83 -155.46 99.18
CA GLU Z 103 68.77 -154.96 100.05
C GLU Z 103 67.52 -154.67 99.24
N VAL Z 104 66.38 -155.11 99.74
CA VAL Z 104 65.09 -154.92 99.08
C VAL Z 104 64.31 -153.90 99.88
N PHE Z 105 64.34 -152.65 99.44
CA PHE Z 105 63.53 -151.59 100.01
C PHE Z 105 62.43 -151.23 99.02
N ILE Z 106 61.17 -151.37 99.45
CA ILE Z 106 60.03 -151.13 98.58
C ILE Z 106 59.03 -150.25 99.32
N HIS Z 107 58.60 -149.17 98.69
CA HIS Z 107 57.56 -148.30 99.20
C HIS Z 107 56.33 -148.52 98.33
N LYS Z 108 55.28 -149.11 98.90
CA LYS Z 108 54.18 -149.63 98.09
C LYS Z 108 53.37 -148.51 97.44
N ASP Z 109 52.97 -147.51 98.23
CA ASP Z 109 52.05 -146.50 97.73
C ASP Z 109 52.74 -145.50 96.80
N LYS Z 110 53.97 -145.10 97.13
CA LYS Z 110 54.65 -144.08 96.34
C LYS Z 110 55.27 -144.64 95.07
N GLY Z 111 55.36 -145.96 94.94
CA GLY Z 111 55.74 -146.56 93.68
C GLY Z 111 57.21 -146.58 93.34
N PHE Z 112 58.09 -146.55 94.34
CA PHE Z 112 59.52 -146.67 94.09
C PHE Z 112 60.20 -147.24 95.33
N GLY Z 113 61.44 -147.69 95.15
CA GLY Z 113 62.19 -148.26 96.25
C GLY Z 113 63.66 -148.33 95.91
N PHE Z 114 64.43 -148.84 96.87
CA PHE Z 114 65.88 -148.96 96.75
C PHE Z 114 66.26 -150.43 96.60
N ILE Z 115 67.12 -150.72 95.63
CA ILE Z 115 67.57 -152.07 95.35
C ILE Z 115 69.09 -152.08 95.21
N ARG Z 116 69.67 -153.27 95.36
CA ARG Z 116 71.10 -153.47 95.19
C ARG Z 116 71.33 -154.67 94.27
N LEU Z 117 72.33 -154.57 93.41
CA LEU Z 117 72.64 -155.60 92.43
C LEU Z 117 74.01 -156.22 92.71
N GLU Z 118 74.44 -157.11 91.81
CA GLU Z 118 75.64 -157.90 92.05
C GLU Z 118 76.91 -157.10 91.75
N THR Z 119 77.09 -156.68 90.50
CA THR Z 119 78.31 -155.99 90.08
C THR Z 119 77.94 -154.73 89.32
N ARG Z 120 78.96 -153.89 89.08
CA ARG Z 120 78.73 -152.63 88.38
C ARG Z 120 78.31 -152.87 86.93
N THR Z 121 78.95 -153.83 86.25
CA THR Z 121 78.57 -154.13 84.87
C THR Z 121 77.13 -154.65 84.80
N LEU Z 122 76.78 -155.57 85.70
CA LEU Z 122 75.41 -156.07 85.72
C LEU Z 122 74.43 -154.98 86.09
N ALA Z 123 74.82 -154.08 87.01
CA ALA Z 123 73.95 -152.97 87.38
C ALA Z 123 73.70 -152.06 86.19
N GLU Z 124 74.75 -151.74 85.43
CA GLU Z 124 74.59 -150.91 84.24
C GLU Z 124 73.70 -151.60 83.21
N ILE Z 125 73.92 -152.90 82.99
CA ILE Z 125 73.13 -153.62 82.01
C ILE Z 125 71.65 -153.63 82.40
N ALA Z 126 71.37 -153.93 83.67
CA ALA Z 126 69.99 -153.97 84.13
C ALA Z 126 69.34 -152.60 84.07
N LYS Z 127 70.07 -151.55 84.46
CA LYS Z 127 69.50 -150.20 84.40
C LYS Z 127 69.19 -149.80 82.95
N VAL Z 128 70.09 -150.11 82.02
CA VAL Z 128 69.87 -149.73 80.63
C VAL Z 128 68.74 -150.53 80.01
N GLU Z 129 68.67 -151.83 80.32
CA GLU Z 129 67.73 -152.72 79.67
C GLU Z 129 66.42 -152.92 80.44
N LEU Z 130 66.23 -152.20 81.56
CA LEU Z 130 65.01 -152.35 82.35
C LEU Z 130 64.21 -151.07 82.50
N ASP Z 131 64.58 -150.00 81.81
CA ASP Z 131 63.79 -148.78 81.80
C ASP Z 131 63.16 -148.58 80.43
N ASN Z 132 62.21 -147.64 80.36
CA ASN Z 132 61.48 -147.21 79.18
C ASN Z 132 60.49 -148.25 78.67
N MET Z 133 60.34 -149.42 79.35
CA MET Z 133 59.25 -150.24 78.86
C MET Z 133 58.11 -150.30 79.88
N PRO Z 134 56.88 -150.41 79.41
CA PRO Z 134 55.73 -150.43 80.33
C PRO Z 134 55.73 -151.68 81.20
N LEU Z 135 55.19 -151.51 82.41
CA LEU Z 135 54.99 -152.61 83.36
C LEU Z 135 53.61 -152.43 83.98
N ARG Z 136 52.65 -153.23 83.53
CA ARG Z 136 51.26 -153.13 83.96
C ARG Z 136 50.72 -151.72 83.74
N GLY Z 137 50.86 -151.24 82.52
CA GLY Z 137 50.43 -149.89 82.18
C GLY Z 137 51.20 -148.80 82.89
N LYS Z 138 52.50 -149.00 83.10
CA LYS Z 138 53.33 -148.00 83.76
C LYS Z 138 54.77 -148.18 83.28
N GLN Z 139 55.32 -147.15 82.64
CA GLN Z 139 56.68 -147.22 82.12
C GLN Z 139 57.68 -147.17 83.27
N LEU Z 140 58.57 -148.15 83.32
CA LEU Z 140 59.54 -148.22 84.40
C LEU Z 140 60.57 -147.09 84.30
N ARG Z 141 60.94 -146.55 85.46
CA ARG Z 141 61.93 -145.49 85.56
C ARG Z 141 63.10 -146.01 86.38
N VAL Z 142 64.06 -146.63 85.70
CA VAL Z 142 65.24 -147.20 86.35
C VAL Z 142 66.39 -146.25 86.03
N ARG Z 143 66.81 -145.48 87.02
CA ARG Z 143 67.88 -144.51 86.90
C ARG Z 143 68.96 -144.77 87.94
N PHE Z 144 70.07 -144.07 87.81
CA PHE Z 144 71.19 -144.20 88.74
C PHE Z 144 70.87 -143.50 90.05
N ALA Z 145 71.12 -144.18 91.16
CA ALA Z 145 70.91 -143.59 92.48
C ALA Z 145 72.10 -142.71 92.86
N CYS Z 146 71.81 -141.61 93.54
CA CYS Z 146 72.86 -140.69 93.97
C CYS Z 146 73.71 -141.31 95.07
N HIS Z 147 74.97 -140.90 95.13
CA HIS Z 147 75.89 -141.39 96.15
C HIS Z 147 75.70 -140.59 97.43
N SER Z 148 75.45 -141.29 98.53
CA SER Z 148 75.21 -140.65 99.82
C SER Z 148 76.42 -140.65 100.74
N ALA Z 149 77.46 -141.42 100.41
CA ALA Z 149 78.67 -141.52 101.22
C ALA Z 149 79.92 -141.14 100.43
N SER Z 150 79.85 -140.05 99.66
CA SER Z 150 80.98 -139.61 98.86
C SER Z 150 81.56 -138.32 99.41
N LEU Z 151 82.89 -138.24 99.43
CA LEU Z 151 83.59 -137.11 100.03
C LEU Z 151 84.64 -136.61 99.06
N THR Z 152 84.95 -135.31 99.13
CA THR Z 152 85.89 -134.68 98.21
C THR Z 152 87.16 -134.29 98.96
N VAL Z 153 88.30 -134.40 98.29
CA VAL Z 153 89.59 -134.03 98.84
C VAL Z 153 90.26 -133.05 97.90
N ARG Z 154 90.70 -131.91 98.45
CA ARG Z 154 91.47 -130.92 97.73
C ARG Z 154 92.80 -130.69 98.44
N ASN Z 155 93.56 -129.73 97.93
CA ASN Z 155 94.89 -129.41 98.46
C ASN Z 155 95.79 -130.64 98.43
N LEU Z 156 95.63 -131.46 97.41
CA LEU Z 156 96.37 -132.70 97.31
C LEU Z 156 97.86 -132.43 97.06
N PRO Z 157 98.73 -133.29 97.57
CA PRO Z 157 100.16 -133.16 97.27
C PRO Z 157 100.42 -133.39 95.78
N GLN Z 158 101.57 -132.90 95.34
CA GLN Z 158 101.91 -132.96 93.91
C GLN Z 158 101.98 -134.39 93.40
N TYR Z 159 102.61 -135.29 94.17
CA TYR Z 159 102.79 -136.68 93.78
C TYR Z 159 101.89 -137.55 94.65
N VAL Z 160 100.72 -137.90 94.11
CA VAL Z 160 99.76 -138.78 94.77
C VAL Z 160 99.25 -139.79 93.76
N SER Z 161 98.55 -140.80 94.27
CA SER Z 161 97.98 -141.85 93.42
C SER Z 161 96.64 -142.29 93.99
N ASN Z 162 95.84 -142.93 93.14
CA ASN Z 162 94.54 -143.42 93.57
C ASN Z 162 94.69 -144.48 94.66
N GLU Z 163 95.67 -145.38 94.50
CA GLU Z 163 95.92 -146.37 95.54
C GLU Z 163 96.36 -145.72 96.84
N LEU Z 164 97.08 -144.60 96.76
CA LEU Z 164 97.43 -143.86 97.97
C LEU Z 164 96.18 -143.36 98.69
N LEU Z 165 95.21 -142.85 97.93
CA LEU Z 165 93.96 -142.41 98.53
C LEU Z 165 93.19 -143.57 99.13
N GLU Z 166 93.17 -144.71 98.45
CA GLU Z 166 92.48 -145.89 98.99
C GLU Z 166 93.12 -146.35 100.29
N GLU Z 167 94.45 -146.37 100.34
CA GLU Z 167 95.13 -146.86 101.54
C GLU Z 167 95.02 -145.86 102.68
N ALA Z 168 95.21 -144.57 102.41
CA ALA Z 168 95.18 -143.56 103.46
C ALA Z 168 93.79 -143.44 104.08
N PHE Z 169 92.75 -143.42 103.25
CA PHE Z 169 91.39 -143.19 103.71
C PHE Z 169 90.68 -144.49 104.10
N SER Z 170 91.37 -145.62 104.03
CA SER Z 170 90.81 -146.88 104.51
C SER Z 170 90.67 -146.91 106.03
N VAL Z 171 91.31 -145.97 106.74
CA VAL Z 171 91.19 -145.91 108.19
C VAL Z 171 89.75 -145.58 108.59
N PHE Z 172 89.14 -144.64 107.89
CA PHE Z 172 87.75 -144.26 108.19
C PHE Z 172 86.76 -145.38 107.88
N GLY Z 173 87.13 -146.32 107.04
CA GLY Z 173 86.25 -147.42 106.69
C GLY Z 173 86.62 -147.99 105.35
N GLN Z 174 85.72 -148.81 104.82
CA GLN Z 174 85.94 -149.46 103.53
C GLN Z 174 85.81 -148.42 102.41
N VAL Z 175 86.85 -148.29 101.61
CA VAL Z 175 86.87 -147.35 100.50
C VAL Z 175 86.43 -148.09 99.25
N GLU Z 176 85.19 -147.86 98.82
CA GLU Z 176 84.69 -148.51 97.60
C GLU Z 176 85.46 -148.03 96.37
N ARG Z 177 85.76 -146.74 96.28
CA ARG Z 177 86.51 -146.21 95.16
C ARG Z 177 87.16 -144.90 95.57
N ALA Z 178 88.45 -144.76 95.27
CA ALA Z 178 89.17 -143.50 95.49
C ALA Z 178 89.99 -143.21 94.24
N VAL Z 179 89.67 -142.11 93.57
CA VAL Z 179 90.29 -141.75 92.30
C VAL Z 179 90.80 -140.32 92.39
N VAL Z 180 92.06 -140.11 91.99
CA VAL Z 180 92.63 -138.78 91.91
C VAL Z 180 92.25 -138.18 90.55
N ILE Z 181 91.74 -136.95 90.57
CA ILE Z 181 91.32 -136.30 89.33
C ILE Z 181 92.56 -135.93 88.53
N VAL Z 182 92.65 -136.45 87.31
CA VAL Z 182 93.79 -136.25 86.43
C VAL Z 182 93.29 -135.70 85.11
N ASP Z 183 94.02 -134.73 84.56
CA ASP Z 183 93.65 -134.10 83.30
C ASP Z 183 93.96 -135.04 82.14
N ASP Z 184 93.77 -134.54 80.91
CA ASP Z 184 94.07 -135.34 79.73
C ASP Z 184 95.56 -135.61 79.60
N ARG Z 185 96.39 -134.59 79.89
CA ARG Z 185 97.83 -134.76 79.74
C ARG Z 185 98.39 -135.72 80.79
N GLY Z 186 97.98 -135.56 82.04
CA GLY Z 186 98.46 -136.43 83.09
C GLY Z 186 98.82 -135.71 84.37
N ARG Z 187 98.78 -134.38 84.36
CA ARG Z 187 99.11 -133.61 85.55
C ARG Z 187 97.93 -133.62 86.52
N PRO Z 188 98.15 -134.00 87.78
CA PRO Z 188 97.05 -133.98 88.75
C PRO Z 188 96.54 -132.57 88.98
N SER Z 189 95.23 -132.46 89.19
CA SER Z 189 94.58 -131.17 89.40
C SER Z 189 94.49 -130.78 90.87
N GLY Z 190 95.03 -131.60 91.78
CA GLY Z 190 94.94 -131.32 93.20
C GLY Z 190 93.64 -131.73 93.84
N LYS Z 191 92.74 -132.36 93.10
CA LYS Z 191 91.46 -132.82 93.60
C LYS Z 191 91.39 -134.34 93.51
N GLY Z 192 90.40 -134.91 94.18
CA GLY Z 192 90.22 -136.36 94.17
C GLY Z 192 88.80 -136.72 94.51
N ILE Z 193 88.50 -138.01 94.36
CA ILE Z 193 87.17 -138.56 94.62
C ILE Z 193 87.30 -139.64 95.68
N VAL Z 194 86.51 -139.56 96.73
CA VAL Z 194 86.46 -140.57 97.78
C VAL Z 194 85.03 -141.05 97.91
N GLU Z 195 84.80 -142.33 97.64
CA GLU Z 195 83.49 -142.95 97.72
C GLU Z 195 83.52 -144.00 98.84
N PHE Z 196 82.83 -143.71 99.93
CA PHE Z 196 82.80 -144.61 101.08
C PHE Z 196 81.62 -145.58 100.96
N SER Z 197 81.41 -146.40 101.98
CA SER Z 197 80.37 -147.42 101.95
C SER Z 197 79.10 -147.00 102.67
N GLY Z 198 79.21 -146.27 103.78
CA GLY Z 198 78.04 -145.86 104.52
C GLY Z 198 78.11 -144.40 104.92
N LYS Z 199 76.94 -143.80 105.07
CA LYS Z 199 76.87 -142.40 105.48
C LYS Z 199 77.49 -142.11 106.84
N PRO Z 200 77.34 -142.94 107.89
CA PRO Z 200 78.04 -142.61 109.14
C PRO Z 200 79.55 -142.59 108.98
N ALA Z 201 80.10 -143.50 108.19
CA ALA Z 201 81.53 -143.48 107.94
C ALA Z 201 81.94 -142.22 107.19
N ALA Z 202 81.14 -141.80 106.21
CA ALA Z 202 81.45 -140.58 105.47
C ALA Z 202 81.42 -139.36 106.39
N ARG Z 203 80.40 -139.26 107.25
CA ARG Z 203 80.31 -138.09 108.12
C ARG Z 203 81.38 -138.08 109.20
N LYS Z 204 81.77 -139.26 109.71
CA LYS Z 204 82.83 -139.28 110.70
C LYS Z 204 84.18 -138.98 110.05
N ALA Z 205 84.38 -139.42 108.81
CA ALA Z 205 85.58 -139.00 108.09
C ALA Z 205 85.58 -137.48 107.88
N LEU Z 206 84.42 -136.93 107.53
CA LEU Z 206 84.31 -135.50 107.31
C LEU Z 206 84.67 -134.72 108.57
N ASP Z 207 84.04 -135.05 109.70
CA ASP Z 207 84.30 -134.27 110.90
C ASP Z 207 85.66 -134.59 111.52
N ARG Z 208 86.23 -135.77 111.27
CA ARG Z 208 87.57 -136.06 111.74
C ARG Z 208 88.61 -135.27 110.95
N CYS Z 209 88.41 -135.14 109.64
CA CYS Z 209 89.31 -134.30 108.85
C CYS Z 209 89.05 -132.82 109.06
N SER Z 210 87.88 -132.45 109.59
CA SER Z 210 87.61 -131.06 109.90
C SER Z 210 88.23 -130.66 111.23
N GLU Z 211 87.87 -131.36 112.32
CA GLU Z 211 88.41 -131.00 113.62
C GLU Z 211 89.87 -131.44 113.75
N GLY Z 212 90.21 -132.62 113.24
CA GLY Z 212 91.58 -133.07 113.19
C GLY Z 212 92.23 -132.77 111.86
N SER Z 213 93.48 -133.20 111.73
CA SER Z 213 94.26 -132.97 110.50
C SER Z 213 94.74 -134.32 109.97
N PHE Z 214 94.46 -134.57 108.69
CA PHE Z 214 94.86 -135.81 108.04
C PHE Z 214 95.95 -135.50 107.02
N LEU Z 215 97.20 -135.72 107.41
CA LEU Z 215 98.32 -135.57 106.49
C LEU Z 215 98.47 -136.83 105.63
N LEU Z 216 99.20 -136.70 104.53
CA LEU Z 216 99.34 -137.78 103.57
C LEU Z 216 100.77 -138.25 103.36
N THR Z 217 101.73 -137.33 103.22
CA THR Z 217 103.08 -137.69 102.84
C THR Z 217 104.06 -137.00 103.79
N THR Z 218 105.35 -137.09 103.46
CA THR Z 218 106.39 -136.45 104.26
C THR Z 218 106.20 -134.94 104.28
N PHE Z 219 105.83 -134.35 103.14
CA PHE Z 219 105.47 -132.95 103.08
C PHE Z 219 104.28 -132.71 104.02
N PRO Z 220 104.48 -131.99 105.13
CA PRO Z 220 103.42 -131.90 106.14
C PRO Z 220 102.26 -131.00 105.72
N ARG Z 221 101.63 -131.31 104.61
CA ARG Z 221 100.48 -130.56 104.11
C ARG Z 221 99.25 -131.47 104.11
N PRO Z 222 98.30 -131.27 105.02
CA PRO Z 222 97.08 -132.08 105.00
C PRO Z 222 96.18 -131.74 103.83
N VAL Z 223 95.06 -132.44 103.71
CA VAL Z 223 94.12 -132.25 102.61
C VAL Z 223 92.74 -131.98 103.17
N THR Z 224 92.08 -130.96 102.64
CA THR Z 224 90.73 -130.63 103.08
C THR Z 224 89.73 -131.66 102.57
N VAL Z 225 88.77 -132.00 103.42
CA VAL Z 225 87.69 -132.91 103.07
C VAL Z 225 86.37 -132.18 103.21
N GLU Z 226 85.59 -132.15 102.13
CA GLU Z 226 84.26 -131.55 102.07
C GLU Z 226 83.39 -132.44 101.21
N PRO Z 227 82.07 -132.41 101.40
CA PRO Z 227 81.19 -133.30 100.62
C PRO Z 227 81.20 -132.96 99.15
N MET Z 228 80.88 -133.96 98.32
CA MET Z 228 80.85 -133.78 96.84
C MET Z 228 79.59 -133.02 96.40
N ASP Z 229 79.72 -132.18 95.37
CA ASP Z 229 78.52 -131.51 94.80
C ASP Z 229 78.07 -132.37 93.61
N GLN Z 230 77.56 -133.57 93.87
CA GLN Z 230 77.21 -134.51 92.77
C GLN Z 230 76.55 -133.77 91.60
N LEU Z 231 77.24 -133.72 90.45
CA LEU Z 231 76.70 -133.11 89.25
C LEU Z 231 76.20 -134.19 88.31
N ASP Z 232 75.06 -133.95 87.68
CA ASP Z 232 74.46 -134.89 86.74
C ASP Z 232 74.45 -134.26 85.35
N ASP Z 233 74.85 -135.03 84.34
CA ASP Z 233 74.90 -134.57 82.96
C ASP Z 233 74.12 -135.51 82.04
N GLU Z 234 73.20 -136.29 82.60
CA GLU Z 234 72.45 -137.28 81.82
C GLU Z 234 71.05 -136.80 81.46
N GLU Z 235 70.23 -136.47 82.45
CA GLU Z 235 68.86 -136.07 82.15
C GLU Z 235 68.77 -134.65 81.60
N GLY Z 236 69.62 -133.74 82.09
CA GLY Z 236 69.47 -132.35 81.68
C GLY Z 236 68.15 -131.79 82.14
N LEU Z 237 67.44 -131.14 81.22
CA LEU Z 237 66.10 -130.60 81.50
C LEU Z 237 65.10 -131.08 80.47
N PRO Z 238 64.39 -132.18 80.72
CA PRO Z 238 63.21 -132.49 79.90
C PRO Z 238 62.18 -131.40 80.05
N GLU Z 239 61.48 -131.09 78.94
CA GLU Z 239 60.51 -130.01 78.96
C GLU Z 239 59.34 -130.31 79.88
N LYS Z 240 58.99 -131.58 80.05
CA LYS Z 240 57.92 -131.95 80.98
C LYS Z 240 58.30 -131.65 82.42
N LEU Z 241 59.59 -131.72 82.75
CA LEU Z 241 60.03 -131.46 84.11
C LEU Z 241 59.89 -129.98 84.47
N VAL Z 242 59.99 -129.09 83.49
CA VAL Z 242 59.89 -127.66 83.76
C VAL Z 242 58.46 -127.32 84.18
N ILE Z 243 58.32 -126.30 85.03
CA ILE Z 243 57.02 -125.91 85.55
C ILE Z 243 56.11 -125.43 84.43
N LYS Z 244 56.67 -124.74 83.42
CA LYS Z 244 55.89 -124.19 82.31
C LYS Z 244 54.82 -123.22 82.81
N ASN Z 245 55.20 -122.38 83.77
CA ASN Z 245 54.28 -121.42 84.37
C ASN Z 245 54.18 -120.18 83.49
N GLN Z 246 53.55 -119.13 84.03
CA GLN Z 246 53.43 -117.88 83.29
C GLN Z 246 54.79 -117.25 83.02
N GLN Z 247 55.75 -117.46 83.93
CA GLN Z 247 57.11 -116.98 83.69
C GLN Z 247 57.73 -117.66 82.49
N PHE Z 248 57.47 -118.95 82.32
CA PHE Z 248 58.00 -119.69 81.17
C PHE Z 248 57.57 -119.04 79.86
N HIS Z 249 56.28 -118.72 79.74
CA HIS Z 249 55.80 -118.03 78.54
C HIS Z 249 56.40 -116.63 78.46
N LYS Z 250 56.62 -115.98 79.60
CA LYS Z 250 57.27 -114.67 79.61
C LYS Z 250 58.71 -114.77 79.14
N GLU Z 251 59.37 -115.89 79.40
CA GLU Z 251 60.76 -116.09 78.99
C GLU Z 251 60.91 -116.77 77.64
N ARG Z 252 59.80 -117.06 76.96
CA ARG Z 252 59.84 -117.66 75.63
C ARG Z 252 59.14 -116.80 74.59
N GLU Z 253 58.97 -115.50 74.86
CA GLU Z 253 58.32 -114.62 73.90
C GLU Z 253 59.12 -114.50 72.61
N GLN Z 254 60.44 -114.51 72.72
CA GLN Z 254 61.31 -114.33 71.57
C GLN Z 254 62.23 -115.52 71.38
N PRO Z 255 62.42 -115.99 70.15
CA PRO Z 255 63.34 -117.10 69.90
C PRO Z 255 64.78 -116.66 70.10
N PRO Z 256 65.69 -117.59 70.38
CA PRO Z 256 67.10 -117.22 70.55
C PRO Z 256 67.66 -116.60 69.28
N ARG Z 257 68.45 -115.54 69.46
CA ARG Z 257 69.03 -114.78 68.36
C ARG Z 257 70.09 -113.84 68.92
N PHE Z 258 70.73 -113.08 68.04
CA PHE Z 258 71.73 -112.11 68.43
C PHE Z 258 71.08 -110.77 68.72
N ALA Z 259 71.78 -109.95 69.51
CA ALA Z 259 71.30 -108.63 69.86
C ALA Z 259 71.74 -107.63 68.79
N GLN Z 260 70.78 -106.88 68.25
CA GLN Z 260 71.10 -105.91 67.22
C GLN Z 260 71.91 -104.76 67.81
N PRO Z 261 73.05 -104.42 67.23
CA PRO Z 261 73.87 -103.34 67.80
C PRO Z 261 73.12 -102.01 67.82
N GLY Z 262 73.33 -101.26 68.89
CA GLY Z 262 72.65 -100.00 69.07
C GLY Z 262 71.27 -100.08 69.67
N SER Z 263 70.82 -101.28 70.06
CA SER Z 263 69.53 -101.47 70.68
C SER Z 263 69.69 -101.67 72.18
N PHE Z 264 68.56 -101.75 72.88
CA PHE Z 264 68.60 -101.94 74.32
C PHE Z 264 69.23 -103.28 74.68
N GLU Z 265 68.88 -104.34 73.93
CA GLU Z 265 69.42 -105.66 74.22
C GLU Z 265 70.93 -105.66 74.09
N TYR Z 266 71.46 -104.96 73.08
CA TYR Z 266 72.90 -104.90 72.86
C TYR Z 266 73.60 -104.27 74.06
N GLU Z 267 73.11 -103.13 74.53
CA GLU Z 267 73.78 -102.44 75.62
C GLU Z 267 73.63 -103.20 76.94
N TYR Z 268 72.48 -103.84 77.15
CA TYR Z 268 72.33 -104.58 78.40
C TYR Z 268 73.18 -105.84 78.39
N ALA Z 269 73.35 -106.45 77.22
CA ALA Z 269 74.31 -107.54 77.08
C ALA Z 269 75.73 -107.04 77.31
N MET Z 270 76.03 -105.80 76.89
CA MET Z 270 77.31 -105.20 77.22
C MET Z 270 77.51 -105.11 78.73
N ARG Z 271 76.45 -104.72 79.45
CA ARG Z 271 76.54 -104.67 80.91
C ARG Z 271 76.79 -106.05 81.49
N TRP Z 272 76.10 -107.07 80.97
CA TRP Z 272 76.31 -108.43 81.45
C TRP Z 272 77.73 -108.90 81.17
N LYS Z 273 78.27 -108.57 79.99
CA LYS Z 273 79.65 -108.94 79.67
C LYS Z 273 80.64 -108.22 80.57
N ALA Z 274 80.36 -106.95 80.91
CA ALA Z 274 81.19 -106.25 81.88
C ALA Z 274 81.16 -106.97 83.22
N LEU Z 275 79.99 -107.42 83.66
CA LEU Z 275 79.89 -108.13 84.93
C LEU Z 275 80.66 -109.44 84.91
N ILE Z 276 80.57 -110.19 83.80
CA ILE Z 276 81.28 -111.46 83.74
C ILE Z 276 82.79 -111.23 83.67
N GLU Z 277 83.23 -110.19 82.98
CA GLU Z 277 84.66 -109.87 82.98
C GLU Z 277 85.13 -109.48 84.36
N MET Z 278 84.31 -108.72 85.10
CA MET Z 278 84.63 -108.41 86.49
C MET Z 278 84.74 -109.68 87.32
N GLU Z 279 83.84 -110.63 87.08
CA GLU Z 279 83.90 -111.91 87.80
C GLU Z 279 85.21 -112.64 87.49
N LYS Z 280 85.59 -112.68 86.22
CA LYS Z 280 86.83 -113.33 85.83
C LYS Z 280 88.03 -112.67 86.49
N GLN Z 281 88.07 -111.34 86.49
CA GLN Z 281 89.19 -110.64 87.11
C GLN Z 281 89.24 -110.87 88.61
N GLN Z 282 88.09 -110.87 89.29
CA GLN Z 282 88.08 -111.12 90.72
C GLN Z 282 88.56 -112.53 91.05
N GLN Z 283 88.09 -113.53 90.29
CA GLN Z 283 88.54 -114.90 90.54
C GLN Z 283 90.03 -115.03 90.27
N ASP Z 284 90.52 -114.38 89.21
CA ASP Z 284 91.95 -114.43 88.91
C ASP Z 284 92.77 -113.78 90.02
N GLN Z 285 92.31 -112.66 90.56
CA GLN Z 285 93.02 -111.99 91.64
C GLN Z 285 93.05 -112.86 92.90
N VAL Z 286 91.92 -113.49 93.23
CA VAL Z 286 91.87 -114.38 94.38
C VAL Z 286 92.84 -115.54 94.18
N ASP Z 287 92.86 -116.11 92.98
CA ASP Z 287 93.78 -117.21 92.69
C ASP Z 287 95.23 -116.78 92.81
N ARG Z 288 95.55 -115.57 92.33
CA ARG Z 288 96.91 -115.07 92.45
C ARG Z 288 97.30 -114.88 93.90
N ASN Z 289 96.39 -114.34 94.73
CA ASN Z 289 96.69 -114.16 96.14
C ASN Z 289 96.94 -115.51 96.83
N ILE Z 290 96.09 -116.50 96.54
CA ILE Z 290 96.28 -117.83 97.14
C ILE Z 290 97.60 -118.42 96.68
N LYS Z 291 97.93 -118.28 95.39
CA LYS Z 291 99.17 -118.81 94.85
C LYS Z 291 100.39 -118.18 95.53
N GLU Z 292 100.41 -116.86 95.67
CA GLU Z 292 101.56 -116.21 96.27
C GLU Z 292 101.67 -116.56 97.76
N ALA Z 293 100.54 -116.68 98.47
CA ALA Z 293 100.59 -117.09 99.86
C ALA Z 293 101.15 -118.50 99.99
N ARG Z 294 100.71 -119.42 99.13
CA ARG Z 294 101.21 -120.80 99.18
C ARG Z 294 102.69 -120.86 98.85
N GLU Z 295 103.13 -120.08 97.86
CA GLU Z 295 104.55 -120.06 97.51
C GLU Z 295 105.40 -119.51 98.66
N LYS Z 296 104.91 -118.45 99.33
CA LYS Z 296 105.63 -117.92 100.48
C LYS Z 296 105.72 -118.94 101.60
N LEU Z 297 104.63 -119.67 101.85
CA LEU Z 297 104.66 -120.70 102.89
C LEU Z 297 105.63 -121.83 102.51
N GLU Z 298 105.64 -122.22 101.24
CA GLU Z 298 106.58 -123.24 100.79
C GLU Z 298 108.03 -122.78 100.93
N MET Z 299 108.28 -121.49 100.72
CA MET Z 299 109.62 -120.96 100.94
C MET Z 299 109.97 -120.98 102.43
N GLU Z 300 109.01 -120.62 103.29
CA GLU Z 300 109.25 -120.61 104.73
C GLU Z 300 109.30 -122.01 105.33
N MET Z 301 108.96 -123.04 104.54
CA MET Z 301 109.07 -124.44 104.96
C MET Z 301 110.36 -124.75 105.73
N GLU Z 302 111.50 -124.57 105.06
CA GLU Z 302 112.77 -125.03 105.64
C GLU Z 302 113.15 -124.20 106.87
N ALA Z 303 112.90 -122.89 106.82
CA ALA Z 303 113.19 -122.05 107.99
C ALA Z 303 112.36 -122.47 109.19
N ALA Z 304 111.06 -122.74 108.97
CA ALA Z 304 110.21 -123.19 110.06
C ALA Z 304 110.66 -124.54 110.59
N ARG Z 305 111.05 -125.46 109.70
CA ARG Z 305 111.51 -126.76 110.14
C ARG Z 305 112.79 -126.66 110.97
N HIS Z 306 113.74 -125.83 110.54
CA HIS Z 306 114.97 -125.66 111.30
C HIS Z 306 114.72 -124.99 112.65
N GLU Z 307 113.81 -124.01 112.68
CA GLU Z 307 113.46 -123.40 113.95
C GLU Z 307 112.82 -124.42 114.90
N HIS Z 308 111.92 -125.25 114.38
CA HIS Z 308 111.30 -126.28 115.21
C HIS Z 308 112.34 -127.26 115.73
N GLN Z 309 113.30 -127.63 114.88
CA GLN Z 309 114.36 -128.54 115.33
C GLN Z 309 115.19 -127.90 116.43
N VAL Z 310 115.51 -126.60 116.30
CA VAL Z 310 116.44 -125.99 117.23
C VAL Z 310 115.77 -125.73 118.59
N MET Z 311 114.49 -125.34 118.60
CA MET Z 311 113.88 -125.05 119.90
C MET Z 311 113.56 -126.33 120.67
N LEU Z 312 113.28 -127.43 119.96
CA LEU Z 312 112.96 -128.69 120.59
C LEU Z 312 114.18 -129.32 121.26
N LYS AA 287 95.65 -108.78 33.48
CA LYS AA 287 94.52 -109.13 34.35
C LYS AA 287 93.27 -109.39 33.52
N THR AA 288 92.50 -110.39 33.92
CA THR AA 288 91.30 -110.81 33.19
C THR AA 288 90.07 -110.56 34.05
N TYR AA 289 89.01 -110.04 33.43
CA TYR AA 289 87.77 -109.70 34.11
C TYR AA 289 87.99 -108.68 35.23
N THR AA 290 88.84 -107.69 34.96
CA THR AA 290 89.14 -106.66 35.94
C THR AA 290 88.03 -105.61 35.97
N GLN AA 291 88.11 -104.72 36.96
CA GLN AA 291 87.14 -103.64 37.08
C GLN AA 291 87.22 -102.65 35.91
N ARG AA 292 88.35 -102.60 35.22
CA ARG AA 292 88.43 -101.80 34.00
C ARG AA 292 87.55 -102.36 32.89
N CYS AA 293 87.18 -103.63 32.97
CA CYS AA 293 86.25 -104.25 32.04
C CYS AA 293 84.80 -103.99 32.42
N ARG AA 294 84.54 -103.47 33.61
CA ARG AA 294 83.19 -103.10 34.01
C ARG AA 294 82.69 -101.95 33.15
N LEU AA 295 81.43 -102.04 32.73
CA LEU AA 295 80.88 -101.08 31.79
C LEU AA 295 79.54 -100.57 32.31
N PHE AA 296 79.36 -99.25 32.24
CA PHE AA 296 78.11 -98.59 32.63
C PHE AA 296 77.30 -98.37 31.34
N VAL AA 297 76.38 -99.28 31.07
CA VAL AA 297 75.56 -99.20 29.86
C VAL AA 297 74.41 -98.24 30.13
N GLY AA 298 74.36 -97.15 29.36
CA GLY AA 298 73.39 -96.10 29.61
C GLY AA 298 72.11 -96.25 28.82
N ASN AA 299 71.05 -95.64 29.37
CA ASN AA 299 69.74 -95.56 28.71
C ASN AA 299 69.19 -96.93 28.35
N LEU AA 300 69.39 -97.89 29.25
CA LEU AA 300 68.81 -99.21 29.04
C LEU AA 300 67.30 -99.15 29.22
N PRO AA 301 66.54 -99.88 28.39
CA PRO AA 301 65.10 -99.96 28.62
C PRO AA 301 64.77 -100.67 29.92
N ALA AA 302 63.64 -100.29 30.50
CA ALA AA 302 63.21 -100.93 31.75
C ALA AA 302 62.91 -102.41 31.53
N ASP AA 303 62.29 -102.75 30.40
CA ASP AA 303 61.90 -104.13 30.12
C ASP AA 303 63.09 -104.86 29.50
N ILE AA 304 64.05 -105.21 30.35
CA ILE AA 304 65.18 -106.05 29.97
C ILE AA 304 65.34 -107.13 31.02
N THR AA 305 65.96 -108.23 30.60
CA THR AA 305 66.26 -109.35 31.48
C THR AA 305 67.74 -109.67 31.41
N GLU AA 306 68.21 -110.43 32.41
CA GLU AA 306 69.63 -110.76 32.46
C GLU AA 306 70.06 -111.63 31.30
N ASP AA 307 69.16 -112.46 30.77
CA ASP AA 307 69.51 -113.30 29.63
C ASP AA 307 69.81 -112.46 28.40
N GLU AA 308 68.90 -111.55 28.04
CA GLU AA 308 69.16 -110.66 26.91
C GLU AA 308 70.33 -109.72 27.20
N PHE AA 309 70.45 -109.27 28.45
CA PHE AA 309 71.53 -108.36 28.82
C PHE AA 309 72.89 -109.02 28.66
N LYS AA 310 72.97 -110.33 28.91
CA LYS AA 310 74.19 -111.07 28.62
C LYS AA 310 74.33 -111.34 27.12
N ARG AA 311 73.22 -111.59 26.43
CA ARG AA 311 73.26 -111.81 24.99
C ARG AA 311 73.75 -110.58 24.25
N LEU AA 312 73.65 -109.39 24.85
CA LEU AA 312 74.20 -108.19 24.23
C LEU AA 312 75.71 -108.30 24.06
N PHE AA 313 76.40 -108.91 25.03
CA PHE AA 313 77.85 -109.05 25.00
C PHE AA 313 78.28 -110.51 24.84
N ALA AA 314 77.39 -111.38 24.38
CA ALA AA 314 77.76 -112.78 24.17
C ALA AA 314 78.79 -112.94 23.06
N LYS AA 315 78.81 -112.00 22.11
CA LYS AA 315 79.78 -112.09 21.01
C LYS AA 315 81.21 -111.93 21.50
N TYR AA 316 81.41 -111.30 22.66
CA TYR AA 316 82.73 -110.99 23.17
C TYR AA 316 83.18 -111.94 24.27
N GLY AA 317 82.83 -113.21 24.16
CA GLY AA 317 83.21 -114.19 25.15
C GLY AA 317 82.26 -114.25 26.32
N GLU AA 318 82.70 -114.95 27.36
CA GLU AA 318 81.88 -115.14 28.55
C GLU AA 318 81.77 -113.83 29.32
N PRO AA 319 80.57 -113.37 29.62
CA PRO AA 319 80.42 -112.14 30.42
C PRO AA 319 80.86 -112.36 31.86
N GLY AA 320 81.30 -111.28 32.49
CA GLY AA 320 81.74 -111.33 33.87
C GLY AA 320 80.65 -111.02 34.86
N GLU AA 321 80.92 -110.12 35.80
CA GLU AA 321 79.91 -109.73 36.79
C GLU AA 321 78.81 -108.93 36.13
N VAL AA 322 77.56 -109.32 36.39
CA VAL AA 322 76.39 -108.68 35.80
C VAL AA 322 75.53 -108.12 36.93
N PHE AA 323 75.30 -106.82 36.90
CA PHE AA 323 74.45 -106.14 37.87
C PHE AA 323 73.48 -105.25 37.11
N ILE AA 324 72.19 -105.45 37.34
CA ILE AA 324 71.14 -104.74 36.60
C ILE AA 324 70.27 -103.98 37.60
N ASN AA 325 70.04 -102.71 37.31
CA ASN AA 325 69.19 -101.83 38.13
C ASN AA 325 68.04 -101.37 37.23
N LYS AA 326 66.96 -102.15 37.21
CA LYS AA 326 65.85 -101.88 36.31
C LYS AA 326 65.13 -100.57 36.65
N GLY AA 327 65.19 -100.14 37.91
CA GLY AA 327 64.52 -98.91 38.29
C GLY AA 327 65.11 -97.68 37.61
N LYS AA 328 66.43 -97.60 37.58
CA LYS AA 328 67.11 -96.48 36.94
C LYS AA 328 67.44 -96.74 35.48
N GLY AA 329 67.46 -98.00 35.06
CA GLY AA 329 67.69 -98.33 33.66
C GLY AA 329 69.16 -98.37 33.28
N PHE AA 330 69.97 -99.06 34.07
CA PHE AA 330 71.40 -99.17 33.79
C PHE AA 330 71.88 -100.55 34.24
N GLY AA 331 72.99 -100.98 33.64
CA GLY AA 331 73.53 -102.29 33.92
C GLY AA 331 75.04 -102.31 33.76
N PHE AA 332 75.66 -103.31 34.39
CA PHE AA 332 77.11 -103.43 34.43
C PHE AA 332 77.53 -104.83 33.99
N ILE AA 333 78.49 -104.89 33.07
CA ILE AA 333 79.06 -106.15 32.61
C ILE AA 333 80.58 -106.02 32.57
N LYS AA 334 81.28 -107.01 33.12
CA LYS AA 334 82.72 -107.11 33.04
C LYS AA 334 83.10 -108.00 31.87
N LEU AA 335 84.00 -107.52 31.02
CA LEU AA 335 84.46 -108.26 29.86
C LEU AA 335 85.76 -108.99 30.19
N GLU AA 336 86.25 -109.77 29.22
CA GLU AA 336 87.44 -110.57 29.45
C GLU AA 336 88.69 -109.71 29.59
N SER AA 337 88.80 -108.67 28.76
CA SER AA 337 90.01 -107.84 28.77
C SER AA 337 89.64 -106.43 28.34
N ARG AA 338 90.61 -105.53 28.46
CA ARG AA 338 90.41 -104.14 28.05
C ARG AA 338 90.19 -104.04 26.55
N ALA AA 339 90.86 -104.89 25.78
CA ALA AA 339 90.69 -104.88 24.33
C ALA AA 339 89.26 -105.23 23.93
N LEU AA 340 88.71 -106.29 24.53
CA LEU AA 340 87.33 -106.65 24.26
C LEU AA 340 86.37 -105.58 24.73
N ALA AA 341 86.68 -104.91 25.85
CA ALA AA 341 85.87 -103.78 26.29
C ALA AA 341 85.86 -102.67 25.25
N GLU AA 342 87.03 -102.36 24.68
CA GLU AA 342 87.09 -101.32 23.66
C GLU AA 342 86.30 -101.72 22.42
N ILE AA 343 86.38 -102.98 22.01
CA ILE AA 343 85.61 -103.42 20.84
C ILE AA 343 84.11 -103.34 21.15
N ALA AA 344 83.72 -103.69 22.37
CA ALA AA 344 82.31 -103.58 22.76
C ALA AA 344 81.85 -102.13 22.73
N LYS AA 345 82.68 -101.20 23.21
CA LYS AA 345 82.36 -99.79 23.10
C LYS AA 345 82.23 -99.37 21.64
N ALA AA 346 83.11 -99.90 20.79
CA ALA AA 346 83.10 -99.54 19.38
C ALA AA 346 81.83 -100.00 18.69
N GLU AA 347 81.37 -101.22 18.97
CA GLU AA 347 80.22 -101.75 18.24
C GLU AA 347 78.89 -101.58 18.98
N LEU AA 348 78.89 -101.05 20.20
CA LEU AA 348 77.66 -100.90 20.96
C LEU AA 348 77.50 -99.47 21.46
N ASP AA 349 77.78 -98.49 20.59
CA ASP AA 349 77.61 -97.08 20.91
C ASP AA 349 76.62 -96.44 19.95
N ASP AA 350 75.69 -95.65 20.50
CA ASP AA 350 74.69 -94.92 19.72
C ASP AA 350 73.89 -95.86 18.81
N THR AA 351 73.50 -97.01 19.34
CA THR AA 351 72.72 -97.97 18.60
C THR AA 351 71.29 -98.03 19.13
N PRO AA 352 70.29 -98.20 18.26
CA PRO AA 352 68.89 -98.23 18.71
C PRO AA 352 68.58 -99.54 19.42
N MET AA 353 67.97 -99.44 20.60
CA MET AA 353 67.49 -100.59 21.37
C MET AA 353 66.00 -100.38 21.66
N ARG AA 354 65.17 -100.86 20.73
CA ARG AA 354 63.71 -100.77 20.86
C ARG AA 354 63.25 -99.32 21.05
N GLY AA 355 63.83 -98.41 20.28
CA GLY AA 355 63.48 -97.01 20.36
C GLY AA 355 64.34 -96.17 21.29
N ARG AA 356 65.40 -96.74 21.86
CA ARG AA 356 66.30 -96.02 22.74
C ARG AA 356 67.73 -96.16 22.21
N GLN AA 357 68.48 -95.06 22.27
CA GLN AA 357 69.87 -95.07 21.82
C GLN AA 357 70.77 -95.51 22.96
N LEU AA 358 71.55 -96.57 22.72
CA LEU AA 358 72.42 -97.13 23.74
C LEU AA 358 73.68 -96.28 23.87
N ARG AA 359 73.99 -95.88 25.11
CA ARG AA 359 75.18 -95.09 25.41
C ARG AA 359 75.96 -95.83 26.49
N VAL AA 360 76.81 -96.77 26.07
CA VAL AA 360 77.66 -97.48 27.00
C VAL AA 360 78.77 -96.55 27.48
N ARG AA 361 79.02 -96.54 28.79
CA ARG AA 361 79.95 -95.60 29.39
C ARG AA 361 80.88 -96.34 30.35
N PHE AA 362 82.10 -95.83 30.48
CA PHE AA 362 83.05 -96.38 31.43
C PHE AA 362 82.59 -96.10 32.86
N ALA AA 363 82.97 -97.00 33.76
CA ALA AA 363 82.60 -96.91 35.17
C ALA AA 363 83.78 -96.41 35.99
N THR AA 364 83.51 -95.48 36.90
CA THR AA 364 84.56 -94.93 37.75
C THR AA 364 85.08 -95.97 38.72
N HIS AA 365 86.40 -95.94 38.94
CA HIS AA 365 87.05 -96.86 39.87
C HIS AA 365 87.08 -96.21 41.25
N ALA AA 366 86.17 -96.62 42.13
CA ALA AA 366 86.12 -96.04 43.47
C ALA AA 366 87.32 -96.44 44.30
N ALA AA 367 87.81 -97.66 44.14
CA ALA AA 367 88.96 -98.16 44.91
C ALA AA 367 90.27 -97.79 44.20
N ALA AA 368 90.41 -96.50 43.93
CA ALA AA 368 91.60 -95.96 43.29
C ALA AA 368 92.10 -94.76 44.10
N LEU AA 369 93.42 -94.65 44.22
CA LEU AA 369 94.05 -93.60 45.01
C LEU AA 369 95.03 -92.83 44.14
N SER AA 370 94.93 -91.50 44.19
CA SER AA 370 95.89 -90.65 43.49
C SER AA 370 97.20 -90.64 44.26
N VAL AA 371 98.29 -90.96 43.57
CA VAL AA 371 99.61 -91.07 44.17
C VAL AA 371 100.55 -90.11 43.46
N ARG AA 372 101.35 -89.39 44.25
CA ARG AA 372 102.21 -88.33 43.72
C ARG AA 372 103.51 -88.32 44.51
N ASN AA 373 104.42 -87.44 44.06
CA ASN AA 373 105.76 -87.30 44.64
C ASN AA 373 106.53 -88.62 44.57
N LEU AA 374 106.80 -89.05 43.33
CA LEU AA 374 107.60 -90.23 43.06
C LEU AA 374 108.80 -89.86 42.20
N SER AA 375 109.84 -90.69 42.29
CA SER AA 375 111.02 -90.51 41.47
C SER AA 375 110.67 -90.72 40.00
N PRO AA 376 111.39 -90.06 39.09
CA PRO AA 376 111.17 -90.34 37.66
C PRO AA 376 111.52 -91.76 37.26
N TYR AA 377 112.29 -92.49 38.07
CA TYR AA 377 112.75 -93.82 37.71
C TYR AA 377 111.76 -94.92 38.07
N VAL AA 378 110.65 -94.59 38.75
CA VAL AA 378 109.71 -95.63 39.17
C VAL AA 378 108.96 -96.15 37.95
N SER AA 379 108.80 -97.47 37.88
CA SER AA 379 108.06 -98.10 36.81
C SER AA 379 106.66 -98.45 37.28
N ASN AA 380 105.79 -98.75 36.31
CA ASN AA 380 104.45 -99.23 36.65
C ASN AA 380 104.52 -100.54 37.41
N GLU AA 381 105.41 -101.44 36.99
CA GLU AA 381 105.62 -102.68 37.72
C GLU AA 381 106.20 -102.42 39.10
N LEU AA 382 107.13 -101.47 39.22
CA LEU AA 382 107.62 -101.08 40.53
C LEU AA 382 106.51 -100.51 41.39
N LEU AA 383 105.64 -99.68 40.80
CA LEU AA 383 104.53 -99.11 41.54
C LEU AA 383 103.59 -100.19 42.05
N GLU AA 384 103.28 -101.19 41.22
CA GLU AA 384 102.38 -102.25 41.65
C GLU AA 384 103.04 -103.17 42.66
N GLU AA 385 104.36 -103.40 42.54
CA GLU AA 385 105.07 -104.20 43.53
C GLU AA 385 105.08 -103.50 44.89
N ALA AA 386 105.31 -102.19 44.90
CA ALA AA 386 105.34 -101.45 46.16
C ALA AA 386 103.98 -101.47 46.84
N PHE AA 387 102.91 -101.28 46.08
CA PHE AA 387 101.56 -101.23 46.64
C PHE AA 387 100.89 -102.59 46.69
N SER AA 388 101.55 -103.65 46.24
CA SER AA 388 100.97 -104.99 46.32
C SER AA 388 100.78 -105.44 47.75
N GLN AA 389 101.58 -104.92 48.69
CA GLN AA 389 101.45 -105.33 50.09
C GLN AA 389 100.12 -104.85 50.67
N PHE AA 390 99.61 -103.71 50.19
CA PHE AA 390 98.33 -103.21 50.67
C PHE AA 390 97.14 -103.91 50.04
N GLY AA 391 97.35 -104.56 48.89
CA GLY AA 391 96.28 -105.26 48.22
C GLY AA 391 96.58 -105.56 46.77
N PRO AA 392 95.71 -106.34 46.13
CA PRO AA 392 95.91 -106.66 44.71
C PRO AA 392 95.87 -105.43 43.83
N ILE AA 393 96.66 -105.46 42.77
CA ILE AA 393 96.78 -104.35 41.84
C ILE AA 393 96.03 -104.72 40.57
N GLU AA 394 94.91 -104.04 40.32
CA GLU AA 394 94.22 -104.20 39.05
C GLU AA 394 95.05 -103.58 37.92
N ARG AA 395 95.48 -102.32 38.09
CA ARG AA 395 96.34 -101.67 37.12
C ARG AA 395 97.01 -100.49 37.81
N ALA AA 396 98.32 -100.57 38.02
CA ALA AA 396 99.10 -99.48 38.59
C ALA AA 396 99.89 -98.83 37.46
N VAL AA 397 99.58 -97.58 37.16
CA VAL AA 397 100.22 -96.85 36.08
C VAL AA 397 100.52 -95.43 36.55
N VAL AA 398 101.69 -94.93 36.19
CA VAL AA 398 102.09 -93.56 36.51
C VAL AA 398 101.77 -92.67 35.32
N ILE AA 399 101.34 -91.44 35.61
CA ILE AA 399 100.98 -90.51 34.55
C ILE AA 399 102.24 -90.08 33.80
N VAL AA 400 102.16 -90.10 32.47
CA VAL AA 400 103.29 -89.79 31.61
C VAL AA 400 102.85 -88.77 30.57
N ASP AA 401 103.69 -87.77 30.34
CA ASP AA 401 103.40 -86.72 29.37
C ASP AA 401 103.67 -87.22 27.96
N ASP AA 402 103.64 -86.31 26.98
CA ASP AA 402 103.80 -86.69 25.59
C ASP AA 402 105.23 -87.09 25.28
N ARG AA 403 106.21 -86.43 25.91
CA ARG AA 403 107.61 -86.72 25.61
C ARG AA 403 108.09 -88.04 26.20
N GLY AA 404 107.28 -88.69 27.05
CA GLY AA 404 107.63 -89.97 27.63
C GLY AA 404 108.12 -89.90 29.05
N ARG AA 405 108.45 -88.72 29.57
CA ARG AA 405 108.92 -88.60 30.94
C ARG AA 405 107.76 -88.80 31.92
N SER AA 406 108.04 -89.51 33.01
CA SER AA 406 107.02 -89.76 34.01
C SER AA 406 106.76 -88.50 34.83
N THR AA 407 105.49 -88.09 34.90
CA THR AA 407 105.13 -86.81 35.51
C THR AA 407 105.39 -86.76 37.01
N GLY AA 408 105.67 -87.90 37.64
CA GLY AA 408 105.82 -87.97 39.08
C GLY AA 408 104.52 -88.17 39.83
N LYS AA 409 103.39 -88.10 39.14
CA LYS AA 409 102.08 -88.43 39.68
C LYS AA 409 101.55 -89.65 38.97
N GLY AA 410 100.75 -90.44 39.67
CA GLY AA 410 100.19 -91.65 39.09
C GLY AA 410 98.86 -91.99 39.72
N ILE AA 411 98.24 -93.03 39.16
CA ILE AA 411 96.99 -93.57 39.68
C ILE AA 411 97.14 -95.08 39.82
N VAL AA 412 96.76 -95.61 40.98
CA VAL AA 412 96.80 -97.04 41.26
C VAL AA 412 95.39 -97.51 41.54
N GLU AA 413 94.99 -98.59 40.87
CA GLU AA 413 93.65 -99.15 41.01
C GLU AA 413 93.73 -100.40 41.88
N PHE AA 414 93.06 -100.37 43.01
CA PHE AA 414 93.04 -101.48 43.95
C PHE AA 414 91.81 -102.35 43.73
N ALA AA 415 91.99 -103.65 43.89
CA ALA AA 415 90.88 -104.58 43.64
C ALA AA 415 89.72 -104.35 44.59
N SER AA 416 90.01 -104.10 45.87
CA SER AA 416 89.00 -103.95 46.90
C SER AA 416 89.11 -102.59 47.56
N LYS AA 417 87.96 -101.98 47.83
CA LYS AA 417 87.92 -100.73 48.59
C LYS AA 417 88.59 -100.83 49.96
N PRO AA 418 88.41 -101.89 50.76
CA PRO AA 418 89.15 -101.96 52.03
C PRO AA 418 90.65 -101.91 51.86
N ALA AA 419 91.19 -102.53 50.81
CA ALA AA 419 92.62 -102.45 50.56
C ALA AA 419 93.05 -101.01 50.29
N ALA AA 420 92.29 -100.29 49.48
CA ALA AA 420 92.62 -98.90 49.17
C ALA AA 420 92.55 -98.03 50.42
N ARG AA 421 91.51 -98.21 51.24
CA ARG AA 421 91.39 -97.39 52.43
C ARG AA 421 92.47 -97.73 53.45
N LYS AA 422 92.84 -99.01 53.56
CA LYS AA 422 93.93 -99.39 54.44
C LYS AA 422 95.24 -98.77 53.98
N ALA AA 423 95.49 -98.80 52.67
CA ALA AA 423 96.69 -98.18 52.13
C ALA AA 423 96.71 -96.68 52.44
N PHE AA 424 95.58 -96.01 52.24
CA PHE AA 424 95.52 -94.57 52.49
C PHE AA 424 95.78 -94.24 53.95
N GLU AA 425 95.07 -94.92 54.86
CA GLU AA 425 95.24 -94.65 56.28
C GLU AA 425 96.65 -94.99 56.75
N ARG AA 426 97.20 -96.12 56.27
CA ARG AA 426 98.51 -96.56 56.71
C ARG AA 426 99.61 -95.64 56.19
N CYS AA 427 99.43 -95.09 54.98
CA CYS AA 427 100.39 -94.11 54.48
C CYS AA 427 100.23 -92.76 55.18
N SER AA 428 99.01 -92.43 55.62
CA SER AA 428 98.80 -91.16 56.31
C SER AA 428 99.41 -91.19 57.70
N GLU AA 429 99.16 -92.25 58.48
CA GLU AA 429 99.69 -92.30 59.83
C GLU AA 429 101.19 -92.58 59.83
N GLY AA 430 101.64 -93.47 58.96
CA GLY AA 430 103.05 -93.82 58.85
C GLY AA 430 103.72 -93.18 57.66
N VAL AA 431 104.80 -93.80 57.21
CA VAL AA 431 105.54 -93.34 56.05
C VAL AA 431 105.83 -94.53 55.15
N PHE AA 432 105.46 -94.44 53.88
CA PHE AA 432 105.81 -95.42 52.88
C PHE AA 432 106.91 -94.88 51.97
N LEU AA 433 107.81 -95.77 51.56
CA LEU AA 433 108.90 -95.40 50.67
C LEU AA 433 109.04 -96.45 49.58
N LEU AA 434 109.55 -96.02 48.44
CA LEU AA 434 109.72 -96.88 47.27
C LEU AA 434 111.14 -96.90 46.74
N THR AA 435 111.92 -95.84 46.93
CA THR AA 435 113.22 -95.68 46.28
C THR AA 435 114.28 -95.47 47.35
N THR AA 436 115.54 -95.75 46.99
CA THR AA 436 116.62 -95.61 47.96
C THR AA 436 116.73 -94.17 48.45
N THR AA 437 116.58 -93.20 47.56
CA THR AA 437 116.39 -91.83 48.01
C THR AA 437 115.12 -91.78 48.85
N PRO AA 438 115.22 -91.60 50.17
CA PRO AA 438 114.05 -91.81 51.02
C PRO AA 438 113.00 -90.72 50.87
N ARG AA 439 112.40 -90.65 49.69
CA ARG AA 439 111.30 -89.73 49.42
C ARG AA 439 109.99 -90.46 49.68
N PRO AA 440 109.21 -90.05 50.69
CA PRO AA 440 107.99 -90.79 51.01
C PRO AA 440 106.94 -90.68 49.92
N VAL AA 441 106.05 -91.66 49.89
CA VAL AA 441 104.93 -91.67 48.96
C VAL AA 441 103.73 -91.04 49.63
N ILE AA 442 103.14 -90.05 48.98
CA ILE AA 442 101.99 -89.32 49.50
C ILE AA 442 100.81 -89.61 48.60
N VAL AA 443 99.72 -90.10 49.19
CA VAL AA 443 98.54 -90.53 48.45
C VAL AA 443 97.33 -89.76 48.96
N GLU AA 444 96.51 -89.30 48.02
CA GLU AA 444 95.26 -88.62 48.30
C GLU AA 444 94.15 -89.26 47.48
N PRO AA 445 92.90 -89.21 47.96
CA PRO AA 445 91.80 -89.76 47.17
C PRO AA 445 91.66 -89.04 45.84
N LEU AA 446 91.38 -89.81 44.80
CA LEU AA 446 91.25 -89.24 43.46
C LEU AA 446 89.93 -88.52 43.29
N GLU AA 447 89.94 -87.49 42.45
CA GLU AA 447 88.73 -86.83 41.99
C GLU AA 447 88.51 -87.20 40.52
N GLN AA 448 87.35 -87.75 40.22
CA GLN AA 448 87.08 -88.30 38.90
C GLN AA 448 86.65 -87.20 37.93
N LEU AA 449 87.35 -87.12 36.80
CA LEU AA 449 87.04 -86.19 35.73
C LEU AA 449 86.76 -86.96 34.44
N ASP AA 450 85.71 -86.56 33.74
CA ASP AA 450 85.32 -87.19 32.48
C ASP AA 450 85.48 -86.18 31.35
N ASP AA 451 86.02 -86.65 30.22
CA ASP AA 451 86.27 -85.79 29.07
C ASP AA 451 85.28 -85.97 27.94
N GLU AA 452 84.65 -87.14 27.82
CA GLU AA 452 83.69 -87.37 26.74
C GLU AA 452 82.28 -86.95 27.11
N ASP AA 453 81.92 -86.99 28.39
CA ASP AA 453 80.60 -86.59 28.86
C ASP AA 453 80.72 -85.34 29.71
N GLY AA 454 79.95 -84.31 29.36
CA GLY AA 454 79.98 -83.06 30.10
C GLY AA 454 78.62 -82.68 30.66
N LEU AA 455 78.15 -81.49 30.30
CA LEU AA 455 76.86 -80.98 30.78
C LEU AA 455 75.91 -80.84 29.60
N PRO AA 456 74.93 -81.73 29.46
CA PRO AA 456 73.95 -81.58 28.38
C PRO AA 456 72.94 -80.49 28.70
N GLU AA 457 72.25 -80.02 27.65
CA GLU AA 457 71.27 -78.96 27.83
C GLU AA 457 70.10 -79.41 28.69
N LYS AA 458 69.76 -80.69 28.65
CA LYS AA 458 68.63 -81.19 29.43
C LYS AA 458 68.81 -80.89 30.91
N LEU AA 459 70.02 -81.13 31.43
CA LEU AA 459 70.32 -80.70 32.80
C LEU AA 459 70.62 -79.21 32.86
N ALA AA 460 71.19 -78.65 31.79
CA ALA AA 460 71.61 -77.25 31.81
C ALA AA 460 70.42 -76.32 31.71
N GLN AA 461 69.43 -76.65 30.87
CA GLN AA 461 68.30 -75.75 30.66
C GLN AA 461 67.31 -75.76 31.82
N LYS AA 462 67.52 -76.62 32.82
CA LYS AA 462 66.65 -76.62 34.00
C LYS AA 462 66.71 -75.30 34.74
N ASN AA 463 67.78 -74.53 34.58
CA ASN AA 463 67.86 -73.23 35.21
C ASN AA 463 66.86 -72.28 34.57
N PRO AA 464 65.95 -71.68 35.34
CA PRO AA 464 64.99 -70.73 34.76
C PRO AA 464 65.63 -69.47 34.22
N MET AA 465 66.85 -69.16 34.61
CA MET AA 465 67.54 -67.97 34.14
C MET AA 465 68.49 -68.26 32.98
N TYR AA 466 68.87 -69.52 32.78
CA TYR AA 466 69.77 -69.86 31.69
C TYR AA 466 69.20 -69.46 30.34
N GLN AA 467 67.92 -69.75 30.10
CA GLN AA 467 67.32 -69.43 28.81
C GLN AA 467 67.29 -67.92 28.56
N LYS AA 468 66.98 -67.14 29.58
CA LYS AA 468 67.00 -65.68 29.46
C LYS AA 468 68.42 -65.12 29.44
N GLU AA 469 69.42 -65.96 29.69
CA GLU AA 469 70.82 -65.47 29.77
C GLU AA 469 71.53 -65.63 28.41
N ARG AA 470 70.91 -66.32 27.45
CA ARG AA 470 71.56 -66.59 26.18
C ARG AA 470 71.26 -65.54 25.11
N GLU AA 471 70.55 -64.46 25.46
CA GLU AA 471 70.15 -63.49 24.45
C GLU AA 471 71.35 -62.84 23.78
N THR AA 472 72.44 -62.68 24.50
CA THR AA 472 73.65 -62.09 23.92
C THR AA 472 74.46 -63.15 23.19
N PRO AA 473 74.75 -62.98 21.90
CA PRO AA 473 75.57 -63.97 21.21
C PRO AA 473 77.00 -63.93 21.72
N PRO AA 474 77.70 -65.06 21.70
CA PRO AA 474 79.13 -65.05 22.07
C PRO AA 474 79.92 -64.15 21.15
N ARG AA 475 80.66 -63.21 21.74
CA ARG AA 475 81.37 -62.20 20.97
C ARG AA 475 82.69 -61.92 21.67
N PHE AA 476 83.43 -60.94 21.13
CA PHE AA 476 84.69 -60.49 21.70
C PHE AA 476 84.58 -59.10 22.30
N ALA AA 477 83.36 -58.67 22.65
CA ALA AA 477 83.09 -57.33 23.15
C ALA AA 477 83.50 -56.27 22.14
N GLN AA 478 83.53 -55.01 22.56
CA GLN AA 478 83.89 -53.92 21.67
C GLN AA 478 84.63 -52.86 22.47
N HIS AA 479 85.66 -52.28 21.86
CA HIS AA 479 86.44 -51.24 22.51
C HIS AA 479 85.55 -50.07 22.90
N GLY AA 480 85.72 -49.59 24.14
CA GLY AA 480 84.95 -48.49 24.67
C GLY AA 480 83.72 -48.88 25.45
N THR AA 481 83.33 -50.15 25.43
CA THR AA 481 82.16 -50.61 26.17
C THR AA 481 82.55 -51.02 27.58
N PHE AA 482 81.55 -51.13 28.45
CA PHE AA 482 81.79 -51.56 29.82
C PHE AA 482 82.32 -52.99 29.85
N GLU AA 483 81.80 -53.85 28.98
CA GLU AA 483 82.25 -55.24 28.95
C GLU AA 483 83.74 -55.31 28.66
N TYR AA 484 84.23 -54.49 27.74
CA TYR AA 484 85.66 -54.49 27.43
C TYR AA 484 86.50 -54.07 28.64
N GLU AA 485 86.09 -53.02 29.33
CA GLU AA 485 86.87 -52.52 30.46
C GLU AA 485 86.88 -53.54 31.60
N TYR AA 486 85.71 -54.09 31.93
CA TYR AA 486 85.67 -55.07 33.01
C TYR AA 486 86.39 -56.35 32.63
N SER AA 487 86.40 -56.69 31.33
CA SER AA 487 87.18 -57.84 30.88
C SER AA 487 88.67 -57.58 31.02
N GLN AA 488 89.11 -56.36 30.74
CA GLN AA 488 90.51 -56.01 30.99
C GLN AA 488 90.83 -56.13 32.47
N ARG AA 489 89.91 -55.69 33.34
CA ARG AA 489 90.10 -55.85 34.77
C ARG AA 489 90.19 -57.32 35.18
N TRP AA 490 89.42 -58.19 34.52
CA TRP AA 490 89.51 -59.61 34.78
C TRP AA 490 90.83 -60.20 34.27
N LYS AA 491 91.30 -59.73 33.11
CA LYS AA 491 92.57 -60.21 32.57
C LYS AA 491 93.73 -59.81 33.47
N SER AA 492 93.67 -58.63 34.08
CA SER AA 492 94.71 -58.25 35.04
C SER AA 492 94.76 -59.21 36.22
N LEU AA 493 93.60 -59.57 36.76
CA LEU AA 493 93.55 -60.53 37.84
C LEU AA 493 94.07 -61.88 37.40
N ASP AA 494 93.76 -62.30 36.17
CA ASP AA 494 94.28 -63.55 35.66
C ASP AA 494 95.81 -63.52 35.55
N GLU AA 495 96.35 -62.38 35.10
CA GLU AA 495 97.80 -62.24 35.01
C GLU AA 495 98.45 -62.36 36.39
N MET AA 496 97.86 -61.72 37.40
CA MET AA 496 98.43 -61.85 38.74
C MET AA 496 98.26 -63.27 39.28
N GLU AA 497 97.19 -63.96 38.87
CA GLU AA 497 97.05 -65.39 39.17
C GLU AA 497 98.26 -66.14 38.66
N LYS AA 498 98.58 -65.94 37.38
CA LYS AA 498 99.70 -66.65 36.79
C LYS AA 498 101.00 -66.31 37.50
N GLN AA 499 101.20 -65.04 37.85
CA GLN AA 499 102.43 -64.63 38.51
C GLN AA 499 102.59 -65.31 39.86
N GLN AA 500 101.53 -65.27 40.68
CA GLN AA 500 101.57 -65.90 42.02
C GLN AA 500 101.84 -67.40 41.85
N ARG AA 501 101.11 -68.05 40.95
CA ARG AA 501 101.28 -69.49 40.75
C ARG AA 501 102.73 -69.83 40.39
N GLU AA 502 103.27 -69.15 39.38
CA GLU AA 502 104.62 -69.48 38.92
C GLU AA 502 105.66 -69.16 39.98
N GLN AA 503 105.46 -68.10 40.78
CA GLN AA 503 106.40 -67.86 41.88
C GLN AA 503 106.34 -68.99 42.89
N VAL AA 504 105.15 -69.53 43.14
CA VAL AA 504 105.03 -70.65 44.08
C VAL AA 504 105.79 -71.86 43.55
N GLU AA 505 105.59 -72.19 42.27
CA GLU AA 505 106.30 -73.36 41.73
C GLU AA 505 107.80 -73.13 41.69
N LYS AA 506 108.23 -71.91 41.39
CA LYS AA 506 109.67 -71.61 41.38
C LYS AA 506 110.27 -71.82 42.77
N ASN AA 507 109.58 -71.32 43.80
CA ASN AA 507 110.04 -71.52 45.17
C ASN AA 507 110.12 -73.01 45.51
N MET AA 508 109.13 -73.78 45.07
CA MET AA 508 109.14 -75.21 45.39
C MET AA 508 110.26 -75.95 44.66
N LYS AA 509 110.54 -75.57 43.40
CA LYS AA 509 111.67 -76.17 42.70
C LYS AA 509 112.99 -75.83 43.39
N ASP AA 510 113.13 -74.58 43.86
CA ASP AA 510 114.33 -74.21 44.61
C ASP AA 510 114.45 -75.04 45.88
N ALA AA 511 113.34 -75.26 46.58
CA ALA AA 511 113.36 -76.07 47.79
C ALA AA 511 113.75 -77.51 47.48
N LYS AA 512 113.22 -78.07 46.39
CA LYS AA 512 113.57 -79.42 46.00
C LYS AA 512 115.05 -79.54 45.68
N ASP AA 513 115.59 -78.56 44.95
CA ASP AA 513 117.02 -78.59 44.63
C ASP AA 513 117.87 -78.48 45.89
N LYS AA 514 117.51 -77.55 46.79
CA LYS AA 514 118.30 -77.36 48.00
C LYS AA 514 118.24 -78.58 48.90
N LEU AA 515 117.14 -79.33 48.88
CA LEU AA 515 117.10 -80.58 49.62
C LEU AA 515 117.90 -81.68 48.92
N GLU AA 516 117.85 -81.72 47.58
CA GLU AA 516 118.63 -82.72 46.85
C GLU AA 516 120.12 -82.54 47.09
N SER AA 517 120.59 -81.31 47.29
CA SER AA 517 122.01 -81.07 47.49
C SER AA 517 122.49 -81.44 48.89
N GLU AA 518 121.59 -81.84 49.79
CA GLU AA 518 121.90 -81.98 51.21
C GLU AA 518 122.04 -83.42 51.67
N MET AA 519 121.95 -84.41 50.77
CA MET AA 519 121.81 -85.80 51.20
C MET AA 519 123.08 -86.34 51.84
N GLU AA 520 124.23 -86.14 51.19
CA GLU AA 520 125.48 -86.65 51.75
C GLU AA 520 125.80 -86.00 53.10
N ASP AA 521 125.55 -84.69 53.21
CA ASP AA 521 125.82 -83.99 54.46
C ASP AA 521 124.96 -84.55 55.59
N ALA AA 522 123.66 -84.72 55.34
CA ALA AA 522 122.77 -85.23 56.37
C ALA AA 522 123.13 -86.67 56.76
N TYR AA 523 123.43 -87.52 55.77
CA TYR AA 523 123.80 -88.89 56.06
C TYR AA 523 125.07 -88.95 56.90
N HIS AA 524 126.09 -88.19 56.51
CA HIS AA 524 127.34 -88.18 57.26
C HIS AA 524 127.15 -87.63 58.67
N GLU AA 525 126.32 -86.59 58.81
CA GLU AA 525 126.07 -86.03 60.13
C GLU AA 525 125.37 -87.03 61.04
N HIS AA 526 124.36 -87.74 60.52
CA HIS AA 526 123.68 -88.73 61.33
C HIS AA 526 124.62 -89.86 61.73
N GLN AA 527 125.44 -90.33 60.78
CA GLN AA 527 126.39 -91.39 61.10
C GLN AA 527 127.40 -90.94 62.16
N ALA AA 528 127.90 -89.71 62.03
CA ALA AA 528 128.85 -89.20 63.01
C ALA AA 528 128.19 -89.05 64.38
N ASN AA 529 126.94 -88.58 64.43
CA ASN AA 529 126.24 -88.46 65.70
C ASN AA 529 126.06 -89.81 66.36
N LEU AA 530 125.69 -90.83 65.58
CA LEU AA 530 125.56 -92.18 66.14
C LEU AA 530 126.90 -92.69 66.66
N LEU AA 531 127.97 -92.47 65.90
CA LEU AA 531 129.29 -92.91 66.34
C LEU AA 531 129.70 -92.21 67.62
N ARG AA 532 129.41 -90.91 67.74
CA ARG AA 532 129.78 -90.18 68.96
C ARG AA 532 128.96 -90.63 70.16
N GLN AA 533 127.67 -90.94 69.96
CA GLN AA 533 126.88 -91.50 71.06
C GLN AA 533 127.45 -92.83 71.51
N ASP AA 534 127.83 -93.69 70.56
CA ASP AA 534 128.45 -94.96 70.92
C ASP AA 534 129.76 -94.73 71.68
N LEU AA 535 130.56 -93.76 71.22
CA LEU AA 535 131.85 -93.48 71.84
C LEU AA 535 131.67 -92.99 73.27
N MET AA 536 130.69 -92.12 73.52
CA MET AA 536 130.48 -91.61 74.86
C MET AA 536 129.93 -92.72 75.78
N ARG AA 537 129.12 -93.63 75.22
CA ARG AA 537 128.67 -94.77 76.01
C ARG AA 537 129.85 -95.64 76.43
N ARG AA 538 130.74 -95.94 75.48
CA ARG AA 538 131.94 -96.71 75.83
C ARG AA 538 132.81 -95.99 76.85
N GLN AA 539 132.93 -94.66 76.72
CA GLN AA 539 133.73 -93.89 77.65
C GLN AA 539 133.15 -93.95 79.06
N GLU AA 540 131.83 -93.82 79.18
CA GLU AA 540 131.18 -93.92 80.49
C GLU AA 540 131.38 -95.31 81.10
N GLU AA 541 131.22 -96.35 80.29
CA GLU AA 541 131.43 -97.71 80.79
C GLU AA 541 132.88 -97.91 81.24
N LEU AA 542 133.83 -97.38 80.47
CA LEU AA 542 135.23 -97.48 80.84
C LEU AA 542 135.51 -96.74 82.14
N ARG AA 543 134.93 -95.56 82.31
CA ARG AA 543 135.13 -94.82 83.56
C ARG AA 543 134.57 -95.60 84.75
N ARG AA 544 133.38 -96.18 84.59
CA ARG AA 544 132.80 -96.95 85.69
C ARG AA 544 133.67 -98.16 86.03
N MET AA 545 134.11 -98.90 85.03
CA MET AA 545 134.94 -100.07 85.29
C MET AA 545 136.28 -99.67 85.90
N GLU AA 546 136.83 -98.54 85.47
CA GLU AA 546 138.10 -98.08 86.02
C GLU AA 546 137.97 -97.69 87.48
N GLU AA 547 136.92 -96.96 87.84
CA GLU AA 547 136.75 -96.58 89.24
C GLU AA 547 136.48 -97.80 90.11
N LEU AA 548 135.69 -98.76 89.61
CA LEU AA 548 135.46 -99.98 90.37
C LEU AA 548 136.77 -100.76 90.56
N HIS AA 549 137.57 -100.87 89.51
CA HIS AA 549 138.85 -101.57 89.61
C HIS AA 549 139.78 -100.86 90.57
N SER AA 550 139.79 -99.52 90.56
CA SER AA 550 140.61 -98.78 91.50
C SER AA 550 140.19 -99.03 92.94
N GLN AA 551 138.88 -99.07 93.19
CA GLN AA 551 138.40 -99.38 94.55
C GLN AA 551 138.81 -100.79 94.97
N GLU AA 552 138.69 -101.76 94.08
CA GLU AA 552 139.07 -103.13 94.43
C GLU AA 552 140.57 -103.26 94.67
N MET AA 553 141.39 -102.58 93.85
CA MET AA 553 142.83 -102.57 94.10
C MET AA 553 143.17 -101.91 95.42
N GLN AA 554 142.46 -100.83 95.77
CA GLN AA 554 142.69 -100.19 97.07
C GLN AA 554 142.38 -101.15 98.21
N LYS AA 555 141.25 -101.87 98.11
CA LYS AA 555 140.91 -102.84 99.14
C LYS AA 555 141.95 -103.96 99.22
N ARG AA 556 142.41 -104.44 98.07
CA ARG AA 556 143.43 -105.49 98.04
C ARG AA 556 144.71 -105.01 98.71
N LYS AA 557 145.14 -103.79 98.41
CA LYS AA 557 146.35 -103.25 99.02
C LYS AA 557 146.17 -103.10 100.52
N GLU AA 558 145.01 -102.62 100.95
CA GLU AA 558 144.76 -102.44 102.39
C GLU AA 558 144.81 -103.77 103.12
N MET AA 559 144.21 -104.82 102.54
CA MET AA 559 144.27 -106.11 103.23
C MET AA 559 145.63 -106.76 103.10
N GLN AA 560 146.43 -106.38 102.10
CA GLN AA 560 147.76 -106.94 101.97
C GLN AA 560 148.73 -106.34 102.99
N LEU AA 561 148.67 -105.03 103.20
CA LEU AA 561 149.55 -104.41 104.21
C LEU AA 561 149.24 -104.92 105.61
N ARG AA 562 147.98 -105.14 105.92
CA ARG AA 562 147.60 -105.64 107.24
C ARG AA 562 148.16 -107.04 107.48
N LYS BA 69 82.54 -87.86 13.77
CA LYS BA 69 83.03 -87.31 12.50
C LYS BA 69 84.16 -88.17 11.94
N THR BA 70 84.05 -88.51 10.66
CA THR BA 70 85.03 -89.37 10.03
C THR BA 70 86.33 -88.63 9.76
N PHE BA 71 87.43 -89.38 9.73
CA PHE BA 71 88.77 -88.84 9.48
C PHE BA 71 89.11 -87.73 10.46
N THR BA 72 88.73 -87.92 11.72
CA THR BA 72 89.05 -86.96 12.76
C THR BA 72 90.49 -87.14 13.24
N GLN BA 73 91.02 -86.11 13.88
CA GLN BA 73 92.36 -86.17 14.44
C GLN BA 73 92.45 -87.15 15.61
N ARG BA 74 91.35 -87.39 16.31
CA ARG BA 74 91.33 -88.42 17.33
C ARG BA 74 91.58 -89.80 16.73
N SER BA 75 91.13 -90.03 15.50
CA SER BA 75 91.30 -91.31 14.83
C SER BA 75 92.73 -91.56 14.36
N ARG BA 76 93.59 -90.55 14.40
CA ARG BA 76 94.98 -90.73 13.98
C ARG BA 76 95.68 -91.70 14.91
N LEU BA 77 96.37 -92.67 14.34
CA LEU BA 77 97.10 -93.68 15.12
C LEU BA 77 98.59 -93.58 14.82
N PHE BA 78 99.40 -93.91 15.82
CA PHE BA 78 100.85 -93.94 15.70
C PHE BA 78 101.28 -95.41 15.63
N VAL BA 79 101.77 -95.82 14.47
CA VAL BA 79 102.22 -97.19 14.24
C VAL BA 79 103.73 -97.15 14.03
N GLY BA 80 104.45 -97.93 14.84
CA GLY BA 80 105.90 -97.97 14.79
C GLY BA 80 106.43 -99.38 14.55
N ASN BA 81 107.75 -99.47 14.56
CA ASN BA 81 108.46 -100.75 14.38
C ASN BA 81 108.09 -101.41 13.06
N LEU BA 82 107.88 -100.59 12.03
CA LEU BA 82 107.58 -101.11 10.70
C LEU BA 82 108.85 -101.65 10.06
N PRO BA 83 108.73 -102.68 9.22
CA PRO BA 83 109.91 -103.21 8.55
C PRO BA 83 110.52 -102.19 7.62
N PRO BA 84 111.84 -102.23 7.42
CA PRO BA 84 112.48 -101.23 6.56
C PRO BA 84 111.97 -101.22 5.13
N ASP BA 85 111.60 -102.37 4.58
CA ASP BA 85 111.03 -102.45 3.24
C ASP BA 85 109.55 -102.05 3.27
N ILE BA 86 109.32 -100.77 3.57
CA ILE BA 86 107.99 -100.23 3.80
C ILE BA 86 107.50 -99.56 2.53
N THR BA 87 106.18 -99.51 2.35
CA THR BA 87 105.59 -98.86 1.19
C THR BA 87 104.14 -98.50 1.49
N GLU BA 88 103.61 -97.58 0.68
CA GLU BA 88 102.25 -97.08 0.88
C GLU BA 88 101.22 -98.18 0.66
N GLU BA 89 101.39 -98.98 -0.39
CA GLU BA 89 100.41 -100.00 -0.74
C GLU BA 89 100.33 -101.08 0.34
N GLU BA 90 101.45 -101.43 0.96
CA GLU BA 90 101.42 -102.42 2.03
C GLU BA 90 100.61 -101.92 3.22
N MET BA 91 100.74 -100.64 3.56
CA MET BA 91 99.95 -100.09 4.66
C MET BA 91 98.49 -99.95 4.30
N ARG BA 92 98.18 -99.64 3.03
CA ARG BA 92 96.79 -99.62 2.61
C ARG BA 92 96.17 -101.01 2.64
N LYS BA 93 96.96 -102.04 2.35
CA LYS BA 93 96.46 -103.42 2.45
C LYS BA 93 96.32 -103.86 3.89
N LEU BA 94 97.23 -103.42 4.76
CA LEU BA 94 97.19 -103.84 6.16
C LEU BA 94 95.93 -103.32 6.84
N PHE BA 95 95.56 -102.06 6.58
CA PHE BA 95 94.35 -101.47 7.12
C PHE BA 95 93.16 -101.61 6.18
N GLU BA 96 93.23 -102.55 5.23
CA GLU BA 96 92.13 -102.75 4.29
C GLU BA 96 90.86 -103.20 5.00
N LYS BA 97 90.99 -104.03 6.05
CA LYS BA 97 89.83 -104.42 6.83
C LYS BA 97 89.21 -103.25 7.55
N TYR BA 98 89.96 -102.16 7.76
CA TYR BA 98 89.49 -100.97 8.46
C TYR BA 98 89.17 -99.84 7.49
N GLY BA 99 88.61 -100.18 6.33
CA GLY BA 99 88.14 -99.20 5.38
C GLY BA 99 89.28 -98.39 4.78
N LYS BA 100 88.95 -97.16 4.39
CA LYS BA 100 89.92 -96.28 3.77
C LYS BA 100 90.84 -95.67 4.81
N ALA BA 101 91.95 -95.11 4.32
CA ALA BA 101 92.95 -94.50 5.18
C ALA BA 101 93.23 -93.08 4.71
N GLY BA 102 93.72 -92.26 5.63
CA GLY BA 102 94.04 -90.88 5.31
C GLY BA 102 95.39 -90.75 4.62
N GLU BA 103 96.19 -89.77 5.03
CA GLU BA 103 97.53 -89.62 4.47
C GLU BA 103 98.41 -90.79 4.92
N VAL BA 104 99.12 -91.38 3.97
CA VAL BA 104 99.97 -92.53 4.25
C VAL BA 104 101.40 -92.02 4.25
N PHE BA 105 101.90 -91.67 5.43
CA PHE BA 105 103.23 -91.11 5.61
C PHE BA 105 104.05 -92.01 6.53
N ILE BA 106 105.17 -92.52 6.03
CA ILE BA 106 106.06 -93.37 6.79
C ILE BA 106 107.49 -92.93 6.54
N HIS BA 107 108.31 -92.99 7.59
CA HIS BA 107 109.75 -92.76 7.49
C HIS BA 107 110.41 -94.10 7.18
N LYS BA 108 111.00 -94.22 5.99
CA LYS BA 108 111.56 -95.50 5.56
C LYS BA 108 112.72 -95.92 6.46
N ASP BA 109 113.62 -94.98 6.78
CA ASP BA 109 114.77 -95.32 7.61
C ASP BA 109 114.37 -95.50 9.06
N LYS BA 110 113.49 -94.64 9.57
CA LYS BA 110 113.15 -94.68 10.99
C LYS BA 110 112.25 -95.86 11.33
N GLY BA 111 111.43 -96.30 10.39
CA GLY BA 111 110.61 -97.47 10.60
C GLY BA 111 109.28 -97.22 11.29
N PHE BA 112 108.81 -95.98 11.31
CA PHE BA 112 107.48 -95.68 11.83
C PHE BA 112 106.82 -94.64 10.94
N GLY BA 113 105.49 -94.57 11.02
CA GLY BA 113 104.75 -93.67 10.18
C GLY BA 113 103.42 -93.27 10.79
N PHE BA 114 102.77 -92.32 10.15
CA PHE BA 114 101.48 -91.79 10.58
C PHE BA 114 100.41 -92.16 9.57
N ILE BA 115 99.22 -92.51 10.08
CA ILE BA 115 98.10 -92.87 9.22
C ILE BA 115 96.81 -92.50 9.95
N ARG BA 116 95.81 -92.08 9.17
CA ARG BA 116 94.48 -91.77 9.68
C ARG BA 116 93.47 -92.76 9.11
N LEU BA 117 92.58 -93.25 9.97
CA LEU BA 117 91.61 -94.25 9.59
C LEU BA 117 90.27 -93.59 9.28
N GLU BA 118 89.25 -94.41 9.05
CA GLU BA 118 87.94 -93.91 8.64
C GLU BA 118 87.29 -93.11 9.76
N THR BA 119 87.03 -93.75 10.90
CA THR BA 119 86.52 -93.09 12.10
C THR BA 119 87.37 -93.49 13.29
N ARG BA 120 87.01 -92.96 14.47
CA ARG BA 120 87.69 -93.33 15.69
C ARG BA 120 87.33 -94.74 16.12
N THR BA 121 86.11 -95.21 15.80
CA THR BA 121 85.72 -96.58 16.12
C THR BA 121 86.62 -97.58 15.40
N LEU BA 122 86.80 -97.42 14.09
CA LEU BA 122 87.66 -98.31 13.34
C LEU BA 122 89.12 -98.15 13.74
N ALA BA 123 89.52 -96.93 14.13
CA ALA BA 123 90.88 -96.74 14.64
C ALA BA 123 91.10 -97.52 15.92
N GLU BA 124 90.13 -97.50 16.83
CA GLU BA 124 90.23 -98.30 18.05
C GLU BA 124 90.27 -99.79 17.73
N ILE BA 125 89.43 -100.23 16.78
CA ILE BA 125 89.42 -101.65 16.41
C ILE BA 125 90.78 -102.07 15.86
N ALA BA 126 91.37 -101.24 14.99
CA ALA BA 126 92.68 -101.55 14.43
C ALA BA 126 93.76 -101.55 15.50
N LYS BA 127 93.70 -100.59 16.43
CA LYS BA 127 94.66 -100.58 17.52
C LYS BA 127 94.55 -101.83 18.38
N VAL BA 128 93.32 -102.31 18.60
CA VAL BA 128 93.13 -103.52 19.41
C VAL BA 128 93.66 -104.75 18.68
N GLU BA 129 93.24 -104.94 17.42
CA GLU BA 129 93.53 -106.21 16.74
C GLU BA 129 94.98 -106.27 16.27
N LEU BA 130 95.53 -105.15 15.81
CA LEU BA 130 96.86 -105.14 15.22
C LEU BA 130 97.97 -104.86 16.24
N ASP BA 131 97.63 -104.73 17.52
CA ASP BA 131 98.65 -104.46 18.53
C ASP BA 131 99.49 -105.69 18.80
N ASN BA 132 100.80 -105.50 18.87
CA ASN BA 132 101.75 -106.55 19.25
C ASN BA 132 101.64 -107.77 18.33
N MET BA 133 101.63 -107.51 17.02
CA MET BA 133 101.66 -108.59 16.05
C MET BA 133 102.95 -108.54 15.25
N PRO BA 134 103.64 -109.66 15.08
CA PRO BA 134 104.90 -109.65 14.33
C PRO BA 134 104.65 -109.31 12.86
N LEU BA 135 105.62 -108.61 12.27
CA LEU BA 135 105.58 -108.26 10.85
C LEU BA 135 107.01 -108.36 10.33
N ARG BA 136 107.32 -109.46 9.64
CA ARG BA 136 108.67 -109.75 9.15
C ARG BA 136 109.69 -109.70 10.28
N GLY BA 137 109.37 -110.41 11.37
CA GLY BA 137 110.24 -110.44 12.53
C GLY BA 137 110.21 -109.16 13.34
N LYS BA 138 109.15 -108.37 13.23
CA LYS BA 138 109.04 -107.11 13.96
C LYS BA 138 107.61 -106.97 14.46
N GLN BA 139 107.43 -106.95 15.78
CA GLN BA 139 106.12 -106.74 16.37
C GLN BA 139 105.70 -105.28 16.17
N LEU BA 140 104.44 -105.07 15.80
CA LEU BA 140 103.96 -103.72 15.53
C LEU BA 140 103.42 -103.08 16.80
N ARG BA 141 103.85 -101.84 17.06
CA ARG BA 141 103.44 -101.08 18.24
C ARG BA 141 102.46 -100.01 17.78
N VAL BA 142 101.18 -100.38 17.75
CA VAL BA 142 100.13 -99.47 17.31
C VAL BA 142 99.60 -98.73 18.53
N ARG BA 143 99.85 -97.43 18.59
CA ARG BA 143 99.43 -96.59 19.71
C ARG BA 143 98.64 -95.41 19.18
N PHE BA 144 97.60 -95.03 19.91
CA PHE BA 144 96.80 -93.87 19.51
C PHE BA 144 97.62 -92.60 19.66
N ALA BA 145 97.46 -91.70 18.69
CA ALA BA 145 98.21 -90.46 18.65
C ALA BA 145 97.52 -89.38 19.46
N CYS BA 146 98.31 -88.64 20.25
CA CYS BA 146 97.77 -87.54 21.02
C CYS BA 146 97.32 -86.41 20.09
N HIS BA 147 96.30 -85.70 20.51
CA HIS BA 147 95.76 -84.60 19.71
C HIS BA 147 96.77 -83.46 19.67
N SER BA 148 97.31 -83.18 18.49
CA SER BA 148 98.36 -82.18 18.31
C SER BA 148 97.83 -80.76 18.21
N ALA BA 149 96.52 -80.57 18.17
CA ALA BA 149 95.94 -79.23 18.12
C ALA BA 149 94.94 -79.06 19.25
N SER BA 150 95.32 -79.49 20.46
CA SER BA 150 94.42 -79.49 21.61
C SER BA 150 94.72 -78.30 22.49
N LEU BA 151 93.66 -77.67 23.00
CA LEU BA 151 93.78 -76.53 23.90
C LEU BA 151 92.78 -76.70 25.04
N THR BA 152 93.10 -76.11 26.18
CA THR BA 152 92.21 -76.14 27.34
C THR BA 152 91.80 -74.73 27.71
N VAL BA 153 90.58 -74.60 28.22
CA VAL BA 153 90.03 -73.32 28.62
C VAL BA 153 89.63 -73.39 30.08
N ARG BA 154 90.04 -72.37 30.84
CA ARG BA 154 89.75 -72.29 32.26
C ARG BA 154 88.79 -71.14 32.52
N ASN BA 155 88.24 -71.14 33.74
CA ASN BA 155 87.40 -70.03 34.23
C ASN BA 155 86.17 -69.85 33.35
N LEU BA 156 85.54 -70.97 32.97
CA LEU BA 156 84.27 -70.91 32.28
C LEU BA 156 83.18 -70.35 33.20
N PRO BA 157 82.21 -69.63 32.64
CA PRO BA 157 81.15 -69.04 33.47
C PRO BA 157 80.34 -70.09 34.20
N GLN BA 158 79.49 -69.63 35.11
CA GLN BA 158 78.73 -70.53 35.96
C GLN BA 158 77.78 -71.42 35.16
N TYR BA 159 77.31 -70.95 34.01
CA TYR BA 159 76.30 -71.66 33.22
C TYR BA 159 76.84 -71.84 31.81
N VAL BA 160 77.30 -73.06 31.50
CA VAL BA 160 77.84 -73.39 30.19
C VAL BA 160 77.53 -74.86 29.91
N SER BA 161 77.59 -75.23 28.63
CA SER BA 161 77.40 -76.61 28.23
C SER BA 161 78.36 -76.94 27.10
N ASN BA 162 78.22 -78.15 26.55
CA ASN BA 162 79.22 -78.66 25.61
C ASN BA 162 79.16 -77.94 24.28
N GLU BA 163 78.01 -77.97 23.60
CA GLU BA 163 77.94 -77.33 22.30
C GLU BA 163 78.04 -75.82 22.42
N LEU BA 164 77.93 -75.26 23.62
CA LEU BA 164 78.25 -73.85 23.81
C LEU BA 164 79.72 -73.59 23.51
N LEU BA 165 80.61 -74.42 24.08
CA LEU BA 165 82.02 -74.31 23.73
C LEU BA 165 82.24 -74.69 22.27
N GLU BA 166 81.43 -75.62 21.75
CA GLU BA 166 81.56 -75.98 20.34
C GLU BA 166 81.32 -74.78 19.43
N GLU BA 167 80.22 -74.06 19.65
CA GLU BA 167 79.86 -72.95 18.77
C GLU BA 167 80.71 -71.72 19.07
N ALA BA 168 81.12 -71.54 20.33
CA ALA BA 168 81.91 -70.38 20.70
C ALA BA 168 83.25 -70.38 19.99
N PHE BA 169 83.92 -71.53 19.92
CA PHE BA 169 85.23 -71.63 19.30
C PHE BA 169 85.17 -72.06 17.85
N SER BA 170 83.97 -72.28 17.31
CA SER BA 170 83.83 -72.62 15.90
C SER BA 170 84.19 -71.47 14.98
N VAL BA 171 84.29 -70.25 15.51
CA VAL BA 171 84.66 -69.10 14.69
C VAL BA 171 86.10 -69.20 14.19
N PHE BA 172 86.94 -69.98 14.86
CA PHE BA 172 88.34 -70.11 14.48
C PHE BA 172 88.60 -71.27 13.53
N GLY BA 173 87.56 -71.94 13.07
CA GLY BA 173 87.67 -73.07 12.18
C GLY BA 173 86.88 -74.25 12.69
N GLN BA 174 87.04 -75.36 11.97
CA GLN BA 174 86.33 -76.59 12.35
C GLN BA 174 86.91 -77.17 13.63
N VAL BA 175 86.03 -77.56 14.55
CA VAL BA 175 86.41 -78.16 15.81
C VAL BA 175 85.63 -79.45 15.99
N GLU BA 176 86.33 -80.52 16.38
CA GLU BA 176 85.70 -81.83 16.44
C GLU BA 176 84.73 -81.94 17.60
N ARG BA 177 85.14 -81.51 18.79
CA ARG BA 177 84.31 -81.65 19.98
C ARG BA 177 84.79 -80.69 21.06
N ALA BA 178 83.85 -80.18 21.85
CA ALA BA 178 84.15 -79.30 22.96
C ALA BA 178 83.26 -79.70 24.13
N VAL BA 179 83.90 -80.07 25.24
CA VAL BA 179 83.20 -80.61 26.41
C VAL BA 179 83.60 -79.82 27.64
N VAL BA 180 82.65 -79.73 28.59
CA VAL BA 180 82.88 -79.06 29.87
C VAL BA 180 83.21 -80.12 30.91
N ILE BA 181 84.33 -79.93 31.60
CA ILE BA 181 84.72 -80.88 32.65
C ILE BA 181 83.73 -80.79 33.80
N VAL BA 182 83.22 -81.95 34.23
CA VAL BA 182 82.23 -82.02 35.29
C VAL BA 182 82.67 -83.09 36.29
N ASP BA 183 82.28 -82.91 37.55
CA ASP BA 183 82.63 -83.85 38.60
C ASP BA 183 81.70 -85.07 38.56
N ASP BA 184 81.89 -85.97 39.52
CA ASP BA 184 81.04 -87.16 39.58
C ASP BA 184 79.60 -86.80 39.94
N ARG BA 185 79.41 -85.85 40.85
CA ARG BA 185 78.06 -85.48 41.26
C ARG BA 185 77.27 -84.87 40.11
N GLY BA 186 77.91 -84.02 39.31
CA GLY BA 186 77.23 -83.40 38.19
C GLY BA 186 77.18 -81.90 38.28
N ARG BA 187 78.16 -81.30 38.97
CA ARG BA 187 78.27 -79.87 39.12
C ARG BA 187 79.46 -79.35 38.32
N PRO BA 188 79.36 -78.13 37.77
CA PRO BA 188 80.47 -77.62 36.95
C PRO BA 188 81.74 -77.46 37.76
N SER BA 189 82.87 -77.72 37.10
CA SER BA 189 84.17 -77.65 37.73
C SER BA 189 84.99 -76.44 37.32
N GLY BA 190 84.47 -75.61 36.42
CA GLY BA 190 85.22 -74.45 35.95
C GLY BA 190 86.33 -74.76 34.98
N LYS BA 191 86.40 -75.99 34.47
CA LYS BA 191 87.46 -76.41 33.56
C LYS BA 191 86.84 -76.85 32.24
N GLY BA 192 87.49 -76.46 31.13
CA GLY BA 192 86.99 -76.80 29.82
C GLY BA 192 88.10 -77.32 28.93
N ILE BA 193 87.70 -78.16 27.98
CA ILE BA 193 88.62 -78.77 27.03
C ILE BA 193 88.02 -78.65 25.62
N VAL BA 194 88.86 -78.28 24.66
CA VAL BA 194 88.45 -78.10 23.28
C VAL BA 194 89.55 -78.68 22.38
N GLU BA 195 89.13 -79.33 21.29
CA GLU BA 195 90.08 -79.84 20.30
C GLU BA 195 89.73 -79.29 18.92
N PHE BA 196 90.74 -79.22 18.07
CA PHE BA 196 90.62 -78.66 16.73
C PHE BA 196 90.91 -79.76 15.69
N SER BA 197 91.00 -79.35 14.43
CA SER BA 197 91.37 -80.25 13.35
C SER BA 197 92.72 -79.92 12.75
N GLY BA 198 93.31 -78.79 13.10
CA GLY BA 198 94.61 -78.42 12.60
C GLY BA 198 95.32 -77.50 13.58
N LYS BA 199 96.65 -77.59 13.57
CA LYS BA 199 97.45 -76.78 14.49
C LYS BA 199 97.25 -75.28 14.31
N PRO BA 200 97.38 -74.72 13.10
CA PRO BA 200 97.35 -73.24 12.99
C PRO BA 200 96.07 -72.61 13.51
N ALA BA 201 94.92 -73.27 13.31
CA ALA BA 201 93.67 -72.74 13.84
C ALA BA 201 93.71 -72.69 15.37
N ALA BA 202 94.23 -73.74 16.00
CA ALA BA 202 94.34 -73.75 17.45
C ALA BA 202 95.31 -72.68 17.94
N ARG BA 203 96.43 -72.49 17.23
CA ARG BA 203 97.38 -71.45 17.62
C ARG BA 203 96.76 -70.07 17.52
N LYS BA 204 96.02 -69.82 16.43
CA LYS BA 204 95.34 -68.53 16.28
C LYS BA 204 94.30 -68.31 17.37
N ALA BA 205 93.53 -69.35 17.69
CA ALA BA 205 92.52 -69.23 18.74
C ALA BA 205 93.18 -68.92 20.08
N LEU BA 206 94.26 -69.62 20.41
CA LEU BA 206 94.99 -69.35 21.64
C LEU BA 206 95.52 -67.92 21.67
N ASP BA 207 96.14 -67.49 20.56
CA ASP BA 207 96.73 -66.15 20.51
C ASP BA 207 95.67 -65.08 20.70
N ARG BA 208 94.53 -65.21 20.01
CA ARG BA 208 93.50 -64.19 20.10
C ARG BA 208 92.81 -64.19 21.46
N CYS BA 209 92.43 -65.37 21.95
CA CYS BA 209 91.81 -65.43 23.27
C CYS BA 209 92.79 -65.07 24.39
N SER BA 210 94.08 -65.01 24.10
CA SER BA 210 95.03 -64.50 25.09
C SER BA 210 95.15 -62.98 25.00
N GLU BA 211 95.52 -62.46 23.82
CA GLU BA 211 95.70 -61.02 23.68
C GLU BA 211 94.37 -60.28 23.80
N GLY BA 212 93.30 -60.84 23.22
CA GLY BA 212 91.99 -60.22 23.28
C GLY BA 212 91.23 -60.64 24.50
N SER BA 213 89.90 -60.67 24.37
CA SER BA 213 89.04 -61.05 25.48
C SER BA 213 87.74 -61.60 24.89
N PHE BA 214 87.59 -62.92 24.92
CA PHE BA 214 86.39 -63.57 24.43
C PHE BA 214 85.45 -63.88 25.59
N LEU BA 215 84.19 -63.50 25.44
CA LEU BA 215 83.15 -63.81 26.42
C LEU BA 215 81.98 -64.49 25.71
N LEU BA 216 81.37 -65.48 26.39
CA LEU BA 216 80.29 -66.26 25.82
C LEU BA 216 79.00 -66.12 26.61
N THR BA 217 78.86 -65.05 27.39
CA THR BA 217 77.69 -64.83 28.23
C THR BA 217 77.52 -63.34 28.39
N THR BA 218 76.32 -62.93 28.84
CA THR BA 218 76.12 -61.54 29.22
C THR BA 218 77.13 -61.14 30.29
N PHE BA 219 77.40 -62.05 31.22
CA PHE BA 219 78.35 -61.92 32.31
C PHE BA 219 79.75 -61.81 31.71
N PRO BA 220 80.36 -60.62 31.67
CA PRO BA 220 81.61 -60.45 30.92
C PRO BA 220 82.83 -60.97 31.67
N ARG BA 221 82.96 -62.30 31.74
CA ARG BA 221 84.10 -62.94 32.40
C ARG BA 221 84.87 -63.73 31.35
N PRO BA 222 85.92 -63.16 30.77
CA PRO BA 222 86.63 -63.85 29.68
C PRO BA 222 87.27 -65.15 30.16
N VAL BA 223 87.40 -66.08 29.21
CA VAL BA 223 87.93 -67.41 29.48
C VAL BA 223 89.42 -67.40 29.20
N THR BA 224 90.16 -68.13 30.04
CA THR BA 224 91.61 -68.25 29.91
C THR BA 224 91.92 -69.45 29.03
N VAL BA 225 92.79 -69.23 28.04
CA VAL BA 225 93.08 -70.23 27.01
C VAL BA 225 94.51 -70.71 27.19
N GLU BA 226 94.68 -72.03 27.21
CA GLU BA 226 95.98 -72.70 27.28
C GLU BA 226 95.92 -73.96 26.45
N PRO BA 227 97.05 -74.39 25.88
CA PRO BA 227 97.10 -75.74 25.30
C PRO BA 227 96.90 -76.79 26.39
N MET BA 228 96.10 -77.81 26.07
CA MET BA 228 95.83 -78.85 27.05
C MET BA 228 97.05 -79.75 27.22
N ASP BA 229 97.41 -80.03 28.47
CA ASP BA 229 98.49 -80.95 28.75
C ASP BA 229 98.04 -82.37 28.41
N GLN BA 230 98.87 -83.10 27.68
CA GLN BA 230 98.57 -84.47 27.29
C GLN BA 230 99.13 -85.42 28.34
N LEU BA 231 98.25 -86.08 29.08
CA LEU BA 231 98.62 -87.01 30.13
C LEU BA 231 98.20 -88.42 29.72
N ASP BA 232 99.11 -89.37 29.89
CA ASP BA 232 98.88 -90.76 29.54
C ASP BA 232 98.80 -91.59 30.81
N ASP BA 233 97.75 -92.41 30.92
CA ASP BA 233 97.56 -93.29 32.06
C ASP BA 233 97.40 -94.74 31.62
N GLU BA 234 98.01 -95.10 30.49
CA GLU BA 234 97.97 -96.47 29.99
C GLU BA 234 99.34 -97.09 29.86
N GLU BA 235 100.31 -96.37 29.28
CA GLU BA 235 101.63 -96.94 29.08
C GLU BA 235 102.48 -96.88 30.35
N GLY BA 236 102.67 -95.69 30.88
CA GLY BA 236 103.61 -95.54 31.98
C GLY BA 236 105.05 -95.64 31.49
N LEU BA 237 105.91 -96.14 32.38
CA LEU BA 237 107.33 -96.33 32.07
C LEU BA 237 107.71 -97.75 32.45
N PRO BA 238 107.45 -98.73 31.58
CA PRO BA 238 107.77 -100.13 31.92
C PRO BA 238 109.26 -100.39 32.02
N GLU BA 239 109.63 -101.63 32.35
CA GLU BA 239 111.03 -101.95 32.59
C GLU BA 239 111.88 -101.75 31.35
N LYS BA 240 111.37 -102.17 30.18
CA LYS BA 240 112.15 -102.09 28.96
C LYS BA 240 112.46 -100.66 28.54
N LEU BA 241 111.69 -99.68 29.03
CA LEU BA 241 111.95 -98.29 28.70
C LEU BA 241 112.92 -97.62 29.66
N VAL BA 242 113.04 -98.12 30.89
CA VAL BA 242 113.98 -97.56 31.84
C VAL BA 242 115.40 -97.94 31.44
N ILE BA 243 116.31 -96.97 31.50
CA ILE BA 243 117.70 -97.21 31.11
C ILE BA 243 118.38 -98.24 32.02
N LYS BA 244 117.92 -98.36 33.26
CA LYS BA 244 118.45 -99.35 34.21
C LYS BA 244 119.95 -99.16 34.42
N ASN BA 245 120.39 -97.90 34.47
CA ASN BA 245 121.79 -97.60 34.70
C ASN BA 245 122.15 -97.84 36.17
N GLN BA 246 123.39 -97.49 36.52
CA GLN BA 246 123.82 -97.60 37.91
C GLN BA 246 123.09 -96.65 38.83
N GLN BA 247 122.43 -95.61 38.29
CA GLN BA 247 121.57 -94.78 39.11
C GLN BA 247 120.48 -95.61 39.77
N PHE BA 248 119.74 -96.40 38.98
CA PHE BA 248 118.70 -97.25 39.55
C PHE BA 248 119.30 -98.35 40.42
N HIS BA 249 120.50 -98.82 40.10
CA HIS BA 249 121.17 -99.80 40.95
C HIS BA 249 121.39 -99.23 42.34
N LYS BA 250 121.80 -97.96 42.42
CA LYS BA 250 121.82 -97.27 43.71
C LYS BA 250 120.41 -97.16 44.27
N GLU BA 251 119.42 -96.87 43.42
CA GLU BA 251 118.05 -96.73 43.88
C GLU BA 251 117.46 -98.09 44.27
N ARG BA 252 117.85 -99.16 43.59
CA ARG BA 252 117.41 -100.49 43.94
C ARG BA 252 118.44 -101.11 44.89
N GLU BA 253 118.32 -100.74 46.16
CA GLU BA 253 119.17 -101.27 47.22
C GLU BA 253 118.40 -101.82 48.41
N GLN BA 254 117.18 -101.35 48.64
CA GLN BA 254 116.34 -101.82 49.73
C GLN BA 254 114.92 -101.99 49.22
N PRO BA 255 114.19 -102.99 49.73
CA PRO BA 255 112.83 -103.24 49.24
C PRO BA 255 111.88 -102.16 49.70
N PRO BA 256 110.73 -102.00 49.03
CA PRO BA 256 109.75 -101.01 49.49
C PRO BA 256 109.05 -101.46 50.76
N ARG BA 257 109.41 -100.83 51.88
CA ARG BA 257 108.79 -101.12 53.17
C ARG BA 257 108.88 -99.87 54.03
N PHE BA 258 108.08 -99.84 55.09
CA PHE BA 258 108.03 -98.66 55.95
C PHE BA 258 109.36 -98.44 56.65
N ALA BA 259 109.73 -97.17 56.80
CA ALA BA 259 110.93 -96.82 57.54
C ALA BA 259 110.71 -97.05 59.03
N GLN BA 260 111.74 -97.57 59.70
CA GLN BA 260 111.63 -97.83 61.13
C GLN BA 260 111.56 -96.51 61.88
N PRO BA 261 110.64 -96.37 62.84
CA PRO BA 261 110.57 -95.12 63.61
C PRO BA 261 111.83 -94.91 64.43
N GLY BA 262 112.15 -93.64 64.65
CA GLY BA 262 113.37 -93.28 65.36
C GLY BA 262 114.64 -93.62 64.61
N SER BA 263 114.65 -93.42 63.30
CA SER BA 263 115.82 -93.68 62.47
C SER BA 263 116.02 -92.52 61.50
N PHE BA 264 117.16 -92.54 60.81
CA PHE BA 264 117.46 -91.49 59.84
C PHE BA 264 116.41 -91.41 58.75
N GLU BA 265 115.97 -92.57 58.26
CA GLU BA 265 114.93 -92.61 57.25
C GLU BA 265 113.65 -91.96 57.77
N TYR BA 266 113.26 -92.30 58.99
CA TYR BA 266 112.03 -91.74 59.57
C TYR BA 266 112.14 -90.23 59.74
N GLU BA 267 113.27 -89.74 60.24
CA GLU BA 267 113.45 -88.30 60.43
C GLU BA 267 113.39 -87.56 59.10
N TYR BA 268 114.12 -88.05 58.10
CA TYR BA 268 114.12 -87.37 56.81
C TYR BA 268 112.76 -87.45 56.14
N ALA BA 269 112.05 -88.57 56.32
CA ALA BA 269 110.72 -88.72 55.74
C ALA BA 269 109.73 -87.75 56.39
N MET BA 270 109.81 -87.58 57.70
CA MET BA 270 108.92 -86.60 58.33
C MET BA 270 109.33 -85.18 57.98
N ARG BA 271 110.60 -84.92 57.66
CA ARG BA 271 110.99 -83.63 57.11
C ARG BA 271 110.30 -83.38 55.77
N TRP BA 272 110.34 -84.38 54.89
CA TRP BA 272 109.56 -84.33 53.65
C TRP BA 272 108.07 -84.10 53.91
N LYS BA 273 107.51 -84.78 54.90
CA LYS BA 273 106.09 -84.63 55.19
C LYS BA 273 105.77 -83.21 55.64
N ALA BA 274 106.62 -82.64 56.49
CA ALA BA 274 106.41 -81.27 56.93
C ALA BA 274 106.53 -80.30 55.76
N LEU BA 275 107.51 -80.51 54.88
CA LEU BA 275 107.68 -79.65 53.71
C LEU BA 275 106.44 -79.70 52.82
N ILE BA 276 105.92 -80.90 52.58
CA ILE BA 276 104.79 -81.01 51.66
C ILE BA 276 103.51 -80.52 52.33
N GLU BA 277 103.38 -80.66 53.65
CA GLU BA 277 102.26 -80.04 54.36
C GLU BA 277 102.32 -78.54 54.24
N MET BA 278 103.52 -77.96 54.35
CA MET BA 278 103.67 -76.52 54.15
C MET BA 278 103.31 -76.12 52.72
N GLU BA 279 103.68 -76.95 51.74
CA GLU BA 279 103.32 -76.69 50.36
C GLU BA 279 101.80 -76.68 50.17
N LYS BA 280 101.11 -77.66 50.76
CA LYS BA 280 99.66 -77.70 50.65
C LYS BA 280 99.02 -76.52 51.37
N GLN BA 281 99.60 -76.11 52.50
CA GLN BA 281 99.11 -74.92 53.19
C GLN BA 281 99.29 -73.68 52.35
N GLN BA 282 100.42 -73.56 51.65
CA GLN BA 282 100.63 -72.45 50.74
C GLN BA 282 99.60 -72.44 49.63
N GLN BA 283 99.31 -73.61 49.05
CA GLN BA 283 98.30 -73.70 48.01
C GLN BA 283 96.94 -73.28 48.54
N ASP BA 284 96.58 -73.72 49.74
CA ASP BA 284 95.30 -73.36 50.32
C ASP BA 284 95.23 -71.86 50.57
N GLN BA 285 96.31 -71.26 51.07
CA GLN BA 285 96.32 -69.82 51.30
C GLN BA 285 96.17 -69.05 50.00
N VAL BA 286 96.87 -69.49 48.95
CA VAL BA 286 96.75 -68.83 47.65
C VAL BA 286 95.31 -68.93 47.15
N ASP BA 287 94.72 -70.13 47.24
CA ASP BA 287 93.36 -70.32 46.76
C ASP BA 287 92.37 -69.46 47.55
N ARG BA 288 92.56 -69.35 48.86
CA ARG BA 288 91.68 -68.53 49.68
C ARG BA 288 91.79 -67.05 49.31
N ASN BA 289 93.03 -66.56 49.12
CA ASN BA 289 93.21 -65.17 48.70
C ASN BA 289 92.55 -64.93 47.35
N ILE BA 290 92.71 -65.87 46.42
CA ILE BA 290 92.16 -65.68 45.08
C ILE BA 290 90.64 -65.72 45.11
N LYS BA 291 90.07 -66.62 45.92
CA LYS BA 291 88.62 -66.65 46.08
C LYS BA 291 88.10 -65.34 46.66
N GLU BA 292 88.81 -64.80 47.66
CA GLU BA 292 88.41 -63.51 48.22
C GLU BA 292 88.45 -62.41 47.17
N ALA BA 293 89.52 -62.38 46.37
CA ALA BA 293 89.64 -61.36 45.32
C ALA BA 293 88.52 -61.50 44.30
N ARG BA 294 88.23 -62.74 43.87
CA ARG BA 294 87.18 -62.96 42.88
C ARG BA 294 85.82 -62.56 43.43
N GLU BA 295 85.54 -62.88 44.70
CA GLU BA 295 84.29 -62.47 45.31
C GLU BA 295 84.18 -60.95 45.38
N LYS BA 296 85.26 -60.28 45.75
CA LYS BA 296 85.25 -58.83 45.81
C LYS BA 296 84.98 -58.22 44.45
N LEU BA 297 85.64 -58.74 43.41
CA LEU BA 297 85.42 -58.22 42.06
C LEU BA 297 83.98 -58.46 41.60
N GLU BA 298 83.45 -59.65 41.85
CA GLU BA 298 82.09 -59.95 41.45
C GLU BA 298 81.08 -59.09 42.20
N MET BA 299 81.38 -58.73 43.45
CA MET BA 299 80.50 -57.84 44.19
C MET BA 299 80.57 -56.41 43.64
N GLU BA 300 81.78 -55.96 43.27
CA GLU BA 300 81.93 -54.63 42.70
C GLU BA 300 81.44 -54.54 41.26
N MET BA 301 81.13 -55.68 40.64
CA MET BA 301 80.62 -55.72 39.27
C MET BA 301 79.44 -54.78 39.03
N GLU BA 302 78.42 -54.86 39.87
CA GLU BA 302 77.19 -54.11 39.61
C GLU BA 302 77.43 -52.60 39.71
N ALA BA 303 78.16 -52.16 40.73
CA ALA BA 303 78.50 -50.75 40.84
C ALA BA 303 79.35 -50.29 39.67
N ALA BA 304 80.29 -51.14 39.24
CA ALA BA 304 81.11 -50.77 38.09
C ALA BA 304 80.26 -50.61 36.83
N ARG BA 305 79.31 -51.52 36.62
CA ARG BA 305 78.45 -51.42 35.44
C ARG BA 305 77.60 -50.16 35.50
N HIS BA 306 77.02 -49.87 36.66
CA HIS BA 306 76.21 -48.67 36.79
C HIS BA 306 77.04 -47.42 36.53
N GLU BA 307 78.24 -47.36 37.08
CA GLU BA 307 79.09 -46.18 36.89
C GLU BA 307 79.51 -46.03 35.44
N HIS BA 308 79.81 -47.15 34.76
CA HIS BA 308 80.15 -47.07 33.35
C HIS BA 308 78.97 -46.58 32.52
N GLN BA 309 77.76 -47.03 32.85
CA GLN BA 309 76.59 -46.49 32.18
C GLN BA 309 76.46 -45.00 32.41
N VAL BA 310 76.70 -44.55 33.65
CA VAL BA 310 76.67 -43.13 33.97
C VAL BA 310 77.61 -42.36 33.05
N MET BA 311 78.87 -42.79 33.02
CA MET BA 311 79.87 -42.03 32.27
C MET BA 311 79.58 -42.07 30.77
N LEU BA 312 79.17 -43.22 30.24
CA LEU BA 312 78.89 -43.31 28.81
C LEU BA 312 77.72 -42.44 28.41
N MET BA 313 76.63 -42.48 29.20
CA MET BA 313 75.46 -41.70 28.85
C MET BA 313 75.71 -40.21 29.03
N ARG BA 314 76.49 -39.82 30.04
CA ARG BA 314 76.86 -38.41 30.18
C ARG BA 314 77.74 -37.96 29.02
N GLN BA 315 78.65 -38.82 28.57
CA GLN BA 315 79.48 -38.50 27.42
C GLN BA 315 78.61 -38.26 26.19
N ASP BA 316 77.68 -39.16 25.93
CA ASP BA 316 76.73 -38.95 24.84
C ASP BA 316 75.99 -37.63 25.02
N LEU BA 317 75.58 -37.33 26.25
CA LEU BA 317 74.81 -36.12 26.50
C LEU BA 317 75.59 -34.86 26.13
N MET BA 318 76.83 -34.71 26.63
CA MET BA 318 77.45 -33.42 26.34
C MET BA 318 78.03 -33.38 24.94
N ARG BA 319 78.35 -34.53 24.34
CA ARG BA 319 78.76 -34.47 22.94
C ARG BA 319 77.59 -34.03 22.06
N ARG BA 320 76.39 -34.53 22.34
CA ARG BA 320 75.21 -34.09 21.62
C ARG BA 320 74.93 -32.61 21.88
N GLN BA 321 75.11 -32.17 23.12
CA GLN BA 321 74.90 -30.76 23.45
C GLN BA 321 75.87 -29.86 22.68
N GLU BA 322 77.14 -30.27 22.59
CA GLU BA 322 78.11 -29.46 21.86
C GLU BA 322 77.82 -29.45 20.36
N GLU BA 323 77.41 -30.60 19.81
CA GLU BA 323 77.01 -30.65 18.41
C GLU BA 323 75.83 -29.72 18.15
N LEU BA 324 74.88 -29.72 19.08
CA LEU BA 324 73.74 -28.82 19.03
C LEU BA 324 74.18 -27.36 19.04
N ARG BA 325 75.13 -27.04 19.92
CA ARG BA 325 75.63 -25.67 20.01
C ARG BA 325 76.26 -25.23 18.70
N ARG BA 326 77.11 -26.08 18.11
CA ARG BA 326 77.75 -25.67 16.86
C ARG BA 326 76.75 -25.59 15.74
N MET BA 327 75.73 -26.46 15.73
CA MET BA 327 74.69 -26.36 14.72
C MET BA 327 73.96 -25.02 14.81
N GLU BA 328 73.58 -24.64 16.04
CA GLU BA 328 72.86 -23.39 16.22
C GLU BA 328 73.71 -22.19 15.80
N GLU BA 329 74.99 -22.17 16.23
CA GLU BA 329 75.83 -21.02 15.90
C GLU BA 329 76.13 -20.96 14.41
N LEU BA 330 76.30 -22.12 13.76
CA LEU BA 330 76.56 -22.10 12.32
C LEU BA 330 75.32 -21.62 11.57
N HIS BA 331 74.13 -22.04 11.99
CA HIS BA 331 72.92 -21.51 11.35
C HIS BA 331 72.82 -20.01 11.55
N ASN BA 332 73.11 -19.53 12.76
CA ASN BA 332 73.03 -18.09 13.03
C ASN BA 332 74.01 -17.31 12.16
N GLN BA 333 75.26 -17.77 12.09
CA GLN BA 333 76.24 -17.06 11.27
C GLN BA 333 75.91 -17.15 9.79
N GLU BA 334 75.34 -18.28 9.34
CA GLU BA 334 74.98 -18.40 7.93
C GLU BA 334 73.83 -17.47 7.57
N VAL BA 335 72.80 -17.39 8.41
CA VAL BA 335 71.71 -16.46 8.11
C VAL BA 335 72.18 -15.02 8.20
N GLN BA 336 73.08 -14.73 9.15
CA GLN BA 336 73.63 -13.37 9.21
C GLN BA 336 74.39 -13.02 7.95
N LYS BA 337 75.22 -13.96 7.46
CA LYS BA 337 75.97 -13.72 6.24
C LYS BA 337 75.05 -13.55 5.05
N ARG BA 338 73.99 -14.37 4.97
CA ARG BA 338 73.07 -14.27 3.84
C ARG BA 338 72.20 -13.02 3.91
N LYS BA 339 72.00 -12.44 5.10
CA LYS BA 339 71.22 -11.22 5.18
C LYS BA 339 72.05 -9.95 5.03
N GLN BA 340 73.34 -10.00 5.36
CA GLN BA 340 74.17 -8.81 5.17
C GLN BA 340 74.50 -8.60 3.69
N LEU BA 341 74.42 -9.67 2.91
CA LEU BA 341 74.65 -9.57 1.47
C LEU BA 341 73.40 -9.08 0.75
N LYS CA 287 135.56 -73.25 126.62
CA LYS CA 287 136.63 -72.96 125.69
C LYS CA 287 136.40 -71.63 124.99
N THR CA 288 137.39 -71.20 124.20
CA THR CA 288 137.32 -69.94 123.48
C THR CA 288 137.69 -70.15 122.02
N TYR CA 289 137.16 -69.27 121.16
CA TYR CA 289 137.45 -69.28 119.72
C TYR CA 289 137.12 -70.63 119.09
N THR CA 290 136.01 -71.22 119.52
CA THR CA 290 135.56 -72.50 118.99
C THR CA 290 134.69 -72.28 117.76
N GLN CA 291 134.05 -73.36 117.28
CA GLN CA 291 133.14 -73.26 116.15
C GLN CA 291 131.75 -72.78 116.57
N ARG CA 292 131.44 -72.78 117.85
CA ARG CA 292 130.15 -72.29 118.32
C ARG CA 292 130.05 -70.77 118.22
N CYS CA 293 131.18 -70.07 118.31
CA CYS CA 293 131.21 -68.63 118.15
C CYS CA 293 131.22 -68.20 116.68
N ARG CA 294 131.49 -69.12 115.77
CA ARG CA 294 131.49 -68.80 114.35
C ARG CA 294 130.08 -68.45 113.89
N LEU CA 295 129.94 -67.32 113.21
CA LEU CA 295 128.64 -66.82 112.78
C LEU CA 295 128.68 -66.45 111.31
N PHE CA 296 127.62 -66.82 110.58
CA PHE CA 296 127.51 -66.50 109.17
C PHE CA 296 127.03 -65.06 109.00
N VAL CA 297 127.80 -64.24 108.30
CA VAL CA 297 127.45 -62.84 108.09
C VAL CA 297 126.99 -62.66 106.65
N GLY CA 298 125.68 -62.73 106.43
CA GLY CA 298 125.12 -62.62 105.10
C GLY CA 298 124.78 -61.20 104.71
N ASN CA 299 124.38 -61.05 103.44
CA ASN CA 299 123.98 -59.77 102.86
C ASN CA 299 125.10 -58.74 102.95
N LEU CA 300 126.34 -59.19 102.97
CA LEU CA 300 127.47 -58.27 103.05
C LEU CA 300 127.66 -57.57 101.71
N PRO CA 301 128.05 -56.29 101.72
CA PRO CA 301 128.33 -55.60 100.45
C PRO CA 301 129.53 -56.19 99.74
N ALA CA 302 129.51 -56.10 98.42
CA ALA CA 302 130.62 -56.63 97.62
C ALA CA 302 131.91 -55.86 97.89
N ASP CA 303 131.82 -54.54 98.02
CA ASP CA 303 133.00 -53.69 98.23
C ASP CA 303 133.26 -53.58 99.73
N ILE CA 304 133.90 -54.60 100.28
CA ILE CA 304 134.28 -54.63 101.69
C ILE CA 304 135.72 -55.10 101.80
N THR CA 305 136.32 -54.81 102.95
CA THR CA 305 137.68 -55.21 103.25
C THR CA 305 137.72 -55.91 104.60
N GLU CA 306 138.84 -56.57 104.88
CA GLU CA 306 138.99 -57.32 106.12
C GLU CA 306 138.94 -56.40 107.34
N ASP CA 307 139.58 -55.23 107.25
CA ASP CA 307 139.59 -54.31 108.38
C ASP CA 307 138.18 -53.78 108.67
N GLU CA 308 137.42 -53.46 107.63
CA GLU CA 308 136.04 -53.02 107.84
C GLU CA 308 135.16 -54.13 108.40
N PHE CA 309 135.54 -55.39 108.13
CA PHE CA 309 134.80 -56.51 108.71
C PHE CA 309 135.15 -56.71 110.18
N LYS CA 310 136.41 -56.42 110.54
CA LYS CA 310 136.84 -56.63 111.93
C LYS CA 310 136.33 -55.55 112.87
N ARG CA 311 136.18 -54.31 112.39
CA ARG CA 311 135.72 -53.23 113.24
C ARG CA 311 134.28 -53.45 113.71
N LEU CA 312 133.49 -54.23 112.99
CA LEU CA 312 132.13 -54.55 113.44
C LEU CA 312 132.15 -55.30 114.76
N PHE CA 313 133.07 -56.24 114.91
CA PHE CA 313 133.22 -57.03 116.12
C PHE CA 313 134.38 -56.57 116.99
N ALA CA 314 134.98 -55.42 116.67
CA ALA CA 314 136.07 -54.90 117.49
C ALA CA 314 135.59 -54.52 118.88
N LYS CA 315 134.31 -54.12 119.00
CA LYS CA 315 133.74 -53.82 120.30
C LYS CA 315 133.69 -55.06 121.19
N TYR CA 316 133.70 -56.25 120.58
CA TYR CA 316 133.52 -57.51 121.30
C TYR CA 316 134.85 -58.25 121.47
N GLY CA 317 135.94 -57.53 121.70
CA GLY CA 317 137.23 -58.15 121.88
C GLY CA 317 137.94 -58.41 120.57
N GLU CA 318 138.99 -59.22 120.67
CA GLU CA 318 139.82 -59.53 119.52
C GLU CA 318 139.08 -60.47 118.57
N PRO CA 319 138.91 -60.10 117.30
CA PRO CA 319 138.29 -61.03 116.34
C PRO CA 319 139.19 -62.23 116.09
N GLY CA 320 138.55 -63.35 115.74
CA GLY CA 320 139.28 -64.57 115.48
C GLY CA 320 139.50 -64.84 114.00
N GLU CA 321 139.17 -66.05 113.57
CA GLU CA 321 139.33 -66.41 112.17
C GLU CA 321 138.41 -65.58 111.29
N VAL CA 322 138.96 -65.06 110.19
CA VAL CA 322 138.21 -64.22 109.25
C VAL CA 322 138.35 -64.81 107.86
N PHE CA 323 137.23 -65.23 107.28
CA PHE CA 323 137.19 -65.73 105.91
C PHE CA 323 136.11 -64.95 105.16
N ILE CA 324 136.51 -64.26 104.10
CA ILE CA 324 135.63 -63.35 103.38
C ILE CA 324 135.49 -63.84 101.95
N ASN CA 325 134.25 -63.97 101.49
CA ASN CA 325 133.94 -64.33 100.11
C ASN CA 325 133.23 -63.14 99.47
N LYS CA 326 133.99 -62.36 98.69
CA LYS CA 326 133.45 -61.15 98.08
C LYS CA 326 132.52 -61.45 96.92
N GLY CA 327 132.71 -62.59 96.24
CA GLY CA 327 131.89 -62.89 95.08
C GLY CA 327 130.42 -63.04 95.43
N LYS CA 328 130.13 -63.80 96.49
CA LYS CA 328 128.76 -63.98 96.93
C LYS CA 328 128.32 -62.92 97.93
N GLY CA 329 129.24 -62.42 98.75
CA GLY CA 329 128.92 -61.40 99.72
C GLY CA 329 128.61 -61.95 101.11
N PHE CA 330 129.49 -62.80 101.62
CA PHE CA 330 129.31 -63.37 102.94
C PHE CA 330 130.68 -63.61 103.57
N GLY CA 331 130.68 -63.72 104.90
CA GLY CA 331 131.91 -63.93 105.63
C GLY CA 331 131.65 -64.63 106.95
N PHE CA 332 132.73 -65.13 107.54
CA PHE CA 332 132.67 -65.85 108.81
C PHE CA 332 133.63 -65.21 109.81
N ILE CA 333 133.16 -65.08 111.05
CA ILE CA 333 133.92 -64.40 112.10
C ILE CA 333 133.90 -65.28 113.35
N LYS CA 334 135.02 -65.32 114.05
CA LYS CA 334 135.16 -66.08 115.29
C LYS CA 334 135.17 -65.11 116.47
N LEU CA 335 134.36 -65.41 117.48
CA LEU CA 335 134.26 -64.58 118.67
C LEU CA 335 134.98 -65.22 119.84
N GLU CA 336 135.03 -64.50 120.96
CA GLU CA 336 135.75 -65.00 122.13
C GLU CA 336 134.97 -66.10 122.84
N SER CA 337 133.65 -65.98 122.91
CA SER CA 337 132.83 -66.94 123.64
C SER CA 337 131.43 -66.96 123.07
N ARG CA 338 130.62 -67.89 123.58
CA ARG CA 338 129.24 -68.04 123.10
C ARG CA 338 128.40 -66.83 123.49
N ALA CA 339 128.62 -66.27 124.69
CA ALA CA 339 127.87 -65.10 125.12
C ALA CA 339 128.16 -63.90 124.21
N LEU CA 340 129.43 -63.71 123.85
CA LEU CA 340 129.76 -62.63 122.93
C LEU CA 340 129.16 -62.87 121.55
N ALA CA 341 129.09 -64.13 121.11
CA ALA CA 341 128.40 -64.43 119.86
C ALA CA 341 126.94 -64.07 119.93
N GLU CA 342 126.28 -64.38 121.04
CA GLU CA 342 124.88 -64.02 121.22
C GLU CA 342 124.69 -62.50 121.19
N ILE CA 343 125.57 -61.78 121.87
CA ILE CA 343 125.41 -60.32 121.94
C ILE CA 343 125.66 -59.70 120.58
N ALA CA 344 126.66 -60.22 119.83
CA ALA CA 344 126.91 -59.74 118.48
C ALA CA 344 125.73 -60.04 117.56
N LYS CA 345 125.12 -61.21 117.70
CA LYS CA 345 123.92 -61.53 116.93
C LYS CA 345 122.79 -60.58 117.27
N ALA CA 346 122.61 -60.26 118.55
CA ALA CA 346 121.50 -59.42 118.98
C ALA CA 346 121.68 -57.97 118.57
N GLU CA 347 122.93 -57.50 118.51
CA GLU CA 347 123.16 -56.08 118.21
C GLU CA 347 123.30 -55.82 116.72
N LEU CA 348 123.93 -56.74 115.98
CA LEU CA 348 124.25 -56.52 114.58
C LEU CA 348 123.20 -57.05 113.62
N ASP CA 349 122.09 -57.60 114.12
CA ASP CA 349 121.04 -58.08 113.24
C ASP CA 349 120.12 -56.94 112.81
N ASP CA 350 119.63 -57.04 111.57
CA ASP CA 350 118.73 -56.04 111.00
C ASP CA 350 119.35 -54.64 111.05
N THR CA 351 120.65 -54.55 110.77
CA THR CA 351 121.36 -53.29 110.82
C THR CA 351 121.67 -52.79 109.41
N PRO CA 352 121.39 -51.52 109.12
CA PRO CA 352 121.67 -51.00 107.78
C PRO CA 352 123.08 -50.44 107.64
N MET CA 353 123.81 -50.92 106.62
CA MET CA 353 125.10 -50.37 106.25
C MET CA 353 125.14 -50.20 104.74
N ARG CA 354 125.19 -48.95 104.28
CA ARG CA 354 125.24 -48.62 102.85
C ARG CA 354 124.07 -49.24 102.09
N GLY CA 355 122.88 -49.20 102.69
CA GLY CA 355 121.67 -49.64 102.03
C GLY CA 355 121.41 -51.14 102.07
N ARG CA 356 122.13 -51.89 102.88
CA ARG CA 356 121.93 -53.33 102.99
C ARG CA 356 121.65 -53.71 104.44
N GLN CA 357 120.67 -54.60 104.62
CA GLN CA 357 120.31 -55.08 105.94
C GLN CA 357 121.14 -56.31 106.29
N LEU CA 358 121.77 -56.28 107.46
CA LEU CA 358 122.65 -57.35 107.89
C LEU CA 358 121.90 -58.36 108.74
N ARG CA 359 122.17 -59.65 108.50
CA ARG CA 359 121.68 -60.73 109.34
C ARG CA 359 122.88 -61.50 109.88
N VAL CA 360 122.85 -61.80 111.17
CA VAL CA 360 123.90 -62.58 111.81
C VAL CA 360 123.34 -63.99 111.97
N ARG CA 361 123.58 -64.83 110.97
CA ARG CA 361 123.08 -66.20 110.97
C ARG CA 361 124.11 -67.14 111.59
N PHE CA 362 123.63 -68.15 112.30
CA PHE CA 362 124.51 -69.15 112.88
C PHE CA 362 125.04 -70.07 111.78
N ALA CA 363 126.31 -70.44 111.89
CA ALA CA 363 126.95 -71.28 110.91
C ALA CA 363 126.86 -72.75 111.30
N THR CA 364 126.60 -73.60 110.30
CA THR CA 364 126.48 -75.03 110.54
C THR CA 364 127.82 -75.63 110.93
N HIS CA 365 127.78 -76.60 111.84
CA HIS CA 365 128.98 -77.30 112.28
C HIS CA 365 129.20 -78.50 111.36
N ALA CA 366 130.19 -78.39 110.48
CA ALA CA 366 130.49 -79.50 109.58
C ALA CA 366 130.97 -80.73 110.33
N ALA CA 367 131.81 -80.54 111.36
CA ALA CA 367 132.29 -81.64 112.18
C ALA CA 367 131.26 -81.93 113.26
N ALA CA 368 130.18 -82.60 112.84
CA ALA CA 368 129.08 -82.95 113.72
C ALA CA 368 128.74 -84.42 113.53
N LEU CA 369 128.21 -85.02 114.59
CA LEU CA 369 127.91 -86.45 114.59
C LEU CA 369 126.77 -86.71 115.57
N SER CA 370 125.77 -87.47 115.13
CA SER CA 370 124.59 -87.76 115.94
C SER CA 370 124.90 -88.95 116.85
N VAL CA 371 124.62 -88.79 118.14
CA VAL CA 371 124.89 -89.81 119.15
C VAL CA 371 123.57 -90.20 119.81
N ARG CA 372 123.29 -91.50 119.83
CA ARG CA 372 122.07 -92.01 120.44
C ARG CA 372 122.39 -93.30 121.19
N ASN CA 373 121.36 -93.88 121.81
CA ASN CA 373 121.48 -95.12 122.57
C ASN CA 373 122.53 -94.99 123.69
N LEU CA 374 122.25 -94.08 124.61
CA LEU CA 374 123.13 -93.81 125.73
C LEU CA 374 122.33 -93.83 127.02
N SER CA 375 123.00 -94.23 128.10
CA SER CA 375 122.35 -94.37 129.39
C SER CA 375 121.89 -93.01 129.90
N PRO CA 376 120.75 -92.96 130.60
CA PRO CA 376 120.25 -91.67 131.12
C PRO CA 376 121.10 -91.10 132.23
N TYR CA 377 122.17 -91.83 132.62
CA TYR CA 377 123.10 -91.35 133.62
C TYR CA 377 124.36 -90.72 133.04
N VAL CA 378 124.62 -90.90 131.74
CA VAL CA 378 125.79 -90.31 131.11
C VAL CA 378 125.57 -88.81 130.95
N SER CA 379 126.52 -88.03 131.45
CA SER CA 379 126.42 -86.57 131.41
C SER CA 379 127.23 -86.04 130.22
N ASN CA 380 127.27 -84.71 130.09
CA ASN CA 380 128.06 -84.10 129.03
C ASN CA 380 129.55 -84.36 129.23
N GLU CA 381 130.01 -84.35 130.49
CA GLU CA 381 131.42 -84.57 130.77
C GLU CA 381 131.84 -85.98 130.36
N LEU CA 382 131.02 -86.98 130.68
CA LEU CA 382 131.36 -88.36 130.32
C LEU CA 382 131.43 -88.53 128.80
N LEU CA 383 130.46 -87.96 128.08
CA LEU CA 383 130.46 -88.07 126.63
C LEU CA 383 131.66 -87.34 126.01
N GLU CA 384 132.00 -86.17 126.55
CA GLU CA 384 133.12 -85.41 125.99
C GLU CA 384 134.45 -86.06 126.30
N GLU CA 385 134.57 -86.75 127.44
CA GLU CA 385 135.80 -87.47 127.73
C GLU CA 385 135.90 -88.76 126.92
N ALA CA 386 134.78 -89.44 126.73
CA ALA CA 386 134.78 -90.72 126.03
C ALA CA 386 135.18 -90.55 124.56
N PHE CA 387 134.62 -89.54 123.90
CA PHE CA 387 134.91 -89.28 122.50
C PHE CA 387 136.14 -88.40 122.30
N SER CA 388 136.79 -87.98 123.39
CA SER CA 388 138.04 -87.23 123.26
C SER CA 388 139.18 -88.07 122.69
N GLN CA 389 139.06 -89.39 122.76
CA GLN CA 389 140.09 -90.26 122.20
C GLN CA 389 140.22 -90.08 120.69
N PHE CA 390 139.08 -89.97 119.99
CA PHE CA 390 139.11 -89.82 118.54
C PHE CA 390 139.53 -88.43 118.11
N GLY CA 391 139.39 -87.42 118.97
CA GLY CA 391 139.78 -86.08 118.65
C GLY CA 391 139.33 -85.07 119.68
N PRO CA 392 139.68 -83.81 119.48
CA PRO CA 392 139.29 -82.77 120.43
C PRO CA 392 137.78 -82.55 120.45
N ILE CA 393 137.26 -82.21 121.63
CA ILE CA 393 135.83 -81.97 121.84
C ILE CA 393 135.67 -80.54 122.31
N GLU CA 394 135.15 -79.68 121.43
CA GLU CA 394 134.84 -78.31 121.85
C GLU CA 394 133.58 -78.29 122.72
N ARG CA 395 132.59 -79.11 122.37
CA ARG CA 395 131.38 -79.26 123.18
C ARG CA 395 130.58 -80.47 122.73
N ALA CA 396 130.21 -81.34 123.67
CA ALA CA 396 129.33 -82.47 123.41
C ALA CA 396 128.15 -82.38 124.38
N VAL CA 397 126.95 -82.28 123.84
CA VAL CA 397 125.74 -82.08 124.63
C VAL CA 397 124.70 -83.13 124.26
N VAL CA 398 123.99 -83.62 125.26
CA VAL CA 398 122.90 -84.58 125.08
C VAL CA 398 121.59 -83.82 125.09
N ILE CA 399 120.63 -84.29 124.28
CA ILE CA 399 119.34 -83.63 124.19
C ILE CA 399 118.59 -83.78 125.51
N VAL CA 400 117.91 -82.71 125.94
CA VAL CA 400 117.24 -82.66 127.22
C VAL CA 400 115.79 -82.26 127.02
N ASP CA 401 114.88 -82.92 127.74
CA ASP CA 401 113.47 -82.57 127.70
C ASP CA 401 113.22 -81.41 128.66
N ASP CA 402 111.95 -81.02 128.79
CA ASP CA 402 111.59 -79.94 129.72
C ASP CA 402 111.84 -80.34 131.16
N ARG CA 403 111.52 -81.59 131.51
CA ARG CA 403 111.68 -82.06 132.88
C ARG CA 403 113.13 -82.26 133.28
N GLY CA 404 114.07 -82.16 132.33
CA GLY CA 404 115.47 -82.37 132.62
C GLY CA 404 115.95 -83.80 132.43
N ARG CA 405 115.06 -84.73 132.14
CA ARG CA 405 115.46 -86.12 131.93
C ARG CA 405 116.25 -86.25 130.64
N SER CA 406 117.27 -87.12 130.67
CA SER CA 406 118.06 -87.37 129.48
C SER CA 406 117.24 -88.14 128.44
N THR CA 407 117.29 -87.67 127.20
CA THR CA 407 116.53 -88.30 126.12
C THR CA 407 117.21 -89.53 125.56
N GLY CA 408 118.44 -89.82 125.96
CA GLY CA 408 119.20 -90.90 125.36
C GLY CA 408 119.84 -90.54 124.04
N LYS CA 409 119.75 -89.28 123.60
CA LYS CA 409 120.31 -88.83 122.35
C LYS CA 409 121.24 -87.64 122.61
N GLY CA 410 122.26 -87.51 121.78
CA GLY CA 410 123.21 -86.44 121.92
C GLY CA 410 123.85 -86.07 120.60
N ILE CA 411 124.46 -84.89 120.57
CA ILE CA 411 125.21 -84.42 119.42
C ILE CA 411 126.60 -84.01 119.88
N VAL CA 412 127.62 -84.49 119.17
CA VAL CA 412 129.01 -84.19 119.48
C VAL CA 412 129.57 -83.30 118.38
N GLU CA 413 130.24 -82.22 118.77
CA GLU CA 413 130.80 -81.24 117.84
C GLU CA 413 132.32 -81.33 117.94
N PHE CA 414 132.92 -82.14 117.07
CA PHE CA 414 134.37 -82.23 117.02
C PHE CA 414 134.99 -80.94 116.53
N ALA CA 415 136.17 -80.63 117.04
CA ALA CA 415 136.84 -79.38 116.65
C ALA CA 415 137.40 -79.45 115.24
N SER CA 416 137.60 -80.66 114.71
CA SER CA 416 138.16 -80.85 113.38
C SER CA 416 137.35 -81.87 112.61
N LYS CA 417 137.27 -81.67 111.29
CA LYS CA 417 136.57 -82.62 110.43
C LYS CA 417 137.20 -84.01 110.45
N PRO CA 418 138.53 -84.19 110.35
CA PRO CA 418 139.09 -85.55 110.38
C PRO CA 418 138.75 -86.30 111.65
N ALA CA 419 138.75 -85.64 112.81
CA ALA CA 419 138.36 -86.32 114.05
C ALA CA 419 136.91 -86.76 114.01
N ALA CA 420 136.04 -85.90 113.48
CA ALA CA 420 134.63 -86.25 113.37
C ALA CA 420 134.41 -87.45 112.46
N ARG CA 421 135.13 -87.51 111.34
CA ARG CA 421 134.95 -88.65 110.43
C ARG CA 421 135.58 -89.91 111.01
N LYS CA 422 136.71 -89.79 111.71
CA LYS CA 422 137.33 -90.95 112.34
C LYS CA 422 136.46 -91.51 113.45
N ALA CA 423 135.73 -90.66 114.17
CA ALA CA 423 134.81 -91.18 115.18
C ALA CA 423 133.80 -92.13 114.57
N PHE CA 424 133.17 -91.71 113.47
CA PHE CA 424 132.20 -92.58 112.79
C PHE CA 424 132.85 -93.81 112.20
N GLU CA 425 134.05 -93.66 111.62
CA GLU CA 425 134.73 -94.81 111.04
C GLU CA 425 135.07 -95.85 112.08
N ARG CA 426 135.51 -95.42 113.27
CA ARG CA 426 135.84 -96.36 114.33
C ARG CA 426 134.58 -96.95 114.97
N CYS CA 427 133.50 -96.17 115.04
CA CYS CA 427 132.28 -96.66 115.67
C CYS CA 427 131.41 -97.49 114.74
N SER CA 428 131.70 -97.50 113.43
CA SER CA 428 130.89 -98.29 112.50
C SER CA 428 131.10 -99.78 112.73
N GLU CA 429 132.33 -100.26 112.53
CA GLU CA 429 132.61 -101.67 112.77
C GLU CA 429 133.12 -101.93 114.18
N GLY CA 430 133.95 -101.03 114.71
CA GLY CA 430 134.29 -101.09 116.12
C GLY CA 430 133.16 -100.63 116.99
N VAL CA 431 133.18 -101.06 118.25
CA VAL CA 431 132.07 -100.85 119.17
C VAL CA 431 132.61 -100.18 120.42
N PHE CA 432 132.01 -99.05 120.80
CA PHE CA 432 132.40 -98.29 121.97
C PHE CA 432 131.39 -98.46 123.10
N LEU CA 433 131.86 -98.27 124.33
CA LEU CA 433 131.02 -98.40 125.50
C LEU CA 433 131.15 -97.15 126.36
N LEU CA 434 130.02 -96.74 126.95
CA LEU CA 434 129.95 -95.53 127.76
C LEU CA 434 129.69 -95.80 129.24
N THR CA 435 129.24 -97.00 129.60
CA THR CA 435 128.75 -97.24 130.96
C THR CA 435 129.10 -98.68 131.33
N THR CA 436 129.13 -98.94 132.64
CA THR CA 436 129.39 -100.30 133.13
C THR CA 436 128.40 -101.29 132.52
N THR CA 437 127.13 -100.92 132.44
CA THR CA 437 126.18 -101.70 131.67
C THR CA 437 126.54 -101.57 130.20
N PRO CA 438 126.87 -102.67 129.51
CA PRO CA 438 127.37 -102.54 128.13
C PRO CA 438 126.26 -102.24 127.13
N ARG CA 439 125.85 -100.97 127.08
CA ARG CA 439 124.94 -100.49 126.04
C ARG CA 439 125.74 -99.67 125.04
N PRO CA 440 126.17 -100.24 123.93
CA PRO CA 440 127.06 -99.52 123.01
C PRO CA 440 126.41 -98.28 122.43
N VAL CA 441 127.23 -97.26 122.21
CA VAL CA 441 126.81 -96.04 121.55
C VAL CA 441 126.99 -96.21 120.04
N ILE CA 442 126.00 -95.77 119.27
CA ILE CA 442 126.01 -95.87 117.82
C ILE CA 442 125.87 -94.47 117.24
N VAL CA 443 126.75 -94.13 116.32
CA VAL CA 443 126.83 -92.78 115.78
C VAL CA 443 126.32 -92.77 114.34
N GLU CA 444 125.76 -91.61 113.95
CA GLU CA 444 125.27 -91.37 112.61
C GLU CA 444 125.57 -89.93 112.24
N PRO CA 445 125.69 -89.62 110.94
CA PRO CA 445 125.84 -88.22 110.54
C PRO CA 445 124.62 -87.40 110.95
N LEU CA 446 124.88 -86.16 111.36
CA LEU CA 446 123.83 -85.28 111.87
C LEU CA 446 123.20 -84.49 110.73
N GLU CA 447 121.87 -84.48 110.70
CA GLU CA 447 121.14 -83.72 109.69
C GLU CA 447 121.06 -82.26 110.10
N GLN CA 448 121.32 -81.37 109.15
CA GLN CA 448 121.32 -79.92 109.39
C GLN CA 448 119.91 -79.39 109.12
N LEU CA 449 119.19 -79.04 110.18
CA LEU CA 449 117.84 -78.52 110.08
C LEU CA 449 117.79 -77.13 110.70
N ASP CA 450 117.10 -76.21 110.01
CA ASP CA 450 116.99 -74.82 110.46
C ASP CA 450 115.56 -74.55 110.89
N ASP CA 451 115.40 -73.89 112.05
CA ASP CA 451 114.10 -73.57 112.60
C ASP CA 451 113.91 -72.06 112.80
N GLU CA 452 114.69 -71.24 112.09
CA GLU CA 452 114.55 -69.79 112.21
C GLU CA 452 114.36 -69.14 110.84
N ASP CA 453 115.03 -69.67 109.83
CA ASP CA 453 114.98 -69.15 108.46
C ASP CA 453 114.58 -70.28 107.54
N GLY CA 454 113.27 -70.41 107.28
CA GLY CA 454 112.79 -71.46 106.42
C GLY CA 454 112.82 -71.10 104.95
N LEU CA 455 111.75 -71.45 104.22
CA LEU CA 455 111.67 -71.15 102.80
C LEU CA 455 111.10 -69.74 102.62
N PRO CA 456 111.86 -68.83 102.03
CA PRO CA 456 111.41 -67.45 101.89
C PRO CA 456 110.47 -67.28 100.70
N GLU CA 457 109.83 -66.11 100.65
CA GLU CA 457 108.87 -65.84 99.58
C GLU CA 457 109.55 -65.76 98.22
N LYS CA 458 110.77 -65.20 98.18
CA LYS CA 458 111.44 -65.02 96.90
C LYS CA 458 111.71 -66.36 96.21
N LEU CA 459 112.16 -67.35 96.97
CA LEU CA 459 112.41 -68.66 96.39
C LEU CA 459 111.12 -69.41 96.10
N ALA CA 460 110.04 -69.09 96.82
CA ALA CA 460 108.78 -69.78 96.62
C ALA CA 460 108.20 -69.48 95.24
N GLN CA 461 108.12 -68.20 94.88
CA GLN CA 461 107.46 -67.78 93.66
C GLN CA 461 108.31 -67.99 92.41
N LYS CA 462 109.57 -68.43 92.57
CA LYS CA 462 110.39 -68.74 91.40
C LYS CA 462 109.77 -69.88 90.59
N ASN CA 463 109.25 -70.90 91.27
CA ASN CA 463 108.53 -71.95 90.58
C ASN CA 463 107.19 -71.41 90.08
N PRO CA 464 106.89 -71.53 88.78
CA PRO CA 464 105.66 -70.92 88.25
C PRO CA 464 104.37 -71.48 88.83
N MET CA 465 104.39 -72.67 89.43
CA MET CA 465 103.18 -73.24 89.99
C MET CA 465 102.85 -72.72 91.40
N TYR CA 466 103.80 -72.06 92.07
CA TYR CA 466 103.55 -71.65 93.45
C TYR CA 466 102.44 -70.61 93.53
N GLN CA 467 102.46 -69.62 92.63
CA GLN CA 467 101.46 -68.56 92.67
C GLN CA 467 100.08 -69.09 92.35
N LYS CA 468 99.97 -70.05 91.42
CA LYS CA 468 98.68 -70.59 91.04
C LYS CA 468 98.13 -71.59 92.05
N GLU CA 469 98.93 -71.97 93.05
CA GLU CA 469 98.47 -72.85 94.12
C GLU CA 469 97.90 -72.10 95.32
N ARG CA 470 97.95 -70.76 95.31
CA ARG CA 470 97.53 -69.96 96.45
C ARG CA 470 96.26 -69.16 96.21
N GLU CA 471 95.56 -69.41 95.10
CA GLU CA 471 94.30 -68.72 94.87
C GLU CA 471 93.26 -69.09 95.92
N THR CA 472 93.23 -70.35 96.34
CA THR CA 472 92.33 -70.75 97.42
C THR CA 472 92.94 -70.36 98.75
N PRO CA 473 92.28 -69.51 99.54
CA PRO CA 473 92.83 -69.13 100.85
C PRO CA 473 92.78 -70.32 101.80
N PRO CA 474 93.65 -70.34 102.81
CA PRO CA 474 93.59 -71.41 103.81
C PRO CA 474 92.21 -71.49 104.45
N ARG CA 475 91.66 -72.69 104.49
CA ARG CA 475 90.28 -72.91 104.89
C ARG CA 475 90.18 -74.17 105.74
N PHE CA 476 88.97 -74.44 106.23
CA PHE CA 476 88.66 -75.63 107.01
C PHE CA 476 87.77 -76.59 106.21
N ALA CA 477 87.80 -76.48 104.89
CA ALA CA 477 86.93 -77.25 103.99
C ALA CA 477 85.47 -76.97 104.28
N GLN CA 478 84.57 -77.80 103.73
CA GLN CA 478 83.15 -77.62 103.92
C GLN CA 478 82.47 -78.97 103.75
N HIS CA 479 81.60 -79.32 104.71
CA HIS CA 479 80.92 -80.60 104.67
C HIS CA 479 80.12 -80.74 103.38
N GLY CA 480 80.27 -81.88 102.71
CA GLY CA 480 79.63 -82.14 101.44
C GLY CA 480 80.50 -81.87 100.23
N THR CA 481 81.64 -81.20 100.41
CA THR CA 481 82.52 -80.90 99.31
C THR CA 481 83.53 -82.02 99.09
N PHE CA 482 84.15 -82.02 97.90
CA PHE CA 482 85.14 -83.04 97.58
C PHE CA 482 86.36 -82.94 98.48
N GLU CA 483 86.81 -81.71 98.77
CA GLU CA 483 87.98 -81.54 99.62
C GLU CA 483 87.74 -82.10 101.01
N TYR CA 484 86.55 -81.85 101.58
CA TYR CA 484 86.23 -82.42 102.89
C TYR CA 484 86.06 -83.93 102.80
N GLU CA 485 85.52 -84.43 101.68
CA GLU CA 485 85.36 -85.87 101.51
C GLU CA 485 86.70 -86.59 101.51
N TYR CA 486 87.71 -86.04 100.82
CA TYR CA 486 89.01 -86.67 100.74
C TYR CA 486 89.93 -86.32 101.91
N SER CA 487 89.64 -85.24 102.63
CA SER CA 487 90.38 -84.95 103.85
C SER CA 487 90.13 -86.03 104.90
N GLN CA 488 88.95 -86.66 104.86
CA GLN CA 488 88.70 -87.78 105.75
C GLN CA 488 89.61 -88.96 105.42
N ARG CA 489 89.84 -89.22 104.13
CA ARG CA 489 90.79 -90.26 103.75
C ARG CA 489 92.20 -89.92 104.21
N TRP CA 490 92.61 -88.66 104.04
CA TRP CA 490 93.92 -88.25 104.53
C TRP CA 490 94.04 -88.44 106.04
N LYS CA 491 92.98 -88.07 106.78
CA LYS CA 491 93.00 -88.23 108.24
C LYS CA 491 93.06 -89.70 108.63
N SER CA 492 92.37 -90.56 107.87
CA SER CA 492 92.46 -92.00 108.12
C SER CA 492 93.89 -92.51 107.91
N LEU CA 493 94.55 -92.03 106.85
CA LEU CA 493 95.94 -92.40 106.64
C LEU CA 493 96.83 -91.91 107.78
N ASP CA 494 96.61 -90.69 108.24
CA ASP CA 494 97.37 -90.18 109.38
C ASP CA 494 97.14 -91.02 110.62
N GLU CA 495 95.89 -91.42 110.87
CA GLU CA 495 95.57 -92.22 112.04
C GLU CA 495 96.24 -93.59 111.97
N MET CA 496 96.21 -94.23 110.80
CA MET CA 496 96.84 -95.55 110.69
C MET CA 496 98.36 -95.44 110.82
N GLU CA 497 98.95 -94.36 110.28
CA GLU CA 497 100.37 -94.15 110.47
C GLU CA 497 100.72 -93.95 111.95
N LYS CA 498 99.89 -93.20 112.66
CA LYS CA 498 100.09 -93.01 114.09
C LYS CA 498 99.99 -94.33 114.84
N GLN CA 499 99.00 -95.16 114.48
CA GLN CA 499 98.86 -96.46 115.12
C GLN CA 499 100.07 -97.35 114.86
N GLN CA 500 100.59 -97.34 113.63
CA GLN CA 500 101.78 -98.11 113.32
C GLN CA 500 102.98 -97.61 114.11
N ARG CA 501 103.13 -96.29 114.24
CA ARG CA 501 104.24 -95.73 115.01
C ARG CA 501 104.13 -96.12 116.49
N GLU CA 502 102.91 -96.07 117.04
CA GLU CA 502 102.73 -96.47 118.43
C GLU CA 502 103.03 -97.95 118.62
N GLN CA 503 102.63 -98.79 117.66
CA GLN CA 503 102.96 -100.22 117.74
C GLN CA 503 104.48 -100.44 117.71
N VAL CA 504 105.17 -99.71 116.84
CA VAL CA 504 106.63 -99.81 116.76
C VAL CA 504 107.27 -99.40 118.08
N GLU CA 505 106.79 -98.28 118.65
CA GLU CA 505 107.34 -97.79 119.91
C GLU CA 505 107.11 -98.80 121.03
N LYS CA 506 105.92 -99.38 121.10
CA LYS CA 506 105.63 -100.39 122.11
C LYS CA 506 106.50 -101.63 121.91
N ASN CA 507 106.75 -102.01 120.66
CA ASN CA 507 107.59 -103.18 120.40
C ASN CA 507 109.01 -102.95 120.90
N MET CA 508 109.60 -101.79 120.58
CA MET CA 508 110.94 -101.50 121.10
C MET CA 508 110.94 -101.36 122.61
N LYS CA 509 109.88 -100.80 123.18
CA LYS CA 509 109.80 -100.68 124.64
C LYS CA 509 109.83 -102.04 125.31
N ASP CA 510 109.01 -102.97 124.81
CA ASP CA 510 108.97 -104.30 125.44
C ASP CA 510 110.26 -105.06 125.17
N ALA CA 511 110.88 -104.86 124.00
CA ALA CA 511 112.16 -105.50 123.72
C ALA CA 511 113.24 -105.02 124.69
N LYS CA 512 113.31 -103.71 124.93
CA LYS CA 512 114.28 -103.18 125.87
C LYS CA 512 114.00 -103.65 127.30
N ASP CA 513 112.72 -103.68 127.69
CA ASP CA 513 112.36 -104.17 129.01
C ASP CA 513 112.75 -105.63 129.18
N LYS CA 514 112.56 -106.43 128.13
CA LYS CA 514 112.98 -107.83 128.18
C LYS CA 514 114.49 -107.94 128.33
N LEU CA 515 115.24 -107.21 127.49
CA LEU CA 515 116.70 -107.25 127.61
C LEU CA 515 117.16 -106.80 128.99
N GLU CA 516 116.39 -105.94 129.65
CA GLU CA 516 116.73 -105.57 131.03
C GLU CA 516 116.53 -106.75 131.98
N SER CA 517 115.66 -107.70 131.61
CA SER CA 517 115.37 -108.82 132.51
C SER CA 517 116.50 -109.83 132.57
N GLU CA 518 117.11 -110.16 131.43
CA GLU CA 518 118.14 -111.19 131.40
C GLU CA 518 119.56 -110.63 131.56
N MET CA 519 119.71 -109.53 132.29
CA MET CA 519 121.06 -109.07 132.64
C MET CA 519 121.80 -110.11 133.47
N GLU CA 520 121.18 -110.57 134.56
CA GLU CA 520 121.87 -111.48 135.47
C GLU CA 520 122.04 -112.86 134.85
N ASP CA 521 121.01 -113.36 134.16
CA ASP CA 521 121.09 -114.71 133.59
C ASP CA 521 122.17 -114.79 132.53
N ALA CA 522 122.29 -113.77 131.69
CA ALA CA 522 123.35 -113.76 130.68
C ALA CA 522 124.73 -113.69 131.33
N TYR CA 523 124.86 -112.90 132.40
CA TYR CA 523 126.15 -112.79 133.08
C TYR CA 523 126.56 -114.11 133.71
N HIS CA 524 125.62 -114.82 134.34
CA HIS CA 524 125.96 -116.08 134.99
C HIS CA 524 126.33 -117.15 133.96
N GLU CA 525 125.61 -117.21 132.84
CA GLU CA 525 125.87 -118.21 131.82
C GLU CA 525 127.18 -117.92 131.08
N LYS DA 69 109.08 -59.31 117.01
CA LYS DA 69 108.19 -58.23 117.41
C LYS DA 69 108.48 -57.79 118.85
N THR DA 70 107.51 -57.14 119.48
CA THR DA 70 107.67 -56.64 120.84
C THR DA 70 106.85 -57.47 121.81
N PHE DA 71 107.40 -57.67 123.01
CA PHE DA 71 106.74 -58.41 124.09
C PHE DA 71 106.31 -59.81 123.63
N THR DA 72 107.30 -60.57 123.15
CA THR DA 72 107.06 -61.93 122.69
C THR DA 72 107.20 -62.91 123.85
N GLN DA 73 106.61 -64.10 123.66
CA GLN DA 73 106.73 -65.14 124.67
C GLN DA 73 108.18 -65.62 124.81
N ARG DA 74 108.95 -65.60 123.71
CA ARG DA 74 110.36 -65.92 123.81
C ARG DA 74 111.11 -64.91 124.67
N SER DA 75 110.65 -63.66 124.69
CA SER DA 75 111.28 -62.64 125.53
C SER DA 75 111.08 -62.90 127.01
N ARG DA 76 110.12 -63.77 127.38
CA ARG DA 76 109.95 -64.12 128.78
C ARG DA 76 111.16 -64.86 129.29
N LEU DA 77 111.60 -64.51 130.50
CA LEU DA 77 112.79 -65.08 131.09
C LEU DA 77 112.46 -65.81 132.39
N PHE DA 78 113.19 -66.88 132.66
CA PHE DA 78 113.05 -67.65 133.88
C PHE DA 78 114.16 -67.25 134.85
N VAL DA 79 113.79 -66.72 136.00
CA VAL DA 79 114.73 -66.26 137.01
C VAL DA 79 114.52 -67.08 138.27
N GLY DA 80 115.59 -67.70 138.77
CA GLY DA 80 115.50 -68.54 139.94
C GLY DA 80 116.57 -68.19 140.96
N ASN DA 81 116.52 -68.90 142.09
CA ASN DA 81 117.46 -68.71 143.19
C ASN DA 81 117.45 -67.27 143.71
N LEU DA 82 116.27 -66.65 143.71
CA LEU DA 82 116.14 -65.30 144.22
C LEU DA 82 116.10 -65.31 145.75
N PRO DA 83 116.56 -64.23 146.40
CA PRO DA 83 116.57 -64.20 147.85
C PRO DA 83 115.15 -64.24 148.40
N PRO DA 84 114.96 -64.76 149.61
CA PRO DA 84 113.60 -64.89 150.17
C PRO DA 84 112.90 -63.56 150.38
N ASP DA 85 113.64 -62.45 150.54
CA ASP DA 85 113.05 -61.12 150.72
C ASP DA 85 112.80 -60.40 149.40
N ILE DA 86 112.63 -61.16 148.31
CA ILE DA 86 112.46 -60.55 146.99
C ILE DA 86 111.14 -59.79 146.92
N THR DA 87 111.16 -58.66 146.22
CA THR DA 87 109.98 -57.81 146.08
C THR DA 87 109.83 -57.41 144.62
N GLU DA 88 108.62 -56.98 144.26
CA GLU DA 88 108.33 -56.58 142.89
C GLU DA 88 109.18 -55.40 142.45
N GLU DA 89 109.27 -54.37 143.29
CA GLU DA 89 110.04 -53.18 142.94
C GLU DA 89 111.52 -53.48 142.82
N GLU DA 90 112.03 -54.43 143.62
CA GLU DA 90 113.45 -54.79 143.53
C GLU DA 90 113.78 -55.39 142.18
N MET DA 91 112.92 -56.29 141.67
CA MET DA 91 113.15 -56.84 140.34
C MET DA 91 112.88 -55.82 139.24
N ARG DA 92 111.94 -54.89 139.47
CA ARG DA 92 111.72 -53.82 138.50
C ARG DA 92 112.96 -52.96 138.37
N LYS DA 93 113.62 -52.65 139.49
CA LYS DA 93 114.86 -51.88 139.45
C LYS DA 93 116.03 -52.70 138.92
N LEU DA 94 116.03 -54.01 139.16
CA LEU DA 94 117.09 -54.86 138.64
C LEU DA 94 117.06 -54.89 137.12
N PHE DA 95 115.87 -54.95 136.53
CA PHE DA 95 115.71 -54.92 135.08
C PHE DA 95 115.46 -53.51 134.56
N GLU DA 96 115.80 -52.49 135.35
CA GLU DA 96 115.62 -51.11 134.90
C GLU DA 96 116.50 -50.79 133.71
N LYS DA 97 117.71 -51.34 133.68
CA LYS DA 97 118.59 -51.17 132.52
C LYS DA 97 117.98 -51.74 131.25
N TYR DA 98 117.07 -52.71 131.37
CA TYR DA 98 116.43 -53.35 130.23
C TYR DA 98 115.02 -52.81 130.00
N GLY DA 99 114.79 -51.54 130.30
CA GLY DA 99 113.53 -50.89 129.99
C GLY DA 99 112.36 -51.44 130.79
N LYS DA 100 111.18 -51.37 130.17
CA LYS DA 100 109.95 -51.80 130.82
C LYS DA 100 109.92 -53.31 131.02
N ALA DA 101 109.24 -53.74 132.07
CA ALA DA 101 109.07 -55.13 132.40
C ALA DA 101 107.59 -55.53 132.28
N GLY DA 102 107.36 -56.79 131.96
CA GLY DA 102 106.01 -57.28 131.77
C GLY DA 102 105.34 -57.72 133.05
N GLU DA 103 104.76 -58.92 133.05
CA GLU DA 103 104.09 -59.44 134.24
C GLU DA 103 105.12 -59.83 135.28
N VAL DA 104 105.07 -59.16 136.43
CA VAL DA 104 106.01 -59.42 137.53
C VAL DA 104 105.33 -60.45 138.44
N PHE DA 105 105.53 -61.73 138.13
CA PHE DA 105 105.04 -62.82 138.95
C PHE DA 105 106.20 -63.40 139.74
N ILE DA 106 106.05 -63.46 141.07
CA ILE DA 106 107.12 -63.88 141.96
C ILE DA 106 106.55 -64.79 143.03
N HIS DA 107 107.30 -65.82 143.40
CA HIS DA 107 106.97 -66.69 144.53
C HIS DA 107 107.95 -66.37 145.65
N LYS DA 108 107.42 -65.91 146.78
CA LYS DA 108 108.28 -65.45 147.87
C LYS DA 108 109.03 -66.60 148.53
N ASP DA 109 108.35 -67.72 148.76
CA ASP DA 109 108.97 -68.83 149.47
C ASP DA 109 109.89 -69.65 148.58
N LYS DA 110 109.41 -70.02 147.39
CA LYS DA 110 110.20 -70.87 146.51
C LYS DA 110 111.45 -70.14 145.99
N GLY DA 111 111.31 -68.86 145.67
CA GLY DA 111 112.45 -68.08 145.23
C GLY DA 111 112.64 -67.96 143.74
N PHE DA 112 111.60 -68.24 142.94
CA PHE DA 112 111.68 -68.05 141.49
C PHE DA 112 110.36 -67.50 140.98
N GLY DA 113 110.41 -66.88 139.81
CA GLY DA 113 109.22 -66.28 139.23
C GLY DA 113 109.42 -66.04 137.74
N PHE DA 114 108.36 -65.54 137.12
CA PHE DA 114 108.32 -65.27 135.69
C PHE DA 114 108.30 -63.76 135.46
N ILE DA 115 109.11 -63.30 134.51
CA ILE DA 115 109.18 -61.89 134.16
C ILE DA 115 109.39 -61.76 132.66
N ARG DA 116 108.70 -60.80 132.06
CA ARG DA 116 108.82 -60.51 130.64
C ARG DA 116 109.43 -59.13 130.44
N LEU DA 117 110.35 -59.02 129.49
CA LEU DA 117 111.03 -57.78 129.19
C LEU DA 117 110.42 -57.15 127.93
N GLU DA 118 111.06 -56.08 127.45
CA GLU DA 118 110.55 -55.34 126.30
C GLU DA 118 110.51 -56.23 125.06
N THR DA 119 111.67 -56.66 124.59
CA THR DA 119 111.78 -57.53 123.42
C THR DA 119 112.73 -58.68 123.76
N ARG DA 120 112.95 -59.55 122.77
CA ARG DA 120 113.82 -60.70 122.98
C ARG DA 120 115.30 -60.30 123.00
N THR DA 121 115.67 -59.23 122.31
CA THR DA 121 117.06 -58.76 122.37
C THR DA 121 117.43 -58.33 123.78
N LEU DA 122 116.57 -57.53 124.41
CA LEU DA 122 116.81 -57.14 125.80
C LEU DA 122 116.74 -58.34 126.73
N ALA DA 123 115.89 -59.32 126.40
CA ALA DA 123 115.83 -60.54 127.19
C ALA DA 123 117.15 -61.29 127.14
N GLU DA 124 117.75 -61.41 125.96
CA GLU DA 124 119.05 -62.05 125.84
C GLU DA 124 120.13 -61.25 126.56
N ILE DA 125 120.08 -59.92 126.45
CA ILE DA 125 121.06 -59.09 127.13
C ILE DA 125 120.98 -59.29 128.64
N ALA DA 126 119.76 -59.34 129.18
CA ALA DA 126 119.60 -59.59 130.61
C ALA DA 126 120.06 -60.98 130.99
N LYS DA 127 119.66 -61.99 130.21
CA LYS DA 127 120.03 -63.37 130.53
C LYS DA 127 121.53 -63.59 130.48
N VAL DA 128 122.25 -62.82 129.67
CA VAL DA 128 123.71 -62.91 129.62
C VAL DA 128 124.35 -62.11 130.75
N GLU DA 129 123.92 -60.85 130.92
CA GLU DA 129 124.52 -60.00 131.94
C GLU DA 129 124.15 -60.45 133.34
N LEU DA 130 122.88 -60.78 133.58
CA LEU DA 130 122.41 -61.14 134.91
C LEU DA 130 122.66 -62.59 135.26
N ASP DA 131 123.38 -63.32 134.42
CA ASP DA 131 123.66 -64.72 134.71
C ASP DA 131 124.77 -64.86 135.75
N ASN DA 132 124.49 -65.59 136.82
CA ASN DA 132 125.48 -66.08 137.77
C ASN DA 132 126.15 -64.97 138.60
N MET DA 133 125.52 -63.81 138.77
CA MET DA 133 126.03 -62.87 139.76
C MET DA 133 125.44 -63.19 141.12
N PRO DA 134 126.19 -63.04 142.22
CA PRO DA 134 125.60 -63.22 143.55
C PRO DA 134 124.58 -62.13 143.84
N LEU DA 135 123.56 -62.48 144.64
CA LEU DA 135 122.55 -61.54 145.06
C LEU DA 135 122.17 -61.90 146.49
N ARG DA 136 122.75 -61.20 147.46
CA ARG DA 136 122.57 -61.48 148.88
C ARG DA 136 122.93 -62.94 149.18
N GLY DA 137 124.14 -63.32 148.77
CA GLY DA 137 124.59 -64.70 148.96
C GLY DA 137 123.81 -65.72 148.18
N LYS DA 138 123.48 -65.42 146.94
CA LYS DA 138 122.71 -66.35 146.10
C LYS DA 138 122.96 -65.99 144.65
N GLN DA 139 123.65 -66.87 143.92
CA GLN DA 139 123.87 -66.65 142.50
C GLN DA 139 122.55 -66.77 141.73
N LEU DA 140 122.37 -65.92 140.73
CA LEU DA 140 121.13 -65.91 139.97
C LEU DA 140 121.23 -66.85 138.78
N ARG DA 141 120.29 -67.76 138.68
CA ARG DA 141 120.20 -68.73 137.58
C ARG DA 141 119.11 -68.26 136.63
N VAL DA 142 119.50 -67.43 135.66
CA VAL DA 142 118.57 -66.88 134.69
C VAL DA 142 118.69 -67.70 133.41
N ARG DA 143 117.57 -68.28 132.98
CA ARG DA 143 117.52 -69.11 131.79
C ARG DA 143 116.32 -68.71 130.95
N PHE DA 144 116.41 -69.02 129.65
CA PHE DA 144 115.31 -68.73 128.75
C PHE DA 144 114.09 -69.58 129.11
N ALA DA 145 112.91 -68.96 129.01
CA ALA DA 145 111.66 -69.63 129.35
C ALA DA 145 111.14 -70.39 128.14
N CYS DA 146 110.81 -71.67 128.34
CA CYS DA 146 110.30 -72.49 127.27
C CYS DA 146 108.90 -72.05 126.85
N HIS DA 147 108.61 -72.15 125.56
CA HIS DA 147 107.30 -71.76 125.05
C HIS DA 147 106.25 -72.77 125.51
N SER DA 148 105.08 -72.25 125.90
CA SER DA 148 104.02 -73.09 126.45
C SER DA 148 102.83 -73.26 125.50
N ALA DA 149 102.89 -72.67 124.30
CA ALA DA 149 101.78 -72.72 123.35
C ALA DA 149 102.29 -72.99 121.95
N SER DA 150 103.22 -73.93 121.83
CA SER DA 150 103.89 -74.22 120.56
C SER DA 150 103.49 -75.61 120.07
N LEU DA 151 103.21 -75.72 118.78
CA LEU DA 151 102.70 -76.97 118.20
C LEU DA 151 103.44 -77.29 116.90
N THR DA 152 103.70 -78.57 116.68
CA THR DA 152 104.37 -79.05 115.48
C THR DA 152 103.33 -79.25 114.38
N VAL DA 153 103.66 -78.80 113.17
CA VAL DA 153 102.84 -79.03 111.99
C VAL DA 153 103.61 -79.95 111.05
N ARG DA 154 102.95 -81.02 110.61
CA ARG DA 154 103.58 -82.04 109.79
C ARG DA 154 102.82 -82.19 108.48
N ASN DA 155 103.46 -82.88 107.53
CA ASN DA 155 102.89 -83.16 106.21
C ASN DA 155 102.50 -81.87 105.49
N LEU DA 156 103.45 -80.93 105.45
CA LEU DA 156 103.22 -79.67 104.77
C LEU DA 156 103.21 -79.89 103.25
N PRO DA 157 102.50 -79.04 102.51
CA PRO DA 157 102.47 -79.17 101.05
C PRO DA 157 103.85 -78.94 100.44
N GLN DA 158 103.92 -79.19 99.12
CA GLN DA 158 105.20 -79.07 98.41
C GLN DA 158 105.71 -77.64 98.43
N TYR DA 159 104.84 -76.66 98.21
CA TYR DA 159 105.22 -75.25 98.17
C TYR DA 159 104.58 -74.56 99.37
N VAL DA 160 105.41 -74.16 100.33
CA VAL DA 160 104.98 -73.51 101.55
C VAL DA 160 105.87 -72.30 101.80
N SER DA 161 105.48 -71.48 102.78
CA SER DA 161 106.27 -70.33 103.18
C SER DA 161 105.92 -69.99 104.62
N ASN DA 162 106.82 -69.23 105.26
CA ASN DA 162 106.60 -68.82 106.64
C ASN DA 162 105.36 -67.94 106.75
N GLU DA 163 105.18 -67.03 105.79
CA GLU DA 163 103.99 -66.20 105.78
C GLU DA 163 102.73 -67.03 105.58
N LEU DA 164 102.82 -68.09 104.76
CA LEU DA 164 101.68 -68.97 104.56
C LEU DA 164 101.27 -69.64 105.86
N LEU DA 165 102.25 -70.11 106.64
CA LEU DA 165 101.93 -70.73 107.93
C LEU DA 165 101.38 -69.72 108.92
N GLU DA 166 101.99 -68.53 109.01
CA GLU DA 166 101.54 -67.56 109.99
C GLU DA 166 100.22 -66.89 109.62
N GLU DA 167 99.82 -66.96 108.35
CA GLU DA 167 98.50 -66.48 107.96
C GLU DA 167 97.43 -67.55 108.12
N ALA DA 168 97.75 -68.79 107.77
CA ALA DA 168 96.78 -69.87 107.88
C ALA DA 168 96.38 -70.12 109.33
N PHE DA 169 97.35 -70.10 110.24
CA PHE DA 169 97.09 -70.39 111.65
C PHE DA 169 96.73 -69.13 112.45
N SER DA 170 96.62 -67.98 111.80
CA SER DA 170 96.23 -66.76 112.50
C SER DA 170 94.77 -66.78 112.93
N VAL DA 171 93.96 -67.71 112.40
CA VAL DA 171 92.54 -67.75 112.76
C VAL DA 171 92.36 -68.19 114.20
N PHE DA 172 93.25 -69.05 114.71
CA PHE DA 172 93.17 -69.50 116.10
C PHE DA 172 93.69 -68.47 117.09
N GLY DA 173 94.42 -67.47 116.62
CA GLY DA 173 94.99 -66.47 117.49
C GLY DA 173 96.21 -65.85 116.85
N GLN DA 174 96.90 -65.03 117.63
CA GLN DA 174 98.11 -64.35 117.17
C GLN DA 174 99.26 -65.36 117.16
N VAL DA 175 100.01 -65.37 116.06
CA VAL DA 175 101.16 -66.26 115.91
C VAL DA 175 102.42 -65.45 116.16
N GLU DA 176 103.19 -65.86 117.17
CA GLU DA 176 104.45 -65.18 117.46
C GLU DA 176 105.40 -65.26 116.28
N ARG DA 177 105.62 -66.47 115.76
CA ARG DA 177 106.44 -66.68 114.59
C ARG DA 177 106.18 -68.08 114.05
N ALA DA 178 106.23 -68.21 112.73
CA ALA DA 178 106.01 -69.48 112.05
C ALA DA 178 107.14 -69.71 111.05
N VAL DA 179 107.73 -70.89 111.09
CA VAL DA 179 108.83 -71.23 110.21
C VAL DA 179 108.63 -72.66 109.71
N VAL DA 180 109.18 -72.94 108.53
CA VAL DA 180 109.19 -74.28 107.95
C VAL DA 180 110.61 -74.81 108.05
N ILE DA 181 110.76 -76.00 108.63
CA ILE DA 181 112.09 -76.59 108.81
C ILE DA 181 112.66 -76.91 107.43
N VAL DA 182 113.79 -76.31 107.10
CA VAL DA 182 114.43 -76.46 105.80
C VAL DA 182 115.87 -76.87 106.01
N ASP DA 183 116.32 -77.87 105.25
CA ASP DA 183 117.68 -78.37 105.40
C ASP DA 183 118.68 -77.36 104.85
N ASP DA 184 119.96 -77.76 104.88
CA ASP DA 184 121.03 -76.88 104.42
C ASP DA 184 120.91 -76.57 102.93
N ARG DA 185 120.53 -77.56 102.12
CA ARG DA 185 120.46 -77.35 100.68
C ARG DA 185 119.43 -76.29 100.32
N GLY DA 186 118.26 -76.33 100.97
CA GLY DA 186 117.23 -75.34 100.71
C GLY DA 186 115.88 -75.93 100.34
N ARG DA 187 115.69 -77.22 100.64
CA ARG DA 187 114.42 -77.87 100.35
C ARG DA 187 113.64 -78.11 101.62
N PRO DA 188 112.31 -78.04 101.56
CA PRO DA 188 111.50 -78.26 102.77
C PRO DA 188 111.68 -79.68 103.30
N SER DA 189 111.64 -79.80 104.62
CA SER DA 189 111.76 -81.09 105.30
C SER DA 189 110.43 -81.73 105.60
N GLY DA 190 109.32 -81.11 105.18
CA GLY DA 190 108.01 -81.66 105.46
C GLY DA 190 107.54 -81.47 106.88
N LYS DA 191 108.16 -80.54 107.62
CA LYS DA 191 107.80 -80.28 109.01
C LYS DA 191 107.63 -78.77 109.19
N GLY DA 192 106.67 -78.39 110.03
CA GLY DA 192 106.39 -77.00 110.27
C GLY DA 192 106.49 -76.66 111.74
N ILE DA 193 106.81 -75.39 112.01
CA ILE DA 193 106.93 -74.89 113.37
C ILE DA 193 106.10 -73.62 113.49
N VAL DA 194 105.07 -73.66 114.34
CA VAL DA 194 104.19 -72.52 114.59
C VAL DA 194 104.13 -72.29 116.09
N GLU DA 195 104.25 -71.02 116.50
CA GLU DA 195 104.23 -70.65 117.90
C GLU DA 195 103.19 -69.55 118.12
N PHE DA 196 102.29 -69.78 119.08
CA PHE DA 196 101.26 -68.82 119.43
C PHE DA 196 101.71 -68.00 120.63
N SER DA 197 100.80 -67.21 121.19
CA SER DA 197 101.09 -66.37 122.35
C SER DA 197 100.25 -66.71 123.56
N GLY DA 198 99.43 -67.76 123.50
CA GLY DA 198 98.58 -68.10 124.62
C GLY DA 198 98.20 -69.56 124.59
N LYS DA 199 98.14 -70.16 125.77
CA LYS DA 199 97.74 -71.57 125.88
C LYS DA 199 96.34 -71.85 125.32
N PRO DA 200 95.30 -71.05 125.60
CA PRO DA 200 93.99 -71.33 124.98
C PRO DA 200 94.03 -71.33 123.46
N ALA DA 201 94.81 -70.43 122.86
CA ALA DA 201 94.93 -70.42 121.41
C ALA DA 201 95.55 -71.71 120.90
N ALA DA 202 96.61 -72.19 121.55
CA ALA DA 202 97.24 -73.43 121.16
C ALA DA 202 96.28 -74.61 121.31
N ARG DA 203 95.54 -74.65 122.42
CA ARG DA 203 94.59 -75.73 122.64
C ARG DA 203 93.49 -75.72 121.57
N LYS DA 204 92.96 -74.54 121.26
CA LYS DA 204 91.93 -74.44 120.23
C LYS DA 204 92.46 -74.86 118.87
N ALA DA 205 93.67 -74.43 118.53
CA ALA DA 205 94.26 -74.82 117.25
C ALA DA 205 94.47 -76.32 117.17
N LEU DA 206 94.98 -76.93 118.25
CA LEU DA 206 95.19 -78.37 118.27
C LEU DA 206 93.87 -79.11 118.11
N ASP DA 207 92.85 -78.70 118.86
CA ASP DA 207 91.56 -79.39 118.79
C ASP DA 207 90.94 -79.27 117.41
N ARG DA 208 90.96 -78.07 116.83
CA ARG DA 208 90.35 -77.85 115.53
C ARG DA 208 91.10 -78.61 114.44
N CYS DA 209 92.43 -78.61 114.49
CA CYS DA 209 93.21 -79.32 113.48
C CYS DA 209 93.16 -80.84 113.66
N SER DA 210 92.84 -81.31 114.87
CA SER DA 210 92.72 -82.74 115.10
C SER DA 210 91.34 -83.27 114.69
N GLU DA 211 90.27 -82.70 115.25
CA GLU DA 211 88.94 -83.17 114.90
C GLU DA 211 88.56 -82.80 113.48
N GLY DA 212 89.03 -81.65 112.99
CA GLY DA 212 88.76 -81.21 111.64
C GLY DA 212 89.91 -81.53 110.71
N SER DA 213 89.91 -80.85 109.56
CA SER DA 213 90.96 -81.01 108.56
C SER DA 213 91.28 -79.63 108.01
N PHE DA 214 92.51 -79.18 108.21
CA PHE DA 214 92.94 -77.84 107.82
C PHE DA 214 93.76 -77.93 106.53
N LEU DA 215 93.25 -77.29 105.47
CA LEU DA 215 93.92 -77.23 104.18
C LEU DA 215 94.34 -75.80 103.91
N LEU DA 216 95.64 -75.61 103.64
CA LEU DA 216 96.21 -74.29 103.40
C LEU DA 216 96.65 -74.10 101.95
N THR DA 217 96.32 -75.05 101.08
CA THR DA 217 96.71 -74.98 99.68
C THR DA 217 95.66 -75.74 98.87
N THR DA 218 95.51 -75.36 97.61
CA THR DA 218 94.54 -76.02 96.74
C THR DA 218 94.86 -77.49 96.53
N PHE DA 219 96.09 -77.91 96.82
CA PHE DA 219 96.42 -79.33 96.85
C PHE DA 219 95.71 -79.96 98.05
N PRO DA 220 94.85 -80.95 97.86
CA PRO DA 220 94.09 -81.49 98.98
C PRO DA 220 94.93 -82.33 99.93
N ARG DA 221 95.67 -81.66 100.81
CA ARG DA 221 96.45 -82.36 101.82
C ARG DA 221 96.37 -81.63 103.15
N PRO DA 222 95.54 -82.08 104.08
CA PRO DA 222 95.53 -81.48 105.42
C PRO DA 222 96.81 -81.77 106.17
N VAL DA 223 97.14 -80.87 107.09
CA VAL DA 223 98.38 -80.94 107.86
C VAL DA 223 98.08 -81.47 109.25
N THR DA 224 98.87 -82.45 109.68
CA THR DA 224 98.74 -83.01 111.02
C THR DA 224 99.42 -82.09 112.02
N VAL DA 225 98.71 -81.73 113.09
CA VAL DA 225 99.20 -80.82 114.12
C VAL DA 225 99.36 -81.59 115.42
N GLU DA 226 100.54 -81.52 116.00
CA GLU DA 226 100.87 -82.16 117.26
C GLU DA 226 101.60 -81.17 118.16
N PRO DA 227 101.45 -81.28 119.48
CA PRO DA 227 102.22 -80.41 120.38
C PRO DA 227 103.70 -80.73 120.31
N MET DA 228 104.52 -79.70 120.52
CA MET DA 228 105.96 -79.87 120.48
C MET DA 228 106.49 -80.44 121.78
N ASP DA 229 107.55 -81.24 121.66
CA ASP DA 229 108.34 -81.69 122.81
C ASP DA 229 109.58 -80.80 122.89
N GLN DA 230 109.61 -79.93 123.90
CA GLN DA 230 110.69 -78.95 124.00
C GLN DA 230 112.01 -79.66 124.29
N LEU DA 231 112.95 -79.56 123.36
CA LEU DA 231 114.24 -80.21 123.46
C LEU DA 231 115.30 -79.16 123.81
N ASP DA 232 116.10 -79.46 124.83
CA ASP DA 232 117.13 -78.55 125.32
C ASP DA 232 118.51 -79.14 124.99
N ASP DA 233 119.35 -78.33 124.33
CA ASP DA 233 120.70 -78.74 124.00
C ASP DA 233 121.74 -77.72 124.48
N GLU DA 234 121.38 -76.88 125.44
CA GLU DA 234 122.28 -75.86 125.98
C GLU DA 234 122.77 -76.23 127.38
N GLU DA 235 121.86 -76.46 128.32
CA GLU DA 235 122.26 -76.80 129.68
C GLU DA 235 122.79 -78.22 129.78
N GLY DA 236 122.17 -79.17 129.06
CA GLY DA 236 122.57 -80.55 129.19
C GLY DA 236 122.24 -81.09 130.56
N LEU DA 237 123.06 -82.04 131.03
CA LEU DA 237 122.96 -82.59 132.38
C LEU DA 237 124.31 -82.43 133.06
N PRO DA 238 124.57 -81.27 133.67
CA PRO DA 238 125.79 -81.13 134.46
C PRO DA 238 125.78 -82.07 135.65
N GLU DA 239 126.98 -82.42 136.12
CA GLU DA 239 127.12 -83.42 137.17
C GLU DA 239 126.36 -83.03 138.43
N LYS DA 240 126.21 -81.73 138.68
CA LYS DA 240 125.56 -81.27 139.90
C LYS DA 240 124.10 -81.72 139.96
N LEU DA 241 123.39 -81.67 138.82
CA LEU DA 241 122.00 -82.11 138.82
C LEU DA 241 121.88 -83.61 138.99
N VAL DA 242 122.89 -84.37 138.56
CA VAL DA 242 122.86 -85.82 138.72
C VAL DA 242 122.95 -86.16 140.21
N ILE DA 243 122.09 -87.07 140.65
CA ILE DA 243 122.03 -87.42 142.07
C ILE DA 243 123.30 -88.13 142.52
N LYS DA 244 123.97 -88.85 141.61
CA LYS DA 244 125.16 -89.63 141.92
C LYS DA 244 124.91 -90.61 143.06
N ASN DA 245 123.81 -91.35 142.96
CA ASN DA 245 123.47 -92.36 143.95
C ASN DA 245 124.34 -93.59 143.75
N GLN DA 246 124.05 -94.65 144.52
CA GLN DA 246 124.78 -95.90 144.37
C GLN DA 246 124.59 -96.50 142.98
N GLN DA 247 123.47 -96.18 142.32
CA GLN DA 247 123.28 -96.61 140.94
C GLN DA 247 124.33 -96.00 140.02
N PHE DA 248 124.64 -94.71 140.22
CA PHE DA 248 125.69 -94.07 139.43
C PHE DA 248 127.04 -94.70 139.72
N HIS DA 249 127.32 -95.02 140.99
CA HIS DA 249 128.58 -95.68 141.33
C HIS DA 249 128.69 -97.04 140.65
N LYS DA 250 127.58 -97.78 140.59
CA LYS DA 250 127.58 -99.04 139.83
C LYS DA 250 127.84 -98.77 138.35
N GLU DA 251 127.21 -97.73 137.79
CA GLU DA 251 127.49 -97.35 136.42
C GLU DA 251 128.92 -96.83 136.27
N ARG DA 252 129.39 -96.04 137.22
CA ARG DA 252 130.75 -95.49 137.20
C ARG DA 252 131.71 -96.48 137.84
N GLU DA 253 131.94 -97.58 137.13
CA GLU DA 253 132.85 -98.62 137.58
C GLU DA 253 134.02 -98.86 136.64
N GLN DA 254 133.86 -98.60 135.34
CA GLN DA 254 134.92 -98.79 134.37
C GLN DA 254 135.05 -97.55 133.50
N PRO DA 255 136.27 -97.24 133.04
CA PRO DA 255 136.45 -96.10 132.14
C PRO DA 255 135.81 -96.36 130.80
N PRO DA 256 135.42 -95.31 130.07
CA PRO DA 256 134.85 -95.51 128.73
C PRO DA 256 135.92 -95.95 127.73
N ARG DA 257 135.90 -97.22 127.34
CA ARG DA 257 136.91 -97.78 126.46
C ARG DA 257 136.25 -98.77 125.50
N PHE DA 258 136.99 -99.13 124.46
CA PHE DA 258 136.51 -100.11 123.49
C PHE DA 258 136.36 -101.48 124.16
N ALA DA 259 135.35 -102.23 123.70
CA ALA DA 259 135.15 -103.59 124.17
C ALA DA 259 136.18 -104.51 123.53
N GLN DA 260 136.92 -105.24 124.36
CA GLN DA 260 137.94 -106.13 123.85
C GLN DA 260 137.30 -107.28 123.07
N PRO DA 261 137.78 -107.57 121.85
CA PRO DA 261 137.21 -108.69 121.10
C PRO DA 261 137.41 -110.01 121.83
N GLY DA 262 136.42 -110.88 121.73
CA GLY DA 262 136.44 -112.16 122.40
C GLY DA 262 135.99 -112.13 123.85
N SER DA 263 135.60 -110.97 124.37
CA SER DA 263 135.14 -110.84 125.74
C SER DA 263 133.62 -110.84 125.80
N PHE DA 264 133.10 -111.04 127.01
CA PHE DA 264 131.65 -111.06 127.19
C PHE DA 264 131.03 -109.70 126.88
N GLU DA 265 131.69 -108.61 127.29
CA GLU DA 265 131.23 -107.28 126.94
C GLU DA 265 131.09 -107.14 125.44
N TYR DA 266 132.03 -107.70 124.68
CA TYR DA 266 131.94 -107.66 123.23
C TYR DA 266 130.69 -108.39 122.73
N GLU DA 267 130.42 -109.58 123.27
CA GLU DA 267 129.25 -110.33 122.82
C GLU DA 267 127.96 -109.57 123.11
N TYR DA 268 127.85 -109.01 124.31
CA TYR DA 268 126.63 -108.28 124.67
C TYR DA 268 126.49 -107.01 123.84
N ALA DA 269 127.61 -106.36 123.51
CA ALA DA 269 127.58 -105.17 122.66
C ALA DA 269 127.17 -105.52 121.23
N MET DA 270 127.64 -106.66 120.71
CA MET DA 270 127.15 -107.11 119.41
C MET DA 270 125.65 -107.39 119.44
N ARG DA 271 125.16 -107.98 120.55
CA ARG DA 271 123.72 -108.20 120.66
C ARG DA 271 122.95 -106.89 120.59
N TRP DA 272 123.40 -105.89 121.36
CA TRP DA 272 122.73 -104.60 121.34
C TRP DA 272 122.82 -103.93 119.97
N LYS DA 273 123.98 -104.03 119.32
CA LYS DA 273 124.14 -103.42 118.00
C LYS DA 273 123.24 -104.11 116.98
N ALA DA 274 123.08 -105.43 117.07
CA ALA DA 274 122.17 -106.13 116.19
C ALA DA 274 120.72 -105.70 116.43
N LEU DA 275 120.35 -105.50 117.69
CA LEU DA 275 119.00 -105.03 117.99
C LEU DA 275 118.77 -103.63 117.42
N ILE DA 276 119.78 -102.75 117.55
CA ILE DA 276 119.65 -101.41 116.98
C ILE DA 276 119.56 -101.49 115.45
N GLU DA 277 120.33 -102.39 114.83
CA GLU DA 277 120.29 -102.54 113.38
C GLU DA 277 118.92 -103.00 112.92
N MET DA 278 118.32 -103.98 113.61
CA MET DA 278 116.99 -104.43 113.23
C MET DA 278 115.92 -103.40 113.53
N GLU DA 279 116.08 -102.60 114.59
CA GLU DA 279 115.16 -101.49 114.82
C GLU DA 279 115.24 -100.47 113.68
N LYS DA 280 116.45 -100.16 113.23
CA LYS DA 280 116.60 -99.26 112.09
C LYS DA 280 115.98 -99.86 110.83
N GLN DA 281 116.14 -101.16 110.63
CA GLN DA 281 115.51 -101.82 109.48
C GLN DA 281 113.99 -101.72 109.56
N GLN DA 282 113.43 -101.93 110.75
CA GLN DA 282 111.98 -101.83 110.91
C GLN DA 282 111.49 -100.40 110.66
N GLN DA 283 112.23 -99.42 111.16
CA GLN DA 283 111.84 -98.02 110.93
C GLN DA 283 111.92 -97.68 109.44
N ASP DA 284 112.96 -98.15 108.75
CA ASP DA 284 113.07 -97.93 107.32
C ASP DA 284 111.95 -98.62 106.56
N GLN DA 285 111.56 -99.82 106.98
CA GLN DA 285 110.46 -100.52 106.34
C GLN DA 285 109.15 -99.76 106.53
N VAL DA 286 108.91 -99.23 107.74
CA VAL DA 286 107.71 -98.44 107.99
C VAL DA 286 107.73 -97.18 107.14
N ASP DA 287 108.89 -96.53 107.02
CA ASP DA 287 108.99 -95.32 106.21
C ASP DA 287 108.72 -95.65 104.74
N ARG DA 288 109.25 -96.76 104.24
CA ARG DA 288 109.02 -97.15 102.86
C ARG DA 288 107.55 -97.48 102.63
N ASN DA 289 106.90 -98.16 103.57
CA ASN DA 289 105.48 -98.46 103.44
C ASN DA 289 104.65 -97.18 103.41
N ILE DA 290 104.98 -96.23 104.29
CA ILE DA 290 104.26 -94.95 104.30
C ILE DA 290 104.48 -94.21 103.00
N LYS DA 291 105.72 -94.20 102.49
CA LYS DA 291 106.02 -93.51 101.24
C LYS DA 291 105.26 -94.12 100.07
N GLU DA 292 105.24 -95.45 99.98
CA GLU DA 292 104.55 -96.10 98.86
C GLU DA 292 103.04 -95.92 98.98
N ALA DA 293 102.50 -95.95 100.20
CA ALA DA 293 101.08 -95.67 100.38
C ALA DA 293 100.74 -94.25 99.95
N ARG DA 294 101.59 -93.28 100.32
CA ARG DA 294 101.37 -91.89 99.92
C ARG DA 294 101.45 -91.74 98.41
N GLU DA 295 102.42 -92.40 97.78
CA GLU DA 295 102.53 -92.33 96.32
C GLU DA 295 101.31 -92.92 95.64
N LYS DA 296 100.87 -94.10 96.10
CA LYS DA 296 99.69 -94.73 95.53
C LYS DA 296 98.46 -93.86 95.70
N LEU DA 297 98.32 -93.24 96.88
CA LEU DA 297 97.21 -92.31 97.08
C LEU DA 297 97.33 -91.08 96.20
N GLU DA 298 98.54 -90.60 95.95
CA GLU DA 298 98.77 -89.43 95.11
C GLU DA 298 98.55 -89.69 93.64
N MET DA 299 98.60 -90.96 93.21
CA MET DA 299 98.36 -91.27 91.81
C MET DA 299 96.91 -91.06 91.40
N GLU DA 300 95.96 -91.40 92.28
CA GLU DA 300 94.52 -91.40 91.93
C GLU DA 300 93.85 -90.10 92.43
N MET DA 301 94.38 -88.97 91.96
CA MET DA 301 93.82 -87.66 92.27
C MET DA 301 92.87 -87.14 91.19
N GLU DA 302 93.26 -87.22 89.92
CA GLU DA 302 92.33 -86.81 88.87
C GLU DA 302 91.12 -87.72 88.83
N ALA DA 303 91.30 -89.02 89.04
CA ALA DA 303 90.19 -89.96 89.05
C ALA DA 303 89.19 -89.62 90.15
N ALA DA 304 89.67 -89.47 91.39
CA ALA DA 304 88.77 -89.23 92.52
C ALA DA 304 88.05 -87.89 92.38
N ARG DA 305 88.78 -86.84 92.01
CA ARG DA 305 88.17 -85.52 91.85
C ARG DA 305 87.12 -85.54 90.74
N HIS DA 306 87.45 -86.15 89.60
CA HIS DA 306 86.48 -86.19 88.50
C HIS DA 306 85.28 -87.06 88.85
N GLU DA 307 85.47 -88.15 89.60
CA GLU DA 307 84.34 -88.98 90.00
C GLU DA 307 83.44 -88.24 90.98
N HIS DA 308 84.03 -87.47 91.91
CA HIS DA 308 83.22 -86.65 92.80
C HIS DA 308 82.44 -85.60 92.01
N GLN DA 309 83.08 -85.02 90.99
CA GLN DA 309 82.35 -84.11 90.10
C GLN DA 309 81.19 -84.83 89.43
N VAL DA 310 81.42 -86.06 88.97
CA VAL DA 310 80.38 -86.85 88.33
C VAL DA 310 79.19 -87.02 89.28
N MET DA 311 79.46 -87.45 90.51
CA MET DA 311 78.36 -87.75 91.43
C MET DA 311 77.63 -86.49 91.85
N LEU DA 312 78.35 -85.41 92.15
CA LEU DA 312 77.71 -84.17 92.54
C LEU DA 312 76.86 -83.61 91.40
N MET DA 313 77.36 -83.69 90.17
CA MET DA 313 76.64 -83.11 89.05
C MET DA 313 75.44 -83.96 88.66
N ARG DA 314 75.53 -85.29 88.71
CA ARG DA 314 74.33 -86.08 88.46
C ARG DA 314 73.31 -85.87 89.57
N GLN DA 315 73.79 -85.66 90.81
CA GLN DA 315 72.87 -85.40 91.91
C GLN DA 315 72.10 -84.10 91.69
N ASP DA 316 72.80 -83.03 91.33
CA ASP DA 316 72.06 -81.77 91.16
C ASP DA 316 71.23 -81.79 89.88
N LEU DA 317 71.64 -82.55 88.87
CA LEU DA 317 70.81 -82.68 87.67
C LEU DA 317 69.53 -83.43 87.96
N MET DA 318 69.60 -84.53 88.73
CA MET DA 318 68.37 -85.24 89.07
C MET DA 318 67.51 -84.41 90.01
N ARG DA 319 68.14 -83.59 90.86
CA ARG DA 319 67.37 -82.66 91.67
C ARG DA 319 66.62 -81.65 90.79
N ARG DA 320 67.29 -81.14 89.75
CA ARG DA 320 66.63 -80.22 88.83
C ARG DA 320 65.47 -80.91 88.11
N GLN DA 321 65.67 -82.17 87.70
CA GLN DA 321 64.61 -82.91 87.03
C GLN DA 321 63.42 -83.14 87.97
N GLU DA 322 63.69 -83.46 89.23
CA GLU DA 322 62.63 -83.62 90.21
C GLU DA 322 61.87 -82.32 90.43
N GLU DA 323 62.60 -81.21 90.51
CA GLU DA 323 61.97 -79.90 90.63
C GLU DA 323 61.08 -79.60 89.42
N LEU DA 324 61.59 -79.92 88.23
CA LEU DA 324 60.79 -79.77 87.01
C LEU DA 324 59.50 -80.56 87.09
N ARG DA 325 59.62 -81.84 87.48
CA ARG DA 325 58.43 -82.71 87.54
C ARG DA 325 57.41 -82.16 88.53
N ARG DA 326 57.86 -81.82 89.74
CA ARG DA 326 56.92 -81.34 90.75
C ARG DA 326 56.29 -80.02 90.34
N MET DA 327 57.08 -79.10 89.77
CA MET DA 327 56.54 -77.80 89.38
C MET DA 327 55.51 -77.96 88.26
N GLU DA 328 55.82 -78.76 87.24
CA GLU DA 328 54.85 -78.98 86.18
C GLU DA 328 53.59 -79.64 86.69
N GLU DA 329 53.72 -80.66 87.55
CA GLU DA 329 52.53 -81.35 88.02
C GLU DA 329 51.67 -80.45 88.89
N LEU DA 330 52.30 -79.62 89.73
CA LEU DA 330 51.51 -78.72 90.57
C LEU DA 330 50.85 -77.64 89.72
N HIS DA 331 51.54 -77.13 88.70
CA HIS DA 331 50.92 -76.14 87.81
C HIS DA 331 49.74 -76.72 87.07
N ASN DA 332 49.88 -77.94 86.55
CA ASN DA 332 48.78 -78.57 85.83
C ASN DA 332 47.60 -78.86 86.76
N GLN DA 333 47.88 -79.34 87.97
CA GLN DA 333 46.80 -79.59 88.92
C GLN DA 333 46.11 -78.29 89.31
N GLU DA 334 46.87 -77.21 89.51
CA GLU DA 334 46.27 -75.94 89.88
C GLU DA 334 45.39 -75.39 88.76
N VAL DA 335 45.85 -75.46 87.52
CA VAL DA 335 45.04 -74.95 86.43
C VAL DA 335 43.81 -75.82 86.22
N GLN DA 336 43.94 -77.14 86.41
CA GLN DA 336 42.78 -78.01 86.31
C GLN DA 336 41.75 -77.69 87.39
N LYS DA 337 42.22 -77.44 88.62
CA LYS DA 337 41.31 -77.06 89.69
C LYS DA 337 40.64 -75.72 89.39
N ARG DA 338 41.40 -74.74 88.90
CA ARG DA 338 40.83 -73.44 88.62
C ARG DA 338 39.86 -73.46 87.44
N LYS DA 339 40.01 -74.42 86.52
CA LYS DA 339 39.05 -74.57 85.44
C LYS DA 339 37.84 -75.39 85.84
N GLN DA 340 37.99 -76.30 86.80
CA GLN DA 340 36.86 -77.09 87.27
C GLN DA 340 35.81 -76.20 87.94
N LEU DA 341 36.25 -75.24 88.74
CA LEU DA 341 35.33 -74.34 89.44
C LEU DA 341 34.74 -73.32 88.48
N LYS EA 287 -151.55 124.25 -52.36
CA LYS EA 287 -152.35 123.03 -52.37
C LYS EA 287 -152.00 122.15 -51.17
N THR EA 288 -152.86 121.17 -50.90
CA THR EA 288 -152.69 120.27 -49.76
C THR EA 288 -152.48 118.85 -50.24
N TYR EA 289 -151.74 118.07 -49.43
CA TYR EA 289 -151.42 116.68 -49.73
C TYR EA 289 -150.73 116.53 -51.08
N THR EA 290 -149.72 117.38 -51.29
CA THR EA 290 -148.96 117.37 -52.54
C THR EA 290 -147.94 116.23 -52.54
N GLN EA 291 -147.39 115.95 -53.72
CA GLN EA 291 -146.35 114.87 -53.82
C GLN EA 291 -145.12 115.34 -53.02
N ARG EA 292 -144.74 116.61 -53.14
CA ARG EA 292 -143.55 117.08 -52.45
C ARG EA 292 -143.67 116.94 -50.93
N CYS EA 293 -144.89 116.92 -50.40
CA CYS EA 293 -145.10 116.70 -48.97
C CYS EA 293 -145.02 115.23 -48.59
N ARG EA 294 -144.93 114.33 -49.57
CA ARG EA 294 -144.80 112.91 -49.27
C ARG EA 294 -143.48 112.62 -48.58
N LEU EA 295 -143.52 111.80 -47.54
CA LEU EA 295 -142.35 111.45 -46.74
C LEU EA 295 -142.10 109.95 -46.83
N PHE EA 296 -140.84 109.58 -47.04
CA PHE EA 296 -140.43 108.18 -47.11
C PHE EA 296 -139.80 107.81 -45.76
N VAL EA 297 -140.32 106.76 -45.14
CA VAL EA 297 -139.89 106.33 -43.81
C VAL EA 297 -139.23 104.96 -43.93
N GLY EA 298 -138.03 104.85 -43.37
CA GLY EA 298 -137.28 103.61 -43.38
C GLY EA 298 -137.12 103.01 -41.99
N ASN EA 299 -136.51 101.83 -41.98
CA ASN EA 299 -136.27 101.07 -40.75
C ASN EA 299 -137.58 100.83 -39.99
N LEU EA 300 -138.64 100.56 -40.73
CA LEU EA 300 -139.94 100.29 -40.12
C LEU EA 300 -139.99 98.86 -39.63
N PRO EA 301 -140.34 98.61 -38.37
CA PRO EA 301 -140.46 97.24 -37.88
C PRO EA 301 -141.56 96.49 -38.62
N ALA EA 302 -141.39 95.17 -38.73
CA ALA EA 302 -142.36 94.34 -39.44
C ALA EA 302 -143.73 94.38 -38.75
N ASP EA 303 -143.74 94.32 -37.42
CA ASP EA 303 -145.00 94.29 -36.66
C ASP EA 303 -145.45 95.73 -36.41
N ILE EA 304 -146.08 96.32 -37.44
CA ILE EA 304 -146.66 97.64 -37.36
C ILE EA 304 -148.06 97.62 -37.94
N THR EA 305 -148.86 98.60 -37.55
CA THR EA 305 -150.22 98.75 -38.03
C THR EA 305 -150.42 100.15 -38.61
N GLU EA 306 -151.47 100.28 -39.42
CA GLU EA 306 -151.75 101.57 -40.05
C GLU EA 306 -152.08 102.64 -39.01
N ASP EA 307 -152.78 102.26 -37.94
CA ASP EA 307 -153.05 103.20 -36.86
C ASP EA 307 -151.75 103.60 -36.16
N GLU EA 308 -150.84 102.65 -35.97
CA GLU EA 308 -149.56 102.98 -35.34
C GLU EA 308 -148.71 103.85 -36.23
N PHE EA 309 -148.92 103.78 -37.54
CA PHE EA 309 -148.23 104.68 -38.46
C PHE EA 309 -148.86 106.07 -38.44
N LYS EA 310 -150.20 106.12 -38.33
CA LYS EA 310 -150.90 107.40 -38.37
C LYS EA 310 -150.75 108.19 -37.08
N ARG EA 311 -150.58 107.52 -35.95
CA ARG EA 311 -150.39 108.23 -34.69
C ARG EA 311 -149.09 109.02 -34.68
N LEU EA 312 -148.13 108.63 -35.54
CA LEU EA 312 -146.87 109.36 -35.64
C LEU EA 312 -147.10 110.78 -36.13
N PHE EA 313 -147.95 110.95 -37.14
CA PHE EA 313 -148.21 112.25 -37.74
C PHE EA 313 -149.52 112.87 -37.30
N ALA EA 314 -150.14 112.34 -36.23
CA ALA EA 314 -151.35 112.95 -35.70
C ALA EA 314 -151.08 114.36 -35.16
N LYS EA 315 -149.87 114.59 -34.65
CA LYS EA 315 -149.50 115.92 -34.18
C LYS EA 315 -149.43 116.91 -35.34
N TYR EA 316 -149.14 116.45 -36.55
CA TYR EA 316 -149.00 117.30 -37.72
C TYR EA 316 -150.27 117.32 -38.58
N GLY EA 317 -151.43 117.23 -37.94
CA GLY EA 317 -152.69 117.26 -38.68
C GLY EA 317 -153.14 115.89 -39.15
N GLU EA 318 -154.18 115.91 -39.96
CA GLU EA 318 -154.75 114.67 -40.47
C GLU EA 318 -153.79 114.04 -41.48
N PRO EA 319 -153.42 112.77 -41.31
CA PRO EA 319 -152.55 112.11 -42.30
C PRO EA 319 -153.24 111.96 -43.64
N GLY EA 320 -152.43 111.97 -44.70
CA GLY EA 320 -152.95 111.84 -46.05
C GLY EA 320 -152.86 110.43 -46.58
N GLU EA 321 -152.34 110.28 -47.80
CA GLU EA 321 -152.19 108.96 -48.40
C GLU EA 321 -151.18 108.13 -47.60
N VAL EA 322 -151.57 106.90 -47.28
CA VAL EA 322 -150.76 105.99 -46.47
C VAL EA 322 -150.59 104.69 -47.23
N PHE EA 323 -149.36 104.30 -47.51
CA PHE EA 323 -149.03 103.01 -48.10
C PHE EA 323 -147.91 102.39 -47.30
N ILE EA 324 -148.17 101.23 -46.72
CA ILE EA 324 -147.24 100.56 -45.82
C ILE EA 324 -146.85 99.22 -46.42
N ASN EA 325 -145.54 98.99 -46.55
CA ASN EA 325 -145.00 97.72 -47.02
C ASN EA 325 -144.30 97.05 -45.84
N LYS EA 326 -144.99 96.09 -45.22
CA LYS EA 326 -144.43 95.43 -44.04
C LYS EA 326 -143.24 94.54 -44.39
N GLY EA 327 -143.23 93.95 -45.58
CA GLY EA 327 -142.14 93.06 -45.95
C GLY EA 327 -140.81 93.77 -46.05
N LYS EA 328 -140.77 94.92 -46.71
CA LYS EA 328 -139.54 95.68 -46.88
C LYS EA 328 -139.31 96.69 -45.77
N GLY EA 329 -140.27 96.88 -44.88
CA GLY EA 329 -140.12 97.80 -43.77
C GLY EA 329 -140.00 99.26 -44.17
N PHE EA 330 -140.85 99.69 -45.10
CA PHE EA 330 -140.88 101.09 -45.51
C PHE EA 330 -142.33 101.49 -45.80
N GLY EA 331 -142.57 102.80 -45.73
CA GLY EA 331 -143.91 103.31 -45.96
C GLY EA 331 -143.87 104.73 -46.48
N PHE EA 332 -145.06 105.22 -46.85
CA PHE EA 332 -145.22 106.57 -47.38
C PHE EA 332 -146.32 107.29 -46.62
N ILE EA 333 -146.15 108.61 -46.52
CA ILE EA 333 -147.13 109.47 -45.84
C ILE EA 333 -147.11 110.84 -46.51
N LYS EA 334 -148.28 111.38 -46.80
CA LYS EA 334 -148.43 112.69 -47.41
C LYS EA 334 -149.00 113.66 -46.40
N LEU EA 335 -148.33 114.80 -46.22
CA LEU EA 335 -148.75 115.79 -45.25
C LEU EA 335 -149.44 116.97 -45.94
N GLU EA 336 -150.09 117.79 -45.12
CA GLU EA 336 -150.89 118.89 -45.65
C GLU EA 336 -150.03 119.94 -46.35
N SER EA 337 -148.88 120.28 -45.78
CA SER EA 337 -148.06 121.36 -46.31
C SER EA 337 -146.59 120.93 -46.33
N ARG EA 338 -145.82 121.59 -47.19
CA ARG EA 338 -144.39 121.33 -47.27
C ARG EA 338 -143.69 121.70 -45.97
N ALA EA 339 -144.15 122.76 -45.31
CA ALA EA 339 -143.59 123.12 -44.00
C ALA EA 339 -143.87 122.03 -42.98
N LEU EA 340 -145.06 121.43 -43.02
CA LEU EA 340 -145.37 120.31 -42.14
C LEU EA 340 -144.46 119.13 -42.43
N ALA EA 341 -144.17 118.87 -43.71
CA ALA EA 341 -143.25 117.79 -44.06
C ALA EA 341 -141.85 118.09 -43.53
N GLU EA 342 -141.40 119.34 -43.62
CA GLU EA 342 -140.09 119.70 -43.09
C GLU EA 342 -140.04 119.51 -41.59
N ILE EA 343 -141.09 119.92 -40.88
CA ILE EA 343 -141.13 119.76 -39.43
C ILE EA 343 -141.12 118.29 -39.05
N ALA EA 344 -141.91 117.47 -39.75
CA ALA EA 344 -141.95 116.05 -39.46
C ALA EA 344 -140.60 115.39 -39.73
N LYS EA 345 -139.94 115.77 -40.83
CA LYS EA 345 -138.62 115.21 -41.12
C LYS EA 345 -137.60 115.62 -40.07
N ALA EA 346 -137.64 116.87 -39.62
CA ALA EA 346 -136.66 117.35 -38.65
C ALA EA 346 -136.93 116.82 -37.25
N GLU EA 347 -138.17 116.41 -36.96
CA GLU EA 347 -138.49 115.94 -35.63
C GLU EA 347 -138.44 114.42 -35.49
N LEU EA 348 -138.85 113.68 -36.52
CA LEU EA 348 -138.95 112.23 -36.45
C LEU EA 348 -137.68 111.52 -36.87
N ASP EA 349 -136.67 112.23 -37.36
CA ASP EA 349 -135.40 111.61 -37.73
C ASP EA 349 -134.54 111.39 -36.50
N ASP EA 350 -133.70 110.35 -36.57
CA ASP EA 350 -132.83 109.96 -35.46
C ASP EA 350 -133.63 109.66 -34.19
N THR EA 351 -134.83 109.12 -34.34
CA THR EA 351 -135.70 108.83 -33.22
C THR EA 351 -135.86 107.32 -33.08
N PRO EA 352 -135.49 106.74 -31.95
CA PRO EA 352 -135.66 105.29 -31.78
C PRO EA 352 -137.13 104.88 -31.78
N MET EA 353 -137.38 103.68 -32.29
CA MET EA 353 -138.74 103.13 -32.33
C MET EA 353 -138.61 101.61 -32.15
N ARG EA 354 -138.86 101.16 -30.92
CA ARG EA 354 -138.78 99.73 -30.57
C ARG EA 354 -137.43 99.13 -30.97
N GLY EA 355 -136.36 99.90 -30.71
CA GLY EA 355 -135.02 99.46 -31.03
C GLY EA 355 -134.55 99.76 -32.44
N ARG EA 356 -135.35 100.48 -33.24
CA ARG EA 356 -134.99 100.81 -34.61
C ARG EA 356 -134.89 102.32 -34.75
N GLN EA 357 -133.81 102.78 -35.37
CA GLN EA 357 -133.61 104.21 -35.63
C GLN EA 357 -134.39 104.59 -36.88
N LEU EA 358 -135.40 105.44 -36.71
CA LEU EA 358 -136.25 105.83 -37.82
C LEU EA 358 -135.47 106.66 -38.84
N ARG EA 359 -135.66 106.34 -40.11
CA ARG EA 359 -135.05 107.08 -41.21
C ARG EA 359 -136.16 107.80 -41.98
N VAL EA 360 -136.05 109.13 -42.06
CA VAL EA 360 -137.05 109.96 -42.73
C VAL EA 360 -136.39 110.62 -43.93
N ARG EA 361 -136.97 110.37 -45.11
CA ARG EA 361 -136.47 110.94 -46.36
C ARG EA 361 -137.66 111.52 -47.12
N PHE EA 362 -137.41 111.95 -48.35
CA PHE EA 362 -138.43 112.48 -49.24
C PHE EA 362 -138.49 111.63 -50.50
N ALA EA 363 -139.69 111.24 -50.90
CA ALA EA 363 -139.86 110.40 -52.07
C ALA EA 363 -139.49 111.15 -53.34
N THR EA 364 -138.85 110.44 -54.26
CA THR EA 364 -138.46 111.03 -55.53
C THR EA 364 -139.68 111.30 -56.40
N HIS EA 365 -139.66 112.43 -57.11
CA HIS EA 365 -140.76 112.83 -57.99
C HIS EA 365 -140.51 112.20 -59.36
N ALA EA 366 -141.09 111.03 -59.58
CA ALA EA 366 -140.90 110.32 -60.85
C ALA EA 366 -141.53 111.08 -62.00
N ALA EA 367 -142.73 111.63 -61.79
CA ALA EA 367 -143.45 112.34 -62.85
C ALA EA 367 -142.96 113.77 -62.93
N ALA EA 368 -141.72 113.93 -63.41
CA ALA EA 368 -141.09 115.23 -63.55
C ALA EA 368 -140.46 115.34 -64.93
N LEU EA 369 -140.42 116.57 -65.44
CA LEU EA 369 -139.83 116.87 -66.73
C LEU EA 369 -138.82 117.99 -66.58
N SER EA 370 -137.80 117.96 -67.44
CA SER EA 370 -136.76 118.98 -67.46
C SER EA 370 -136.93 119.81 -68.72
N VAL EA 371 -137.12 121.12 -68.55
CA VAL EA 371 -137.27 122.05 -69.66
C VAL EA 371 -136.10 123.01 -69.66
N ARG EA 372 -135.69 123.42 -70.86
CA ARG EA 372 -134.57 124.34 -71.02
C ARG EA 372 -134.84 125.24 -72.22
N ASN EA 373 -133.82 125.97 -72.64
CA ASN EA 373 -133.93 126.97 -73.71
C ASN EA 373 -135.00 128.01 -73.38
N LEU EA 374 -135.19 128.28 -72.09
CA LEU EA 374 -136.19 129.23 -71.66
C LEU EA 374 -135.73 130.66 -71.90
N SER EA 375 -136.69 131.53 -72.21
CA SER EA 375 -136.39 132.94 -72.34
C SER EA 375 -136.02 133.53 -70.99
N PRO EA 376 -135.14 134.53 -70.95
CA PRO EA 376 -134.75 135.13 -69.67
C PRO EA 376 -135.91 135.80 -68.93
N TYR EA 377 -137.00 136.11 -69.61
CA TYR EA 377 -138.12 136.83 -69.01
C TYR EA 377 -139.28 135.93 -68.60
N VAL EA 378 -139.16 134.61 -68.77
CA VAL EA 378 -140.25 133.73 -68.35
C VAL EA 378 -140.27 133.62 -66.83
N SER EA 379 -141.46 133.38 -66.29
CA SER EA 379 -141.66 133.27 -64.85
C SER EA 379 -142.18 131.89 -64.51
N ASN EA 380 -142.21 131.58 -63.21
CA ASN EA 380 -142.70 130.28 -62.78
C ASN EA 380 -144.19 130.12 -63.06
N GLU EA 381 -144.98 131.18 -62.84
CA GLU EA 381 -146.40 131.08 -63.12
C GLU EA 381 -146.68 130.95 -64.61
N LEU EA 382 -145.83 131.56 -65.45
CA LEU EA 382 -145.95 131.38 -66.89
C LEU EA 382 -145.75 129.91 -67.26
N LEU EA 383 -144.75 129.27 -66.66
CA LEU EA 383 -144.52 127.85 -66.93
C LEU EA 383 -145.67 126.99 -66.42
N GLU EA 384 -146.21 127.31 -65.23
CA GLU EA 384 -147.32 126.53 -64.69
C GLU EA 384 -148.56 126.65 -65.57
N GLU EA 385 -148.93 127.87 -65.95
CA GLU EA 385 -150.13 128.05 -66.77
C GLU EA 385 -149.92 127.55 -68.19
N ALA EA 386 -148.67 127.57 -68.68
CA ALA EA 386 -148.40 127.14 -70.05
C ALA EA 386 -148.45 125.63 -70.18
N PHE EA 387 -147.92 124.90 -69.20
CA PHE EA 387 -147.89 123.45 -69.23
C PHE EA 387 -149.09 122.82 -68.54
N SER EA 388 -150.03 123.63 -68.03
CA SER EA 388 -151.22 123.10 -67.40
C SER EA 388 -152.22 122.52 -68.40
N GLN EA 389 -152.00 122.76 -69.70
CA GLN EA 389 -152.92 122.25 -70.70
C GLN EA 389 -152.95 120.72 -70.70
N PHE EA 390 -151.78 120.09 -70.54
CA PHE EA 390 -151.68 118.63 -70.62
C PHE EA 390 -151.98 117.94 -69.30
N GLY EA 391 -152.05 118.68 -68.19
CA GLY EA 391 -152.34 118.08 -66.91
C GLY EA 391 -152.15 119.04 -65.75
N PRO EA 392 -152.39 118.56 -64.53
CA PRO EA 392 -152.25 119.42 -63.36
C PRO EA 392 -150.79 119.78 -63.09
N ILE EA 393 -150.61 120.90 -62.41
CA ILE EA 393 -149.29 121.42 -62.07
C ILE EA 393 -149.18 121.51 -60.55
N GLU EA 394 -148.13 120.89 -60.00
CA GLU EA 394 -147.83 120.96 -58.58
C GLU EA 394 -146.72 121.97 -58.27
N ARG EA 395 -145.61 121.90 -59.00
CA ARG EA 395 -144.54 122.88 -58.84
C ARG EA 395 -143.79 122.98 -60.16
N ALA EA 396 -143.55 124.22 -60.60
CA ALA EA 396 -142.75 124.48 -61.79
C ALA EA 396 -141.88 125.70 -61.50
N VAL EA 397 -140.60 125.45 -61.21
CA VAL EA 397 -139.67 126.50 -60.81
C VAL EA 397 -138.60 126.62 -61.90
N VAL EA 398 -138.29 127.86 -62.28
CA VAL EA 398 -137.25 128.14 -63.26
C VAL EA 398 -135.92 128.27 -62.54
N ILE EA 399 -134.93 127.50 -62.98
CA ILE EA 399 -133.63 127.50 -62.33
C ILE EA 399 -132.90 128.81 -62.62
N VAL EA 400 -132.48 129.50 -61.57
CA VAL EA 400 -131.75 130.76 -61.70
C VAL EA 400 -130.42 130.63 -60.97
N ASP EA 401 -129.53 131.58 -61.19
CA ASP EA 401 -128.22 131.58 -60.56
C ASP EA 401 -128.29 132.25 -59.19
N ASP EA 402 -127.13 132.52 -58.60
CA ASP EA 402 -127.09 133.11 -57.26
C ASP EA 402 -127.67 134.52 -57.26
N ARG EA 403 -127.44 135.28 -58.34
CA ARG EA 403 -127.92 136.65 -58.41
C ARG EA 403 -129.39 136.74 -58.81
N GLY EA 404 -130.04 135.63 -59.11
CA GLY EA 404 -131.43 135.62 -59.49
C GLY EA 404 -131.69 135.70 -60.98
N ARG EA 405 -130.66 135.91 -61.80
CA ARG EA 405 -130.84 135.97 -63.24
C ARG EA 405 -131.17 134.59 -63.80
N SER EA 406 -131.98 134.57 -64.86
CA SER EA 406 -132.42 133.32 -65.45
C SER EA 406 -131.26 132.57 -66.07
N THR EA 407 -131.22 131.26 -65.83
CA THR EA 407 -130.24 130.38 -66.45
C THR EA 407 -130.76 129.71 -67.71
N GLY EA 408 -132.01 129.97 -68.09
CA GLY EA 408 -132.60 129.34 -69.25
C GLY EA 408 -133.08 127.93 -69.03
N LYS EA 409 -133.08 127.45 -67.78
CA LYS EA 409 -133.47 126.09 -67.47
C LYS EA 409 -134.53 126.09 -66.37
N GLY EA 410 -135.30 125.00 -66.31
CA GLY EA 410 -136.34 124.86 -65.31
C GLY EA 410 -136.79 123.43 -65.22
N ILE EA 411 -137.47 123.12 -64.11
CA ILE EA 411 -138.00 121.79 -63.86
C ILE EA 411 -139.49 121.92 -63.52
N VAL EA 412 -140.29 121.03 -64.11
CA VAL EA 412 -141.72 120.97 -63.85
C VAL EA 412 -142.06 119.59 -63.32
N GLU EA 413 -142.82 119.56 -62.22
CA GLU EA 413 -143.18 118.32 -61.55
C GLU EA 413 -144.67 118.10 -61.69
N PHE EA 414 -145.06 117.13 -62.50
CA PHE EA 414 -146.46 116.80 -62.70
C PHE EA 414 -146.96 115.90 -61.58
N ALA EA 415 -148.20 116.12 -61.14
CA ALA EA 415 -148.82 115.27 -60.14
C ALA EA 415 -149.32 113.96 -60.71
N SER EA 416 -149.37 113.82 -62.04
CA SER EA 416 -149.83 112.60 -62.68
C SER EA 416 -148.84 112.20 -63.77
N LYS EA 417 -148.41 110.94 -63.73
CA LYS EA 417 -147.44 110.45 -64.72
C LYS EA 417 -147.98 110.46 -66.15
N PRO EA 418 -149.19 109.95 -66.44
CA PRO EA 418 -149.66 109.99 -67.84
C PRO EA 418 -149.73 111.39 -68.42
N ALA EA 419 -150.16 112.37 -67.64
CA ALA EA 419 -150.18 113.75 -68.13
C ALA EA 419 -148.78 114.24 -68.42
N ALA EA 420 -147.81 113.88 -67.58
CA ALA EA 420 -146.42 114.24 -67.83
C ALA EA 420 -145.93 113.64 -69.14
N ARG EA 421 -146.27 112.37 -69.39
CA ARG EA 421 -145.85 111.74 -70.65
C ARG EA 421 -146.52 112.38 -71.85
N LYS EA 422 -147.80 112.74 -71.73
CA LYS EA 422 -148.49 113.42 -72.82
C LYS EA 422 -147.85 114.77 -73.11
N ALA EA 423 -147.53 115.53 -72.06
CA ALA EA 423 -146.84 116.81 -72.27
C ALA EA 423 -145.49 116.60 -72.93
N PHE EA 424 -144.74 115.59 -72.47
CA PHE EA 424 -143.42 115.31 -73.04
C PHE EA 424 -143.52 115.01 -74.53
N GLU EA 425 -144.44 114.13 -74.92
CA GLU EA 425 -144.56 113.77 -76.32
C GLU EA 425 -145.06 114.96 -77.14
N ARG EA 426 -146.06 115.69 -76.64
CA ARG EA 426 -146.64 116.78 -77.43
C ARG EA 426 -145.64 117.92 -77.59
N CYS EA 427 -144.70 118.07 -76.67
CA CYS EA 427 -143.61 118.99 -76.88
C CYS EA 427 -142.45 118.36 -77.66
N SER EA 428 -142.43 117.03 -77.80
CA SER EA 428 -141.39 116.38 -78.58
C SER EA 428 -141.68 116.46 -80.08
N GLU EA 429 -142.77 115.84 -80.52
CA GLU EA 429 -143.11 115.94 -81.95
C GLU EA 429 -143.71 117.31 -82.27
N GLY EA 430 -144.46 117.90 -81.35
CA GLY EA 430 -144.92 119.25 -81.50
C GLY EA 430 -143.89 120.26 -81.06
N VAL EA 431 -144.24 121.53 -81.20
CA VAL EA 431 -143.36 122.64 -80.83
C VAL EA 431 -144.13 123.60 -79.94
N PHE EA 432 -143.51 124.00 -78.84
CA PHE EA 432 -144.17 124.82 -77.82
C PHE EA 432 -143.37 126.10 -77.61
N LEU EA 433 -144.10 127.21 -77.42
CA LEU EA 433 -143.48 128.52 -77.31
C LEU EA 433 -143.93 129.21 -76.03
N LEU EA 434 -143.12 130.17 -75.57
CA LEU EA 434 -143.39 130.92 -74.36
C LEU EA 434 -143.28 132.43 -74.51
N THR EA 435 -142.77 132.93 -75.63
CA THR EA 435 -142.49 134.34 -75.78
C THR EA 435 -142.67 134.71 -77.25
N THR EA 436 -142.91 136.01 -77.50
CA THR EA 436 -143.01 136.49 -78.87
C THR EA 436 -141.79 136.10 -79.69
N THR EA 437 -140.62 136.09 -79.08
CA THR EA 437 -139.45 135.52 -79.72
C THR EA 437 -139.64 134.00 -79.80
N PRO EA 438 -139.61 133.42 -81.00
CA PRO EA 438 -139.89 131.98 -81.12
C PRO EA 438 -138.76 131.12 -80.56
N ARG EA 439 -138.73 130.96 -79.24
CA ARG EA 439 -137.76 130.11 -78.56
C ARG EA 439 -138.47 128.84 -78.11
N PRO EA 440 -138.39 127.75 -78.87
CA PRO EA 440 -139.11 126.53 -78.49
C PRO EA 440 -138.60 125.97 -77.17
N VAL EA 441 -139.51 125.36 -76.42
CA VAL EA 441 -139.20 124.76 -75.13
C VAL EA 441 -139.13 123.25 -75.34
N ILE EA 442 -137.94 122.69 -75.19
CA ILE EA 442 -137.73 121.26 -75.33
C ILE EA 442 -137.92 120.61 -73.96
N VAL EA 443 -138.33 119.34 -73.95
CA VAL EA 443 -138.65 118.62 -72.74
C VAL EA 443 -137.85 117.33 -72.70
N GLU EA 444 -137.27 117.02 -71.54
CA GLU EA 444 -136.57 115.77 -71.29
C GLU EA 444 -136.98 115.26 -69.93
N PRO EA 445 -137.01 113.94 -69.74
CA PRO EA 445 -137.32 113.40 -68.40
C PRO EA 445 -136.27 113.83 -67.39
N LEU EA 446 -136.73 114.17 -66.19
CA LEU EA 446 -135.84 114.65 -65.15
C LEU EA 446 -135.10 113.48 -64.50
N GLU EA 447 -133.81 113.69 -64.23
CA GLU EA 447 -132.98 112.70 -63.57
C GLU EA 447 -132.85 113.09 -62.10
N GLN EA 448 -133.44 112.29 -61.22
CA GLN EA 448 -133.41 112.58 -59.79
C GLN EA 448 -132.00 112.47 -59.24
N LEU EA 449 -131.65 113.41 -58.36
CA LEU EA 449 -130.30 113.49 -57.81
C LEU EA 449 -130.42 113.71 -56.31
N ASP EA 450 -129.85 112.79 -55.53
CA ASP EA 450 -129.93 112.85 -54.08
C ASP EA 450 -128.74 113.63 -53.56
N ASP EA 451 -129.01 114.72 -52.85
CA ASP EA 451 -127.94 115.63 -52.41
C ASP EA 451 -127.48 115.30 -50.99
N GLU EA 452 -128.40 115.37 -50.03
CA GLU EA 452 -128.04 115.19 -48.63
C GLU EA 452 -127.63 113.77 -48.29
N ASP EA 453 -128.10 112.78 -49.04
CA ASP EA 453 -127.75 111.38 -48.80
C ASP EA 453 -126.96 110.88 -49.99
N GLY EA 454 -125.79 110.28 -49.73
CA GLY EA 454 -124.94 109.78 -50.78
C GLY EA 454 -124.79 108.28 -50.77
N LEU EA 455 -123.54 107.81 -50.78
CA LEU EA 455 -123.27 106.38 -50.78
C LEU EA 455 -122.79 105.97 -49.40
N PRO EA 456 -123.59 105.25 -48.62
CA PRO EA 456 -123.15 104.83 -47.28
C PRO EA 456 -121.97 103.88 -47.35
N GLU EA 457 -121.12 103.95 -46.32
CA GLU EA 457 -119.94 103.09 -46.29
C GLU EA 457 -120.31 101.62 -46.12
N LYS EA 458 -121.48 101.34 -45.53
CA LYS EA 458 -121.91 99.95 -45.38
C LYS EA 458 -122.16 99.29 -46.73
N LEU EA 459 -122.74 100.03 -47.68
CA LEU EA 459 -123.00 99.47 -48.99
C LEU EA 459 -121.71 99.28 -49.79
N ALA EA 460 -120.75 100.19 -49.64
CA ALA EA 460 -119.48 100.06 -50.35
C ALA EA 460 -118.72 98.83 -49.87
N GLN EA 461 -118.77 98.54 -48.57
CA GLN EA 461 -118.04 97.41 -48.01
C GLN EA 461 -118.63 96.07 -48.42
N LYS EA 462 -119.79 96.05 -49.07
CA LYS EA 462 -120.35 94.80 -49.56
C LYS EA 462 -119.40 94.15 -50.56
N ASN EA 463 -118.82 94.93 -51.46
CA ASN EA 463 -117.80 94.42 -52.36
C ASN EA 463 -116.51 94.18 -51.60
N PRO EA 464 -115.97 92.96 -51.59
CA PRO EA 464 -114.75 92.70 -50.82
C PRO EA 464 -113.55 93.51 -51.29
N MET EA 465 -113.53 93.94 -52.55
CA MET EA 465 -112.37 94.66 -53.07
C MET EA 465 -112.31 96.07 -52.52
N TYR EA 466 -113.45 96.62 -52.08
CA TYR EA 466 -113.49 97.99 -51.58
C TYR EA 466 -112.49 98.23 -50.46
N GLN EA 467 -112.24 97.20 -49.63
CA GLN EA 467 -111.21 97.30 -48.61
C GLN EA 467 -109.81 97.24 -49.18
N LYS EA 468 -109.61 96.56 -50.30
CA LYS EA 468 -108.30 96.46 -50.95
C LYS EA 468 -107.84 97.78 -51.57
N GLU EA 469 -108.75 98.72 -51.80
CA GLU EA 469 -108.40 100.04 -52.31
C GLU EA 469 -108.26 101.08 -51.21
N ARG EA 470 -109.01 100.94 -50.12
CA ARG EA 470 -108.92 101.87 -49.00
C ARG EA 470 -107.68 101.65 -48.15
N GLU EA 471 -106.92 100.57 -48.40
CA GLU EA 471 -105.75 100.28 -47.57
C GLU EA 471 -104.72 101.40 -47.63
N THR EA 472 -104.51 101.98 -48.81
CA THR EA 472 -103.63 103.12 -48.94
C THR EA 472 -104.37 104.38 -48.54
N PRO EA 473 -103.93 105.10 -47.52
CA PRO EA 473 -104.62 106.32 -47.09
C PRO EA 473 -104.48 107.42 -48.15
N PRO EA 474 -105.44 108.33 -48.22
CA PRO EA 474 -105.31 109.45 -49.16
C PRO EA 474 -104.08 110.29 -48.88
N ARG EA 475 -103.43 110.73 -49.95
CA ARG EA 475 -102.20 111.50 -49.83
C ARG EA 475 -101.98 112.28 -51.13
N PHE EA 476 -100.91 113.07 -51.17
CA PHE EA 476 -100.63 113.95 -52.29
C PHE EA 476 -99.59 113.39 -53.26
N ALA EA 477 -99.14 112.15 -53.05
CA ALA EA 477 -98.07 111.54 -53.83
C ALA EA 477 -96.77 112.31 -53.67
N GLN EA 478 -95.70 111.83 -54.29
CA GLN EA 478 -94.38 112.45 -54.17
C GLN EA 478 -93.77 112.63 -55.54
N HIS EA 479 -92.92 113.65 -55.66
CA HIS EA 479 -92.21 113.90 -56.91
C HIS EA 479 -91.25 112.75 -57.20
N GLY EA 480 -91.24 112.31 -58.46
CA GLY EA 480 -90.45 111.17 -58.86
C GLY EA 480 -91.18 109.84 -58.77
N THR EA 481 -92.31 109.80 -58.08
CA THR EA 481 -93.11 108.59 -57.97
C THR EA 481 -93.95 108.41 -59.23
N PHE EA 482 -94.18 107.15 -59.60
CA PHE EA 482 -95.01 106.85 -60.76
C PHE EA 482 -96.39 107.44 -60.63
N GLU EA 483 -96.93 107.48 -59.41
CA GLU EA 483 -98.28 108.00 -59.19
C GLU EA 483 -98.36 109.47 -59.56
N TYR EA 484 -97.37 110.27 -59.16
CA TYR EA 484 -97.33 111.67 -59.56
C TYR EA 484 -97.15 111.81 -61.07
N GLU EA 485 -96.25 110.99 -61.64
CA GLU EA 485 -95.99 111.06 -63.07
C GLU EA 485 -97.24 110.80 -63.90
N TYR EA 486 -98.10 109.88 -63.46
CA TYR EA 486 -99.31 109.56 -64.20
C TYR EA 486 -100.49 110.44 -63.81
N SER EA 487 -100.48 110.99 -62.58
CA SER EA 487 -101.44 112.03 -62.24
C SER EA 487 -101.21 113.28 -63.09
N GLN EA 488 -99.98 113.51 -63.51
CA GLN EA 488 -99.73 114.58 -64.48
C GLN EA 488 -100.48 114.32 -65.79
N ARG EA 489 -100.46 113.07 -66.26
CA ARG EA 489 -101.21 112.73 -67.48
C ARG EA 489 -102.71 112.89 -67.27
N TRP EA 490 -103.21 112.48 -66.10
CA TRP EA 490 -104.62 112.71 -65.81
C TRP EA 490 -104.96 114.20 -65.79
N LYS EA 491 -104.07 115.01 -65.22
CA LYS EA 491 -104.28 116.46 -65.23
C LYS EA 491 -104.32 117.00 -66.66
N SER EA 492 -103.44 116.50 -67.52
CA SER EA 492 -103.44 116.93 -68.91
C SER EA 492 -104.75 116.54 -69.61
N LEU EA 493 -105.23 115.33 -69.35
CA LEU EA 493 -106.49 114.89 -69.95
C LEU EA 493 -107.67 115.74 -69.45
N ASP EA 494 -107.68 116.05 -68.14
CA ASP EA 494 -108.72 116.91 -67.62
C ASP EA 494 -108.65 118.31 -68.23
N GLU EA 495 -107.44 118.83 -68.42
CA GLU EA 495 -107.28 120.15 -69.03
C GLU EA 495 -107.78 120.16 -70.46
N MET EA 496 -107.46 119.12 -71.24
CA MET EA 496 -107.93 119.11 -72.62
C MET EA 496 -109.45 118.91 -72.70
N GLU EA 497 -110.01 118.12 -71.77
CA GLU EA 497 -111.48 118.01 -71.72
C GLU EA 497 -112.11 119.35 -71.39
N LYS EA 498 -111.55 120.09 -70.43
CA LYS EA 498 -112.07 121.40 -70.10
C LYS EA 498 -111.96 122.36 -71.28
N GLN EA 499 -110.84 122.29 -72.01
CA GLN EA 499 -110.68 123.13 -73.20
C GLN EA 499 -111.72 122.79 -74.26
N GLN EA 500 -112.00 121.50 -74.45
CA GLN EA 500 -113.05 121.10 -75.39
C GLN EA 500 -114.40 121.64 -74.96
N ARG EA 501 -114.71 121.55 -73.66
CA ARG EA 501 -115.98 122.08 -73.17
C ARG EA 501 -116.09 123.58 -73.38
N GLU EA 502 -115.01 124.32 -73.09
CA GLU EA 502 -115.02 125.76 -73.30
C GLU EA 502 -115.19 126.10 -74.78
N GLN EA 503 -114.50 125.37 -75.66
CA GLN EA 503 -114.60 125.63 -77.09
C GLN EA 503 -116.03 125.39 -77.59
N VAL EA 504 -116.63 124.27 -77.19
CA VAL EA 504 -117.96 123.94 -77.69
C VAL EA 504 -118.99 124.91 -77.10
N GLU EA 505 -118.81 125.31 -75.84
CA GLU EA 505 -119.71 126.30 -75.24
C GLU EA 505 -119.62 127.63 -75.96
N LYS EA 506 -118.40 128.07 -76.29
CA LYS EA 506 -118.24 129.29 -77.07
C LYS EA 506 -118.89 129.15 -78.44
N ASN EA 507 -118.82 127.94 -79.03
CA ASN EA 507 -119.44 127.72 -80.33
C ASN EA 507 -120.95 127.87 -80.26
N MET EA 508 -121.60 127.26 -79.25
CA MET EA 508 -123.04 127.46 -79.14
C MET EA 508 -123.39 128.90 -78.78
N LYS EA 509 -122.56 129.57 -77.97
CA LYS EA 509 -122.85 130.97 -77.67
C LYS EA 509 -122.79 131.83 -78.93
N ASP EA 510 -121.79 131.61 -79.77
CA ASP EA 510 -121.70 132.34 -81.03
C ASP EA 510 -122.87 132.02 -81.94
N ALA EA 511 -123.29 130.74 -82.00
CA ALA EA 511 -124.43 130.38 -82.82
C ALA EA 511 -125.70 131.05 -82.34
N LYS EA 512 -125.93 131.07 -81.02
CA LYS EA 512 -127.11 131.74 -80.48
C LYS EA 512 -127.08 133.23 -80.74
N ASP EA 513 -125.91 133.86 -80.58
CA ASP EA 513 -125.80 135.30 -80.85
C ASP EA 513 -126.05 135.61 -82.32
N LYS EA 514 -125.53 134.77 -83.23
CA LYS EA 514 -125.76 134.98 -84.65
C LYS EA 514 -127.23 134.81 -85.00
N LEU EA 515 -127.87 133.75 -84.48
CA LEU EA 515 -129.28 133.53 -84.78
C LEU EA 515 -130.15 134.61 -84.14
N GLU EA 516 -129.67 135.26 -83.08
CA GLU EA 516 -130.40 136.37 -82.49
C GLU EA 516 -130.47 137.56 -83.44
N SER EA 517 -129.48 137.68 -84.33
CA SER EA 517 -129.44 138.84 -85.22
C SER EA 517 -130.50 138.77 -86.31
N GLU EA 518 -130.99 137.58 -86.65
CA GLU EA 518 -131.89 137.43 -87.79
C GLU EA 518 -133.37 137.31 -87.39
N MET EA 519 -133.80 137.99 -86.32
CA MET EA 519 -135.23 138.07 -86.04
C MET EA 519 -135.98 138.82 -87.13
N GLU EA 520 -135.43 139.94 -87.59
CA GLU EA 520 -136.16 140.81 -88.51
C GLU EA 520 -135.82 140.55 -89.97
N ASP EA 521 -134.64 140.02 -90.27
CA ASP EA 521 -134.27 139.77 -91.66
C ASP EA 521 -135.13 138.67 -92.27
N ALA EA 522 -135.41 137.61 -91.50
CA ALA EA 522 -136.22 136.50 -91.99
C ALA EA 522 -137.70 136.71 -91.66
N LYS FA 69 -124.10 120.11 -38.43
CA LYS FA 69 -123.30 120.40 -37.25
C LYS FA 69 -123.85 121.61 -36.49
N THR FA 70 -123.16 122.00 -35.43
CA THR FA 70 -123.56 123.13 -34.61
C THR FA 70 -122.68 124.33 -34.93
N PHE FA 71 -123.31 125.51 -35.09
CA PHE FA 71 -122.62 126.74 -35.46
C PHE FA 71 -121.86 126.57 -36.77
N THR FA 72 -122.60 126.20 -37.81
CA THR FA 72 -122.06 125.98 -39.14
C THR FA 72 -122.52 127.07 -40.09
N GLN FA 73 -122.03 127.00 -41.33
CA GLN FA 73 -122.43 127.97 -42.34
C GLN FA 73 -123.85 127.74 -42.81
N ARG FA 74 -124.42 126.55 -42.60
CA ARG FA 74 -125.82 126.31 -42.92
C ARG FA 74 -126.76 127.02 -41.96
N SER FA 75 -126.29 127.34 -40.75
CA SER FA 75 -127.09 128.06 -39.76
C SER FA 75 -126.90 129.57 -39.88
N ARG FA 76 -126.22 130.01 -40.93
CA ARG FA 76 -125.98 131.42 -41.19
C ARG FA 76 -127.10 131.96 -42.08
N LEU FA 77 -127.77 133.02 -41.61
CA LEU FA 77 -128.88 133.61 -42.34
C LEU FA 77 -128.53 135.02 -42.77
N PHE FA 78 -129.09 135.43 -43.90
CA PHE FA 78 -128.97 136.80 -44.40
C PHE FA 78 -130.27 137.53 -44.09
N VAL FA 79 -130.19 138.54 -43.23
CA VAL FA 79 -131.34 139.32 -42.80
C VAL FA 79 -131.32 140.66 -43.53
N GLY FA 80 -132.40 140.96 -44.25
CA GLY FA 80 -132.47 142.17 -45.04
C GLY FA 80 -133.75 142.93 -44.76
N ASN FA 81 -133.81 144.14 -45.33
CA ASN FA 81 -134.95 145.05 -45.18
C ASN FA 81 -135.24 145.35 -43.71
N LEU FA 82 -134.17 145.41 -42.90
CA LEU FA 82 -134.31 145.77 -41.50
C LEU FA 82 -134.54 147.27 -41.36
N PRO FA 83 -135.25 147.69 -40.31
CA PRO FA 83 -135.45 149.12 -40.06
C PRO FA 83 -134.12 149.82 -39.82
N PRO FA 84 -134.00 151.08 -40.23
CA PRO FA 84 -132.72 151.79 -40.04
C PRO FA 84 -132.27 151.90 -38.59
N ASP FA 85 -133.21 151.95 -37.65
CA ASP FA 85 -132.87 152.12 -36.24
C ASP FA 85 -132.58 150.78 -35.57
N ILE FA 86 -132.25 149.76 -36.36
CA ILE FA 86 -131.91 148.46 -35.80
C ILE FA 86 -130.61 148.56 -35.02
N THR FA 87 -130.50 147.77 -33.96
CA THR FA 87 -129.32 147.75 -33.11
C THR FA 87 -128.93 146.31 -32.82
N GLU FA 88 -127.71 146.14 -32.33
CA GLU FA 88 -127.19 144.81 -32.02
C GLU FA 88 -128.03 144.14 -30.93
N GLU FA 89 -128.36 144.89 -29.87
CA GLU FA 89 -129.15 144.32 -28.78
C GLU FA 89 -130.54 143.94 -29.24
N GLU FA 90 -131.19 144.81 -30.02
CA GLU FA 90 -132.53 144.49 -30.53
C GLU FA 90 -132.49 143.29 -31.46
N MET FA 91 -131.47 143.22 -32.33
CA MET FA 91 -131.35 142.09 -33.24
C MET FA 91 -131.10 140.79 -32.48
N ARG FA 92 -130.30 140.84 -31.42
CA ARG FA 92 -130.12 139.66 -30.58
C ARG FA 92 -131.42 139.25 -29.89
N LYS FA 93 -132.18 140.23 -29.41
CA LYS FA 93 -133.45 139.93 -28.75
C LYS FA 93 -134.46 139.35 -29.74
N LEU FA 94 -134.38 139.75 -31.01
CA LEU FA 94 -135.26 139.17 -32.03
C LEU FA 94 -135.00 137.67 -32.19
N PHE FA 95 -133.73 137.27 -32.13
CA PHE FA 95 -133.33 135.87 -32.25
C PHE FA 95 -133.13 135.20 -30.90
N GLU FA 96 -133.65 135.81 -29.82
CA GLU FA 96 -133.45 135.25 -28.49
C GLU FA 96 -134.13 133.89 -28.34
N LYS FA 97 -135.26 133.70 -29.01
CA LYS FA 97 -135.96 132.41 -28.94
C LYS FA 97 -135.15 131.28 -29.54
N TYR FA 98 -134.18 131.60 -30.41
CA TYR FA 98 -133.38 130.58 -31.11
C TYR FA 98 -131.99 130.44 -30.49
N GLY FA 99 -131.88 130.55 -29.17
CA GLY FA 99 -130.62 130.34 -28.51
C GLY FA 99 -129.60 131.43 -28.79
N LYS FA 100 -128.33 131.05 -28.72
CA LYS FA 100 -127.23 131.99 -28.90
C LYS FA 100 -127.09 132.38 -30.37
N ALA FA 101 -126.33 133.45 -30.59
CA ALA FA 101 -126.06 133.95 -31.93
C ALA FA 101 -124.55 134.08 -32.13
N GLY FA 102 -124.12 133.96 -33.38
CA GLY FA 102 -122.71 134.03 -33.70
C GLY FA 102 -122.23 135.44 -34.00
N GLU FA 103 -121.67 135.66 -35.18
CA GLU FA 103 -121.17 136.97 -35.56
C GLU FA 103 -122.35 137.90 -35.86
N VAL FA 104 -122.47 138.97 -35.08
CA VAL FA 104 -123.60 139.90 -35.19
C VAL FA 104 -123.09 141.10 -35.99
N PHE FA 105 -123.28 141.04 -37.30
CA PHE FA 105 -122.84 142.10 -38.21
C PHE FA 105 -124.06 142.78 -38.83
N ILE FA 106 -124.11 144.10 -38.73
CA ILE FA 106 -125.21 144.90 -39.26
C ILE FA 106 -124.66 146.12 -39.96
N HIS FA 107 -125.22 146.45 -41.12
CA HIS FA 107 -125.00 147.74 -41.77
C HIS FA 107 -126.25 148.58 -41.52
N LYS FA 108 -126.06 149.71 -40.82
CA LYS FA 108 -127.21 150.50 -40.37
C LYS FA 108 -127.92 151.16 -41.54
N ASP FA 109 -127.17 151.76 -42.45
CA ASP FA 109 -127.78 152.55 -43.52
C ASP FA 109 -128.47 151.65 -44.55
N LYS FA 110 -127.80 150.58 -44.98
CA LYS FA 110 -128.35 149.73 -46.03
C LYS FA 110 -129.50 148.86 -45.54
N GLY FA 111 -129.57 148.57 -44.25
CA GLY FA 111 -130.69 147.82 -43.71
C GLY FA 111 -130.57 146.31 -43.76
N PHE FA 112 -129.37 145.78 -44.02
CA PHE FA 112 -129.17 144.34 -44.00
C PHE FA 112 -127.87 144.02 -43.27
N GLY FA 113 -127.76 142.77 -42.81
CA GLY FA 113 -126.60 142.34 -42.07
C GLY FA 113 -126.48 140.83 -42.07
N PHE FA 114 -125.43 140.35 -41.42
CA PHE FA 114 -125.12 138.93 -41.35
C PHE FA 114 -125.31 138.41 -39.93
N ILE FA 115 -125.95 137.25 -39.80
CA ILE FA 115 -126.19 136.63 -38.52
C ILE FA 115 -125.85 135.15 -38.61
N ARG FA 116 -125.52 134.56 -37.45
CA ARG FA 116 -125.23 133.15 -37.33
C ARG FA 116 -126.07 132.56 -36.20
N LEU FA 117 -126.66 131.39 -36.45
CA LEU FA 117 -127.49 130.73 -35.46
C LEU FA 117 -126.79 129.48 -34.92
N GLU FA 118 -127.51 128.73 -34.10
CA GLU FA 118 -126.91 127.62 -33.36
C GLU FA 118 -126.80 126.37 -34.21
N THR FA 119 -127.93 125.81 -34.66
CA THR FA 119 -127.91 124.54 -35.38
C THR FA 119 -128.69 124.63 -36.69
N ARG FA 120 -128.79 123.50 -37.39
CA ARG FA 120 -129.52 123.47 -38.66
C ARG FA 120 -131.03 123.55 -38.42
N THR FA 121 -131.54 122.80 -37.45
CA THR FA 121 -132.97 122.82 -37.17
C THR FA 121 -133.42 124.19 -36.67
N LEU FA 122 -132.61 124.81 -35.79
CA LEU FA 122 -132.96 126.13 -35.29
C LEU FA 122 -132.99 127.16 -36.41
N ALA FA 123 -132.01 127.12 -37.32
CA ALA FA 123 -132.00 128.03 -38.45
C ALA FA 123 -133.19 127.78 -39.37
N GLU FA 124 -133.51 126.51 -39.62
CA GLU FA 124 -134.66 126.19 -40.47
C GLU FA 124 -135.95 126.73 -39.88
N ILE FA 125 -136.12 126.59 -38.57
CA ILE FA 125 -137.32 127.12 -37.92
C ILE FA 125 -137.33 128.64 -37.97
N ALA FA 126 -136.20 129.27 -37.68
CA ALA FA 126 -136.14 130.72 -37.56
C ALA FA 126 -136.39 131.40 -38.90
N LYS FA 127 -135.73 130.92 -39.96
CA LYS FA 127 -135.88 131.55 -41.27
C LYS FA 127 -137.32 131.44 -41.76
N VAL FA 128 -137.96 130.29 -41.52
CA VAL FA 128 -139.34 130.10 -41.95
C VAL FA 128 -140.29 130.96 -41.12
N GLU FA 129 -140.03 131.07 -39.82
CA GLU FA 129 -140.98 131.74 -38.93
C GLU FA 129 -140.74 133.24 -38.80
N LEU FA 130 -139.66 133.79 -39.36
CA LEU FA 130 -139.36 135.20 -39.20
C LEU FA 130 -139.60 136.03 -40.45
N ASP FA 131 -139.72 135.41 -41.63
CA ASP FA 131 -139.97 136.18 -42.83
C ASP FA 131 -141.46 136.49 -42.97
N ASN FA 132 -141.77 137.43 -43.85
CA ASN FA 132 -143.12 137.89 -44.22
C ASN FA 132 -143.80 138.66 -43.10
N MET FA 133 -143.17 138.83 -41.94
CA MET FA 133 -143.95 139.65 -41.02
C MET FA 133 -143.38 141.06 -40.94
N PRO FA 134 -144.25 142.06 -40.78
CA PRO FA 134 -143.76 143.45 -40.73
C PRO FA 134 -142.93 143.72 -39.48
N LEU FA 135 -142.00 144.66 -39.61
CA LEU FA 135 -141.17 145.11 -38.50
C LEU FA 135 -141.02 146.62 -38.63
N ARG FA 136 -141.77 147.37 -37.82
CA ARG FA 136 -141.80 148.84 -37.87
C ARG FA 136 -142.15 149.32 -39.28
N GLY FA 137 -143.26 148.82 -39.80
CA GLY FA 137 -143.70 149.19 -41.14
C GLY FA 137 -142.78 148.72 -42.25
N LYS FA 138 -142.24 147.51 -42.12
CA LYS FA 138 -141.33 146.97 -43.12
C LYS FA 138 -141.38 145.45 -43.03
N GLN FA 139 -141.95 144.80 -44.05
CA GLN FA 139 -142.00 143.35 -44.08
C GLN FA 139 -140.58 142.80 -44.25
N LEU FA 140 -140.16 141.95 -43.32
CA LEU FA 140 -138.78 141.48 -43.32
C LEU FA 140 -138.51 140.57 -44.51
N ARG FA 141 -137.34 140.75 -45.11
CA ARG FA 141 -136.87 139.89 -46.20
C ARG FA 141 -135.63 139.16 -45.69
N VAL FA 142 -135.86 138.03 -45.05
CA VAL FA 142 -134.78 137.18 -44.52
C VAL FA 142 -134.56 136.05 -45.51
N ARG FA 143 -133.37 136.00 -46.09
CA ARG FA 143 -133.04 135.04 -47.13
C ARG FA 143 -131.84 134.21 -46.70
N PHE FA 144 -131.59 133.14 -47.45
CA PHE FA 144 -130.48 132.23 -47.18
C PHE FA 144 -129.25 132.72 -47.95
N ALA FA 145 -128.22 133.13 -47.22
CA ALA FA 145 -126.99 133.57 -47.86
C ALA FA 145 -126.28 132.39 -48.51
N CYS FA 146 -125.86 132.58 -49.76
CA CYS FA 146 -125.18 131.52 -50.48
C CYS FA 146 -123.82 131.24 -49.87
N HIS FA 147 -123.45 129.96 -49.82
CA HIS FA 147 -122.17 129.57 -49.24
C HIS FA 147 -121.02 130.08 -50.11
N SER FA 148 -119.94 130.49 -49.46
CA SER FA 148 -118.82 131.12 -50.15
C SER FA 148 -117.58 130.25 -50.25
N ALA FA 149 -117.44 129.24 -49.39
CA ALA FA 149 -116.28 128.37 -49.41
C ALA FA 149 -116.53 127.05 -50.15
N SER FA 150 -117.63 126.96 -50.89
CA SER FA 150 -117.95 125.74 -51.61
C SER FA 150 -116.96 125.51 -52.75
N LEU FA 151 -116.66 124.24 -53.01
CA LEU FA 151 -115.66 123.86 -54.01
C LEU FA 151 -116.07 122.55 -54.65
N THR FA 152 -116.06 122.50 -55.99
CA THR FA 152 -116.42 121.29 -56.71
C THR FA 152 -115.32 120.25 -56.59
N VAL FA 153 -115.71 118.98 -56.60
CA VAL FA 153 -114.79 117.87 -56.84
C VAL FA 153 -115.39 117.04 -57.97
N ARG FA 154 -114.56 116.75 -58.97
CA ARG FA 154 -115.01 116.05 -60.17
C ARG FA 154 -114.05 114.91 -60.46
N ASN FA 155 -114.44 114.06 -61.42
CA ASN FA 155 -113.64 112.92 -61.84
C ASN FA 155 -113.32 112.01 -60.64
N LEU FA 156 -114.36 111.73 -59.85
CA LEU FA 156 -114.20 110.99 -58.62
C LEU FA 156 -113.86 109.52 -58.92
N PRO FA 157 -113.17 108.85 -58.00
CA PRO FA 157 -112.94 107.41 -58.16
C PRO FA 157 -114.25 106.63 -58.09
N GLN FA 158 -114.21 105.44 -58.68
CA GLN FA 158 -115.41 104.60 -58.78
C GLN FA 158 -115.94 104.19 -57.41
N TYR FA 159 -115.11 104.22 -56.37
CA TYR FA 159 -115.48 103.74 -55.04
C TYR FA 159 -115.10 104.81 -54.03
N VAL FA 160 -116.09 105.59 -53.59
CA VAL FA 160 -115.86 106.72 -52.68
C VAL FA 160 -116.89 106.69 -51.57
N SER FA 161 -116.62 107.45 -50.51
CA SER FA 161 -117.51 107.60 -49.38
C SER FA 161 -117.48 109.03 -48.89
N ASN FA 162 -118.51 109.40 -48.13
CA ASN FA 162 -118.59 110.76 -47.60
C ASN FA 162 -117.42 111.05 -46.65
N GLU FA 163 -117.10 110.09 -45.79
CA GLU FA 163 -115.98 110.27 -44.87
C GLU FA 163 -114.65 110.34 -45.61
N LEU FA 164 -114.54 109.67 -46.76
CA LEU FA 164 -113.32 109.74 -47.54
C LEU FA 164 -113.05 111.18 -48.00
N LEU FA 165 -114.08 111.86 -48.52
CA LEU FA 165 -113.92 113.25 -48.92
C LEU FA 165 -113.79 114.16 -47.70
N GLU FA 166 -114.43 113.80 -46.58
CA GLU FA 166 -114.32 114.61 -45.37
C GLU FA 166 -112.90 114.62 -44.84
N GLU FA 167 -112.23 113.47 -44.83
CA GLU FA 167 -110.88 113.36 -44.29
C GLU FA 167 -109.81 113.77 -45.31
N ALA FA 168 -110.00 113.43 -46.58
CA ALA FA 168 -109.00 113.73 -47.60
C ALA FA 168 -108.81 115.24 -47.76
N PHE FA 169 -109.92 115.98 -47.78
CA PHE FA 169 -109.87 117.43 -47.88
C PHE FA 169 -109.74 118.11 -46.52
N SER FA 170 -109.67 117.32 -45.43
CA SER FA 170 -109.43 117.90 -44.12
C SER FA 170 -108.02 118.45 -43.98
N VAL FA 171 -107.11 118.10 -44.89
CA VAL FA 171 -105.75 118.62 -44.81
C VAL FA 171 -105.72 120.12 -45.02
N PHE FA 172 -106.45 120.62 -46.02
CA PHE FA 172 -106.49 122.05 -46.30
C PHE FA 172 -107.25 122.84 -45.25
N GLY FA 173 -108.13 122.21 -44.50
CA GLY FA 173 -108.89 122.91 -43.48
C GLY FA 173 -110.04 122.04 -43.01
N GLN FA 174 -110.89 122.65 -42.19
CA GLN FA 174 -112.05 121.96 -41.63
C GLN FA 174 -113.10 121.82 -42.71
N VAL FA 175 -113.70 120.62 -42.80
CA VAL FA 175 -114.73 120.33 -43.80
C VAL FA 175 -116.05 120.23 -43.06
N GLU FA 176 -116.96 121.16 -43.34
CA GLU FA 176 -118.27 121.12 -42.71
C GLU FA 176 -119.12 119.99 -43.30
N ARG FA 177 -119.11 119.84 -44.62
CA ARG FA 177 -119.84 118.76 -45.27
C ARG FA 177 -119.05 118.29 -46.49
N ALA FA 178 -119.06 116.99 -46.73
CA ALA FA 178 -118.47 116.41 -47.93
C ALA FA 178 -119.29 115.16 -48.28
N VAL FA 179 -120.27 115.33 -49.15
CA VAL FA 179 -121.15 114.24 -49.55
C VAL FA 179 -121.00 114.01 -51.05
N VAL FA 180 -120.82 112.76 -51.44
CA VAL FA 180 -120.68 112.42 -52.85
C VAL FA 180 -122.04 112.53 -53.53
N ILE FA 181 -122.07 113.23 -54.66
CA ILE FA 181 -123.32 113.40 -55.41
C ILE FA 181 -123.73 112.04 -55.95
N VAL FA 182 -124.85 111.52 -55.46
CA VAL FA 182 -125.32 110.17 -55.77
C VAL FA 182 -126.76 110.27 -56.27
N ASP FA 183 -127.05 109.56 -57.35
CA ASP FA 183 -128.38 109.60 -57.96
C ASP FA 183 -129.32 108.63 -57.23
N ASP FA 184 -130.49 108.37 -57.83
CA ASP FA 184 -131.52 107.59 -57.15
C ASP FA 184 -131.10 106.15 -56.91
N ARG FA 185 -130.47 105.52 -57.91
CA ARG FA 185 -130.14 104.10 -57.80
C ARG FA 185 -129.12 103.85 -56.70
N GLY FA 186 -128.21 104.78 -56.47
CA GLY FA 186 -127.18 104.63 -55.46
C GLY FA 186 -125.76 104.63 -55.99
N ARG FA 187 -125.58 104.46 -57.30
CA ARG FA 187 -124.25 104.54 -57.87
C ARG FA 187 -123.75 105.98 -57.83
N PRO FA 188 -122.44 106.18 -57.70
CA PRO FA 188 -121.91 107.55 -57.73
C PRO FA 188 -122.10 108.18 -59.11
N SER FA 189 -122.37 109.47 -59.10
CA SER FA 189 -122.58 110.20 -60.35
C SER FA 189 -121.29 110.72 -60.95
N GLY FA 190 -120.14 110.45 -60.33
CA GLY FA 190 -118.88 110.97 -60.78
C GLY FA 190 -118.56 112.37 -60.32
N LYS FA 191 -119.43 112.98 -59.52
CA LYS FA 191 -119.25 114.32 -58.98
C LYS FA 191 -119.36 114.28 -57.47
N GLY FA 192 -119.12 115.44 -56.84
CA GLY FA 192 -119.24 115.58 -55.41
C GLY FA 192 -119.20 117.04 -55.03
N ILE FA 193 -119.70 117.32 -53.83
CA ILE FA 193 -119.76 118.68 -53.31
C ILE FA 193 -119.03 118.72 -51.97
N VAL FA 194 -118.11 119.68 -51.83
CA VAL FA 194 -117.34 119.86 -50.60
C VAL FA 194 -117.41 121.34 -50.24
N GLU FA 195 -117.75 121.63 -48.98
CA GLU FA 195 -117.89 122.99 -48.48
C GLU FA 195 -116.99 123.17 -47.28
N PHE FA 196 -116.14 124.19 -47.32
CA PHE FA 196 -115.26 124.50 -46.20
C PHE FA 196 -115.93 125.52 -45.28
N SER FA 197 -115.18 125.99 -44.29
CA SER FA 197 -115.68 127.00 -43.37
C SER FA 197 -115.21 128.40 -43.73
N GLY FA 198 -113.97 128.54 -44.15
CA GLY FA 198 -113.39 129.84 -44.47
C GLY FA 198 -113.05 129.95 -45.94
N LYS FA 199 -113.28 131.14 -46.49
CA LYS FA 199 -112.93 131.41 -47.88
C LYS FA 199 -111.45 131.25 -48.17
N PRO FA 200 -110.53 131.78 -47.36
CA PRO FA 200 -109.10 131.56 -47.65
C PRO FA 200 -108.71 130.09 -47.69
N ALA FA 201 -109.30 129.25 -46.82
CA ALA FA 201 -109.01 127.83 -46.85
C ALA FA 201 -109.50 127.20 -48.15
N ALA FA 202 -110.69 127.58 -48.61
CA ALA FA 202 -111.20 127.06 -49.87
C ALA FA 202 -110.33 127.49 -51.04
N ARG FA 203 -109.90 128.75 -51.04
CA ARG FA 203 -109.02 129.24 -52.11
C ARG FA 203 -107.69 128.51 -52.11
N LYS FA 204 -107.12 128.28 -50.91
CA LYS FA 204 -105.86 127.55 -50.82
C LYS FA 204 -106.02 126.13 -51.33
N ALA FA 205 -107.11 125.46 -50.96
CA ALA FA 205 -107.36 124.10 -51.45
C ALA FA 205 -107.51 124.10 -52.96
N LEU FA 206 -108.25 125.08 -53.51
CA LEU FA 206 -108.46 125.13 -54.95
C LEU FA 206 -107.14 125.33 -55.69
N ASP FA 207 -106.30 126.26 -55.23
CA ASP FA 207 -105.05 126.51 -55.95
C ASP FA 207 -104.07 125.36 -55.79
N ARG FA 208 -104.04 124.73 -54.60
CA ARG FA 208 -103.17 123.58 -54.41
C ARG FA 208 -103.60 122.41 -55.28
N CYS FA 209 -104.90 122.18 -55.41
CA CYS FA 209 -105.38 121.10 -56.27
C CYS FA 209 -105.16 121.42 -57.75
N SER FA 210 -105.27 122.70 -58.13
CA SER FA 210 -105.06 123.07 -59.53
C SER FA 210 -103.60 122.93 -59.92
N GLU FA 211 -102.69 123.45 -59.09
CA GLU FA 211 -101.26 123.35 -59.41
C GLU FA 211 -100.71 121.96 -59.09
N GLY FA 212 -101.30 121.27 -58.11
CA GLY FA 212 -100.85 119.95 -57.73
C GLY FA 212 -101.73 118.85 -58.30
N SER FA 213 -101.54 117.65 -57.76
CA SER FA 213 -102.29 116.46 -58.16
C SER FA 213 -102.82 115.80 -56.90
N PHE FA 214 -104.02 116.22 -56.47
CA PHE FA 214 -104.64 115.67 -55.27
C PHE FA 214 -105.26 114.32 -55.60
N LEU FA 215 -104.70 113.25 -55.03
CA LEU FA 215 -105.17 111.90 -55.31
C LEU FA 215 -105.88 111.32 -54.10
N LEU FA 216 -106.94 110.56 -54.36
CA LEU FA 216 -107.80 110.01 -53.31
C LEU FA 216 -107.41 108.59 -52.90
N THR FA 217 -107.40 107.66 -53.85
CA THR FA 217 -107.21 106.24 -53.54
C THR FA 217 -106.04 105.66 -54.33
N THR FA 218 -105.92 104.32 -54.29
CA THR FA 218 -104.84 103.65 -55.01
C THR FA 218 -104.88 103.94 -56.50
N PHE FA 219 -106.08 103.97 -57.08
CA PHE FA 219 -106.27 104.31 -58.48
C PHE FA 219 -105.68 105.69 -58.73
N PRO FA 220 -104.57 105.79 -59.49
CA PRO FA 220 -103.83 107.06 -59.63
C PRO FA 220 -104.53 108.09 -60.53
N ARG FA 221 -105.80 108.38 -60.22
CA ARG FA 221 -106.58 109.37 -60.96
C ARG FA 221 -106.96 110.52 -60.04
N PRO FA 222 -106.26 111.65 -60.12
CA PRO FA 222 -106.62 112.79 -59.27
C PRO FA 222 -107.96 113.39 -59.67
N VAL FA 223 -108.53 114.16 -58.75
CA VAL FA 223 -109.86 114.74 -58.91
C VAL FA 223 -109.72 116.20 -59.33
N THR FA 224 -110.51 116.59 -60.34
CA THR FA 224 -110.51 117.99 -60.79
C THR FA 224 -111.30 118.85 -59.82
N VAL FA 225 -110.73 119.99 -59.44
CA VAL FA 225 -111.32 120.87 -58.43
C VAL FA 225 -111.55 122.24 -59.07
N GLU FA 226 -112.78 122.73 -58.96
CA GLU FA 226 -113.21 124.02 -59.48
C GLU FA 226 -114.13 124.68 -58.46
N PRO FA 227 -114.32 125.99 -58.55
CA PRO FA 227 -115.26 126.65 -57.63
C PRO FA 227 -116.70 126.21 -57.90
N MET FA 228 -117.49 126.18 -56.83
CA MET FA 228 -118.88 125.72 -56.90
C MET FA 228 -119.78 126.88 -57.31
N ASP FA 229 -120.49 126.72 -58.42
CA ASP FA 229 -121.58 127.62 -58.75
C ASP FA 229 -122.82 127.23 -57.96
N GLN FA 230 -123.52 128.24 -57.44
CA GLN FA 230 -124.67 128.04 -56.56
C GLN FA 230 -125.95 128.22 -57.38
N LEU FA 231 -126.64 127.12 -57.64
CA LEU FA 231 -127.92 127.15 -58.34
C LEU FA 231 -129.03 127.20 -57.30
N ASP FA 232 -129.83 128.26 -57.33
CA ASP FA 232 -130.90 128.46 -56.37
C ASP FA 232 -132.25 128.21 -57.00
N ASP FA 233 -133.13 127.52 -56.25
CA ASP FA 233 -134.48 127.25 -56.72
C ASP FA 233 -135.54 127.62 -55.69
N GLU FA 234 -135.18 128.41 -54.68
CA GLU FA 234 -136.13 128.82 -53.65
C GLU FA 234 -136.86 130.10 -54.05
N GLU FA 235 -136.12 131.17 -54.29
CA GLU FA 235 -136.74 132.43 -54.70
C GLU FA 235 -137.29 132.37 -56.12
N GLY FA 236 -136.70 131.54 -56.98
CA GLY FA 236 -137.13 131.52 -58.37
C GLY FA 236 -136.89 132.88 -59.00
N LEU FA 237 -137.94 133.48 -59.54
CA LEU FA 237 -137.89 134.86 -60.01
C LEU FA 237 -139.29 135.45 -59.87
N PRO FA 238 -139.49 136.35 -58.92
CA PRO FA 238 -140.80 137.02 -58.80
C PRO FA 238 -141.00 138.05 -59.90
N GLU FA 239 -142.27 138.36 -60.14
CA GLU FA 239 -142.63 139.29 -61.21
C GLU FA 239 -142.12 140.70 -60.92
N LYS FA 240 -142.17 141.13 -59.66
CA LYS FA 240 -141.78 142.49 -59.32
C LYS FA 240 -140.29 142.74 -59.45
N LEU FA 241 -139.46 141.70 -59.36
CA LEU FA 241 -138.02 141.86 -59.54
C LEU FA 241 -137.60 141.90 -61.00
N VAL FA 242 -138.51 141.63 -61.94
CA VAL FA 242 -138.20 141.84 -63.35
C VAL FA 242 -138.10 143.34 -63.62
N ILE FA 243 -137.26 143.71 -64.59
CA ILE FA 243 -137.04 145.12 -64.89
C ILE FA 243 -138.34 145.76 -65.37
N LYS FA 244 -139.16 145.02 -66.12
CA LYS FA 244 -140.44 145.51 -66.64
C LYS FA 244 -140.25 146.75 -67.51
N ASN FA 245 -139.19 146.75 -68.30
CA ASN FA 245 -138.86 147.87 -69.16
C ASN FA 245 -139.52 147.69 -70.54
N GLN FA 246 -139.09 148.48 -71.52
CA GLN FA 246 -139.75 148.52 -72.81
C GLN FA 246 -139.68 147.18 -73.53
N GLN FA 247 -138.53 146.52 -73.52
CA GLN FA 247 -138.41 145.26 -74.24
C GLN FA 247 -139.26 144.15 -73.63
N PHE FA 248 -139.62 144.26 -72.35
CA PHE FA 248 -140.54 143.30 -71.76
C PHE FA 248 -141.89 143.35 -72.44
N HIS FA 249 -142.38 144.56 -72.72
CA HIS FA 249 -143.62 144.70 -73.48
C HIS FA 249 -143.43 144.20 -74.92
N LYS FA 250 -142.24 144.42 -75.49
CA LYS FA 250 -141.95 143.91 -76.83
C LYS FA 250 -141.99 142.39 -76.85
N GLU FA 251 -141.52 141.74 -75.78
CA GLU FA 251 -141.54 140.30 -75.67
C GLU FA 251 -142.84 139.76 -75.08
N ARG FA 252 -143.78 140.63 -74.73
CA ARG FA 252 -145.07 140.22 -74.19
C ARG FA 252 -146.20 140.82 -75.02
N GLU FA 253 -146.05 140.79 -76.35
CA GLU FA 253 -147.12 141.22 -77.23
C GLU FA 253 -148.21 140.16 -77.36
N GLN FA 254 -147.85 138.89 -77.31
CA GLN FA 254 -148.78 137.79 -77.50
C GLN FA 254 -148.48 136.67 -76.50
N PRO FA 255 -149.52 135.99 -76.02
CA PRO FA 255 -149.34 135.01 -74.95
C PRO FA 255 -148.72 133.72 -75.47
N PRO FA 256 -148.13 132.90 -74.60
CA PRO FA 256 -147.57 131.62 -75.04
C PRO FA 256 -148.63 130.72 -75.65
N ARG FA 257 -148.23 129.99 -76.68
CA ARG FA 257 -149.16 129.17 -77.46
C ARG FA 257 -148.35 128.24 -78.36
N PHE FA 258 -149.06 127.35 -79.06
CA PHE FA 258 -148.43 126.49 -80.05
C PHE FA 258 -148.16 127.26 -81.34
N ALA FA 259 -147.13 126.84 -82.06
CA ALA FA 259 -146.76 127.46 -83.32
C ALA FA 259 -147.62 126.87 -84.44
N GLN FA 260 -148.27 127.75 -85.19
CA GLN FA 260 -149.13 127.31 -86.29
C GLN FA 260 -148.28 126.76 -87.43
N PRO FA 261 -148.53 125.52 -87.88
CA PRO FA 261 -147.71 124.97 -88.98
C PRO FA 261 -147.87 125.78 -90.26
N GLY FA 262 -146.78 125.88 -91.01
CA GLY FA 262 -146.79 126.63 -92.25
C GLY FA 262 -146.61 128.12 -92.11
N SER FA 263 -146.33 128.61 -90.90
CA SER FA 263 -146.16 130.03 -90.64
C SER FA 263 -144.69 130.36 -90.40
N PHE FA 264 -144.41 131.65 -90.30
CA PHE FA 264 -143.04 132.10 -90.03
C PHE FA 264 -142.56 131.62 -88.67
N GLU FA 265 -143.43 131.67 -87.65
CA GLU FA 265 -143.05 131.21 -86.33
C GLU FA 265 -142.67 129.73 -86.35
N TYR FA 266 -143.44 128.91 -87.06
CA TYR FA 266 -143.13 127.49 -87.14
C TYR FA 266 -141.80 127.25 -87.83
N GLU FA 267 -141.51 127.97 -88.91
CA GLU FA 267 -140.25 127.80 -89.62
C GLU FA 267 -139.07 128.20 -88.75
N TYR FA 268 -139.17 129.34 -88.06
CA TYR FA 268 -138.06 129.78 -87.23
C TYR FA 268 -137.89 128.87 -86.01
N ALA FA 269 -138.99 128.29 -85.52
CA ALA FA 269 -138.90 127.28 -84.48
C ALA FA 269 -138.24 126.01 -85.00
N MET FA 270 -138.48 125.65 -86.26
CA MET FA 270 -137.76 124.53 -86.86
C MET FA 270 -136.27 124.81 -86.87
N ARG FA 271 -135.89 126.04 -87.24
CA ARG FA 271 -134.48 126.41 -87.23
C ARG FA 271 -133.89 126.30 -85.82
N TRP FA 272 -134.60 126.82 -84.82
CA TRP FA 272 -134.12 126.72 -83.44
C TRP FA 272 -133.99 125.27 -83.00
N LYS FA 273 -134.97 124.43 -83.32
CA LYS FA 273 -134.92 123.03 -82.92
C LYS FA 273 -133.77 122.31 -83.59
N ALA FA 274 -133.51 122.60 -84.87
CA ALA FA 274 -132.37 122.01 -85.55
C ALA FA 274 -131.07 122.44 -84.90
N LEU FA 275 -130.96 123.72 -84.53
CA LEU FA 275 -129.74 124.21 -83.87
C LEU FA 275 -129.55 123.52 -82.52
N ILE FA 276 -130.64 123.35 -81.76
CA ILE FA 276 -130.56 122.71 -80.46
C ILE FA 276 -130.17 121.25 -80.60
N GLU FA 277 -130.73 120.55 -81.59
CA GLU FA 277 -130.37 119.16 -81.83
C GLU FA 277 -128.91 119.04 -82.24
N MET FA 278 -128.42 119.97 -83.05
CA MET FA 278 -127.01 119.97 -83.42
C MET FA 278 -126.12 120.21 -82.20
N GLU FA 279 -126.55 121.11 -81.31
CA GLU FA 279 -125.84 121.33 -80.05
C GLU FA 279 -125.77 120.05 -79.22
N LYS FA 280 -126.90 119.35 -79.11
CA LYS FA 280 -126.92 118.10 -78.35
C LYS FA 280 -126.02 117.06 -78.99
N GLN FA 281 -126.02 116.97 -80.32
CA GLN FA 281 -125.14 116.03 -81.01
C GLN FA 281 -123.67 116.36 -80.78
N GLN FA 282 -123.32 117.64 -80.81
CA GLN FA 282 -121.93 118.02 -80.54
C GLN FA 282 -121.53 117.70 -79.11
N GLN FA 283 -122.43 117.96 -78.15
CA GLN FA 283 -122.13 117.62 -76.76
C GLN FA 283 -121.96 116.13 -76.59
N ASP FA 284 -122.82 115.33 -77.24
CA ASP FA 284 -122.69 113.88 -77.18
C ASP FA 284 -121.39 113.41 -77.81
N GLN FA 285 -120.98 114.04 -78.92
CA GLN FA 285 -119.72 113.67 -79.54
C GLN FA 285 -118.54 113.98 -78.63
N VAL FA 286 -118.57 115.13 -77.96
CA VAL FA 286 -117.51 115.47 -77.01
C VAL FA 286 -117.49 114.46 -75.86
N ASP FA 287 -118.67 114.09 -75.36
CA ASP FA 287 -118.75 113.11 -74.28
C ASP FA 287 -118.18 111.76 -74.73
N ARG FA 288 -118.51 111.33 -75.94
CA ARG FA 288 -117.98 110.08 -76.47
C ARG FA 288 -116.47 110.14 -76.62
N ASN FA 289 -115.94 111.26 -77.12
CA ASN FA 289 -114.50 111.39 -77.26
C ASN FA 289 -113.81 111.30 -75.90
N ILE FA 290 -114.36 111.99 -74.89
CA ILE FA 290 -113.78 111.95 -73.56
C ILE FA 290 -113.84 110.54 -72.99
N LYS FA 291 -114.98 109.86 -73.18
CA LYS FA 291 -115.14 108.50 -72.65
C LYS FA 291 -114.15 107.54 -73.30
N GLU FA 292 -113.98 107.62 -74.62
CA GLU FA 292 -113.04 106.74 -75.30
C GLU FA 292 -111.60 107.06 -74.89
N ALA FA 293 -111.27 108.33 -74.73
CA ALA FA 293 -109.93 108.69 -74.26
C ALA FA 293 -109.68 108.13 -72.87
N ARG FA 294 -110.65 108.25 -71.97
CA ARG FA 294 -110.49 107.72 -70.63
C ARG FA 294 -110.38 106.20 -70.64
N GLU FA 295 -111.17 105.52 -71.47
CA GLU FA 295 -111.09 104.07 -71.57
C GLU FA 295 -109.73 103.63 -72.09
N LYS FA 296 -109.21 104.30 -73.11
CA LYS FA 296 -107.90 103.98 -73.62
C LYS FA 296 -106.83 104.24 -72.56
N LEU FA 297 -106.97 105.32 -71.79
CA LEU FA 297 -106.02 105.63 -70.74
C LEU FA 297 -106.07 104.60 -69.62
N GLU FA 298 -107.25 104.00 -69.37
CA GLU FA 298 -107.39 103.04 -68.30
C GLU FA 298 -106.80 101.68 -68.68
N MET FA 299 -106.85 101.33 -69.97
CA MET FA 299 -106.38 100.01 -70.39
C MET FA 299 -104.88 99.85 -70.15
N GLU FA 300 -104.16 100.95 -70.03
CA GLU FA 300 -102.71 100.92 -69.86
C GLU FA 300 -102.25 101.15 -68.43
N MET FA 301 -103.05 100.74 -67.43
CA MET FA 301 -102.61 100.80 -66.04
C MET FA 301 -101.30 100.02 -65.84
N GLU FA 302 -101.28 98.76 -66.28
CA GLU FA 302 -100.17 97.88 -65.96
C GLU FA 302 -98.93 98.24 -66.76
N ALA FA 303 -99.09 98.62 -68.02
CA ALA FA 303 -97.93 98.90 -68.86
C ALA FA 303 -97.12 100.07 -68.33
N ALA FA 304 -97.78 101.20 -68.07
CA ALA FA 304 -97.06 102.38 -67.57
C ALA FA 304 -96.45 102.13 -66.21
N ARG FA 305 -97.19 101.46 -65.32
CA ARG FA 305 -96.67 101.18 -63.98
C ARG FA 305 -95.44 100.28 -64.05
N HIS FA 306 -95.50 99.23 -64.87
CA HIS FA 306 -94.35 98.34 -65.00
C HIS FA 306 -93.16 99.05 -65.62
N GLU FA 307 -93.39 99.89 -66.63
CA GLU FA 307 -92.29 100.63 -67.24
C GLU FA 307 -91.64 101.58 -66.23
N HIS FA 308 -92.46 102.27 -65.43
CA HIS FA 308 -91.90 103.17 -64.43
C HIS FA 308 -91.13 102.39 -63.38
N GLN FA 309 -91.63 101.21 -62.98
CA GLN FA 309 -90.88 100.37 -62.07
C GLN FA 309 -89.52 99.99 -62.66
N VAL FA 310 -89.52 99.60 -63.94
CA VAL FA 310 -88.30 99.20 -64.63
C VAL FA 310 -87.29 100.33 -64.56
N MET FA 311 -87.73 101.54 -64.95
CA MET FA 311 -86.79 102.66 -65.06
C MET FA 311 -86.29 103.08 -63.68
N LEU FA 312 -87.19 103.18 -62.70
CA LEU FA 312 -86.77 103.56 -61.34
C LEU FA 312 -85.75 102.57 -60.78
N MET FA 313 -86.05 101.28 -60.88
CA MET FA 313 -85.17 100.33 -60.23
C MET FA 313 -83.87 100.14 -61.00
N ARG FA 314 -83.87 100.28 -62.34
CA ARG FA 314 -82.60 100.27 -63.06
C ARG FA 314 -81.77 101.50 -62.70
N GLN FA 315 -82.43 102.63 -62.46
CA GLN FA 315 -81.72 103.80 -61.96
C GLN FA 315 -81.04 103.48 -60.64
N ASP FA 316 -81.78 102.83 -59.73
CA ASP FA 316 -81.19 102.40 -58.46
C ASP FA 316 -80.00 101.47 -58.70
N LEU FA 317 -80.14 100.53 -59.64
CA LEU FA 317 -79.03 99.64 -59.97
C LEU FA 317 -77.78 100.42 -60.33
N MET FA 318 -77.81 101.20 -61.43
CA MET FA 318 -76.53 101.75 -61.86
C MET FA 318 -76.02 102.80 -60.88
N ARG FA 319 -76.92 103.38 -60.07
CA ARG FA 319 -76.44 104.19 -58.95
C ARG FA 319 -75.61 103.35 -57.98
N ARG FA 320 -76.09 102.14 -57.65
CA ARG FA 320 -75.36 101.29 -56.73
C ARG FA 320 -74.04 100.82 -57.32
N GLN FA 321 -74.03 100.49 -58.62
CA GLN FA 321 -72.76 100.08 -59.24
C GLN FA 321 -71.77 101.24 -59.30
N GLU FA 322 -72.26 102.46 -59.55
CA GLU FA 322 -71.37 103.62 -59.52
C GLU FA 322 -70.80 103.83 -58.12
N GLU FA 323 -71.64 103.67 -57.08
CA GLU FA 323 -71.15 103.78 -55.72
C GLU FA 323 -70.09 102.72 -55.42
N LEU FA 324 -70.35 101.48 -55.86
CA LEU FA 324 -69.37 100.40 -55.73
C LEU FA 324 -68.04 100.79 -56.37
N ARG FA 325 -68.08 101.22 -57.63
CA ARG FA 325 -66.84 101.50 -58.34
C ARG FA 325 -66.08 102.65 -57.70
N ARG FA 326 -66.79 103.70 -57.29
CA ARG FA 326 -66.12 104.83 -56.65
C ARG FA 326 -65.48 104.42 -55.33
N MET FA 327 -66.21 103.65 -54.52
CA MET FA 327 -65.67 103.21 -53.24
C MET FA 327 -64.46 102.30 -53.43
N GLU FA 328 -64.53 101.37 -54.38
CA GLU FA 328 -63.42 100.47 -54.64
C GLU FA 328 -62.19 101.24 -55.12
N GLU FA 329 -62.39 102.20 -56.03
CA GLU FA 329 -61.27 102.99 -56.52
C GLU FA 329 -60.66 103.82 -55.41
N LEU FA 330 -61.50 104.42 -54.56
CA LEU FA 330 -60.98 105.20 -53.44
C LEU FA 330 -60.19 104.33 -52.48
N HIS FA 331 -60.70 103.14 -52.16
CA HIS FA 331 -59.98 102.24 -51.26
C HIS FA 331 -58.65 101.81 -51.86
N ASN FA 332 -58.64 101.49 -53.15
CA ASN FA 332 -57.40 101.08 -53.80
C ASN FA 332 -56.39 102.22 -53.82
N GLN FA 333 -56.84 103.44 -54.12
CA GLN FA 333 -55.90 104.56 -54.18
C GLN FA 333 -55.36 104.91 -52.80
N GLU FA 334 -56.19 104.79 -51.75
CA GLU FA 334 -55.68 105.11 -50.42
C GLU FA 334 -54.74 104.03 -49.91
N VAL FA 335 -55.02 102.76 -50.20
CA VAL FA 335 -54.06 101.73 -49.78
C VAL FA 335 -52.76 101.89 -50.57
N GLN FA 336 -52.84 102.26 -51.85
CA GLN FA 336 -51.63 102.51 -52.62
C GLN FA 336 -50.82 103.66 -52.03
N LYS FA 337 -51.50 104.75 -51.66
CA LYS FA 337 -50.79 105.90 -51.14
C LYS FA 337 -50.23 105.66 -49.73
N ARG FA 338 -50.87 104.80 -48.93
CA ARG FA 338 -50.29 104.49 -47.62
C ARG FA 338 -49.13 103.51 -47.76
N LYS FA 339 -49.19 102.59 -48.72
CA LYS FA 339 -48.08 101.66 -48.88
C LYS FA 339 -46.88 102.32 -49.58
N GLN FA 340 -47.12 103.37 -50.37
CA GLN FA 340 -46.01 104.08 -50.99
C GLN FA 340 -45.13 104.76 -49.93
N LEU FA 341 -45.73 105.36 -48.92
CA LEU FA 341 -44.97 106.03 -47.88
C LEU FA 341 -44.39 105.03 -46.88
#